data_5G2Q
#
_entry.id   5G2Q
#
_cell.length_a   64.278
_cell.length_b   99.814
_cell.length_c   217.337
_cell.angle_alpha   81.58
_cell.angle_beta   89.12
_cell.angle_gamma   74.49
#
_symmetry.space_group_name_H-M   'P 1'
#
loop_
_entity.id
_entity.type
_entity.pdbx_description
1 polymer TRANSAMINASE
2 non-polymer '2-[(3-HYDROXY-2-METHYL-5-PHOSPHONOOXYMETHYL-PYRIDIN-4-YLMETHYL)-AMINO]-PROPIONIC ACID'
3 water water
#
_entity_poly.entity_id   1
_entity_poly.type   'polypeptide(L)'
_entity_poly.pdbx_seq_one_letter_code
;MGLTVQKINWEQVKEWDRKYLMRTFSTQNEYQPVPIESTEGDYLITPGGTRLLDFFNQLCCVNLGQKNQKVNAAIKEALD
RYGFVWDTYATDYKAKAAKIIIEDILGDEDWPGKVRFVSTGSEAVETALNIARLYTNRPLVVTREHDYHGWTGGAATVTR
LRSFRSGLVGENSESFSAQIPGSSCSSAVLMAPSSNTFQDSNGNYLKDENGELLSVKYTRRMIENYGPEQVAAVITEVSQ
GVGSTMPPYEYVPQIRKMTKELGVLWISDEVLTGFGRTGKWFGYQHYGVQPDIITMGKGLSSSSLPAGAVVVSKEIAAFM
DKHRWESVSTYAGHPVAMAAVCANLEVMMEENLVEQAKNSGEYIRSKLELLQEKHKSIGNFDGYGLLWIVDIVNAKTKTP
YVKLDRNFRHGMNPNQIPTQIIMEKALEKGVLIGGAMPNTMRIGASLNVSRGDIDKAMDALDYALDYLESGEWQQSALEH
HHHHH
;
_entity_poly.pdbx_strand_id   A,B,C,D,E,F,G,H,I,J,K,L
#
# COMPACT_ATOMS: atom_id res chain seq x y z
N LYS A 7 -6.15 50.77 -49.41
CA LYS A 7 -6.85 51.03 -48.13
C LYS A 7 -6.58 49.88 -47.13
N ILE A 8 -6.99 48.66 -47.44
CA ILE A 8 -6.64 47.54 -46.56
C ILE A 8 -5.30 46.95 -46.97
N ASN A 9 -4.43 46.71 -46.01
CA ASN A 9 -3.16 46.07 -46.29
C ASN A 9 -3.26 44.58 -46.01
N TRP A 10 -3.30 43.79 -47.07
CA TRP A 10 -3.56 42.36 -46.93
C TRP A 10 -2.34 41.56 -46.51
N GLU A 11 -1.15 42.08 -46.74
CA GLU A 11 0.01 41.39 -46.20
C GLU A 11 0.05 41.55 -44.69
N GLN A 12 -0.29 42.75 -44.18
CA GLN A 12 -0.38 42.99 -42.75
C GLN A 12 -1.46 42.11 -42.06
N VAL A 13 -2.60 41.98 -42.72
CA VAL A 13 -3.65 41.09 -42.24
C VAL A 13 -3.14 39.65 -42.09
N LYS A 14 -2.46 39.17 -43.13
CA LYS A 14 -1.90 37.84 -43.07
C LYS A 14 -0.85 37.64 -41.95
N GLU A 15 -0.04 38.67 -41.67
CA GLU A 15 0.96 38.64 -40.61
C GLU A 15 0.30 38.52 -39.24
N TRP A 16 -0.66 39.39 -38.95
CA TRP A 16 -1.40 39.36 -37.71
C TRP A 16 -2.11 38.01 -37.51
N ASP A 17 -2.59 37.47 -38.63
CA ASP A 17 -3.28 36.20 -38.69
C ASP A 17 -2.33 35.09 -38.31
N ARG A 18 -1.14 35.05 -38.90
CA ARG A 18 -0.20 34.00 -38.57
C ARG A 18 0.21 34.12 -37.12
N LYS A 19 0.43 35.36 -36.70
CA LYS A 19 1.12 35.71 -35.47
C LYS A 19 0.23 35.59 -34.26
N TYR A 20 -1.03 36.03 -34.38
CA TYR A 20 -1.87 36.22 -33.21
C TYR A 20 -3.13 35.37 -33.14
N LEU A 21 -3.38 34.55 -34.15
CA LEU A 21 -4.52 33.67 -34.09
C LEU A 21 -4.10 32.21 -33.83
N MET A 22 -4.84 31.53 -32.96
CA MET A 22 -4.59 30.12 -32.70
C MET A 22 -4.99 29.37 -33.96
N ARG A 23 -4.14 28.41 -34.35
CA ARG A 23 -4.43 27.52 -35.45
C ARG A 23 -5.44 26.45 -35.07
N THR A 24 -6.24 26.03 -36.04
CA THR A 24 -7.06 24.83 -35.94
C THR A 24 -6.84 23.99 -37.22
N PHE A 25 -6.78 22.67 -37.11
CA PHE A 25 -6.45 21.72 -38.24
C PHE A 25 -5.07 21.82 -38.92
N SER A 26 -4.36 22.92 -38.76
CA SER A 26 -2.99 22.95 -39.26
C SER A 26 -2.02 23.31 -38.20
N THR A 27 -0.82 22.77 -38.28
CA THR A 27 0.29 23.35 -37.55
C THR A 27 0.62 24.77 -38.04
N GLN A 28 1.25 25.54 -37.16
CA GLN A 28 1.81 26.81 -37.52
C GLN A 28 2.83 26.67 -38.69
N ASN A 29 3.69 25.67 -38.60
CA ASN A 29 4.71 25.48 -39.60
C ASN A 29 4.15 25.29 -41.04
N GLU A 30 2.92 24.79 -41.16
CA GLU A 30 2.35 24.40 -42.47
C GLU A 30 1.25 25.35 -42.85
N TYR A 31 0.85 26.21 -41.92
CA TYR A 31 -0.23 27.14 -42.19
C TYR A 31 0.15 28.19 -43.23
N GLN A 32 -0.77 28.42 -44.14
CA GLN A 32 -0.74 29.67 -44.95
C GLN A 32 -2.14 30.25 -44.99
N PRO A 33 -2.27 31.49 -44.55
CA PRO A 33 -3.63 32.04 -44.47
C PRO A 33 -4.30 32.19 -45.84
N VAL A 34 -5.62 31.99 -45.84
CA VAL A 34 -6.45 32.18 -46.97
C VAL A 34 -7.42 33.37 -46.79
N PRO A 35 -6.96 34.56 -47.16
CA PRO A 35 -7.80 35.72 -46.96
C PRO A 35 -8.98 35.80 -47.93
N ILE A 36 -10.15 36.11 -47.37
CA ILE A 36 -11.34 36.38 -48.13
C ILE A 36 -11.73 37.79 -47.89
N GLU A 37 -11.73 38.62 -48.95
CA GLU A 37 -12.06 40.05 -48.80
C GLU A 37 -13.56 40.30 -48.71
N SER A 38 -14.34 39.54 -49.45
CA SER A 38 -15.78 39.71 -49.44
C SER A 38 -16.45 38.47 -49.97
N THR A 39 -17.78 38.46 -49.91
CA THR A 39 -18.57 37.34 -50.38
C THR A 39 -19.86 37.89 -51.08
N GLU A 40 -20.42 37.14 -52.04
CA GLU A 40 -21.68 37.49 -52.73
C GLU A 40 -22.28 36.21 -53.28
N GLY A 41 -23.53 35.89 -52.92
CA GLY A 41 -24.20 34.73 -53.53
C GLY A 41 -23.52 33.43 -53.08
N ASP A 42 -22.91 32.74 -54.03
CA ASP A 42 -22.24 31.46 -53.78
C ASP A 42 -20.75 31.58 -53.92
N TYR A 43 -20.29 32.81 -54.06
CA TYR A 43 -18.88 33.11 -54.23
C TYR A 43 -18.21 33.78 -53.02
N LEU A 44 -16.92 33.48 -52.86
CA LEU A 44 -16.00 34.17 -51.97
C LEU A 44 -15.02 34.90 -52.85
N ILE A 45 -14.62 36.10 -52.42
CA ILE A 45 -13.69 36.93 -53.20
C ILE A 45 -12.39 37.13 -52.47
N THR A 46 -11.27 36.77 -53.11
CA THR A 46 -9.94 37.00 -52.53
C THR A 46 -9.62 38.47 -52.64
N PRO A 47 -8.57 38.95 -51.93
CA PRO A 47 -8.24 40.37 -52.04
C PRO A 47 -7.80 40.72 -53.46
N GLY A 48 -7.15 39.77 -54.13
CA GLY A 48 -6.65 39.97 -55.48
C GLY A 48 -7.76 39.92 -56.50
N GLY A 49 -8.95 39.54 -56.06
CA GLY A 49 -10.10 39.51 -56.96
C GLY A 49 -10.48 38.19 -57.59
N THR A 50 -9.82 37.08 -57.23
CA THR A 50 -10.28 35.74 -57.61
C THR A 50 -11.65 35.42 -56.99
N ARG A 51 -12.52 34.85 -57.81
CA ARG A 51 -13.88 34.48 -57.41
C ARG A 51 -13.90 33.00 -57.34
N LEU A 52 -14.34 32.48 -56.20
CA LEU A 52 -14.21 31.10 -55.81
C LEU A 52 -15.60 30.60 -55.59
N LEU A 53 -16.05 29.60 -56.35
CA LEU A 53 -17.41 29.10 -56.13
C LEU A 53 -17.39 28.13 -54.97
N ASP A 54 -18.19 28.42 -53.96
CA ASP A 54 -18.14 27.68 -52.71
C ASP A 54 -19.14 26.54 -52.61
N PHE A 55 -18.74 25.35 -53.05
CA PHE A 55 -19.61 24.20 -52.90
C PHE A 55 -19.38 23.42 -51.59
N PHE A 56 -18.86 24.12 -50.60
CA PHE A 56 -19.05 23.72 -49.19
C PHE A 56 -20.19 24.55 -48.56
N ASN A 57 -20.51 25.72 -49.13
CA ASN A 57 -21.42 26.67 -48.48
C ASN A 57 -20.91 26.96 -47.06
N GLN A 58 -19.62 27.29 -46.98
CA GLN A 58 -18.87 27.35 -45.75
C GLN A 58 -18.90 26.01 -44.99
N LEU A 59 -19.89 25.81 -44.12
CA LEU A 59 -20.10 24.51 -43.39
C LEU A 59 -21.57 24.09 -43.44
N CYS A 60 -22.08 23.97 -44.68
CA CYS A 60 -23.53 23.92 -44.97
C CYS A 60 -24.43 24.87 -44.14
N CYS A 61 -24.07 26.15 -44.11
CA CYS A 61 -24.69 27.10 -43.15
C CYS A 61 -25.01 28.51 -43.68
N VAL A 62 -24.77 28.73 -44.97
CA VAL A 62 -25.07 29.98 -45.63
C VAL A 62 -26.23 29.73 -46.61
N ASN A 63 -27.27 29.11 -46.05
CA ASN A 63 -28.48 28.70 -46.78
C ASN A 63 -29.03 29.71 -47.77
N LEU A 64 -29.17 30.95 -47.35
CA LEU A 64 -29.86 31.98 -48.13
C LEU A 64 -28.99 32.52 -49.28
N GLY A 65 -27.70 32.20 -49.24
CA GLY A 65 -26.68 32.82 -50.08
C GLY A 65 -25.87 33.80 -49.22
N GLN A 66 -24.60 33.94 -49.56
CA GLN A 66 -23.76 34.98 -48.93
C GLN A 66 -24.36 36.40 -49.02
N LYS A 67 -24.53 37.07 -47.87
CA LYS A 67 -24.67 38.52 -47.92
C LYS A 67 -25.91 38.95 -48.73
N ASN A 68 -27.06 38.38 -48.37
CA ASN A 68 -28.37 38.77 -48.88
C ASN A 68 -28.73 40.23 -48.55
N GLN A 69 -29.16 41.01 -49.55
CA GLN A 69 -29.43 42.43 -49.37
C GLN A 69 -30.57 42.69 -48.39
N LYS A 70 -31.60 41.84 -48.38
CA LYS A 70 -32.73 42.04 -47.45
C LYS A 70 -32.34 41.75 -46.00
N VAL A 71 -31.62 40.66 -45.78
CA VAL A 71 -31.13 40.31 -44.45
C VAL A 71 -30.25 41.44 -43.97
N ASN A 72 -29.40 41.95 -44.87
CA ASN A 72 -28.47 43.00 -44.47
C ASN A 72 -29.15 44.31 -44.15
N ALA A 73 -30.16 44.68 -44.94
CA ALA A 73 -30.96 45.86 -44.56
C ALA A 73 -31.70 45.69 -43.24
N ALA A 74 -32.18 44.47 -42.96
CA ALA A 74 -33.02 44.25 -41.79
C ALA A 74 -32.20 44.38 -40.49
N ILE A 75 -30.94 43.94 -40.56
CA ILE A 75 -29.92 44.13 -39.56
C ILE A 75 -29.67 45.63 -39.33
N LYS A 76 -29.42 46.38 -40.41
CA LYS A 76 -29.19 47.84 -40.35
C LYS A 76 -30.38 48.56 -39.73
N GLU A 77 -31.57 48.19 -40.13
CA GLU A 77 -32.78 48.70 -39.49
C GLU A 77 -32.81 48.42 -37.96
N ALA A 78 -32.35 47.24 -37.54
CA ALA A 78 -32.38 46.96 -36.10
C ALA A 78 -31.38 47.82 -35.34
N LEU A 79 -30.28 48.15 -36.04
CA LEU A 79 -29.21 48.97 -35.51
C LEU A 79 -29.61 50.39 -35.26
N ASP A 80 -30.77 50.83 -35.77
CA ASP A 80 -31.31 52.15 -35.44
C ASP A 80 -31.93 52.09 -34.07
N ARG A 81 -32.29 50.88 -33.63
CA ARG A 81 -32.99 50.75 -32.36
C ARG A 81 -32.15 50.03 -31.29
N TYR A 82 -31.26 49.14 -31.69
CA TYR A 82 -30.42 48.43 -30.73
C TYR A 82 -28.93 48.56 -31.08
N GLY A 83 -28.03 48.36 -30.12
CA GLY A 83 -28.40 48.09 -28.73
C GLY A 83 -28.33 46.62 -28.35
N PHE A 84 -28.57 46.34 -27.07
CA PHE A 84 -28.62 44.96 -26.58
C PHE A 84 -29.53 45.00 -25.36
N VAL A 85 -30.43 44.02 -25.30
CA VAL A 85 -31.06 43.58 -24.05
C VAL A 85 -31.01 42.07 -23.91
N TRP A 86 -30.89 41.55 -22.68
CA TRP A 86 -30.86 40.09 -22.50
C TRP A 86 -32.26 39.49 -22.39
N ASP A 87 -32.29 38.18 -22.45
CA ASP A 87 -33.51 37.39 -22.43
C ASP A 87 -34.64 37.79 -21.48
N THR A 88 -34.37 38.53 -20.42
CA THR A 88 -35.46 38.90 -19.52
C THR A 88 -36.38 39.98 -20.08
N TYR A 89 -35.82 40.77 -21.00
CA TYR A 89 -36.55 41.77 -21.71
C TYR A 89 -37.12 41.24 -23.02
N ALA A 90 -38.31 41.74 -23.36
CA ALA A 90 -39.01 41.27 -24.54
C ALA A 90 -38.74 42.25 -25.67
N THR A 91 -38.58 41.72 -26.87
CA THR A 91 -38.46 42.57 -28.07
C THR A 91 -39.30 41.96 -29.20
N ASP A 92 -39.71 42.82 -30.11
CA ASP A 92 -40.48 42.43 -31.30
C ASP A 92 -39.76 41.36 -32.11
N TYR A 93 -38.47 41.56 -32.32
CA TYR A 93 -37.67 40.64 -33.11
C TYR A 93 -37.57 39.27 -32.51
N LYS A 94 -37.35 39.14 -31.19
CA LYS A 94 -37.21 37.80 -30.62
C LYS A 94 -38.56 37.12 -30.67
N ALA A 95 -39.61 37.86 -30.41
CA ALA A 95 -40.95 37.29 -30.38
C ALA A 95 -41.42 36.89 -31.77
N LYS A 96 -41.14 37.74 -32.77
CA LYS A 96 -41.47 37.45 -34.15
C LYS A 96 -40.72 36.20 -34.64
N ALA A 97 -39.43 36.11 -34.36
CA ALA A 97 -38.67 34.91 -34.71
C ALA A 97 -39.32 33.62 -34.19
N ALA A 98 -39.82 33.63 -32.97
CA ALA A 98 -40.36 32.40 -32.39
C ALA A 98 -41.68 32.05 -33.04
N LYS A 99 -42.51 33.06 -33.31
CA LYS A 99 -43.82 32.87 -33.92
C LYS A 99 -43.70 32.32 -35.34
N ILE A 100 -42.74 32.84 -36.11
CA ILE A 100 -42.45 32.42 -37.48
C ILE A 100 -42.12 30.92 -37.54
N ILE A 101 -41.20 30.47 -36.67
CA ILE A 101 -40.86 29.06 -36.47
C ILE A 101 -42.09 28.22 -36.08
N ILE A 102 -42.78 28.60 -35.00
CA ILE A 102 -43.88 27.77 -34.50
C ILE A 102 -45.15 27.87 -35.34
N GLU A 103 -45.54 29.09 -35.65
CA GLU A 103 -46.82 29.35 -36.35
C GLU A 103 -46.74 29.25 -37.87
N ASP A 104 -45.61 29.66 -38.46
CA ASP A 104 -45.54 29.69 -39.92
C ASP A 104 -44.83 28.49 -40.51
N ILE A 105 -43.54 28.39 -40.24
CA ILE A 105 -42.71 27.30 -40.72
C ILE A 105 -43.23 25.92 -40.28
N LEU A 106 -43.49 25.74 -38.98
CA LEU A 106 -43.97 24.46 -38.42
C LEU A 106 -45.47 24.49 -38.17
N GLY A 107 -46.13 25.45 -38.81
CA GLY A 107 -47.55 25.68 -38.58
C GLY A 107 -48.48 24.51 -38.85
N ASP A 108 -48.03 23.55 -39.67
CA ASP A 108 -48.85 22.42 -40.08
C ASP A 108 -48.61 21.21 -39.19
N GLU A 109 -47.56 21.23 -38.37
CA GLU A 109 -47.39 20.20 -37.37
C GLU A 109 -47.92 20.75 -36.03
N ASP A 110 -48.43 19.89 -35.16
CA ASP A 110 -48.98 20.47 -33.96
C ASP A 110 -48.37 19.96 -32.64
N TRP A 111 -47.19 19.37 -32.73
CA TRP A 111 -46.43 18.98 -31.55
C TRP A 111 -45.66 20.17 -30.98
N PRO A 112 -45.29 21.17 -31.84
CA PRO A 112 -44.33 22.18 -31.44
C PRO A 112 -44.92 23.14 -30.43
N GLY A 113 -44.14 23.46 -29.41
CA GLY A 113 -44.64 24.27 -28.30
C GLY A 113 -43.99 25.62 -28.22
N LYS A 114 -42.67 25.62 -28.05
CA LYS A 114 -41.92 26.80 -27.62
C LYS A 114 -40.46 26.77 -28.08
N VAL A 115 -39.85 27.94 -28.14
CA VAL A 115 -38.48 28.12 -28.59
C VAL A 115 -37.64 28.81 -27.49
N ARG A 116 -36.40 28.32 -27.31
CA ARG A 116 -35.40 29.09 -26.63
C ARG A 116 -34.27 29.41 -27.61
N PHE A 117 -33.98 30.69 -27.79
CA PHE A 117 -32.86 31.10 -28.64
C PHE A 117 -31.52 31.20 -27.90
N VAL A 118 -30.47 30.78 -28.58
CA VAL A 118 -29.09 30.92 -28.09
C VAL A 118 -28.24 31.45 -29.28
N SER A 119 -26.91 31.30 -29.24
CA SER A 119 -26.06 31.99 -30.19
C SER A 119 -25.39 31.02 -31.15
N THR A 120 -25.35 29.74 -30.78
CA THR A 120 -24.67 28.72 -31.60
C THR A 120 -25.36 27.33 -31.61
N GLY A 121 -25.02 26.50 -32.59
CA GLY A 121 -25.55 25.14 -32.63
C GLY A 121 -25.12 24.30 -31.42
N SER A 122 -23.87 24.49 -30.97
CA SER A 122 -23.39 23.78 -29.76
C SER A 122 -24.22 24.18 -28.56
N GLU A 123 -24.55 25.46 -28.45
CA GLU A 123 -25.38 25.96 -27.37
C GLU A 123 -26.79 25.39 -27.38
N ALA A 124 -27.34 25.26 -28.59
CA ALA A 124 -28.65 24.70 -28.77
C ALA A 124 -28.68 23.24 -28.30
N VAL A 125 -27.61 22.50 -28.57
CA VAL A 125 -27.53 21.05 -28.26
C VAL A 125 -27.42 20.90 -26.73
N GLU A 126 -26.48 21.64 -26.12
CA GLU A 126 -26.43 21.88 -24.69
C GLU A 126 -27.80 22.17 -24.11
N THR A 127 -28.57 23.10 -24.68
CA THR A 127 -29.91 23.37 -24.15
C THR A 127 -30.87 22.17 -24.20
N ALA A 128 -30.91 21.50 -25.36
CA ALA A 128 -31.73 20.31 -25.55
C ALA A 128 -31.41 19.14 -24.62
N LEU A 129 -30.13 18.81 -24.48
CA LEU A 129 -29.73 17.81 -23.48
C LEU A 129 -30.19 18.18 -22.07
N ASN A 130 -29.99 19.45 -21.67
CA ASN A 130 -30.47 19.95 -20.37
C ASN A 130 -31.97 19.70 -20.15
N ILE A 131 -32.75 20.08 -21.17
CA ILE A 131 -34.22 20.03 -21.11
C ILE A 131 -34.67 18.57 -21.06
N ALA A 132 -34.08 17.73 -21.93
CA ALA A 132 -34.42 16.34 -22.00
C ALA A 132 -34.18 15.66 -20.66
N ARG A 133 -33.06 15.95 -20.02
CA ARG A 133 -32.76 15.30 -18.74
C ARG A 133 -33.66 15.80 -17.62
N LEU A 134 -33.92 17.11 -17.59
CA LEU A 134 -34.86 17.70 -16.65
C LEU A 134 -36.28 17.18 -16.81
N TYR A 135 -36.78 17.14 -18.06
CA TYR A 135 -38.16 16.74 -18.27
C TYR A 135 -38.38 15.32 -17.83
N THR A 136 -37.40 14.46 -18.09
CA THR A 136 -37.60 13.02 -17.85
C THR A 136 -37.04 12.66 -16.49
N ASN A 137 -36.16 13.50 -16.00
CA ASN A 137 -35.49 13.30 -14.73
C ASN A 137 -34.63 12.05 -14.84
N ARG A 138 -33.95 11.93 -15.98
CA ARG A 138 -33.06 10.79 -16.23
C ARG A 138 -31.69 11.28 -16.70
N PRO A 139 -30.60 10.59 -16.33
CA PRO A 139 -29.22 10.97 -16.70
C PRO A 139 -28.76 10.68 -18.14
N LEU A 140 -29.13 9.54 -18.69
CA LEU A 140 -28.46 9.00 -19.88
C LEU A 140 -29.01 9.50 -21.23
N VAL A 141 -28.11 9.85 -22.14
CA VAL A 141 -28.49 10.26 -23.49
C VAL A 141 -27.77 9.32 -24.45
N VAL A 142 -28.54 8.71 -25.33
CA VAL A 142 -28.01 7.84 -26.36
C VAL A 142 -27.66 8.66 -27.59
N THR A 143 -26.44 8.47 -28.09
CA THR A 143 -26.03 9.04 -29.35
C THR A 143 -25.68 7.94 -30.38
N ARG A 144 -25.25 8.32 -31.59
CA ARG A 144 -24.82 7.29 -32.53
C ARG A 144 -23.38 7.44 -32.97
N GLU A 145 -22.79 6.30 -33.32
CA GLU A 145 -21.46 6.24 -33.88
C GLU A 145 -21.36 7.25 -35.06
N HIS A 146 -20.28 8.04 -35.08
CA HIS A 146 -20.05 9.09 -36.12
C HIS A 146 -20.89 10.36 -36.09
N ASP A 147 -21.83 10.45 -35.15
CA ASP A 147 -22.60 11.66 -34.92
C ASP A 147 -21.68 12.79 -34.54
N TYR A 148 -22.01 13.98 -35.07
CA TYR A 148 -21.42 15.23 -34.67
C TYR A 148 -22.51 16.17 -34.15
N HIS A 149 -22.37 16.63 -32.90
CA HIS A 149 -23.38 17.46 -32.27
C HIS A 149 -22.79 18.74 -31.72
N GLY A 150 -21.51 18.97 -31.93
CA GLY A 150 -20.92 20.20 -31.42
C GLY A 150 -19.65 19.97 -30.66
N TRP A 151 -19.06 21.06 -30.21
CA TRP A 151 -17.74 21.01 -29.65
C TRP A 151 -17.70 21.31 -28.17
N THR A 152 -18.68 22.04 -27.63
CA THR A 152 -18.71 22.38 -26.19
C THR A 152 -19.04 21.16 -25.33
N GLY A 153 -18.75 21.29 -24.02
CA GLY A 153 -18.71 20.17 -23.08
C GLY A 153 -19.76 19.11 -23.28
N GLY A 154 -21.02 19.47 -23.07
CA GLY A 154 -22.14 18.55 -23.17
C GLY A 154 -22.35 18.04 -24.58
N ALA A 155 -22.27 18.98 -25.54
CA ALA A 155 -22.45 18.64 -26.93
C ALA A 155 -21.35 17.69 -27.35
N ALA A 156 -20.16 17.86 -26.81
CA ALA A 156 -19.06 17.01 -27.21
C ALA A 156 -19.25 15.56 -26.80
N THR A 157 -19.90 15.34 -25.64
CA THR A 157 -20.03 13.99 -25.06
C THR A 157 -20.86 13.12 -25.99
N VAL A 158 -21.79 13.74 -26.72
CA VAL A 158 -22.60 13.01 -27.69
C VAL A 158 -22.03 13.07 -29.13
N THR A 159 -20.82 13.64 -29.27
CA THR A 159 -20.06 13.62 -30.53
C THR A 159 -19.11 12.41 -30.57
N ARG A 160 -19.24 11.61 -31.64
CA ARG A 160 -18.53 10.34 -31.77
C ARG A 160 -17.69 10.26 -33.04
N LEU A 161 -16.96 11.32 -33.30
CA LEU A 161 -15.96 11.38 -34.33
C LEU A 161 -14.69 11.75 -33.62
N ARG A 162 -13.76 10.82 -33.51
CA ARG A 162 -12.50 11.08 -32.80
C ARG A 162 -11.61 12.12 -33.50
N SER A 163 -11.93 12.49 -34.74
CA SER A 163 -11.24 13.56 -35.48
C SER A 163 -11.85 14.95 -35.26
N PHE A 164 -12.91 15.04 -34.46
CA PHE A 164 -13.54 16.33 -34.26
C PHE A 164 -13.93 16.64 -32.80
N ARG A 165 -13.17 16.10 -31.85
CA ARG A 165 -13.47 16.24 -30.43
C ARG A 165 -12.45 17.18 -29.77
N SER A 166 -11.86 18.07 -30.58
CA SER A 166 -10.90 19.09 -30.11
C SER A 166 -9.60 18.57 -29.47
N GLY A 167 -9.23 17.33 -29.79
CA GLY A 167 -7.91 16.79 -29.41
C GLY A 167 -6.78 17.28 -30.33
N LEU A 168 -5.56 16.80 -30.09
CA LEU A 168 -4.40 17.24 -30.88
C LEU A 168 -3.82 16.09 -31.67
N VAL A 169 -3.38 16.34 -32.90
CA VAL A 169 -2.67 15.33 -33.70
C VAL A 169 -1.38 15.92 -34.33
N GLY A 170 -0.53 15.09 -34.90
CA GLY A 170 0.74 15.60 -35.43
C GLY A 170 0.65 16.03 -36.89
N GLU A 171 1.72 16.63 -37.38
CA GLU A 171 1.83 17.04 -38.79
C GLU A 171 2.25 15.83 -39.64
N ASN A 172 1.30 15.23 -40.33
CA ASN A 172 1.61 14.15 -41.28
C ASN A 172 2.31 13.03 -40.55
N SER A 173 1.88 12.76 -39.31
CA SER A 173 2.53 11.78 -38.46
C SER A 173 1.58 11.20 -37.42
N GLU A 174 1.94 10.02 -36.93
CA GLU A 174 1.10 9.24 -36.01
C GLU A 174 1.51 9.44 -34.58
N SER A 175 2.50 10.30 -34.39
CA SER A 175 3.28 10.40 -33.15
C SER A 175 2.67 11.17 -31.96
N PHE A 176 2.16 12.37 -32.20
CA PHE A 176 1.88 13.27 -31.08
C PHE A 176 0.39 13.51 -30.94
N SER A 177 -0.37 12.42 -30.86
CA SER A 177 -1.82 12.49 -30.67
C SER A 177 -2.23 12.58 -29.19
N ALA A 178 -3.39 13.19 -28.93
CA ALA A 178 -3.97 13.20 -27.63
C ALA A 178 -5.43 13.59 -27.76
N GLN A 179 -6.27 13.04 -26.89
CA GLN A 179 -7.61 13.58 -26.69
C GLN A 179 -7.57 14.36 -25.38
N ILE A 180 -8.57 15.19 -25.12
CA ILE A 180 -8.58 16.05 -23.96
C ILE A 180 -8.64 15.19 -22.70
N PRO A 181 -7.66 15.32 -21.79
CA PRO A 181 -7.74 14.59 -20.51
C PRO A 181 -9.09 14.77 -19.79
N GLY A 182 -9.61 13.68 -19.24
CA GLY A 182 -10.88 13.68 -18.54
C GLY A 182 -12.08 13.67 -19.48
N SER A 183 -11.90 13.25 -20.72
CA SER A 183 -13.04 13.21 -21.64
C SER A 183 -13.46 11.76 -21.81
N SER A 187 -20.00 9.35 -20.80
CA SER A 187 -20.04 10.18 -19.56
C SER A 187 -21.46 10.66 -19.26
N ALA A 188 -22.28 9.72 -18.77
CA ALA A 188 -23.75 9.78 -18.91
C ALA A 188 -24.21 9.70 -20.39
N VAL A 189 -23.36 9.16 -21.26
CA VAL A 189 -23.73 8.94 -22.68
C VAL A 189 -23.55 7.49 -23.16
N LEU A 190 -24.50 7.04 -23.98
CA LEU A 190 -24.40 5.73 -24.59
C LEU A 190 -24.23 5.88 -26.10
N MET A 191 -23.32 5.11 -26.69
CA MET A 191 -23.14 5.11 -28.15
C MET A 191 -23.82 3.94 -28.81
N ALA A 192 -24.86 4.20 -29.60
CA ALA A 192 -25.58 3.19 -30.41
C ALA A 192 -24.89 3.04 -31.78
N PRO A 193 -25.14 1.93 -32.51
CA PRO A 193 -24.56 1.80 -33.87
C PRO A 193 -25.10 2.87 -34.83
N SER A 194 -24.30 3.25 -35.82
CA SER A 194 -24.79 4.22 -36.82
C SER A 194 -25.87 3.54 -37.68
N SER A 195 -26.74 4.36 -38.28
CA SER A 195 -27.75 3.87 -39.22
C SER A 195 -27.09 3.07 -40.34
N ASN A 196 -25.85 3.42 -40.68
CA ASN A 196 -25.08 2.76 -41.76
C ASN A 196 -24.27 1.52 -41.36
N THR A 197 -24.55 0.96 -40.20
CA THR A 197 -23.79 -0.19 -39.70
C THR A 197 -24.60 -1.39 -40.13
N PHE A 198 -23.92 -2.54 -40.23
CA PHE A 198 -24.52 -3.83 -40.50
C PHE A 198 -25.02 -4.00 -41.97
N GLN A 199 -24.14 -4.48 -42.83
CA GLN A 199 -24.59 -4.84 -44.19
C GLN A 199 -24.05 -6.14 -44.78
N ASN A 204 -26.64 -3.57 -48.95
CA ASN A 204 -27.85 -4.14 -48.34
C ASN A 204 -27.91 -4.13 -46.77
N TYR A 205 -28.69 -3.21 -46.20
CA TYR A 205 -28.82 -3.07 -44.73
C TYR A 205 -29.62 -4.20 -44.07
N LEU A 206 -29.04 -4.83 -43.04
CA LEU A 206 -29.61 -6.07 -42.48
C LEU A 206 -30.83 -5.80 -41.60
N LYS A 207 -31.78 -6.73 -41.63
CA LYS A 207 -33.05 -6.53 -40.95
C LYS A 207 -33.49 -7.84 -40.35
N ASP A 208 -34.33 -7.79 -39.32
CA ASP A 208 -34.80 -9.03 -38.71
C ASP A 208 -35.99 -9.70 -39.43
N GLU A 209 -36.21 -9.37 -40.70
CA GLU A 209 -37.33 -9.95 -41.51
C GLU A 209 -38.70 -9.91 -40.80
N ASN A 210 -38.76 -9.20 -39.67
CA ASN A 210 -39.97 -8.56 -39.18
C ASN A 210 -39.84 -7.13 -39.73
N GLY A 211 -38.68 -6.84 -40.32
CA GLY A 211 -38.40 -5.60 -41.00
C GLY A 211 -37.65 -4.54 -40.21
N GLU A 212 -37.33 -4.84 -38.94
CA GLU A 212 -36.60 -3.87 -38.11
C GLU A 212 -35.13 -3.93 -38.46
N LEU A 213 -34.48 -2.78 -38.66
CA LEU A 213 -33.06 -2.76 -38.97
C LEU A 213 -32.26 -3.29 -37.77
N LEU A 214 -31.15 -3.99 -37.98
CA LEU A 214 -30.34 -4.48 -36.86
C LEU A 214 -29.75 -3.32 -36.03
N SER A 215 -29.39 -2.21 -36.69
CA SER A 215 -28.88 -1.04 -36.02
C SER A 215 -29.91 -0.49 -34.99
N VAL A 216 -31.19 -0.46 -35.35
CA VAL A 216 -32.26 -0.05 -34.44
C VAL A 216 -32.53 -1.16 -33.41
N LYS A 217 -32.55 -2.42 -33.83
CA LYS A 217 -32.79 -3.53 -32.90
C LYS A 217 -31.81 -3.55 -31.72
N TYR A 218 -30.52 -3.44 -32.04
CA TYR A 218 -29.48 -3.41 -31.05
C TYR A 218 -29.54 -2.14 -30.19
N THR A 219 -29.95 -1.01 -30.78
CA THR A 219 -30.17 0.23 -30.04
C THR A 219 -31.19 0.09 -28.93
N ARG A 220 -32.39 -0.39 -29.27
CA ARG A 220 -33.41 -0.86 -28.32
C ARG A 220 -32.82 -1.72 -27.19
N ARG A 221 -32.10 -2.76 -27.56
CA ARG A 221 -31.48 -3.67 -26.60
C ARG A 221 -30.49 -3.00 -25.70
N MET A 222 -29.76 -2.00 -26.20
CA MET A 222 -28.83 -1.27 -25.36
C MET A 222 -29.61 -0.54 -24.29
N ILE A 223 -30.71 0.08 -24.70
CA ILE A 223 -31.50 0.91 -23.83
C ILE A 223 -32.18 -0.01 -22.82
N GLU A 224 -32.60 -1.20 -23.24
CA GLU A 224 -33.29 -2.11 -22.33
C GLU A 224 -32.33 -2.74 -21.28
N ASN A 225 -31.07 -2.87 -21.68
CA ASN A 225 -30.02 -3.39 -20.85
C ASN A 225 -29.71 -2.40 -19.73
N TYR A 226 -29.62 -1.12 -20.05
CA TYR A 226 -29.46 -0.07 -19.05
C TYR A 226 -30.75 0.15 -18.27
N GLY A 227 -31.89 -0.12 -18.91
CA GLY A 227 -33.19 0.22 -18.34
C GLY A 227 -33.72 1.50 -18.96
N PRO A 228 -34.94 1.46 -19.48
CA PRO A 228 -35.52 2.66 -20.13
C PRO A 228 -35.68 3.80 -19.16
N GLU A 229 -35.83 3.48 -17.86
CA GLU A 229 -35.99 4.47 -16.82
C GLU A 229 -34.71 5.28 -16.58
N GLN A 230 -33.57 4.78 -17.06
CA GLN A 230 -32.32 5.56 -16.99
C GLN A 230 -32.12 6.51 -18.22
N VAL A 231 -32.86 6.28 -19.30
CA VAL A 231 -32.52 6.98 -20.56
C VAL A 231 -33.46 8.15 -20.84
N ALA A 232 -32.88 9.34 -20.92
CA ALA A 232 -33.62 10.56 -21.16
C ALA A 232 -34.07 10.66 -22.60
N ALA A 233 -33.14 10.46 -23.52
CA ALA A 233 -33.45 10.76 -24.91
C ALA A 233 -32.48 10.06 -25.85
N VAL A 234 -32.90 9.95 -27.11
CA VAL A 234 -31.98 9.57 -28.20
C VAL A 234 -31.75 10.85 -28.98
N ILE A 235 -30.51 11.19 -29.22
CA ILE A 235 -30.23 12.32 -30.07
C ILE A 235 -29.63 11.83 -31.41
N THR A 236 -30.21 12.29 -32.53
CA THR A 236 -29.81 11.84 -33.88
C THR A 236 -29.54 13.02 -34.83
N GLU A 237 -28.78 12.74 -35.88
CA GLU A 237 -28.85 13.59 -37.06
C GLU A 237 -29.54 12.72 -38.09
N VAL A 238 -30.62 13.22 -38.67
CA VAL A 238 -31.27 12.51 -39.75
C VAL A 238 -30.31 12.07 -40.88
N SER A 239 -29.33 12.89 -41.22
CA SER A 239 -28.30 12.58 -42.21
C SER A 239 -27.10 13.16 -41.53
N GLN A 240 -26.03 12.41 -41.43
CA GLN A 240 -24.90 12.82 -40.60
C GLN A 240 -24.10 13.89 -41.31
N GLY A 241 -23.80 14.99 -40.61
CA GLY A 241 -23.25 16.20 -41.24
C GLY A 241 -21.76 16.09 -41.47
N VAL A 242 -20.99 16.34 -40.41
CA VAL A 242 -19.53 16.20 -40.50
C VAL A 242 -19.16 14.77 -40.91
N GLY A 243 -19.83 13.81 -40.28
CA GLY A 243 -19.57 12.41 -40.53
C GLY A 243 -20.01 11.93 -41.89
N SER A 244 -20.92 12.66 -42.53
CA SER A 244 -21.16 12.49 -43.96
C SER A 244 -21.79 11.16 -44.38
N THR A 245 -23.01 10.90 -43.87
CA THR A 245 -23.77 9.73 -44.33
C THR A 245 -25.23 10.10 -44.61
N MET A 246 -25.93 9.18 -45.29
CA MET A 246 -27.37 9.21 -45.49
C MET A 246 -27.92 7.94 -44.88
N PRO A 247 -29.13 7.99 -44.29
CA PRO A 247 -29.53 6.77 -43.60
C PRO A 247 -30.29 5.86 -44.54
N PRO A 248 -30.43 4.56 -44.18
CA PRO A 248 -31.39 3.74 -44.92
C PRO A 248 -32.77 4.36 -44.68
N TYR A 249 -33.69 4.30 -45.65
CA TYR A 249 -34.93 5.04 -45.47
C TYR A 249 -35.72 4.70 -44.17
N GLU A 250 -35.67 3.47 -43.69
CA GLU A 250 -36.54 3.06 -42.59
C GLU A 250 -36.00 3.50 -41.24
N TYR A 251 -34.74 3.95 -41.19
CA TYR A 251 -34.07 4.25 -39.94
C TYR A 251 -34.78 5.25 -39.02
N VAL A 252 -34.98 6.44 -39.54
CA VAL A 252 -35.61 7.50 -38.78
C VAL A 252 -37.01 7.06 -38.33
N PRO A 253 -37.82 6.49 -39.23
CA PRO A 253 -39.12 6.13 -38.66
C PRO A 253 -39.06 5.07 -37.55
N GLN A 254 -38.05 4.22 -37.57
CA GLN A 254 -37.96 3.10 -36.63
C GLN A 254 -37.42 3.59 -35.28
N ILE A 255 -36.43 4.50 -35.32
CA ILE A 255 -35.94 5.20 -34.12
C ILE A 255 -37.06 5.95 -33.44
N ARG A 256 -37.87 6.66 -34.21
CA ARG A 256 -39.02 7.34 -33.65
C ARG A 256 -39.95 6.35 -32.91
N LYS A 257 -40.30 5.26 -33.56
CA LYS A 257 -41.21 4.31 -32.96
C LYS A 257 -40.56 3.63 -31.73
N MET A 258 -39.29 3.24 -31.85
CA MET A 258 -38.53 2.64 -30.78
C MET A 258 -38.50 3.54 -29.54
N THR A 259 -38.15 4.80 -29.71
CA THR A 259 -38.15 5.70 -28.58
C THR A 259 -39.54 5.82 -27.94
N LYS A 260 -40.59 5.79 -28.76
CA LYS A 260 -41.98 5.96 -28.29
C LYS A 260 -42.43 4.78 -27.47
N GLU A 261 -42.12 3.60 -27.95
CA GLU A 261 -42.47 2.42 -27.19
C GLU A 261 -41.69 2.37 -25.88
N LEU A 262 -40.50 2.98 -25.85
CA LEU A 262 -39.63 2.85 -24.66
C LEU A 262 -39.78 4.00 -23.66
N GLY A 263 -40.78 4.87 -23.86
CA GLY A 263 -40.95 6.11 -23.12
C GLY A 263 -39.73 7.01 -23.12
N VAL A 264 -39.04 7.08 -24.25
CA VAL A 264 -37.80 7.85 -24.36
C VAL A 264 -38.00 9.02 -25.37
N LEU A 265 -37.44 10.19 -25.10
CA LEU A 265 -37.53 11.30 -26.04
C LEU A 265 -36.61 11.11 -27.23
N TRP A 266 -36.97 11.76 -28.34
CA TRP A 266 -36.12 11.84 -29.50
C TRP A 266 -35.85 13.29 -29.84
N ILE A 267 -34.57 13.65 -29.79
CA ILE A 267 -34.10 14.93 -30.26
C ILE A 267 -33.57 14.76 -31.69
N SER A 268 -34.15 15.52 -32.61
CA SER A 268 -33.62 15.66 -33.97
C SER A 268 -32.63 16.82 -34.02
N ASP A 269 -31.32 16.54 -34.15
CA ASP A 269 -30.37 17.63 -34.30
C ASP A 269 -30.40 18.18 -35.71
N GLU A 270 -31.19 19.22 -35.92
CA GLU A 270 -31.34 19.79 -37.26
C GLU A 270 -30.39 20.99 -37.50
N VAL A 271 -29.26 21.05 -36.82
CA VAL A 271 -28.41 22.23 -36.99
C VAL A 271 -27.97 22.38 -38.45
N LEU A 272 -27.60 21.29 -39.07
CA LEU A 272 -27.15 21.30 -40.46
C LEU A 272 -28.31 21.09 -41.40
N THR A 273 -29.16 20.10 -41.10
CA THR A 273 -30.20 19.71 -42.05
C THR A 273 -31.41 20.59 -42.00
N GLY A 274 -31.44 21.59 -41.14
CA GLY A 274 -32.65 22.41 -40.99
C GLY A 274 -32.74 23.57 -41.98
N PHE A 275 -33.92 24.20 -42.06
CA PHE A 275 -34.16 25.40 -42.90
C PHE A 275 -33.79 25.24 -44.37
N GLY A 276 -34.46 24.27 -45.01
CA GLY A 276 -34.37 24.08 -46.45
C GLY A 276 -33.26 23.20 -46.98
N ARG A 277 -32.16 23.06 -46.23
CA ARG A 277 -31.02 22.28 -46.68
C ARG A 277 -31.37 20.95 -47.38
N THR A 278 -32.42 20.25 -46.98
CA THR A 278 -32.69 18.91 -47.53
C THR A 278 -33.90 18.95 -48.43
N GLY A 279 -34.35 20.16 -48.74
CA GLY A 279 -35.45 20.37 -49.68
C GLY A 279 -36.82 20.19 -49.08
N LYS A 280 -36.83 20.13 -47.74
CA LYS A 280 -38.01 20.23 -46.89
C LYS A 280 -37.59 21.24 -45.85
N TRP A 281 -38.54 21.74 -45.07
CA TRP A 281 -38.16 22.64 -43.92
C TRP A 281 -37.15 21.97 -43.04
N PHE A 282 -37.36 20.70 -42.74
CA PHE A 282 -36.40 20.00 -41.88
C PHE A 282 -36.16 18.56 -42.34
N GLY A 283 -34.96 18.06 -42.08
CA GLY A 283 -34.59 16.70 -42.38
C GLY A 283 -35.62 15.66 -41.97
N TYR A 284 -36.19 15.78 -40.76
CA TYR A 284 -37.11 14.76 -40.27
C TYR A 284 -38.38 14.71 -41.09
N GLN A 285 -38.67 15.80 -41.81
CA GLN A 285 -39.90 15.89 -42.62
C GLN A 285 -39.98 14.93 -43.84
N HIS A 286 -38.84 14.39 -44.26
CA HIS A 286 -38.84 13.36 -45.28
C HIS A 286 -39.37 12.04 -44.75
N TYR A 287 -39.56 11.90 -43.45
CA TYR A 287 -39.84 10.58 -42.91
C TYR A 287 -41.16 10.33 -42.24
N GLY A 288 -42.05 11.30 -42.32
CA GLY A 288 -43.40 11.15 -41.77
C GLY A 288 -43.49 10.95 -40.27
N VAL A 289 -42.46 11.42 -39.56
CA VAL A 289 -42.45 11.36 -38.10
C VAL A 289 -42.22 12.77 -37.57
N GLN A 290 -42.34 12.95 -36.26
CA GLN A 290 -42.01 14.20 -35.61
C GLN A 290 -41.21 14.02 -34.31
N PRO A 291 -40.25 14.93 -34.03
CA PRO A 291 -39.41 14.81 -32.85
C PRO A 291 -40.10 15.33 -31.59
N ASP A 292 -39.43 15.24 -30.45
CA ASP A 292 -39.93 15.80 -29.23
C ASP A 292 -39.21 17.12 -29.07
N ILE A 293 -37.96 17.20 -29.52
CA ILE A 293 -37.14 18.41 -29.49
C ILE A 293 -36.27 18.49 -30.76
N ILE A 294 -36.10 19.71 -31.29
CA ILE A 294 -35.18 20.01 -32.40
C ILE A 294 -34.16 21.08 -32.00
N THR A 295 -32.91 20.85 -32.35
CA THR A 295 -31.86 21.84 -32.19
C THR A 295 -31.55 22.48 -33.55
N MET A 296 -31.11 23.72 -33.57
CA MET A 296 -31.08 24.54 -34.76
C MET A 296 -29.90 25.51 -34.67
N GLY A 297 -29.38 25.87 -35.84
CA GLY A 297 -28.30 26.84 -35.98
C GLY A 297 -28.16 27.04 -37.46
N LYS A 298 -26.96 27.40 -37.90
CA LYS A 298 -26.63 27.47 -39.35
C LYS A 298 -27.70 28.18 -40.20
N GLY A 299 -28.54 27.42 -40.90
CA GLY A 299 -29.61 28.01 -41.73
C GLY A 299 -30.61 28.91 -41.03
N LEU A 300 -30.65 28.82 -39.69
CA LEU A 300 -31.60 29.59 -38.92
C LEU A 300 -31.38 31.06 -39.17
N SER A 301 -30.14 31.48 -39.33
CA SER A 301 -29.88 32.88 -39.72
C SER A 301 -29.07 32.94 -41.03
N SER A 302 -28.87 31.78 -41.67
CA SER A 302 -27.87 31.56 -42.75
C SER A 302 -26.51 32.19 -42.42
N SER A 303 -26.06 32.04 -41.19
CA SER A 303 -24.76 32.57 -40.74
C SER A 303 -24.57 34.10 -40.82
N SER A 304 -25.64 34.85 -41.08
CA SER A 304 -25.55 36.33 -41.17
C SER A 304 -25.10 36.88 -39.83
N LEU A 305 -25.67 36.36 -38.75
CA LEU A 305 -25.20 36.66 -37.40
C LEU A 305 -25.33 35.37 -36.60
N PRO A 306 -24.55 35.20 -35.51
CA PRO A 306 -24.64 33.95 -34.74
C PRO A 306 -25.98 33.76 -34.04
N ALA A 307 -26.61 32.59 -34.20
CA ALA A 307 -27.90 32.29 -33.59
C ALA A 307 -28.08 30.80 -33.53
N GLY A 308 -28.62 30.26 -32.43
CA GLY A 308 -28.94 28.85 -32.35
C GLY A 308 -30.33 28.80 -31.73
N ALA A 309 -31.00 27.66 -31.79
CA ALA A 309 -32.28 27.57 -31.13
C ALA A 309 -32.57 26.15 -30.74
N VAL A 310 -33.55 26.02 -29.86
CA VAL A 310 -34.14 24.72 -29.62
C VAL A 310 -35.65 24.90 -29.68
N VAL A 311 -36.34 23.91 -30.23
CA VAL A 311 -37.79 23.93 -30.26
C VAL A 311 -38.20 22.73 -29.44
N VAL A 312 -39.10 22.94 -28.47
CA VAL A 312 -39.58 21.81 -27.65
C VAL A 312 -41.06 21.59 -27.89
N SER A 313 -41.51 20.35 -27.68
CA SER A 313 -42.94 20.03 -27.78
C SER A 313 -43.77 20.77 -26.74
N LYS A 314 -45.07 20.91 -27.02
CA LYS A 314 -46.07 21.38 -26.08
C LYS A 314 -45.97 20.75 -24.70
N GLU A 315 -45.95 19.43 -24.63
CA GLU A 315 -45.85 18.73 -23.34
C GLU A 315 -44.61 19.21 -22.57
N ILE A 316 -43.49 19.35 -23.27
CA ILE A 316 -42.24 19.72 -22.64
C ILE A 316 -42.33 21.18 -22.23
N ALA A 317 -42.91 21.97 -23.13
CA ALA A 317 -43.13 23.38 -22.94
C ALA A 317 -44.03 23.59 -21.76
N ALA A 318 -45.16 22.89 -21.70
CA ALA A 318 -46.05 22.90 -20.52
C ALA A 318 -45.30 22.62 -19.18
N PHE A 319 -44.50 21.55 -19.16
CA PHE A 319 -43.66 21.19 -18.00
C PHE A 319 -42.68 22.32 -17.58
N MET A 320 -41.88 22.80 -18.54
CA MET A 320 -40.91 23.87 -18.24
C MET A 320 -41.57 25.16 -17.77
N ASP A 321 -42.72 25.45 -18.33
CA ASP A 321 -43.53 26.60 -17.92
C ASP A 321 -43.97 26.57 -16.46
N LYS A 322 -43.99 25.39 -15.85
CA LYS A 322 -44.44 25.26 -14.46
C LYS A 322 -43.34 25.56 -13.46
N HIS A 323 -42.11 25.76 -13.94
CA HIS A 323 -40.96 26.01 -13.07
C HIS A 323 -40.29 27.33 -13.37
N ARG A 324 -39.46 27.76 -12.42
CA ARG A 324 -38.47 28.79 -12.67
C ARG A 324 -37.15 28.14 -13.05
N TRP A 325 -36.67 28.46 -14.24
CA TRP A 325 -35.49 27.82 -14.79
C TRP A 325 -34.20 28.60 -14.59
N GLU A 326 -33.31 28.03 -13.77
CA GLU A 326 -32.16 28.82 -13.32
C GLU A 326 -31.00 28.87 -14.34
N SER A 327 -31.33 29.25 -15.59
CA SER A 327 -30.38 29.24 -16.73
C SER A 327 -30.25 30.60 -17.41
N VAL A 328 -29.01 31.04 -17.61
CA VAL A 328 -28.71 32.34 -18.22
C VAL A 328 -27.49 32.23 -19.14
N SER A 329 -27.65 32.85 -20.31
CA SER A 329 -26.61 32.93 -21.31
C SER A 329 -26.68 34.36 -21.76
N THR A 330 -25.63 35.13 -21.56
CA THR A 330 -25.68 36.58 -21.83
C THR A 330 -26.33 36.93 -23.18
N TYR A 331 -25.79 36.41 -24.26
CA TYR A 331 -26.25 36.88 -25.62
C TYR A 331 -27.44 36.15 -26.24
N ALA A 332 -27.96 35.16 -25.51
CA ALA A 332 -29.20 34.46 -25.87
C ALA A 332 -30.35 35.43 -26.18
N GLY A 333 -30.89 35.30 -27.37
CA GLY A 333 -31.99 36.19 -27.80
C GLY A 333 -31.53 37.52 -28.32
N HIS A 334 -30.22 37.70 -28.48
CA HIS A 334 -29.70 39.01 -28.92
C HIS A 334 -30.60 39.68 -30.02
N PRO A 335 -31.11 40.90 -29.78
CA PRO A 335 -32.12 41.40 -30.74
C PRO A 335 -31.65 41.69 -32.18
N VAL A 336 -30.38 42.02 -32.39
CA VAL A 336 -29.92 42.27 -33.74
C VAL A 336 -29.76 40.90 -34.41
N ALA A 337 -29.30 39.90 -33.63
CA ALA A 337 -29.22 38.53 -34.16
C ALA A 337 -30.65 38.08 -34.47
N MET A 338 -31.62 38.44 -33.64
CA MET A 338 -32.99 38.02 -33.89
C MET A 338 -33.59 38.74 -35.12
N ALA A 339 -33.15 39.96 -35.39
CA ALA A 339 -33.65 40.71 -36.51
C ALA A 339 -33.18 40.05 -37.83
N ALA A 340 -31.94 39.55 -37.84
CA ALA A 340 -31.35 38.80 -38.95
C ALA A 340 -32.13 37.50 -39.14
N VAL A 341 -32.43 36.83 -38.05
CA VAL A 341 -33.18 35.60 -38.14
C VAL A 341 -34.55 35.82 -38.76
N CYS A 342 -35.17 36.95 -38.47
CA CYS A 342 -36.51 37.23 -38.96
C CYS A 342 -36.47 37.38 -40.46
N ALA A 343 -35.63 38.30 -40.94
CA ALA A 343 -35.45 38.61 -42.35
C ALA A 343 -35.10 37.32 -43.13
N ASN A 344 -34.13 36.55 -42.60
CA ASN A 344 -33.68 35.32 -43.19
C ASN A 344 -34.82 34.35 -43.43
N LEU A 345 -35.60 34.08 -42.38
CA LEU A 345 -36.73 33.16 -42.50
C LEU A 345 -37.79 33.71 -43.42
N GLU A 346 -37.98 35.02 -43.37
CA GLU A 346 -38.96 35.70 -44.17
C GLU A 346 -38.65 35.58 -45.65
N VAL A 347 -37.37 35.65 -46.00
CA VAL A 347 -36.98 35.54 -47.40
C VAL A 347 -37.14 34.08 -47.83
N MET A 348 -36.69 33.14 -47.00
CA MET A 348 -36.84 31.71 -47.29
C MET A 348 -38.27 31.38 -47.54
N MET A 349 -39.15 32.06 -46.83
CA MET A 349 -40.57 31.79 -46.95
C MET A 349 -41.15 32.39 -48.20
N GLU A 350 -40.87 33.66 -48.45
CA GLU A 350 -41.51 34.34 -49.55
C GLU A 350 -40.89 33.93 -50.90
N GLU A 351 -39.65 33.42 -50.92
CA GLU A 351 -38.95 33.09 -52.17
C GLU A 351 -39.07 31.61 -52.49
N ASN A 352 -39.90 30.92 -51.70
CA ASN A 352 -40.13 29.47 -51.83
C ASN A 352 -38.80 28.72 -51.94
N LEU A 353 -37.80 29.17 -51.17
CA LEU A 353 -36.47 28.52 -51.16
C LEU A 353 -36.40 27.01 -50.82
N VAL A 354 -37.36 26.48 -50.07
CA VAL A 354 -37.42 25.04 -49.78
C VAL A 354 -37.68 24.24 -51.10
N GLU A 355 -38.66 24.69 -51.85
CA GLU A 355 -39.04 24.07 -53.12
C GLU A 355 -37.90 24.21 -54.13
N GLN A 356 -37.27 25.37 -54.12
CA GLN A 356 -36.15 25.61 -55.02
C GLN A 356 -35.00 24.67 -54.67
N ALA A 357 -34.87 24.32 -53.39
CA ALA A 357 -33.84 23.40 -52.93
C ALA A 357 -34.13 21.99 -53.41
N LYS A 358 -35.39 21.56 -53.25
CA LYS A 358 -35.80 20.26 -53.73
C LYS A 358 -35.56 20.14 -55.24
N ASN A 359 -35.88 21.20 -56.00
CA ASN A 359 -35.74 21.14 -57.46
C ASN A 359 -34.30 21.08 -57.91
N SER A 360 -33.45 21.85 -57.26
CA SER A 360 -32.03 21.81 -57.58
C SER A 360 -31.42 20.45 -57.23
N GLY A 361 -31.89 19.85 -56.11
CA GLY A 361 -31.45 18.53 -55.66
C GLY A 361 -31.71 17.45 -56.69
N GLU A 362 -32.93 17.41 -57.25
CA GLU A 362 -33.23 16.49 -58.38
C GLU A 362 -32.34 16.74 -59.57
N TYR A 363 -31.97 18.00 -59.80
CA TYR A 363 -31.04 18.32 -60.88
C TYR A 363 -29.64 17.81 -60.56
N ILE A 364 -29.24 17.93 -59.30
CA ILE A 364 -27.90 17.54 -58.86
C ILE A 364 -27.81 16.02 -58.94
N ARG A 365 -28.90 15.33 -58.60
CA ARG A 365 -28.96 13.88 -58.66
C ARG A 365 -28.61 13.43 -60.06
N SER A 366 -29.26 14.00 -61.06
CA SER A 366 -29.04 13.61 -62.47
C SER A 366 -27.66 14.00 -62.98
N LYS A 367 -27.12 15.10 -62.45
CA LYS A 367 -25.71 15.43 -62.69
C LYS A 367 -24.74 14.38 -62.07
N LEU A 368 -25.04 13.88 -60.89
CA LEU A 368 -24.17 12.90 -60.25
C LEU A 368 -24.26 11.52 -60.92
N GLU A 369 -25.47 11.16 -61.37
CA GLU A 369 -25.66 9.95 -62.20
C GLU A 369 -24.69 9.92 -63.37
N LEU A 370 -24.54 11.07 -64.04
CA LEU A 370 -23.62 11.17 -65.17
C LEU A 370 -22.17 11.05 -64.76
N LEU A 371 -21.78 11.69 -63.66
CA LEU A 371 -20.40 11.56 -63.16
C LEU A 371 -20.09 10.14 -62.71
N GLN A 372 -21.02 9.53 -61.97
CA GLN A 372 -20.83 8.15 -61.56
C GLN A 372 -20.67 7.25 -62.79
N GLU A 373 -21.35 7.56 -63.88
CA GLU A 373 -21.15 6.75 -65.10
C GLU A 373 -19.81 6.95 -65.76
N LYS A 374 -19.24 8.13 -65.60
CA LYS A 374 -17.89 8.46 -66.07
C LYS A 374 -16.76 8.00 -65.12
N HIS A 375 -17.02 8.02 -63.82
CA HIS A 375 -15.96 7.74 -62.85
C HIS A 375 -16.30 6.58 -61.95
N LYS A 376 -15.62 5.45 -62.14
CA LYS A 376 -15.76 4.29 -61.26
C LYS A 376 -15.21 4.58 -59.84
N SER A 377 -14.51 5.69 -59.67
CA SER A 377 -14.07 6.09 -58.34
C SER A 377 -15.21 6.68 -57.50
N ILE A 378 -16.36 6.94 -58.14
CA ILE A 378 -17.55 7.27 -57.35
C ILE A 378 -18.27 5.99 -56.93
N GLY A 379 -18.13 5.58 -55.66
CA GLY A 379 -18.70 4.31 -55.24
C GLY A 379 -20.22 4.29 -55.22
N ASN A 380 -20.77 5.41 -54.76
CA ASN A 380 -22.20 5.53 -54.51
C ASN A 380 -22.38 6.97 -54.07
N PHE A 381 -23.58 7.50 -54.21
CA PHE A 381 -23.90 8.82 -53.69
C PHE A 381 -25.34 8.81 -53.24
N ASP A 382 -25.66 9.75 -52.37
CA ASP A 382 -27.02 9.98 -51.95
C ASP A 382 -27.14 11.38 -51.33
N GLY A 383 -28.37 11.85 -51.18
CA GLY A 383 -28.60 13.25 -50.83
C GLY A 383 -30.01 13.71 -51.14
N TYR A 384 -30.21 15.02 -51.14
CA TYR A 384 -31.52 15.70 -51.30
C TYR A 384 -31.34 17.19 -51.07
N GLY A 385 -32.17 18.02 -51.71
CA GLY A 385 -31.99 19.46 -51.76
C GLY A 385 -30.55 19.86 -52.07
N LEU A 386 -29.93 20.59 -51.13
CA LEU A 386 -28.54 20.98 -51.31
C LEU A 386 -27.57 20.31 -50.28
N LEU A 387 -27.76 19.02 -50.03
CA LEU A 387 -26.86 18.28 -49.13
C LEU A 387 -26.61 16.95 -49.80
N TRP A 388 -25.38 16.67 -50.21
CA TRP A 388 -25.11 15.48 -51.04
C TRP A 388 -23.84 14.81 -50.59
N ILE A 389 -23.94 13.51 -50.29
CA ILE A 389 -22.78 12.69 -49.91
C ILE A 389 -22.33 11.77 -51.08
N VAL A 390 -21.04 11.83 -51.38
CA VAL A 390 -20.47 11.04 -52.42
C VAL A 390 -19.31 10.21 -51.89
N ASP A 391 -19.48 8.89 -51.97
CA ASP A 391 -18.46 7.91 -51.52
C ASP A 391 -17.47 7.63 -52.62
N ILE A 392 -16.21 7.88 -52.28
CA ILE A 392 -15.08 7.75 -53.16
C ILE A 392 -14.31 6.49 -52.84
N VAL A 393 -14.16 5.64 -53.85
CA VAL A 393 -13.46 4.38 -53.71
C VAL A 393 -12.35 4.30 -54.75
N ASN A 394 -11.44 3.35 -54.54
CA ASN A 394 -10.37 3.11 -55.48
C ASN A 394 -10.99 2.45 -56.69
N ALA A 395 -10.91 3.13 -57.83
CA ALA A 395 -11.54 2.72 -59.09
C ALA A 395 -11.26 1.27 -59.45
N LYS A 396 -10.07 0.81 -59.06
CA LYS A 396 -9.63 -0.52 -59.39
C LYS A 396 -10.05 -1.57 -58.40
N THR A 397 -10.02 -1.27 -57.10
CA THR A 397 -10.33 -2.30 -56.10
C THR A 397 -11.75 -2.25 -55.59
N LYS A 398 -12.43 -1.11 -55.81
CA LYS A 398 -13.81 -0.87 -55.34
C LYS A 398 -13.93 -0.67 -53.84
N THR A 399 -12.83 -0.31 -53.16
CA THR A 399 -12.88 -0.06 -51.70
C THR A 399 -12.15 1.23 -51.45
N PRO A 400 -12.44 1.90 -50.31
CA PRO A 400 -11.78 3.17 -49.95
C PRO A 400 -10.24 3.12 -49.94
N TYR A 401 -9.62 4.20 -50.35
CA TYR A 401 -8.20 4.40 -50.18
C TYR A 401 -7.75 4.43 -48.73
N VAL A 402 -8.52 5.12 -47.87
CA VAL A 402 -8.18 5.33 -46.45
C VAL A 402 -8.97 4.38 -45.57
N LYS A 403 -8.30 3.31 -45.14
CA LYS A 403 -8.93 2.20 -44.43
C LYS A 403 -9.80 2.57 -43.22
N LEU A 404 -9.28 3.42 -42.33
CA LEU A 404 -9.99 3.75 -41.08
C LEU A 404 -11.25 4.60 -41.33
N ASP A 405 -11.36 5.12 -42.55
CA ASP A 405 -12.58 5.80 -42.96
C ASP A 405 -12.99 6.91 -41.99
N ARG A 406 -14.24 6.96 -41.55
CA ARG A 406 -14.72 7.98 -40.54
C ARG A 406 -14.14 7.90 -39.08
N ASN A 407 -13.28 6.92 -38.82
CA ASN A 407 -12.63 6.73 -37.53
C ASN A 407 -11.18 7.22 -37.61
N PHE A 408 -10.87 7.94 -38.69
CA PHE A 408 -9.53 8.52 -38.89
C PHE A 408 -9.34 9.65 -37.89
N ARG A 409 -8.10 10.12 -37.81
CA ARG A 409 -7.83 11.49 -37.34
C ARG A 409 -6.93 12.31 -38.30
N HIS A 410 -6.78 13.61 -38.02
CA HIS A 410 -6.09 14.50 -38.98
C HIS A 410 -4.58 14.42 -38.94
N GLY A 411 -4.00 13.38 -38.34
CA GLY A 411 -2.57 13.29 -38.27
C GLY A 411 -2.10 12.81 -39.62
N MET A 412 -3.03 12.36 -40.44
CA MET A 412 -2.60 11.81 -41.70
C MET A 412 -2.31 12.85 -42.76
N ASN A 413 -1.46 12.45 -43.69
CA ASN A 413 -0.98 13.36 -44.70
C ASN A 413 -2.08 13.65 -45.71
N PRO A 414 -2.43 14.94 -45.88
CA PRO A 414 -3.45 15.40 -46.84
C PRO A 414 -3.24 14.89 -48.25
N ASN A 415 -1.98 14.82 -48.71
CA ASN A 415 -1.69 14.34 -50.07
C ASN A 415 -2.02 12.86 -50.26
N GLN A 416 -2.56 12.20 -49.24
CA GLN A 416 -2.94 10.79 -49.34
C GLN A 416 -4.44 10.68 -49.06
N ILE A 417 -5.14 11.80 -48.99
CA ILE A 417 -6.56 11.81 -48.62
C ILE A 417 -7.41 12.24 -49.83
N PRO A 418 -8.22 11.31 -50.35
CA PRO A 418 -8.95 11.51 -51.62
C PRO A 418 -9.79 12.79 -51.64
N THR A 419 -10.59 13.05 -50.60
CA THR A 419 -11.34 14.31 -50.51
C THR A 419 -10.45 15.57 -50.42
N GLN A 420 -9.20 15.41 -49.99
CA GLN A 420 -8.20 16.51 -50.08
C GLN A 420 -7.62 16.66 -51.49
N ILE A 421 -7.38 15.52 -52.17
CA ILE A 421 -6.83 15.53 -53.51
C ILE A 421 -7.84 16.15 -54.47
N ILE A 422 -9.11 15.82 -54.27
CA ILE A 422 -10.22 16.34 -55.05
C ILE A 422 -10.30 17.83 -54.83
N MET A 423 -10.29 18.28 -53.58
CA MET A 423 -10.29 19.71 -53.27
C MET A 423 -9.17 20.47 -53.98
N GLU A 424 -7.95 19.96 -53.91
CA GLU A 424 -6.82 20.71 -54.44
C GLU A 424 -6.93 20.88 -55.95
N LYS A 425 -7.44 19.85 -56.61
CA LYS A 425 -7.71 19.85 -58.03
C LYS A 425 -8.88 20.73 -58.46
N ALA A 426 -10.05 20.52 -57.88
CA ALA A 426 -11.17 21.45 -58.11
C ALA A 426 -10.83 22.97 -58.02
N LEU A 427 -10.05 23.35 -57.01
CA LEU A 427 -9.60 24.74 -56.81
C LEU A 427 -8.91 25.34 -58.04
N GLU A 428 -8.35 24.51 -58.91
CA GLU A 428 -7.76 25.00 -60.18
C GLU A 428 -8.82 25.46 -61.16
N LYS A 429 -10.05 25.00 -60.97
CA LYS A 429 -11.17 25.51 -61.76
C LYS A 429 -12.00 26.52 -60.94
N GLY A 430 -11.38 27.12 -59.91
CA GLY A 430 -12.02 28.19 -59.10
C GLY A 430 -13.21 27.65 -58.34
N VAL A 431 -13.21 26.34 -58.09
CA VAL A 431 -14.31 25.72 -57.35
C VAL A 431 -13.82 25.11 -56.03
N LEU A 432 -14.56 25.38 -54.96
CA LEU A 432 -14.28 24.81 -53.66
C LEU A 432 -15.24 23.67 -53.44
N ILE A 433 -14.71 22.48 -53.39
CA ILE A 433 -15.57 21.33 -53.20
C ILE A 433 -14.76 20.27 -52.44
N GLY A 434 -15.35 19.58 -51.48
CA GLY A 434 -14.56 18.52 -50.82
C GLY A 434 -15.33 17.73 -49.82
N GLY A 435 -14.67 17.29 -48.75
CA GLY A 435 -15.39 16.73 -47.61
C GLY A 435 -14.62 16.85 -46.33
N ALA A 436 -15.30 16.68 -45.20
CA ALA A 436 -14.60 16.59 -43.93
C ALA A 436 -14.06 15.15 -43.72
N MET A 437 -14.80 14.14 -44.18
CA MET A 437 -14.32 12.76 -44.07
C MET A 437 -13.36 12.45 -45.23
N PRO A 438 -12.42 11.50 -45.02
CA PRO A 438 -11.38 11.26 -46.00
C PRO A 438 -11.86 10.53 -47.28
N ASN A 439 -12.87 9.65 -47.16
CA ASN A 439 -13.41 8.92 -48.34
C ASN A 439 -14.77 9.39 -48.88
N THR A 440 -15.28 10.50 -48.35
CA THR A 440 -16.66 10.89 -48.60
C THR A 440 -16.69 12.37 -48.89
N MET A 441 -17.44 12.80 -49.88
CA MET A 441 -17.54 14.24 -50.07
C MET A 441 -18.78 14.72 -49.40
N ARG A 442 -18.77 15.97 -48.97
CA ARG A 442 -19.95 16.59 -48.44
C ARG A 442 -20.21 17.83 -49.22
N ILE A 443 -21.22 17.77 -50.08
CA ILE A 443 -21.41 18.84 -51.07
C ILE A 443 -22.60 19.66 -50.68
N GLY A 444 -22.39 20.95 -50.51
CA GLY A 444 -23.51 21.86 -50.22
C GLY A 444 -23.31 23.16 -50.93
N ALA A 445 -24.43 23.81 -51.26
CA ALA A 445 -24.42 25.19 -51.75
C ALA A 445 -25.64 25.93 -51.22
N SER A 446 -25.83 27.19 -51.62
CA SER A 446 -26.98 27.97 -51.20
C SER A 446 -28.25 27.37 -51.76
N LEU A 447 -29.36 27.46 -51.02
CA LEU A 447 -30.65 26.94 -51.52
C LEU A 447 -31.04 27.52 -52.91
N ASN A 448 -30.60 28.74 -53.21
CA ASN A 448 -30.92 29.36 -54.50
C ASN A 448 -29.76 29.37 -55.48
N VAL A 449 -28.82 28.42 -55.34
CA VAL A 449 -27.72 28.30 -56.27
C VAL A 449 -28.25 28.15 -57.72
N SER A 450 -27.53 28.75 -58.66
CA SER A 450 -27.96 28.75 -60.05
C SER A 450 -27.62 27.45 -60.74
N ARG A 451 -28.37 27.15 -61.77
CA ARG A 451 -28.10 25.95 -62.55
C ARG A 451 -26.69 25.98 -63.18
N GLY A 452 -26.25 27.16 -63.60
CA GLY A 452 -24.91 27.34 -64.13
C GLY A 452 -23.80 27.07 -63.14
N ASP A 453 -24.01 27.48 -61.90
CA ASP A 453 -23.05 27.29 -60.83
C ASP A 453 -22.96 25.79 -60.46
N ILE A 454 -24.10 25.10 -60.41
CA ILE A 454 -24.07 23.65 -60.32
C ILE A 454 -23.25 23.01 -61.45
N ASP A 455 -23.45 23.46 -62.67
CA ASP A 455 -22.73 22.91 -63.82
C ASP A 455 -21.23 23.09 -63.68
N LYS A 456 -20.83 24.29 -63.30
CA LYS A 456 -19.45 24.65 -63.12
C LYS A 456 -18.80 23.78 -62.00
N ALA A 457 -19.49 23.66 -60.85
CA ALA A 457 -19.06 22.77 -59.74
C ALA A 457 -18.86 21.31 -60.16
N MET A 458 -19.84 20.75 -60.88
CA MET A 458 -19.77 19.33 -61.28
C MET A 458 -18.65 19.13 -62.26
N ASP A 459 -18.42 20.15 -63.06
CA ASP A 459 -17.41 20.08 -64.09
C ASP A 459 -16.02 20.06 -63.46
N ALA A 460 -15.86 20.81 -62.39
CA ALA A 460 -14.63 20.86 -61.64
C ALA A 460 -14.42 19.52 -60.91
N LEU A 461 -15.51 18.97 -60.41
CA LEU A 461 -15.51 17.66 -59.81
C LEU A 461 -15.16 16.58 -60.83
N ASP A 462 -15.69 16.68 -62.06
CA ASP A 462 -15.40 15.72 -63.15
C ASP A 462 -13.90 15.66 -63.32
N TYR A 463 -13.33 16.84 -63.56
CA TYR A 463 -11.93 17.07 -63.80
C TYR A 463 -11.06 16.58 -62.62
N ALA A 464 -11.46 16.86 -61.40
CA ALA A 464 -10.76 16.30 -60.22
C ALA A 464 -10.77 14.77 -60.10
N LEU A 465 -11.92 14.16 -60.33
CA LEU A 465 -11.96 12.67 -60.46
C LEU A 465 -11.08 12.10 -61.57
N ASP A 466 -10.87 12.86 -62.65
CA ASP A 466 -9.92 12.42 -63.71
C ASP A 466 -8.55 12.31 -63.10
N TYR A 467 -8.17 13.33 -62.33
CA TYR A 467 -6.88 13.33 -61.69
C TYR A 467 -6.75 12.22 -60.65
N LEU A 468 -7.79 12.02 -59.84
CA LEU A 468 -7.77 10.97 -58.85
C LEU A 468 -7.63 9.59 -59.49
N GLU A 469 -8.42 9.30 -60.53
CA GLU A 469 -8.36 8.00 -61.23
C GLU A 469 -7.06 7.65 -61.97
N SER A 470 -6.29 8.66 -62.37
CA SER A 470 -4.97 8.43 -63.01
C SER A 470 -3.94 8.00 -61.97
N GLY A 471 -4.14 8.41 -60.73
CA GLY A 471 -3.30 7.95 -59.63
C GLY A 471 -1.92 8.58 -59.51
N GLU A 472 -1.67 9.66 -60.24
CA GLU A 472 -0.38 10.39 -60.23
C GLU A 472 0.05 10.97 -58.85
N TRP A 473 -0.95 11.15 -57.97
CA TRP A 473 -0.79 11.75 -56.64
C TRP A 473 -0.04 10.90 -55.61
N GLN A 474 0.13 9.61 -55.88
CA GLN A 474 0.85 8.70 -54.97
C GLN A 474 2.36 8.76 -55.22
N LYS B 7 -44.75 50.31 -38.40
CA LYS B 7 -45.55 50.31 -37.15
C LYS B 7 -45.46 48.93 -36.50
N ILE B 8 -45.29 48.94 -35.19
CA ILE B 8 -45.15 47.72 -34.40
C ILE B 8 -46.35 47.50 -33.46
N ASN B 9 -46.96 46.33 -33.60
CA ASN B 9 -48.08 45.93 -32.76
C ASN B 9 -47.55 45.28 -31.51
N TRP B 10 -47.43 46.10 -30.46
CA TRP B 10 -46.78 45.67 -29.23
C TRP B 10 -47.60 44.78 -28.29
N GLU B 11 -48.91 44.88 -28.36
CA GLU B 11 -49.81 43.91 -27.78
C GLU B 11 -49.60 42.53 -28.39
N GLN B 12 -49.58 42.44 -29.71
CA GLN B 12 -49.33 41.18 -30.38
C GLN B 12 -47.93 40.66 -30.11
N VAL B 13 -46.94 41.54 -29.95
CA VAL B 13 -45.59 41.10 -29.65
C VAL B 13 -45.61 40.43 -28.28
N LYS B 14 -46.34 41.04 -27.34
CA LYS B 14 -46.46 40.48 -26.02
C LYS B 14 -47.16 39.12 -25.98
N GLU B 15 -48.18 38.92 -26.83
CA GLU B 15 -48.88 37.65 -26.88
C GLU B 15 -47.93 36.58 -27.39
N TRP B 16 -47.16 36.91 -28.43
CA TRP B 16 -46.18 35.98 -29.03
C TRP B 16 -45.04 35.61 -28.07
N ASP B 17 -44.56 36.60 -27.32
CA ASP B 17 -43.51 36.43 -26.36
C ASP B 17 -44.01 35.50 -25.21
N ARG B 18 -45.22 35.70 -24.70
CA ARG B 18 -45.81 34.75 -23.74
C ARG B 18 -45.90 33.30 -24.25
N LYS B 19 -46.43 33.19 -25.46
CA LYS B 19 -46.95 31.97 -25.98
C LYS B 19 -45.88 31.09 -26.61
N TYR B 20 -44.81 31.66 -27.15
CA TYR B 20 -43.85 30.92 -27.98
C TYR B 20 -42.39 30.88 -27.50
N LEU B 21 -42.06 31.53 -26.41
CA LEU B 21 -40.69 31.58 -25.93
C LEU B 21 -40.65 30.90 -24.59
N MET B 22 -39.60 30.10 -24.38
CA MET B 22 -39.41 29.45 -23.08
C MET B 22 -39.01 30.45 -22.04
N ARG B 23 -39.53 30.24 -20.84
CA ARG B 23 -39.31 31.12 -19.69
C ARG B 23 -37.98 30.84 -19.05
N THR B 24 -37.33 31.87 -18.50
CA THR B 24 -36.21 31.65 -17.57
C THR B 24 -36.44 32.51 -16.37
N PHE B 25 -36.07 31.99 -15.19
CA PHE B 25 -36.24 32.70 -13.88
C PHE B 25 -37.66 32.97 -13.37
N SER B 26 -38.63 33.10 -14.27
CA SER B 26 -40.04 33.17 -13.90
C SER B 26 -40.83 32.06 -14.56
N THR B 27 -41.83 31.58 -13.86
CA THR B 27 -42.78 30.64 -14.40
C THR B 27 -43.68 31.39 -15.37
N GLN B 28 -44.37 30.62 -16.22
CA GLN B 28 -45.39 31.15 -17.09
C GLN B 28 -46.50 31.90 -16.38
N ASN B 29 -47.08 31.24 -15.39
CA ASN B 29 -48.10 31.84 -14.53
C ASN B 29 -47.76 33.19 -13.93
N GLU B 30 -46.49 33.44 -13.61
CA GLU B 30 -46.14 34.70 -12.93
C GLU B 30 -45.49 35.75 -13.86
N TYR B 31 -45.14 35.32 -15.03
CA TYR B 31 -44.40 36.12 -15.95
C TYR B 31 -45.24 37.29 -16.51
N GLN B 32 -44.70 38.50 -16.45
CA GLN B 32 -45.29 39.62 -17.22
C GLN B 32 -44.23 40.22 -18.13
N PRO B 33 -44.48 40.19 -19.43
CA PRO B 33 -43.45 40.57 -20.42
C PRO B 33 -42.95 42.00 -20.24
N VAL B 34 -41.64 42.24 -20.24
CA VAL B 34 -41.12 43.60 -20.13
C VAL B 34 -40.51 44.10 -21.46
N PRO B 35 -41.33 44.71 -22.29
CA PRO B 35 -40.81 45.13 -23.60
C PRO B 35 -39.82 46.31 -23.59
N ILE B 36 -38.75 46.16 -24.36
CA ILE B 36 -37.83 47.24 -24.57
C ILE B 36 -37.86 47.49 -26.08
N GLU B 37 -38.26 48.71 -26.46
CA GLU B 37 -38.39 49.08 -27.85
C GLU B 37 -37.05 49.50 -28.42
N SER B 38 -36.25 50.18 -27.62
CA SER B 38 -34.94 50.62 -28.08
C SER B 38 -34.04 50.97 -26.91
N THR B 39 -32.74 51.11 -27.17
CA THR B 39 -31.83 51.48 -26.11
C THR B 39 -30.92 52.61 -26.57
N GLU B 40 -30.34 53.35 -25.62
CA GLU B 40 -29.31 54.34 -25.94
C GLU B 40 -28.59 54.85 -24.71
N GLY B 41 -27.27 54.88 -24.78
CA GLY B 41 -26.46 55.33 -23.66
C GLY B 41 -26.60 54.36 -22.48
N ASP B 42 -27.12 54.86 -21.36
CA ASP B 42 -27.40 54.05 -20.18
C ASP B 42 -28.88 53.78 -19.99
N TYR B 43 -29.63 54.06 -21.08
CA TYR B 43 -31.07 53.98 -21.03
C TYR B 43 -31.72 52.91 -21.90
N LEU B 44 -32.83 52.40 -21.40
CA LEU B 44 -33.71 51.51 -22.13
C LEU B 44 -35.03 52.26 -22.27
N ILE B 45 -35.63 52.14 -23.45
CA ILE B 45 -36.84 52.84 -23.77
C ILE B 45 -37.98 51.85 -24.00
N THR B 46 -39.03 51.91 -23.17
CA THR B 46 -40.24 51.11 -23.38
C THR B 46 -41.00 51.54 -24.64
N PRO B 47 -41.87 50.67 -25.17
CA PRO B 47 -42.73 51.01 -26.31
C PRO B 47 -43.52 52.30 -26.09
N GLY B 48 -44.00 52.48 -24.87
CA GLY B 48 -44.78 53.66 -24.50
C GLY B 48 -43.96 54.92 -24.33
N GLY B 49 -42.64 54.80 -24.29
CA GLY B 49 -41.74 55.95 -24.23
C GLY B 49 -41.01 56.24 -22.92
N THR B 50 -41.40 55.52 -21.87
CA THR B 50 -40.70 55.50 -20.60
C THR B 50 -39.22 55.18 -20.75
N ARG B 51 -38.38 56.05 -20.24
CA ARG B 51 -36.95 55.80 -20.16
C ARG B 51 -36.53 55.23 -18.80
N LEU B 52 -35.74 54.16 -18.82
CA LEU B 52 -35.31 53.47 -17.60
C LEU B 52 -33.81 53.60 -17.52
N LEU B 53 -33.30 54.13 -16.43
CA LEU B 53 -31.85 54.19 -16.21
C LEU B 53 -31.32 52.82 -15.78
N ASP B 54 -30.45 52.23 -16.62
CA ASP B 54 -29.99 50.85 -16.46
C ASP B 54 -28.74 50.68 -15.62
N PHE B 55 -28.90 50.65 -14.30
CA PHE B 55 -27.73 50.41 -13.44
C PHE B 55 -27.42 48.94 -13.12
N PHE B 56 -27.86 48.04 -14.01
CA PHE B 56 -27.22 46.76 -14.14
C PHE B 56 -26.29 46.74 -15.37
N ASN B 57 -26.38 47.72 -16.27
CA ASN B 57 -25.71 47.64 -17.59
C ASN B 57 -26.00 46.25 -18.22
N GLN B 58 -27.28 45.89 -18.15
CA GLN B 58 -27.79 44.58 -18.62
C GLN B 58 -27.26 43.48 -17.70
N LEU B 59 -26.06 42.99 -18.00
CA LEU B 59 -25.31 41.96 -17.29
C LEU B 59 -23.84 42.36 -17.16
N CYS B 60 -23.59 43.60 -16.77
CA CYS B 60 -22.25 44.21 -16.79
C CYS B 60 -21.48 44.00 -18.09
N CYS B 61 -22.21 44.22 -19.20
CA CYS B 61 -21.76 43.77 -20.50
C CYS B 61 -21.93 44.80 -21.64
N VAL B 62 -22.34 46.02 -21.33
CA VAL B 62 -22.48 47.04 -22.34
C VAL B 62 -21.51 48.16 -22.03
N ASN B 63 -20.26 47.79 -21.91
CA ASN B 63 -19.23 48.67 -21.39
C ASN B 63 -19.16 50.00 -22.07
N LEU B 64 -19.28 49.96 -23.39
CA LEU B 64 -19.15 51.18 -24.21
C LEU B 64 -20.37 52.11 -24.14
N GLY B 65 -21.50 51.60 -23.65
CA GLY B 65 -22.75 52.32 -23.86
C GLY B 65 -23.63 51.68 -24.91
N GLN B 66 -24.94 51.70 -24.64
CA GLN B 66 -25.95 51.19 -25.58
C GLN B 66 -25.94 51.92 -26.92
N LYS B 67 -25.91 51.13 -28.00
CA LYS B 67 -26.06 51.62 -29.37
C LYS B 67 -25.09 52.79 -29.68
N ASN B 68 -23.80 52.55 -29.55
CA ASN B 68 -22.79 53.49 -29.93
C ASN B 68 -22.74 53.63 -31.44
N GLN B 69 -22.74 54.87 -31.89
CA GLN B 69 -22.83 55.23 -33.28
C GLN B 69 -21.64 54.78 -34.09
N LYS B 70 -20.43 54.89 -33.53
CA LYS B 70 -19.21 54.47 -34.22
C LYS B 70 -19.21 52.96 -34.44
N VAL B 71 -19.68 52.23 -33.41
CA VAL B 71 -19.75 50.78 -33.49
C VAL B 71 -20.77 50.33 -34.55
N ASN B 72 -21.97 50.91 -34.50
CA ASN B 72 -23.05 50.62 -35.44
C ASN B 72 -22.68 50.95 -36.88
N ALA B 73 -22.10 52.13 -37.09
CA ALA B 73 -21.61 52.51 -38.44
C ALA B 73 -20.52 51.55 -38.90
N ALA B 74 -19.77 50.98 -37.94
CA ALA B 74 -18.68 50.09 -38.30
C ALA B 74 -19.19 48.71 -38.68
N ILE B 75 -20.22 48.22 -37.97
CA ILE B 75 -20.97 47.05 -38.37
C ILE B 75 -21.52 47.16 -39.80
N LYS B 76 -22.12 48.32 -40.12
CA LYS B 76 -22.79 48.51 -41.37
C LYS B 76 -21.82 48.45 -42.53
N GLU B 77 -20.66 49.08 -42.35
CA GLU B 77 -19.56 48.99 -43.32
C GLU B 77 -19.20 47.55 -43.67
N ALA B 78 -19.10 46.75 -42.58
CA ALA B 78 -18.76 45.33 -42.62
C ALA B 78 -19.76 44.56 -43.47
N LEU B 79 -21.04 44.88 -43.26
CA LEU B 79 -22.14 44.32 -44.04
C LEU B 79 -22.11 44.61 -45.55
N ASP B 80 -21.33 45.59 -46.01
CA ASP B 80 -21.14 45.74 -47.46
C ASP B 80 -20.23 44.65 -48.07
N ARG B 81 -19.49 43.97 -47.22
CA ARG B 81 -18.49 43.04 -47.68
C ARG B 81 -18.83 41.61 -47.27
N TYR B 82 -19.39 41.44 -46.08
CA TYR B 82 -19.75 40.12 -45.55
C TYR B 82 -21.28 40.07 -45.23
N GLY B 83 -21.93 38.90 -45.20
CA GLY B 83 -21.35 37.62 -45.60
C GLY B 83 -20.80 36.91 -44.40
N PHE B 84 -20.33 35.68 -44.59
CA PHE B 84 -19.75 34.92 -43.46
C PHE B 84 -18.68 34.03 -44.08
N VAL B 85 -17.57 33.88 -43.38
CA VAL B 85 -16.60 32.85 -43.71
C VAL B 85 -16.23 32.26 -42.36
N TRP B 86 -15.91 30.96 -42.30
CA TRP B 86 -15.57 30.36 -41.02
C TRP B 86 -14.08 30.46 -40.86
N ASP B 87 -13.64 29.97 -39.71
CA ASP B 87 -12.32 30.20 -39.12
C ASP B 87 -11.16 29.85 -40.02
N THR B 88 -11.37 28.95 -40.95
CA THR B 88 -10.30 28.55 -41.83
C THR B 88 -9.90 29.65 -42.83
N TYR B 89 -10.79 30.64 -42.99
CA TYR B 89 -10.56 31.81 -43.86
C TYR B 89 -10.14 33.06 -43.04
N ALA B 90 -9.13 33.78 -43.52
CA ALA B 90 -8.66 34.99 -42.84
C ALA B 90 -9.44 36.25 -43.25
N THR B 91 -9.89 37.05 -42.29
CA THR B 91 -10.43 38.37 -42.66
C THR B 91 -9.63 39.47 -42.01
N ASP B 92 -9.70 40.68 -42.57
CA ASP B 92 -9.02 41.83 -42.00
C ASP B 92 -9.60 42.10 -40.60
N TYR B 93 -10.91 42.03 -40.43
CA TYR B 93 -11.56 42.21 -39.11
C TYR B 93 -11.10 41.22 -38.04
N LYS B 94 -10.95 39.93 -38.38
CA LYS B 94 -10.52 38.92 -37.39
C LYS B 94 -9.04 39.11 -37.02
N ALA B 95 -8.17 39.32 -37.98
CA ALA B 95 -6.76 39.52 -37.67
C ALA B 95 -6.54 40.84 -36.87
N LYS B 96 -7.36 41.84 -37.10
CA LYS B 96 -7.15 43.15 -36.47
C LYS B 96 -7.60 43.12 -34.99
N ALA B 97 -8.76 42.53 -34.72
CA ALA B 97 -9.20 42.35 -33.34
C ALA B 97 -8.14 41.63 -32.47
N ALA B 98 -7.52 40.61 -33.05
CA ALA B 98 -6.41 39.91 -32.42
C ALA B 98 -5.22 40.82 -32.14
N LYS B 99 -4.80 41.60 -33.14
CA LYS B 99 -3.68 42.47 -33.00
C LYS B 99 -3.94 43.59 -31.95
N ILE B 100 -5.14 44.16 -31.98
CA ILE B 100 -5.57 45.16 -31.06
C ILE B 100 -5.49 44.61 -29.65
N ILE B 101 -5.88 43.35 -29.47
CA ILE B 101 -5.77 42.73 -28.18
C ILE B 101 -4.32 42.51 -27.73
N ILE B 102 -3.47 41.91 -28.57
CA ILE B 102 -2.15 41.48 -28.08
C ILE B 102 -1.20 42.63 -28.07
N GLU B 103 -1.22 43.38 -29.18
CA GLU B 103 -0.31 44.50 -29.38
C GLU B 103 -0.72 45.81 -28.71
N ASP B 104 -1.99 46.18 -28.71
CA ASP B 104 -2.33 47.53 -28.23
C ASP B 104 -2.81 47.50 -26.83
N ILE B 105 -3.89 46.75 -26.60
CA ILE B 105 -4.40 46.63 -25.27
C ILE B 105 -3.41 45.95 -24.29
N LEU B 106 -2.88 44.78 -24.65
CA LEU B 106 -1.93 44.10 -23.75
C LEU B 106 -0.46 44.34 -24.08
N GLY B 107 -0.21 45.41 -24.84
CA GLY B 107 1.11 45.74 -25.38
C GLY B 107 2.22 45.91 -24.35
N ASP B 108 1.86 46.39 -23.16
CA ASP B 108 2.86 46.61 -22.13
C ASP B 108 3.21 45.30 -21.41
N GLU B 109 2.50 44.22 -21.69
CA GLU B 109 2.79 42.92 -21.08
C GLU B 109 3.33 41.94 -22.12
N ASP B 110 4.30 41.12 -21.72
CA ASP B 110 4.89 40.21 -22.69
C ASP B 110 4.63 38.71 -22.52
N TRP B 111 3.65 38.35 -21.69
CA TRP B 111 3.17 36.99 -21.58
C TRP B 111 2.20 36.57 -22.74
N PRO B 112 1.39 37.51 -23.30
CA PRO B 112 0.34 37.07 -24.22
C PRO B 112 0.90 36.61 -25.57
N GLY B 113 0.33 35.54 -26.08
CA GLY B 113 0.77 34.96 -27.31
C GLY B 113 -0.25 35.09 -28.40
N LYS B 114 -1.40 34.46 -28.20
CA LYS B 114 -2.35 34.30 -29.28
C LYS B 114 -3.78 34.32 -28.79
N VAL B 115 -4.71 34.60 -29.71
CA VAL B 115 -6.13 34.69 -29.41
C VAL B 115 -6.92 33.66 -30.21
N ARG B 116 -7.91 33.02 -29.58
CA ARG B 116 -8.98 32.35 -30.31
C ARG B 116 -10.34 33.01 -30.04
N PHE B 117 -11.03 33.45 -31.09
CA PHE B 117 -12.37 34.02 -30.96
C PHE B 117 -13.49 33.01 -31.04
N VAL B 118 -14.54 33.20 -30.22
CA VAL B 118 -15.71 32.33 -30.22
C VAL B 118 -16.96 33.20 -30.16
N SER B 119 -18.14 32.66 -29.89
CA SER B 119 -19.31 33.55 -29.97
C SER B 119 -19.83 34.06 -28.60
N THR B 120 -19.48 33.34 -27.54
CA THR B 120 -19.96 33.69 -26.24
C THR B 120 -18.89 33.49 -25.17
N GLY B 121 -19.16 33.97 -23.95
CA GLY B 121 -18.23 33.81 -22.86
C GLY B 121 -18.17 32.41 -22.35
N SER B 122 -19.29 31.70 -22.33
CA SER B 122 -19.27 30.25 -21.96
C SER B 122 -18.33 29.48 -22.88
N GLU B 123 -18.33 29.86 -24.15
CA GLU B 123 -17.58 29.11 -25.17
C GLU B 123 -16.10 29.39 -24.99
N ALA B 124 -15.81 30.64 -24.63
CA ALA B 124 -14.47 31.07 -24.24
C ALA B 124 -13.94 30.21 -23.04
N VAL B 125 -14.77 30.00 -22.02
CA VAL B 125 -14.39 29.17 -20.89
C VAL B 125 -14.20 27.74 -21.36
N GLU B 126 -15.10 27.23 -22.20
CA GLU B 126 -14.92 25.85 -22.70
C GLU B 126 -13.58 25.70 -23.40
N THR B 127 -13.17 26.71 -24.12
CA THR B 127 -11.93 26.62 -24.88
C THR B 127 -10.69 26.60 -24.02
N ALA B 128 -10.67 27.49 -23.02
CA ALA B 128 -9.58 27.64 -22.11
C ALA B 128 -9.46 26.36 -21.31
N LEU B 129 -10.59 25.79 -20.90
CA LEU B 129 -10.54 24.55 -20.17
C LEU B 129 -9.92 23.46 -21.04
N ASN B 130 -10.28 23.42 -22.34
CA ASN B 130 -9.70 22.42 -23.24
C ASN B 130 -8.19 22.59 -23.39
N ILE B 131 -7.79 23.84 -23.59
CA ILE B 131 -6.39 24.20 -23.81
C ILE B 131 -5.54 23.91 -22.56
N ALA B 132 -6.02 24.32 -21.35
CA ALA B 132 -5.29 24.08 -20.11
C ALA B 132 -5.09 22.61 -19.96
N ARG B 133 -6.12 21.84 -20.26
CA ARG B 133 -6.00 20.38 -20.09
C ARG B 133 -5.05 19.80 -21.13
N LEU B 134 -5.13 20.28 -22.37
CA LEU B 134 -4.25 19.70 -23.44
C LEU B 134 -2.82 20.13 -23.22
N TYR B 135 -2.61 21.38 -22.80
CA TYR B 135 -1.26 21.87 -22.61
C TYR B 135 -0.53 21.13 -21.49
N THR B 136 -1.21 20.90 -20.36
CA THR B 136 -0.56 20.26 -19.24
C THR B 136 -0.64 18.76 -19.32
N ASN B 137 -1.58 18.28 -20.13
CA ASN B 137 -1.95 16.86 -20.17
C ASN B 137 -2.42 16.29 -18.82
N ARG B 138 -3.34 17.02 -18.19
CA ARG B 138 -3.80 16.72 -16.83
C ARG B 138 -5.28 16.95 -16.81
N PRO B 139 -6.00 16.13 -16.05
CA PRO B 139 -7.44 16.21 -16.10
C PRO B 139 -8.12 17.27 -15.23
N LEU B 140 -7.58 17.53 -14.04
CA LEU B 140 -8.33 18.31 -13.04
C LEU B 140 -8.18 19.81 -13.18
N VAL B 141 -9.29 20.52 -13.03
CA VAL B 141 -9.31 21.96 -12.98
C VAL B 141 -9.92 22.42 -11.64
N VAL B 142 -9.24 23.35 -10.97
CA VAL B 142 -9.68 23.84 -9.66
C VAL B 142 -10.58 25.04 -9.85
N THR B 143 -11.77 25.05 -9.27
CA THR B 143 -12.60 26.27 -9.26
C THR B 143 -12.79 26.76 -7.78
N ARG B 144 -13.66 27.76 -7.53
CA ARG B 144 -13.98 28.24 -6.15
C ARG B 144 -15.47 28.28 -5.86
N GLU B 145 -15.89 28.04 -4.61
CA GLU B 145 -17.32 28.19 -4.29
C GLU B 145 -17.82 29.52 -4.74
N HIS B 146 -19.03 29.51 -5.29
CA HIS B 146 -19.72 30.71 -5.69
C HIS B 146 -19.24 31.31 -6.98
N ASP B 147 -18.22 30.70 -7.60
CA ASP B 147 -17.77 31.11 -8.94
C ASP B 147 -18.85 30.93 -10.01
N TYR B 148 -18.86 31.81 -11.02
CA TYR B 148 -19.77 31.70 -12.13
C TYR B 148 -18.95 31.80 -13.39
N HIS B 149 -18.98 30.73 -14.19
CA HIS B 149 -18.10 30.62 -15.31
C HIS B 149 -18.84 30.29 -16.58
N GLY B 150 -20.17 30.22 -16.50
CA GLY B 150 -20.97 29.81 -17.63
C GLY B 150 -21.93 28.67 -17.38
N TRP B 151 -22.70 28.37 -18.41
CA TRP B 151 -23.83 27.50 -18.31
C TRP B 151 -23.69 26.25 -19.23
N THR B 152 -22.83 26.30 -20.24
CA THR B 152 -22.64 25.14 -21.14
C THR B 152 -21.86 24.06 -20.40
N GLY B 153 -21.94 22.83 -20.89
CA GLY B 153 -21.32 21.67 -20.29
C GLY B 153 -20.09 21.90 -19.46
N GLY B 154 -18.99 22.32 -20.09
CA GLY B 154 -17.72 22.38 -19.37
C GLY B 154 -17.64 23.55 -18.43
N ALA B 155 -18.19 24.70 -18.87
CA ALA B 155 -18.18 25.91 -18.12
C ALA B 155 -19.05 25.72 -16.85
N ALA B 156 -20.14 24.96 -16.96
CA ALA B 156 -21.01 24.62 -15.82
C ALA B 156 -20.29 23.85 -14.71
N THR B 157 -19.41 22.93 -15.08
CA THR B 157 -18.67 22.13 -14.08
C THR B 157 -17.82 23.01 -13.10
N VAL B 158 -17.39 24.17 -13.57
CA VAL B 158 -16.54 25.07 -12.79
C VAL B 158 -17.37 26.23 -12.20
N THR B 159 -18.70 26.12 -12.33
CA THR B 159 -19.67 27.02 -11.71
C THR B 159 -20.26 26.43 -10.43
N ARG B 160 -20.06 27.15 -9.34
CA ARG B 160 -20.43 26.68 -8.02
C ARG B 160 -21.40 27.63 -7.33
N LEU B 161 -22.52 27.82 -7.99
CA LEU B 161 -23.66 28.56 -7.50
C LEU B 161 -24.83 27.69 -7.89
N ARG B 162 -25.53 27.15 -6.91
CA ARG B 162 -26.53 26.13 -7.15
C ARG B 162 -27.80 26.81 -7.66
N SER B 163 -27.83 28.13 -7.60
CA SER B 163 -28.93 28.92 -8.15
C SER B 163 -28.76 29.32 -9.60
N PHE B 164 -27.61 29.00 -10.21
CA PHE B 164 -27.40 29.34 -11.60
C PHE B 164 -26.93 28.16 -12.48
N ARG B 165 -27.29 26.94 -12.11
CA ARG B 165 -26.76 25.76 -12.78
C ARG B 165 -27.79 25.16 -13.75
N SER B 166 -28.72 26.01 -14.21
CA SER B 166 -29.80 25.63 -15.16
C SER B 166 -30.75 24.53 -14.66
N GLY B 167 -30.82 24.32 -13.36
CA GLY B 167 -31.81 23.44 -12.76
C GLY B 167 -33.15 24.15 -12.62
N LEU B 168 -34.08 23.47 -11.96
CA LEU B 168 -35.45 23.93 -11.84
C LEU B 168 -35.86 24.15 -10.39
N VAL B 169 -36.71 25.13 -10.15
CA VAL B 169 -37.31 25.35 -8.83
C VAL B 169 -38.79 25.73 -8.98
N GLY B 170 -39.53 25.77 -7.87
CA GLY B 170 -40.96 26.00 -7.95
C GLY B 170 -41.34 27.45 -7.74
N GLU B 171 -42.61 27.73 -7.83
CA GLU B 171 -43.08 29.06 -7.73
C GLU B 171 -43.48 29.34 -6.29
N ASN B 172 -42.61 30.11 -5.63
CA ASN B 172 -42.74 30.47 -4.20
C ASN B 172 -43.03 29.20 -3.40
N SER B 173 -42.22 28.18 -3.68
CA SER B 173 -42.34 26.83 -3.06
C SER B 173 -40.97 26.16 -2.99
N GLU B 174 -40.82 25.33 -1.97
CA GLU B 174 -39.64 24.50 -1.80
C GLU B 174 -39.77 23.20 -2.56
N SER B 175 -40.97 22.89 -3.04
CA SER B 175 -41.28 21.54 -3.45
C SER B 175 -40.73 20.97 -4.79
N PHE B 176 -40.58 21.78 -5.83
CA PHE B 176 -40.34 21.15 -7.12
C PHE B 176 -38.96 21.47 -7.58
N SER B 177 -37.97 21.17 -6.75
CA SER B 177 -36.64 21.63 -7.09
C SER B 177 -35.86 20.47 -7.61
N ALA B 178 -34.88 20.76 -8.47
CA ALA B 178 -34.08 19.76 -9.18
C ALA B 178 -32.87 20.37 -9.88
N GLN B 179 -31.73 19.72 -9.80
CA GLN B 179 -30.63 20.03 -10.66
C GLN B 179 -30.64 18.98 -11.80
N ILE B 180 -29.93 19.30 -12.89
CA ILE B 180 -29.90 18.46 -14.08
C ILE B 180 -29.27 17.10 -13.74
N PRO B 181 -29.97 16.00 -14.06
CA PRO B 181 -29.42 14.68 -13.78
C PRO B 181 -28.01 14.51 -14.34
N GLY B 182 -27.08 13.97 -13.55
CA GLY B 182 -25.66 13.91 -13.93
C GLY B 182 -24.83 15.10 -13.43
N SER B 183 -25.47 16.12 -12.86
CA SER B 183 -24.76 17.31 -12.37
C SER B 183 -24.37 17.21 -10.87
N SER B 187 -16.67 15.35 -11.54
CA SER B 187 -16.18 14.81 -12.80
C SER B 187 -15.11 15.77 -13.41
N ALA B 188 -13.88 15.56 -12.89
CA ALA B 188 -12.66 16.33 -13.22
C ALA B 188 -12.54 17.77 -12.67
N VAL B 189 -13.31 18.09 -11.62
CA VAL B 189 -13.32 19.47 -11.10
C VAL B 189 -13.22 19.43 -9.60
N LEU B 190 -12.39 20.33 -9.06
CA LEU B 190 -12.24 20.50 -7.64
C LEU B 190 -12.65 21.89 -7.23
N MET B 191 -13.49 21.97 -6.20
CA MET B 191 -13.93 23.22 -5.61
C MET B 191 -13.07 23.64 -4.43
N ALA B 192 -12.34 24.73 -4.57
CA ALA B 192 -11.59 25.31 -3.43
C ALA B 192 -12.43 26.35 -2.71
N PRO B 193 -12.02 26.79 -1.51
CA PRO B 193 -12.74 27.85 -0.82
C PRO B 193 -12.78 29.16 -1.60
N SER B 194 -13.93 29.81 -1.60
CA SER B 194 -14.04 31.22 -2.06
C SER B 194 -13.02 32.12 -1.34
N SER B 195 -12.53 33.14 -2.04
CA SER B 195 -11.60 34.12 -1.45
C SER B 195 -12.16 34.74 -0.17
N ASN B 196 -13.49 34.80 -0.12
CA ASN B 196 -14.21 35.37 1.01
C ASN B 196 -14.59 34.38 2.11
N THR B 197 -14.00 33.20 2.06
CA THR B 197 -14.23 32.23 3.12
C THR B 197 -13.17 32.47 4.21
N PHE B 198 -13.51 32.09 5.42
CA PHE B 198 -12.54 32.22 6.51
C PHE B 198 -12.25 33.67 6.93
N GLN B 199 -13.25 34.35 7.47
CA GLN B 199 -13.00 35.60 8.18
C GLN B 199 -13.45 35.51 9.60
N ASN B 204 -12.01 40.92 8.58
CA ASN B 204 -10.70 40.32 8.82
C ASN B 204 -10.49 38.90 8.31
N TYR B 205 -9.93 38.81 7.09
CA TYR B 205 -9.55 37.55 6.50
C TYR B 205 -8.41 36.82 7.20
N LEU B 206 -8.64 35.55 7.51
CA LEU B 206 -7.68 34.72 8.26
C LEU B 206 -6.42 34.39 7.43
N LYS B 207 -5.27 34.38 8.08
CA LYS B 207 -3.99 34.12 7.43
C LYS B 207 -3.13 33.23 8.32
N ASP B 208 -1.85 33.11 8.01
CA ASP B 208 -1.14 31.87 8.19
C ASP B 208 -0.12 31.91 9.28
N GLU B 209 0.76 32.91 9.23
CA GLU B 209 1.93 33.01 10.16
C GLU B 209 3.13 33.21 9.29
N ASN B 210 2.96 32.86 8.01
CA ASN B 210 3.82 33.29 6.92
C ASN B 210 3.10 34.31 6.03
N GLY B 211 1.90 34.71 6.47
CA GLY B 211 1.05 35.66 5.75
C GLY B 211 0.09 35.06 4.73
N GLU B 212 0.07 33.74 4.56
CA GLU B 212 -0.77 33.14 3.53
C GLU B 212 -2.25 33.07 3.93
N LEU B 213 -3.12 33.59 3.08
CA LEU B 213 -4.56 33.60 3.41
C LEU B 213 -5.01 32.16 3.51
N LEU B 214 -5.76 31.79 4.54
CA LEU B 214 -6.17 30.37 4.70
C LEU B 214 -6.90 29.78 3.51
N SER B 215 -7.66 30.63 2.80
CA SER B 215 -8.36 30.23 1.61
C SER B 215 -7.36 29.73 0.55
N VAL B 216 -6.22 30.38 0.46
CA VAL B 216 -5.22 30.04 -0.53
C VAL B 216 -4.43 28.84 -0.02
N LYS B 217 -4.12 28.85 1.26
CA LYS B 217 -3.38 27.74 1.85
C LYS B 217 -4.09 26.40 1.70
N TYR B 218 -5.40 26.36 1.96
CA TYR B 218 -6.19 25.17 1.77
C TYR B 218 -6.30 24.76 0.31
N THR B 219 -6.39 25.76 -0.57
CA THR B 219 -6.32 25.54 -2.03
C THR B 219 -5.02 24.85 -2.39
N ARG B 220 -3.91 25.35 -1.86
CA ARG B 220 -2.62 24.66 -2.00
C ARG B 220 -2.67 23.21 -1.52
N ARG B 221 -3.29 23.00 -0.37
CA ARG B 221 -3.34 21.67 0.26
C ARG B 221 -4.17 20.70 -0.58
N MET B 222 -5.27 21.20 -1.14
CA MET B 222 -6.12 20.41 -2.03
C MET B 222 -5.35 19.92 -3.23
N ILE B 223 -4.57 20.81 -3.85
CA ILE B 223 -3.81 20.45 -5.03
C ILE B 223 -2.73 19.46 -4.63
N GLU B 224 -2.14 19.62 -3.45
CA GLU B 224 -1.07 18.70 -3.05
C GLU B 224 -1.54 17.28 -2.67
N ASN B 225 -2.79 17.24 -2.23
CA ASN B 225 -3.47 16.03 -1.93
C ASN B 225 -3.76 15.21 -3.18
N TYR B 226 -4.31 15.82 -4.23
CA TYR B 226 -4.48 15.14 -5.52
C TYR B 226 -3.16 14.86 -6.23
N GLY B 227 -2.21 15.76 -6.03
CA GLY B 227 -0.94 15.71 -6.74
C GLY B 227 -0.99 16.84 -7.75
N PRO B 228 -0.01 17.77 -7.71
CA PRO B 228 0.04 18.78 -8.74
C PRO B 228 0.13 18.19 -10.15
N GLU B 229 0.64 16.97 -10.30
CA GLU B 229 0.69 16.34 -11.64
C GLU B 229 -0.69 15.94 -12.19
N GLN B 230 -1.74 16.04 -11.37
CA GLN B 230 -3.13 15.74 -11.78
C GLN B 230 -3.98 16.98 -12.13
N VAL B 231 -3.42 18.15 -11.85
CA VAL B 231 -4.20 19.37 -11.82
C VAL B 231 -3.67 20.31 -12.91
N ALA B 232 -4.55 20.62 -13.84
CA ALA B 232 -4.17 21.42 -15.00
C ALA B 232 -4.09 22.89 -14.66
N ALA B 233 -5.10 23.39 -13.93
CA ALA B 233 -5.35 24.81 -13.81
C ALA B 233 -6.25 25.15 -12.61
N VAL B 234 -6.14 26.39 -12.15
CA VAL B 234 -7.09 27.03 -11.28
C VAL B 234 -7.78 28.07 -12.16
N ILE B 235 -9.10 28.04 -12.21
CA ILE B 235 -9.84 29.13 -12.84
C ILE B 235 -10.50 30.01 -11.76
N THR B 236 -10.28 31.31 -11.86
CA THR B 236 -10.76 32.25 -10.86
C THR B 236 -11.58 33.34 -11.53
N GLU B 237 -12.36 34.06 -10.74
CA GLU B 237 -12.84 35.37 -11.17
C GLU B 237 -12.12 36.26 -10.20
N VAL B 238 -11.53 37.33 -10.68
CA VAL B 238 -10.73 38.22 -9.85
C VAL B 238 -11.66 38.85 -8.81
N SER B 239 -12.86 39.23 -9.25
CA SER B 239 -14.00 39.61 -8.43
C SER B 239 -15.22 38.85 -8.97
N GLN B 240 -15.91 38.10 -8.12
CA GLN B 240 -17.03 37.25 -8.55
C GLN B 240 -18.21 38.11 -9.02
N GLY B 241 -18.70 37.81 -10.21
CA GLY B 241 -19.67 38.66 -10.90
C GLY B 241 -21.05 38.34 -10.41
N VAL B 242 -21.58 37.21 -10.84
CA VAL B 242 -22.88 36.73 -10.39
C VAL B 242 -22.85 36.49 -8.91
N GLY B 243 -21.79 35.84 -8.43
CA GLY B 243 -21.63 35.57 -6.99
C GLY B 243 -21.45 36.83 -6.15
N SER B 244 -21.05 37.93 -6.81
CA SER B 244 -21.04 39.27 -6.20
C SER B 244 -20.12 39.42 -4.97
N THR B 245 -18.82 39.24 -5.19
CA THR B 245 -17.82 39.44 -4.13
C THR B 245 -16.63 40.25 -4.59
N MET B 246 -15.95 40.91 -3.65
CA MET B 246 -14.59 41.43 -3.82
C MET B 246 -13.55 40.62 -3.00
N PRO B 247 -12.37 40.29 -3.62
CA PRO B 247 -11.31 39.58 -2.90
C PRO B 247 -10.58 40.44 -1.88
N PRO B 248 -9.98 39.78 -0.86
CA PRO B 248 -8.96 40.51 -0.12
C PRO B 248 -7.81 40.85 -1.06
N TYR B 249 -7.11 41.95 -0.78
CA TYR B 249 -6.08 42.46 -1.67
C TYR B 249 -5.05 41.40 -2.08
N GLU B 250 -4.71 40.54 -1.12
CA GLU B 250 -3.58 39.61 -1.23
C GLU B 250 -3.93 38.36 -2.03
N TYR B 251 -5.21 37.99 -2.11
CA TYR B 251 -5.62 36.74 -2.75
C TYR B 251 -5.08 36.49 -4.17
N VAL B 252 -5.38 37.43 -5.09
CA VAL B 252 -4.88 37.33 -6.45
C VAL B 252 -3.35 37.15 -6.55
N PRO B 253 -2.57 38.02 -5.91
CA PRO B 253 -1.14 37.70 -5.96
C PRO B 253 -0.77 36.32 -5.35
N GLN B 254 -1.48 35.89 -4.30
CA GLN B 254 -1.17 34.63 -3.63
C GLN B 254 -1.59 33.42 -4.48
N ILE B 255 -2.71 33.53 -5.21
CA ILE B 255 -3.07 32.51 -6.21
C ILE B 255 -2.06 32.40 -7.35
N ARG B 256 -1.60 33.51 -7.89
CA ARG B 256 -0.53 33.44 -8.88
C ARG B 256 0.76 32.75 -8.41
N LYS B 257 1.29 33.19 -7.28
CA LYS B 257 2.45 32.53 -6.64
C LYS B 257 2.24 31.04 -6.39
N MET B 258 1.07 30.66 -5.89
CA MET B 258 0.83 29.29 -5.55
C MET B 258 0.80 28.39 -6.80
N THR B 259 0.04 28.81 -7.81
CA THR B 259 0.00 28.05 -9.03
C THR B 259 1.39 27.89 -9.68
N LYS B 260 2.21 28.93 -9.63
CA LYS B 260 3.53 28.87 -10.25
C LYS B 260 4.44 27.93 -9.51
N GLU B 261 4.34 27.94 -8.17
CA GLU B 261 5.13 27.08 -7.29
C GLU B 261 4.79 25.64 -7.54
N LEU B 262 3.53 25.40 -7.83
CA LEU B 262 3.03 24.05 -8.00
C LEU B 262 2.94 23.55 -9.46
N GLY B 263 3.44 24.34 -10.41
CA GLY B 263 3.45 23.94 -11.83
C GLY B 263 2.08 23.77 -12.44
N VAL B 264 1.17 24.65 -12.06
CA VAL B 264 -0.22 24.63 -12.47
C VAL B 264 -0.59 25.96 -13.12
N LEU B 265 -1.48 25.91 -14.10
CA LEU B 265 -1.90 27.10 -14.84
C LEU B 265 -2.90 27.93 -14.03
N TRP B 266 -2.95 29.23 -14.28
CA TRP B 266 -4.02 30.07 -13.77
C TRP B 266 -4.75 30.69 -14.95
N ILE B 267 -6.04 30.43 -15.02
CA ILE B 267 -6.93 31.07 -15.94
C ILE B 267 -7.67 32.17 -15.17
N SER B 268 -7.47 33.42 -15.56
CA SER B 268 -8.31 34.48 -15.05
C SER B 268 -9.55 34.58 -15.93
N ASP B 269 -10.72 34.30 -15.36
CA ASP B 269 -11.91 34.44 -16.16
C ASP B 269 -12.35 35.91 -16.15
N GLU B 270 -12.03 36.61 -17.23
CA GLU B 270 -12.24 38.05 -17.33
C GLU B 270 -13.50 38.41 -18.11
N VAL B 271 -14.44 37.49 -18.24
CA VAL B 271 -15.58 37.74 -19.10
C VAL B 271 -16.36 38.94 -18.61
N LEU B 272 -16.62 38.97 -17.30
CA LEU B 272 -17.31 40.11 -16.66
C LEU B 272 -16.37 41.24 -16.27
N THR B 273 -15.27 40.92 -15.61
CA THR B 273 -14.33 41.99 -15.22
C THR B 273 -13.48 42.61 -16.32
N GLY B 274 -13.64 42.13 -17.53
CA GLY B 274 -12.76 42.62 -18.58
C GLY B 274 -13.16 43.91 -19.27
N PHE B 275 -12.22 44.41 -20.07
CA PHE B 275 -12.37 45.61 -20.95
C PHE B 275 -12.93 46.80 -20.24
N GLY B 276 -12.20 47.23 -19.20
CA GLY B 276 -12.44 48.54 -18.54
C GLY B 276 -13.43 48.46 -17.40
N ARG B 277 -14.12 47.31 -17.26
CA ARG B 277 -15.13 47.16 -16.20
C ARG B 277 -14.69 47.59 -14.76
N THR B 278 -13.46 47.23 -14.39
CA THR B 278 -12.90 47.54 -13.08
C THR B 278 -12.00 48.78 -13.09
N GLY B 279 -11.92 49.51 -14.21
CA GLY B 279 -11.21 50.80 -14.20
C GLY B 279 -9.74 50.61 -14.51
N LYS B 280 -9.46 49.40 -14.96
CA LYS B 280 -8.24 49.04 -15.67
C LYS B 280 -8.72 48.14 -16.83
N TRP B 281 -7.81 47.72 -17.73
CA TRP B 281 -8.23 46.98 -18.93
C TRP B 281 -8.78 45.64 -18.47
N PHE B 282 -8.02 44.92 -17.60
CA PHE B 282 -8.51 43.70 -16.94
C PHE B 282 -8.40 43.72 -15.40
N GLY B 283 -9.27 42.95 -14.77
CA GLY B 283 -9.33 42.91 -13.32
C GLY B 283 -8.01 42.52 -12.70
N TYR B 284 -7.31 41.54 -13.29
CA TYR B 284 -6.06 41.01 -12.71
C TYR B 284 -5.00 42.09 -12.63
N GLN B 285 -5.14 43.09 -13.48
CA GLN B 285 -4.15 44.13 -13.59
C GLN B 285 -4.04 45.07 -12.35
N HIS B 286 -5.02 45.02 -11.44
CA HIS B 286 -4.91 45.70 -10.13
C HIS B 286 -3.87 45.07 -9.21
N TYR B 287 -3.45 43.84 -9.50
CA TYR B 287 -2.69 43.03 -8.55
C TYR B 287 -1.22 42.75 -8.90
N GLY B 288 -0.70 43.41 -9.93
CA GLY B 288 0.69 43.26 -10.26
C GLY B 288 1.03 41.88 -10.80
N VAL B 289 0.05 41.08 -11.22
CA VAL B 289 0.36 39.71 -11.62
C VAL B 289 -0.06 39.47 -13.03
N GLN B 290 0.47 38.45 -13.67
CA GLN B 290 -0.03 38.05 -15.01
C GLN B 290 -0.50 36.56 -15.10
N PRO B 291 -1.69 36.33 -15.71
CA PRO B 291 -2.20 34.98 -15.96
C PRO B 291 -1.51 34.24 -17.10
N ASP B 292 -1.92 32.97 -17.26
CA ASP B 292 -1.46 32.08 -18.29
C ASP B 292 -2.51 32.07 -19.36
N ILE B 293 -3.78 32.22 -18.96
CA ILE B 293 -4.89 32.26 -19.92
C ILE B 293 -5.96 33.21 -19.40
N ILE B 294 -6.62 33.92 -20.32
CA ILE B 294 -7.72 34.85 -20.04
C ILE B 294 -8.92 34.45 -20.92
N THR B 295 -10.12 34.50 -20.35
CA THR B 295 -11.36 34.33 -21.10
C THR B 295 -12.09 35.66 -21.15
N MET B 296 -12.69 35.96 -22.29
CA MET B 296 -13.34 37.23 -22.50
C MET B 296 -14.72 37.04 -23.12
N GLY B 297 -15.59 38.00 -22.87
CA GLY B 297 -16.91 38.11 -23.47
C GLY B 297 -17.40 39.53 -23.17
N LYS B 298 -18.71 39.70 -23.11
CA LYS B 298 -19.32 40.96 -22.69
C LYS B 298 -18.66 42.23 -23.24
N GLY B 299 -17.73 42.80 -22.47
CA GLY B 299 -17.05 44.07 -22.79
C GLY B 299 -16.26 44.01 -24.09
N LEU B 300 -15.95 42.79 -24.51
CA LEU B 300 -15.15 42.53 -25.71
C LEU B 300 -15.79 43.17 -26.93
N SER B 301 -17.10 43.07 -27.03
CA SER B 301 -17.82 43.80 -28.06
C SER B 301 -18.84 44.80 -27.48
N SER B 302 -18.80 45.03 -26.16
CA SER B 302 -19.90 45.68 -25.43
C SER B 302 -21.29 45.16 -25.81
N SER B 303 -21.38 43.85 -26.07
CA SER B 303 -22.67 43.22 -26.42
C SER B 303 -23.29 43.72 -27.75
N SER B 304 -22.59 44.55 -28.50
CA SER B 304 -23.12 45.04 -29.79
C SER B 304 -23.41 43.82 -30.72
N LEU B 305 -22.52 42.83 -30.68
CA LEU B 305 -22.79 41.50 -31.29
C LEU B 305 -22.23 40.36 -30.46
N PRO B 306 -22.74 39.14 -30.67
CA PRO B 306 -22.12 38.09 -29.85
C PRO B 306 -20.63 37.81 -30.19
N ALA B 307 -19.77 37.89 -29.19
CA ALA B 307 -18.37 37.53 -29.31
C ALA B 307 -17.84 37.08 -27.94
N GLY B 308 -16.93 36.14 -27.95
CA GLY B 308 -16.16 35.74 -26.78
C GLY B 308 -14.77 35.50 -27.32
N ALA B 309 -13.85 35.28 -26.41
CA ALA B 309 -12.47 35.02 -26.81
C ALA B 309 -11.60 34.44 -25.69
N VAL B 310 -10.50 33.82 -26.08
CA VAL B 310 -9.53 33.30 -25.15
C VAL B 310 -8.15 33.84 -25.54
N VAL B 311 -7.40 34.38 -24.56
CA VAL B 311 -5.99 34.70 -24.77
C VAL B 311 -5.12 33.68 -24.04
N VAL B 312 -4.16 33.12 -24.78
CA VAL B 312 -3.16 32.21 -24.20
C VAL B 312 -1.77 32.88 -24.18
N SER B 313 -0.94 32.43 -23.25
CA SER B 313 0.43 32.88 -23.18
C SER B 313 1.25 32.38 -24.34
N LYS B 314 2.41 32.99 -24.48
CA LYS B 314 3.41 32.57 -25.43
C LYS B 314 3.77 31.08 -25.38
N GLU B 315 4.06 30.51 -24.19
CA GLU B 315 4.44 29.09 -24.12
C GLU B 315 3.29 28.22 -24.61
N ILE B 316 2.07 28.57 -24.23
CA ILE B 316 0.90 27.77 -24.54
C ILE B 316 0.59 27.80 -26.05
N ALA B 317 0.60 29.02 -26.61
CA ALA B 317 0.43 29.20 -28.00
C ALA B 317 1.49 28.39 -28.77
N ALA B 318 2.74 28.46 -28.30
CA ALA B 318 3.84 27.76 -28.99
C ALA B 318 3.58 26.29 -29.05
N PHE B 319 3.13 25.73 -27.91
CA PHE B 319 2.77 24.31 -27.87
C PHE B 319 1.63 23.98 -28.79
N MET B 320 0.55 24.75 -28.72
CA MET B 320 -0.60 24.54 -29.58
C MET B 320 -0.22 24.64 -31.06
N ASP B 321 0.68 25.57 -31.39
CA ASP B 321 1.16 25.71 -32.78
C ASP B 321 1.85 24.47 -33.36
N LYS B 322 2.30 23.57 -32.49
CA LYS B 322 3.12 22.41 -32.90
C LYS B 322 2.22 21.31 -33.39
N HIS B 323 0.92 21.53 -33.29
CA HIS B 323 -0.08 20.49 -33.49
C HIS B 323 -1.23 20.95 -34.36
N ARG B 324 -1.93 19.95 -34.89
CA ARG B 324 -3.18 20.14 -35.58
C ARG B 324 -4.26 19.96 -34.52
N TRP B 325 -5.09 20.98 -34.34
CA TRP B 325 -6.06 21.02 -33.28
C TRP B 325 -7.41 20.71 -33.90
N GLU B 326 -7.98 19.58 -33.50
CA GLU B 326 -9.16 19.10 -34.20
C GLU B 326 -10.44 19.73 -33.68
N SER B 327 -10.49 21.07 -33.65
CA SER B 327 -11.62 21.80 -33.04
C SER B 327 -12.28 22.77 -34.04
N VAL B 328 -13.60 22.71 -34.15
CA VAL B 328 -14.40 23.59 -34.99
C VAL B 328 -15.67 24.12 -34.30
N SER B 329 -15.93 25.41 -34.52
CA SER B 329 -17.13 26.07 -34.04
C SER B 329 -17.52 26.95 -35.20
N THR B 330 -18.67 26.63 -35.83
CA THR B 330 -19.12 27.34 -37.05
C THR B 330 -18.87 28.84 -37.01
N TYR B 331 -19.47 29.51 -36.02
CA TYR B 331 -19.53 31.00 -35.94
C TYR B 331 -18.28 31.64 -35.35
N ALA B 332 -17.37 30.84 -34.82
CA ALA B 332 -16.05 31.31 -34.40
C ALA B 332 -15.37 32.24 -35.43
N GLY B 333 -15.28 33.50 -35.09
CA GLY B 333 -14.44 34.40 -35.79
C GLY B 333 -15.28 35.18 -36.76
N HIS B 334 -16.61 35.10 -36.60
CA HIS B 334 -17.55 35.69 -37.57
C HIS B 334 -17.13 37.11 -37.89
N PRO B 335 -16.95 37.45 -39.18
CA PRO B 335 -16.27 38.67 -39.55
C PRO B 335 -17.02 39.93 -39.15
N VAL B 336 -18.35 39.87 -39.21
CA VAL B 336 -19.17 40.99 -38.80
C VAL B 336 -19.05 41.20 -37.28
N ALA B 337 -19.02 40.11 -36.53
CA ALA B 337 -18.79 40.18 -35.05
C ALA B 337 -17.41 40.80 -34.76
N MET B 338 -16.40 40.35 -35.52
CA MET B 338 -15.06 40.89 -35.36
C MET B 338 -14.97 42.39 -35.68
N ALA B 339 -15.77 42.84 -36.63
CA ALA B 339 -15.77 44.23 -37.04
C ALA B 339 -16.28 45.05 -35.89
N ALA B 340 -17.29 44.51 -35.19
CA ALA B 340 -17.86 45.17 -34.00
C ALA B 340 -16.84 45.20 -32.91
N VAL B 341 -16.09 44.12 -32.78
CA VAL B 341 -15.04 44.05 -31.77
C VAL B 341 -13.95 45.10 -32.05
N CYS B 342 -13.51 45.16 -33.28
CA CYS B 342 -12.56 46.13 -33.70
C CYS B 342 -13.03 47.56 -33.37
N ALA B 343 -14.25 47.93 -33.77
CA ALA B 343 -14.78 49.27 -33.50
C ALA B 343 -14.90 49.58 -32.00
N ASN B 344 -15.59 48.69 -31.26
CA ASN B 344 -15.71 48.74 -29.79
C ASN B 344 -14.39 49.02 -29.10
N LEU B 345 -13.39 48.15 -29.35
CA LEU B 345 -12.06 48.35 -28.78
C LEU B 345 -11.37 49.65 -29.16
N GLU B 346 -11.47 50.05 -30.44
CA GLU B 346 -10.95 51.35 -30.91
C GLU B 346 -11.60 52.52 -30.20
N VAL B 347 -12.92 52.48 -30.06
CA VAL B 347 -13.64 53.58 -29.39
C VAL B 347 -13.25 53.67 -27.90
N MET B 348 -13.12 52.52 -27.25
CA MET B 348 -12.57 52.45 -25.91
C MET B 348 -11.17 53.04 -25.82
N MET B 349 -10.30 52.78 -26.79
CA MET B 349 -8.95 53.32 -26.73
C MET B 349 -8.89 54.84 -26.99
N GLU B 350 -9.60 55.31 -28.01
CA GLU B 350 -9.46 56.69 -28.41
C GLU B 350 -10.20 57.66 -27.47
N GLU B 351 -11.21 57.16 -26.78
CA GLU B 351 -11.93 57.96 -25.81
C GLU B 351 -11.41 57.77 -24.38
N ASN B 352 -10.28 57.06 -24.21
CA ASN B 352 -9.68 56.85 -22.87
C ASN B 352 -10.68 56.30 -21.86
N LEU B 353 -11.58 55.41 -22.28
CA LEU B 353 -12.66 54.99 -21.38
C LEU B 353 -12.22 54.19 -20.16
N VAL B 354 -10.99 53.67 -20.13
CA VAL B 354 -10.52 52.95 -18.97
C VAL B 354 -10.31 53.95 -17.81
N GLU B 355 -9.66 55.02 -18.18
CA GLU B 355 -9.26 56.05 -17.31
C GLU B 355 -10.54 56.65 -16.76
N GLN B 356 -11.58 56.69 -17.58
CA GLN B 356 -12.80 57.37 -17.18
C GLN B 356 -13.55 56.56 -16.13
N ALA B 357 -13.60 55.26 -16.42
CA ALA B 357 -14.19 54.28 -15.57
C ALA B 357 -13.57 54.31 -14.17
N LYS B 358 -12.24 54.36 -14.09
CA LYS B 358 -11.56 54.54 -12.83
C LYS B 358 -12.06 55.80 -12.06
N ASN B 359 -12.12 56.93 -12.76
CA ASN B 359 -12.60 58.18 -12.15
C ASN B 359 -14.04 58.10 -11.66
N SER B 360 -14.91 57.47 -12.42
CA SER B 360 -16.32 57.43 -12.04
C SER B 360 -16.52 56.49 -10.86
N GLY B 361 -15.69 55.46 -10.86
CA GLY B 361 -15.54 54.57 -9.76
C GLY B 361 -15.22 55.30 -8.48
N GLU B 362 -14.30 56.26 -8.52
CA GLU B 362 -13.96 57.02 -7.33
C GLU B 362 -15.10 57.93 -6.95
N TYR B 363 -15.81 58.48 -7.92
CA TYR B 363 -17.05 59.17 -7.63
C TYR B 363 -18.11 58.25 -6.96
N ILE B 364 -18.30 57.04 -7.50
CA ILE B 364 -19.30 56.15 -6.93
C ILE B 364 -18.89 55.73 -5.52
N ARG B 365 -17.60 55.56 -5.26
CA ARG B 365 -17.17 55.22 -3.94
C ARG B 365 -17.69 56.27 -2.93
N SER B 366 -17.53 57.56 -3.26
CA SER B 366 -17.91 58.66 -2.33
C SER B 366 -19.42 58.82 -2.23
N LYS B 367 -20.12 58.54 -3.32
CA LYS B 367 -21.56 58.37 -3.25
C LYS B 367 -22.01 57.23 -2.31
N LEU B 368 -21.27 56.14 -2.25
CA LEU B 368 -21.70 54.99 -1.44
C LEU B 368 -21.42 55.20 0.01
N GLU B 369 -20.28 55.83 0.33
CA GLU B 369 -19.93 56.19 1.71
C GLU B 369 -21.05 56.98 2.35
N LEU B 370 -21.53 58.00 1.64
CA LEU B 370 -22.62 58.85 2.12
C LEU B 370 -23.88 58.02 2.40
N LEU B 371 -24.14 57.04 1.53
CA LEU B 371 -25.27 56.11 1.71
C LEU B 371 -25.08 55.24 2.94
N GLN B 372 -23.89 54.67 3.08
CA GLN B 372 -23.59 53.81 4.23
C GLN B 372 -23.72 54.56 5.59
N GLU B 373 -23.20 55.79 5.66
CA GLU B 373 -23.45 56.70 6.79
C GLU B 373 -24.96 56.89 7.05
N LYS B 374 -25.74 56.93 5.97
CA LYS B 374 -27.17 57.23 6.06
C LYS B 374 -28.03 55.96 6.30
N HIS B 375 -27.58 54.81 5.78
CA HIS B 375 -28.36 53.57 5.83
C HIS B 375 -27.62 52.42 6.51
N LYS B 376 -28.10 52.04 7.68
CA LYS B 376 -27.55 50.93 8.42
C LYS B 376 -27.82 49.57 7.74
N SER B 377 -28.67 49.57 6.73
CA SER B 377 -28.88 48.36 5.95
C SER B 377 -27.70 48.06 4.99
N ILE B 378 -26.80 49.00 4.81
CA ILE B 378 -25.56 48.67 4.11
C ILE B 378 -24.54 48.13 5.10
N GLY B 379 -24.32 46.82 5.07
CA GLY B 379 -23.33 46.16 5.91
C GLY B 379 -21.91 46.47 5.47
N ASN B 380 -21.65 46.37 4.17
CA ASN B 380 -20.36 46.75 3.59
C ASN B 380 -20.49 46.99 2.07
N PHE B 381 -19.52 47.66 1.44
CA PHE B 381 -19.49 47.77 -0.02
C PHE B 381 -18.05 47.84 -0.49
N ASP B 382 -17.83 47.54 -1.75
CA ASP B 382 -16.51 47.59 -2.36
C ASP B 382 -16.67 47.40 -3.87
N GLY B 383 -15.66 47.76 -4.63
CA GLY B 383 -15.77 47.79 -6.07
C GLY B 383 -14.66 48.62 -6.63
N TYR B 384 -14.80 48.96 -7.91
CA TYR B 384 -13.88 49.81 -8.65
C TYR B 384 -14.40 49.95 -10.07
N GLY B 385 -13.94 50.98 -10.77
CA GLY B 385 -14.57 51.40 -12.02
C GLY B 385 -16.07 51.35 -11.97
N LEU B 386 -16.65 50.46 -12.76
CA LEU B 386 -18.12 50.42 -12.87
C LEU B 386 -18.72 49.09 -12.44
N LEU B 387 -18.02 48.46 -11.49
CA LEU B 387 -18.46 47.22 -10.79
C LEU B 387 -18.48 47.47 -9.27
N TRP B 388 -19.67 47.49 -8.69
CA TRP B 388 -19.81 47.72 -7.27
C TRP B 388 -20.61 46.59 -6.61
N ILE B 389 -20.12 46.09 -5.48
CA ILE B 389 -20.88 45.10 -4.72
C ILE B 389 -21.20 45.68 -3.38
N VAL B 390 -22.48 45.75 -3.05
CA VAL B 390 -22.92 46.27 -1.76
C VAL B 390 -23.66 45.21 -0.96
N ASP B 391 -23.10 44.88 0.22
CA ASP B 391 -23.69 43.86 1.10
C ASP B 391 -24.84 44.45 1.89
N ILE B 392 -26.04 43.91 1.70
CA ILE B 392 -27.21 44.30 2.47
C ILE B 392 -27.48 43.42 3.71
N VAL B 393 -27.61 44.10 4.84
CA VAL B 393 -27.96 43.43 6.09
C VAL B 393 -29.17 44.05 6.77
N ASN B 394 -29.72 43.28 7.71
CA ASN B 394 -30.76 43.77 8.60
C ASN B 394 -30.21 44.89 9.50
N ALA B 395 -30.73 46.11 9.36
CA ALA B 395 -30.29 47.28 10.16
C ALA B 395 -30.16 47.04 11.68
N LYS B 396 -30.98 46.12 12.21
CA LYS B 396 -31.08 45.85 13.65
C LYS B 396 -30.09 44.80 14.13
N THR B 397 -30.17 43.63 13.51
CA THR B 397 -29.30 42.51 13.82
C THR B 397 -27.92 42.62 13.19
N LYS B 398 -27.79 43.42 12.12
CA LYS B 398 -26.57 43.51 11.26
C LYS B 398 -26.17 42.21 10.55
N THR B 399 -27.11 41.27 10.42
CA THR B 399 -26.82 40.03 9.70
C THR B 399 -27.72 39.98 8.48
N PRO B 400 -27.40 39.10 7.51
CA PRO B 400 -28.20 39.15 6.29
C PRO B 400 -29.62 38.69 6.56
N TYR B 401 -30.60 39.32 5.93
CA TYR B 401 -32.00 38.91 5.94
C TYR B 401 -32.19 37.43 5.47
N VAL B 402 -31.55 37.04 4.36
CA VAL B 402 -31.73 35.68 3.82
C VAL B 402 -30.56 34.77 4.13
N LYS B 403 -30.83 33.85 5.06
CA LYS B 403 -29.80 32.99 5.67
C LYS B 403 -28.91 32.24 4.70
N LEU B 404 -29.51 31.56 3.71
CA LEU B 404 -28.73 30.72 2.78
C LEU B 404 -27.85 31.53 1.86
N ASP B 405 -28.14 32.82 1.79
CA ASP B 405 -27.26 33.79 1.15
C ASP B 405 -26.92 33.32 -0.28
N ARG B 406 -25.64 33.24 -0.61
CA ARG B 406 -25.20 32.88 -1.93
C ARG B 406 -25.40 31.40 -2.36
N ASN B 407 -25.85 30.56 -1.41
CA ASN B 407 -26.32 29.21 -1.66
C ASN B 407 -27.84 29.10 -1.65
N PHE B 408 -28.52 30.22 -1.85
CA PHE B 408 -29.97 30.19 -2.07
C PHE B 408 -30.29 29.55 -3.41
N ARG B 409 -31.58 29.35 -3.67
CA ARG B 409 -32.02 29.12 -5.06
C ARG B 409 -33.31 29.88 -5.23
N HIS B 410 -33.84 29.87 -6.44
CA HIS B 410 -34.90 30.81 -6.83
C HIS B 410 -36.32 30.37 -6.52
N GLY B 411 -36.47 29.28 -5.77
CA GLY B 411 -37.79 28.86 -5.29
C GLY B 411 -38.41 29.77 -4.27
N MET B 412 -37.61 30.63 -3.65
CA MET B 412 -38.09 31.44 -2.54
C MET B 412 -38.78 32.70 -3.06
N ASN B 413 -39.66 33.26 -2.26
CA ASN B 413 -40.54 34.34 -2.70
C ASN B 413 -39.72 35.63 -2.77
N PRO B 414 -39.78 36.32 -3.93
CA PRO B 414 -39.14 37.66 -4.16
C PRO B 414 -39.46 38.65 -3.06
N ASN B 415 -40.67 38.59 -2.50
CA ASN B 415 -41.07 39.57 -1.52
C ASN B 415 -40.32 39.43 -0.18
N GLN B 416 -39.35 38.52 -0.11
CA GLN B 416 -38.54 38.43 1.09
C GLN B 416 -37.05 38.57 0.75
N ILE B 417 -36.76 38.83 -0.52
CA ILE B 417 -35.38 39.00 -0.98
C ILE B 417 -35.02 40.51 -1.07
N PRO B 418 -34.06 40.98 -0.23
CA PRO B 418 -33.74 42.42 -0.14
C PRO B 418 -33.42 43.04 -1.49
N THR B 419 -32.63 42.36 -2.32
CA THR B 419 -32.25 42.90 -3.59
C THR B 419 -33.42 42.99 -4.58
N GLN B 420 -34.51 42.26 -4.31
CA GLN B 420 -35.74 42.38 -5.13
C GLN B 420 -36.63 43.55 -4.70
N ILE B 421 -36.83 43.68 -3.40
CA ILE B 421 -37.55 44.80 -2.82
C ILE B 421 -36.87 46.10 -3.21
N ILE B 422 -35.54 46.09 -3.20
CA ILE B 422 -34.76 47.23 -3.62
C ILE B 422 -35.02 47.57 -5.08
N MET B 423 -34.91 46.58 -5.96
CA MET B 423 -35.15 46.78 -7.38
C MET B 423 -36.56 47.27 -7.61
N GLU B 424 -37.54 46.63 -6.99
CA GLU B 424 -38.95 47.00 -7.19
C GLU B 424 -39.23 48.46 -6.81
N LYS B 425 -38.71 48.85 -5.65
CA LYS B 425 -38.89 50.22 -5.20
C LYS B 425 -38.08 51.19 -6.01
N ALA B 426 -36.85 50.81 -6.33
CA ALA B 426 -36.04 51.71 -7.14
C ALA B 426 -36.72 52.02 -8.51
N LEU B 427 -37.50 51.08 -9.03
CA LEU B 427 -38.18 51.24 -10.34
C LEU B 427 -39.18 52.41 -10.35
N GLU B 428 -39.73 52.76 -9.19
CA GLU B 428 -40.69 53.86 -9.11
C GLU B 428 -40.07 55.21 -9.47
N LYS B 429 -38.74 55.26 -9.43
CA LYS B 429 -37.96 56.43 -9.85
C LYS B 429 -37.27 56.16 -11.17
N GLY B 430 -37.77 55.20 -11.95
CA GLY B 430 -37.22 55.01 -13.29
C GLY B 430 -35.79 54.50 -13.32
N VAL B 431 -35.30 53.98 -12.19
CA VAL B 431 -33.96 53.40 -12.13
C VAL B 431 -34.03 51.87 -11.99
N LEU B 432 -33.21 51.17 -12.79
CA LEU B 432 -33.02 49.73 -12.72
C LEU B 432 -31.73 49.38 -11.94
N ILE B 433 -31.85 48.77 -10.79
CA ILE B 433 -30.67 48.55 -9.94
C ILE B 433 -31.01 47.43 -8.95
N GLY B 434 -30.02 46.61 -8.59
CA GLY B 434 -30.26 45.51 -7.65
C GLY B 434 -29.16 44.46 -7.67
N GLY B 435 -29.51 43.21 -7.94
CA GLY B 435 -28.49 42.18 -8.01
C GLY B 435 -28.98 40.74 -8.15
N ALA B 436 -28.05 39.86 -8.50
CA ALA B 436 -28.32 38.45 -8.66
C ALA B 436 -28.44 37.72 -7.28
N MET B 437 -27.64 38.08 -6.29
CA MET B 437 -27.74 37.39 -4.98
C MET B 437 -28.78 38.09 -4.13
N PRO B 438 -29.33 37.38 -3.14
CA PRO B 438 -30.40 37.92 -2.27
C PRO B 438 -30.03 39.12 -1.39
N ASN B 439 -28.79 39.14 -0.91
CA ASN B 439 -28.38 40.11 0.11
C ASN B 439 -27.27 40.99 -0.45
N THR B 440 -26.96 40.86 -1.75
CA THR B 440 -25.82 41.56 -2.33
C THR B 440 -26.20 42.27 -3.61
N MET B 441 -25.83 43.54 -3.71
CA MET B 441 -26.06 44.27 -4.94
C MET B 441 -24.87 44.10 -5.81
N ARG B 442 -25.11 44.15 -7.12
CA ARG B 442 -24.08 44.20 -8.13
C ARG B 442 -24.53 45.38 -8.95
N ILE B 443 -23.87 46.50 -8.79
CA ILE B 443 -24.25 47.68 -9.53
C ILE B 443 -23.27 47.86 -10.68
N GLY B 444 -23.76 48.24 -11.86
CA GLY B 444 -22.81 48.50 -12.96
C GLY B 444 -23.51 49.34 -13.94
N ALA B 445 -22.75 50.11 -14.70
CA ALA B 445 -23.32 50.94 -15.76
C ALA B 445 -22.24 51.01 -16.78
N SER B 446 -22.45 51.83 -17.82
CA SER B 446 -21.49 51.98 -18.91
C SER B 446 -20.25 52.65 -18.35
N LEU B 447 -19.12 52.40 -18.99
CA LEU B 447 -17.86 53.05 -18.64
C LEU B 447 -17.92 54.57 -18.73
N ASN B 448 -18.71 55.09 -19.66
CA ASN B 448 -18.92 56.55 -19.90
C ASN B 448 -20.23 57.07 -19.30
N VAL B 449 -20.77 56.35 -18.33
CA VAL B 449 -21.94 56.83 -17.59
C VAL B 449 -21.69 58.25 -17.09
N SER B 450 -22.71 59.09 -17.22
CA SER B 450 -22.63 60.48 -16.81
C SER B 450 -22.72 60.62 -15.26
N ARG B 451 -22.07 61.65 -14.74
CA ARG B 451 -22.20 62.00 -13.34
C ARG B 451 -23.63 62.22 -12.92
N GLY B 452 -24.43 62.88 -13.77
CA GLY B 452 -25.87 63.03 -13.54
C GLY B 452 -26.63 61.72 -13.41
N ASP B 453 -26.25 60.72 -14.21
CA ASP B 453 -26.88 59.40 -14.11
C ASP B 453 -26.47 58.67 -12.82
N ILE B 454 -25.21 58.80 -12.41
CA ILE B 454 -24.79 58.19 -11.15
C ILE B 454 -25.61 58.79 -10.02
N ASP B 455 -25.84 60.11 -10.08
CA ASP B 455 -26.64 60.81 -9.06
C ASP B 455 -28.07 60.30 -8.99
N LYS B 456 -28.71 60.18 -10.16
CA LYS B 456 -30.08 59.63 -10.24
C LYS B 456 -30.22 58.19 -9.66
N ALA B 457 -29.26 57.33 -10.01
CA ALA B 457 -29.24 55.95 -9.47
C ALA B 457 -29.01 55.87 -7.97
N MET B 458 -27.99 56.57 -7.48
CA MET B 458 -27.69 56.60 -6.05
C MET B 458 -28.84 57.19 -5.26
N ASP B 459 -29.49 58.19 -5.83
CA ASP B 459 -30.65 58.79 -5.17
C ASP B 459 -31.80 57.78 -5.08
N ALA B 460 -31.98 57.00 -6.14
CA ALA B 460 -33.02 55.98 -6.18
C ALA B 460 -32.68 54.84 -5.23
N LEU B 461 -31.40 54.50 -5.11
CA LEU B 461 -30.96 53.56 -4.08
C LEU B 461 -31.25 54.09 -2.65
N ASP B 462 -31.00 55.37 -2.45
CA ASP B 462 -31.33 56.01 -1.22
C ASP B 462 -32.81 55.77 -0.88
N TYR B 463 -33.68 55.98 -1.86
CA TYR B 463 -35.11 55.86 -1.70
C TYR B 463 -35.53 54.42 -1.40
N ALA B 464 -34.93 53.48 -2.14
CA ALA B 464 -35.18 52.07 -1.97
C ALA B 464 -34.72 51.58 -0.60
N LEU B 465 -33.55 52.03 -0.13
CA LEU B 465 -33.05 51.65 1.19
C LEU B 465 -33.90 52.15 2.35
N ASP B 466 -34.47 53.35 2.24
CA ASP B 466 -35.37 53.87 3.26
C ASP B 466 -36.53 52.91 3.41
N TYR B 467 -37.08 52.49 2.28
CA TYR B 467 -38.24 51.59 2.30
C TYR B 467 -37.91 50.22 2.89
N LEU B 468 -36.74 49.71 2.52
CA LEU B 468 -36.24 48.44 3.02
C LEU B 468 -36.07 48.53 4.54
N GLU B 469 -35.45 49.62 5.04
CA GLU B 469 -35.22 49.80 6.44
C GLU B 469 -36.51 50.05 7.23
N SER B 470 -37.61 50.39 6.57
CA SER B 470 -38.83 50.58 7.33
C SER B 470 -39.54 49.25 7.64
N GLY B 471 -39.17 48.17 6.95
CA GLY B 471 -39.76 46.86 7.25
C GLY B 471 -41.22 46.69 6.87
N GLU B 472 -41.80 47.69 6.21
CA GLU B 472 -43.17 47.63 5.62
C GLU B 472 -43.40 46.46 4.66
N TRP B 473 -42.34 45.86 4.17
CA TRP B 473 -42.46 44.84 3.15
C TRP B 473 -42.77 43.45 3.72
N GLN B 474 -42.80 43.33 5.04
CA GLN B 474 -42.86 42.01 5.70
C GLN B 474 -44.19 41.68 6.38
N LYS C 7 -25.78 -27.87 22.05
CA LYS C 7 -27.04 -27.90 21.26
C LYS C 7 -27.36 -26.53 20.65
N ILE C 8 -27.87 -26.58 19.43
CA ILE C 8 -28.24 -25.41 18.70
C ILE C 8 -29.75 -25.30 18.75
N ASN C 9 -30.24 -24.25 19.39
CA ASN C 9 -31.65 -23.93 19.26
C ASN C 9 -31.84 -23.35 17.85
N TRP C 10 -32.41 -24.14 16.95
CA TRP C 10 -32.59 -23.67 15.56
C TRP C 10 -33.78 -22.71 15.41
N GLU C 11 -34.73 -22.76 16.35
CA GLU C 11 -35.87 -21.85 16.29
C GLU C 11 -35.38 -20.42 16.55
N GLN C 12 -34.44 -20.30 17.48
CA GLN C 12 -33.84 -19.03 17.74
C GLN C 12 -32.92 -18.55 16.62
N VAL C 13 -32.17 -19.47 16.02
CA VAL C 13 -31.26 -19.12 14.92
C VAL C 13 -32.06 -18.42 13.82
N LYS C 14 -33.27 -18.91 13.55
CA LYS C 14 -34.13 -18.34 12.53
C LYS C 14 -34.63 -16.93 12.92
N GLU C 15 -34.99 -16.76 14.20
CA GLU C 15 -35.43 -15.45 14.70
C GLU C 15 -34.34 -14.41 14.56
N TRP C 16 -33.11 -14.79 14.90
CA TRP C 16 -31.96 -13.90 14.82
C TRP C 16 -31.69 -13.56 13.35
N ASP C 17 -31.99 -14.51 12.48
CA ASP C 17 -31.71 -14.33 11.10
C ASP C 17 -32.71 -13.35 10.46
N ARG C 18 -33.99 -13.51 10.82
CA ARG C 18 -35.04 -12.60 10.37
C ARG C 18 -34.78 -11.17 10.86
N LYS C 19 -34.50 -11.03 12.15
CA LYS C 19 -34.40 -9.72 12.79
C LYS C 19 -33.08 -8.99 12.60
N TYR C 20 -31.94 -9.69 12.60
CA TYR C 20 -30.66 -8.96 12.66
C TYR C 20 -29.81 -9.00 11.41
N LEU C 21 -30.35 -9.58 10.34
CA LEU C 21 -29.62 -9.73 9.09
C LEU C 21 -30.24 -8.97 7.92
N MET C 22 -29.44 -8.23 7.17
CA MET C 22 -29.99 -7.52 6.03
C MET C 22 -30.39 -8.55 4.96
N ARG C 23 -31.59 -8.35 4.41
CA ARG C 23 -32.14 -9.14 3.30
C ARG C 23 -31.46 -8.87 1.97
N THR C 24 -31.35 -9.93 1.16
CA THR C 24 -31.06 -9.74 -0.24
C THR C 24 -32.00 -10.58 -1.09
N PHE C 25 -32.38 -10.06 -2.26
CA PHE C 25 -33.39 -10.59 -3.18
C PHE C 25 -34.81 -10.75 -2.67
N SER C 26 -35.01 -10.52 -1.36
CA SER C 26 -36.29 -10.78 -0.73
C SER C 26 -36.60 -9.63 0.19
N THR C 27 -37.87 -9.25 0.26
CA THR C 27 -38.28 -8.34 1.29
C THR C 27 -38.30 -9.09 2.59
N GLN C 28 -38.24 -8.32 3.68
CA GLN C 28 -38.42 -8.82 5.01
C GLN C 28 -39.76 -9.54 5.16
N ASN C 29 -40.84 -8.96 4.60
CA ASN C 29 -42.19 -9.55 4.67
C ASN C 29 -42.33 -10.92 3.99
N GLU C 30 -41.66 -11.13 2.87
CA GLU C 30 -41.84 -12.39 2.10
C GLU C 30 -40.81 -13.48 2.45
N TYR C 31 -39.81 -13.10 3.25
CA TYR C 31 -38.68 -13.95 3.60
C TYR C 31 -39.05 -15.11 4.52
N GLN C 32 -38.46 -16.25 4.23
CA GLN C 32 -38.46 -17.37 5.15
C GLN C 32 -37.04 -17.87 5.22
N PRO C 33 -36.44 -17.87 6.41
CA PRO C 33 -35.11 -18.45 6.65
C PRO C 33 -35.10 -19.91 6.16
N VAL C 34 -34.00 -20.33 5.52
CA VAL C 34 -33.78 -21.72 5.13
C VAL C 34 -32.47 -22.11 5.81
N PRO C 35 -32.55 -22.65 7.04
CA PRO C 35 -31.29 -23.01 7.70
C PRO C 35 -30.61 -24.23 7.09
N ILE C 36 -29.29 -24.17 6.91
CA ILE C 36 -28.49 -25.36 6.59
C ILE C 36 -27.55 -25.73 7.75
N GLU C 37 -27.76 -26.90 8.36
CA GLU C 37 -26.97 -27.30 9.54
C GLU C 37 -25.53 -27.79 9.23
N SER C 38 -25.36 -28.47 8.09
CA SER C 38 -24.06 -29.00 7.65
C SER C 38 -24.13 -29.36 6.20
N THR C 39 -23.00 -29.73 5.60
CA THR C 39 -22.99 -30.03 4.17
C THR C 39 -22.06 -31.22 3.95
N GLU C 40 -22.28 -32.00 2.87
CA GLU C 40 -21.34 -33.09 2.48
C GLU C 40 -21.41 -33.53 1.00
N GLY C 41 -20.26 -33.54 0.32
CA GLY C 41 -20.19 -33.82 -1.12
C GLY C 41 -21.05 -32.86 -1.96
N ASP C 42 -22.15 -33.37 -2.49
CA ASP C 42 -23.10 -32.58 -3.26
C ASP C 42 -24.39 -32.29 -2.46
N TYR C 43 -24.37 -32.61 -1.16
CA TYR C 43 -25.55 -32.45 -0.29
C TYR C 43 -25.46 -31.35 0.76
N LEU C 44 -26.59 -30.67 0.97
CA LEU C 44 -26.80 -29.76 2.10
C LEU C 44 -27.77 -30.45 3.02
N ILE C 45 -27.56 -30.34 4.32
CA ILE C 45 -28.46 -31.00 5.27
C ILE C 45 -29.14 -29.97 6.17
N THR C 46 -30.47 -30.03 6.25
CA THR C 46 -31.23 -29.12 7.10
C THR C 46 -31.10 -29.52 8.56
N PRO C 47 -31.42 -28.60 9.50
CA PRO C 47 -31.44 -28.95 10.93
C PRO C 47 -32.16 -30.25 11.22
N GLY C 48 -33.21 -30.53 10.48
CA GLY C 48 -34.05 -31.68 10.76
C GLY C 48 -33.49 -33.01 10.27
N GLY C 49 -32.49 -32.95 9.40
CA GLY C 49 -31.91 -34.14 8.75
C GLY C 49 -32.21 -34.32 7.27
N THR C 50 -33.02 -33.44 6.69
CA THR C 50 -33.36 -33.52 5.27
C THR C 50 -32.15 -33.23 4.38
N ARG C 51 -31.98 -34.09 3.37
CA ARG C 51 -30.82 -34.07 2.51
C ARG C 51 -31.23 -33.52 1.16
N LEU C 52 -30.58 -32.43 0.77
CA LEU C 52 -30.94 -31.68 -0.42
C LEU C 52 -29.80 -31.74 -1.42
N LEU C 53 -30.03 -32.43 -2.54
CA LEU C 53 -29.09 -32.48 -3.66
C LEU C 53 -28.92 -31.11 -4.32
N ASP C 54 -27.75 -30.51 -4.12
CA ASP C 54 -27.42 -29.16 -4.55
C ASP C 54 -26.90 -29.03 -5.98
N PHE C 55 -27.82 -28.98 -6.95
CA PHE C 55 -27.41 -28.80 -8.33
C PHE C 55 -27.27 -27.33 -8.77
N PHE C 56 -26.99 -26.45 -7.81
CA PHE C 56 -26.50 -25.10 -8.04
C PHE C 56 -25.02 -25.05 -7.71
N ASN C 57 -24.59 -26.05 -6.94
CA ASN C 57 -23.26 -26.09 -6.36
C ASN C 57 -23.04 -24.73 -5.68
N GLN C 58 -24.10 -24.30 -4.99
CA GLN C 58 -24.21 -23.03 -4.31
C GLN C 58 -24.31 -21.87 -5.33
N LEU C 59 -23.17 -21.34 -5.76
CA LEU C 59 -23.10 -20.43 -6.91
C LEU C 59 -22.06 -20.93 -7.94
N CYS C 60 -22.14 -22.22 -8.26
CA CYS C 60 -21.17 -22.89 -9.14
C CYS C 60 -19.74 -22.73 -8.66
N CYS C 61 -19.55 -22.83 -7.34
CA CYS C 61 -18.28 -22.47 -6.68
C CYS C 61 -17.76 -23.49 -5.67
N VAL C 62 -18.40 -24.66 -5.57
CA VAL C 62 -17.97 -25.71 -4.63
C VAL C 62 -17.40 -26.89 -5.44
N ASN C 63 -16.54 -26.53 -6.40
CA ASN C 63 -16.02 -27.45 -7.40
C ASN C 63 -15.62 -28.84 -6.89
N LEU C 64 -14.97 -28.87 -5.75
CA LEU C 64 -14.35 -30.08 -5.25
C LEU C 64 -15.35 -31.00 -4.56
N GLY C 65 -16.56 -30.53 -4.27
CA GLY C 65 -17.38 -31.20 -3.26
C GLY C 65 -17.38 -30.41 -1.95
N GLN C 66 -18.53 -30.40 -1.29
CA GLN C 66 -18.67 -29.81 0.03
C GLN C 66 -17.81 -30.52 1.08
N LYS C 67 -17.10 -29.75 1.90
CA LYS C 67 -16.41 -30.32 3.07
C LYS C 67 -15.53 -31.53 2.74
N ASN C 68 -14.59 -31.31 1.83
CA ASN C 68 -13.56 -32.30 1.56
C ASN C 68 -12.67 -32.47 2.80
N GLN C 69 -12.57 -33.71 3.29
CA GLN C 69 -11.75 -34.11 4.46
C GLN C 69 -10.28 -33.70 4.36
N LYS C 70 -9.63 -33.99 3.25
CA LYS C 70 -8.24 -33.56 3.02
C LYS C 70 -8.03 -32.04 3.03
N VAL C 71 -8.93 -31.28 2.40
CA VAL C 71 -8.83 -29.82 2.39
C VAL C 71 -9.04 -29.32 3.79
N ASN C 72 -10.07 -29.86 4.45
CA ASN C 72 -10.40 -29.46 5.82
C ASN C 72 -9.30 -29.80 6.79
N ALA C 73 -8.69 -30.97 6.64
CA ALA C 73 -7.60 -31.38 7.51
C ALA C 73 -6.39 -30.46 7.36
N ALA C 74 -6.19 -29.96 6.15
CA ALA C 74 -5.05 -29.10 5.89
C ALA C 74 -5.27 -27.65 6.44
N ILE C 75 -6.48 -27.10 6.32
CA ILE C 75 -6.86 -25.89 7.08
C ILE C 75 -6.63 -26.11 8.62
N LYS C 76 -6.95 -27.28 9.12
CA LYS C 76 -6.67 -27.60 10.56
C LYS C 76 -5.16 -27.63 10.94
N GLU C 77 -4.34 -28.30 10.12
CA GLU C 77 -2.87 -28.18 10.15
C GLU C 77 -2.37 -26.71 10.11
N ALA C 78 -2.88 -25.91 9.18
CA ALA C 78 -2.40 -24.52 9.05
C ALA C 78 -2.68 -23.67 10.28
N LEU C 79 -3.78 -23.98 10.96
CA LEU C 79 -4.12 -23.34 12.20
C LEU C 79 -3.20 -23.65 13.40
N ASP C 80 -2.32 -24.66 13.28
CA ASP C 80 -1.21 -24.83 14.21
C ASP C 80 -0.14 -23.72 14.15
N ARG C 81 -0.01 -23.10 12.99
CA ARG C 81 1.08 -22.14 12.80
C ARG C 81 0.58 -20.71 12.66
N TYR C 82 -0.61 -20.55 12.06
CA TYR C 82 -1.23 -19.21 11.91
C TYR C 82 -2.64 -19.10 12.56
N GLY C 83 -3.06 -17.88 12.95
CA GLY C 83 -2.28 -16.64 12.82
C GLY C 83 -2.65 -15.89 11.56
N PHE C 84 -2.04 -14.71 11.36
CA PHE C 84 -2.22 -13.87 10.17
C PHE C 84 -0.97 -13.04 9.91
N VAL C 85 -0.50 -13.05 8.66
CA VAL C 85 0.45 -12.03 8.21
C VAL C 85 -0.10 -11.38 6.95
N TRP C 86 0.19 -10.10 6.70
CA TRP C 86 -0.24 -9.50 5.43
C TRP C 86 0.77 -9.69 4.32
N ASP C 87 0.44 -9.18 3.13
CA ASP C 87 1.17 -9.47 1.92
C ASP C 87 2.64 -9.14 1.97
N THR C 88 3.05 -8.29 2.90
CA THR C 88 4.44 -7.88 2.98
C THR C 88 5.31 -9.05 3.47
N TYR C 89 4.69 -10.01 4.15
CA TYR C 89 5.41 -11.18 4.66
C TYR C 89 5.25 -12.37 3.74
N ALA C 90 6.29 -13.17 3.64
CA ALA C 90 6.21 -14.37 2.82
C ALA C 90 5.86 -15.56 3.72
N THR C 91 4.95 -16.42 3.26
CA THR C 91 4.75 -17.76 3.89
C THR C 91 4.92 -18.87 2.86
N ASP C 92 5.02 -20.11 3.34
CA ASP C 92 5.07 -21.26 2.46
C ASP C 92 3.75 -21.41 1.69
N TYR C 93 2.63 -21.26 2.37
CA TYR C 93 1.32 -21.44 1.73
C TYR C 93 1.05 -20.43 0.56
N LYS C 94 1.40 -19.16 0.73
CA LYS C 94 1.18 -18.15 -0.30
C LYS C 94 2.02 -18.46 -1.52
N ALA C 95 3.27 -18.87 -1.26
CA ALA C 95 4.23 -19.09 -2.32
C ALA C 95 3.89 -20.35 -3.10
N LYS C 96 3.57 -21.42 -2.36
CA LYS C 96 3.16 -22.71 -2.94
C LYS C 96 1.91 -22.58 -3.80
N ALA C 97 0.91 -21.84 -3.32
CA ALA C 97 -0.30 -21.67 -4.10
C ALA C 97 0.01 -20.97 -5.43
N ALA C 98 0.90 -19.98 -5.41
CA ALA C 98 1.19 -19.28 -6.66
C ALA C 98 1.94 -20.20 -7.62
N LYS C 99 2.81 -21.03 -7.06
CA LYS C 99 3.62 -21.97 -7.82
C LYS C 99 2.74 -23.05 -8.45
N ILE C 100 1.77 -23.53 -7.69
CA ILE C 100 0.82 -24.52 -8.19
C ILE C 100 0.07 -24.00 -9.44
N ILE C 101 -0.38 -22.75 -9.36
CA ILE C 101 -1.09 -22.09 -10.47
C ILE C 101 -0.15 -21.91 -11.66
N ILE C 102 1.01 -21.30 -11.48
CA ILE C 102 1.86 -20.99 -12.61
C ILE C 102 2.66 -22.16 -13.15
N GLU C 103 3.34 -22.88 -12.26
CA GLU C 103 4.25 -23.94 -12.68
C GLU C 103 3.55 -25.24 -12.88
N ASP C 104 2.48 -25.49 -12.13
CA ASP C 104 1.78 -26.76 -12.24
C ASP C 104 0.55 -26.71 -13.13
N ILE C 105 -0.49 -26.04 -12.69
CA ILE C 105 -1.72 -26.03 -13.48
C ILE C 105 -1.54 -25.40 -14.87
N LEU C 106 -0.83 -24.27 -14.93
CA LEU C 106 -0.60 -23.60 -16.21
C LEU C 106 0.79 -23.84 -16.79
N GLY C 107 1.46 -24.92 -16.39
CA GLY C 107 2.88 -25.12 -16.74
C GLY C 107 3.16 -25.31 -18.22
N ASP C 108 2.16 -25.82 -18.93
CA ASP C 108 2.28 -26.12 -20.35
C ASP C 108 2.02 -24.91 -21.26
N GLU C 109 1.54 -23.81 -20.67
CA GLU C 109 1.31 -22.55 -21.39
C GLU C 109 2.36 -21.57 -20.91
N ASP C 110 2.90 -20.71 -21.77
CA ASP C 110 4.00 -19.90 -21.25
C ASP C 110 3.84 -18.37 -21.24
N TRP C 111 2.61 -17.90 -21.36
CA TRP C 111 2.33 -16.49 -21.19
C TRP C 111 2.25 -16.07 -19.69
N PRO C 112 1.88 -17.01 -18.77
CA PRO C 112 1.60 -16.57 -17.40
C PRO C 112 2.85 -16.16 -16.68
N GLY C 113 2.81 -15.03 -15.99
CA GLY C 113 3.96 -14.58 -15.21
C GLY C 113 3.85 -14.67 -13.69
N LYS C 114 2.92 -13.93 -13.11
CA LYS C 114 2.84 -13.83 -11.64
C LYS C 114 1.40 -13.86 -11.17
N VAL C 115 1.23 -14.11 -9.88
CA VAL C 115 -0.08 -14.12 -9.21
C VAL C 115 -0.18 -13.02 -8.14
N ARG C 116 -1.40 -12.48 -7.98
CA ARG C 116 -1.73 -11.75 -6.75
C ARG C 116 -2.99 -12.32 -6.14
N PHE C 117 -2.92 -12.66 -4.87
CA PHE C 117 -4.06 -13.22 -4.13
C PHE C 117 -4.84 -12.13 -3.40
N VAL C 118 -6.16 -12.23 -3.39
CA VAL C 118 -7.08 -11.28 -2.75
C VAL C 118 -8.16 -12.15 -2.12
N SER C 119 -9.29 -11.61 -1.67
CA SER C 119 -10.17 -12.49 -0.88
C SER C 119 -11.43 -12.94 -1.59
N THR C 120 -11.86 -12.18 -2.59
CA THR C 120 -13.11 -12.47 -3.32
C THR C 120 -12.88 -12.28 -4.83
N GLY C 121 -13.84 -12.76 -5.64
CA GLY C 121 -13.77 -12.56 -7.08
C GLY C 121 -13.88 -11.10 -7.51
N SER C 122 -14.73 -10.32 -6.85
CA SER C 122 -14.82 -8.90 -7.13
C SER C 122 -13.49 -8.15 -6.96
N GLU C 123 -12.77 -8.46 -5.89
CA GLU C 123 -11.45 -7.89 -5.61
C GLU C 123 -10.48 -8.26 -6.69
N ALA C 124 -10.62 -9.49 -7.19
CA ALA C 124 -9.76 -9.97 -8.22
C ALA C 124 -10.02 -9.21 -9.57
N VAL C 125 -11.29 -9.04 -9.93
CA VAL C 125 -11.65 -8.16 -11.06
C VAL C 125 -11.13 -6.76 -10.85
N GLU C 126 -11.32 -6.19 -9.66
CA GLU C 126 -10.82 -4.85 -9.36
C GLU C 126 -9.31 -4.76 -9.62
N THR C 127 -8.55 -5.71 -9.07
CA THR C 127 -7.10 -5.79 -9.30
C THR C 127 -6.73 -5.85 -10.77
N ALA C 128 -7.42 -6.69 -11.53
CA ALA C 128 -7.12 -6.85 -12.96
C ALA C 128 -7.43 -5.55 -13.74
N LEU C 129 -8.54 -4.90 -13.40
CA LEU C 129 -8.90 -3.61 -13.99
C LEU C 129 -7.80 -2.55 -13.80
N ASN C 130 -7.36 -2.42 -12.55
CA ASN C 130 -6.33 -1.49 -12.13
C ASN C 130 -5.04 -1.76 -12.90
N ILE C 131 -4.67 -3.02 -12.90
CA ILE C 131 -3.44 -3.51 -13.58
C ILE C 131 -3.48 -3.25 -15.07
N ALA C 132 -4.62 -3.51 -15.67
CA ALA C 132 -4.77 -3.35 -17.09
C ALA C 132 -4.62 -1.86 -17.46
N ARG C 133 -5.28 -1.01 -16.68
CA ARG C 133 -5.27 0.41 -16.99
C ARG C 133 -3.87 0.97 -16.69
N LEU C 134 -3.22 0.47 -15.66
CA LEU C 134 -1.84 0.90 -15.37
C LEU C 134 -0.85 0.46 -16.46
N TYR C 135 -0.99 -0.77 -16.97
CA TYR C 135 -0.02 -1.27 -17.92
C TYR C 135 -0.05 -0.51 -19.24
N THR C 136 -1.26 -0.27 -19.74
CA THR C 136 -1.44 0.36 -21.03
C THR C 136 -1.45 1.90 -20.85
N ASN C 137 -1.64 2.34 -19.63
CA ASN C 137 -1.88 3.76 -19.35
C ASN C 137 -3.13 4.26 -20.06
N ARG C 138 -4.18 3.46 -20.03
CA ARG C 138 -5.34 3.80 -20.81
C ARG C 138 -6.54 3.72 -19.93
N PRO C 139 -7.54 4.54 -20.20
CA PRO C 139 -8.67 4.57 -19.28
C PRO C 139 -9.81 3.58 -19.55
N LEU C 140 -10.15 3.34 -20.81
CA LEU C 140 -11.37 2.60 -21.09
C LEU C 140 -11.24 1.07 -21.00
N VAL C 141 -12.21 0.44 -20.36
CA VAL C 141 -12.40 -0.99 -20.45
C VAL C 141 -13.65 -1.33 -21.26
N VAL C 142 -13.58 -2.34 -22.14
CA VAL C 142 -14.77 -2.83 -22.84
C VAL C 142 -15.38 -4.02 -22.11
N THR C 143 -16.68 -4.00 -21.89
CA THR C 143 -17.36 -5.19 -21.39
C THR C 143 -18.43 -5.65 -22.40
N ARG C 144 -19.33 -6.54 -22.01
CA ARG C 144 -20.39 -6.94 -22.94
C ARG C 144 -21.72 -6.99 -22.26
N GLU C 145 -22.77 -6.69 -23.02
CA GLU C 145 -24.13 -6.76 -22.52
C GLU C 145 -24.35 -8.12 -21.87
N HIS C 146 -24.86 -8.06 -20.65
CA HIS C 146 -25.25 -9.22 -19.85
C HIS C 146 -24.11 -9.85 -19.04
N ASP C 147 -22.89 -9.32 -19.16
CA ASP C 147 -21.75 -9.81 -18.36
C ASP C 147 -21.96 -9.56 -16.86
N TYR C 148 -21.38 -10.44 -16.05
CA TYR C 148 -21.30 -10.24 -14.62
C TYR C 148 -19.86 -10.40 -14.14
N HIS C 149 -19.33 -9.39 -13.45
CA HIS C 149 -17.95 -9.40 -13.01
C HIS C 149 -17.77 -9.06 -11.55
N GLY C 150 -18.88 -9.06 -10.79
CA GLY C 150 -18.84 -8.67 -9.38
C GLY C 150 -19.68 -7.46 -9.03
N TRP C 151 -19.66 -7.07 -7.76
CA TRP C 151 -20.63 -6.14 -7.22
C TRP C 151 -19.96 -4.89 -6.66
N THR C 152 -18.66 -4.98 -6.31
CA THR C 152 -17.89 -3.82 -5.83
C THR C 152 -17.68 -2.70 -6.91
N GLY C 153 -17.45 -1.45 -6.49
CA GLY C 153 -17.30 -0.30 -7.38
C GLY C 153 -16.84 -0.52 -8.83
N GLY C 154 -15.59 -0.94 -9.03
CA GLY C 154 -15.05 -1.11 -10.36
C GLY C 154 -15.60 -2.34 -11.09
N ALA C 155 -15.73 -3.47 -10.38
CA ALA C 155 -16.25 -4.70 -10.98
C ALA C 155 -17.68 -4.46 -11.42
N ALA C 156 -18.40 -3.62 -10.67
CA ALA C 156 -19.80 -3.33 -11.01
C ALA C 156 -19.93 -2.54 -12.33
N THR C 157 -18.96 -1.67 -12.61
CA THR C 157 -19.00 -0.81 -13.82
C THR C 157 -18.96 -1.64 -15.09
N VAL C 158 -18.34 -2.84 -15.01
CA VAL C 158 -18.28 -3.73 -16.16
C VAL C 158 -19.31 -4.82 -16.10
N THR C 159 -20.21 -4.75 -15.10
CA THR C 159 -21.38 -5.63 -14.99
C THR C 159 -22.58 -4.97 -15.71
N ARG C 160 -23.07 -5.64 -16.75
CA ARG C 160 -24.20 -5.13 -17.52
C ARG C 160 -25.39 -6.08 -17.40
N LEU C 161 -25.82 -6.29 -16.15
CA LEU C 161 -27.06 -6.99 -15.81
C LEU C 161 -27.80 -6.15 -14.78
N ARG C 162 -28.85 -5.46 -15.22
CA ARG C 162 -29.53 -4.48 -14.41
C ARG C 162 -30.24 -5.07 -13.19
N SER C 163 -30.42 -6.36 -13.24
CA SER C 163 -31.02 -7.10 -12.15
C SER C 163 -30.02 -7.47 -11.06
N PHE C 164 -28.74 -7.20 -11.29
CA PHE C 164 -27.67 -7.63 -10.40
C PHE C 164 -26.66 -6.53 -10.04
N ARG C 165 -27.12 -5.29 -10.05
CA ARG C 165 -26.22 -4.15 -9.81
C ARG C 165 -26.38 -3.47 -8.43
N SER C 166 -26.97 -4.23 -7.51
CA SER C 166 -27.14 -3.83 -6.11
C SER C 166 -28.12 -2.67 -5.95
N GLY C 167 -29.02 -2.51 -6.91
CA GLY C 167 -30.12 -1.57 -6.78
C GLY C 167 -31.27 -2.21 -6.04
N LEU C 168 -32.42 -1.53 -6.02
CA LEU C 168 -33.57 -1.98 -5.23
C LEU C 168 -34.80 -2.16 -6.08
N VAL C 169 -35.68 -3.07 -5.67
CA VAL C 169 -36.95 -3.27 -6.36
C VAL C 169 -38.02 -3.55 -5.31
N GLY C 170 -39.27 -3.40 -5.71
CA GLY C 170 -40.39 -3.69 -4.81
C GLY C 170 -40.78 -5.17 -4.79
N GLU C 171 -41.71 -5.51 -3.89
CA GLU C 171 -42.28 -6.86 -3.80
C GLU C 171 -43.41 -7.00 -4.82
N ASN C 172 -43.17 -7.75 -5.91
CA ASN C 172 -44.20 -7.97 -6.93
C ASN C 172 -44.81 -6.67 -7.42
N SER C 173 -43.97 -5.67 -7.67
CA SER C 173 -44.40 -4.34 -8.09
C SER C 173 -43.28 -3.74 -8.91
N GLU C 174 -43.62 -2.78 -9.76
CA GLU C 174 -42.62 -2.04 -10.55
C GLU C 174 -42.49 -0.59 -10.07
N SER C 175 -43.20 -0.26 -8.99
CA SER C 175 -43.24 1.10 -8.43
C SER C 175 -42.06 1.57 -7.55
N PHE C 176 -41.17 0.66 -7.20
CA PHE C 176 -40.17 0.94 -6.18
C PHE C 176 -38.74 0.73 -6.60
N SER C 177 -38.45 0.99 -7.86
CA SER C 177 -37.18 0.60 -8.44
C SER C 177 -36.19 1.71 -8.44
N ALA C 178 -34.93 1.36 -8.29
CA ALA C 178 -33.90 2.36 -8.21
C ALA C 178 -32.60 1.62 -8.40
N GLN C 179 -31.67 2.30 -9.05
CA GLN C 179 -30.31 1.84 -9.12
C GLN C 179 -29.60 2.85 -8.27
N ILE C 180 -28.37 2.55 -7.90
CA ILE C 180 -27.60 3.38 -7.04
C ILE C 180 -27.39 4.71 -7.72
N PRO C 181 -27.85 5.80 -7.05
CA PRO C 181 -27.65 7.17 -7.53
C PRO C 181 -26.17 7.36 -7.85
N GLY C 182 -25.89 7.90 -9.04
CA GLY C 182 -24.52 8.19 -9.50
C GLY C 182 -23.71 7.10 -10.20
N SER C 183 -24.35 6.00 -10.59
CA SER C 183 -23.60 4.88 -11.16
C SER C 183 -23.72 4.83 -12.66
N SER C 187 -18.58 7.08 -17.65
CA SER C 187 -17.89 6.65 -16.43
C SER C 187 -16.93 5.45 -16.61
N ALA C 188 -16.19 5.48 -17.75
CA ALA C 188 -14.94 4.68 -18.08
C ALA C 188 -15.04 3.28 -18.73
N VAL C 189 -16.24 2.93 -19.18
CA VAL C 189 -16.54 1.56 -19.60
C VAL C 189 -17.38 1.54 -20.89
N LEU C 190 -17.01 0.69 -21.84
CA LEU C 190 -17.85 0.53 -23.03
C LEU C 190 -18.52 -0.80 -22.98
N MET C 191 -19.80 -0.79 -23.32
CA MET C 191 -20.51 -2.03 -23.46
C MET C 191 -20.60 -2.49 -24.92
N ALA C 192 -19.96 -3.61 -25.21
CA ALA C 192 -20.03 -4.25 -26.56
C ALA C 192 -21.17 -5.28 -26.61
N PRO C 193 -21.57 -5.70 -27.83
CA PRO C 193 -22.67 -6.67 -27.91
C PRO C 193 -22.25 -7.98 -27.30
N SER C 194 -23.21 -8.71 -26.78
CA SER C 194 -22.79 -10.03 -26.38
C SER C 194 -22.57 -10.95 -27.55
N SER C 195 -21.88 -12.03 -27.27
CA SER C 195 -21.54 -13.08 -28.22
C SER C 195 -22.81 -13.59 -28.87
N ASN C 196 -23.86 -13.61 -28.06
CA ASN C 196 -25.18 -14.07 -28.46
C ASN C 196 -26.04 -13.03 -29.23
N THR C 197 -25.39 -12.10 -29.92
CA THR C 197 -26.12 -11.15 -30.80
C THR C 197 -25.99 -11.48 -32.32
N PHE C 198 -26.95 -10.96 -33.09
CA PHE C 198 -26.92 -10.90 -34.57
C PHE C 198 -27.02 -12.26 -35.33
N GLN C 199 -28.24 -12.71 -35.59
CA GLN C 199 -28.49 -14.00 -36.27
C GLN C 199 -29.76 -14.11 -37.12
N ASN C 204 -28.15 -19.12 -36.34
CA ASN C 204 -27.17 -18.78 -37.37
C ASN C 204 -26.56 -17.40 -37.12
N TYR C 205 -25.39 -17.39 -36.47
CA TYR C 205 -24.67 -16.15 -36.22
C TYR C 205 -24.11 -15.55 -37.48
N LEU C 206 -24.49 -14.29 -37.71
CA LEU C 206 -24.05 -13.56 -38.89
C LEU C 206 -22.58 -13.25 -38.79
N LYS C 207 -21.93 -13.34 -39.93
CA LYS C 207 -20.49 -13.09 -40.06
C LYS C 207 -20.19 -12.07 -41.16
N ASP C 208 -18.93 -11.65 -41.17
CA ASP C 208 -18.34 -10.75 -42.15
C ASP C 208 -18.15 -11.48 -43.44
N GLU C 209 -17.84 -10.75 -44.51
CA GLU C 209 -17.31 -11.34 -45.77
C GLU C 209 -15.98 -12.07 -45.50
N ASN C 210 -15.23 -11.58 -44.51
CA ASN C 210 -14.00 -12.22 -44.08
C ASN C 210 -14.19 -13.23 -42.94
N GLY C 211 -15.43 -13.60 -42.63
CA GLY C 211 -15.73 -14.61 -41.61
C GLY C 211 -15.79 -14.15 -40.14
N GLU C 212 -15.59 -12.85 -39.90
CA GLU C 212 -15.61 -12.30 -38.54
C GLU C 212 -17.05 -12.14 -38.06
N LEU C 213 -17.38 -12.63 -36.86
CA LEU C 213 -18.74 -12.52 -36.31
C LEU C 213 -19.17 -11.08 -36.15
N LEU C 214 -20.44 -10.79 -36.44
CA LEU C 214 -20.94 -9.40 -36.41
C LEU C 214 -20.81 -8.78 -35.03
N SER C 215 -20.96 -9.60 -33.98
CA SER C 215 -20.76 -9.19 -32.63
C SER C 215 -19.33 -8.72 -32.46
N VAL C 216 -18.37 -9.43 -33.02
CA VAL C 216 -16.97 -9.06 -32.88
C VAL C 216 -16.63 -7.88 -33.80
N LYS C 217 -17.19 -7.84 -35.00
CA LYS C 217 -16.89 -6.79 -35.97
C LYS C 217 -17.25 -5.43 -35.41
N TYR C 218 -18.43 -5.37 -34.82
CA TYR C 218 -18.95 -4.17 -34.30
C TYR C 218 -18.19 -3.81 -33.03
N THR C 219 -17.70 -4.83 -32.30
CA THR C 219 -16.90 -4.57 -31.11
C THR C 219 -15.63 -3.84 -31.50
N ARG C 220 -14.98 -4.36 -32.53
CA ARG C 220 -13.87 -3.70 -33.20
C ARG C 220 -14.21 -2.26 -33.64
N ARG C 221 -15.33 -2.09 -34.34
CA ARG C 221 -15.69 -0.74 -34.82
C ARG C 221 -15.98 0.21 -33.64
N MET C 222 -16.36 -0.37 -32.48
CA MET C 222 -16.57 0.38 -31.27
C MET C 222 -15.24 0.86 -30.77
N ILE C 223 -14.29 -0.06 -30.68
CA ILE C 223 -12.99 0.29 -30.14
C ILE C 223 -12.27 1.29 -31.05
N GLU C 224 -12.41 1.12 -32.37
CA GLU C 224 -11.85 2.06 -33.31
C GLU C 224 -12.55 3.46 -33.27
N ASN C 225 -13.84 3.51 -32.95
CA ASN C 225 -14.51 4.79 -32.87
C ASN C 225 -13.96 5.66 -31.70
N TYR C 226 -13.65 4.99 -30.60
CA TYR C 226 -13.02 5.69 -29.49
C TYR C 226 -11.54 5.94 -29.71
N GLY C 227 -10.89 5.07 -30.47
CA GLY C 227 -9.45 5.09 -30.65
C GLY C 227 -8.87 3.98 -29.79
N PRO C 228 -8.12 3.05 -30.39
CA PRO C 228 -7.43 1.97 -29.67
C PRO C 228 -6.54 2.51 -28.53
N GLU C 229 -5.94 3.69 -28.76
CA GLU C 229 -5.10 4.33 -27.74
C GLU C 229 -5.85 4.71 -26.46
N GLN C 230 -7.18 4.64 -26.46
CA GLN C 230 -7.96 4.96 -25.25
C GLN C 230 -8.38 3.69 -24.47
N VAL C 231 -8.26 2.51 -25.09
CA VAL C 231 -8.88 1.30 -24.56
C VAL C 231 -7.79 0.37 -23.98
N ALA C 232 -7.92 0.07 -22.69
CA ALA C 232 -6.91 -0.78 -22.03
C ALA C 232 -7.15 -2.22 -22.37
N ALA C 233 -8.41 -2.63 -22.31
CA ALA C 233 -8.73 -4.03 -22.25
C ALA C 233 -10.15 -4.33 -22.66
N VAL C 234 -10.32 -5.53 -23.25
CA VAL C 234 -11.62 -6.20 -23.26
C VAL C 234 -11.68 -7.22 -22.11
N ILE C 235 -12.70 -7.12 -21.28
CA ILE C 235 -12.97 -8.16 -20.29
C ILE C 235 -14.16 -9.03 -20.68
N THR C 236 -13.96 -10.34 -20.76
CA THR C 236 -15.03 -11.24 -21.12
C THR C 236 -15.29 -12.29 -20.03
N GLU C 237 -16.44 -12.96 -20.10
CA GLU C 237 -16.59 -14.30 -19.49
C GLU C 237 -16.75 -15.21 -20.68
N VAL C 238 -15.86 -16.18 -20.82
CA VAL C 238 -15.92 -17.19 -21.87
C VAL C 238 -17.34 -17.78 -22.07
N SER C 239 -18.03 -18.07 -20.98
CA SER C 239 -19.43 -18.44 -20.99
C SER C 239 -20.01 -17.55 -19.89
N GLN C 240 -21.07 -16.80 -20.15
CA GLN C 240 -21.59 -15.84 -19.14
C GLN C 240 -22.25 -16.62 -18.03
N GLY C 241 -21.84 -16.37 -16.80
CA GLY C 241 -22.25 -17.23 -15.69
C GLY C 241 -23.61 -16.84 -15.17
N VAL C 242 -23.69 -15.76 -14.36
CA VAL C 242 -25.00 -15.20 -13.93
C VAL C 242 -25.89 -14.97 -15.16
N GLY C 243 -25.31 -14.35 -16.21
CA GLY C 243 -26.06 -14.08 -17.43
C GLY C 243 -26.51 -15.32 -18.17
N SER C 244 -25.89 -16.46 -17.85
CA SER C 244 -26.29 -17.79 -18.40
C SER C 244 -26.30 -17.98 -19.93
N THR C 245 -25.13 -17.92 -20.58
CA THR C 245 -25.05 -18.09 -22.02
C THR C 245 -23.81 -18.91 -22.39
N MET C 246 -23.90 -19.60 -23.53
CA MET C 246 -22.73 -20.18 -24.18
C MET C 246 -22.44 -19.44 -25.50
N PRO C 247 -21.17 -19.13 -25.80
CA PRO C 247 -20.94 -18.40 -27.03
C PRO C 247 -20.85 -19.35 -28.24
N PRO C 248 -21.11 -18.82 -29.46
CA PRO C 248 -20.71 -19.58 -30.62
C PRO C 248 -19.19 -19.79 -30.58
N TYR C 249 -18.75 -20.91 -31.11
CA TYR C 249 -17.36 -21.32 -31.01
C TYR C 249 -16.34 -20.26 -31.45
N GLU C 250 -16.59 -19.56 -32.55
CA GLU C 250 -15.58 -18.67 -33.10
C GLU C 250 -15.40 -17.33 -32.35
N TYR C 251 -16.30 -17.01 -31.43
CA TYR C 251 -16.22 -15.70 -30.73
C TYR C 251 -14.92 -15.52 -29.90
N VAL C 252 -14.62 -16.47 -29.01
CA VAL C 252 -13.44 -16.31 -28.15
C VAL C 252 -12.14 -16.20 -28.97
N PRO C 253 -11.91 -17.12 -29.94
CA PRO C 253 -10.69 -16.91 -30.76
C PRO C 253 -10.69 -15.55 -31.47
N GLN C 254 -11.86 -15.05 -31.84
CA GLN C 254 -11.94 -13.83 -32.63
C GLN C 254 -11.74 -12.55 -31.80
N ILE C 255 -12.22 -12.53 -30.55
CA ILE C 255 -11.96 -11.42 -29.64
C ILE C 255 -10.46 -11.32 -29.35
N ARG C 256 -9.84 -12.49 -29.13
CA ARG C 256 -8.39 -12.60 -28.90
C ARG C 256 -7.61 -12.00 -30.08
N LYS C 257 -7.90 -12.46 -31.29
CA LYS C 257 -7.30 -11.87 -32.50
C LYS C 257 -7.53 -10.35 -32.66
N MET C 258 -8.78 -9.92 -32.49
CA MET C 258 -9.14 -8.54 -32.71
C MET C 258 -8.42 -7.67 -31.65
N THR C 259 -8.41 -8.11 -30.38
CA THR C 259 -7.76 -7.32 -29.33
C THR C 259 -6.28 -7.18 -29.62
N LYS C 260 -5.69 -8.28 -30.08
CA LYS C 260 -4.29 -8.33 -30.39
C LYS C 260 -3.99 -7.42 -31.58
N GLU C 261 -4.91 -7.36 -32.55
CA GLU C 261 -4.76 -6.53 -33.77
C GLU C 261 -4.75 -5.04 -33.45
N LEU C 262 -5.61 -4.65 -32.52
CA LEU C 262 -5.73 -3.28 -32.09
C LEU C 262 -4.86 -2.97 -30.85
N GLY C 263 -4.02 -3.90 -30.42
CA GLY C 263 -3.08 -3.64 -29.30
C GLY C 263 -3.74 -3.34 -27.97
N VAL C 264 -4.89 -3.98 -27.75
CA VAL C 264 -5.67 -3.92 -26.54
C VAL C 264 -5.49 -5.24 -25.74
N LEU C 265 -5.54 -5.21 -24.41
CA LEU C 265 -5.42 -6.49 -23.64
C LEU C 265 -6.73 -7.25 -23.62
N TRP C 266 -6.64 -8.57 -23.41
CA TRP C 266 -7.83 -9.39 -23.19
C TRP C 266 -7.79 -10.00 -21.79
N ILE C 267 -8.83 -9.73 -21.02
CA ILE C 267 -8.92 -10.28 -19.67
C ILE C 267 -9.94 -11.37 -19.75
N SER C 268 -9.58 -12.55 -19.31
CA SER C 268 -10.57 -13.59 -19.23
C SER C 268 -11.07 -13.68 -17.81
N ASP C 269 -12.34 -13.39 -17.57
CA ASP C 269 -12.86 -13.48 -16.22
C ASP C 269 -13.25 -14.92 -15.92
N GLU C 270 -12.37 -15.65 -15.26
CA GLU C 270 -12.54 -17.10 -15.00
C GLU C 270 -12.96 -17.40 -13.55
N VAL C 271 -13.56 -16.41 -12.86
CA VAL C 271 -14.09 -16.58 -11.49
C VAL C 271 -15.04 -17.80 -11.41
N LEU C 272 -16.06 -17.82 -12.26
CA LEU C 272 -16.94 -19.01 -12.35
C LEU C 272 -16.35 -20.16 -13.20
N THR C 273 -15.76 -19.84 -14.35
CA THR C 273 -15.41 -20.90 -15.28
C THR C 273 -14.06 -21.56 -14.98
N GLY C 274 -13.41 -21.09 -13.92
CA GLY C 274 -12.12 -21.62 -13.51
C GLY C 274 -12.14 -22.97 -12.81
N PHE C 275 -10.97 -23.59 -12.75
CA PHE C 275 -10.72 -24.75 -11.93
C PHE C 275 -11.68 -25.91 -12.20
N GLY C 276 -11.71 -26.30 -13.45
CA GLY C 276 -12.30 -27.58 -13.84
C GLY C 276 -13.77 -27.48 -14.19
N ARG C 277 -14.37 -26.32 -13.93
CA ARG C 277 -15.80 -26.14 -14.13
C ARG C 277 -16.28 -26.57 -15.52
N THR C 278 -15.47 -26.30 -16.56
CA THR C 278 -15.90 -26.49 -17.93
C THR C 278 -15.32 -27.74 -18.57
N GLY C 279 -14.70 -28.60 -17.76
CA GLY C 279 -14.12 -29.85 -18.24
C GLY C 279 -12.71 -29.63 -18.74
N LYS C 280 -12.17 -28.46 -18.43
CA LYS C 280 -10.78 -28.07 -18.63
C LYS C 280 -10.38 -27.23 -17.43
N TRP C 281 -9.10 -26.94 -17.24
CA TRP C 281 -8.71 -26.05 -16.11
C TRP C 281 -9.39 -24.71 -16.24
N PHE C 282 -9.39 -24.12 -17.45
CA PHE C 282 -10.04 -22.83 -17.66
C PHE C 282 -10.91 -22.76 -18.91
N GLY C 283 -12.01 -22.02 -18.82
CA GLY C 283 -12.97 -21.99 -19.92
C GLY C 283 -12.33 -21.60 -21.24
N TYR C 284 -11.35 -20.68 -21.19
CA TYR C 284 -10.68 -20.18 -22.39
C TYR C 284 -9.97 -21.30 -23.14
N GLN C 285 -9.63 -22.38 -22.43
CA GLN C 285 -8.80 -23.45 -22.99
C GLN C 285 -9.50 -24.32 -24.03
N HIS C 286 -10.84 -24.26 -24.04
CA HIS C 286 -11.63 -24.85 -25.13
C HIS C 286 -11.39 -24.17 -26.48
N TYR C 287 -10.75 -22.99 -26.51
CA TYR C 287 -10.66 -22.26 -27.76
C TYR C 287 -9.27 -22.01 -28.32
N GLY C 288 -8.23 -22.59 -27.70
CA GLY C 288 -6.87 -22.55 -28.27
C GLY C 288 -6.20 -21.17 -28.35
N VAL C 289 -6.60 -20.28 -27.42
CA VAL C 289 -5.98 -18.97 -27.31
C VAL C 289 -5.70 -18.65 -25.86
N GLN C 290 -4.82 -17.69 -25.67
CA GLN C 290 -4.32 -17.32 -24.36
C GLN C 290 -4.65 -15.85 -24.04
N PRO C 291 -5.22 -15.62 -22.84
CA PRO C 291 -5.52 -14.28 -22.37
C PRO C 291 -4.26 -13.55 -21.97
N ASP C 292 -4.40 -12.26 -21.70
CA ASP C 292 -3.33 -11.47 -21.11
C ASP C 292 -3.39 -11.47 -19.60
N ILE C 293 -4.61 -11.41 -19.04
CA ILE C 293 -4.84 -11.54 -17.56
C ILE C 293 -6.02 -12.48 -17.32
N ILE C 294 -5.96 -13.25 -16.24
CA ILE C 294 -7.08 -14.06 -15.75
C ILE C 294 -7.49 -13.62 -14.35
N THR C 295 -8.80 -13.54 -14.10
CA THR C 295 -9.30 -13.39 -12.70
C THR C 295 -9.83 -14.74 -12.20
N MET C 296 -9.74 -14.99 -10.90
CA MET C 296 -10.11 -16.27 -10.29
C MET C 296 -10.82 -16.01 -8.98
N GLY C 297 -11.70 -16.95 -8.62
CA GLY C 297 -12.40 -16.98 -7.34
C GLY C 297 -13.01 -18.35 -7.23
N LYS C 298 -14.07 -18.47 -6.43
CA LYS C 298 -14.94 -19.65 -6.43
C LYS C 298 -14.17 -20.96 -6.41
N GLY C 299 -13.94 -21.52 -7.60
CA GLY C 299 -13.27 -22.80 -7.71
C GLY C 299 -11.83 -22.83 -7.24
N LEU C 300 -11.26 -21.63 -7.09
CA LEU C 300 -9.87 -21.47 -6.64
C LEU C 300 -9.67 -22.17 -5.32
N SER C 301 -10.66 -22.06 -4.42
CA SER C 301 -10.60 -22.72 -3.12
C SER C 301 -11.80 -23.64 -2.88
N SER C 302 -12.58 -23.87 -3.94
CA SER C 302 -13.87 -24.55 -3.87
C SER C 302 -14.74 -23.99 -2.76
N SER C 303 -14.65 -22.68 -2.55
CA SER C 303 -15.30 -21.93 -1.44
C SER C 303 -15.00 -22.44 -0.02
N SER C 304 -13.98 -23.26 0.16
CA SER C 304 -13.65 -23.74 1.53
C SER C 304 -13.30 -22.56 2.47
N LEU C 305 -12.54 -21.59 1.96
CA LEU C 305 -12.36 -20.28 2.60
C LEU C 305 -12.30 -19.22 1.50
N PRO C 306 -12.48 -17.93 1.86
CA PRO C 306 -12.55 -16.88 0.84
C PRO C 306 -11.21 -16.65 0.14
N ALA C 307 -11.19 -16.67 -1.20
CA ALA C 307 -9.96 -16.36 -1.95
C ALA C 307 -10.29 -15.91 -3.35
N GLY C 308 -9.52 -14.95 -3.85
CA GLY C 308 -9.53 -14.57 -5.25
C GLY C 308 -8.10 -14.49 -5.72
N ALA C 309 -7.90 -14.47 -7.01
CA ALA C 309 -6.55 -14.34 -7.55
C ALA C 309 -6.62 -13.62 -8.88
N VAL C 310 -5.51 -13.01 -9.22
CA VAL C 310 -5.31 -12.52 -10.54
C VAL C 310 -3.98 -13.07 -11.05
N VAL C 311 -3.98 -13.65 -12.24
CA VAL C 311 -2.75 -14.07 -12.92
C VAL C 311 -2.48 -13.07 -14.06
N VAL C 312 -1.28 -12.53 -14.15
CA VAL C 312 -0.92 -11.62 -15.24
C VAL C 312 0.17 -12.23 -16.09
N SER C 313 0.29 -11.76 -17.32
CA SER C 313 1.25 -12.26 -18.27
C SER C 313 2.66 -11.88 -17.84
N LYS C 314 3.66 -12.60 -18.36
CA LYS C 314 5.05 -12.25 -18.12
C LYS C 314 5.33 -10.80 -18.45
N GLU C 315 4.78 -10.33 -19.56
CA GLU C 315 4.93 -8.95 -20.02
C GLU C 315 4.44 -7.95 -19.00
N ILE C 316 3.24 -8.16 -18.50
CA ILE C 316 2.63 -7.30 -17.51
C ILE C 316 3.32 -7.42 -16.17
N ALA C 317 3.64 -8.65 -15.73
CA ALA C 317 4.46 -8.91 -14.54
C ALA C 317 5.77 -8.12 -14.59
N ALA C 318 6.51 -8.26 -15.70
CA ALA C 318 7.79 -7.55 -15.87
C ALA C 318 7.63 -6.04 -15.67
N PHE C 319 6.63 -5.44 -16.31
CA PHE C 319 6.28 -4.05 -16.15
C PHE C 319 5.93 -3.66 -14.67
N MET C 320 4.97 -4.32 -14.04
CA MET C 320 4.65 -4.05 -12.64
C MET C 320 5.86 -4.19 -11.72
N ASP C 321 6.70 -5.19 -12.02
CA ASP C 321 7.95 -5.47 -11.31
C ASP C 321 8.97 -4.31 -11.29
N LYS C 322 9.00 -3.50 -12.36
CA LYS C 322 9.88 -2.33 -12.41
C LYS C 322 9.43 -1.12 -11.54
N HIS C 323 8.33 -1.24 -10.78
CA HIS C 323 7.70 -0.14 -10.03
C HIS C 323 7.34 -0.52 -8.61
N ARG C 324 7.04 0.48 -7.80
CA ARG C 324 6.52 0.31 -6.46
C ARG C 324 5.00 0.47 -6.51
N TRP C 325 4.30 -0.62 -6.28
CA TRP C 325 2.87 -0.58 -6.46
C TRP C 325 2.23 -0.24 -5.13
N GLU C 326 1.46 0.84 -5.16
CA GLU C 326 0.98 1.47 -3.94
C GLU C 326 -0.38 0.93 -3.48
N SER C 327 -0.48 -0.38 -3.35
CA SER C 327 -1.76 -1.04 -3.17
C SER C 327 -1.72 -2.03 -2.02
N VAL C 328 -2.67 -1.92 -1.11
CA VAL C 328 -2.74 -2.83 0.04
C VAL C 328 -4.16 -3.33 0.23
N SER C 329 -4.27 -4.59 0.60
CA SER C 329 -5.53 -5.21 0.93
C SER C 329 -5.24 -6.07 2.16
N THR C 330 -5.90 -5.79 3.28
CA THR C 330 -5.52 -6.36 4.57
C THR C 330 -5.43 -7.88 4.45
N TYR C 331 -6.48 -8.48 3.91
CA TYR C 331 -6.57 -9.94 3.85
C TYR C 331 -5.95 -10.64 2.64
N ALA C 332 -5.34 -9.87 1.75
CA ALA C 332 -4.75 -10.40 0.54
C ALA C 332 -3.67 -11.39 0.89
N GLY C 333 -3.84 -12.65 0.47
CA GLY C 333 -2.80 -13.64 0.72
C GLY C 333 -2.83 -14.26 2.11
N HIS C 334 -3.90 -14.00 2.85
CA HIS C 334 -4.12 -14.64 4.16
C HIS C 334 -3.62 -16.09 4.19
N PRO C 335 -2.60 -16.38 5.02
CA PRO C 335 -2.01 -17.73 5.24
C PRO C 335 -2.94 -18.98 5.26
N VAL C 336 -4.06 -18.88 5.97
CA VAL C 336 -4.97 -20.01 6.11
C VAL C 336 -5.79 -20.18 4.85
N ALA C 337 -6.26 -19.07 4.30
CA ALA C 337 -6.92 -19.08 3.00
C ALA C 337 -6.00 -19.64 1.90
N MET C 338 -4.73 -19.26 1.96
CA MET C 338 -3.75 -19.85 1.08
C MET C 338 -3.52 -21.37 1.33
N ALA C 339 -3.59 -21.82 2.60
CA ALA C 339 -3.48 -23.26 2.87
C ALA C 339 -4.60 -24.07 2.25
N ALA C 340 -5.81 -23.52 2.32
CA ALA C 340 -6.98 -24.14 1.73
C ALA C 340 -6.82 -24.26 0.20
N VAL C 341 -6.34 -23.17 -0.41
CA VAL C 341 -6.06 -23.11 -1.82
C VAL C 341 -5.03 -24.14 -2.19
N CYS C 342 -3.95 -24.22 -1.42
CA CYS C 342 -3.01 -25.33 -1.65
C CYS C 342 -3.66 -26.73 -1.59
N ALA C 343 -4.46 -27.00 -0.58
CA ALA C 343 -5.06 -28.32 -0.40
C ALA C 343 -6.07 -28.63 -1.52
N ASN C 344 -7.00 -27.70 -1.73
CA ASN C 344 -7.97 -27.72 -2.81
C ASN C 344 -7.34 -28.08 -4.15
N LEU C 345 -6.29 -27.35 -4.51
CA LEU C 345 -5.67 -27.55 -5.81
C LEU C 345 -4.94 -28.88 -5.96
N GLU C 346 -4.28 -29.32 -4.89
CA GLU C 346 -3.63 -30.61 -4.89
C GLU C 346 -4.64 -31.76 -5.01
N VAL C 347 -5.82 -31.60 -4.43
CA VAL C 347 -6.79 -32.67 -4.47
C VAL C 347 -7.37 -32.77 -5.87
N MET C 348 -7.59 -31.60 -6.48
CA MET C 348 -8.05 -31.49 -7.86
C MET C 348 -7.16 -32.20 -8.88
N MET C 349 -5.85 -31.96 -8.81
CA MET C 349 -4.92 -32.60 -9.74
C MET C 349 -4.86 -34.09 -9.52
N GLU C 350 -4.82 -34.49 -8.25
CA GLU C 350 -4.56 -35.91 -7.89
C GLU C 350 -5.79 -36.77 -8.12
N GLU C 351 -6.96 -36.16 -7.97
CA GLU C 351 -8.22 -36.85 -8.18
C GLU C 351 -8.69 -36.75 -9.64
N ASN C 352 -8.01 -35.91 -10.45
CA ASN C 352 -8.30 -35.82 -11.87
C ASN C 352 -9.71 -35.34 -12.08
N LEU C 353 -10.13 -34.41 -11.24
CA LEU C 353 -11.47 -33.84 -11.37
C LEU C 353 -11.69 -33.06 -12.68
N VAL C 354 -10.63 -32.59 -13.33
CA VAL C 354 -10.80 -31.94 -14.63
C VAL C 354 -11.30 -32.95 -15.66
N GLU C 355 -10.68 -34.11 -15.62
CA GLU C 355 -11.09 -35.21 -16.46
C GLU C 355 -12.48 -35.72 -16.06
N GLN C 356 -12.74 -35.84 -14.75
CA GLN C 356 -14.06 -36.22 -14.29
C GLN C 356 -15.17 -35.25 -14.72
N ALA C 357 -14.87 -33.96 -14.72
CA ALA C 357 -15.83 -32.94 -15.17
C ALA C 357 -16.16 -33.13 -16.65
N LYS C 358 -15.11 -33.42 -17.41
CA LYS C 358 -15.26 -33.68 -18.83
C LYS C 358 -16.25 -34.82 -19.14
N ASN C 359 -16.12 -35.97 -18.46
CA ASN C 359 -16.98 -37.14 -18.74
C ASN C 359 -18.42 -36.86 -18.33
N SER C 360 -18.56 -36.30 -17.13
CA SER C 360 -19.86 -35.96 -16.59
C SER C 360 -20.58 -34.94 -17.44
N GLY C 361 -19.81 -34.01 -18.03
CA GLY C 361 -20.31 -33.15 -19.11
C GLY C 361 -20.89 -33.92 -20.32
N GLU C 362 -20.15 -34.87 -20.86
CA GLU C 362 -20.65 -35.70 -21.98
C GLU C 362 -21.91 -36.52 -21.61
N TYR C 363 -21.91 -37.04 -20.39
CA TYR C 363 -23.04 -37.76 -19.83
C TYR C 363 -24.27 -36.89 -19.67
N ILE C 364 -24.11 -35.70 -19.08
CA ILE C 364 -25.21 -34.73 -18.89
C ILE C 364 -25.85 -34.37 -20.25
N ARG C 365 -25.03 -34.10 -21.28
CA ARG C 365 -25.56 -33.80 -22.60
C ARG C 365 -26.59 -34.83 -23.08
N SER C 366 -26.23 -36.11 -23.04
CA SER C 366 -27.17 -37.14 -23.48
C SER C 366 -28.41 -37.24 -22.55
N LYS C 367 -28.30 -36.73 -21.34
CA LYS C 367 -29.48 -36.58 -20.46
C LYS C 367 -30.39 -35.43 -20.92
N LEU C 368 -29.79 -34.25 -21.11
CA LEU C 368 -30.50 -33.08 -21.64
C LEU C 368 -31.05 -33.38 -23.04
N GLU C 369 -30.30 -34.19 -23.79
CA GLU C 369 -30.80 -34.77 -25.05
C GLU C 369 -32.13 -35.48 -24.92
N LEU C 370 -32.22 -36.45 -24.01
CA LEU C 370 -33.49 -37.13 -23.67
C LEU C 370 -34.54 -36.13 -23.19
N LEU C 371 -34.14 -35.21 -22.31
CA LEU C 371 -35.09 -34.22 -21.83
C LEU C 371 -35.64 -33.26 -22.89
N GLN C 372 -34.80 -32.79 -23.82
CA GLN C 372 -35.24 -31.83 -24.85
C GLN C 372 -36.22 -32.53 -25.80
N GLU C 373 -35.86 -33.73 -26.21
CA GLU C 373 -36.70 -34.59 -27.01
C GLU C 373 -38.09 -34.81 -26.37
N LYS C 374 -38.14 -34.77 -25.05
CA LYS C 374 -39.37 -35.13 -24.30
C LYS C 374 -40.17 -33.89 -23.84
N HIS C 375 -39.53 -32.74 -23.86
CA HIS C 375 -40.12 -31.52 -23.30
C HIS C 375 -39.92 -30.36 -24.21
N LYS C 376 -41.01 -29.91 -24.84
CA LYS C 376 -40.96 -28.80 -25.81
C LYS C 376 -40.64 -27.43 -25.18
N SER C 377 -40.79 -27.35 -23.87
CA SER C 377 -40.42 -26.13 -23.15
C SER C 377 -38.90 -26.00 -23.03
N ILE C 378 -38.15 -27.03 -23.41
CA ILE C 378 -36.70 -26.87 -23.50
C ILE C 378 -36.34 -26.35 -24.86
N GLY C 379 -36.12 -25.05 -24.94
CA GLY C 379 -35.94 -24.37 -26.22
C GLY C 379 -34.64 -24.76 -26.88
N ASN C 380 -33.60 -24.88 -26.05
CA ASN C 380 -32.25 -25.21 -26.51
C ASN C 380 -31.41 -25.28 -25.25
N PHE C 381 -30.38 -26.10 -25.25
CA PHE C 381 -29.45 -26.13 -24.13
C PHE C 381 -28.05 -26.16 -24.68
N ASP C 382 -27.08 -25.84 -23.82
CA ASP C 382 -25.66 -25.92 -24.16
C ASP C 382 -24.79 -25.87 -22.90
N GLY C 383 -23.57 -26.34 -23.01
CA GLY C 383 -22.69 -26.33 -21.85
C GLY C 383 -21.44 -27.13 -22.08
N TYR C 384 -20.81 -27.50 -20.98
CA TYR C 384 -19.63 -28.36 -20.93
C TYR C 384 -19.20 -28.58 -19.47
N GLY C 385 -18.55 -29.71 -19.19
CA GLY C 385 -18.14 -30.05 -17.82
C GLY C 385 -19.35 -30.01 -16.91
N LEU C 386 -19.28 -29.24 -15.83
CA LEU C 386 -20.43 -29.13 -14.94
C LEU C 386 -21.02 -27.72 -14.88
N LEU C 387 -21.13 -27.12 -16.05
CA LEU C 387 -21.81 -25.83 -16.14
C LEU C 387 -22.68 -25.91 -17.36
N TRP C 388 -23.99 -25.88 -17.16
CA TRP C 388 -24.91 -26.04 -18.27
C TRP C 388 -25.97 -24.99 -18.28
N ILE C 389 -26.32 -24.55 -19.49
CA ILE C 389 -27.46 -23.66 -19.62
C ILE C 389 -28.60 -24.24 -20.47
N VAL C 390 -29.82 -24.03 -20.01
CA VAL C 390 -31.00 -24.64 -20.62
C VAL C 390 -31.99 -23.51 -20.78
N ASP C 391 -32.19 -23.10 -22.02
CA ASP C 391 -33.17 -22.09 -22.37
C ASP C 391 -34.57 -22.66 -22.31
N ILE C 392 -35.36 -22.13 -21.39
CA ILE C 392 -36.76 -22.49 -21.29
C ILE C 392 -37.64 -21.57 -22.12
N VAL C 393 -38.59 -22.17 -22.83
CA VAL C 393 -39.54 -21.40 -23.62
C VAL C 393 -40.94 -21.85 -23.27
N ASN C 394 -41.92 -21.02 -23.62
CA ASN C 394 -43.32 -21.46 -23.69
C ASN C 394 -43.48 -22.55 -24.77
N ALA C 395 -43.89 -23.75 -24.37
CA ALA C 395 -43.93 -24.88 -25.32
C ALA C 395 -44.86 -24.65 -26.51
N LYS C 396 -45.85 -23.77 -26.32
CA LYS C 396 -46.89 -23.55 -27.31
C LYS C 396 -46.51 -22.48 -28.32
N THR C 397 -45.97 -21.37 -27.83
CA THR C 397 -45.59 -20.26 -28.68
C THR C 397 -44.11 -20.39 -29.14
N LYS C 398 -43.35 -21.22 -28.42
CA LYS C 398 -41.90 -21.41 -28.65
C LYS C 398 -41.06 -20.16 -28.38
N THR C 399 -41.65 -19.16 -27.73
CA THR C 399 -40.91 -17.95 -27.32
C THR C 399 -40.82 -17.90 -25.78
N PRO C 400 -39.90 -17.09 -25.21
CA PRO C 400 -39.82 -17.03 -23.73
C PRO C 400 -41.07 -16.53 -23.03
N TYR C 401 -41.30 -17.00 -21.81
CA TYR C 401 -42.42 -16.54 -20.99
C TYR C 401 -42.22 -15.11 -20.54
N VAL C 402 -41.03 -14.78 -20.04
CA VAL C 402 -40.74 -13.45 -19.50
C VAL C 402 -39.99 -12.66 -20.55
N LYS C 403 -40.71 -11.72 -21.19
CA LYS C 403 -40.22 -11.03 -22.39
C LYS C 403 -38.88 -10.32 -22.23
N LEU C 404 -38.73 -9.55 -21.14
CA LEU C 404 -37.52 -8.77 -20.90
C LEU C 404 -36.31 -9.69 -20.69
N ASP C 405 -36.59 -10.98 -20.55
CA ASP C 405 -35.56 -12.00 -20.51
C ASP C 405 -34.39 -11.60 -19.58
N ARG C 406 -33.18 -11.45 -20.12
CA ARG C 406 -31.99 -11.15 -19.31
C ARG C 406 -31.88 -9.66 -18.97
N ASN C 407 -32.80 -8.85 -19.48
CA ASN C 407 -32.93 -7.45 -19.09
C ASN C 407 -34.06 -7.24 -18.10
N PHE C 408 -34.54 -8.35 -17.50
CA PHE C 408 -35.43 -8.25 -16.35
C PHE C 408 -34.76 -7.61 -15.13
N ARG C 409 -35.61 -7.33 -14.13
CA ARG C 409 -35.24 -7.10 -12.72
C ARG C 409 -36.16 -7.88 -11.75
N HIS C 410 -35.86 -7.87 -10.45
CA HIS C 410 -36.58 -8.75 -9.48
C HIS C 410 -37.88 -8.24 -8.86
N GLY C 411 -38.48 -7.22 -9.46
CA GLY C 411 -39.72 -6.67 -8.91
C GLY C 411 -40.88 -7.54 -9.29
N MET C 412 -40.63 -8.39 -10.29
CA MET C 412 -41.55 -9.35 -10.83
C MET C 412 -41.94 -10.39 -9.82
N ASN C 413 -43.22 -10.72 -9.87
CA ASN C 413 -43.74 -11.88 -9.16
C ASN C 413 -43.06 -13.18 -9.55
N PRO C 414 -42.39 -13.83 -8.59
CA PRO C 414 -41.71 -15.11 -8.87
C PRO C 414 -42.60 -16.20 -9.46
N ASN C 415 -43.90 -16.20 -9.17
CA ASN C 415 -44.81 -17.19 -9.75
C ASN C 415 -45.04 -17.00 -11.27
N GLN C 416 -44.39 -16.00 -11.84
CA GLN C 416 -44.41 -15.76 -13.29
C GLN C 416 -43.10 -16.22 -13.87
N ILE C 417 -42.18 -16.64 -13.00
CA ILE C 417 -40.78 -16.88 -13.44
C ILE C 417 -40.48 -18.36 -13.59
N PRO C 418 -40.36 -18.85 -14.86
CA PRO C 418 -40.14 -20.27 -15.09
C PRO C 418 -39.03 -20.89 -14.25
N THR C 419 -37.88 -20.24 -14.13
CA THR C 419 -36.82 -20.84 -13.30
C THR C 419 -37.17 -20.85 -11.82
N GLN C 420 -38.21 -20.11 -11.44
CA GLN C 420 -38.71 -20.17 -10.08
C GLN C 420 -39.67 -21.34 -9.92
N ILE C 421 -40.56 -21.54 -10.89
CA ILE C 421 -41.53 -22.61 -10.84
C ILE C 421 -40.78 -23.96 -10.89
N ILE C 422 -39.76 -24.03 -11.73
CA ILE C 422 -38.93 -25.22 -11.84
C ILE C 422 -38.25 -25.55 -10.49
N MET C 423 -37.65 -24.54 -9.87
CA MET C 423 -36.96 -24.66 -8.60
C MET C 423 -37.92 -25.11 -7.50
N GLU C 424 -39.08 -24.45 -7.39
CA GLU C 424 -40.11 -24.88 -6.44
C GLU C 424 -40.48 -26.33 -6.67
N LYS C 425 -40.58 -26.75 -7.92
CA LYS C 425 -41.04 -28.09 -8.22
C LYS C 425 -39.99 -29.15 -7.96
N ALA C 426 -38.76 -28.89 -8.40
CA ALA C 426 -37.66 -29.79 -8.09
C ALA C 426 -37.49 -29.97 -6.58
N LEU C 427 -37.71 -28.91 -5.82
CA LEU C 427 -37.55 -28.93 -4.35
C LEU C 427 -38.40 -30.03 -3.69
N GLU C 428 -39.43 -30.49 -4.40
CA GLU C 428 -40.34 -31.47 -3.89
C GLU C 428 -39.71 -32.86 -3.89
N LYS C 429 -38.72 -33.03 -4.77
CA LYS C 429 -38.00 -34.28 -4.92
C LYS C 429 -36.62 -34.14 -4.27
N GLY C 430 -36.45 -33.13 -3.43
CA GLY C 430 -35.17 -32.91 -2.72
C GLY C 430 -33.99 -32.51 -3.59
N VAL C 431 -34.26 -31.75 -4.63
CA VAL C 431 -33.25 -31.35 -5.56
C VAL C 431 -33.33 -29.84 -5.71
N LEU C 432 -32.20 -29.19 -5.60
CA LEU C 432 -32.15 -27.75 -5.76
C LEU C 432 -31.59 -27.51 -7.12
N ILE C 433 -32.38 -26.87 -7.95
CA ILE C 433 -32.04 -26.65 -9.36
C ILE C 433 -32.79 -25.42 -9.86
N GLY C 434 -32.19 -24.71 -10.83
CA GLY C 434 -32.88 -23.62 -11.55
C GLY C 434 -31.92 -22.58 -12.11
N GLY C 435 -32.20 -21.29 -11.90
CA GLY C 435 -31.24 -20.24 -12.25
C GLY C 435 -31.51 -18.76 -11.86
N ALA C 436 -30.54 -17.90 -12.18
CA ALA C 436 -30.64 -16.47 -11.88
C ALA C 436 -31.49 -15.74 -12.94
N MET C 437 -31.30 -16.12 -14.21
CA MET C 437 -32.12 -15.62 -15.29
C MET C 437 -33.53 -16.21 -15.26
N PRO C 438 -34.53 -15.41 -15.67
CA PRO C 438 -35.87 -15.95 -15.53
C PRO C 438 -36.26 -16.99 -16.57
N ASN C 439 -35.60 -17.01 -17.74
CA ASN C 439 -35.91 -18.03 -18.77
C ASN C 439 -34.85 -19.10 -18.90
N THR C 440 -33.79 -19.03 -18.12
CA THR C 440 -32.64 -19.88 -18.41
C THR C 440 -32.17 -20.56 -17.14
N MET C 441 -32.07 -21.89 -17.18
CA MET C 441 -31.47 -22.68 -16.08
C MET C 441 -29.97 -22.50 -16.14
N ARG C 442 -29.36 -22.35 -14.97
CA ARG C 442 -27.92 -22.42 -14.85
C ARG C 442 -27.59 -23.57 -13.89
N ILE C 443 -27.37 -24.75 -14.47
CA ILE C 443 -27.09 -25.94 -13.72
C ILE C 443 -25.61 -26.16 -13.40
N GLY C 444 -25.31 -26.48 -12.15
CA GLY C 444 -23.94 -26.81 -11.76
C GLY C 444 -23.86 -27.76 -10.59
N ALA C 445 -22.91 -28.70 -10.65
CA ALA C 445 -22.64 -29.53 -9.48
C ALA C 445 -21.15 -29.66 -9.25
N SER C 446 -20.76 -30.48 -8.27
CA SER C 446 -19.36 -30.67 -7.96
C SER C 446 -18.68 -31.43 -9.10
N LEU C 447 -17.39 -31.17 -9.30
CA LEU C 447 -16.68 -31.82 -10.40
C LEU C 447 -16.71 -33.35 -10.34
N ASN C 448 -16.87 -33.88 -9.12
CA ASN C 448 -16.99 -35.33 -8.87
C ASN C 448 -18.40 -35.76 -8.52
N VAL C 449 -19.42 -35.04 -8.97
CA VAL C 449 -20.77 -35.50 -8.75
C VAL C 449 -20.86 -36.88 -9.38
N SER C 450 -21.61 -37.78 -8.77
CA SER C 450 -21.67 -39.14 -9.25
C SER C 450 -22.74 -39.31 -10.32
N ARG C 451 -22.65 -40.41 -11.08
CA ARG C 451 -23.65 -40.71 -12.07
C ARG C 451 -25.08 -40.77 -11.52
N GLY C 452 -25.27 -41.31 -10.31
CA GLY C 452 -26.59 -41.38 -9.66
C GLY C 452 -27.23 -40.03 -9.35
N ASP C 453 -26.45 -39.07 -8.87
CA ASP C 453 -26.98 -37.75 -8.56
C ASP C 453 -27.39 -36.98 -9.79
N ILE C 454 -26.61 -37.13 -10.86
CA ILE C 454 -26.98 -36.54 -12.13
C ILE C 454 -28.36 -37.05 -12.52
N ASP C 455 -28.59 -38.35 -12.29
CA ASP C 455 -29.86 -38.95 -12.67
C ASP C 455 -30.96 -38.42 -11.80
N LYS C 456 -30.72 -38.36 -10.50
CA LYS C 456 -31.73 -37.91 -9.56
C LYS C 456 -32.15 -36.47 -9.84
N ALA C 457 -31.18 -35.65 -10.21
CA ALA C 457 -31.43 -34.24 -10.52
C ALA C 457 -32.25 -34.13 -11.79
N MET C 458 -31.88 -34.91 -12.81
CA MET C 458 -32.54 -34.82 -14.10
C MET C 458 -33.97 -35.29 -13.99
N ASP C 459 -34.19 -36.33 -13.18
CA ASP C 459 -35.54 -36.83 -12.95
C ASP C 459 -36.40 -35.77 -12.28
N ALA C 460 -35.78 -35.02 -11.36
CA ALA C 460 -36.43 -33.88 -10.71
C ALA C 460 -36.74 -32.77 -11.71
N LEU C 461 -35.77 -32.49 -12.58
CA LEU C 461 -35.95 -31.53 -13.66
C LEU C 461 -37.02 -32.02 -14.64
N ASP C 462 -37.06 -33.33 -14.91
CA ASP C 462 -38.02 -33.90 -15.85
C ASP C 462 -39.39 -33.60 -15.27
N TYR C 463 -39.50 -33.90 -13.97
CA TYR C 463 -40.73 -33.79 -13.24
C TYR C 463 -41.19 -32.33 -13.17
N ALA C 464 -40.23 -31.44 -12.96
CA ALA C 464 -40.51 -30.01 -12.93
C ALA C 464 -41.00 -29.50 -14.31
N LEU C 465 -40.44 -30.04 -15.39
CA LEU C 465 -40.84 -29.61 -16.71
C LEU C 465 -42.23 -30.13 -17.08
N ASP C 466 -42.60 -31.28 -16.54
CA ASP C 466 -43.98 -31.78 -16.62
C ASP C 466 -44.96 -30.74 -16.07
N TYR C 467 -44.73 -30.29 -14.85
CA TYR C 467 -45.59 -29.33 -14.20
C TYR C 467 -45.58 -27.98 -14.94
N LEU C 468 -44.40 -27.52 -15.35
CA LEU C 468 -44.30 -26.29 -16.11
C LEU C 468 -45.17 -26.29 -17.37
N GLU C 469 -45.10 -27.37 -18.14
CA GLU C 469 -45.81 -27.48 -19.41
C GLU C 469 -47.31 -27.68 -19.28
N SER C 470 -47.75 -28.26 -18.16
CA SER C 470 -49.17 -28.58 -17.88
C SER C 470 -50.04 -27.35 -17.65
N GLY C 471 -49.45 -26.34 -17.02
CA GLY C 471 -50.06 -25.02 -16.88
C GLY C 471 -50.83 -24.74 -15.61
N GLU C 472 -50.85 -25.71 -14.71
CA GLU C 472 -51.57 -25.56 -13.45
C GLU C 472 -51.03 -24.42 -12.57
N TRP C 473 -49.97 -23.73 -13.00
CA TRP C 473 -49.33 -22.69 -12.17
C TRP C 473 -49.75 -21.25 -12.47
N GLN C 474 -50.53 -21.04 -13.53
CA GLN C 474 -50.99 -19.71 -13.87
C GLN C 474 -52.21 -19.26 -13.08
N LYS D 7 8.14 -30.85 6.91
CA LYS D 7 9.42 -30.16 6.57
C LYS D 7 9.23 -29.24 5.39
N ILE D 8 9.33 -27.93 5.63
CA ILE D 8 9.31 -26.96 4.57
C ILE D 8 10.72 -26.63 4.10
N ASN D 9 10.95 -26.70 2.79
CA ASN D 9 12.12 -26.02 2.18
C ASN D 9 11.83 -24.52 2.02
N TRP D 10 12.40 -23.73 2.93
CA TRP D 10 12.22 -22.26 2.93
C TRP D 10 12.97 -21.50 1.83
N GLU D 11 14.09 -22.04 1.37
CA GLU D 11 14.86 -21.47 0.27
C GLU D 11 14.02 -21.57 -0.98
N GLN D 12 13.37 -22.71 -1.17
CA GLN D 12 12.44 -22.94 -2.27
C GLN D 12 11.25 -22.01 -2.16
N VAL D 13 10.81 -21.81 -0.92
CA VAL D 13 9.67 -20.93 -0.66
C VAL D 13 9.99 -19.51 -1.09
N LYS D 14 11.20 -19.06 -0.78
CA LYS D 14 11.61 -17.71 -1.13
C LYS D 14 11.79 -17.49 -2.64
N GLU D 15 12.38 -18.46 -3.34
CA GLU D 15 12.53 -18.40 -4.78
C GLU D 15 11.15 -18.29 -5.42
N TRP D 16 10.18 -19.05 -4.90
CA TRP D 16 8.82 -19.07 -5.47
C TRP D 16 8.11 -17.76 -5.19
N ASP D 17 8.37 -17.22 -4.01
CA ASP D 17 7.87 -15.91 -3.61
C ASP D 17 8.33 -14.80 -4.56
N ARG D 18 9.63 -14.77 -4.84
CA ARG D 18 10.24 -13.75 -5.65
C ARG D 18 9.68 -13.84 -7.05
N LYS D 19 9.63 -15.06 -7.56
CA LYS D 19 9.37 -15.33 -8.97
C LYS D 19 7.88 -15.34 -9.35
N TYR D 20 7.00 -15.87 -8.49
CA TYR D 20 5.58 -15.95 -8.89
C TYR D 20 4.60 -14.99 -8.23
N LEU D 21 5.09 -14.07 -7.40
CA LEU D 21 4.15 -13.24 -6.69
C LEU D 21 4.32 -11.79 -7.10
N MET D 22 3.21 -11.12 -7.33
CA MET D 22 3.24 -9.66 -7.53
C MET D 22 3.74 -8.92 -6.28
N ARG D 23 4.56 -7.92 -6.56
CA ARG D 23 5.17 -7.08 -5.55
C ARG D 23 4.20 -5.99 -5.22
N THR D 24 4.32 -5.45 -4.02
CA THR D 24 3.64 -4.21 -3.65
C THR D 24 4.62 -3.41 -2.81
N PHE D 25 4.55 -2.09 -2.92
CA PHE D 25 5.42 -1.18 -2.20
C PHE D 25 6.91 -1.33 -2.50
N SER D 26 7.31 -2.45 -3.14
CA SER D 26 8.73 -2.70 -3.52
C SER D 26 8.88 -3.01 -5.00
N THR D 27 9.99 -2.59 -5.62
CA THR D 27 10.27 -3.08 -6.95
C THR D 27 10.74 -4.52 -6.81
N GLN D 28 10.64 -5.30 -7.88
CA GLN D 28 11.20 -6.64 -7.93
C GLN D 28 12.69 -6.59 -7.62
N ASN D 29 13.35 -5.55 -8.14
CA ASN D 29 14.79 -5.38 -7.96
C ASN D 29 15.26 -5.24 -6.50
N GLU D 30 14.47 -4.57 -5.67
CA GLU D 30 14.91 -4.15 -4.34
C GLU D 30 14.36 -5.09 -3.24
N TYR D 31 13.46 -5.96 -3.65
CA TYR D 31 12.69 -6.75 -2.72
C TYR D 31 13.50 -7.90 -2.13
N GLN D 32 13.30 -8.14 -0.85
CA GLN D 32 13.87 -9.35 -0.23
C GLN D 32 12.75 -9.97 0.56
N PRO D 33 12.43 -11.24 0.27
CA PRO D 33 11.36 -11.87 1.03
C PRO D 33 11.68 -11.84 2.53
N VAL D 34 10.69 -11.50 3.35
CA VAL D 34 10.74 -11.72 4.79
C VAL D 34 9.79 -12.87 5.15
N PRO D 35 10.28 -14.11 5.24
CA PRO D 35 9.34 -15.18 5.55
C PRO D 35 9.03 -15.24 7.06
N ILE D 36 7.80 -15.65 7.38
CA ILE D 36 7.33 -15.86 8.73
C ILE D 36 6.71 -17.26 8.77
N GLU D 37 7.27 -18.14 9.57
CA GLU D 37 6.83 -19.50 9.65
C GLU D 37 5.58 -19.67 10.53
N SER D 38 5.51 -18.93 11.63
CA SER D 38 4.35 -18.98 12.53
C SER D 38 4.18 -17.70 13.31
N THR D 39 3.06 -17.59 13.99
CA THR D 39 2.77 -16.46 14.85
C THR D 39 2.23 -16.95 16.20
N GLU D 40 2.56 -16.22 17.26
CA GLU D 40 1.94 -16.41 18.56
C GLU D 40 1.86 -15.10 19.35
N GLY D 41 0.63 -14.78 19.75
CA GLY D 41 0.41 -13.71 20.70
C GLY D 41 0.72 -12.44 19.97
N ASP D 42 1.87 -11.85 20.29
CA ASP D 42 2.29 -10.59 19.70
C ASP D 42 3.54 -10.76 18.84
N TYR D 43 3.86 -12.01 18.53
CA TYR D 43 5.11 -12.37 17.89
C TYR D 43 4.92 -13.09 16.57
N LEU D 44 5.88 -12.86 15.69
CA LEU D 44 6.01 -13.57 14.43
C LEU D 44 7.31 -14.30 14.57
N ILE D 45 7.36 -15.49 14.02
CA ILE D 45 8.53 -16.35 14.19
C ILE D 45 9.06 -16.68 12.81
N THR D 46 10.33 -16.36 12.58
CA THR D 46 10.97 -16.60 11.30
C THR D 46 11.30 -18.09 11.20
N PRO D 47 11.63 -18.56 9.99
CA PRO D 47 12.02 -19.95 9.82
C PRO D 47 13.26 -20.31 10.63
N GLY D 48 14.23 -19.39 10.69
CA GLY D 48 15.44 -19.61 11.50
C GLY D 48 15.20 -19.56 13.00
N GLY D 49 14.05 -19.04 13.39
CA GLY D 49 13.67 -18.99 14.81
C GLY D 49 13.69 -17.64 15.51
N THR D 50 14.00 -16.57 14.78
CA THR D 50 13.90 -15.23 15.36
C THR D 50 12.46 -14.93 15.74
N ARG D 51 12.29 -14.54 17.00
CA ARG D 51 11.05 -13.98 17.55
C ARG D 51 11.06 -12.47 17.33
N LEU D 52 10.07 -11.95 16.60
CA LEU D 52 9.91 -10.50 16.34
C LEU D 52 8.66 -10.00 17.02
N LEU D 53 8.80 -8.97 17.86
CA LEU D 53 7.64 -8.38 18.53
C LEU D 53 6.90 -7.48 17.55
N ASP D 54 5.63 -7.82 17.29
CA ASP D 54 4.83 -7.12 16.33
C ASP D 54 3.99 -5.99 16.87
N PHE D 55 4.62 -4.81 16.92
CA PHE D 55 3.96 -3.57 17.33
C PHE D 55 3.40 -2.76 16.19
N PHE D 56 3.19 -3.42 15.05
CA PHE D 56 2.29 -2.90 14.01
C PHE D 56 0.96 -3.61 14.19
N ASN D 57 0.98 -4.73 14.92
CA ASN D 57 -0.15 -5.65 14.98
C ASN D 57 -0.57 -5.95 13.53
N GLN D 58 0.41 -6.26 12.69
CA GLN D 58 0.20 -6.41 11.25
C GLN D 58 -0.28 -5.09 10.59
N LEU D 59 -1.60 -4.90 10.51
CA LEU D 59 -2.15 -3.61 10.10
C LEU D 59 -3.21 -3.18 11.10
N CYS D 60 -2.88 -3.28 12.39
CA CYS D 60 -3.78 -2.97 13.51
C CYS D 60 -5.05 -3.80 13.43
N CYS D 61 -4.86 -5.06 13.18
CA CYS D 61 -5.99 -5.89 12.85
C CYS D 61 -5.99 -7.25 13.54
N VAL D 62 -5.09 -7.46 14.51
CA VAL D 62 -5.05 -8.74 15.23
C VAL D 62 -5.34 -8.47 16.68
N ASN D 63 -6.50 -7.86 16.89
CA ASN D 63 -6.87 -7.33 18.20
C ASN D 63 -6.74 -8.34 19.32
N LEU D 64 -7.11 -9.58 19.02
CA LEU D 64 -7.18 -10.64 20.02
C LEU D 64 -5.82 -11.23 20.32
N GLY D 65 -4.84 -11.03 19.46
CA GLY D 65 -3.56 -11.74 19.55
C GLY D 65 -3.46 -12.77 18.43
N GLN D 66 -2.23 -13.03 17.99
CA GLN D 66 -1.99 -13.98 16.90
C GLN D 66 -2.38 -15.40 17.28
N LYS D 67 -3.15 -16.06 16.44
CA LYS D 67 -3.41 -17.50 16.62
C LYS D 67 -3.96 -17.83 18.01
N ASN D 68 -5.08 -17.19 18.36
CA ASN D 68 -5.80 -17.48 19.60
C ASN D 68 -6.38 -18.89 19.59
N GLN D 69 -6.09 -19.67 20.64
CA GLN D 69 -6.42 -21.08 20.64
C GLN D 69 -7.92 -21.36 20.63
N LYS D 70 -8.71 -20.57 21.33
CA LYS D 70 -10.16 -20.78 21.36
C LYS D 70 -10.80 -20.48 19.96
N VAL D 71 -10.37 -19.38 19.33
CA VAL D 71 -10.82 -19.02 17.99
C VAL D 71 -10.51 -20.14 16.95
N ASN D 72 -9.26 -20.57 16.92
CA ASN D 72 -8.83 -21.71 16.12
C ASN D 72 -9.64 -22.97 16.37
N ALA D 73 -9.93 -23.26 17.64
CA ALA D 73 -10.72 -24.47 17.93
C ALA D 73 -12.16 -24.30 17.46
N ALA D 74 -12.67 -23.07 17.44
CA ALA D 74 -14.01 -22.83 16.92
C ALA D 74 -14.05 -23.03 15.40
N ILE D 75 -12.94 -22.67 14.73
CA ILE D 75 -12.80 -22.86 13.29
C ILE D 75 -12.77 -24.36 13.00
N LYS D 76 -12.05 -25.09 13.84
CA LYS D 76 -11.96 -26.53 13.71
C LYS D 76 -13.33 -27.17 13.93
N GLU D 77 -14.09 -26.64 14.88
CA GLU D 77 -15.46 -27.08 15.16
C GLU D 77 -16.38 -26.89 13.96
N ALA D 78 -16.31 -25.70 13.34
CA ALA D 78 -17.16 -25.36 12.19
C ALA D 78 -16.84 -26.24 10.98
N LEU D 79 -15.54 -26.49 10.78
CA LEU D 79 -15.05 -27.37 9.73
C LEU D 79 -15.57 -28.80 9.81
N ASP D 80 -16.26 -29.15 10.89
CA ASP D 80 -16.87 -30.48 10.99
C ASP D 80 -18.19 -30.51 10.23
N ARG D 81 -18.73 -29.31 9.97
CA ARG D 81 -20.07 -29.19 9.39
C ARG D 81 -20.08 -28.52 8.00
N TYR D 82 -19.19 -27.55 7.83
CA TYR D 82 -18.98 -26.75 6.60
C TYR D 82 -17.57 -27.00 6.05
N GLY D 83 -17.31 -26.83 4.76
CA GLY D 83 -18.35 -26.59 3.78
C GLY D 83 -18.56 -25.12 3.50
N PHE D 84 -19.60 -24.86 2.72
CA PHE D 84 -19.96 -23.51 2.30
C PHE D 84 -21.42 -23.48 1.90
N VAL D 85 -22.10 -22.43 2.36
CA VAL D 85 -23.42 -22.01 1.89
C VAL D 85 -23.33 -20.50 1.72
N TRP D 86 -23.98 -19.94 0.70
CA TRP D 86 -23.97 -18.50 0.48
C TRP D 86 -25.08 -17.85 1.26
N ASP D 87 -25.13 -16.52 1.22
CA ASP D 87 -25.95 -15.69 2.08
C ASP D 87 -27.42 -16.10 2.10
N THR D 88 -27.88 -16.76 1.03
CA THR D 88 -29.31 -17.04 0.92
C THR D 88 -29.72 -18.14 1.92
N TYR D 89 -28.75 -18.88 2.41
CA TYR D 89 -29.02 -19.88 3.42
C TYR D 89 -28.64 -19.35 4.81
N ALA D 90 -29.49 -19.62 5.80
CA ALA D 90 -29.22 -19.26 7.18
C ALA D 90 -28.37 -20.29 7.93
N THR D 91 -27.39 -19.79 8.70
CA THR D 91 -26.68 -20.64 9.64
C THR D 91 -26.66 -20.10 11.05
N ASP D 92 -26.35 -21.02 11.98
CA ASP D 92 -26.19 -20.69 13.41
C ASP D 92 -25.09 -19.66 13.59
N TYR D 93 -23.92 -19.87 12.96
CA TYR D 93 -22.83 -18.93 13.02
C TYR D 93 -23.19 -17.53 12.49
N LYS D 94 -23.93 -17.46 11.38
CA LYS D 94 -24.17 -16.14 10.74
C LYS D 94 -25.15 -15.34 11.58
N ALA D 95 -26.25 -15.98 11.96
CA ALA D 95 -27.25 -15.39 12.84
C ALA D 95 -26.65 -14.98 14.19
N LYS D 96 -25.81 -15.85 14.77
CA LYS D 96 -25.29 -15.61 16.12
C LYS D 96 -24.35 -14.43 16.08
N ALA D 97 -23.58 -14.34 15.00
CA ALA D 97 -22.54 -13.33 14.94
C ALA D 97 -23.22 -11.98 14.84
N ALA D 98 -24.29 -11.92 14.05
CA ALA D 98 -25.09 -10.71 13.86
C ALA D 98 -25.74 -10.33 15.18
N LYS D 99 -26.27 -11.31 15.92
CA LYS D 99 -26.91 -11.07 17.21
C LYS D 99 -25.94 -10.47 18.23
N ILE D 100 -24.71 -10.96 18.25
CA ILE D 100 -23.70 -10.55 19.25
C ILE D 100 -23.40 -9.07 19.06
N ILE D 101 -23.16 -8.69 17.82
CA ILE D 101 -22.93 -7.31 17.48
C ILE D 101 -24.07 -6.38 17.92
N ILE D 102 -25.30 -6.71 17.55
CA ILE D 102 -26.42 -5.81 17.83
C ILE D 102 -26.91 -5.88 19.28
N GLU D 103 -27.18 -7.08 19.76
CA GLU D 103 -27.80 -7.32 21.06
C GLU D 103 -26.83 -7.24 22.24
N ASP D 104 -25.60 -7.69 22.02
CA ASP D 104 -24.59 -7.75 23.07
C ASP D 104 -23.61 -6.55 23.00
N ILE D 105 -22.63 -6.57 22.10
CA ILE D 105 -21.68 -5.45 21.98
C ILE D 105 -22.36 -4.05 21.89
N LEU D 106 -23.43 -3.96 21.11
CA LEU D 106 -24.14 -2.68 20.97
C LEU D 106 -25.48 -2.59 21.70
N GLY D 107 -25.75 -3.54 22.59
CA GLY D 107 -27.01 -3.56 23.36
C GLY D 107 -27.37 -2.32 24.16
N ASP D 108 -26.38 -1.54 24.58
CA ASP D 108 -26.66 -0.32 25.37
C ASP D 108 -27.04 0.89 24.49
N GLU D 109 -26.86 0.78 23.18
CA GLU D 109 -27.32 1.81 22.25
C GLU D 109 -28.53 1.31 21.47
N ASP D 110 -29.45 2.18 21.18
CA ASP D 110 -30.63 1.69 20.50
C ASP D 110 -30.82 2.15 19.04
N TRP D 111 -29.79 2.71 18.39
CA TRP D 111 -29.91 3.10 16.97
C TRP D 111 -29.77 1.90 16.00
N PRO D 112 -29.06 0.84 16.41
CA PRO D 112 -28.66 -0.08 15.36
C PRO D 112 -29.75 -1.06 15.00
N GLY D 113 -29.79 -1.46 13.73
CA GLY D 113 -30.88 -2.27 13.25
C GLY D 113 -30.42 -3.62 12.79
N LYS D 114 -29.54 -3.64 11.79
CA LYS D 114 -29.19 -4.89 11.11
C LYS D 114 -27.73 -4.89 10.71
N VAL D 115 -27.25 -6.03 10.25
CA VAL D 115 -25.86 -6.18 9.91
C VAL D 115 -25.87 -6.87 8.57
N ARG D 116 -24.95 -6.47 7.71
CA ARG D 116 -24.60 -7.29 6.56
C ARG D 116 -23.12 -7.62 6.60
N PHE D 117 -22.81 -8.92 6.56
CA PHE D 117 -21.45 -9.42 6.58
C PHE D 117 -20.86 -9.54 5.17
N VAL D 118 -19.60 -9.15 5.01
CA VAL D 118 -18.86 -9.32 3.77
C VAL D 118 -17.49 -9.94 4.06
N SER D 119 -16.53 -9.84 3.15
CA SER D 119 -15.26 -10.53 3.39
C SER D 119 -14.11 -9.60 3.79
N THR D 120 -14.24 -8.32 3.46
CA THR D 120 -13.17 -7.37 3.76
C THR D 120 -13.70 -5.97 4.14
N GLY D 121 -12.80 -5.14 4.68
CA GLY D 121 -13.16 -3.76 5.03
C GLY D 121 -13.56 -2.91 3.80
N SER D 122 -12.87 -3.10 2.68
CA SER D 122 -13.21 -2.33 1.48
C SER D 122 -14.61 -2.73 1.03
N GLU D 123 -14.90 -4.03 1.09
CA GLU D 123 -16.21 -4.53 0.69
C GLU D 123 -17.25 -3.97 1.63
N ALA D 124 -16.87 -3.75 2.87
CA ALA D 124 -17.82 -3.22 3.83
C ALA D 124 -18.07 -1.75 3.52
N VAL D 125 -17.03 -1.00 3.17
CA VAL D 125 -17.21 0.43 2.82
C VAL D 125 -18.09 0.56 1.58
N GLU D 126 -17.88 -0.32 0.60
CA GLU D 126 -18.64 -0.29 -0.66
C GLU D 126 -20.11 -0.48 -0.34
N THR D 127 -20.42 -1.48 0.45
CA THR D 127 -21.79 -1.72 0.90
C THR D 127 -22.43 -0.48 1.57
N ALA D 128 -21.68 0.12 2.49
CA ALA D 128 -22.16 1.24 3.24
C ALA D 128 -22.37 2.42 2.29
N LEU D 129 -21.50 2.58 1.30
CA LEU D 129 -21.73 3.61 0.27
C LEU D 129 -23.02 3.39 -0.49
N ASN D 130 -23.22 2.16 -0.99
CA ASN D 130 -24.42 1.79 -1.74
C ASN D 130 -25.68 2.04 -0.94
N ILE D 131 -25.68 1.60 0.32
CA ILE D 131 -26.84 1.70 1.19
C ILE D 131 -27.19 3.17 1.42
N ALA D 132 -26.18 4.00 1.62
CA ALA D 132 -26.47 5.38 2.05
C ALA D 132 -27.08 6.18 0.88
N ARG D 133 -26.50 6.02 -0.30
CA ARG D 133 -27.01 6.60 -1.56
C ARG D 133 -28.41 6.06 -1.89
N LEU D 134 -28.57 4.73 -1.79
CA LEU D 134 -29.90 4.12 -1.89
C LEU D 134 -30.93 4.62 -0.91
N TYR D 135 -30.55 4.71 0.37
CA TYR D 135 -31.50 5.17 1.39
C TYR D 135 -31.90 6.64 1.18
N THR D 136 -30.93 7.49 0.89
CA THR D 136 -31.24 8.90 0.61
C THR D 136 -31.63 9.18 -0.85
N ASN D 137 -31.35 8.26 -1.76
CA ASN D 137 -31.57 8.58 -3.19
C ASN D 137 -30.75 9.79 -3.62
N ARG D 138 -29.59 10.00 -2.98
CA ARG D 138 -28.67 11.08 -3.31
C ARG D 138 -27.34 10.54 -3.83
N PRO D 139 -26.69 11.25 -4.78
CA PRO D 139 -25.44 10.72 -5.33
C PRO D 139 -24.18 10.96 -4.50
N LEU D 140 -24.06 12.10 -3.87
CA LEU D 140 -22.77 12.57 -3.34
C LEU D 140 -22.43 12.06 -1.95
N VAL D 141 -21.16 11.68 -1.79
CA VAL D 141 -20.61 11.35 -0.51
C VAL D 141 -19.42 12.27 -0.17
N VAL D 142 -19.52 12.95 0.97
CA VAL D 142 -18.41 13.70 1.55
C VAL D 142 -17.42 12.83 2.34
N THR D 143 -16.16 12.86 1.91
CA THR D 143 -15.02 12.27 2.63
C THR D 143 -14.09 13.38 3.19
N ARG D 144 -12.95 13.00 3.78
CA ARG D 144 -11.89 13.98 4.16
C ARG D 144 -10.50 13.73 3.55
N GLU D 145 -9.79 14.83 3.35
CA GLU D 145 -8.35 14.87 3.13
C GLU D 145 -7.67 13.83 4.00
N HIS D 146 -6.83 13.02 3.37
CA HIS D 146 -6.01 12.01 4.05
C HIS D 146 -6.78 10.83 4.64
N ASP D 147 -8.08 10.72 4.41
CA ASP D 147 -8.79 9.49 4.80
C ASP D 147 -8.28 8.27 4.03
N TYR D 148 -8.32 7.11 4.70
CA TYR D 148 -8.19 5.83 3.99
C TYR D 148 -9.47 5.03 4.18
N HIS D 149 -10.10 4.58 3.10
CA HIS D 149 -11.32 3.80 3.29
C HIS D 149 -11.31 2.44 2.57
N GLY D 150 -10.16 2.07 2.04
CA GLY D 150 -10.05 0.89 1.16
C GLY D 150 -9.52 1.19 -0.23
N TRP D 151 -9.42 0.13 -1.04
CA TRP D 151 -8.69 0.19 -2.28
C TRP D 151 -9.55 -0.17 -3.48
N THR D 152 -10.67 -0.85 -3.23
CA THR D 152 -11.59 -1.26 -4.30
C THR D 152 -12.36 -0.06 -4.80
N GLY D 153 -12.89 -0.14 -6.02
CA GLY D 153 -13.61 0.96 -6.69
C GLY D 153 -14.22 2.10 -5.90
N GLY D 154 -15.37 1.86 -5.27
CA GLY D 154 -16.08 2.90 -4.55
C GLY D 154 -15.34 3.34 -3.32
N ALA D 155 -14.65 2.38 -2.66
CA ALA D 155 -13.93 2.68 -1.44
C ALA D 155 -12.71 3.51 -1.76
N ALA D 156 -12.03 3.25 -2.86
CA ALA D 156 -10.93 4.15 -3.32
C ALA D 156 -11.34 5.62 -3.57
N THR D 157 -12.57 5.88 -4.05
CA THR D 157 -13.02 7.24 -4.37
C THR D 157 -13.10 8.11 -3.11
N VAL D 158 -13.40 7.50 -1.99
CA VAL D 158 -13.44 8.22 -0.74
C VAL D 158 -12.07 8.17 -0.02
N THR D 159 -11.11 7.47 -0.61
CA THR D 159 -9.71 7.48 -0.16
C THR D 159 -8.87 8.64 -0.69
N ARG D 160 -8.50 9.52 0.23
CA ARG D 160 -7.77 10.70 -0.14
C ARG D 160 -6.32 10.72 0.34
N LEU D 161 -5.59 9.66 0.06
CA LEU D 161 -4.14 9.65 0.24
C LEU D 161 -3.50 9.22 -1.09
N ARG D 162 -2.79 10.12 -1.76
CA ARG D 162 -2.21 9.82 -3.06
C ARG D 162 -1.14 8.69 -3.09
N SER D 163 -0.73 8.23 -1.91
CA SER D 163 0.24 7.16 -1.71
C SER D 163 -0.37 5.79 -1.46
N PHE D 164 -1.70 5.68 -1.42
CA PHE D 164 -2.38 4.41 -1.14
C PHE D 164 -3.55 4.16 -2.12
N ARG D 165 -3.41 4.77 -3.28
CA ARG D 165 -4.46 4.72 -4.30
C ARG D 165 -4.22 3.68 -5.41
N SER D 166 -3.28 2.76 -5.17
CA SER D 166 -2.92 1.67 -6.10
C SER D 166 -2.30 2.15 -7.41
N GLY D 167 -1.69 3.32 -7.40
CA GLY D 167 -0.92 3.76 -8.55
C GLY D 167 0.49 3.25 -8.39
N LEU D 168 1.39 3.77 -9.18
CA LEU D 168 2.74 3.26 -9.30
C LEU D 168 3.76 4.37 -9.17
N VAL D 169 4.86 4.11 -8.45
CA VAL D 169 6.00 5.03 -8.39
C VAL D 169 7.30 4.31 -8.74
N GLY D 170 8.37 5.06 -8.97
CA GLY D 170 9.67 4.47 -9.28
C GLY D 170 10.50 4.18 -8.04
N GLU D 171 11.69 3.64 -8.29
CA GLU D 171 12.61 3.21 -7.25
C GLU D 171 13.58 4.33 -6.84
N ASN D 172 13.26 5.04 -5.76
CA ASN D 172 14.07 6.20 -5.35
C ASN D 172 14.27 7.21 -6.44
N SER D 173 13.17 7.55 -7.11
CA SER D 173 13.18 8.52 -8.20
C SER D 173 11.78 9.02 -8.39
N GLU D 174 11.67 10.19 -8.96
CA GLU D 174 10.40 10.85 -9.23
C GLU D 174 9.85 10.59 -10.63
N SER D 175 10.56 9.80 -11.44
CA SER D 175 10.34 9.80 -12.91
C SER D 175 9.36 8.78 -13.55
N PHE D 176 8.77 7.88 -12.80
CA PHE D 176 7.90 6.90 -13.47
C PHE D 176 6.67 6.69 -12.62
N SER D 177 5.98 7.79 -12.32
CA SER D 177 4.81 7.68 -11.50
C SER D 177 3.56 7.94 -12.30
N ALA D 178 2.48 7.37 -11.80
CA ALA D 178 1.20 7.42 -12.47
C ALA D 178 0.17 7.02 -11.44
N GLN D 179 -1.01 7.63 -11.57
CA GLN D 179 -2.19 7.11 -10.90
C GLN D 179 -2.96 6.34 -11.97
N ILE D 180 -3.92 5.51 -11.56
CA ILE D 180 -4.69 4.67 -12.46
C ILE D 180 -5.54 5.55 -13.34
N PRO D 181 -5.46 5.34 -14.67
CA PRO D 181 -6.24 6.23 -15.57
C PRO D 181 -7.73 6.17 -15.23
N GLY D 182 -8.39 7.32 -15.13
CA GLY D 182 -9.83 7.39 -14.83
C GLY D 182 -10.12 7.51 -13.33
N SER D 183 -9.08 7.64 -12.54
CA SER D 183 -9.21 7.77 -11.10
C SER D 183 -9.13 9.24 -10.66
N SER D 187 -15.95 11.79 -8.58
CA SER D 187 -16.75 10.65 -9.04
C SER D 187 -17.88 10.35 -8.07
N ALA D 188 -18.78 11.34 -7.92
CA ALA D 188 -19.81 11.35 -6.89
C ALA D 188 -19.23 11.59 -5.48
N VAL D 189 -18.06 12.21 -5.38
CA VAL D 189 -17.37 12.37 -4.10
C VAL D 189 -16.87 13.82 -3.90
N LEU D 190 -17.10 14.43 -2.70
CA LEU D 190 -16.49 15.72 -2.31
C LEU D 190 -15.45 15.52 -1.21
N MET D 191 -14.32 16.21 -1.35
CA MET D 191 -13.31 16.19 -0.33
C MET D 191 -13.48 17.35 0.66
N ALA D 192 -13.84 17.04 1.91
CA ALA D 192 -13.78 18.01 3.01
C ALA D 192 -12.38 18.09 3.63
N PRO D 193 -12.11 19.16 4.39
CA PRO D 193 -10.82 19.23 5.01
C PRO D 193 -10.80 18.20 6.08
N SER D 194 -9.64 17.64 6.32
CA SER D 194 -9.37 16.78 7.46
C SER D 194 -9.61 17.48 8.79
N SER D 195 -9.86 16.69 9.83
CA SER D 195 -10.10 17.19 11.18
C SER D 195 -8.91 18.02 11.65
N ASN D 196 -7.74 17.63 11.14
CA ASN D 196 -6.48 18.25 11.50
C ASN D 196 -6.06 19.47 10.68
N THR D 197 -6.92 19.93 9.79
CA THR D 197 -6.57 21.11 9.02
C THR D 197 -7.08 22.32 9.74
N PHE D 198 -6.49 23.48 9.47
CA PHE D 198 -6.87 24.70 10.20
C PHE D 198 -6.45 24.61 11.66
N GLN D 199 -5.13 24.66 11.87
CA GLN D 199 -4.54 24.80 13.18
C GLN D 199 -3.35 25.71 13.02
N ASP D 200 -3.07 26.55 14.04
CA ASP D 200 -1.99 27.52 13.95
C ASP D 200 -0.59 26.93 14.08
N SER D 201 0.41 27.79 14.14
CA SER D 201 1.78 27.31 14.24
C SER D 201 2.10 26.57 15.56
N ASN D 202 1.11 26.45 16.45
CA ASN D 202 1.36 25.86 17.77
C ASN D 202 0.44 24.72 18.18
N GLY D 203 -0.03 23.86 17.27
CA GLY D 203 -1.19 23.01 17.59
C GLY D 203 -2.30 24.04 17.62
N ASN D 204 -3.41 23.76 18.29
CA ASN D 204 -4.53 24.74 18.41
C ASN D 204 -5.35 24.82 17.13
N TYR D 205 -6.52 24.20 17.15
CA TYR D 205 -7.39 24.15 16.02
C TYR D 205 -8.19 25.45 16.00
N LEU D 206 -8.32 26.05 14.82
CA LEU D 206 -9.00 27.29 14.75
C LEU D 206 -10.51 27.05 14.86
N LYS D 207 -11.19 27.95 15.53
CA LYS D 207 -12.63 27.84 15.81
C LYS D 207 -13.44 29.10 15.43
N ASP D 208 -14.76 28.99 15.51
CA ASP D 208 -15.72 29.97 14.99
C ASP D 208 -15.91 31.25 15.77
N GLU D 209 -15.69 31.20 17.08
CA GLU D 209 -16.17 32.26 18.00
C GLU D 209 -17.55 31.90 18.55
N ASN D 210 -18.30 31.11 17.79
CA ASN D 210 -19.44 30.37 18.32
C ASN D 210 -18.97 28.99 18.79
N GLY D 211 -17.67 28.71 18.66
CA GLY D 211 -17.08 27.42 19.06
C GLY D 211 -16.91 26.37 17.96
N GLU D 212 -17.35 26.67 16.75
CA GLU D 212 -17.28 25.69 15.66
C GLU D 212 -15.90 25.61 15.04
N LEU D 213 -15.40 24.39 14.86
CA LEU D 213 -14.12 24.17 14.18
C LEU D 213 -14.25 24.71 12.74
N LEU D 214 -13.23 25.38 12.24
CA LEU D 214 -13.22 25.76 10.82
C LEU D 214 -13.35 24.55 9.86
N SER D 215 -12.72 23.42 10.17
CA SER D 215 -12.86 22.21 9.36
C SER D 215 -14.32 21.78 9.22
N VAL D 216 -15.10 21.90 10.29
CA VAL D 216 -16.53 21.55 10.25
C VAL D 216 -17.34 22.61 9.54
N LYS D 217 -17.03 23.86 9.85
CA LYS D 217 -17.67 25.01 9.25
C LYS D 217 -17.52 25.00 7.73
N TYR D 218 -16.33 24.77 7.21
CA TYR D 218 -16.19 24.65 5.74
C TYR D 218 -16.83 23.39 5.15
N THR D 219 -16.89 22.29 5.89
CA THR D 219 -17.59 21.06 5.48
C THR D 219 -19.06 21.43 5.31
N ARG D 220 -19.63 22.09 6.32
CA ARG D 220 -21.01 22.63 6.29
C ARG D 220 -21.28 23.47 5.03
N ARG D 221 -20.38 24.42 4.76
CA ARG D 221 -20.45 25.28 3.55
C ARG D 221 -20.43 24.54 2.22
N MET D 222 -19.58 23.52 2.12
CA MET D 222 -19.50 22.67 0.94
C MET D 222 -20.80 21.98 0.65
N ILE D 223 -21.40 21.39 1.68
CA ILE D 223 -22.69 20.68 1.56
C ILE D 223 -23.79 21.67 1.15
N GLU D 224 -23.77 22.86 1.74
CA GLU D 224 -24.74 23.86 1.43
C GLU D 224 -24.48 24.44 0.01
N ASN D 225 -23.23 24.31 -0.48
CA ASN D 225 -22.87 24.83 -1.80
C ASN D 225 -23.42 23.90 -2.87
N TYR D 226 -23.20 22.59 -2.72
CA TYR D 226 -23.83 21.56 -3.54
C TYR D 226 -25.31 21.44 -3.35
N GLY D 227 -25.82 21.74 -2.13
CA GLY D 227 -27.22 21.51 -1.75
C GLY D 227 -27.29 20.19 -0.97
N PRO D 228 -27.83 20.22 0.28
CA PRO D 228 -27.92 19.01 1.11
C PRO D 228 -28.69 17.92 0.41
N GLU D 229 -29.62 18.32 -0.45
CA GLU D 229 -30.41 17.33 -1.19
C GLU D 229 -29.57 16.54 -2.20
N GLN D 230 -28.28 16.87 -2.34
CA GLN D 230 -27.41 16.16 -3.26
C GLN D 230 -26.52 15.18 -2.51
N VAL D 231 -26.49 15.28 -1.18
CA VAL D 231 -25.46 14.65 -0.38
C VAL D 231 -26.05 13.57 0.53
N ALA D 232 -25.71 12.31 0.24
CA ALA D 232 -26.21 11.16 0.97
C ALA D 232 -25.57 11.08 2.36
N ALA D 233 -24.27 11.24 2.39
CA ALA D 233 -23.53 10.90 3.57
C ALA D 233 -22.24 11.68 3.73
N VAL D 234 -21.75 11.69 4.96
CA VAL D 234 -20.36 12.03 5.23
C VAL D 234 -19.73 10.76 5.82
N ILE D 235 -18.63 10.31 5.23
CA ILE D 235 -17.87 9.19 5.76
C ILE D 235 -16.59 9.67 6.46
N THR D 236 -16.42 9.24 7.70
CA THR D 236 -15.24 9.62 8.52
C THR D 236 -14.48 8.40 9.06
N GLU D 237 -13.19 8.58 9.34
CA GLU D 237 -12.48 7.77 10.32
C GLU D 237 -12.39 8.64 11.55
N VAL D 238 -12.88 8.12 12.69
CA VAL D 238 -12.76 8.82 14.00
C VAL D 238 -11.32 9.24 14.27
N SER D 239 -10.39 8.34 13.97
CA SER D 239 -8.97 8.60 14.04
C SER D 239 -8.43 8.01 12.74
N GLN D 240 -7.74 8.83 11.95
CA GLN D 240 -7.23 8.39 10.65
C GLN D 240 -6.19 7.31 10.81
N GLY D 241 -6.44 6.19 10.14
CA GLY D 241 -5.67 4.97 10.29
C GLY D 241 -4.37 5.01 9.54
N VAL D 242 -4.43 4.74 8.23
CA VAL D 242 -3.26 4.83 7.41
C VAL D 242 -2.77 6.29 7.48
N GLY D 243 -3.69 7.27 7.37
CA GLY D 243 -3.37 8.70 7.48
C GLY D 243 -2.74 9.17 8.79
N SER D 244 -3.00 8.42 9.87
CA SER D 244 -2.25 8.56 11.12
C SER D 244 -2.48 9.92 11.83
N THR D 245 -3.73 10.23 12.16
CA THR D 245 -4.09 11.44 12.90
C THR D 245 -5.03 11.12 14.07
N MET D 246 -5.01 11.99 15.07
CA MET D 246 -6.02 12.01 16.11
C MET D 246 -6.74 13.31 15.92
N PRO D 247 -8.07 13.34 16.09
CA PRO D 247 -8.85 14.52 15.82
C PRO D 247 -8.90 15.43 17.03
N PRO D 248 -9.32 16.70 16.87
CA PRO D 248 -9.67 17.47 18.05
C PRO D 248 -10.94 16.91 18.69
N TYR D 249 -11.16 17.20 19.97
CA TYR D 249 -12.23 16.51 20.66
C TYR D 249 -13.60 16.88 20.12
N GLU D 250 -13.78 18.12 19.63
CA GLU D 250 -15.13 18.58 19.28
C GLU D 250 -15.50 18.14 17.92
N TYR D 251 -14.52 17.69 17.14
CA TYR D 251 -14.75 17.32 15.75
C TYR D 251 -15.89 16.31 15.55
N VAL D 252 -15.82 15.16 16.20
CA VAL D 252 -16.79 14.10 15.98
C VAL D 252 -18.20 14.60 16.34
N PRO D 253 -18.34 15.20 17.54
CA PRO D 253 -19.64 15.73 17.90
C PRO D 253 -20.21 16.80 16.94
N GLN D 254 -19.38 17.71 16.41
CA GLN D 254 -19.91 18.78 15.54
C GLN D 254 -20.28 18.25 14.17
N ILE D 255 -19.51 17.29 13.71
CA ILE D 255 -19.87 16.59 12.51
C ILE D 255 -21.18 15.81 12.68
N ARG D 256 -21.37 15.16 13.82
CA ARG D 256 -22.62 14.45 14.04
C ARG D 256 -23.75 15.44 14.02
N LYS D 257 -23.56 16.58 14.65
CA LYS D 257 -24.60 17.56 14.75
C LYS D 257 -24.85 18.19 13.39
N MET D 258 -23.79 18.58 12.71
CA MET D 258 -23.96 19.21 11.43
C MET D 258 -24.65 18.29 10.41
N THR D 259 -24.25 17.01 10.36
CA THR D 259 -24.91 16.05 9.46
C THR D 259 -26.41 15.95 9.78
N LYS D 260 -26.76 15.84 11.07
CA LYS D 260 -28.17 15.82 11.49
C LYS D 260 -28.95 17.06 11.12
N GLU D 261 -28.35 18.22 11.31
CA GLU D 261 -28.93 19.50 10.90
C GLU D 261 -29.19 19.59 9.37
N LEU D 262 -28.24 19.13 8.55
CA LEU D 262 -28.40 19.17 7.07
C LEU D 262 -29.17 17.98 6.51
N GLY D 263 -29.50 17.02 7.37
CA GLY D 263 -30.27 15.86 7.01
C GLY D 263 -29.42 14.93 6.18
N VAL D 264 -28.14 14.83 6.57
CA VAL D 264 -27.16 14.03 5.86
C VAL D 264 -26.79 12.86 6.77
N LEU D 265 -26.53 11.68 6.22
CA LEU D 265 -26.13 10.51 7.02
C LEU D 265 -24.70 10.62 7.50
N TRP D 266 -24.37 9.96 8.59
CA TRP D 266 -22.97 9.84 8.96
C TRP D 266 -22.54 8.36 9.02
N ILE D 267 -21.53 8.02 8.20
CA ILE D 267 -20.94 6.71 8.21
C ILE D 267 -19.65 6.80 8.99
N SER D 268 -19.55 6.08 10.10
CA SER D 268 -18.29 5.97 10.83
C SER D 268 -17.53 4.75 10.32
N ASP D 269 -16.37 4.96 9.72
CA ASP D 269 -15.62 3.82 9.20
C ASP D 269 -14.82 3.27 10.34
N GLU D 270 -15.31 2.20 10.96
CA GLU D 270 -14.73 1.67 12.19
C GLU D 270 -13.89 0.44 11.91
N VAL D 271 -13.44 0.33 10.65
CA VAL D 271 -12.73 -0.87 10.17
C VAL D 271 -11.47 -1.01 11.04
N LEU D 272 -10.74 0.07 11.22
CA LEU D 272 -9.54 0.08 12.05
C LEU D 272 -9.83 0.35 13.54
N THR D 273 -10.65 1.35 13.84
CA THR D 273 -10.88 1.74 15.21
C THR D 273 -11.86 0.87 15.96
N GLY D 274 -12.46 -0.10 15.27
CA GLY D 274 -13.48 -0.92 15.92
C GLY D 274 -12.96 -2.05 16.78
N PHE D 275 -13.86 -2.65 17.53
CA PHE D 275 -13.53 -3.78 18.43
C PHE D 275 -12.36 -3.55 19.40
N GLY D 276 -12.51 -2.55 20.27
CA GLY D 276 -11.64 -2.43 21.44
C GLY D 276 -10.34 -1.72 21.12
N ARG D 277 -10.07 -1.53 19.83
CA ARG D 277 -8.84 -0.87 19.40
C ARG D 277 -8.52 0.43 20.16
N THR D 278 -9.53 1.24 20.47
CA THR D 278 -9.31 2.58 21.04
C THR D 278 -9.66 2.65 22.55
N GLY D 279 -9.81 1.48 23.19
CA GLY D 279 -10.15 1.42 24.61
C GLY D 279 -11.66 1.57 24.80
N LYS D 280 -12.41 1.62 23.70
CA LYS D 280 -13.86 1.45 23.74
C LYS D 280 -14.17 0.42 22.67
N TRP D 281 -15.40 -0.06 22.59
CA TRP D 281 -15.75 -1.02 21.57
C TRP D 281 -15.50 -0.34 20.23
N PHE D 282 -15.91 0.92 20.12
CA PHE D 282 -15.78 1.65 18.90
C PHE D 282 -15.23 3.04 19.15
N GLY D 283 -14.36 3.48 18.24
CA GLY D 283 -13.91 4.85 18.20
C GLY D 283 -14.95 5.92 18.44
N TYR D 284 -16.11 5.84 17.80
CA TYR D 284 -17.09 6.93 17.95
C TYR D 284 -17.64 7.05 19.37
N GLN D 285 -17.50 5.99 20.17
CA GLN D 285 -18.05 5.97 21.52
C GLN D 285 -17.35 6.91 22.51
N HIS D 286 -16.16 7.40 22.14
CA HIS D 286 -15.42 8.32 23.01
C HIS D 286 -16.11 9.67 22.99
N TYR D 287 -17.05 9.82 22.06
CA TYR D 287 -17.57 11.14 21.77
C TYR D 287 -19.05 11.38 22.04
N GLY D 288 -19.71 10.40 22.65
CA GLY D 288 -21.13 10.55 23.06
C GLY D 288 -22.12 10.80 21.92
N VAL D 289 -21.76 10.38 20.72
CA VAL D 289 -22.62 10.47 19.58
C VAL D 289 -22.86 9.06 19.03
N GLN D 290 -23.79 8.94 18.07
CA GLN D 290 -24.16 7.67 17.41
C GLN D 290 -24.28 7.84 15.89
N PRO D 291 -23.60 6.97 15.11
CA PRO D 291 -23.65 7.04 13.64
C PRO D 291 -24.93 6.47 13.01
N ASP D 292 -25.05 6.52 11.70
CA ASP D 292 -26.21 6.01 11.01
C ASP D 292 -25.81 4.67 10.49
N ILE D 293 -24.53 4.55 10.14
CA ILE D 293 -23.97 3.33 9.54
C ILE D 293 -22.56 3.16 10.12
N ILE D 294 -22.16 1.91 10.31
CA ILE D 294 -20.80 1.62 10.74
C ILE D 294 -20.20 0.61 9.78
N THR D 295 -18.95 0.81 9.40
CA THR D 295 -18.29 -0.19 8.60
C THR D 295 -17.28 -0.94 9.46
N MET D 296 -17.21 -2.25 9.28
CA MET D 296 -16.35 -3.09 10.11
C MET D 296 -15.43 -4.00 9.33
N GLY D 297 -14.27 -4.30 9.92
CA GLY D 297 -13.30 -5.28 9.41
C GLY D 297 -12.26 -5.60 10.48
N LYS D 298 -11.06 -5.95 10.03
CA LYS D 298 -9.92 -6.15 10.92
C LYS D 298 -10.27 -6.83 12.24
N GLY D 299 -10.61 -6.03 13.25
CA GLY D 299 -10.87 -6.57 14.59
C GLY D 299 -12.15 -7.38 14.69
N LEU D 300 -13.05 -7.24 13.73
CA LEU D 300 -14.20 -8.14 13.61
C LEU D 300 -13.88 -9.64 13.80
N SER D 301 -12.81 -10.10 13.19
CA SER D 301 -12.41 -11.49 13.33
C SER D 301 -10.98 -11.58 13.83
N SER D 302 -10.39 -10.43 14.14
CA SER D 302 -8.98 -10.32 14.51
C SER D 302 -8.12 -11.01 13.47
N SER D 303 -8.57 -10.90 12.23
CA SER D 303 -7.81 -11.35 11.07
C SER D 303 -7.70 -12.87 11.02
N SER D 304 -8.33 -13.60 11.95
CA SER D 304 -8.24 -15.06 11.98
C SER D 304 -8.80 -15.66 10.69
N LEU D 305 -9.95 -15.16 10.21
CA LEU D 305 -10.45 -15.42 8.85
C LEU D 305 -10.93 -14.09 8.21
N PRO D 306 -10.95 -13.98 6.87
CA PRO D 306 -11.40 -12.72 6.27
C PRO D 306 -12.88 -12.38 6.51
N ALA D 307 -13.14 -11.17 7.00
CA ALA D 307 -14.46 -10.75 7.41
C ALA D 307 -14.56 -9.23 7.41
N GLY D 308 -15.69 -8.72 6.93
CA GLY D 308 -16.03 -7.31 7.08
C GLY D 308 -17.50 -7.26 7.32
N ALA D 309 -18.00 -6.11 7.74
CA ALA D 309 -19.42 -5.99 8.02
C ALA D 309 -19.89 -4.58 7.86
N VAL D 310 -21.20 -4.41 7.73
CA VAL D 310 -21.79 -3.09 7.93
C VAL D 310 -22.96 -3.18 8.90
N VAL D 311 -23.06 -2.23 9.82
CA VAL D 311 -24.22 -2.12 10.69
C VAL D 311 -24.97 -0.85 10.23
N VAL D 312 -26.28 -0.96 10.03
CA VAL D 312 -27.14 0.18 9.69
C VAL D 312 -28.16 0.37 10.81
N SER D 313 -28.71 1.58 10.88
CA SER D 313 -29.66 1.99 11.92
C SER D 313 -31.01 1.32 11.68
N LYS D 314 -31.90 1.35 12.66
CA LYS D 314 -33.25 0.82 12.48
C LYS D 314 -33.99 1.46 11.30
N GLU D 315 -33.95 2.77 11.19
CA GLU D 315 -34.57 3.44 10.05
C GLU D 315 -34.06 2.96 8.67
N ILE D 316 -32.75 2.77 8.52
CA ILE D 316 -32.17 2.33 7.26
C ILE D 316 -32.54 0.87 7.01
N ALA D 317 -32.50 0.07 8.09
CA ALA D 317 -32.85 -1.32 8.08
C ALA D 317 -34.31 -1.51 7.63
N ALA D 318 -35.20 -0.81 8.32
CA ALA D 318 -36.61 -0.67 7.96
C ALA D 318 -36.81 -0.39 6.46
N PHE D 319 -36.10 0.58 5.92
CA PHE D 319 -36.31 1.01 4.55
C PHE D 319 -35.85 -0.09 3.63
N MET D 320 -34.68 -0.66 3.94
CA MET D 320 -34.07 -1.67 3.09
C MET D 320 -34.97 -2.92 3.09
N ASP D 321 -35.52 -3.21 4.26
CA ASP D 321 -36.40 -4.36 4.47
C ASP D 321 -37.66 -4.34 3.64
N LYS D 322 -38.08 -3.15 3.20
CA LYS D 322 -39.24 -3.04 2.34
C LYS D 322 -38.97 -3.45 0.88
N HIS D 323 -37.71 -3.75 0.54
CA HIS D 323 -37.29 -3.93 -0.86
C HIS D 323 -36.59 -5.27 -1.09
N ARG D 324 -36.65 -5.77 -2.32
CA ARG D 324 -35.73 -6.82 -2.68
C ARG D 324 -34.47 -6.14 -3.15
N TRP D 325 -33.35 -6.55 -2.59
CA TRP D 325 -32.09 -5.87 -2.83
C TRP D 325 -31.23 -6.75 -3.70
N GLU D 326 -30.85 -6.25 -4.88
CA GLU D 326 -30.29 -7.08 -5.94
C GLU D 326 -28.78 -7.08 -5.95
N SER D 327 -28.22 -7.52 -4.83
CA SER D 327 -26.80 -7.52 -4.55
C SER D 327 -26.37 -8.90 -4.05
N VAL D 328 -25.31 -9.45 -4.63
CA VAL D 328 -24.72 -10.69 -4.20
C VAL D 328 -23.20 -10.58 -4.22
N SER D 329 -22.62 -11.26 -3.24
CA SER D 329 -21.21 -11.42 -3.06
C SER D 329 -21.06 -12.87 -2.62
N THR D 330 -20.26 -13.64 -3.33
CA THR D 330 -20.23 -15.07 -3.18
C THR D 330 -19.93 -15.41 -1.72
N TYR D 331 -18.88 -14.82 -1.18
CA TYR D 331 -18.39 -15.21 0.12
C TYR D 331 -19.03 -14.50 1.32
N ALA D 332 -19.98 -13.59 1.08
CA ALA D 332 -20.63 -12.86 2.18
C ALA D 332 -21.31 -13.81 3.13
N GLY D 333 -20.94 -13.73 4.41
CA GLY D 333 -21.61 -14.50 5.42
C GLY D 333 -21.06 -15.91 5.49
N HIS D 334 -19.95 -16.15 4.82
CA HIS D 334 -19.32 -17.47 4.83
C HIS D 334 -19.33 -18.14 6.24
N PRO D 335 -19.97 -19.31 6.37
CA PRO D 335 -20.23 -19.86 7.68
C PRO D 335 -18.99 -20.11 8.56
N VAL D 336 -17.85 -20.44 7.94
CA VAL D 336 -16.63 -20.75 8.68
C VAL D 336 -16.01 -19.45 9.21
N ALA D 337 -15.95 -18.43 8.35
CA ALA D 337 -15.61 -17.06 8.74
C ALA D 337 -16.51 -16.55 9.84
N MET D 338 -17.82 -16.75 9.73
CA MET D 338 -18.75 -16.36 10.79
C MET D 338 -18.48 -17.08 12.14
N ALA D 339 -18.04 -18.35 12.10
CA ALA D 339 -17.62 -19.04 13.35
C ALA D 339 -16.40 -18.39 14.02
N ALA D 340 -15.38 -18.06 13.25
CA ALA D 340 -14.25 -17.27 13.73
C ALA D 340 -14.67 -15.93 14.37
N VAL D 341 -15.63 -15.23 13.76
CA VAL D 341 -16.12 -13.93 14.24
C VAL D 341 -16.85 -14.12 15.58
N CYS D 342 -17.86 -14.98 15.61
CA CYS D 342 -18.42 -15.46 16.88
C CYS D 342 -17.40 -15.76 17.97
N ALA D 343 -16.41 -16.61 17.69
CA ALA D 343 -15.48 -16.98 18.77
C ALA D 343 -14.63 -15.76 19.18
N ASN D 344 -14.17 -15.01 18.17
CA ASN D 344 -13.34 -13.82 18.42
C ASN D 344 -14.06 -12.82 19.33
N LEU D 345 -15.31 -12.55 19.01
CA LEU D 345 -16.08 -11.54 19.70
C LEU D 345 -16.43 -12.02 21.10
N GLU D 346 -16.72 -13.31 21.23
CA GLU D 346 -17.04 -13.90 22.53
C GLU D 346 -15.87 -13.84 23.52
N VAL D 347 -14.65 -14.10 23.03
CA VAL D 347 -13.44 -13.96 23.87
C VAL D 347 -13.26 -12.49 24.27
N MET D 348 -13.46 -11.57 23.33
CA MET D 348 -13.34 -10.14 23.61
C MET D 348 -14.28 -9.69 24.74
N MET D 349 -15.52 -10.17 24.69
CA MET D 349 -16.50 -9.86 25.69
C MET D 349 -16.11 -10.55 27.00
N GLU D 350 -15.72 -11.81 26.93
CA GLU D 350 -15.53 -12.58 28.15
C GLU D 350 -14.22 -12.29 28.88
N GLU D 351 -13.20 -11.80 28.19
CA GLU D 351 -11.93 -11.44 28.85
C GLU D 351 -11.83 -9.94 29.18
N ASN D 352 -12.94 -9.21 29.12
CA ASN D 352 -12.96 -7.72 29.19
C ASN D 352 -11.84 -7.02 28.43
N LEU D 353 -11.51 -7.44 27.22
CA LEU D 353 -10.32 -6.89 26.57
C LEU D 353 -10.47 -5.41 26.20
N VAL D 354 -11.71 -4.93 26.19
CA VAL D 354 -11.95 -3.53 25.88
C VAL D 354 -11.47 -2.68 27.07
N GLU D 355 -11.79 -3.13 28.27
CA GLU D 355 -11.29 -2.58 29.51
C GLU D 355 -9.75 -2.77 29.56
N GLN D 356 -9.24 -3.94 29.20
CA GLN D 356 -7.78 -4.18 29.16
C GLN D 356 -7.07 -3.23 28.18
N ALA D 357 -7.69 -2.97 27.03
CA ALA D 357 -7.12 -2.09 26.02
C ALA D 357 -6.96 -0.67 26.58
N LYS D 358 -7.95 -0.23 27.34
CA LYS D 358 -7.99 1.08 27.91
C LYS D 358 -6.83 1.30 28.87
N ASN D 359 -6.65 0.37 29.80
CA ASN D 359 -5.58 0.41 30.81
C ASN D 359 -4.19 0.41 30.19
N SER D 360 -3.94 -0.53 29.27
CA SER D 360 -2.68 -0.58 28.59
C SER D 360 -2.38 0.71 27.81
N GLY D 361 -3.42 1.34 27.27
CA GLY D 361 -3.32 2.68 26.69
C GLY D 361 -2.84 3.71 27.70
N GLU D 362 -3.39 3.67 28.92
CA GLU D 362 -2.98 4.65 29.90
C GLU D 362 -1.52 4.43 30.28
N TYR D 363 -1.01 3.23 30.07
CA TYR D 363 0.35 2.90 30.52
C TYR D 363 1.27 3.37 29.42
N ILE D 364 0.88 3.03 28.18
CA ILE D 364 1.57 3.49 26.97
C ILE D 364 1.72 5.00 26.94
N ARG D 365 0.72 5.73 27.43
CA ARG D 365 0.84 7.16 27.51
C ARG D 365 2.03 7.60 28.32
N SER D 366 2.13 7.08 29.53
CA SER D 366 3.18 7.57 30.41
C SER D 366 4.56 7.08 29.97
N LYS D 367 4.61 6.01 29.17
CA LYS D 367 5.87 5.55 28.55
C LYS D 367 6.28 6.57 27.51
N LEU D 368 5.31 6.97 26.68
CA LEU D 368 5.53 7.89 25.59
C LEU D 368 5.90 9.26 26.13
N GLU D 369 5.31 9.60 27.28
CA GLU D 369 5.63 10.82 28.01
C GLU D 369 7.10 10.85 28.38
N LEU D 370 7.60 9.78 29.02
CA LEU D 370 9.04 9.61 29.29
C LEU D 370 9.87 9.74 27.99
N LEU D 371 9.38 9.17 26.88
CA LEU D 371 10.12 9.27 25.61
C LEU D 371 10.17 10.69 25.06
N GLN D 372 9.07 11.45 25.14
CA GLN D 372 9.05 12.82 24.61
C GLN D 372 10.02 13.71 25.39
N GLU D 373 9.99 13.56 26.71
CA GLU D 373 10.89 14.28 27.62
C GLU D 373 12.36 14.05 27.25
N LYS D 374 12.66 12.87 26.72
CA LYS D 374 14.03 12.48 26.38
C LYS D 374 14.38 12.78 24.92
N HIS D 375 13.40 12.60 24.02
CA HIS D 375 13.61 12.72 22.58
C HIS D 375 12.85 13.90 21.96
N LYS D 376 13.63 14.93 21.60
CA LYS D 376 13.08 16.15 20.99
C LYS D 376 12.57 15.92 19.57
N SER D 377 12.91 14.79 18.98
CA SER D 377 12.32 14.45 17.68
C SER D 377 10.89 13.96 17.80
N ILE D 378 10.39 13.75 19.03
CA ILE D 378 8.94 13.59 19.27
C ILE D 378 8.23 14.94 19.35
N GLY D 379 7.59 15.32 18.25
CA GLY D 379 6.92 16.62 18.15
C GLY D 379 5.67 16.65 18.99
N ASN D 380 4.91 15.56 18.96
CA ASN D 380 3.64 15.44 19.64
C ASN D 380 3.21 13.98 19.51
N PHE D 381 2.43 13.49 20.47
CA PHE D 381 1.82 12.18 20.30
C PHE D 381 0.39 12.19 20.81
N ASP D 382 -0.41 11.22 20.43
CA ASP D 382 -1.77 11.11 20.98
C ASP D 382 -2.35 9.79 20.56
N GLY D 383 -3.44 9.38 21.18
CA GLY D 383 -3.97 8.05 20.96
C GLY D 383 -4.83 7.61 22.11
N TYR D 384 -5.05 6.29 22.19
CA TYR D 384 -5.97 5.68 23.16
C TYR D 384 -6.08 4.18 22.87
N GLY D 385 -6.38 3.39 23.91
CA GLY D 385 -6.34 1.92 23.80
C GLY D 385 -5.02 1.45 23.21
N LEU D 386 -5.08 0.63 22.17
CA LEU D 386 -3.88 0.15 21.49
C LEU D 386 -3.66 0.77 20.13
N LEU D 387 -3.95 2.08 20.01
CA LEU D 387 -3.72 2.85 18.77
C LEU D 387 -3.09 4.21 19.12
N TRP D 388 -1.81 4.36 18.78
CA TRP D 388 -1.08 5.56 19.08
C TRP D 388 -0.41 6.17 17.84
N ILE D 389 -0.58 7.48 17.72
CA ILE D 389 0.05 8.31 16.71
C ILE D 389 1.23 9.06 17.36
N VAL D 390 2.41 8.98 16.79
CA VAL D 390 3.54 9.78 17.27
C VAL D 390 4.07 10.65 16.11
N ASP D 391 3.95 11.97 16.21
CA ASP D 391 4.45 12.88 15.17
C ASP D 391 5.96 13.09 15.35
N ILE D 392 6.71 12.84 14.29
CA ILE D 392 8.15 13.01 14.39
C ILE D 392 8.57 14.30 13.67
N VAL D 393 9.34 15.14 14.35
CA VAL D 393 9.88 16.39 13.77
C VAL D 393 11.41 16.31 13.75
N ASN D 394 12.05 17.26 13.06
CA ASN D 394 13.50 17.45 13.18
C ASN D 394 13.74 18.14 14.52
N ALA D 395 14.68 17.60 15.30
CA ALA D 395 14.97 18.11 16.64
C ALA D 395 15.48 19.53 16.65
N LYS D 396 16.27 19.89 15.64
CA LYS D 396 16.87 21.22 15.55
C LYS D 396 15.92 22.32 15.09
N THR D 397 15.01 21.98 14.19
CA THR D 397 14.10 22.95 13.55
C THR D 397 12.69 22.83 14.11
N LYS D 398 12.45 21.71 14.80
CA LYS D 398 11.12 21.25 15.19
C LYS D 398 10.10 21.10 14.03
N THR D 399 10.56 21.11 12.78
CA THR D 399 9.66 20.82 11.65
C THR D 399 9.84 19.37 11.12
N PRO D 400 8.81 18.83 10.45
CA PRO D 400 8.93 17.48 9.84
C PRO D 400 10.06 17.34 8.79
N TYR D 401 10.67 16.17 8.71
CA TYR D 401 11.78 15.93 7.78
C TYR D 401 11.36 15.95 6.31
N VAL D 402 10.22 15.33 6.04
CA VAL D 402 9.71 15.16 4.71
C VAL D 402 8.59 16.18 4.59
N LYS D 403 8.90 17.27 3.88
CA LYS D 403 8.02 18.43 3.73
C LYS D 403 6.61 18.06 3.31
N LEU D 404 6.49 17.14 2.35
CA LEU D 404 5.20 16.79 1.78
C LEU D 404 4.31 15.98 2.71
N ASP D 405 4.91 15.41 3.76
CA ASP D 405 4.12 14.82 4.83
C ASP D 405 3.13 13.77 4.31
N ARG D 406 1.86 13.89 4.65
CA ARG D 406 0.85 12.91 4.25
C ARG D 406 0.47 12.99 2.75
N ASN D 407 1.08 13.93 2.05
CA ASN D 407 0.83 14.09 0.64
C ASN D 407 2.04 13.56 -0.13
N PHE D 408 2.93 12.86 0.59
CA PHE D 408 4.05 12.13 -0.06
C PHE D 408 3.55 11.00 -0.95
N ARG D 409 4.47 10.48 -1.78
CA ARG D 409 4.36 9.17 -2.40
C ARG D 409 5.60 8.25 -2.16
N HIS D 410 5.49 6.97 -2.51
CA HIS D 410 6.55 5.98 -2.20
C HIS D 410 7.72 5.96 -3.18
N GLY D 411 7.76 6.96 -4.07
CA GLY D 411 8.88 7.08 -4.95
C GLY D 411 10.14 7.60 -4.27
N MET D 412 10.02 8.18 -3.09
CA MET D 412 11.23 8.66 -2.43
C MET D 412 12.03 7.56 -1.73
N ASN D 413 13.31 7.85 -1.52
CA ASN D 413 14.22 6.91 -0.95
C ASN D 413 13.90 6.70 0.53
N PRO D 414 13.59 5.45 0.95
CA PRO D 414 13.21 5.16 2.33
C PRO D 414 14.27 5.57 3.34
N ASN D 415 15.54 5.55 2.95
CA ASN D 415 16.59 6.07 3.84
C ASN D 415 16.52 7.61 4.15
N GLN D 416 15.55 8.32 3.58
CA GLN D 416 15.23 9.70 3.92
C GLN D 416 14.00 9.78 4.82
N ILE D 417 13.31 8.65 4.99
CA ILE D 417 12.02 8.63 5.67
C ILE D 417 12.20 8.27 7.16
N PRO D 418 11.96 9.26 8.05
CA PRO D 418 12.19 9.00 9.48
C PRO D 418 11.48 7.74 10.02
N THR D 419 10.24 7.50 9.61
CA THR D 419 9.52 6.31 10.12
C THR D 419 10.15 5.03 9.53
N GLN D 420 10.96 5.20 8.48
CA GLN D 420 11.68 4.07 7.94
C GLN D 420 12.98 3.80 8.68
N ILE D 421 13.67 4.87 9.06
CA ILE D 421 14.92 4.79 9.83
C ILE D 421 14.63 4.21 11.22
N ILE D 422 13.61 4.74 11.89
CA ILE D 422 13.07 4.21 13.14
C ILE D 422 12.77 2.71 13.02
N MET D 423 12.08 2.29 11.96
CA MET D 423 11.78 0.87 11.79
C MET D 423 13.07 0.03 11.65
N GLU D 424 14.01 0.51 10.81
CA GLU D 424 15.27 -0.21 10.58
C GLU D 424 16.04 -0.50 11.87
N LYS D 425 16.08 0.51 12.74
CA LYS D 425 16.81 0.45 13.98
C LYS D 425 16.13 -0.45 15.00
N ALA D 426 14.82 -0.30 15.18
CA ALA D 426 14.02 -1.10 16.11
C ALA D 426 14.22 -2.59 15.90
N LEU D 427 14.24 -2.97 14.63
CA LEU D 427 14.38 -4.35 14.21
C LEU D 427 15.66 -4.96 14.70
N GLU D 428 16.67 -4.11 14.95
CA GLU D 428 17.90 -4.52 15.63
C GLU D 428 17.66 -4.92 17.07
N LYS D 429 16.65 -4.35 17.70
CA LYS D 429 16.28 -4.83 19.05
C LYS D 429 15.17 -5.85 18.88
N GLY D 430 15.02 -6.32 17.64
CA GLY D 430 14.08 -7.40 17.36
C GLY D 430 12.65 -6.95 17.47
N VAL D 431 12.42 -5.66 17.32
CA VAL D 431 11.07 -5.08 17.40
C VAL D 431 10.64 -4.40 16.11
N LEU D 432 9.41 -4.72 15.70
CA LEU D 432 8.76 -4.10 14.58
C LEU D 432 7.88 -2.97 15.04
N ILE D 433 8.27 -1.76 14.67
CA ILE D 433 7.53 -0.58 15.04
C ILE D 433 7.79 0.44 13.93
N GLY D 434 6.86 1.35 13.68
CA GLY D 434 7.04 2.35 12.59
C GLY D 434 5.74 3.00 12.18
N GLY D 435 5.59 3.31 10.89
CA GLY D 435 4.36 3.92 10.43
C GLY D 435 4.25 3.89 8.94
N ALA D 436 3.02 4.07 8.46
CA ALA D 436 2.73 4.17 7.03
C ALA D 436 3.14 5.55 6.45
N MET D 437 2.84 6.61 7.19
CA MET D 437 3.23 7.98 6.84
C MET D 437 4.71 8.22 7.10
N PRO D 438 5.33 9.15 6.33
CA PRO D 438 6.75 9.46 6.53
C PRO D 438 7.10 10.18 7.85
N ASN D 439 6.22 11.04 8.39
CA ASN D 439 6.59 11.77 9.62
C ASN D 439 5.88 11.28 10.89
N THR D 440 5.13 10.18 10.81
CA THR D 440 4.22 9.79 11.85
C THR D 440 4.22 8.28 12.08
N MET D 441 4.27 7.86 13.33
CA MET D 441 4.18 6.46 13.55
C MET D 441 2.74 6.15 13.87
N ARG D 442 2.34 4.93 13.52
CA ARG D 442 1.08 4.37 13.94
C ARG D 442 1.46 3.15 14.80
N ILE D 443 1.36 3.29 16.12
CA ILE D 443 1.73 2.17 17.01
C ILE D 443 0.50 1.32 17.36
N GLY D 444 0.58 0.00 17.11
CA GLY D 444 -0.48 -0.94 17.45
C GLY D 444 -0.07 -2.30 17.96
N ALA D 445 -0.77 -2.82 18.98
CA ALA D 445 -0.57 -4.20 19.39
C ALA D 445 -1.90 -4.85 19.68
N SER D 446 -1.87 -6.10 20.10
CA SER D 446 -3.08 -6.80 20.48
C SER D 446 -3.66 -6.13 21.71
N LEU D 447 -4.98 -6.17 21.87
CA LEU D 447 -5.57 -5.62 23.06
C LEU D 447 -5.04 -6.26 24.33
N ASN D 448 -4.50 -7.48 24.22
CA ASN D 448 -4.01 -8.21 25.42
C ASN D 448 -2.49 -8.25 25.53
N VAL D 449 -1.83 -7.34 24.80
CA VAL D 449 -0.39 -7.09 24.92
C VAL D 449 -0.02 -6.96 26.39
N SER D 450 1.12 -7.50 26.77
CA SER D 450 1.57 -7.44 28.17
C SER D 450 2.38 -6.19 28.38
N ARG D 451 2.63 -5.87 29.65
CA ARG D 451 3.49 -4.77 30.08
C ARG D 451 4.92 -4.93 29.57
N GLY D 452 5.53 -6.09 29.81
CA GLY D 452 6.89 -6.40 29.36
C GLY D 452 7.08 -6.17 27.86
N ASP D 453 6.03 -6.41 27.07
CA ASP D 453 6.12 -6.20 25.65
C ASP D 453 6.08 -4.69 25.33
N ILE D 454 5.24 -3.96 26.06
CA ILE D 454 5.18 -2.50 25.93
C ILE D 454 6.54 -1.90 26.25
N ASP D 455 7.09 -2.28 27.39
CA ASP D 455 8.40 -1.84 27.81
C ASP D 455 9.46 -2.14 26.77
N LYS D 456 9.41 -3.35 26.24
CA LYS D 456 10.41 -3.82 25.32
C LYS D 456 10.30 -3.08 23.98
N ALA D 457 9.09 -2.88 23.47
CA ALA D 457 8.90 -2.06 22.25
C ALA D 457 9.31 -0.61 22.49
N MET D 458 8.97 -0.09 23.67
CA MET D 458 9.28 1.30 23.99
C MET D 458 10.79 1.49 24.17
N ASP D 459 11.46 0.49 24.70
CA ASP D 459 12.92 0.55 24.73
C ASP D 459 13.55 0.55 23.33
N ALA D 460 12.96 -0.22 22.42
CA ALA D 460 13.50 -0.35 21.09
C ALA D 460 13.29 0.95 20.32
N LEU D 461 12.16 1.63 20.60
CA LEU D 461 11.91 2.95 20.04
C LEU D 461 12.92 3.95 20.57
N ASP D 462 13.25 3.81 21.85
CA ASP D 462 14.23 4.66 22.52
C ASP D 462 15.55 4.59 21.76
N TYR D 463 16.00 3.38 21.53
CA TYR D 463 17.23 3.09 20.80
C TYR D 463 17.19 3.69 19.39
N ALA D 464 16.01 3.66 18.76
CA ALA D 464 15.83 4.21 17.42
C ALA D 464 15.91 5.75 17.32
N LEU D 465 15.15 6.42 18.18
CA LEU D 465 15.20 7.88 18.28
C LEU D 465 16.61 8.40 18.68
N ASP D 466 17.37 7.62 19.44
CA ASP D 466 18.80 7.91 19.60
C ASP D 466 19.45 8.00 18.21
N TYR D 467 19.12 7.05 17.34
CA TYR D 467 19.78 6.94 16.06
C TYR D 467 19.41 8.08 15.14
N LEU D 468 18.13 8.46 15.15
CA LEU D 468 17.63 9.58 14.35
C LEU D 468 18.27 10.86 14.82
N GLU D 469 18.12 11.15 16.09
CA GLU D 469 18.68 12.37 16.63
C GLU D 469 20.19 12.50 16.51
N SER D 470 20.87 11.50 15.94
CA SER D 470 22.33 11.52 15.81
C SER D 470 22.86 12.41 14.69
N GLY D 471 23.42 11.77 13.66
CA GLY D 471 23.81 12.44 12.43
C GLY D 471 22.82 11.92 11.40
N GLU D 472 22.97 10.65 11.00
CA GLU D 472 24.19 9.85 11.05
C GLU D 472 23.79 8.92 9.92
N TRP D 473 22.70 9.33 9.27
CA TRP D 473 22.02 8.57 8.24
C TRP D 473 21.85 9.47 7.05
N GLN D 474 22.68 10.51 6.96
CA GLN D 474 22.57 11.51 5.89
C GLN D 474 23.94 11.74 5.24
N LYS E 7 -12.48 98.13 22.25
CA LYS E 7 -13.22 98.34 23.52
C LYS E 7 -13.42 97.03 24.29
N ILE E 8 -12.66 96.87 25.38
CA ILE E 8 -12.68 95.65 26.17
C ILE E 8 -13.77 95.72 27.25
N ASN E 9 -14.58 94.66 27.37
CA ASN E 9 -15.57 94.54 28.44
C ASN E 9 -14.91 93.84 29.60
N TRP E 10 -14.41 94.64 30.56
CA TRP E 10 -13.67 94.11 31.71
C TRP E 10 -14.58 93.45 32.73
N GLU E 11 -15.86 93.83 32.74
CA GLU E 11 -16.85 93.10 33.53
C GLU E 11 -16.94 91.65 33.02
N GLN E 12 -16.90 91.46 31.70
CA GLN E 12 -16.87 90.13 31.11
C GLN E 12 -15.53 89.40 31.38
N VAL E 13 -14.41 90.12 31.25
CA VAL E 13 -13.08 89.56 31.61
C VAL E 13 -13.07 88.94 33.02
N LYS E 14 -13.71 89.61 33.99
CA LYS E 14 -13.83 89.11 35.38
C LYS E 14 -14.69 87.83 35.51
N GLU E 15 -15.90 87.83 34.95
CA GLU E 15 -16.76 86.65 34.94
C GLU E 15 -16.05 85.43 34.36
N TRP E 16 -15.39 85.62 33.21
CA TRP E 16 -14.68 84.52 32.53
C TRP E 16 -13.49 84.10 33.35
N ASP E 17 -12.85 85.07 34.01
CA ASP E 17 -11.67 84.78 34.83
C ASP E 17 -12.08 83.96 36.06
N ARG E 18 -13.18 84.35 36.71
CA ARG E 18 -13.69 83.62 37.86
C ARG E 18 -14.13 82.24 37.42
N LYS E 19 -14.84 82.19 36.29
CA LYS E 19 -15.52 80.97 35.86
C LYS E 19 -14.62 79.94 35.17
N TYR E 20 -13.62 80.39 34.42
CA TYR E 20 -12.77 79.50 33.60
C TYR E 20 -11.31 79.29 34.00
N LEU E 21 -10.82 80.01 35.01
CA LEU E 21 -9.42 79.82 35.40
C LEU E 21 -9.36 79.05 36.68
N MET E 22 -8.44 78.09 36.74
CA MET E 22 -8.18 77.36 37.98
C MET E 22 -7.56 78.32 39.00
N ARG E 23 -8.01 78.26 40.26
CA ARG E 23 -7.52 79.19 41.32
C ARG E 23 -6.15 78.75 41.82
N THR E 24 -5.25 79.70 42.10
CA THR E 24 -4.09 79.36 42.93
C THR E 24 -3.98 80.25 44.16
N PHE E 25 -3.66 79.67 45.31
CA PHE E 25 -3.56 80.43 46.57
C PHE E 25 -4.86 80.95 47.17
N SER E 26 -5.92 81.05 46.36
CA SER E 26 -7.24 81.51 46.80
C SER E 26 -8.31 80.49 46.43
N THR E 27 -9.20 80.20 47.38
CA THR E 27 -10.39 79.43 47.07
C THR E 27 -11.32 80.21 46.12
N GLN E 28 -12.12 79.49 45.34
CA GLN E 28 -13.09 80.14 44.44
C GLN E 28 -14.02 81.09 45.19
N ASN E 29 -14.41 80.71 46.40
CA ASN E 29 -15.28 81.50 47.25
C ASN E 29 -14.69 82.86 47.69
N GLU E 30 -13.40 82.90 48.04
CA GLU E 30 -12.80 84.13 48.53
C GLU E 30 -12.21 85.00 47.43
N TYR E 31 -12.01 84.42 46.26
CA TYR E 31 -11.28 85.09 45.22
C TYR E 31 -12.03 86.29 44.60
N GLN E 32 -11.30 87.40 44.42
CA GLN E 32 -11.81 88.49 43.57
C GLN E 32 -10.74 88.98 42.58
N PRO E 33 -11.05 88.87 41.27
CA PRO E 33 -10.08 89.22 40.22
C PRO E 33 -9.55 90.67 40.35
N VAL E 34 -8.24 90.81 40.20
CA VAL E 34 -7.57 92.09 40.13
C VAL E 34 -7.02 92.22 38.68
N PRO E 35 -7.80 92.84 37.77
CA PRO E 35 -7.27 92.95 36.43
C PRO E 35 -6.23 94.06 36.27
N ILE E 36 -5.31 93.83 35.34
CA ILE E 36 -4.27 94.76 34.96
C ILE E 36 -4.29 94.95 33.43
N GLU E 37 -4.70 96.15 33.00
CA GLU E 37 -4.92 96.45 31.57
C GLU E 37 -3.64 96.74 30.81
N SER E 38 -2.68 97.39 31.46
CA SER E 38 -1.39 97.69 30.83
C SER E 38 -0.28 97.84 31.88
N THR E 39 0.97 97.80 31.45
CA THR E 39 2.11 98.05 32.35
C THR E 39 3.14 99.00 31.71
N GLU E 40 3.82 99.78 32.54
CA GLU E 40 4.94 100.63 32.10
C GLU E 40 5.93 100.94 33.23
N GLY E 41 7.18 100.55 32.98
CA GLY E 41 8.28 100.81 33.89
C GLY E 41 8.07 100.04 35.17
N ASP E 42 7.85 100.78 36.25
CA ASP E 42 7.57 100.18 37.53
C ASP E 42 6.08 100.19 37.88
N TYR E 43 5.23 100.60 36.92
CA TYR E 43 3.79 100.71 37.15
C TYR E 43 2.92 99.66 36.45
N LEU E 44 1.82 99.31 37.12
CA LEU E 44 0.79 98.46 36.53
C LEU E 44 -0.45 99.33 36.45
N ILE E 45 -1.25 99.16 35.40
CA ILE E 45 -2.41 100.00 35.18
C ILE E 45 -3.68 99.15 35.19
N THR E 46 -4.64 99.49 36.05
CA THR E 46 -5.92 98.76 36.09
C THR E 46 -6.81 99.19 34.92
N PRO E 47 -7.94 98.50 34.69
CA PRO E 47 -8.86 98.91 33.61
C PRO E 47 -9.35 100.35 33.74
N GLY E 48 -9.65 100.76 34.97
CA GLY E 48 -10.18 102.09 35.27
C GLY E 48 -9.15 103.20 35.28
N GLY E 49 -7.87 102.85 35.13
CA GLY E 49 -6.82 103.84 34.97
C GLY E 49 -5.92 104.05 36.19
N THR E 50 -6.20 103.31 37.26
CA THR E 50 -5.40 103.36 38.49
C THR E 50 -3.99 102.86 38.23
N ARG E 51 -3.02 103.61 38.72
CA ARG E 51 -1.61 103.30 38.54
C ARG E 51 -1.03 102.65 39.82
N LEU E 52 -0.69 101.35 39.79
CA LEU E 52 -0.06 100.70 40.95
C LEU E 52 1.47 100.61 40.85
N LEU E 53 2.18 101.24 41.77
CA LEU E 53 3.64 101.13 41.83
C LEU E 53 4.04 99.77 42.38
N ASP E 54 4.75 98.99 41.58
CA ASP E 54 4.96 97.59 41.90
C ASP E 54 6.28 97.28 42.58
N PHE E 55 6.29 97.34 43.91
CA PHE E 55 7.48 96.90 44.64
C PHE E 55 7.59 95.38 44.99
N PHE E 56 6.97 94.52 44.17
CA PHE E 56 7.30 93.09 44.15
C PHE E 56 8.13 92.88 42.91
N ASN E 57 8.14 93.88 42.04
CA ASN E 57 8.54 93.70 40.64
C ASN E 57 7.93 92.40 40.06
N GLN E 58 6.61 92.28 40.21
CA GLN E 58 5.88 91.02 39.94
C GLN E 58 6.40 89.89 40.81
N LEU E 59 7.47 89.24 40.33
CA LEU E 59 8.15 88.17 41.06
C LEU E 59 9.66 88.34 40.96
N CYS E 60 10.13 89.57 41.13
CA CYS E 60 11.57 89.92 41.01
C CYS E 60 12.08 89.50 39.63
N CYS E 61 11.21 89.69 38.66
CA CYS E 61 11.45 89.15 37.34
C CYS E 61 11.34 90.16 36.18
N VAL E 62 11.16 91.44 36.44
CA VAL E 62 11.05 92.39 35.33
C VAL E 62 12.16 93.42 35.52
N ASN E 63 13.38 92.90 35.59
CA ASN E 63 14.56 93.69 35.92
C ASN E 63 14.68 95.02 35.16
N LEU E 64 14.38 94.94 33.87
CA LEU E 64 14.57 96.03 32.91
C LEU E 64 13.50 97.11 33.03
N GLY E 65 12.35 96.74 33.59
CA GLY E 65 11.14 97.56 33.59
C GLY E 65 10.10 97.04 32.60
N GLN E 66 8.83 97.17 32.97
CA GLN E 66 7.67 96.74 32.19
C GLN E 66 7.56 97.44 30.86
N LYS E 67 7.34 96.64 29.81
CA LYS E 67 7.11 97.12 28.44
C LYS E 67 8.22 98.08 28.01
N ASN E 68 9.46 97.60 27.99
CA ASN E 68 10.56 98.39 27.47
C ASN E 68 10.39 98.54 25.96
N GLN E 69 10.43 99.79 25.48
CA GLN E 69 10.07 100.10 24.11
C GLN E 69 11.07 99.47 23.10
N LYS E 70 12.36 99.46 23.46
CA LYS E 70 13.39 98.77 22.68
C LYS E 70 13.23 97.25 22.65
N VAL E 71 13.04 96.61 23.81
CA VAL E 71 12.80 95.15 23.83
C VAL E 71 11.54 94.81 23.03
N ASN E 72 10.49 95.61 23.22
CA ASN E 72 9.27 95.38 22.44
C ASN E 72 9.40 95.50 20.91
N ALA E 73 10.21 96.46 20.45
CA ALA E 73 10.45 96.65 19.00
C ALA E 73 11.25 95.49 18.42
N ALA E 74 12.24 94.99 19.18
CA ALA E 74 13.09 93.86 18.79
C ALA E 74 12.25 92.60 18.52
N ILE E 75 11.19 92.47 19.32
CA ILE E 75 10.28 91.34 19.24
C ILE E 75 9.51 91.45 17.93
N LYS E 76 9.05 92.66 17.65
CA LYS E 76 8.26 92.92 16.45
C LYS E 76 9.09 92.63 15.19
N GLU E 77 10.37 92.98 15.22
CA GLU E 77 11.31 92.68 14.13
C GLU E 77 11.44 91.20 13.88
N ALA E 78 11.62 90.45 14.97
CA ALA E 78 11.75 89.01 14.96
C ALA E 78 10.49 88.38 14.39
N LEU E 79 9.35 88.97 14.72
CA LEU E 79 8.08 88.51 14.17
C LEU E 79 7.92 88.81 12.68
N ASP E 80 8.81 89.60 12.09
CA ASP E 80 8.86 89.71 10.61
C ASP E 80 9.47 88.49 9.96
N ARG E 81 10.24 87.70 10.73
CA ARG E 81 10.98 86.52 10.21
C ARG E 81 10.52 85.15 10.74
N TYR E 82 9.89 85.15 11.92
CA TYR E 82 9.40 83.92 12.55
C TYR E 82 7.96 84.16 13.10
N GLY E 83 7.13 83.14 13.34
CA GLY E 83 7.36 81.75 12.97
C GLY E 83 8.03 81.07 14.10
N PHE E 84 8.41 79.80 13.90
CA PHE E 84 9.04 78.98 14.95
C PHE E 84 10.02 77.90 14.42
N VAL E 85 11.23 77.83 14.98
CA VAL E 85 12.09 76.66 14.75
C VAL E 85 12.44 75.98 16.07
N TRP E 86 12.55 74.65 16.06
CA TRP E 86 12.96 73.95 17.25
C TRP E 86 14.46 73.89 17.27
N ASP E 87 14.97 73.39 18.38
CA ASP E 87 16.37 73.46 18.77
C ASP E 87 17.39 72.94 17.78
N THR E 88 17.04 71.92 16.99
CA THR E 88 17.95 71.38 15.96
C THR E 88 18.32 72.40 14.84
N TYR E 89 17.50 73.43 14.64
CA TYR E 89 17.80 74.47 13.62
C TYR E 89 18.46 75.68 14.27
N ALA E 90 19.46 76.23 13.60
CA ALA E 90 20.24 77.31 14.17
C ALA E 90 19.67 78.68 13.77
N THR E 91 19.54 79.58 14.75
CA THR E 91 19.09 80.93 14.44
C THR E 91 20.11 81.97 14.88
N ASP E 92 20.06 83.15 14.26
CA ASP E 92 20.93 84.28 14.66
C ASP E 92 20.71 84.66 16.14
N TYR E 93 19.45 84.78 16.53
CA TYR E 93 19.02 85.13 17.90
C TYR E 93 19.48 84.16 19.02
N LYS E 94 19.22 82.86 18.81
CA LYS E 94 19.66 81.85 19.77
C LYS E 94 21.18 81.88 19.91
N ALA E 95 21.89 82.19 18.83
CA ALA E 95 23.34 82.10 18.84
C ALA E 95 23.93 83.32 19.53
N LYS E 96 23.41 84.49 19.16
CA LYS E 96 23.75 85.78 19.80
C LYS E 96 23.46 85.78 21.31
N ALA E 97 22.28 85.29 21.69
CA ALA E 97 21.90 85.23 23.13
C ALA E 97 22.90 84.45 23.96
N ALA E 98 23.33 83.28 23.47
CA ALA E 98 24.31 82.45 24.21
C ALA E 98 25.66 83.17 24.28
N LYS E 99 26.08 83.73 23.14
CA LYS E 99 27.30 84.53 22.99
C LYS E 99 27.36 85.75 23.94
N ILE E 100 26.29 86.54 23.96
CA ILE E 100 26.14 87.61 24.96
C ILE E 100 26.34 87.10 26.42
N ILE E 101 25.75 85.95 26.73
CA ILE E 101 25.84 85.42 28.10
C ILE E 101 27.27 85.01 28.42
N ILE E 102 27.94 84.32 27.50
CA ILE E 102 29.27 83.74 27.78
C ILE E 102 30.40 84.76 27.64
N GLU E 103 30.47 85.43 26.49
CA GLU E 103 31.55 86.38 26.19
C GLU E 103 31.39 87.80 26.75
N ASP E 104 30.18 88.34 26.74
CA ASP E 104 29.98 89.74 27.16
C ASP E 104 29.66 89.87 28.64
N ILE E 105 28.64 89.16 29.08
CA ILE E 105 28.21 89.18 30.46
C ILE E 105 29.21 88.44 31.37
N LEU E 106 29.49 87.17 31.10
CA LEU E 106 30.48 86.40 31.88
C LEU E 106 31.91 86.45 31.34
N GLY E 107 32.15 87.39 30.45
CA GLY E 107 33.43 87.50 29.75
C GLY E 107 34.67 87.67 30.60
N ASP E 108 34.51 88.12 31.84
CA ASP E 108 35.65 88.27 32.75
C ASP E 108 35.97 87.02 33.60
N GLU E 109 35.12 85.98 33.53
CA GLU E 109 35.37 84.69 34.20
C GLU E 109 35.54 83.57 33.16
N ASP E 110 36.61 82.79 33.29
CA ASP E 110 36.98 81.86 32.23
C ASP E 110 36.46 80.44 32.41
N TRP E 111 35.59 80.25 33.41
CA TRP E 111 34.97 78.94 33.66
C TRP E 111 33.77 78.55 32.75
N PRO E 112 32.93 79.55 32.35
CA PRO E 112 31.69 79.25 31.63
C PRO E 112 31.95 78.67 30.24
N GLY E 113 31.20 77.65 29.89
CA GLY E 113 31.42 76.95 28.62
C GLY E 113 30.29 77.11 27.61
N LYS E 114 29.15 76.50 27.93
CA LYS E 114 28.03 76.40 27.00
C LYS E 114 26.70 76.72 27.70
N VAL E 115 25.71 77.15 26.88
CA VAL E 115 24.33 77.43 27.31
C VAL E 115 23.27 76.51 26.63
N ARG E 116 22.23 76.16 27.38
CA ARG E 116 21.01 75.58 26.81
C ARG E 116 19.83 76.45 27.20
N PHE E 117 19.06 76.92 26.22
CA PHE E 117 17.87 77.74 26.51
C PHE E 117 16.62 76.90 26.63
N VAL E 118 15.79 77.24 27.61
CA VAL E 118 14.52 76.53 27.83
C VAL E 118 13.45 77.58 28.07
N SER E 119 12.26 77.21 28.54
CA SER E 119 11.17 78.20 28.62
C SER E 119 10.94 78.82 30.01
N THR E 120 11.33 78.13 31.06
CA THR E 120 11.02 78.57 32.40
C THR E 120 12.22 78.39 33.34
N GLY E 121 12.18 79.02 34.50
CA GLY E 121 13.18 78.75 35.55
C GLY E 121 13.20 77.29 36.05
N SER E 122 12.03 76.69 36.20
CA SER E 122 11.92 75.30 36.66
C SER E 122 12.56 74.37 35.63
N GLU E 123 12.23 74.56 34.36
CA GLU E 123 12.83 73.80 33.27
C GLU E 123 14.34 74.00 33.28
N ALA E 124 14.79 75.18 33.68
CA ALA E 124 16.22 75.39 33.82
C ALA E 124 16.82 74.59 34.96
N VAL E 125 16.13 74.51 36.09
CA VAL E 125 16.60 73.70 37.22
C VAL E 125 16.63 72.21 36.87
N GLU E 126 15.53 71.71 36.29
CA GLU E 126 15.42 70.35 35.79
C GLU E 126 16.67 69.95 34.98
N THR E 127 17.03 70.80 34.02
CA THR E 127 18.19 70.61 33.14
C THR E 127 19.48 70.47 33.93
N ALA E 128 19.73 71.42 34.84
CA ALA E 128 20.90 71.41 35.69
C ALA E 128 21.03 70.11 36.48
N LEU E 129 19.92 69.64 37.04
CA LEU E 129 19.94 68.45 37.85
C LEU E 129 20.30 67.27 36.98
N ASN E 130 19.62 67.17 35.83
CA ASN E 130 19.92 66.17 34.82
C ASN E 130 21.41 66.17 34.40
N ILE E 131 21.95 67.35 34.12
CA ILE E 131 23.37 67.48 33.72
C ILE E 131 24.33 67.12 34.86
N ALA E 132 24.08 67.64 36.06
CA ALA E 132 24.92 67.31 37.23
C ALA E 132 24.99 65.76 37.51
N ARG E 133 23.84 65.08 37.49
CA ARG E 133 23.81 63.65 37.73
C ARG E 133 24.47 62.86 36.61
N LEU E 134 24.26 63.26 35.34
CA LEU E 134 24.99 62.67 34.22
C LEU E 134 26.49 62.87 34.24
N TYR E 135 26.94 64.10 34.47
CA TYR E 135 28.38 64.37 34.53
C TYR E 135 29.09 63.57 35.65
N THR E 136 28.49 63.52 36.84
CA THR E 136 29.14 62.83 37.97
C THR E 136 28.82 61.35 38.01
N ASN E 137 27.78 60.95 37.27
CA ASN E 137 27.19 59.61 37.34
C ASN E 137 26.81 59.25 38.78
N ARG E 138 26.26 60.24 39.50
CA ARG E 138 25.80 60.08 40.86
C ARG E 138 24.34 60.46 41.02
N PRO E 139 23.63 59.80 41.94
CA PRO E 139 22.20 60.04 42.06
C PRO E 139 21.76 61.25 42.94
N LEU E 140 22.45 61.49 44.06
CA LEU E 140 21.93 62.38 45.13
C LEU E 140 22.21 63.84 44.88
N VAL E 141 21.20 64.68 45.10
CA VAL E 141 21.39 66.11 45.11
C VAL E 141 21.06 66.66 46.52
N VAL E 142 22.01 67.40 47.10
CA VAL E 142 21.81 68.15 48.30
C VAL E 142 21.08 69.47 48.02
N THR E 143 19.98 69.71 48.73
CA THR E 143 19.35 71.03 48.82
C THR E 143 19.40 71.58 50.29
N ARG E 144 18.76 72.72 50.55
CA ARG E 144 18.76 73.31 51.89
C ARG E 144 17.33 73.58 52.29
N GLU E 145 17.07 73.40 53.56
CA GLU E 145 15.86 73.86 54.20
C GLU E 145 15.42 75.26 53.68
N HIS E 146 14.15 75.36 53.28
CA HIS E 146 13.53 76.58 52.77
C HIS E 146 13.94 76.99 51.36
N ASP E 147 14.68 76.17 50.64
CA ASP E 147 14.98 76.54 49.26
C ASP E 147 13.75 76.51 48.38
N TYR E 148 13.72 77.36 47.36
CA TYR E 148 12.74 77.23 46.31
C TYR E 148 13.45 77.17 44.97
N HIS E 149 13.14 76.13 44.18
CA HIS E 149 13.85 75.98 42.95
C HIS E 149 12.89 75.65 41.81
N GLY E 150 11.59 75.81 42.05
CA GLY E 150 10.60 75.41 41.04
C GLY E 150 9.51 74.46 41.49
N TRP E 151 8.55 74.22 40.61
CA TRP E 151 7.35 73.47 40.93
C TRP E 151 7.26 72.19 40.12
N THR E 152 8.02 72.10 39.05
CA THR E 152 8.01 70.89 38.19
C THR E 152 8.68 69.73 38.96
N GLY E 153 8.23 68.52 38.67
CA GLY E 153 8.73 67.30 39.30
C GLY E 153 10.11 67.32 39.93
N GLY E 154 11.16 67.45 39.13
CA GLY E 154 12.53 67.42 39.67
C GLY E 154 12.89 68.66 40.48
N ALA E 155 12.42 69.81 40.01
CA ALA E 155 12.72 71.07 40.65
C ALA E 155 12.00 71.12 41.99
N ALA E 156 10.80 70.55 42.06
CA ALA E 156 10.08 70.42 43.33
C ALA E 156 10.84 69.53 44.35
N THR E 157 11.53 68.48 43.89
CA THR E 157 12.20 67.56 44.86
C THR E 157 13.27 68.28 45.73
N VAL E 158 13.73 69.45 45.26
CA VAL E 158 14.81 70.24 45.91
C VAL E 158 14.25 71.56 46.48
N THR E 159 12.94 71.71 46.33
CA THR E 159 12.23 72.74 47.04
C THR E 159 11.87 72.21 48.42
N ARG E 160 12.27 72.96 49.46
CA ARG E 160 11.94 72.57 50.82
C ARG E 160 11.17 73.65 51.60
N LEU E 161 10.11 74.17 51.00
CA LEU E 161 9.16 75.07 51.67
C LEU E 161 7.81 74.43 51.52
N ARG E 162 7.18 74.04 52.62
CA ARG E 162 5.99 73.20 52.54
C ARG E 162 4.80 74.01 52.08
N SER E 163 4.99 75.32 52.05
CA SER E 163 3.95 76.25 51.61
C SER E 163 4.04 76.47 50.14
N PHE E 164 5.05 75.93 49.49
CA PHE E 164 5.12 76.09 48.04
C PHE E 164 5.26 74.81 47.19
N ARG E 165 4.84 73.67 47.74
CA ARG E 165 5.03 72.37 47.08
C ARG E 165 3.85 71.91 46.21
N SER E 166 3.03 72.86 45.77
CA SER E 166 1.81 72.57 44.99
C SER E 166 0.71 71.75 45.71
N GLY E 167 0.72 71.77 47.05
CA GLY E 167 -0.25 71.02 47.83
C GLY E 167 -1.51 71.84 48.01
N LEU E 168 -2.46 71.30 48.77
CA LEU E 168 -3.71 71.99 49.06
C LEU E 168 -3.89 72.30 50.54
N VAL E 169 -4.22 73.53 50.87
CA VAL E 169 -4.75 73.83 52.19
C VAL E 169 -6.19 74.37 52.10
N GLY E 170 -6.82 74.46 53.25
CA GLY E 170 -8.17 74.99 53.35
C GLY E 170 -8.21 76.50 53.53
N GLU E 171 -9.42 77.01 53.65
CA GLU E 171 -9.60 78.42 53.71
C GLU E 171 -9.88 78.81 55.18
N ASN E 172 -8.91 79.54 55.77
CA ASN E 172 -8.82 79.85 57.20
C ASN E 172 -9.14 78.67 58.14
N SER E 173 -8.28 77.67 58.12
CA SER E 173 -8.61 76.38 58.69
C SER E 173 -7.47 75.43 58.54
N GLU E 174 -7.35 74.55 59.51
CA GLU E 174 -6.27 73.58 59.56
C GLU E 174 -6.74 72.23 59.06
N SER E 175 -8.04 72.11 58.81
CA SER E 175 -8.72 70.84 58.57
C SER E 175 -8.49 70.13 57.22
N PHE E 176 -8.37 70.87 56.11
CA PHE E 176 -8.40 70.23 54.77
C PHE E 176 -7.08 70.24 53.96
N SER E 177 -5.97 69.99 54.63
CA SER E 177 -4.62 70.08 54.03
C SER E 177 -4.02 68.77 53.51
N ALA E 178 -3.26 68.87 52.44
CA ALA E 178 -2.68 67.68 51.83
C ALA E 178 -1.55 68.09 50.92
N GLN E 179 -0.51 67.27 50.90
CA GLN E 179 0.53 67.45 49.93
C GLN E 179 0.26 66.41 48.83
N ILE E 180 0.91 66.55 47.69
CA ILE E 180 0.75 65.53 46.65
C ILE E 180 1.14 64.08 47.06
N PRO E 181 0.20 63.13 46.97
CA PRO E 181 0.62 61.73 47.10
C PRO E 181 1.88 61.44 46.29
N GLY E 182 2.93 60.93 46.91
CA GLY E 182 4.25 60.80 46.26
C GLY E 182 5.33 61.83 46.65
N SER E 183 4.95 62.93 47.29
CA SER E 183 5.90 64.00 47.52
C SER E 183 6.36 64.06 48.97
N SER E 187 13.83 61.56 48.11
CA SER E 187 13.66 60.92 46.80
C SER E 187 14.85 61.24 45.86
N ALA E 188 16.02 60.74 46.27
CA ALA E 188 17.31 61.08 45.65
C ALA E 188 17.76 62.51 45.98
N VAL E 189 17.21 63.07 47.06
CA VAL E 189 17.54 64.44 47.50
C VAL E 189 17.80 64.44 49.00
N LEU E 190 18.88 65.08 49.43
CA LEU E 190 19.12 65.32 50.85
C LEU E 190 18.93 66.78 51.19
N MET E 191 18.18 67.07 52.26
CA MET E 191 18.04 68.44 52.76
C MET E 191 19.06 68.81 53.86
N ALA E 192 19.93 69.74 53.52
CA ALA E 192 20.97 70.20 54.39
C ALA E 192 20.48 71.44 55.20
N PRO E 193 21.15 71.78 56.29
CA PRO E 193 20.69 73.02 56.98
C PRO E 193 20.71 74.25 56.11
N SER E 194 19.67 75.07 56.26
CA SER E 194 19.66 76.47 55.78
C SER E 194 20.91 77.21 56.25
N SER E 195 21.47 78.07 55.39
CA SER E 195 22.53 79.02 55.81
C SER E 195 22.20 79.76 57.14
N ASN E 196 20.92 80.04 57.32
CA ASN E 196 20.45 80.79 58.46
C ASN E 196 20.14 79.93 59.68
N THR E 197 20.56 78.67 59.64
CA THR E 197 20.38 77.83 60.80
C THR E 197 21.52 77.99 61.82
N PHE E 198 21.24 77.69 63.08
CA PHE E 198 22.26 77.70 64.11
C PHE E 198 22.77 79.12 64.41
N GLN E 199 21.91 80.00 64.90
CA GLN E 199 22.41 81.29 65.36
C GLN E 199 22.24 81.46 66.85
N ASN E 204 24.40 85.90 65.97
CA ASN E 204 25.63 85.39 65.39
C ASN E 204 25.53 83.90 65.06
N TYR E 205 25.85 83.55 63.81
CA TYR E 205 25.86 82.15 63.40
C TYR E 205 27.04 81.38 64.00
N LEU E 206 26.75 80.23 64.62
CA LEU E 206 27.80 79.38 65.21
C LEU E 206 28.82 78.84 64.21
N LYS E 207 30.07 78.85 64.64
CA LYS E 207 31.18 78.38 63.86
C LYS E 207 31.95 77.20 64.50
N ASP E 208 32.57 76.45 63.59
CA ASP E 208 33.60 75.50 63.88
C ASP E 208 34.75 76.12 64.66
N GLU E 209 35.46 75.31 65.43
CA GLU E 209 36.74 75.73 66.02
C GLU E 209 37.72 76.17 64.90
N ASN E 210 37.34 75.90 63.66
CA ASN E 210 38.21 76.19 62.54
C ASN E 210 37.72 77.34 61.72
N GLY E 211 36.54 77.84 62.07
CA GLY E 211 35.93 78.98 61.40
C GLY E 211 34.84 78.62 60.41
N GLU E 212 34.65 77.33 60.20
CA GLU E 212 33.62 76.82 59.30
C GLU E 212 32.24 76.95 59.92
N LEU E 213 31.27 77.53 59.22
CA LEU E 213 29.92 77.70 59.77
C LEU E 213 29.31 76.35 60.06
N LEU E 214 28.65 76.20 61.21
CA LEU E 214 28.02 74.91 61.55
C LEU E 214 27.04 74.38 60.47
N SER E 215 26.37 75.27 59.76
CA SER E 215 25.49 74.88 58.67
C SER E 215 26.27 74.19 57.53
N VAL E 216 27.44 74.75 57.20
CA VAL E 216 28.37 74.17 56.23
C VAL E 216 29.01 72.89 56.83
N LYS E 217 29.37 72.90 58.10
CA LYS E 217 30.00 71.73 58.72
C LYS E 217 29.08 70.52 58.67
N TYR E 218 27.80 70.75 58.97
CA TYR E 218 26.83 69.69 58.99
C TYR E 218 26.49 69.22 57.58
N THR E 219 26.45 70.14 56.62
CA THR E 219 26.32 69.74 55.23
C THR E 219 27.44 68.79 54.84
N ARG E 220 28.67 69.05 55.28
CA ARG E 220 29.81 68.21 54.92
C ARG E 220 29.64 66.80 55.51
N ARG E 221 29.29 66.73 56.80
CA ARG E 221 29.13 65.43 57.47
C ARG E 221 27.97 64.63 56.90
N MET E 222 26.91 65.32 56.45
CA MET E 222 25.83 64.67 55.71
C MET E 222 26.35 64.03 54.40
N ILE E 223 27.12 64.80 53.63
CA ILE E 223 27.66 64.28 52.37
C ILE E 223 28.62 63.13 52.67
N GLU E 224 29.28 63.19 53.83
CA GLU E 224 30.26 62.18 54.20
C GLU E 224 29.60 60.92 54.75
N ASN E 225 28.49 61.11 55.46
CA ASN E 225 27.64 60.04 55.90
C ASN E 225 27.13 59.21 54.72
N TYR E 226 26.70 59.90 53.66
CA TYR E 226 26.19 59.20 52.50
C TYR E 226 27.31 58.67 51.63
N GLY E 227 28.45 59.36 51.62
CA GLY E 227 29.55 59.04 50.70
C GLY E 227 29.56 60.07 49.58
N PRO E 228 30.68 60.81 49.42
CA PRO E 228 30.70 61.85 48.42
C PRO E 228 30.58 61.24 47.02
N GLU E 229 30.98 59.97 46.90
CA GLU E 229 30.83 59.24 45.66
C GLU E 229 29.35 59.02 45.24
N GLN E 230 28.42 59.33 46.15
CA GLN E 230 26.96 59.22 45.90
C GLN E 230 26.34 60.59 45.54
N VAL E 231 27.10 61.65 45.76
CA VAL E 231 26.49 62.99 45.74
C VAL E 231 26.94 63.74 44.49
N ALA E 232 26.00 63.97 43.58
CA ALA E 232 26.25 64.71 42.32
C ALA E 232 26.57 66.19 42.56
N ALA E 233 25.79 66.83 43.42
CA ALA E 233 25.80 68.29 43.46
C ALA E 233 25.11 68.85 44.68
N VAL E 234 25.47 70.09 45.01
CA VAL E 234 24.71 70.91 45.96
C VAL E 234 24.09 72.05 45.12
N ILE E 235 22.77 72.21 45.24
CA ILE E 235 22.07 73.34 44.63
C ILE E 235 21.67 74.32 45.72
N THR E 236 21.99 75.59 45.49
CA THR E 236 21.75 76.65 46.47
C THR E 236 21.06 77.85 45.83
N GLU E 237 20.44 78.67 46.69
CA GLU E 237 20.21 80.04 46.31
C GLU E 237 21.21 80.83 47.14
N VAL E 238 21.99 81.66 46.47
CA VAL E 238 22.97 82.49 47.12
C VAL E 238 22.28 83.31 48.26
N SER E 239 21.04 83.67 47.98
CA SER E 239 20.14 84.38 48.85
C SER E 239 18.81 83.73 48.54
N GLN E 240 18.10 83.27 49.57
CA GLN E 240 16.89 82.51 49.28
C GLN E 240 15.78 83.46 48.84
N GLY E 241 15.17 83.18 47.69
CA GLY E 241 14.17 84.09 47.12
C GLY E 241 12.81 84.02 47.81
N VAL E 242 12.05 82.96 47.52
CA VAL E 242 10.71 82.79 48.10
C VAL E 242 10.88 82.68 49.60
N GLY E 243 11.84 81.85 50.00
CA GLY E 243 12.23 81.62 51.38
C GLY E 243 12.66 82.89 52.13
N SER E 244 13.17 83.87 51.40
CA SER E 244 13.38 85.24 51.92
C SER E 244 14.46 85.33 53.01
N THR E 245 15.71 85.01 52.63
CA THR E 245 16.85 85.09 53.54
C THR E 245 18.11 85.64 52.86
N MET E 246 19.04 86.09 53.70
CA MET E 246 20.37 86.47 53.29
C MET E 246 21.37 85.66 54.08
N PRO E 247 22.43 85.20 53.42
CA PRO E 247 23.35 84.29 54.06
C PRO E 247 24.38 85.04 54.86
N PRO E 248 25.00 84.36 55.83
CA PRO E 248 26.16 85.04 56.42
C PRO E 248 27.24 85.13 55.34
N TYR E 249 28.02 86.21 55.34
CA TYR E 249 29.00 86.41 54.27
C TYR E 249 29.90 85.20 53.96
N GLU E 250 30.25 84.39 54.97
CA GLU E 250 31.16 83.27 54.75
C GLU E 250 30.50 82.03 54.12
N TYR E 251 29.17 81.95 54.14
CA TYR E 251 28.46 80.75 53.67
C TYR E 251 28.80 80.33 52.22
N VAL E 252 28.62 81.25 51.28
CA VAL E 252 28.84 80.96 49.88
C VAL E 252 30.29 80.56 49.64
N PRO E 253 31.27 81.31 50.18
CA PRO E 253 32.60 80.82 49.90
C PRO E 253 32.91 79.43 50.49
N GLN E 254 32.26 79.08 51.61
CA GLN E 254 32.58 77.85 52.35
C GLN E 254 31.93 76.64 51.68
N ILE E 255 30.68 76.79 51.27
CA ILE E 255 30.02 75.80 50.42
C ILE E 255 30.83 75.59 49.16
N ARG E 256 31.35 76.67 48.58
CA ARG E 256 32.15 76.49 47.37
C ARG E 256 33.41 75.67 47.68
N LYS E 257 34.08 75.99 48.78
CA LYS E 257 35.29 75.29 49.15
C LYS E 257 34.95 73.83 49.51
N MET E 258 33.84 73.61 50.21
CA MET E 258 33.44 72.27 50.64
C MET E 258 33.19 71.30 49.49
N THR E 259 32.28 71.70 48.59
CA THR E 259 32.02 70.95 47.36
C THR E 259 33.32 70.58 46.63
N LYS E 260 34.28 71.50 46.53
CA LYS E 260 35.56 71.18 45.87
C LYS E 260 36.36 70.14 46.63
N GLU E 261 36.41 70.31 47.96
CA GLU E 261 37.04 69.35 48.85
C GLU E 261 36.39 67.95 48.69
N LEU E 262 35.10 67.89 48.39
CA LEU E 262 34.41 66.60 48.34
C LEU E 262 34.26 65.98 46.91
N GLY E 263 34.73 66.70 45.89
CA GLY E 263 34.62 66.31 44.48
C GLY E 263 33.18 66.37 44.04
N VAL E 264 32.49 67.44 44.41
CA VAL E 264 31.04 67.55 44.26
C VAL E 264 30.75 68.88 43.56
N LEU E 265 29.76 68.87 42.65
CA LEU E 265 29.39 70.08 41.91
C LEU E 265 28.59 71.08 42.74
N TRP E 266 28.67 72.34 42.33
CA TRP E 266 27.87 73.41 42.91
C TRP E 266 27.01 74.05 41.84
N ILE E 267 25.69 73.98 42.02
CA ILE E 267 24.72 74.62 41.16
C ILE E 267 24.29 75.88 41.91
N SER E 268 24.65 77.05 41.37
CA SER E 268 24.06 78.30 41.83
C SER E 268 22.76 78.59 41.11
N ASP E 269 21.65 78.48 41.82
CA ASP E 269 20.35 78.79 41.24
C ASP E 269 20.13 80.29 41.14
N GLU E 270 20.41 80.85 39.97
CA GLU E 270 20.37 82.32 39.80
C GLU E 270 19.09 82.77 39.12
N VAL E 271 18.06 81.92 39.18
CA VAL E 271 16.80 82.24 38.50
C VAL E 271 16.25 83.58 39.02
N LEU E 272 16.25 83.76 40.34
CA LEU E 272 15.79 85.02 40.92
C LEU E 272 16.90 86.05 41.03
N THR E 273 18.04 85.64 41.58
CA THR E 273 19.10 86.64 41.86
C THR E 273 19.91 87.05 40.61
N GLY E 274 19.64 86.47 39.45
CA GLY E 274 20.44 86.73 38.26
C GLY E 274 20.10 88.01 37.52
N PHE E 275 20.94 88.37 36.55
CA PHE E 275 20.76 89.57 35.71
C PHE E 275 20.48 90.88 36.44
N GLY E 276 21.47 91.26 37.25
CA GLY E 276 21.52 92.55 37.94
C GLY E 276 20.80 92.70 39.28
N ARG E 277 19.94 91.74 39.60
CA ARG E 277 19.01 91.85 40.73
C ARG E 277 19.69 92.38 42.00
N THR E 278 20.94 91.99 42.15
CA THR E 278 21.68 92.15 43.40
C THR E 278 22.81 93.15 43.27
N GLY E 279 22.80 93.95 42.22
CA GLY E 279 23.82 94.99 42.06
C GLY E 279 25.12 94.46 41.46
N LYS E 280 25.11 93.17 41.14
CA LYS E 280 26.13 92.58 40.26
C LYS E 280 25.47 91.72 39.17
N TRP E 281 26.24 91.24 38.19
CA TRP E 281 25.66 90.36 37.17
C TRP E 281 24.97 89.16 37.77
N PHE E 282 25.64 88.50 38.72
CA PHE E 282 25.02 87.37 39.41
C PHE E 282 25.21 87.37 40.92
N GLY E 283 24.22 86.80 41.60
CA GLY E 283 24.22 86.62 43.04
C GLY E 283 25.52 86.10 43.61
N TYR E 284 26.10 85.05 43.01
CA TYR E 284 27.36 84.47 43.51
C TYR E 284 28.53 85.43 43.44
N GLN E 285 28.46 86.40 42.52
CA GLN E 285 29.60 87.27 42.30
C GLN E 285 29.92 88.24 43.43
N HIS E 286 29.06 88.33 44.45
CA HIS E 286 29.38 89.13 45.63
C HIS E 286 30.46 88.47 46.45
N TYR E 287 30.77 87.23 46.10
CA TYR E 287 31.42 86.32 47.01
C TYR E 287 32.82 85.80 46.64
N GLY E 288 33.32 86.21 45.48
CA GLY E 288 34.62 85.74 45.02
C GLY E 288 34.73 84.25 44.66
N VAL E 289 33.64 83.64 44.24
CA VAL E 289 33.67 82.24 43.82
C VAL E 289 33.03 82.06 42.45
N GLN E 290 33.08 80.84 41.94
CA GLN E 290 32.39 80.47 40.70
C GLN E 290 31.82 79.06 40.82
N PRO E 291 30.55 78.92 40.43
CA PRO E 291 29.78 77.68 40.39
C PRO E 291 30.24 76.77 39.27
N ASP E 292 29.71 75.55 39.25
CA ASP E 292 29.97 74.65 38.15
C ASP E 292 28.86 74.80 37.14
N ILE E 293 27.67 75.13 37.62
CA ILE E 293 26.46 75.31 36.81
C ILE E 293 25.66 76.52 37.33
N ILE E 294 25.04 77.25 36.44
CA ILE E 294 24.11 78.32 36.78
C ILE E 294 22.77 77.97 36.17
N THR E 295 21.70 78.16 36.94
CA THR E 295 20.36 78.15 36.35
C THR E 295 19.81 79.60 36.20
N MET E 296 19.15 79.90 35.07
CA MET E 296 18.60 81.24 34.80
C MET E 296 17.12 81.28 34.38
N GLY E 297 16.44 82.34 34.80
CA GLY E 297 15.07 82.68 34.36
C GLY E 297 14.79 84.15 34.59
N LYS E 298 13.53 84.52 34.80
CA LYS E 298 13.17 85.89 35.26
C LYS E 298 13.90 87.02 34.53
N GLY E 299 14.96 87.50 35.18
CA GLY E 299 15.77 88.60 34.67
C GLY E 299 16.40 88.33 33.31
N LEU E 300 16.43 87.04 32.92
CA LEU E 300 16.98 86.62 31.62
C LEU E 300 16.36 87.38 30.45
N SER E 301 15.04 87.49 30.44
CA SER E 301 14.33 88.25 29.39
C SER E 301 13.55 89.40 30.03
N SER E 302 13.78 89.62 31.33
CA SER E 302 12.93 90.48 32.20
C SER E 302 11.44 90.20 32.00
N SER E 303 11.13 88.90 31.84
CA SER E 303 9.74 88.43 31.64
C SER E 303 9.02 88.97 30.36
N SER E 304 9.74 89.59 29.43
CA SER E 304 9.12 90.06 28.21
C SER E 304 8.49 88.88 27.41
N LEU E 305 9.21 87.75 27.32
CA LEU E 305 8.65 86.47 26.86
C LEU E 305 9.30 85.39 27.72
N PRO E 306 8.61 84.23 27.87
CA PRO E 306 9.16 83.22 28.78
C PRO E 306 10.47 82.66 28.27
N ALA E 307 11.52 82.79 29.06
CA ALA E 307 12.75 82.00 28.87
C ALA E 307 13.45 81.58 30.19
N GLY E 308 14.24 80.53 30.04
CA GLY E 308 15.12 80.04 31.10
C GLY E 308 16.38 79.53 30.45
N ALA E 309 17.44 79.36 31.23
CA ALA E 309 18.67 78.85 30.65
C ALA E 309 19.55 78.24 31.68
N VAL E 310 20.48 77.43 31.19
CA VAL E 310 21.50 76.83 31.99
C VAL E 310 22.85 77.06 31.31
N VAL E 311 23.86 77.31 32.14
CA VAL E 311 25.23 77.59 31.75
C VAL E 311 26.06 76.58 32.56
N VAL E 312 26.92 75.87 31.86
CA VAL E 312 27.76 74.88 32.45
C VAL E 312 29.18 75.29 32.22
N SER E 313 30.09 74.74 33.02
CA SER E 313 31.53 74.99 32.88
C SER E 313 32.09 74.39 31.60
N LYS E 314 33.31 74.78 31.24
CA LYS E 314 34.06 74.13 30.17
C LYS E 314 34.18 72.61 30.34
N GLU E 315 34.49 72.14 31.54
CA GLU E 315 34.61 70.68 31.86
C GLU E 315 33.35 69.94 31.54
N ILE E 316 32.25 70.48 32.06
CA ILE E 316 30.92 69.90 31.88
C ILE E 316 30.49 69.95 30.40
N ALA E 317 30.71 71.08 29.74
CA ALA E 317 30.47 71.23 28.32
C ALA E 317 31.23 70.16 27.52
N ALA E 318 32.50 69.95 27.86
CA ALA E 318 33.33 69.00 27.11
C ALA E 318 32.78 67.57 27.17
N PHE E 319 32.39 67.16 28.37
CA PHE E 319 31.82 65.86 28.62
C PHE E 319 30.52 65.69 27.84
N MET E 320 29.63 66.69 27.93
CA MET E 320 28.38 66.65 27.16
C MET E 320 28.63 66.55 25.63
N ASP E 321 29.67 67.23 25.16
CA ASP E 321 29.92 67.31 23.72
C ASP E 321 30.36 65.95 23.10
N LYS E 322 30.85 65.06 23.96
CA LYS E 322 31.32 63.73 23.56
C LYS E 322 30.16 62.77 23.33
N HIS E 323 28.97 63.17 23.76
CA HIS E 323 27.79 62.30 23.70
C HIS E 323 26.66 62.86 22.84
N ARG E 324 25.76 61.97 22.44
CA ARG E 324 24.46 62.40 21.90
C ARG E 324 23.52 62.37 23.11
N TRP E 325 23.03 63.55 23.46
CA TRP E 325 22.09 63.79 24.55
C TRP E 325 20.68 63.62 24.00
N GLU E 326 19.91 62.70 24.58
CA GLU E 326 18.59 62.33 24.06
C GLU E 326 17.45 63.10 24.73
N SER E 327 17.57 64.42 24.68
CA SER E 327 16.66 65.33 25.39
C SER E 327 16.06 66.35 24.42
N VAL E 328 14.72 66.46 24.44
CA VAL E 328 13.97 67.36 23.56
C VAL E 328 12.94 68.15 24.31
N SER E 329 12.98 69.45 24.08
CA SER E 329 12.05 70.37 24.70
C SER E 329 11.50 71.21 23.58
N THR E 330 10.20 71.10 23.29
CA THR E 330 9.65 71.69 22.04
C THR E 330 10.07 73.14 21.81
N TYR E 331 9.72 73.99 22.77
CA TYR E 331 9.97 75.44 22.67
C TYR E 331 11.34 75.89 23.14
N ALA E 332 12.19 74.93 23.50
CA ALA E 332 13.54 75.25 23.93
C ALA E 332 14.20 75.97 22.79
N GLY E 333 14.58 77.22 23.02
CA GLY E 333 15.33 78.00 22.06
C GLY E 333 14.48 78.84 21.15
N HIS E 334 13.16 78.84 21.43
CA HIS E 334 12.17 79.61 20.63
C HIS E 334 12.74 80.90 20.10
N PRO E 335 12.82 81.05 18.77
CA PRO E 335 13.49 82.19 18.13
C PRO E 335 13.01 83.59 18.54
N VAL E 336 11.70 83.75 18.77
CA VAL E 336 11.18 85.06 19.23
C VAL E 336 11.58 85.28 20.69
N ALA E 337 11.49 84.23 21.51
CA ALA E 337 11.98 84.26 22.91
C ALA E 337 13.45 84.69 22.95
N MET E 338 14.27 84.22 22.00
CA MET E 338 15.67 84.62 21.96
C MET E 338 15.91 86.08 21.54
N ALA E 339 15.11 86.58 20.60
CA ALA E 339 15.26 87.97 20.20
C ALA E 339 14.89 88.89 21.36
N ALA E 340 13.91 88.47 22.15
CA ALA E 340 13.54 89.14 23.40
C ALA E 340 14.72 89.22 24.36
N VAL E 341 15.42 88.08 24.48
CA VAL E 341 16.58 87.93 25.36
C VAL E 341 17.75 88.82 24.95
N CYS E 342 18.19 88.72 23.70
CA CYS E 342 19.26 89.58 23.17
C CYS E 342 19.04 91.06 23.51
N ALA E 343 17.84 91.55 23.22
CA ALA E 343 17.56 92.97 23.33
C ALA E 343 17.56 93.38 24.78
N ASN E 344 16.91 92.54 25.60
CA ASN E 344 16.95 92.66 27.06
C ASN E 344 18.38 92.83 27.56
N LEU E 345 19.26 91.92 27.15
CA LEU E 345 20.65 92.01 27.61
C LEU E 345 21.43 93.21 27.03
N GLU E 346 21.20 93.52 25.75
CA GLU E 346 21.83 94.70 25.14
C GLU E 346 21.40 95.99 25.78
N VAL E 347 20.15 96.06 26.21
CA VAL E 347 19.72 97.22 27.01
C VAL E 347 20.37 97.27 28.41
N MET E 348 20.37 96.15 29.14
CA MET E 348 21.03 96.09 30.45
C MET E 348 22.49 96.48 30.39
N MET E 349 23.20 96.01 29.38
CA MET E 349 24.62 96.32 29.31
C MET E 349 24.84 97.79 28.99
N GLU E 350 23.99 98.33 28.12
CA GLU E 350 24.15 99.66 27.58
C GLU E 350 23.68 100.76 28.54
N GLU E 351 22.59 100.54 29.27
CA GLU E 351 22.14 101.52 30.26
C GLU E 351 22.95 101.37 31.54
N ASN E 352 23.91 100.43 31.56
CA ASN E 352 24.74 100.14 32.74
C ASN E 352 23.86 99.80 33.93
N LEU E 353 22.82 99.01 33.66
CA LEU E 353 21.81 98.61 34.64
C LEU E 353 22.30 97.95 35.95
N VAL E 354 23.44 97.24 35.88
CA VAL E 354 23.99 96.56 37.05
C VAL E 354 24.49 97.65 38.01
N GLU E 355 25.20 98.62 37.46
CA GLU E 355 25.80 99.70 38.20
C GLU E 355 24.73 100.60 38.82
N GLN E 356 23.76 101.00 38.01
CA GLN E 356 22.54 101.59 38.50
C GLN E 356 21.91 100.80 39.67
N ALA E 357 21.95 99.47 39.58
CA ALA E 357 21.28 98.66 40.57
C ALA E 357 22.03 98.66 41.90
N LYS E 358 23.36 98.54 41.86
CA LYS E 358 24.20 98.66 43.05
C LYS E 358 23.85 99.96 43.80
N ASN E 359 23.69 101.01 43.02
CA ASN E 359 23.53 102.32 43.55
C ASN E 359 22.18 102.52 44.19
N SER E 360 21.13 101.99 43.55
CA SER E 360 19.83 102.11 44.17
C SER E 360 19.74 101.23 45.44
N GLY E 361 20.46 100.09 45.43
CA GLY E 361 20.67 99.25 46.64
C GLY E 361 21.27 100.03 47.83
N GLU E 362 22.36 100.75 47.57
CA GLU E 362 22.99 101.55 48.61
C GLU E 362 22.07 102.67 49.10
N TYR E 363 21.22 103.17 48.22
CA TYR E 363 20.18 104.13 48.61
C TYR E 363 19.12 103.48 49.47
N ILE E 364 18.61 102.31 49.07
CA ILE E 364 17.58 101.60 49.84
C ILE E 364 18.07 101.16 51.24
N ARG E 365 19.28 100.58 51.32
CA ARG E 365 19.89 100.31 52.62
C ARG E 365 19.70 101.46 53.58
N SER E 366 19.99 102.68 53.12
CA SER E 366 19.94 103.81 54.00
C SER E 366 18.49 104.23 54.30
N LYS E 367 17.55 103.94 53.39
CA LYS E 367 16.14 104.28 53.65
C LYS E 367 15.59 103.32 54.70
N LEU E 368 16.00 102.04 54.60
CA LEU E 368 15.57 101.02 55.53
C LEU E 368 16.14 101.27 56.93
N GLU E 369 17.37 101.76 57.02
CA GLU E 369 18.02 102.13 58.28
C GLU E 369 17.13 103.08 59.09
N LEU E 370 16.73 104.19 58.44
CA LEU E 370 15.82 105.19 59.00
C LEU E 370 14.48 104.54 59.41
N LEU E 371 13.96 103.66 58.55
CA LEU E 371 12.75 102.97 58.88
C LEU E 371 12.95 102.08 60.10
N GLN E 372 14.17 101.54 60.25
CA GLN E 372 14.47 100.70 61.40
C GLN E 372 14.49 101.51 62.73
N GLU E 373 15.15 102.67 62.72
CA GLU E 373 15.11 103.64 63.81
C GLU E 373 13.68 104.05 64.20
N LYS E 374 12.82 104.20 63.20
CA LYS E 374 11.46 104.72 63.39
C LYS E 374 10.42 103.65 63.70
N HIS E 375 10.82 102.37 63.65
CA HIS E 375 9.90 101.22 63.73
C HIS E 375 10.54 99.97 64.37
N LYS E 376 10.17 99.67 65.63
CA LYS E 376 10.71 98.52 66.36
C LYS E 376 10.24 97.14 65.81
N SER E 377 9.24 97.16 64.93
CA SER E 377 8.72 95.93 64.35
C SER E 377 9.63 95.40 63.23
N ILE E 378 10.51 96.25 62.71
CA ILE E 378 11.57 95.74 61.83
C ILE E 378 12.66 95.15 62.72
N GLY E 379 12.61 93.82 62.92
CA GLY E 379 13.64 93.09 63.64
C GLY E 379 14.95 93.13 62.87
N ASN E 380 14.86 92.95 61.57
CA ASN E 380 16.07 92.87 60.79
C ASN E 380 15.88 93.12 59.32
N PHE E 381 16.93 93.64 58.69
CA PHE E 381 16.99 93.75 57.25
C PHE E 381 18.38 93.49 56.68
N ASP E 382 18.40 93.00 55.44
CA ASP E 382 19.62 92.84 54.64
C ASP E 382 19.26 92.68 53.15
N GLY E 383 20.26 92.95 52.30
CA GLY E 383 20.14 92.74 50.88
C GLY E 383 21.26 93.40 50.09
N TYR E 384 20.89 93.82 48.88
CA TYR E 384 21.78 94.42 47.89
C TYR E 384 20.99 94.59 46.59
N GLY E 385 21.33 95.63 45.85
CA GLY E 385 20.60 95.96 44.65
C GLY E 385 19.11 96.11 44.91
N LEU E 386 18.31 95.47 44.04
CA LEU E 386 16.87 95.60 44.12
C LEU E 386 16.28 94.33 44.71
N LEU E 387 16.99 93.76 45.67
CA LEU E 387 16.47 92.65 46.45
C LEU E 387 16.76 92.80 47.93
N TRP E 388 15.71 93.04 48.72
CA TRP E 388 15.84 93.33 50.15
C TRP E 388 14.89 92.50 51.01
N ILE E 389 15.44 91.80 51.99
CA ILE E 389 14.65 91.06 52.96
C ILE E 389 14.59 91.81 54.30
N VAL E 390 13.37 91.86 54.86
CA VAL E 390 13.07 92.63 56.03
C VAL E 390 12.29 91.75 57.00
N ASP E 391 12.94 91.41 58.11
CA ASP E 391 12.30 90.53 59.08
C ASP E 391 11.39 91.31 59.98
N ILE E 392 10.11 90.98 59.91
CA ILE E 392 9.03 91.64 60.67
C ILE E 392 8.74 90.90 62.00
N VAL E 393 8.91 91.63 63.10
CA VAL E 393 8.77 91.07 64.45
C VAL E 393 7.74 91.81 65.30
N ASN E 394 7.32 91.21 66.41
CA ASN E 394 6.40 91.88 67.36
C ASN E 394 7.17 92.91 68.17
N ALA E 395 6.73 94.17 68.17
CA ALA E 395 7.46 95.22 68.89
C ALA E 395 7.69 94.97 70.43
N LYS E 396 6.80 94.20 71.07
CA LYS E 396 6.84 93.94 72.51
C LYS E 396 7.74 92.78 72.97
N THR E 397 7.57 91.63 72.34
CA THR E 397 8.30 90.40 72.65
C THR E 397 9.61 90.32 71.87
N LYS E 398 9.76 91.23 70.92
CA LYS E 398 10.83 91.19 69.89
C LYS E 398 10.89 89.89 69.04
N THR E 399 9.87 89.03 69.14
CA THR E 399 9.80 87.80 68.33
C THR E 399 8.79 87.88 67.19
N PRO E 400 8.84 86.92 66.23
CA PRO E 400 7.96 86.97 65.06
C PRO E 400 6.50 86.71 65.46
N TYR E 401 5.56 87.29 64.73
CA TYR E 401 4.14 87.12 65.02
C TYR E 401 3.67 85.68 64.76
N VAL E 402 4.13 85.10 63.65
CA VAL E 402 3.63 83.83 63.19
C VAL E 402 4.68 82.75 63.45
N LYS E 403 4.48 82.01 64.54
CA LYS E 403 5.46 81.09 65.08
C LYS E 403 6.08 80.10 64.08
N LEU E 404 5.28 79.45 63.23
CA LEU E 404 5.87 78.51 62.28
C LEU E 404 6.77 79.15 61.20
N ASP E 405 6.76 80.50 61.14
CA ASP E 405 7.61 81.29 60.25
C ASP E 405 7.72 80.69 58.82
N ARG E 406 8.91 80.34 58.34
CA ARG E 406 9.06 79.91 56.93
C ARG E 406 8.58 78.46 56.68
N ASN E 407 8.16 77.80 57.78
CA ASN E 407 7.58 76.47 57.75
C ASN E 407 6.04 76.45 57.77
N PHE E 408 5.41 77.60 57.62
CA PHE E 408 3.95 77.72 57.60
C PHE E 408 3.33 77.16 56.32
N ARG E 409 2.01 77.13 56.31
CA ARG E 409 1.28 76.95 55.06
C ARG E 409 0.09 77.92 54.99
N HIS E 410 -0.42 78.11 53.78
CA HIS E 410 -1.42 79.13 53.49
C HIS E 410 -2.81 78.83 54.02
N GLY E 411 -2.94 77.87 54.94
CA GLY E 411 -4.25 77.55 55.49
C GLY E 411 -4.70 78.56 56.52
N MET E 412 -3.76 79.35 57.00
CA MET E 412 -4.08 80.33 58.03
C MET E 412 -4.76 81.57 57.46
N ASN E 413 -5.52 82.19 58.34
CA ASN E 413 -6.17 83.48 58.05
C ASN E 413 -5.17 84.58 57.73
N PRO E 414 -5.20 85.10 56.48
CA PRO E 414 -4.27 86.15 56.06
C PRO E 414 -4.30 87.39 56.98
N ASN E 415 -5.45 87.72 57.58
CA ASN E 415 -5.59 88.91 58.47
C ASN E 415 -4.72 88.82 59.73
N GLN E 416 -4.07 87.66 59.89
CA GLN E 416 -3.14 87.41 60.96
C GLN E 416 -1.71 87.26 60.49
N ILE E 417 -1.47 87.50 59.20
CA ILE E 417 -0.13 87.45 58.63
C ILE E 417 0.44 88.87 58.49
N PRO E 418 1.54 89.18 59.20
CA PRO E 418 2.06 90.56 59.13
C PRO E 418 2.36 90.99 57.69
N THR E 419 2.87 90.09 56.85
CA THR E 419 3.13 90.45 55.44
C THR E 419 1.86 90.71 54.63
N GLN E 420 0.72 90.20 55.08
CA GLN E 420 -0.55 90.49 54.42
C GLN E 420 -1.05 91.86 54.89
N ILE E 421 -0.77 92.17 56.15
CA ILE E 421 -1.23 93.40 56.75
C ILE E 421 -0.51 94.62 56.18
N ILE E 422 0.81 94.52 56.06
CA ILE E 422 1.64 95.57 55.46
C ILE E 422 1.15 95.84 54.04
N MET E 423 0.96 94.74 53.29
CA MET E 423 0.47 94.74 51.93
C MET E 423 -0.80 95.54 51.75
N GLU E 424 -1.84 95.20 52.50
CA GLU E 424 -3.15 95.85 52.29
C GLU E 424 -3.08 97.34 52.64
N LYS E 425 -2.40 97.66 53.74
CA LYS E 425 -2.24 99.05 54.11
C LYS E 425 -1.37 99.80 53.10
N ALA E 426 -0.39 99.12 52.49
CA ALA E 426 0.41 99.75 51.44
C ALA E 426 -0.44 100.08 50.23
N LEU E 427 -1.30 99.13 49.84
CA LEU E 427 -2.20 99.25 48.71
C LEU E 427 -3.06 100.49 48.82
N GLU E 428 -3.26 100.96 50.06
CA GLU E 428 -4.04 102.18 50.32
C GLU E 428 -3.31 103.44 49.86
N LYS E 429 -1.98 103.38 49.78
CA LYS E 429 -1.22 104.52 49.25
C LYS E 429 -0.88 104.41 47.75
N GLY E 430 -1.21 103.27 47.13
CA GLY E 430 -0.97 103.04 45.70
C GLY E 430 0.17 102.07 45.39
N VAL E 431 0.84 101.57 46.43
CA VAL E 431 2.09 100.86 46.30
C VAL E 431 1.93 99.39 46.69
N LEU E 432 2.18 98.49 45.74
CA LEU E 432 2.25 97.05 45.99
C LEU E 432 3.59 96.65 46.57
N ILE E 433 3.58 96.26 47.84
CA ILE E 433 4.78 95.86 48.56
C ILE E 433 4.40 94.81 49.60
N GLY E 434 5.32 93.88 49.91
CA GLY E 434 5.04 92.81 50.88
C GLY E 434 5.96 91.61 50.78
N GLY E 435 5.41 90.40 50.87
CA GLY E 435 6.24 89.21 50.60
C GLY E 435 5.56 87.86 50.68
N ALA E 436 6.29 86.80 50.33
CA ALA E 436 5.67 85.46 50.31
C ALA E 436 5.60 84.82 51.71
N MET E 437 6.63 85.08 52.51
CA MET E 437 6.74 84.49 53.84
C MET E 437 5.94 85.33 54.82
N PRO E 438 5.50 84.74 55.94
CA PRO E 438 4.56 85.47 56.81
C PRO E 438 5.20 86.58 57.63
N ASN E 439 6.44 86.41 58.03
CA ASN E 439 7.12 87.35 58.90
C ASN E 439 8.26 88.02 58.15
N THR E 440 8.32 87.83 56.84
CA THR E 440 9.44 88.39 56.09
C THR E 440 8.99 89.06 54.80
N MET E 441 9.38 90.32 54.65
CA MET E 441 9.10 91.06 53.44
C MET E 441 10.15 90.77 52.40
N ARG E 442 9.73 90.75 51.14
CA ARG E 442 10.65 90.49 50.02
C ARG E 442 10.45 91.61 49.02
N ILE E 443 11.26 92.66 49.13
CA ILE E 443 11.10 93.89 48.37
C ILE E 443 12.01 93.91 47.14
N GLY E 444 11.38 94.06 45.97
CA GLY E 444 12.07 94.17 44.67
C GLY E 444 11.39 95.17 43.74
N ALA E 445 12.18 95.88 42.95
CA ALA E 445 11.68 96.78 41.90
C ALA E 445 12.56 96.65 40.64
N SER E 446 12.30 97.43 39.60
CA SER E 446 13.14 97.40 38.41
C SER E 446 14.52 97.92 38.79
N LEU E 447 15.57 97.40 38.15
CA LEU E 447 16.96 97.91 38.29
C LEU E 447 17.06 99.43 38.04
N ASN E 448 16.28 99.92 37.07
CA ASN E 448 16.20 101.34 36.75
C ASN E 448 15.10 102.08 37.50
N VAL E 449 14.56 101.47 38.57
CA VAL E 449 13.62 102.16 39.44
C VAL E 449 14.14 103.58 39.77
N SER E 450 13.28 104.57 39.68
CA SER E 450 13.65 105.94 40.06
C SER E 450 13.71 106.19 41.57
N ARG E 451 14.49 107.20 41.97
CA ARG E 451 14.60 107.64 43.36
C ARG E 451 13.25 108.03 43.95
N GLY E 452 12.48 108.81 43.18
CA GLY E 452 11.11 109.21 43.52
C GLY E 452 10.17 108.06 43.88
N ASP E 453 10.28 106.95 43.14
CA ASP E 453 9.43 105.79 43.36
C ASP E 453 9.87 105.03 44.60
N ILE E 454 11.19 104.84 44.73
CA ILE E 454 11.79 104.27 45.95
C ILE E 454 11.32 105.08 47.16
N ASP E 455 11.39 106.43 47.10
CA ASP E 455 10.92 107.26 48.21
C ASP E 455 9.44 106.98 48.53
N LYS E 456 8.62 106.87 47.46
CA LYS E 456 7.17 106.72 47.59
C LYS E 456 6.80 105.39 48.25
N ALA E 457 7.45 104.31 47.78
CA ALA E 457 7.27 102.97 48.35
C ALA E 457 7.69 102.96 49.80
N MET E 458 8.84 103.56 50.08
CA MET E 458 9.37 103.58 51.41
C MET E 458 8.48 104.34 52.39
N ASP E 459 7.84 105.44 51.94
CA ASP E 459 6.77 106.08 52.74
C ASP E 459 5.63 105.12 53.02
N ALA E 460 5.23 104.41 51.96
CA ALA E 460 4.07 103.54 52.01
C ALA E 460 4.31 102.45 53.01
N LEU E 461 5.58 102.06 53.17
CA LEU E 461 5.95 101.00 54.12
C LEU E 461 5.88 101.61 55.52
N ASP E 462 6.42 102.82 55.63
CA ASP E 462 6.40 103.60 56.84
C ASP E 462 4.96 103.73 57.38
N TYR E 463 4.05 104.24 56.54
CA TYR E 463 2.60 104.25 56.80
C TYR E 463 2.06 102.87 57.20
N ALA E 464 2.50 101.82 56.49
CA ALA E 464 2.02 100.45 56.79
C ALA E 464 2.52 99.92 58.15
N LEU E 465 3.79 100.11 58.45
CA LEU E 465 4.37 99.68 59.71
C LEU E 465 3.75 100.45 60.87
N ASP E 466 3.31 101.68 60.61
CA ASP E 466 2.56 102.46 61.59
C ASP E 466 1.32 101.67 62.00
N TYR E 467 0.59 101.17 61.02
CA TYR E 467 -0.63 100.41 61.30
C TYR E 467 -0.37 99.06 61.96
N LEU E 468 0.63 98.31 61.49
CA LEU E 468 1.06 97.07 62.15
C LEU E 468 1.36 97.22 63.65
N GLU E 469 2.19 98.19 63.99
CA GLU E 469 2.65 98.45 65.35
C GLU E 469 1.59 98.92 66.33
N SER E 470 0.54 99.57 65.83
CA SER E 470 -0.60 100.00 66.63
C SER E 470 -1.47 98.80 67.03
N GLY E 471 -1.52 97.81 66.16
CA GLY E 471 -2.16 96.55 66.46
C GLY E 471 -3.68 96.53 66.42
N GLU E 472 -4.29 97.56 65.82
CA GLU E 472 -5.75 97.55 65.52
C GLU E 472 -6.23 96.36 64.63
N TRP E 473 -5.31 95.72 63.93
CA TRP E 473 -5.65 94.63 63.02
C TRP E 473 -5.99 93.33 63.76
N GLN E 474 -5.94 93.33 65.09
CA GLN E 474 -5.90 92.07 65.83
C GLN E 474 -7.22 91.62 66.46
N LYS F 7 21.64 93.26 8.49
CA LYS F 7 22.61 92.41 7.75
C LYS F 7 23.34 91.51 8.75
N ILE F 8 22.90 90.25 8.79
CA ILE F 8 23.39 89.29 9.76
C ILE F 8 24.65 88.62 9.23
N ASN F 9 25.66 88.51 10.08
CA ASN F 9 26.77 87.62 9.77
C ASN F 9 26.41 86.17 10.11
N TRP F 10 26.03 85.41 9.09
CA TRP F 10 25.62 84.02 9.30
C TRP F 10 26.76 83.05 9.51
N GLU F 11 27.97 83.40 9.06
CA GLU F 11 29.13 82.57 9.38
C GLU F 11 29.44 82.66 10.89
N GLN F 12 29.40 83.88 11.42
CA GLN F 12 29.59 84.10 12.84
C GLN F 12 28.45 83.46 13.65
N VAL F 13 27.24 83.48 13.07
CA VAL F 13 26.10 82.84 13.70
C VAL F 13 26.43 81.34 13.80
N LYS F 14 27.09 80.81 12.77
CA LYS F 14 27.49 79.41 12.77
C LYS F 14 28.59 79.09 13.78
N GLU F 15 29.62 79.94 13.88
CA GLU F 15 30.67 79.78 14.90
C GLU F 15 30.11 79.74 16.33
N TRP F 16 29.31 80.77 16.65
CA TRP F 16 28.66 80.93 17.94
C TRP F 16 27.73 79.79 18.29
N ASP F 17 27.00 79.27 17.29
CA ASP F 17 26.07 78.16 17.51
C ASP F 17 26.86 76.90 17.85
N ARG F 18 27.94 76.68 17.10
CA ARG F 18 28.88 75.62 17.40
C ARG F 18 29.49 75.80 18.79
N LYS F 19 29.90 77.01 19.14
CA LYS F 19 30.77 77.22 20.30
C LYS F 19 30.06 77.30 21.67
N TYR F 20 28.88 77.92 21.70
CA TYR F 20 28.23 78.32 22.95
C TYR F 20 26.93 77.62 23.22
N LEU F 21 26.45 76.84 22.24
CA LEU F 21 25.26 75.99 22.48
C LEU F 21 25.53 74.50 22.78
N MET F 22 24.88 74.00 23.84
CA MET F 22 24.92 72.60 24.22
C MET F 22 24.18 71.85 23.12
N ARG F 23 24.78 70.75 22.67
CA ARG F 23 24.17 69.91 21.62
C ARG F 23 23.05 69.04 22.21
N THR F 24 22.05 68.77 21.38
CA THR F 24 21.08 67.71 21.64
C THR F 24 21.13 66.77 20.47
N PHE F 25 21.10 65.47 20.74
CA PHE F 25 21.00 64.40 19.74
C PHE F 25 22.22 64.16 18.86
N SER F 26 23.23 65.01 18.96
CA SER F 26 24.47 64.92 18.19
C SER F 26 25.63 65.19 19.09
N THR F 27 26.77 64.53 18.82
CA THR F 27 28.03 64.91 19.42
C THR F 27 28.46 66.23 18.80
N GLN F 28 29.33 66.94 19.50
CA GLN F 28 29.88 68.19 18.99
C GLN F 28 30.60 68.04 17.63
N ASN F 29 31.37 66.97 17.48
CA ASN F 29 32.17 66.67 16.31
C ASN F 29 31.35 66.40 15.06
N GLU F 30 30.25 65.67 15.20
CA GLU F 30 29.43 65.34 14.03
C GLU F 30 28.46 66.47 13.63
N TYR F 31 28.38 67.47 14.50
CA TYR F 31 27.38 68.51 14.43
C TYR F 31 27.67 69.43 13.29
N GLN F 32 26.64 69.69 12.49
CA GLN F 32 26.71 70.70 11.42
C GLN F 32 25.44 71.50 11.62
N PRO F 33 25.59 72.76 12.00
CA PRO F 33 24.40 73.54 12.24
C PRO F 33 23.62 73.70 10.93
N VAL F 34 22.28 73.64 11.01
CA VAL F 34 21.38 74.05 9.92
C VAL F 34 20.63 75.33 10.30
N PRO F 35 21.18 76.51 9.91
CA PRO F 35 20.49 77.77 10.18
C PRO F 35 19.25 77.97 9.33
N ILE F 36 18.24 78.59 9.93
CA ILE F 36 16.97 78.95 9.26
C ILE F 36 16.80 80.44 9.48
N GLU F 37 16.82 81.21 8.39
CA GLU F 37 16.80 82.66 8.47
C GLU F 37 15.41 83.20 8.76
N SER F 38 14.41 82.52 8.24
CA SER F 38 13.01 82.91 8.38
C SER F 38 12.13 81.70 8.04
N THR F 39 10.83 81.82 8.33
CA THR F 39 9.86 80.81 7.87
C THR F 39 8.60 81.49 7.26
N GLU F 40 7.89 80.76 6.40
CA GLU F 40 6.58 81.19 5.87
C GLU F 40 5.78 79.94 5.46
N GLY F 41 4.55 79.82 5.98
CA GLY F 41 3.64 78.74 5.61
C GLY F 41 4.13 77.39 6.06
N ASP F 42 4.42 76.53 5.09
CA ASP F 42 4.97 75.20 5.32
C ASP F 42 6.48 75.10 5.01
N TYR F 43 7.10 76.24 4.71
CA TYR F 43 8.50 76.34 4.33
C TYR F 43 9.48 76.91 5.35
N LEU F 44 10.72 76.43 5.30
CA LEU F 44 11.83 77.00 6.05
C LEU F 44 12.82 77.56 5.04
N ILE F 45 13.46 78.68 5.37
CA ILE F 45 14.25 79.43 4.37
C ILE F 45 15.64 79.72 4.91
N THR F 46 16.66 79.24 4.20
CA THR F 46 18.04 79.31 4.69
C THR F 46 18.60 80.69 4.42
N PRO F 47 19.77 81.01 5.00
CA PRO F 47 20.37 82.30 4.74
C PRO F 47 20.65 82.55 3.23
N GLY F 48 21.05 81.49 2.51
CA GLY F 48 21.31 81.59 1.08
C GLY F 48 20.07 81.57 0.21
N GLY F 49 18.96 81.10 0.77
CA GLY F 49 17.68 81.10 0.06
C GLY F 49 17.12 79.75 -0.40
N THR F 50 17.69 78.65 0.09
CA THR F 50 17.07 77.34 -0.11
C THR F 50 15.74 77.39 0.65
N ARG F 51 14.66 76.98 -0.02
CA ARG F 51 13.32 76.87 0.59
C ARG F 51 13.02 75.41 0.80
N LEU F 52 12.88 75.06 2.07
CA LEU F 52 12.74 73.67 2.51
C LEU F 52 11.28 73.40 2.88
N LEU F 53 10.66 72.43 2.19
CA LEU F 53 9.30 72.03 2.55
C LEU F 53 9.33 71.19 3.83
N ASP F 54 8.68 71.70 4.90
CA ASP F 54 8.76 71.07 6.21
C ASP F 54 7.60 70.12 6.52
N PHE F 55 7.79 68.87 6.14
CA PHE F 55 6.80 67.85 6.45
C PHE F 55 7.05 67.09 7.78
N PHE F 56 7.81 67.73 8.68
CA PHE F 56 7.78 67.36 10.10
C PHE F 56 6.81 68.29 10.79
N ASN F 57 6.45 69.40 10.11
CA ASN F 57 5.82 70.57 10.75
C ASN F 57 6.56 70.83 12.08
N GLN F 58 7.89 70.83 11.97
CA GLN F 58 8.80 71.02 13.10
C GLN F 58 8.68 69.85 14.06
N LEU F 59 7.72 69.93 14.97
CA LEU F 59 7.47 68.84 15.87
C LEU F 59 5.97 68.62 16.00
N CYS F 60 5.27 68.57 14.86
CA CYS F 60 3.79 68.52 14.80
C CYS F 60 3.15 69.61 15.71
N CYS F 61 3.76 70.78 15.63
CA CYS F 61 3.43 71.87 16.52
C CYS F 61 3.14 73.22 15.85
N VAL F 62 3.17 73.26 14.52
CA VAL F 62 2.98 74.54 13.81
C VAL F 62 1.69 74.52 12.98
N ASN F 63 0.64 74.07 13.65
CA ASN F 63 -0.65 73.74 13.05
C ASN F 63 -1.20 74.78 12.06
N LEU F 64 -1.16 76.05 12.47
CA LEU F 64 -1.65 77.20 11.69
C LEU F 64 -0.78 77.51 10.49
N GLY F 65 0.47 77.10 10.57
CA GLY F 65 1.43 77.49 9.58
C GLY F 65 2.40 78.46 10.20
N GLN F 66 3.59 78.48 9.63
CA GLN F 66 4.65 79.35 10.08
C GLN F 66 4.30 80.81 9.83
N LYS F 67 4.47 81.65 10.85
CA LYS F 67 4.38 83.09 10.73
C LYS F 67 3.06 83.52 10.10
N ASN F 68 1.95 83.15 10.74
CA ASN F 68 0.63 83.58 10.29
C ASN F 68 0.48 85.09 10.59
N GLN F 69 0.04 85.89 9.61
CA GLN F 69 0.15 87.34 9.71
C GLN F 69 -0.76 87.93 10.80
N LYS F 70 -1.97 87.38 10.93
CA LYS F 70 -2.93 87.77 11.95
C LYS F 70 -2.39 87.46 13.35
N VAL F 71 -1.85 86.25 13.54
CA VAL F 71 -1.29 85.87 14.85
C VAL F 71 -0.18 86.83 15.25
N ASN F 72 0.72 87.15 14.31
CA ASN F 72 1.85 88.00 14.66
C ASN F 72 1.40 89.43 14.91
N ALA F 73 0.44 89.90 14.11
CA ALA F 73 -0.14 91.22 14.30
C ALA F 73 -0.86 91.35 15.65
N ALA F 74 -1.53 90.28 16.09
CA ALA F 74 -2.22 90.25 17.40
C ALA F 74 -1.22 90.33 18.57
N ILE F 75 -0.13 89.58 18.41
CA ILE F 75 1.02 89.67 19.30
C ILE F 75 1.59 91.08 19.35
N LYS F 76 1.79 91.70 18.18
CA LYS F 76 2.39 93.04 18.11
C LYS F 76 1.52 94.04 18.86
N GLU F 77 0.21 93.86 18.71
CA GLU F 77 -0.78 94.73 19.35
C GLU F 77 -0.71 94.58 20.87
N ALA F 78 -0.64 93.33 21.31
CA ALA F 78 -0.51 92.99 22.72
C ALA F 78 0.69 93.68 23.36
N LEU F 79 1.74 93.89 22.57
CA LEU F 79 2.95 94.57 23.05
C LEU F 79 2.77 96.07 23.33
N ASP F 80 1.70 96.67 22.79
CA ASP F 80 1.39 98.06 23.16
C ASP F 80 0.84 98.12 24.55
N ARG F 81 0.56 96.97 25.15
CA ARG F 81 -0.01 96.94 26.48
C ARG F 81 0.93 96.29 27.46
N TYR F 82 1.61 95.23 27.04
CA TYR F 82 2.48 94.43 27.93
C TYR F 82 3.89 94.22 27.32
N GLY F 83 4.96 94.04 28.12
CA GLY F 83 4.96 93.94 29.59
C GLY F 83 4.58 92.58 30.13
N PHE F 84 4.47 92.47 31.45
CA PHE F 84 4.23 91.18 32.15
C PHE F 84 3.43 91.31 33.45
N VAL F 85 2.46 90.42 33.65
CA VAL F 85 1.92 90.16 35.01
C VAL F 85 1.86 88.68 35.24
N TRP F 86 2.02 88.29 36.49
CA TRP F 86 1.91 86.87 36.84
C TRP F 86 0.47 86.44 37.10
N ASP F 87 0.28 85.16 37.26
CA ASP F 87 -1.03 84.55 37.30
C ASP F 87 -1.98 85.10 38.41
N THR F 88 -1.45 85.86 39.38
CA THR F 88 -2.34 86.47 40.37
C THR F 88 -3.16 87.64 39.84
N TYR F 89 -2.75 88.23 38.73
CA TYR F 89 -3.56 89.26 38.08
C TYR F 89 -4.32 88.70 36.88
N ALA F 90 -5.49 89.27 36.63
CA ALA F 90 -6.31 88.87 35.49
C ALA F 90 -6.06 89.80 34.35
N THR F 91 -6.10 89.27 33.15
CA THR F 91 -5.97 90.10 31.98
C THR F 91 -7.01 89.64 30.99
N ASP F 92 -7.35 90.47 30.01
CA ASP F 92 -8.35 90.10 29.02
C ASP F 92 -7.91 88.89 28.24
N TYR F 93 -6.61 88.84 27.91
CA TYR F 93 -6.09 87.81 27.02
C TYR F 93 -6.19 86.46 27.67
N LYS F 94 -5.98 86.39 28.97
CA LYS F 94 -5.94 85.07 29.64
C LYS F 94 -7.38 84.58 29.72
N ALA F 95 -8.25 85.52 30.06
CA ALA F 95 -9.66 85.28 30.30
C ALA F 95 -10.36 84.83 29.00
N LYS F 96 -10.04 85.48 27.89
CA LYS F 96 -10.57 85.06 26.59
C LYS F 96 -10.11 83.63 26.18
N ALA F 97 -8.83 83.35 26.39
CA ALA F 97 -8.23 82.09 26.00
C ALA F 97 -8.95 80.94 26.67
N ALA F 98 -9.25 81.10 27.95
CA ALA F 98 -9.87 80.03 28.73
C ALA F 98 -11.28 79.83 28.20
N LYS F 99 -11.91 80.97 27.92
CA LYS F 99 -13.29 81.02 27.46
C LYS F 99 -13.43 80.41 26.08
N ILE F 100 -12.52 80.76 25.17
CA ILE F 100 -12.49 80.16 23.84
C ILE F 100 -12.37 78.63 23.95
N ILE F 101 -11.46 78.16 24.81
CA ILE F 101 -11.27 76.74 25.02
C ILE F 101 -12.55 76.07 25.51
N ILE F 102 -13.15 76.63 26.56
CA ILE F 102 -14.28 76.01 27.24
C ILE F 102 -15.59 76.18 26.49
N GLU F 103 -15.97 77.42 26.20
CA GLU F 103 -17.28 77.71 25.59
C GLU F 103 -17.34 77.51 24.09
N ASP F 104 -16.23 77.76 23.41
CA ASP F 104 -16.32 77.79 21.96
C ASP F 104 -15.84 76.52 21.31
N ILE F 105 -14.59 76.16 21.60
CA ILE F 105 -14.00 74.95 21.09
C ILE F 105 -14.71 73.73 21.70
N LEU F 106 -14.78 73.69 23.02
CA LEU F 106 -15.34 72.55 23.71
C LEU F 106 -16.80 72.72 24.09
N GLY F 107 -17.46 73.71 23.47
CA GLY F 107 -18.83 74.09 23.86
C GLY F 107 -19.90 73.02 23.70
N ASP F 108 -19.68 72.09 22.77
CA ASP F 108 -20.61 70.99 22.52
C ASP F 108 -20.56 69.87 23.56
N GLU F 109 -19.51 69.88 24.39
CA GLU F 109 -19.29 68.85 25.40
C GLU F 109 -19.44 69.49 26.76
N ASP F 110 -20.06 68.78 27.70
CA ASP F 110 -20.41 69.41 28.98
C ASP F 110 -19.58 69.03 30.20
N TRP F 111 -18.63 68.09 30.03
CA TRP F 111 -17.70 67.68 31.10
C TRP F 111 -16.64 68.75 31.50
N PRO F 112 -16.25 69.68 30.57
CA PRO F 112 -15.10 70.55 30.88
C PRO F 112 -15.38 71.61 31.93
N GLY F 113 -14.41 71.90 32.76
CA GLY F 113 -14.65 72.83 33.88
C GLY F 113 -13.79 74.08 33.87
N LYS F 114 -12.49 73.91 34.12
CA LYS F 114 -11.56 75.03 34.14
C LYS F 114 -10.28 74.77 33.36
N VAL F 115 -9.53 75.83 33.07
CA VAL F 115 -8.25 75.72 32.39
C VAL F 115 -7.18 76.34 33.26
N ARG F 116 -5.99 75.74 33.29
CA ARG F 116 -4.82 76.43 33.85
C ARG F 116 -3.76 76.51 32.78
N PHE F 117 -3.19 77.70 32.57
CA PHE F 117 -2.19 77.88 31.52
C PHE F 117 -0.77 77.78 32.07
N VAL F 118 0.12 77.15 31.30
CA VAL F 118 1.53 77.16 31.63
C VAL F 118 2.34 77.53 30.39
N SER F 119 3.64 77.24 30.35
CA SER F 119 4.45 77.66 29.21
C SER F 119 4.77 76.53 28.22
N THR F 120 4.88 75.29 28.72
CA THR F 120 5.22 74.18 27.86
C THR F 120 4.27 73.01 28.01
N GLY F 121 4.41 72.04 27.11
CA GLY F 121 3.61 70.82 27.15
C GLY F 121 3.98 69.94 28.33
N SER F 122 5.29 69.78 28.55
CA SER F 122 5.79 69.18 29.83
C SER F 122 5.15 69.79 31.07
N GLU F 123 5.08 71.11 31.14
CA GLU F 123 4.56 71.70 32.40
C GLU F 123 3.08 71.38 32.50
N ALA F 124 2.46 71.12 31.35
CA ALA F 124 1.02 70.82 31.29
C ALA F 124 0.80 69.45 31.87
N VAL F 125 1.64 68.49 31.43
CA VAL F 125 1.61 67.11 31.97
C VAL F 125 1.91 67.08 33.50
N GLU F 126 3.00 67.73 33.93
CA GLU F 126 3.28 67.99 35.38
C GLU F 126 2.03 68.42 36.16
N THR F 127 1.34 69.42 35.63
CA THR F 127 0.14 69.97 36.28
C THR F 127 -0.97 68.93 36.44
N ALA F 128 -1.27 68.26 35.33
CA ALA F 128 -2.28 67.23 35.24
C ALA F 128 -1.95 66.12 36.22
N LEU F 129 -0.67 65.72 36.29
CA LEU F 129 -0.29 64.61 37.15
C LEU F 129 -0.54 65.06 38.58
N ASN F 130 -0.17 66.31 38.88
CA ASN F 130 -0.38 66.88 40.23
C ASN F 130 -1.86 66.88 40.64
N ILE F 131 -2.68 67.41 39.75
CA ILE F 131 -4.14 67.50 39.93
C ILE F 131 -4.82 66.15 40.19
N ALA F 132 -4.48 65.15 39.38
CA ALA F 132 -5.13 63.83 39.48
C ALA F 132 -4.80 63.16 40.78
N ARG F 133 -3.53 63.19 41.15
CA ARG F 133 -3.11 62.62 42.42
C ARG F 133 -3.77 63.34 43.62
N LEU F 134 -3.89 64.65 43.54
CA LEU F 134 -4.57 65.43 44.60
C LEU F 134 -6.05 65.13 44.63
N TYR F 135 -6.67 65.05 43.45
CA TYR F 135 -8.11 64.85 43.36
C TYR F 135 -8.50 63.52 43.95
N THR F 136 -7.71 62.49 43.63
CA THR F 136 -8.01 61.11 44.04
C THR F 136 -7.38 60.81 45.38
N ASN F 137 -6.36 61.58 45.77
CA ASN F 137 -5.54 61.31 46.96
C ASN F 137 -4.92 59.92 46.90
N ARG F 138 -4.36 59.60 45.72
CA ARG F 138 -3.70 58.31 45.43
C ARG F 138 -2.36 58.55 44.71
N PRO F 139 -1.36 57.68 44.96
CA PRO F 139 -0.01 57.99 44.47
C PRO F 139 0.29 57.55 43.06
N LEU F 140 -0.30 56.43 42.61
CA LEU F 140 0.13 55.83 41.35
C LEU F 140 -0.52 56.41 40.11
N VAL F 141 0.30 56.56 39.06
CA VAL F 141 -0.23 56.91 37.72
C VAL F 141 0.14 55.84 36.68
N VAL F 142 -0.81 55.44 35.86
CA VAL F 142 -0.54 54.42 34.82
C VAL F 142 -0.23 55.06 33.47
N THR F 143 0.91 54.73 32.89
CA THR F 143 1.25 55.20 31.56
C THR F 143 1.35 54.01 30.59
N ARG F 144 1.70 54.23 29.30
CA ARG F 144 1.98 53.06 28.46
C ARG F 144 3.39 52.99 27.88
N GLU F 145 3.83 51.76 27.68
CA GLU F 145 4.97 51.46 26.79
C GLU F 145 5.02 52.39 25.52
N HIS F 146 6.20 52.95 25.25
CA HIS F 146 6.44 53.92 24.15
C HIS F 146 5.71 55.25 24.21
N ASP F 147 5.00 55.55 25.31
CA ASP F 147 4.44 56.89 25.47
C ASP F 147 5.56 57.90 25.61
N TYR F 148 5.30 59.12 25.16
CA TYR F 148 6.16 60.27 25.43
C TYR F 148 5.21 61.33 25.99
N HIS F 149 5.52 61.91 27.14
CA HIS F 149 4.60 62.84 27.78
C HIS F 149 5.39 64.02 28.23
N GLY F 150 6.69 64.00 27.93
CA GLY F 150 7.57 65.12 28.17
C GLY F 150 8.91 64.77 28.79
N TRP F 151 9.66 65.82 29.17
CA TRP F 151 11.07 65.68 29.50
C TRP F 151 11.38 66.11 30.93
N THR F 152 10.56 66.98 31.51
CA THR F 152 10.73 67.42 32.93
C THR F 152 10.45 66.31 33.98
N GLY F 153 10.93 66.51 35.21
CA GLY F 153 10.81 65.55 36.33
C GLY F 153 9.66 64.56 36.33
N GLY F 154 8.45 65.04 36.60
CA GLY F 154 7.26 64.22 36.60
C GLY F 154 6.83 63.73 35.23
N ALA F 155 6.84 64.61 34.22
CA ALA F 155 6.41 64.19 32.88
C ALA F 155 7.28 63.06 32.34
N ALA F 156 8.56 63.08 32.75
CA ALA F 156 9.54 62.10 32.31
C ALA F 156 9.20 60.71 32.81
N THR F 157 8.68 60.65 34.05
CA THR F 157 8.37 59.37 34.74
C THR F 157 7.32 58.54 33.97
N VAL F 158 6.41 59.25 33.29
CA VAL F 158 5.38 58.63 32.44
C VAL F 158 5.79 58.52 30.98
N THR F 159 7.05 58.81 30.72
CA THR F 159 7.61 58.62 29.41
C THR F 159 8.37 57.29 29.34
N ARG F 160 7.98 56.44 28.38
CA ARG F 160 8.49 55.07 28.30
C ARG F 160 9.18 54.81 26.95
N LEU F 161 10.13 55.68 26.64
CA LEU F 161 10.98 55.60 25.47
C LEU F 161 12.38 55.79 26.03
N ARG F 162 13.22 54.79 25.93
CA ARG F 162 14.55 54.88 26.53
C ARG F 162 15.41 55.74 25.62
N SER F 163 14.88 56.05 24.43
CA SER F 163 15.53 56.94 23.47
C SER F 163 15.23 58.43 23.67
N PHE F 164 14.35 58.75 24.62
CA PHE F 164 13.97 60.17 24.83
C PHE F 164 13.83 60.59 26.31
N ARG F 165 14.48 59.85 27.22
CA ARG F 165 14.45 60.12 28.66
C ARG F 165 15.64 60.98 29.14
N SER F 166 16.23 61.70 28.21
CA SER F 166 17.33 62.65 28.46
C SER F 166 18.66 62.02 28.87
N GLY F 167 18.89 60.79 28.43
CA GLY F 167 20.18 60.16 28.64
C GLY F 167 21.24 60.54 27.62
N LEU F 168 22.38 59.86 27.72
CA LEU F 168 23.52 60.04 26.83
C LEU F 168 23.93 58.70 26.15
N VAL F 169 24.11 58.77 24.83
CA VAL F 169 24.68 57.64 24.08
C VAL F 169 25.95 58.07 23.36
N GLY F 170 26.61 57.14 22.65
CA GLY F 170 27.84 57.49 21.95
C GLY F 170 27.65 57.96 20.51
N GLU F 171 28.78 58.15 19.82
CA GLU F 171 28.81 58.48 18.43
C GLU F 171 28.96 57.16 17.66
N ASN F 172 27.83 56.59 17.23
CA ASN F 172 27.80 55.28 16.56
C ASN F 172 28.38 54.18 17.45
N SER F 173 27.75 54.05 18.62
CA SER F 173 28.25 53.21 19.71
C SER F 173 27.28 53.22 20.88
N GLU F 174 27.16 52.12 21.62
CA GLU F 174 26.39 52.20 22.87
C GLU F 174 27.19 51.78 24.11
N SER F 175 28.41 52.28 24.22
CA SER F 175 29.28 51.93 25.34
C SER F 175 29.48 53.09 26.33
N PHE F 176 29.31 54.29 25.79
CA PHE F 176 29.24 55.55 26.55
C PHE F 176 27.89 55.65 27.32
N SER F 177 27.13 54.56 27.36
CA SER F 177 25.68 54.73 27.34
C SER F 177 25.08 54.76 28.72
N ALA F 178 24.31 55.80 29.00
CA ALA F 178 23.86 56.00 30.36
C ALA F 178 22.50 56.67 30.41
N GLN F 179 21.66 56.28 31.39
CA GLN F 179 20.44 57.03 31.70
C GLN F 179 20.71 57.94 32.92
N ILE F 180 19.84 58.88 33.22
CA ILE F 180 20.08 59.78 34.36
C ILE F 180 20.01 58.98 35.67
N PRO F 181 21.07 59.05 36.48
CA PRO F 181 21.07 58.27 37.77
C PRO F 181 19.85 58.63 38.63
N GLY F 182 19.20 57.63 39.24
CA GLY F 182 17.91 57.85 39.92
C GLY F 182 16.71 57.49 39.05
N SER F 183 16.54 58.24 37.98
CA SER F 183 15.53 57.94 36.99
C SER F 183 15.96 56.70 36.16
N SER F 187 8.75 55.25 39.63
CA SER F 187 8.71 56.07 40.84
C SER F 187 7.29 56.61 41.05
N ALA F 188 6.42 55.74 41.58
CA ALA F 188 4.95 55.90 41.61
C ALA F 188 4.28 55.89 40.22
N VAL F 189 4.89 55.19 39.28
CA VAL F 189 4.29 55.08 37.93
C VAL F 189 4.17 53.61 37.55
N LEU F 190 3.04 53.22 36.98
CA LEU F 190 2.92 51.89 36.39
C LEU F 190 2.98 51.92 34.88
N MET F 191 3.79 51.06 34.27
CA MET F 191 3.77 50.98 32.79
C MET F 191 2.87 49.87 32.26
N ALA F 192 1.75 50.27 31.66
CA ALA F 192 0.81 49.40 30.96
C ALA F 192 1.26 49.06 29.51
N PRO F 193 0.74 47.94 28.96
CA PRO F 193 1.10 47.65 27.57
C PRO F 193 0.52 48.69 26.66
N SER F 194 1.29 48.95 25.62
CA SER F 194 0.88 49.83 24.58
C SER F 194 -0.37 49.30 23.92
N SER F 195 -1.18 50.20 23.37
CA SER F 195 -2.32 49.82 22.51
C SER F 195 -1.92 48.77 21.42
N ASN F 196 -0.67 48.88 20.98
CA ASN F 196 -0.12 48.20 19.82
C ASN F 196 0.64 46.94 20.09
N THR F 197 0.84 46.64 21.37
CA THR F 197 1.37 45.35 21.83
C THR F 197 0.27 44.27 21.74
N PHE F 198 0.68 43.03 21.54
CA PHE F 198 -0.29 41.92 21.40
C PHE F 198 -1.04 42.06 20.09
N GLN F 199 -0.28 41.96 19.02
CA GLN F 199 -0.82 41.81 17.69
C GLN F 199 -0.08 40.62 17.11
N ASP F 200 -0.78 39.80 16.33
CA ASP F 200 -0.12 38.64 15.70
C ASP F 200 0.82 39.09 14.56
N SER F 201 1.48 38.14 13.89
CA SER F 201 2.43 38.44 12.82
C SER F 201 1.80 39.12 11.60
N ASN F 202 0.46 39.08 11.55
CA ASN F 202 -0.32 39.68 10.48
C ASN F 202 -1.03 40.98 10.87
N GLY F 203 -0.79 41.47 12.09
CA GLY F 203 -1.28 42.79 12.46
C GLY F 203 -2.61 42.90 13.18
N ASN F 204 -3.38 41.82 13.24
CA ASN F 204 -4.61 41.80 14.06
C ASN F 204 -4.29 41.98 15.56
N TYR F 205 -4.97 42.89 16.24
CA TYR F 205 -4.81 42.97 17.70
C TYR F 205 -5.61 41.91 18.40
N LEU F 206 -5.02 41.29 19.41
CA LEU F 206 -5.68 40.16 20.05
C LEU F 206 -6.77 40.63 21.00
N LYS F 207 -7.81 39.80 21.13
CA LYS F 207 -9.02 40.15 21.86
C LYS F 207 -9.55 38.97 22.69
N ASP F 208 -10.35 39.33 23.69
CA ASP F 208 -10.79 38.51 24.84
C ASP F 208 -11.61 37.27 24.48
N GLU F 209 -12.29 37.32 23.33
CA GLU F 209 -13.42 36.43 23.05
C GLU F 209 -14.65 37.02 23.72
N ASN F 210 -14.40 37.89 24.69
CA ASN F 210 -15.38 38.85 25.12
C ASN F 210 -15.27 40.11 24.27
N GLY F 211 -14.22 40.20 23.48
CA GLY F 211 -14.00 41.34 22.59
C GLY F 211 -13.06 42.40 23.12
N GLU F 212 -12.67 42.29 24.39
CA GLU F 212 -11.75 43.25 24.99
C GLU F 212 -10.31 43.02 24.51
N LEU F 213 -9.66 44.09 24.05
CA LEU F 213 -8.27 44.01 23.59
C LEU F 213 -7.42 43.50 24.73
N LEU F 214 -6.60 42.49 24.46
CA LEU F 214 -5.73 41.96 25.49
C LEU F 214 -4.89 43.03 26.17
N SER F 215 -4.59 44.11 25.45
CA SER F 215 -3.78 45.16 26.04
C SER F 215 -4.51 45.87 27.19
N VAL F 216 -5.81 46.13 26.96
CA VAL F 216 -6.68 46.77 27.95
C VAL F 216 -6.94 45.77 29.10
N LYS F 217 -7.12 44.49 28.76
CA LYS F 217 -7.41 43.46 29.72
C LYS F 217 -6.23 43.38 30.67
N TYR F 218 -5.01 43.47 30.14
CA TYR F 218 -3.85 43.41 31.00
C TYR F 218 -3.67 44.70 31.81
N THR F 219 -4.13 45.83 31.26
CA THR F 219 -4.05 47.09 31.96
C THR F 219 -4.96 47.05 33.19
N ARG F 220 -6.19 46.55 33.01
CA ARG F 220 -7.16 46.38 34.08
C ARG F 220 -6.58 45.49 35.19
N ARG F 221 -6.02 44.36 34.78
CA ARG F 221 -5.42 43.38 35.69
C ARG F 221 -4.29 44.01 36.47
N MET F 222 -3.53 44.88 35.82
CA MET F 222 -2.43 45.56 36.46
C MET F 222 -2.96 46.46 37.57
N ILE F 223 -4.03 47.20 37.26
CA ILE F 223 -4.64 48.13 38.17
C ILE F 223 -5.24 47.38 39.36
N GLU F 224 -5.88 46.26 39.13
CA GLU F 224 -6.54 45.52 40.19
C GLU F 224 -5.52 44.80 41.06
N ASN F 225 -4.34 44.56 40.51
CA ASN F 225 -3.27 43.94 41.28
C ASN F 225 -2.70 44.91 42.36
N TYR F 226 -2.45 46.15 41.96
CA TYR F 226 -1.97 47.16 42.87
C TYR F 226 -3.13 47.61 43.75
N GLY F 227 -4.35 47.54 43.24
CA GLY F 227 -5.55 47.99 43.91
C GLY F 227 -5.96 49.28 43.23
N PRO F 228 -7.22 49.38 42.79
CA PRO F 228 -7.64 50.67 42.19
C PRO F 228 -7.55 51.86 43.19
N GLU F 229 -7.53 51.62 44.51
CA GLU F 229 -7.47 52.72 45.47
C GLU F 229 -6.05 53.33 45.51
N GLN F 230 -5.10 52.65 44.88
CA GLN F 230 -3.71 53.13 44.85
C GLN F 230 -3.47 53.95 43.59
N VAL F 231 -4.38 53.88 42.62
CA VAL F 231 -4.08 54.42 41.30
C VAL F 231 -4.91 55.68 41.00
N ALA F 232 -4.24 56.79 40.68
CA ALA F 232 -4.93 58.07 40.42
C ALA F 232 -5.56 58.13 39.07
N ALA F 233 -4.75 57.86 38.04
CA ALA F 233 -5.12 58.15 36.68
C ALA F 233 -4.34 57.28 35.72
N VAL F 234 -4.90 57.07 34.53
CA VAL F 234 -4.16 56.57 33.38
C VAL F 234 -3.97 57.79 32.46
N ILE F 235 -2.72 58.01 32.02
CA ILE F 235 -2.40 59.09 31.08
C ILE F 235 -2.07 58.44 29.74
N THR F 236 -2.76 58.87 28.67
CA THR F 236 -2.53 58.26 27.36
C THR F 236 -2.29 59.27 26.28
N GLU F 237 -1.73 58.84 25.16
CA GLU F 237 -1.81 59.61 23.93
C GLU F 237 -2.84 58.85 23.11
N VAL F 238 -3.80 59.56 22.52
CA VAL F 238 -4.74 58.94 21.60
C VAL F 238 -3.95 58.24 20.50
N SER F 239 -2.88 58.90 20.06
CA SER F 239 -2.04 58.42 18.96
C SER F 239 -0.66 58.74 19.42
N GLN F 240 0.21 57.75 19.54
CA GLN F 240 1.53 58.02 20.09
C GLN F 240 2.33 58.86 19.11
N GLY F 241 2.83 59.99 19.58
CA GLY F 241 3.41 60.96 18.66
C GLY F 241 4.83 60.61 18.33
N VAL F 242 5.68 60.76 19.32
CA VAL F 242 7.09 60.48 19.19
C VAL F 242 7.22 58.97 18.95
N GLY F 243 6.51 58.18 19.74
CA GLY F 243 6.47 56.73 19.56
C GLY F 243 5.92 56.22 18.24
N SER F 244 5.09 57.04 17.61
CA SER F 244 4.70 56.86 16.20
C SER F 244 3.78 55.66 16.00
N THR F 245 2.61 55.69 16.63
CA THR F 245 1.62 54.61 16.46
C THR F 245 0.19 55.14 16.31
N MET F 246 -0.66 54.30 15.76
CA MET F 246 -2.11 54.53 15.71
C MET F 246 -2.77 53.35 16.43
N PRO F 247 -3.79 53.61 17.27
CA PRO F 247 -4.42 52.53 17.97
C PRO F 247 -5.45 51.81 17.16
N PRO F 248 -5.80 50.57 17.56
CA PRO F 248 -7.04 49.98 17.13
C PRO F 248 -8.17 50.91 17.56
N TYR F 249 -9.24 50.99 16.77
CA TYR F 249 -10.38 51.85 17.08
C TYR F 249 -10.94 51.62 18.50
N GLU F 250 -11.02 50.36 18.94
CA GLU F 250 -11.69 50.10 20.22
C GLU F 250 -10.86 50.39 21.48
N TYR F 251 -9.56 50.64 21.33
CA TYR F 251 -8.70 50.90 22.48
C TYR F 251 -9.17 52.09 23.31
N VAL F 252 -9.31 53.24 22.64
CA VAL F 252 -9.70 54.49 23.31
C VAL F 252 -11.04 54.30 24.02
N PRO F 253 -12.09 53.81 23.31
CA PRO F 253 -13.31 53.53 24.06
C PRO F 253 -13.16 52.53 25.23
N GLN F 254 -12.33 51.49 25.09
CA GLN F 254 -12.19 50.45 26.13
C GLN F 254 -11.48 50.96 27.40
N ILE F 255 -10.48 51.82 27.21
CA ILE F 255 -9.79 52.47 28.32
C ILE F 255 -10.69 53.40 29.12
N ARG F 256 -11.45 54.24 28.41
CA ARG F 256 -12.44 55.07 29.08
C ARG F 256 -13.42 54.23 29.92
N LYS F 257 -13.91 53.13 29.34
CA LYS F 257 -14.83 52.31 30.08
C LYS F 257 -14.12 51.61 31.23
N MET F 258 -12.89 51.15 31.01
CA MET F 258 -12.14 50.49 32.10
C MET F 258 -11.85 51.47 33.28
N THR F 259 -11.37 52.68 32.98
CA THR F 259 -11.10 53.68 34.04
C THR F 259 -12.35 54.04 34.85
N LYS F 260 -13.46 54.29 34.15
CA LYS F 260 -14.80 54.48 34.75
C LYS F 260 -15.19 53.38 35.74
N GLU F 261 -15.00 52.14 35.32
CA GLU F 261 -15.35 50.99 36.16
C GLU F 261 -14.44 50.88 37.37
N LEU F 262 -13.17 51.26 37.21
CA LEU F 262 -12.22 51.10 38.27
C LEU F 262 -12.14 52.33 39.18
N GLY F 263 -12.97 53.33 38.88
CA GLY F 263 -12.97 54.62 39.59
C GLY F 263 -11.66 55.35 39.46
N VAL F 264 -11.04 55.24 38.29
CA VAL F 264 -9.76 55.92 38.04
C VAL F 264 -9.97 57.01 36.95
N LEU F 265 -9.19 58.08 37.01
CA LEU F 265 -9.29 59.19 36.06
C LEU F 265 -8.67 58.87 34.72
N TRP F 266 -9.12 59.53 33.67
CA TRP F 266 -8.41 59.38 32.42
C TRP F 266 -7.88 60.70 32.00
N ILE F 267 -6.56 60.76 31.83
CA ILE F 267 -5.92 61.96 31.28
C ILE F 267 -5.63 61.68 29.78
N SER F 268 -6.23 62.47 28.89
CA SER F 268 -5.85 62.44 27.46
C SER F 268 -4.73 63.45 27.24
N ASP F 269 -3.51 62.96 26.99
CA ASP F 269 -2.42 63.87 26.65
C ASP F 269 -2.57 64.39 25.19
N GLU F 270 -3.15 65.57 25.04
CA GLU F 270 -3.49 66.09 23.72
C GLU F 270 -2.48 67.13 23.22
N VAL F 271 -1.27 67.10 23.77
CA VAL F 271 -0.28 68.10 23.38
C VAL F 271 0.02 68.06 21.86
N LEU F 272 0.27 66.87 21.32
CA LEU F 272 0.56 66.76 19.92
C LEU F 272 -0.72 66.58 19.12
N THR F 273 -1.67 65.80 19.61
CA THR F 273 -2.85 65.51 18.79
C THR F 273 -3.93 66.57 18.89
N GLY F 274 -3.73 67.58 19.74
CA GLY F 274 -4.71 68.62 19.97
C GLY F 274 -4.76 69.65 18.85
N PHE F 275 -5.90 70.36 18.80
CA PHE F 275 -6.15 71.51 17.90
C PHE F 275 -5.99 71.23 16.41
N GLY F 276 -6.88 70.41 15.85
CA GLY F 276 -6.96 70.17 14.41
C GLY F 276 -6.09 69.04 13.91
N ARG F 277 -5.02 68.74 14.63
CA ARG F 277 -3.99 67.81 14.18
C ARG F 277 -4.55 66.56 13.52
N THR F 278 -5.70 66.09 13.98
CA THR F 278 -6.20 64.78 13.59
C THR F 278 -7.50 64.92 12.85
N GLY F 279 -7.80 66.12 12.35
CA GLY F 279 -9.02 66.39 11.59
C GLY F 279 -10.26 66.54 12.46
N LYS F 280 -10.06 66.63 13.77
CA LYS F 280 -11.09 66.98 14.75
C LYS F 280 -10.39 67.90 15.73
N TRP F 281 -11.12 68.59 16.61
CA TRP F 281 -10.47 69.49 17.59
C TRP F 281 -9.42 68.73 18.39
N PHE F 282 -9.80 67.57 18.91
CA PHE F 282 -8.86 66.77 19.70
C PHE F 282 -8.93 65.32 19.30
N GLY F 283 -7.82 64.61 19.51
CA GLY F 283 -7.74 63.20 19.17
C GLY F 283 -8.87 62.33 19.70
N TYR F 284 -9.19 62.51 20.97
CA TYR F 284 -10.18 61.70 21.63
C TYR F 284 -11.57 61.83 21.04
N GLN F 285 -11.87 62.93 20.34
CA GLN F 285 -13.22 63.10 19.79
C GLN F 285 -13.53 62.19 18.58
N HIS F 286 -12.52 61.51 18.03
CA HIS F 286 -12.77 60.47 17.07
C HIS F 286 -13.48 59.26 17.69
N TYR F 287 -13.52 59.20 19.03
CA TYR F 287 -13.81 57.95 19.70
C TYR F 287 -15.04 57.91 20.60
N GLY F 288 -15.85 58.95 20.57
CA GLY F 288 -17.11 58.94 21.28
C GLY F 288 -17.00 58.93 22.80
N VAL F 289 -15.86 59.34 23.34
CA VAL F 289 -15.65 59.36 24.80
C VAL F 289 -15.13 60.72 25.26
N GLN F 290 -15.22 61.01 26.54
CA GLN F 290 -14.68 62.27 27.07
C GLN F 290 -13.70 62.00 28.21
N PRO F 291 -12.56 62.69 28.21
CA PRO F 291 -11.64 62.46 29.33
C PRO F 291 -12.02 63.24 30.60
N ASP F 292 -11.23 63.02 31.64
CA ASP F 292 -11.34 63.71 32.90
C ASP F 292 -10.47 64.98 32.86
N ILE F 293 -9.31 64.88 32.20
CA ILE F 293 -8.32 65.95 32.12
C ILE F 293 -7.64 65.89 30.75
N ILE F 294 -7.37 67.04 30.13
CA ILE F 294 -6.64 67.13 28.85
C ILE F 294 -5.34 67.92 29.09
N THR F 295 -4.22 67.48 28.51
CA THR F 295 -3.00 68.31 28.53
C THR F 295 -2.77 68.89 27.14
N MET F 296 -2.32 70.14 27.07
CA MET F 296 -2.22 70.89 25.83
C MET F 296 -0.92 71.66 25.66
N GLY F 297 -0.58 71.96 24.41
CA GLY F 297 0.70 72.56 24.03
C GLY F 297 0.77 72.64 22.50
N LYS F 298 1.98 72.73 21.97
CA LYS F 298 2.18 72.81 20.52
C LYS F 298 1.13 73.63 19.74
N GLY F 299 0.15 72.92 19.21
CA GLY F 299 -0.94 73.50 18.44
C GLY F 299 -1.79 74.49 19.21
N LEU F 300 -1.71 74.53 20.56
CA LEU F 300 -2.45 75.56 21.34
C LEU F 300 -2.14 76.99 20.84
N SER F 301 -0.85 77.23 20.57
CA SER F 301 -0.43 78.50 19.99
C SER F 301 0.21 78.34 18.61
N SER F 302 0.11 77.15 18.01
CA SER F 302 0.88 76.76 16.79
C SER F 302 2.34 77.21 16.87
N SER F 303 2.86 77.15 18.11
CA SER F 303 4.24 77.47 18.44
C SER F 303 4.58 78.93 18.25
N SER F 304 3.58 79.79 18.12
CA SER F 304 3.87 81.20 17.87
C SER F 304 4.60 81.80 19.06
N LEU F 305 4.26 81.35 20.26
CA LEU F 305 4.98 81.70 21.48
C LEU F 305 4.83 80.55 22.45
N PRO F 306 5.74 80.43 23.46
CA PRO F 306 5.65 79.27 24.39
C PRO F 306 4.36 79.26 25.21
N ALA F 307 3.59 78.17 25.08
CA ALA F 307 2.27 78.06 25.73
C ALA F 307 1.84 76.63 26.02
N GLY F 308 1.51 76.35 27.28
CA GLY F 308 1.00 75.01 27.66
C GLY F 308 -0.35 75.14 28.35
N ALA F 309 -1.10 74.04 28.42
CA ALA F 309 -2.37 74.11 29.16
C ALA F 309 -2.85 72.80 29.75
N VAL F 310 -3.70 72.89 30.76
CA VAL F 310 -4.45 71.74 31.24
C VAL F 310 -5.93 72.11 31.41
N VAL F 311 -6.83 71.34 30.76
CA VAL F 311 -8.29 71.40 31.00
C VAL F 311 -8.74 70.24 31.92
N VAL F 312 -9.49 70.59 32.95
CA VAL F 312 -9.98 69.64 33.95
C VAL F 312 -11.50 69.66 34.00
N SER F 313 -12.10 68.53 34.37
CA SER F 313 -13.56 68.43 34.45
C SER F 313 -14.19 69.34 35.50
N LYS F 314 -15.46 69.67 35.29
CA LYS F 314 -16.24 70.36 36.33
C LYS F 314 -16.08 69.78 37.76
N GLU F 315 -16.11 68.46 37.90
CA GLU F 315 -15.98 67.85 39.22
C GLU F 315 -14.62 68.08 39.79
N ILE F 316 -13.59 67.86 38.97
CA ILE F 316 -12.24 68.18 39.41
C ILE F 316 -12.11 69.71 39.67
N ALA F 317 -12.81 70.51 38.87
CA ALA F 317 -12.71 71.95 39.03
C ALA F 317 -13.31 72.38 40.38
N ALA F 318 -14.48 71.84 40.73
CA ALA F 318 -15.16 72.26 41.93
C ALA F 318 -14.31 71.93 43.15
N PHE F 319 -13.68 70.74 43.17
CA PHE F 319 -12.81 70.27 44.26
C PHE F 319 -11.58 71.17 44.40
N MET F 320 -10.83 71.34 43.30
CA MET F 320 -9.70 72.29 43.39
C MET F 320 -10.13 73.72 43.84
N ASP F 321 -11.38 74.08 43.58
CA ASP F 321 -11.89 75.42 43.89
C ASP F 321 -12.10 75.63 45.38
N LYS F 322 -12.33 74.53 46.09
CA LYS F 322 -12.60 74.48 47.54
C LYS F 322 -11.35 74.69 48.41
N HIS F 323 -10.19 74.86 47.79
CA HIS F 323 -8.91 74.77 48.48
C HIS F 323 -8.00 75.84 47.96
N ARG F 324 -7.03 76.23 48.78
CA ARG F 324 -5.97 77.10 48.36
C ARG F 324 -4.84 76.23 47.80
N TRP F 325 -4.50 76.46 46.54
CA TRP F 325 -3.52 75.65 45.85
C TRP F 325 -2.20 76.39 45.90
N GLU F 326 -1.19 75.73 46.47
CA GLU F 326 0.11 76.39 46.72
C GLU F 326 1.14 76.19 45.60
N SER F 327 0.73 76.57 44.39
CA SER F 327 1.50 76.28 43.21
C SER F 327 1.73 77.53 42.39
N VAL F 328 3.00 77.82 42.11
CA VAL F 328 3.30 79.03 41.35
C VAL F 328 4.34 78.72 40.28
N SER F 329 4.12 79.35 39.13
CA SER F 329 4.96 79.21 37.96
C SER F 329 5.01 80.60 37.39
N THR F 330 6.21 81.15 37.26
CA THR F 330 6.38 82.58 36.98
C THR F 330 5.60 82.97 35.74
N TYR F 331 5.89 82.27 34.64
CA TYR F 331 5.44 82.67 33.31
C TYR F 331 4.06 82.19 32.94
N ALA F 332 3.46 81.44 33.86
CA ALA F 332 2.18 80.84 33.60
C ALA F 332 1.14 81.95 33.39
N GLY F 333 0.50 81.97 32.23
CA GLY F 333 -0.59 82.93 31.94
C GLY F 333 -0.11 84.22 31.29
N HIS F 334 1.19 84.24 30.98
CA HIS F 334 1.86 85.39 30.36
C HIS F 334 0.91 86.03 29.32
N PRO F 335 0.54 87.31 29.51
CA PRO F 335 -0.46 87.95 28.60
C PRO F 335 -0.16 87.96 27.10
N VAL F 336 1.10 88.10 26.72
CA VAL F 336 1.49 88.16 25.31
C VAL F 336 1.38 86.74 24.68
N ALA F 337 1.86 85.72 25.42
CA ALA F 337 1.63 84.33 25.02
C ALA F 337 0.14 84.04 24.95
N MET F 338 -0.65 84.60 25.88
CA MET F 338 -2.10 84.37 25.89
C MET F 338 -2.83 84.98 24.68
N ALA F 339 -2.39 86.19 24.34
CA ALA F 339 -2.88 86.89 23.19
C ALA F 339 -2.54 86.04 21.95
N ALA F 340 -1.40 85.38 21.96
CA ALA F 340 -1.03 84.50 20.83
C ALA F 340 -1.98 83.29 20.71
N VAL F 341 -2.39 82.72 21.84
CA VAL F 341 -3.35 81.64 21.82
C VAL F 341 -4.71 82.13 21.32
N CYS F 342 -5.16 83.29 21.81
CA CYS F 342 -6.42 83.90 21.35
C CYS F 342 -6.47 84.02 19.84
N ALA F 343 -5.46 84.66 19.26
CA ALA F 343 -5.41 84.88 17.82
C ALA F 343 -5.29 83.54 17.06
N ASN F 344 -4.37 82.69 17.50
CA ASN F 344 -4.21 81.34 16.92
C ASN F 344 -5.54 80.59 16.84
N LEU F 345 -6.28 80.55 17.96
CA LEU F 345 -7.54 79.81 18.04
C LEU F 345 -8.62 80.54 17.22
N GLU F 346 -8.66 81.86 17.31
CA GLU F 346 -9.64 82.62 16.52
C GLU F 346 -9.43 82.44 15.01
N VAL F 347 -8.21 82.15 14.60
CA VAL F 347 -7.96 81.89 13.19
C VAL F 347 -8.42 80.47 12.81
N MET F 348 -8.06 79.48 13.62
CA MET F 348 -8.45 78.09 13.38
C MET F 348 -9.96 77.90 13.23
N MET F 349 -10.74 78.58 14.08
CA MET F 349 -12.21 78.50 14.02
C MET F 349 -12.77 79.11 12.71
N GLU F 350 -12.32 80.31 12.39
CA GLU F 350 -12.97 81.02 11.33
C GLU F 350 -12.47 80.59 9.95
N GLU F 351 -11.32 79.94 9.88
CA GLU F 351 -10.86 79.40 8.58
C GLU F 351 -11.26 77.92 8.42
N ASN F 352 -12.14 77.42 9.30
CA ASN F 352 -12.56 76.01 9.34
C ASN F 352 -11.38 75.05 9.24
N LEU F 353 -10.27 75.36 9.90
CA LEU F 353 -9.02 74.56 9.77
C LEU F 353 -9.12 73.15 10.25
N VAL F 354 -10.06 72.87 11.15
CA VAL F 354 -10.27 71.49 11.54
C VAL F 354 -10.85 70.66 10.37
N GLU F 355 -11.91 71.17 9.76
CA GLU F 355 -12.57 70.58 8.61
C GLU F 355 -11.58 70.40 7.43
N GLN F 356 -10.80 71.46 7.18
CA GLN F 356 -9.69 71.44 6.25
C GLN F 356 -8.69 70.30 6.52
N ALA F 357 -8.37 70.09 7.80
CA ALA F 357 -7.38 69.11 8.17
C ALA F 357 -7.88 67.71 7.80
N LYS F 358 -9.18 67.51 8.06
CA LYS F 358 -9.90 66.27 7.78
C LYS F 358 -9.75 65.92 6.31
N ASN F 359 -10.01 66.92 5.47
CA ASN F 359 -10.06 66.73 4.04
C ASN F 359 -8.69 66.42 3.41
N SER F 360 -7.65 67.12 3.85
CA SER F 360 -6.26 66.83 3.50
C SER F 360 -5.83 65.42 3.85
N GLY F 361 -6.17 64.96 5.04
CA GLY F 361 -5.81 63.62 5.47
C GLY F 361 -6.36 62.54 4.56
N GLU F 362 -7.63 62.71 4.19
CA GLU F 362 -8.29 61.84 3.23
C GLU F 362 -7.52 61.82 1.89
N TYR F 363 -6.95 62.96 1.51
CA TYR F 363 -6.19 63.05 0.27
C TYR F 363 -4.84 62.35 0.45
N ILE F 364 -4.18 62.59 1.59
CA ILE F 364 -2.92 61.91 1.94
C ILE F 364 -3.09 60.38 1.93
N ARG F 365 -4.19 59.90 2.48
CA ARG F 365 -4.48 58.49 2.52
C ARG F 365 -4.41 57.93 1.11
N SER F 366 -5.09 58.58 0.18
CA SER F 366 -5.09 58.12 -1.21
C SER F 366 -3.73 58.28 -1.93
N LYS F 367 -2.92 59.26 -1.52
CA LYS F 367 -1.51 59.29 -1.92
C LYS F 367 -0.70 58.08 -1.37
N LEU F 368 -0.82 57.79 -0.09
CA LEU F 368 0.01 56.73 0.47
C LEU F 368 -0.47 55.38 0.03
N GLU F 369 -1.76 55.26 -0.27
CA GLU F 369 -2.29 54.06 -0.90
C GLU F 369 -1.51 53.75 -2.17
N LEU F 370 -1.27 54.79 -2.96
CA LEU F 370 -0.52 54.67 -4.20
C LEU F 370 0.97 54.38 -3.93
N LEU F 371 1.57 55.11 -3.00
CA LEU F 371 2.93 54.79 -2.54
C LEU F 371 3.11 53.36 -2.01
N GLN F 372 2.12 52.85 -1.28
CA GLN F 372 2.16 51.44 -0.89
C GLN F 372 2.12 50.45 -2.09
N GLU F 373 1.26 50.69 -3.09
CA GLU F 373 1.11 49.77 -4.23
C GLU F 373 2.44 49.66 -4.98
N LYS F 374 3.21 50.74 -4.88
CA LYS F 374 4.44 50.96 -5.60
C LYS F 374 5.66 50.48 -4.83
N HIS F 375 5.66 50.65 -3.50
CA HIS F 375 6.86 50.41 -2.68
C HIS F 375 6.61 49.33 -1.63
N LYS F 376 7.39 48.26 -1.69
CA LYS F 376 7.10 47.06 -0.92
C LYS F 376 7.71 47.21 0.48
N SER F 377 8.60 48.20 0.59
CA SER F 377 9.15 48.69 1.83
C SER F 377 8.12 49.33 2.76
N ILE F 378 6.97 49.78 2.23
CA ILE F 378 5.92 50.31 3.11
C ILE F 378 5.10 49.14 3.60
N GLY F 379 5.42 48.66 4.80
CA GLY F 379 4.68 47.56 5.38
C GLY F 379 3.23 47.92 5.66
N ASN F 380 3.01 49.16 6.07
CA ASN F 380 1.71 49.61 6.56
C ASN F 380 1.71 51.10 6.90
N PHE F 381 0.52 51.71 6.86
CA PHE F 381 0.32 53.12 7.17
C PHE F 381 -1.10 53.38 7.68
N ASP F 382 -1.24 54.50 8.40
CA ASP F 382 -2.46 54.89 9.05
C ASP F 382 -2.19 56.27 9.62
N GLY F 383 -3.26 57.04 9.74
CA GLY F 383 -3.17 58.36 10.33
C GLY F 383 -4.55 58.97 10.26
N TYR F 384 -4.60 60.30 10.35
CA TYR F 384 -5.81 61.13 10.06
C TYR F 384 -5.43 62.62 10.10
N GLY F 385 -6.19 63.50 9.45
CA GLY F 385 -5.84 64.93 9.30
C GLY F 385 -4.39 65.15 8.88
N LEU F 386 -3.63 65.87 9.69
CA LEU F 386 -2.21 66.09 9.38
C LEU F 386 -1.24 65.33 10.30
N LEU F 387 -1.62 64.09 10.65
CA LEU F 387 -0.78 63.15 11.42
C LEU F 387 -0.79 61.77 10.78
N TRP F 388 0.35 61.35 10.25
CA TRP F 388 0.41 60.06 9.53
C TRP F 388 1.61 59.24 9.97
N ILE F 389 1.40 57.94 10.13
CA ILE F 389 2.50 57.02 10.43
C ILE F 389 2.67 56.02 9.29
N VAL F 390 3.92 55.70 8.97
CA VAL F 390 4.20 54.75 7.94
C VAL F 390 5.26 53.81 8.47
N ASP F 391 4.93 52.53 8.56
CA ASP F 391 5.90 51.54 8.97
C ASP F 391 6.71 51.07 7.79
N ILE F 392 8.03 51.14 7.93
CA ILE F 392 8.93 50.78 6.90
C ILE F 392 9.54 49.42 7.20
N VAL F 393 9.60 48.61 6.14
CA VAL F 393 10.21 47.28 6.16
C VAL F 393 11.21 47.03 5.06
N ASN F 394 12.00 45.97 5.27
CA ASN F 394 12.82 45.42 4.23
C ASN F 394 11.83 44.78 3.26
N ALA F 395 11.78 45.30 2.04
CA ALA F 395 10.85 44.84 0.99
C ALA F 395 10.91 43.32 0.81
N LYS F 396 12.05 42.75 1.17
CA LYS F 396 12.36 41.36 0.87
C LYS F 396 11.99 40.41 2.03
N THR F 397 12.50 40.70 3.20
CA THR F 397 12.27 39.89 4.39
C THR F 397 10.89 40.22 4.98
N LYS F 398 10.38 41.39 4.60
CA LYS F 398 9.16 41.98 5.16
C LYS F 398 9.16 42.27 6.67
N THR F 399 10.34 42.29 7.30
CA THR F 399 10.45 42.78 8.71
C THR F 399 11.14 44.13 8.71
N PRO F 400 11.00 44.92 9.81
CA PRO F 400 11.72 46.19 9.94
C PRO F 400 13.23 45.96 9.93
N TYR F 401 14.00 46.90 9.36
CA TYR F 401 15.46 46.77 9.32
C TYR F 401 16.07 46.80 10.73
N VAL F 402 15.56 47.68 11.58
CA VAL F 402 16.14 47.92 12.93
C VAL F 402 15.44 47.04 13.98
N LYS F 403 16.01 45.88 14.31
CA LYS F 403 15.26 44.93 15.18
C LYS F 403 14.73 45.51 16.50
N LEU F 404 15.46 46.42 17.14
CA LEU F 404 15.00 46.97 18.43
C LEU F 404 13.78 47.89 18.29
N ASP F 405 13.45 48.28 17.06
CA ASP F 405 12.27 49.14 16.82
C ASP F 405 12.15 50.38 17.79
N ARG F 406 10.99 50.57 18.42
CA ARG F 406 10.75 51.71 19.34
C ARG F 406 11.51 51.65 20.72
N ASN F 407 12.29 50.57 20.93
CA ASN F 407 13.14 50.39 22.13
C ASN F 407 14.61 50.64 21.83
N PHE F 408 14.88 51.14 20.61
CA PHE F 408 16.21 51.63 20.26
C PHE F 408 16.59 52.85 21.09
N ARG F 409 17.87 53.23 21.03
CA ARG F 409 18.38 54.55 21.45
C ARG F 409 19.30 55.14 20.36
N HIS F 410 19.79 56.36 20.54
CA HIS F 410 20.42 57.10 19.43
C HIS F 410 21.90 56.81 19.24
N GLY F 411 22.37 55.79 19.93
CA GLY F 411 23.75 55.39 19.80
C GLY F 411 24.01 54.66 18.50
N MET F 412 22.95 54.28 17.78
CA MET F 412 23.13 53.48 16.58
C MET F 412 23.44 54.34 15.36
N ASN F 413 24.06 53.74 14.34
CA ASN F 413 24.59 54.53 13.21
C ASN F 413 23.44 55.01 12.31
N PRO F 414 23.28 56.36 12.15
CA PRO F 414 22.14 56.88 11.36
C PRO F 414 22.08 56.34 9.91
N ASN F 415 23.20 55.98 9.31
CA ASN F 415 23.08 55.37 8.00
C ASN F 415 22.61 53.91 7.98
N GLN F 416 22.23 53.35 9.12
CA GLN F 416 21.53 52.05 9.14
C GLN F 416 20.05 52.21 9.51
N ILE F 417 19.62 53.43 9.85
CA ILE F 417 18.26 53.73 10.29
C ILE F 417 17.44 54.13 9.05
N PRO F 418 16.49 53.28 8.61
CA PRO F 418 15.75 53.61 7.38
C PRO F 418 15.16 55.02 7.40
N THR F 419 14.68 55.46 8.56
CA THR F 419 14.08 56.79 8.66
C THR F 419 15.08 57.90 8.52
N GLN F 420 16.36 57.60 8.76
CA GLN F 420 17.43 58.54 8.47
C GLN F 420 17.79 58.62 6.97
N ILE F 421 17.87 57.46 6.31
CA ILE F 421 18.21 57.37 4.88
C ILE F 421 17.13 58.07 4.01
N ILE F 422 15.87 57.79 4.34
CA ILE F 422 14.69 58.39 3.72
C ILE F 422 14.76 59.91 3.85
N MET F 423 15.01 60.39 5.06
CA MET F 423 15.15 61.82 5.29
C MET F 423 16.25 62.47 4.44
N GLU F 424 17.46 61.85 4.42
CA GLU F 424 18.59 62.25 3.56
C GLU F 424 18.21 62.46 2.12
N LYS F 425 17.60 61.42 1.55
CA LYS F 425 17.27 61.36 0.14
C LYS F 425 16.20 62.41 -0.23
N ALA F 426 15.18 62.54 0.63
CA ALA F 426 14.13 63.52 0.43
C ALA F 426 14.67 64.95 0.40
N LEU F 427 15.59 65.27 1.30
CA LEU F 427 16.25 66.59 1.29
C LEU F 427 16.87 66.99 -0.07
N GLU F 428 17.17 65.99 -0.91
CA GLU F 428 17.59 66.20 -2.30
C GLU F 428 16.48 66.84 -3.16
N LYS F 429 15.23 66.58 -2.82
CA LYS F 429 14.12 67.24 -3.48
C LYS F 429 13.61 68.46 -2.67
N GLY F 430 14.43 68.99 -1.74
CA GLY F 430 14.05 70.16 -0.96
C GLY F 430 12.91 69.84 0.01
N VAL F 431 12.77 68.57 0.33
CA VAL F 431 11.69 68.14 1.21
C VAL F 431 12.23 67.57 2.51
N LEU F 432 11.65 68.04 3.61
CA LEU F 432 11.95 67.52 4.92
C LEU F 432 10.88 66.56 5.40
N ILE F 433 11.24 65.29 5.49
CA ILE F 433 10.29 64.27 5.91
C ILE F 433 11.00 63.13 6.65
N GLY F 434 10.33 62.49 7.59
CA GLY F 434 10.98 61.35 8.26
C GLY F 434 10.29 60.90 9.50
N GLY F 435 11.07 60.55 10.52
CA GLY F 435 10.53 60.10 11.79
C GLY F 435 11.52 60.03 12.93
N ALA F 436 11.02 60.00 14.17
CA ALA F 436 11.89 59.86 15.32
C ALA F 436 12.22 58.38 15.51
N MET F 437 11.27 57.51 15.24
CA MET F 437 11.51 56.08 15.34
C MET F 437 12.28 55.57 14.12
N PRO F 438 13.15 54.57 14.31
CA PRO F 438 13.97 53.95 13.25
C PRO F 438 13.18 53.27 12.10
N ASN F 439 12.09 52.60 12.45
CA ASN F 439 11.32 51.92 11.41
C ASN F 439 10.03 52.62 10.94
N THR F 440 9.76 53.83 11.39
CA THR F 440 8.43 54.42 11.24
C THR F 440 8.52 55.90 10.95
N MET F 441 7.83 56.36 9.92
CA MET F 441 7.81 57.79 9.60
C MET F 441 6.70 58.48 10.38
N ARG F 442 6.97 59.70 10.86
CA ARG F 442 5.99 60.55 11.53
C ARG F 442 5.79 61.82 10.70
N ILE F 443 4.76 61.82 9.87
CA ILE F 443 4.50 62.90 8.87
C ILE F 443 3.49 63.90 9.37
N GLY F 444 3.86 65.17 9.35
CA GLY F 444 2.91 66.24 9.65
C GLY F 444 3.22 67.51 8.88
N ALA F 445 2.18 68.26 8.52
CA ALA F 445 2.33 69.61 7.98
C ALA F 445 1.32 70.53 8.68
N SER F 446 1.32 71.81 8.32
CA SER F 446 0.23 72.73 8.70
C SER F 446 -1.14 72.20 8.31
N LEU F 447 -2.14 72.50 9.13
CA LEU F 447 -3.53 72.13 8.85
C LEU F 447 -4.01 72.67 7.46
N ASN F 448 -3.43 73.80 7.01
CA ASN F 448 -3.76 74.41 5.70
C ASN F 448 -2.76 74.22 4.57
N VAL F 449 -1.93 73.20 4.65
CA VAL F 449 -1.02 72.83 3.57
C VAL F 449 -1.79 72.63 2.24
N SER F 450 -1.15 72.95 1.12
CA SER F 450 -1.78 72.84 -0.18
C SER F 450 -1.68 71.42 -0.73
N ARG F 451 -2.51 71.12 -1.73
CA ARG F 451 -2.44 69.85 -2.47
C ARG F 451 -1.06 69.67 -3.10
N GLY F 452 -0.54 70.74 -3.69
CA GLY F 452 0.78 70.77 -4.33
C GLY F 452 1.94 70.48 -3.39
N ASP F 453 1.88 71.05 -2.18
CA ASP F 453 2.92 70.81 -1.18
C ASP F 453 2.87 69.39 -0.63
N ILE F 454 1.66 68.86 -0.45
CA ILE F 454 1.49 67.41 -0.28
C ILE F 454 2.06 66.58 -1.46
N ASP F 455 1.59 66.79 -2.70
CA ASP F 455 2.19 66.15 -3.89
C ASP F 455 3.72 66.24 -3.90
N LYS F 456 4.24 67.41 -3.56
CA LYS F 456 5.68 67.64 -3.52
C LYS F 456 6.33 66.76 -2.45
N ALA F 457 5.67 66.60 -1.32
CA ALA F 457 6.24 65.75 -0.25
C ALA F 457 6.18 64.27 -0.63
N MET F 458 5.03 63.86 -1.14
CA MET F 458 4.82 62.47 -1.52
C MET F 458 5.77 62.01 -2.63
N ASP F 459 6.01 62.90 -3.60
CA ASP F 459 6.92 62.60 -4.69
C ASP F 459 8.35 62.35 -4.18
N ALA F 460 8.75 63.15 -3.20
CA ALA F 460 10.06 63.01 -2.56
C ALA F 460 10.16 61.70 -1.77
N LEU F 461 9.07 61.37 -1.08
CA LEU F 461 8.95 60.11 -0.39
C LEU F 461 9.06 58.93 -1.39
N ASP F 462 8.47 59.09 -2.58
CA ASP F 462 8.54 58.13 -3.69
C ASP F 462 10.01 57.88 -4.01
N TYR F 463 10.68 58.97 -4.39
CA TYR F 463 12.10 59.03 -4.70
C TYR F 463 12.98 58.42 -3.61
N ALA F 464 12.69 58.77 -2.36
CA ALA F 464 13.42 58.26 -1.20
C ALA F 464 13.25 56.75 -1.08
N LEU F 465 12.02 56.29 -1.30
CA LEU F 465 11.72 54.87 -1.17
C LEU F 465 12.37 54.09 -2.29
N ASP F 466 12.52 54.72 -3.46
CA ASP F 466 13.27 54.10 -4.58
C ASP F 466 14.69 53.80 -4.14
N TYR F 467 15.31 54.79 -3.48
CA TYR F 467 16.67 54.64 -3.07
C TYR F 467 16.78 53.61 -1.90
N LEU F 468 15.80 53.63 -1.00
CA LEU F 468 15.79 52.64 0.08
C LEU F 468 15.77 51.21 -0.47
N GLU F 469 15.05 51.01 -1.56
CA GLU F 469 14.88 49.68 -2.16
C GLU F 469 16.05 49.20 -3.03
N SER F 470 16.77 50.12 -3.66
CA SER F 470 18.04 49.79 -4.35
C SER F 470 19.08 49.25 -3.37
N GLY F 471 18.83 49.44 -2.06
CA GLY F 471 19.75 48.99 -1.01
C GLY F 471 21.17 49.56 -1.03
N GLU F 472 21.46 50.44 -1.99
CA GLU F 472 22.83 50.95 -2.20
C GLU F 472 23.37 51.76 -1.03
N TRP F 473 22.51 52.02 -0.05
CA TRP F 473 22.87 52.78 1.12
C TRP F 473 23.60 51.87 2.12
N GLN F 474 23.98 50.67 1.69
CA GLN F 474 24.57 49.68 2.59
C GLN F 474 26.03 49.36 2.27
N LYS G 7 34.16 11.82 65.57
CA LYS G 7 35.47 12.53 65.36
C LYS G 7 35.39 13.63 64.27
N ILE G 8 35.52 14.89 64.66
CA ILE G 8 35.37 15.98 63.69
C ILE G 8 36.72 16.26 63.01
N ASN G 9 36.77 16.13 61.69
CA ASN G 9 37.93 16.55 60.92
C ASN G 9 37.89 18.06 60.69
N TRP G 10 38.58 18.80 61.54
CA TRP G 10 38.63 20.26 61.46
C TRP G 10 39.44 20.81 60.27
N GLU G 11 40.37 20.01 59.74
CA GLU G 11 41.11 20.39 58.52
C GLU G 11 40.15 20.51 57.36
N GLN G 12 39.26 19.51 57.28
CA GLN G 12 38.19 19.47 56.30
C GLN G 12 37.16 20.59 56.49
N VAL G 13 36.73 20.78 57.74
CA VAL G 13 35.73 21.78 58.05
C VAL G 13 36.17 23.13 57.51
N LYS G 14 37.44 23.47 57.67
CA LYS G 14 37.93 24.77 57.25
C LYS G 14 37.94 24.85 55.73
N GLU G 15 38.27 23.71 55.09
CA GLU G 15 38.20 23.59 53.64
C GLU G 15 36.81 23.86 53.08
N TRP G 16 35.82 23.16 53.64
CA TRP G 16 34.40 23.33 53.30
C TRP G 16 33.98 24.75 53.62
N ASP G 17 34.51 25.30 54.72
CA ASP G 17 34.23 26.68 55.08
C ASP G 17 34.81 27.71 54.06
N ARG G 18 36.08 27.57 53.69
CA ARG G 18 36.72 28.35 52.60
C ARG G 18 35.96 28.26 51.31
N LYS G 19 35.65 27.03 50.91
CA LYS G 19 35.22 26.72 49.56
C LYS G 19 33.74 27.02 49.26
N TYR G 20 32.85 26.78 50.22
CA TYR G 20 31.41 26.83 49.94
C TYR G 20 30.57 27.89 50.62
N LEU G 21 31.17 28.69 51.52
CA LEU G 21 30.44 29.78 52.19
C LEU G 21 30.86 31.14 51.68
N MET G 22 29.88 32.01 51.45
CA MET G 22 30.18 33.37 51.07
C MET G 22 30.83 34.15 52.21
N ARG G 23 31.83 34.94 51.83
CA ARG G 23 32.58 35.77 52.73
C ARG G 23 31.81 37.00 53.14
N THR G 24 31.97 37.43 54.38
CA THR G 24 31.57 38.78 54.72
C THR G 24 32.78 39.47 55.34
N PHE G 25 32.86 40.80 55.17
CA PHE G 25 33.98 41.60 55.63
C PHE G 25 35.42 41.20 55.18
N SER G 26 35.63 40.01 54.62
CA SER G 26 36.95 39.62 54.08
C SER G 26 36.86 39.23 52.61
N THR G 27 37.91 39.43 51.82
CA THR G 27 38.00 38.85 50.50
C THR G 27 38.32 37.34 50.69
N GLN G 28 38.12 36.52 49.64
CA GLN G 28 38.50 35.12 49.69
C GLN G 28 40.01 35.00 49.91
N ASN G 29 40.74 35.83 49.17
CA ASN G 29 42.18 35.77 49.20
C ASN G 29 42.80 36.08 50.56
N GLU G 30 42.16 36.93 51.37
CA GLU G 30 42.71 37.26 52.72
C GLU G 30 42.14 36.38 53.87
N TYR G 31 41.14 35.59 53.55
CA TYR G 31 40.34 34.97 54.59
C TYR G 31 41.06 33.77 55.18
N GLN G 32 41.00 33.67 56.50
CA GLN G 32 41.42 32.47 57.17
C GLN G 32 40.36 32.11 58.18
N PRO G 33 39.83 30.88 58.04
CA PRO G 33 38.85 30.33 58.94
C PRO G 33 39.32 30.38 60.41
N VAL G 34 38.41 30.76 61.29
CA VAL G 34 38.67 30.77 62.74
C VAL G 34 37.64 29.82 63.33
N PRO G 35 37.97 28.53 63.42
CA PRO G 35 36.95 27.58 63.90
C PRO G 35 36.75 27.67 65.41
N ILE G 36 35.50 27.46 65.83
CA ILE G 36 35.14 27.39 67.27
C ILE G 36 34.35 26.12 67.55
N GLU G 37 34.91 25.22 68.34
CA GLU G 37 34.30 23.91 68.56
C GLU G 37 33.12 23.91 69.53
N SER G 38 33.19 24.82 70.51
CA SER G 38 32.19 24.93 71.56
C SER G 38 32.35 26.25 72.30
N THR G 39 31.37 26.52 73.16
CA THR G 39 31.35 27.73 73.97
C THR G 39 30.85 27.36 75.37
N GLU G 40 31.24 28.17 76.37
CA GLU G 40 30.75 28.01 77.74
C GLU G 40 30.97 29.32 78.48
N GLY G 41 29.91 29.89 79.04
CA GLY G 41 30.05 31.14 79.81
C GLY G 41 30.43 32.34 78.94
N ASP G 42 31.60 32.91 79.20
CA ASP G 42 32.11 34.04 78.51
C ASP G 42 33.26 33.57 77.63
N TYR G 43 33.41 32.25 77.54
CA TYR G 43 34.48 31.68 76.74
C TYR G 43 34.10 30.96 75.40
N LEU G 44 35.00 31.06 74.43
CA LEU G 44 34.90 30.27 73.19
C LEU G 44 36.07 29.28 73.16
N ILE G 45 35.82 28.07 72.67
CA ILE G 45 36.85 27.04 72.69
C ILE G 45 37.22 26.56 71.27
N THR G 46 38.50 26.72 70.90
CA THR G 46 39.00 26.31 69.58
C THR G 46 39.07 24.78 69.52
N PRO G 47 39.14 24.19 68.31
CA PRO G 47 39.21 22.71 68.21
C PRO G 47 40.40 22.11 68.97
N GLY G 48 41.54 22.80 68.91
CA GLY G 48 42.73 22.42 69.65
C GLY G 48 42.60 22.67 71.14
N GLY G 49 41.60 23.46 71.53
CA GLY G 49 41.32 23.64 72.96
C GLY G 49 41.87 24.90 73.60
N THR G 50 42.19 25.92 72.81
CA THR G 50 42.50 27.22 73.35
C THR G 50 41.19 27.80 73.84
N ARG G 51 41.24 28.45 74.98
CA ARG G 51 40.07 29.07 75.58
C ARG G 51 40.19 30.57 75.33
N LEU G 52 39.20 31.11 74.62
CA LEU G 52 39.23 32.54 74.29
C LEU G 52 38.22 33.33 75.10
N LEU G 53 38.70 34.36 75.78
CA LEU G 53 37.82 35.18 76.59
C LEU G 53 37.13 36.15 75.67
N ASP G 54 35.80 36.06 75.61
CA ASP G 54 35.03 36.81 74.63
C ASP G 54 34.44 38.11 75.18
N PHE G 55 35.19 39.20 75.11
CA PHE G 55 34.65 40.52 75.49
C PHE G 55 34.05 41.32 74.32
N PHE G 56 33.67 40.60 73.26
CA PHE G 56 32.68 41.11 72.31
C PHE G 56 31.29 40.62 72.76
N ASN G 57 31.27 39.50 73.52
CA ASN G 57 30.02 38.78 73.76
C ASN G 57 29.36 38.51 72.36
N GLN G 58 30.18 37.98 71.44
CA GLN G 58 29.90 37.93 69.98
C GLN G 58 29.46 39.28 69.39
N LEU G 59 28.17 39.60 69.44
CA LEU G 59 27.72 40.91 68.99
C LEU G 59 26.89 41.57 70.10
N CYS G 60 27.42 41.53 71.34
CA CYS G 60 26.67 41.95 72.55
C CYS G 60 25.30 41.31 72.65
N CYS G 61 25.21 40.03 72.29
CA CYS G 61 23.95 39.31 72.15
C CYS G 61 23.91 37.97 72.93
N VAL G 62 24.94 37.65 73.70
CA VAL G 62 24.85 36.45 74.52
C VAL G 62 24.72 36.88 76.02
N ASN G 63 23.63 37.59 76.35
CA ASN G 63 23.54 38.30 77.63
C ASN G 63 23.64 37.30 78.78
N LEU G 64 23.03 36.13 78.61
CA LEU G 64 22.92 35.14 79.65
C LEU G 64 24.20 34.39 80.01
N GLY G 65 25.17 34.45 79.10
CA GLY G 65 26.30 33.52 79.15
C GLY G 65 26.11 32.50 78.05
N GLN G 66 27.21 31.98 77.52
CA GLN G 66 27.15 31.02 76.41
C GLN G 66 26.60 29.69 76.90
N LYS G 67 25.72 29.06 76.13
CA LYS G 67 25.28 27.68 76.46
C LYS G 67 24.81 27.49 77.89
N ASN G 68 23.80 28.27 78.29
CA ASN G 68 23.23 28.11 79.66
C ASN G 68 22.54 26.75 79.76
N GLN G 69 22.97 25.96 80.73
CA GLN G 69 22.43 24.63 80.93
C GLN G 69 20.90 24.63 81.11
N LYS G 70 20.36 25.67 81.73
CA LYS G 70 18.94 25.72 82.01
C LYS G 70 18.19 26.07 80.74
N VAL G 71 18.71 27.01 79.97
CA VAL G 71 18.17 27.32 78.66
C VAL G 71 18.19 26.06 77.75
N ASN G 72 19.34 25.39 77.73
CA ASN G 72 19.49 24.24 76.87
C ASN G 72 18.60 23.09 77.27
N ALA G 73 18.37 22.90 78.56
CA ALA G 73 17.42 21.88 78.98
C ALA G 73 15.98 22.26 78.66
N ALA G 74 15.63 23.55 78.76
CA ALA G 74 14.27 24.01 78.48
C ALA G 74 13.90 23.80 77.02
N ILE G 75 14.92 23.94 76.16
CA ILE G 75 14.85 23.72 74.72
C ILE G 75 14.66 22.23 74.46
N LYS G 76 15.58 21.40 74.95
CA LYS G 76 15.49 19.94 74.83
C LYS G 76 14.08 19.44 75.19
N GLU G 77 13.47 20.07 76.20
CA GLU G 77 12.12 19.74 76.63
C GLU G 77 11.09 20.09 75.56
N ALA G 78 11.15 21.30 75.03
CA ALA G 78 10.19 21.74 74.01
C ALA G 78 10.24 20.83 72.76
N LEU G 79 11.42 20.27 72.51
CA LEU G 79 11.61 19.28 71.46
C LEU G 79 10.90 17.95 71.71
N ASP G 80 10.42 17.69 72.92
CA ASP G 80 9.60 16.50 73.19
C ASP G 80 8.20 16.64 72.63
N ARG G 81 7.79 17.89 72.47
CA ARG G 81 6.45 18.20 72.01
C ARG G 81 6.44 18.74 70.59
N TYR G 82 7.53 19.39 70.20
CA TYR G 82 7.60 20.15 68.92
C TYR G 82 8.86 19.85 68.10
N GLY G 83 8.81 20.02 66.79
CA GLY G 83 7.59 20.35 66.06
C GLY G 83 7.66 21.78 65.60
N PHE G 84 6.58 22.21 64.94
CA PHE G 84 6.43 23.58 64.48
C PHE G 84 4.97 23.91 64.21
N VAL G 85 4.55 25.10 64.63
CA VAL G 85 3.23 25.63 64.30
C VAL G 85 3.56 27.07 63.98
N TRP G 86 2.91 27.66 62.96
CA TRP G 86 3.11 29.08 62.65
C TRP G 86 2.19 29.97 63.51
N ASP G 87 2.27 31.28 63.30
CA ASP G 87 1.68 32.27 64.23
C ASP G 87 0.19 32.10 64.45
N THR G 88 -0.46 31.36 63.54
CA THR G 88 -1.90 31.19 63.58
C THR G 88 -2.32 30.30 64.73
N TYR G 89 -1.38 29.47 65.20
CA TYR G 89 -1.63 28.53 66.29
C TYR G 89 -1.05 29.08 67.59
N ALA G 90 -1.81 28.87 68.66
CA ALA G 90 -1.41 29.21 70.02
C ALA G 90 -0.60 28.07 70.65
N THR G 91 0.45 28.46 71.36
CA THR G 91 1.18 27.51 72.20
C THR G 91 1.47 28.15 73.53
N ASP G 92 1.74 27.30 74.51
CA ASP G 92 2.14 27.74 75.83
C ASP G 92 3.37 28.62 75.80
N TYR G 93 4.43 28.21 75.09
CA TYR G 93 5.67 28.98 75.05
C TYR G 93 5.52 30.38 74.44
N LYS G 94 4.80 30.53 73.33
CA LYS G 94 4.59 31.86 72.73
C LYS G 94 3.77 32.74 73.67
N ALA G 95 2.70 32.18 74.24
CA ALA G 95 1.83 32.95 75.09
C ALA G 95 2.50 33.33 76.41
N LYS G 96 3.29 32.42 76.98
CA LYS G 96 4.06 32.71 78.18
C LYS G 96 5.11 33.77 77.92
N ALA G 97 5.83 33.63 76.82
CA ALA G 97 6.85 34.60 76.42
C ALA G 97 6.32 36.03 76.38
N ALA G 98 5.17 36.26 75.73
CA ALA G 98 4.54 37.60 75.68
C ALA G 98 4.19 38.06 77.09
N LYS G 99 3.66 37.18 77.93
CA LYS G 99 3.24 37.54 79.29
C LYS G 99 4.40 37.97 80.17
N ILE G 100 5.52 37.24 80.08
CA ILE G 100 6.72 37.59 80.82
C ILE G 100 7.21 38.99 80.46
N ILE G 101 7.29 39.30 79.16
CA ILE G 101 7.66 40.66 78.73
C ILE G 101 6.70 41.74 79.24
N ILE G 102 5.38 41.58 79.02
CA ILE G 102 4.40 42.64 79.38
C ILE G 102 4.11 42.76 80.89
N GLU G 103 3.75 41.64 81.52
CA GLU G 103 3.33 41.58 82.89
C GLU G 103 4.53 41.51 83.82
N ASP G 104 5.57 40.77 83.43
CA ASP G 104 6.71 40.52 84.34
C ASP G 104 7.84 41.53 84.18
N ILE G 105 8.47 41.61 83.02
CA ILE G 105 9.56 42.55 82.85
C ILE G 105 9.11 44.02 82.86
N LEU G 106 8.13 44.36 82.00
CA LEU G 106 7.61 45.73 81.93
C LEU G 106 6.40 46.02 82.88
N GLY G 107 6.27 45.27 83.98
CA GLY G 107 5.03 45.31 84.78
C GLY G 107 4.70 46.62 85.50
N ASP G 108 5.73 47.40 85.79
CA ASP G 108 5.59 48.64 86.53
C ASP G 108 5.42 49.83 85.58
N GLU G 109 5.43 49.55 84.27
CA GLU G 109 5.10 50.56 83.26
C GLU G 109 3.76 50.21 82.65
N ASP G 110 2.91 51.20 82.43
CA ASP G 110 1.55 50.87 81.99
C ASP G 110 1.26 51.21 80.53
N TRP G 111 2.29 51.61 79.80
CA TRP G 111 2.16 51.97 78.41
C TRP G 111 2.11 50.77 77.45
N PRO G 112 2.74 49.62 77.79
CA PRO G 112 2.84 48.54 76.78
C PRO G 112 1.53 47.79 76.59
N GLY G 113 1.28 47.34 75.37
CA GLY G 113 0.08 46.60 75.02
C GLY G 113 0.38 45.16 74.63
N LYS G 114 0.98 44.97 73.46
CA LYS G 114 1.08 43.61 72.91
C LYS G 114 2.48 43.31 72.37
N VAL G 115 2.76 42.05 72.08
CA VAL G 115 4.02 41.65 71.45
C VAL G 115 3.72 41.02 70.06
N ARG G 116 4.61 41.24 69.10
CA ARG G 116 4.72 40.35 67.97
C ARG G 116 6.09 39.67 67.97
N PHE G 117 6.14 38.34 67.96
CA PHE G 117 7.41 37.65 67.76
C PHE G 117 7.76 37.34 66.32
N VAL G 118 9.02 37.62 65.99
CA VAL G 118 9.65 37.37 64.71
C VAL G 118 10.99 36.65 65.04
N SER G 119 11.96 36.69 64.14
CA SER G 119 13.13 35.80 64.25
C SER G 119 14.45 36.51 64.43
N THR G 120 14.50 37.78 64.07
CA THR G 120 15.75 38.49 64.06
C THR G 120 15.46 39.92 64.48
N GLY G 121 16.48 40.65 64.91
CA GLY G 121 16.30 42.09 65.21
C GLY G 121 15.91 42.94 63.98
N SER G 122 16.44 42.62 62.79
CA SER G 122 16.09 43.32 61.55
C SER G 122 14.60 43.21 61.26
N GLU G 123 14.10 42.01 61.44
CA GLU G 123 12.69 41.70 61.28
C GLU G 123 11.81 42.47 62.27
N ALA G 124 12.30 42.63 63.49
CA ALA G 124 11.62 43.40 64.51
C ALA G 124 11.55 44.85 64.09
N VAL G 125 12.69 45.36 63.63
CA VAL G 125 12.70 46.75 63.10
C VAL G 125 11.77 46.88 61.91
N GLU G 126 11.73 45.93 60.98
CA GLU G 126 10.77 46.05 59.88
C GLU G 126 9.34 46.19 60.41
N THR G 127 9.00 45.35 61.40
CA THR G 127 7.66 45.30 61.93
C THR G 127 7.33 46.63 62.62
N ALA G 128 8.28 47.18 63.35
CA ALA G 128 8.08 48.46 63.99
C ALA G 128 7.86 49.56 62.96
N LEU G 129 8.64 49.56 61.88
CA LEU G 129 8.47 50.57 60.84
C LEU G 129 7.06 50.53 60.25
N ASN G 130 6.65 49.33 59.90
CA ASN G 130 5.34 49.05 59.36
C ASN G 130 4.21 49.49 60.23
N ILE G 131 4.23 49.07 61.49
CA ILE G 131 3.21 49.42 62.47
C ILE G 131 3.12 50.94 62.64
N ALA G 132 4.26 51.61 62.75
CA ALA G 132 4.30 53.07 63.00
C ALA G 132 3.62 53.80 61.86
N ARG G 133 3.98 53.38 60.65
CA ARG G 133 3.48 54.01 59.45
C ARG G 133 2.01 53.70 59.33
N LEU G 134 1.64 52.46 59.66
CA LEU G 134 0.23 52.08 59.65
C LEU G 134 -0.62 52.83 60.69
N TYR G 135 -0.15 52.90 61.93
CA TYR G 135 -0.86 53.59 62.97
C TYR G 135 -1.09 55.06 62.69
N THR G 136 -0.06 55.74 62.21
CA THR G 136 -0.14 57.22 62.00
C THR G 136 -0.71 57.57 60.63
N ASN G 137 -0.75 56.59 59.74
CA ASN G 137 -1.00 56.82 58.31
C ASN G 137 -0.08 57.84 57.67
N ARG G 138 1.22 57.68 57.90
CA ARG G 138 2.21 58.65 57.45
C ARG G 138 3.40 57.93 56.87
N PRO G 139 4.04 58.50 55.83
CA PRO G 139 5.17 57.87 55.18
C PRO G 139 6.55 57.99 55.84
N LEU G 140 6.92 59.14 56.38
CA LEU G 140 8.32 59.38 56.76
C LEU G 140 8.69 58.92 58.19
N VAL G 141 9.87 58.33 58.32
CA VAL G 141 10.48 57.94 59.56
C VAL G 141 11.82 58.67 59.67
N VAL G 142 12.07 59.27 60.84
CA VAL G 142 13.33 59.97 61.12
C VAL G 142 14.33 59.00 61.77
N THR G 143 15.59 59.03 61.31
CA THR G 143 16.68 58.27 61.90
C THR G 143 17.80 59.26 62.18
N ARG G 144 18.96 58.81 62.65
CA ARG G 144 20.04 59.75 62.96
C ARG G 144 21.31 59.22 62.37
N GLU G 145 22.27 60.10 62.11
CA GLU G 145 23.54 59.67 61.54
C GLU G 145 24.20 58.58 62.42
N HIS G 146 24.81 57.58 61.80
CA HIS G 146 25.53 56.51 62.50
C HIS G 146 24.66 55.51 63.23
N ASP G 147 23.35 55.64 63.16
CA ASP G 147 22.44 54.57 63.63
C ASP G 147 22.66 53.27 62.85
N TYR G 148 22.49 52.15 63.53
CA TYR G 148 22.40 50.86 62.92
C TYR G 148 21.08 50.26 63.37
N HIS G 149 20.20 49.92 62.44
CA HIS G 149 18.90 49.31 62.79
C HIS G 149 18.66 48.00 62.11
N GLY G 150 19.65 47.56 61.34
CA GLY G 150 19.61 46.26 60.71
C GLY G 150 19.96 46.34 59.25
N TRP G 151 19.86 45.19 58.60
CA TRP G 151 20.38 45.05 57.26
C TRP G 151 19.33 44.81 56.17
N THR G 152 18.15 44.28 56.53
CA THR G 152 17.10 43.99 55.56
C THR G 152 16.45 45.31 55.06
N GLY G 153 15.72 45.22 53.96
CA GLY G 153 15.28 46.38 53.19
C GLY G 153 14.89 47.60 54.00
N GLY G 154 13.85 47.46 54.83
CA GLY G 154 13.29 48.58 55.58
C GLY G 154 14.19 49.07 56.70
N ALA G 155 14.75 48.12 57.44
CA ALA G 155 15.69 48.37 58.49
C ALA G 155 16.90 49.08 57.95
N ALA G 156 17.34 48.70 56.75
CA ALA G 156 18.52 49.33 56.14
C ALA G 156 18.37 50.83 55.87
N THR G 157 17.17 51.24 55.44
CA THR G 157 16.90 52.62 55.05
C THR G 157 17.11 53.55 56.25
N VAL G 158 16.90 53.04 57.45
CA VAL G 158 17.12 53.87 58.61
C VAL G 158 18.49 53.61 59.20
N THR G 159 19.33 52.88 58.50
CA THR G 159 20.68 52.63 59.01
C THR G 159 21.62 53.60 58.33
N ARG G 160 22.35 54.39 59.12
CA ARG G 160 23.15 55.42 58.51
C ARG G 160 24.64 55.24 58.75
N LEU G 161 25.11 54.04 58.44
CA LEU G 161 26.53 53.69 58.44
C LEU G 161 26.87 53.13 57.07
N ARG G 162 27.67 53.89 56.33
CA ARG G 162 27.98 53.49 54.97
C ARG G 162 28.89 52.24 54.89
N SER G 163 29.34 51.79 56.06
CA SER G 163 30.27 50.68 56.25
C SER G 163 29.56 49.39 56.70
N PHE G 164 28.22 49.47 56.79
CA PHE G 164 27.36 48.35 57.19
C PHE G 164 26.02 48.28 56.42
N ARG G 165 26.04 48.76 55.19
CA ARG G 165 24.87 48.74 54.34
C ARG G 165 24.91 47.61 53.25
N SER G 166 25.76 46.61 53.47
CA SER G 166 25.83 45.40 52.63
C SER G 166 26.43 45.69 51.30
N GLY G 167 27.15 46.80 51.22
CA GLY G 167 27.84 47.20 49.97
C GLY G 167 29.19 46.49 49.89
N LEU G 168 30.00 46.95 48.94
CA LEU G 168 31.25 46.25 48.59
C LEU G 168 32.42 47.21 48.67
N VAL G 169 33.53 46.72 49.24
CA VAL G 169 34.79 47.45 49.23
C VAL G 169 35.91 46.50 48.83
N GLY G 170 37.04 47.08 48.43
CA GLY G 170 38.24 46.36 48.07
C GLY G 170 39.13 46.00 49.25
N GLU G 171 40.22 45.32 48.93
CA GLU G 171 41.16 44.81 49.90
C GLU G 171 42.28 45.83 50.04
N ASN G 172 42.31 46.53 51.18
CA ASN G 172 43.35 47.49 51.44
C ASN G 172 43.44 48.47 50.29
N SER G 173 42.27 48.87 49.78
CA SER G 173 42.18 49.67 48.59
C SER G 173 40.92 50.53 48.61
N GLU G 174 41.08 51.74 48.08
CA GLU G 174 39.99 52.69 47.93
C GLU G 174 39.21 52.57 46.61
N SER G 175 39.50 51.57 45.79
CA SER G 175 39.07 51.62 44.39
C SER G 175 37.94 50.70 43.90
N PHE G 176 37.47 49.79 44.73
CA PHE G 176 36.54 48.78 44.20
C PHE G 176 35.24 48.86 44.98
N SER G 177 34.78 50.10 45.21
CA SER G 177 33.73 50.34 46.18
C SER G 177 32.39 50.47 45.49
N ALA G 178 31.32 50.12 46.19
CA ALA G 178 29.99 50.22 45.63
C ALA G 178 28.98 50.04 46.75
N GLN G 179 27.88 50.78 46.67
CA GLN G 179 26.73 50.57 47.55
C GLN G 179 25.69 49.87 46.67
N ILE G 180 24.67 49.26 47.24
CA ILE G 180 23.71 48.50 46.42
C ILE G 180 22.90 49.41 45.49
N PRO G 181 22.92 49.16 44.16
CA PRO G 181 22.22 50.03 43.19
C PRO G 181 20.79 50.30 43.61
N GLY G 182 20.45 51.57 43.76
CA GLY G 182 19.10 51.98 44.19
C GLY G 182 18.78 51.96 45.67
N SER G 183 19.80 52.09 46.53
CA SER G 183 19.60 52.08 47.98
C SER G 183 19.61 53.51 48.50
N SER G 187 14.32 57.83 50.84
CA SER G 187 13.22 57.00 50.34
C SER G 187 12.27 56.65 51.50
N ALA G 188 11.50 57.66 51.87
CA ALA G 188 10.60 57.66 53.04
C ALA G 188 11.37 57.79 54.35
N VAL G 189 12.55 58.42 54.34
CA VAL G 189 13.46 58.40 55.48
C VAL G 189 14.29 59.68 55.58
N LEU G 190 14.19 60.35 56.73
CA LEU G 190 14.96 61.55 57.02
C LEU G 190 16.08 61.22 57.99
N MET G 191 17.30 61.67 57.68
CA MET G 191 18.40 61.52 58.62
C MET G 191 18.58 62.81 59.43
N ALA G 192 18.50 62.71 60.76
CA ALA G 192 18.59 63.88 61.67
C ALA G 192 19.98 63.85 62.24
N PRO G 193 20.44 64.92 62.92
CA PRO G 193 21.81 64.74 63.38
C PRO G 193 21.87 63.74 64.54
N SER G 194 23.04 63.08 64.68
CA SER G 194 23.38 62.27 65.85
C SER G 194 23.28 63.10 67.13
N SER G 195 22.98 62.44 68.24
CA SER G 195 23.03 63.09 69.55
C SER G 195 24.43 63.65 69.83
N ASN G 196 25.46 62.96 69.35
CA ASN G 196 26.84 63.38 69.53
C ASN G 196 27.33 64.49 68.61
N THR G 197 26.45 65.45 68.30
CA THR G 197 26.83 66.50 67.38
C THR G 197 26.73 67.87 68.06
N PHE G 198 27.55 68.82 67.60
CA PHE G 198 27.48 70.22 68.05
C PHE G 198 28.23 70.58 69.36
N TYR G 205 28.66 70.74 74.92
CA TYR G 205 27.55 70.38 74.03
C TYR G 205 26.56 71.54 73.86
N LEU G 206 26.33 71.97 72.62
CA LEU G 206 25.55 73.20 72.41
C LEU G 206 24.05 73.02 72.63
N LYS G 207 23.42 74.09 73.15
CA LYS G 207 22.02 74.11 73.55
C LYS G 207 21.26 75.36 73.11
N ASP G 208 19.97 75.38 73.45
CA ASP G 208 19.05 76.39 72.95
C ASP G 208 18.98 77.70 73.71
N GLU G 209 19.25 77.68 75.03
CA GLU G 209 18.98 78.80 75.97
C GLU G 209 17.54 78.78 76.52
N ASN G 210 16.67 78.13 75.76
CA ASN G 210 15.50 77.47 76.29
C ASN G 210 15.93 76.01 76.63
N GLY G 211 17.23 75.73 76.53
CA GLY G 211 17.84 74.53 77.11
C GLY G 211 17.88 73.29 76.23
N GLU G 212 17.22 73.37 75.09
CA GLU G 212 17.14 72.26 74.16
C GLU G 212 18.46 72.13 73.39
N LEU G 213 19.00 70.92 73.39
CA LEU G 213 20.19 70.56 72.59
C LEU G 213 19.95 70.89 71.12
N LEU G 214 20.95 71.45 70.44
CA LEU G 214 20.84 71.84 69.03
C LEU G 214 20.51 70.65 68.14
N SER G 215 21.07 69.49 68.44
CA SER G 215 20.74 68.27 67.71
C SER G 215 19.24 67.96 67.75
N VAL G 216 18.59 68.13 68.90
CA VAL G 216 17.13 67.96 69.02
C VAL G 216 16.37 69.08 68.29
N LYS G 217 16.85 70.31 68.47
CA LYS G 217 16.20 71.47 67.86
C LYS G 217 16.13 71.33 66.35
N TYR G 218 17.21 70.85 65.74
CA TYR G 218 17.28 70.78 64.31
C TYR G 218 16.50 69.56 63.84
N THR G 219 16.52 68.49 64.65
CA THR G 219 15.63 67.35 64.42
C THR G 219 14.19 67.85 64.45
N ARG G 220 13.83 68.72 65.41
CA ARG G 220 12.50 69.35 65.44
C ARG G 220 12.24 70.16 64.19
N ARG G 221 13.14 71.11 63.89
CA ARG G 221 13.06 71.95 62.69
C ARG G 221 12.90 71.12 61.38
N MET G 222 13.53 69.93 61.32
CA MET G 222 13.37 69.01 60.18
C MET G 222 11.93 68.52 60.00
N ILE G 223 11.38 67.98 61.08
CA ILE G 223 10.04 67.42 61.12
C ILE G 223 9.07 68.51 60.78
N GLU G 224 9.40 69.73 61.17
CA GLU G 224 8.55 70.87 60.87
C GLU G 224 8.66 71.30 59.41
N ASN G 225 9.82 71.10 58.79
CA ASN G 225 10.02 71.50 57.41
C ASN G 225 9.26 70.59 56.46
N TYR G 226 9.29 69.29 56.72
CA TYR G 226 8.46 68.39 55.95
C TYR G 226 7.01 68.50 56.37
N GLY G 227 6.77 68.92 57.62
CA GLY G 227 5.44 68.93 58.23
C GLY G 227 5.18 67.70 59.11
N PRO G 228 4.80 67.91 60.39
CA PRO G 228 4.59 66.76 61.34
C PRO G 228 3.57 65.73 60.81
N GLU G 229 2.65 66.20 59.98
CA GLU G 229 1.62 65.33 59.43
C GLU G 229 2.20 64.33 58.39
N GLN G 230 3.48 64.52 58.03
CA GLN G 230 4.12 63.57 57.13
C GLN G 230 4.91 62.51 57.86
N VAL G 231 5.14 62.71 59.16
CA VAL G 231 6.18 62.00 59.89
C VAL G 231 5.58 61.02 60.89
N ALA G 232 5.86 59.74 60.67
CA ALA G 232 5.32 58.69 61.49
C ALA G 232 6.02 58.62 62.84
N ALA G 233 7.35 58.66 62.81
CA ALA G 233 8.09 58.10 63.91
C ALA G 233 9.54 58.49 63.78
N VAL G 234 10.16 58.70 64.94
CA VAL G 234 11.59 58.89 65.10
C VAL G 234 12.05 57.58 65.72
N ILE G 235 12.99 56.90 65.08
CA ILE G 235 13.54 55.67 65.64
C ILE G 235 14.94 55.95 66.15
N THR G 236 15.20 55.58 67.40
CA THR G 236 16.54 55.76 67.97
C THR G 236 17.12 54.45 68.48
N GLU G 237 18.43 54.48 68.69
CA GLU G 237 19.12 53.64 69.62
C GLU G 237 19.43 54.60 70.76
N VAL G 238 18.97 54.31 71.98
CA VAL G 238 19.36 55.07 73.19
C VAL G 238 20.88 55.32 73.27
N SER G 239 21.67 54.27 73.04
CA SER G 239 23.12 54.31 72.88
C SER G 239 23.47 53.57 71.56
N GLN G 240 24.22 54.21 70.67
CA GLN G 240 24.51 53.63 69.36
C GLN G 240 25.42 52.40 69.46
N GLY G 241 24.94 51.30 68.89
CA GLY G 241 25.57 50.01 69.09
C GLY G 241 26.76 49.80 68.20
N VAL G 242 26.53 49.38 66.94
CA VAL G 242 27.62 49.32 65.97
C VAL G 242 28.28 50.72 65.88
N GLY G 243 27.48 51.78 65.79
CA GLY G 243 28.02 53.16 65.70
C GLY G 243 28.85 53.60 66.92
N SER G 244 28.69 52.87 68.03
CA SER G 244 29.50 53.08 69.26
C SER G 244 29.50 54.52 69.85
N THR G 245 28.33 55.02 70.26
CA THR G 245 28.27 56.26 71.04
C THR G 245 27.42 56.14 72.32
N MET G 246 27.66 57.04 73.25
CA MET G 246 26.78 57.30 74.34
C MET G 246 26.30 58.74 74.15
N PRO G 247 25.04 59.04 74.51
CA PRO G 247 24.52 60.41 74.30
C PRO G 247 24.79 61.33 75.48
N PRO G 248 24.55 62.64 75.31
CA PRO G 248 24.40 63.52 76.50
C PRO G 248 23.20 63.01 77.28
N TYR G 249 23.16 63.20 78.59
CA TYR G 249 22.06 62.64 79.36
C TYR G 249 20.72 63.20 78.88
N GLU G 250 20.70 64.45 78.46
CA GLU G 250 19.47 65.12 78.12
C GLU G 250 18.85 64.70 76.79
N TYR G 251 19.64 64.04 75.94
CA TYR G 251 19.16 63.70 74.59
C TYR G 251 17.87 62.88 74.56
N VAL G 252 17.85 61.75 75.28
CA VAL G 252 16.67 60.87 75.25
C VAL G 252 15.39 61.57 75.74
N PRO G 253 15.40 62.15 76.96
CA PRO G 253 14.16 62.85 77.35
C PRO G 253 13.70 63.97 76.39
N GLN G 254 14.61 64.69 75.77
CA GLN G 254 14.19 65.79 74.91
C GLN G 254 13.65 65.27 73.57
N ILE G 255 14.10 64.12 73.12
CA ILE G 255 13.46 63.46 71.97
C ILE G 255 12.03 63.01 72.29
N ARG G 256 11.85 62.26 73.37
CA ARG G 256 10.52 61.81 73.75
C ARG G 256 9.59 63.02 73.86
N LYS G 257 10.08 64.11 74.46
CA LYS G 257 9.25 65.30 74.59
C LYS G 257 8.94 65.95 73.24
N MET G 258 9.97 66.14 72.41
CA MET G 258 9.73 66.74 71.09
C MET G 258 8.75 65.91 70.23
N THR G 259 8.94 64.60 70.22
CA THR G 259 8.03 63.71 69.45
C THR G 259 6.58 63.77 69.93
N LYS G 260 6.38 63.75 71.25
CA LYS G 260 5.05 64.00 71.84
C LYS G 260 4.40 65.34 71.45
N GLU G 261 5.19 66.40 71.44
CA GLU G 261 4.65 67.74 71.20
C GLU G 261 4.15 67.87 69.78
N LEU G 262 4.85 67.20 68.86
CA LEU G 262 4.53 67.21 67.44
C LEU G 262 3.67 65.98 67.03
N GLY G 263 3.36 65.11 67.98
CA GLY G 263 2.40 64.06 67.71
C GLY G 263 3.01 62.98 66.83
N VAL G 264 4.31 62.80 66.97
CA VAL G 264 5.07 61.79 66.27
C VAL G 264 5.43 60.64 67.24
N LEU G 265 5.49 59.41 66.73
CA LEU G 265 5.84 58.24 67.54
C LEU G 265 7.31 58.17 67.77
N TRP G 266 7.72 57.51 68.86
CA TRP G 266 9.11 57.22 69.09
C TRP G 266 9.23 55.71 69.25
N ILE G 267 10.02 55.10 68.36
CA ILE G 267 10.43 53.74 68.51
C ILE G 267 11.81 53.75 69.17
N SER G 268 11.93 52.99 70.27
CA SER G 268 13.22 52.82 70.91
C SER G 268 13.76 51.49 70.43
N ASP G 269 14.91 51.53 69.75
CA ASP G 269 15.48 50.31 69.19
C ASP G 269 16.39 49.65 70.18
N GLU G 270 15.83 48.69 70.88
CA GLU G 270 16.50 48.06 71.99
C GLU G 270 17.06 46.70 71.64
N VAL G 271 17.29 46.41 70.35
CA VAL G 271 17.83 45.10 69.95
C VAL G 271 19.11 44.81 70.71
N LEU G 272 20.01 45.79 70.74
CA LEU G 272 21.27 45.69 71.47
C LEU G 272 21.18 46.07 72.95
N THR G 273 20.61 47.25 73.25
CA THR G 273 20.53 47.72 74.61
C THR G 273 19.52 46.99 75.52
N GLY G 274 18.76 46.03 74.98
CA GLY G 274 17.66 45.41 75.74
C GLY G 274 18.10 44.29 76.70
N PHE G 275 17.19 43.89 77.59
CA PHE G 275 17.38 42.72 78.48
C PHE G 275 18.67 42.74 79.28
N GLY G 276 18.84 43.83 80.04
CA GLY G 276 19.87 43.94 81.05
C GLY G 276 21.20 44.50 80.60
N ARG G 277 21.36 44.72 79.31
CA ARG G 277 22.67 45.14 78.74
C ARG G 277 23.21 46.36 79.43
N THR G 278 22.33 47.27 79.84
CA THR G 278 22.81 48.59 80.34
C THR G 278 22.69 48.72 81.86
N GLY G 279 22.38 47.61 82.51
CA GLY G 279 22.16 47.61 83.96
C GLY G 279 20.72 47.88 84.24
N LYS G 280 19.88 47.96 83.23
CA LYS G 280 18.45 47.98 83.49
C LYS G 280 17.81 47.06 82.48
N TRP G 281 16.50 46.82 82.61
CA TRP G 281 15.83 45.99 81.65
C TRP G 281 16.00 46.58 80.29
N PHE G 282 15.86 47.91 80.17
CA PHE G 282 16.01 48.59 78.88
C PHE G 282 16.78 49.90 78.95
N GLY G 283 17.46 50.20 77.85
CA GLY G 283 18.21 51.43 77.66
C GLY G 283 17.43 52.69 77.99
N TYR G 284 16.21 52.81 77.48
CA TYR G 284 15.42 54.00 77.76
C TYR G 284 15.09 54.17 79.23
N GLN G 285 15.14 53.10 80.02
CA GLN G 285 14.76 53.20 81.46
C GLN G 285 15.76 54.01 82.27
N HIS G 286 16.90 54.32 81.67
CA HIS G 286 17.83 55.22 82.31
C HIS G 286 17.34 56.66 82.24
N TYR G 287 16.24 56.94 81.54
CA TYR G 287 15.93 58.34 81.21
C TYR G 287 14.54 58.89 81.58
N GLY G 288 13.82 58.18 82.44
CA GLY G 288 12.50 58.59 82.89
C GLY G 288 11.43 58.72 81.84
N VAL G 289 11.58 58.01 80.71
CA VAL G 289 10.64 58.12 79.59
C VAL G 289 10.12 56.76 79.12
N GLN G 290 8.95 56.76 78.50
CA GLN G 290 8.40 55.55 77.91
C GLN G 290 8.26 55.69 76.40
N PRO G 291 8.70 54.68 75.62
CA PRO G 291 8.54 54.79 74.18
C PRO G 291 7.15 54.39 73.76
N ASP G 292 6.89 54.46 72.45
CA ASP G 292 5.60 54.11 71.88
C ASP G 292 5.67 52.65 71.44
N ILE G 293 6.85 52.27 70.99
CA ILE G 293 7.16 51.00 70.35
C ILE G 293 8.61 50.66 70.71
N ILE G 294 8.87 49.39 70.95
CA ILE G 294 10.23 48.95 71.19
C ILE G 294 10.53 47.81 70.26
N THR G 295 11.74 47.75 69.74
CA THR G 295 12.22 46.60 68.99
C THR G 295 13.22 45.79 69.79
N MET G 296 13.12 44.47 69.72
CA MET G 296 13.97 43.54 70.48
C MET G 296 14.59 42.38 69.64
N GLY G 297 15.75 41.91 70.08
CA GLY G 297 16.44 40.75 69.56
C GLY G 297 17.55 40.35 70.52
N LYS G 298 18.62 39.78 69.98
CA LYS G 298 19.83 39.53 70.74
C LYS G 298 19.61 38.98 72.17
N GLY G 299 19.60 39.86 73.16
CA GLY G 299 19.42 39.44 74.56
C GLY G 299 18.07 38.84 74.90
N LEU G 300 17.09 39.03 74.03
CA LEU G 300 15.77 38.37 74.14
C LEU G 300 15.86 36.86 74.31
N SER G 301 16.71 36.22 73.52
CA SER G 301 16.93 34.78 73.70
C SER G 301 18.38 34.49 74.11
N SER G 302 19.15 35.55 74.34
CA SER G 302 20.59 35.47 74.53
C SER G 302 21.26 34.65 73.43
N SER G 303 20.70 34.75 72.21
CA SER G 303 21.23 34.07 71.01
C SER G 303 21.19 32.54 71.07
N SER G 304 20.49 31.99 72.08
CA SER G 304 20.36 30.54 72.18
C SER G 304 19.62 30.00 70.93
N LEU G 305 18.58 30.72 70.51
CA LEU G 305 17.89 30.49 69.24
C LEU G 305 17.40 31.80 68.60
N PRO G 306 17.23 31.81 67.24
CA PRO G 306 16.85 33.06 66.58
C PRO G 306 15.47 33.56 67.02
N ALA G 307 15.47 34.68 67.76
CA ALA G 307 14.23 35.34 68.13
C ALA G 307 14.36 36.87 68.07
N GLY G 308 13.28 37.53 67.68
CA GLY G 308 13.20 39.01 67.64
C GLY G 308 11.78 39.40 68.05
N ALA G 309 11.58 40.62 68.52
CA ALA G 309 10.24 41.05 68.96
C ALA G 309 9.97 42.55 68.81
N VAL G 310 8.69 42.87 68.80
CA VAL G 310 8.21 44.21 68.84
C VAL G 310 7.18 44.25 70.00
N VAL G 311 7.36 45.19 70.95
CA VAL G 311 6.30 45.62 71.89
C VAL G 311 5.68 46.96 71.46
N VAL G 312 4.36 46.99 71.33
CA VAL G 312 3.66 48.26 71.09
C VAL G 312 2.78 48.63 72.28
N SER G 313 2.49 49.93 72.34
CA SER G 313 1.69 50.56 73.36
C SER G 313 0.26 50.11 73.31
N LYS G 314 -0.47 50.31 74.40
CA LYS G 314 -1.89 49.95 74.46
C LYS G 314 -2.67 50.65 73.36
N GLU G 315 -2.34 51.93 73.14
CA GLU G 315 -2.92 52.81 72.14
C GLU G 315 -2.76 52.21 70.74
N ILE G 316 -1.55 51.79 70.42
CA ILE G 316 -1.22 51.26 69.13
C ILE G 316 -1.82 49.88 68.99
N ALA G 317 -1.74 49.09 70.06
CA ALA G 317 -2.27 47.72 70.04
C ALA G 317 -3.78 47.70 69.83
N ALA G 318 -4.50 48.48 70.64
CA ALA G 318 -5.94 48.71 70.43
C ALA G 318 -6.29 49.02 68.94
N PHE G 319 -5.52 49.93 68.31
CA PHE G 319 -5.75 50.31 66.92
C PHE G 319 -5.54 49.15 65.92
N MET G 320 -4.38 48.51 65.98
CA MET G 320 -4.14 47.26 65.23
C MET G 320 -5.20 46.18 65.48
N ASP G 321 -5.62 46.00 66.73
CA ASP G 321 -6.73 45.09 67.10
C ASP G 321 -8.08 45.25 66.37
N LYS G 322 -8.43 46.49 65.96
CA LYS G 322 -9.64 46.78 65.14
C LYS G 322 -9.53 46.35 63.65
N HIS G 323 -8.35 45.91 63.22
CA HIS G 323 -8.11 45.58 61.80
C HIS G 323 -7.65 44.14 61.62
N ARG G 324 -7.75 43.64 60.38
CA ARG G 324 -7.13 42.38 59.97
C ARG G 324 -5.78 42.71 59.34
N TRP G 325 -4.71 42.19 59.91
CA TRP G 325 -3.35 42.53 59.47
C TRP G 325 -2.77 41.46 58.56
N GLU G 326 -2.58 41.85 57.31
CA GLU G 326 -2.28 40.92 56.23
C GLU G 326 -0.79 40.66 56.14
N SER G 327 -0.17 40.24 57.25
CA SER G 327 1.27 39.99 57.31
C SER G 327 1.53 38.59 57.85
N VAL G 328 2.45 37.85 57.23
CA VAL G 328 2.82 36.52 57.69
C VAL G 328 4.34 36.40 57.63
N SER G 329 4.90 35.69 58.60
CA SER G 329 6.28 35.31 58.59
C SER G 329 6.31 33.91 59.10
N THR G 330 6.82 33.01 58.28
CA THR G 330 6.69 31.60 58.51
C THR G 330 7.11 31.27 59.92
N TYR G 331 8.30 31.73 60.31
CA TYR G 331 8.93 31.27 61.51
C TYR G 331 8.62 32.19 62.74
N ALA G 332 7.77 33.19 62.56
CA ALA G 332 7.45 34.12 63.65
C ALA G 332 6.77 33.36 64.79
N GLY G 333 7.33 33.36 65.99
CA GLY G 333 6.65 32.71 67.07
C GLY G 333 7.00 31.24 67.16
N HIS G 334 7.94 30.79 66.32
CA HIS G 334 8.48 29.42 66.41
C HIS G 334 8.51 28.92 67.88
N PRO G 335 7.77 27.81 68.17
CA PRO G 335 7.54 27.41 69.56
C PRO G 335 8.81 26.98 70.22
N VAL G 336 9.79 26.51 69.47
CA VAL G 336 11.01 26.08 70.16
C VAL G 336 11.87 27.28 70.49
N ALA G 337 11.84 28.28 69.62
CA ALA G 337 12.47 29.58 69.85
C ALA G 337 11.82 30.21 71.05
N MET G 338 10.50 30.16 71.13
CA MET G 338 9.75 30.73 72.24
C MET G 338 10.04 30.03 73.57
N ALA G 339 10.22 28.70 73.55
CA ALA G 339 10.64 28.00 74.78
C ALA G 339 12.02 28.53 75.26
N ALA G 340 12.90 28.84 74.31
CA ALA G 340 14.23 29.29 74.65
C ALA G 340 14.14 30.69 75.20
N VAL G 341 13.27 31.56 74.63
CA VAL G 341 12.99 32.89 75.22
C VAL G 341 12.44 32.79 76.67
N CYS G 342 11.35 32.05 76.88
CA CYS G 342 10.86 31.78 78.26
C CYS G 342 11.96 31.46 79.28
N ALA G 343 12.86 30.54 78.94
CA ALA G 343 13.85 30.11 79.94
C ALA G 343 14.91 31.19 80.20
N ASN G 344 15.47 31.73 79.12
CA ASN G 344 16.39 32.85 79.13
C ASN G 344 15.88 33.98 80.00
N LEU G 345 14.64 34.42 79.76
CA LEU G 345 14.02 35.46 80.57
C LEU G 345 13.81 35.02 82.02
N GLU G 346 13.40 33.76 82.22
CA GLU G 346 13.17 33.28 83.59
C GLU G 346 14.47 33.25 84.39
N VAL G 347 15.58 32.99 83.69
CA VAL G 347 16.90 32.98 84.33
C VAL G 347 17.32 34.39 84.72
N MET G 348 17.19 35.36 83.81
CA MET G 348 17.54 36.76 84.12
C MET G 348 16.80 37.31 85.34
N MET G 349 15.50 37.03 85.41
CA MET G 349 14.68 37.42 86.55
C MET G 349 15.10 36.74 87.85
N GLU G 350 15.28 35.41 87.83
CA GLU G 350 15.54 34.68 89.10
C GLU G 350 16.99 34.84 89.60
N GLU G 351 17.91 35.05 88.67
CA GLU G 351 19.30 35.28 89.02
C GLU G 351 19.59 36.78 89.26
N ASN G 352 18.55 37.61 89.20
CA ASN G 352 18.71 39.07 89.28
C ASN G 352 19.81 39.65 88.39
N LEU G 353 19.97 39.17 87.17
CA LEU G 353 21.17 39.52 86.40
C LEU G 353 21.23 40.99 85.94
N VAL G 354 20.09 41.68 85.91
CA VAL G 354 20.06 43.10 85.58
C VAL G 354 20.79 43.84 86.69
N GLU G 355 20.53 43.44 87.92
CA GLU G 355 21.21 43.97 89.08
C GLU G 355 22.71 43.66 89.02
N GLN G 356 23.04 42.43 88.66
CA GLN G 356 24.43 42.04 88.58
C GLN G 356 25.14 42.81 87.44
N ALA G 357 24.43 43.11 86.36
CA ALA G 357 25.01 43.86 85.25
C ALA G 357 25.35 45.29 85.68
N LYS G 358 24.45 45.92 86.43
CA LYS G 358 24.70 47.25 86.98
C LYS G 358 25.93 47.27 87.89
N ASN G 359 26.01 46.32 88.81
CA ASN G 359 27.12 46.26 89.74
C ASN G 359 28.48 45.98 89.07
N SER G 360 28.51 45.05 88.15
CA SER G 360 29.71 44.81 87.35
C SER G 360 30.11 46.01 86.51
N GLY G 361 29.11 46.70 85.97
CA GLY G 361 29.33 47.91 85.20
C GLY G 361 30.09 48.94 86.02
N GLU G 362 29.80 49.00 87.31
CA GLU G 362 30.44 50.01 88.15
C GLU G 362 31.88 49.66 88.44
N TYR G 363 32.16 48.37 88.59
CA TYR G 363 33.52 47.85 88.69
C TYR G 363 34.33 48.18 87.41
N ILE G 364 33.70 48.01 86.23
CA ILE G 364 34.32 48.33 84.91
C ILE G 364 34.63 49.85 84.78
N ARG G 365 33.63 50.71 85.02
CA ARG G 365 33.87 52.17 85.19
C ARG G 365 35.16 52.49 85.93
N SER G 366 35.34 51.90 87.12
CA SER G 366 36.52 52.19 87.94
C SER G 366 37.80 51.57 87.36
N LYS G 367 37.65 50.42 86.71
CA LYS G 367 38.77 49.77 86.03
C LYS G 367 39.21 50.57 84.81
N LEU G 368 38.24 51.06 84.05
CA LEU G 368 38.51 51.93 82.92
C LEU G 368 39.19 53.25 83.32
N GLU G 369 38.87 53.76 84.52
CA GLU G 369 39.47 55.00 85.05
C GLU G 369 40.96 54.79 85.22
N LEU G 370 41.35 53.68 85.85
CA LEU G 370 42.76 53.36 86.03
C LEU G 370 43.46 53.19 84.68
N LEU G 371 42.76 52.69 83.68
CA LEU G 371 43.29 52.66 82.33
C LEU G 371 43.45 54.05 81.70
N GLN G 372 42.42 54.89 81.75
CA GLN G 372 42.52 56.20 81.16
C GLN G 372 43.65 57.03 81.81
N GLU G 373 43.81 56.86 83.13
CA GLU G 373 44.91 57.42 83.90
C GLU G 373 46.27 56.88 83.44
N LYS G 374 46.36 55.57 83.24
CA LYS G 374 47.60 54.94 82.78
C LYS G 374 47.91 55.12 81.26
N HIS G 375 46.89 55.41 80.44
CA HIS G 375 47.02 55.46 78.95
C HIS G 375 46.43 56.69 78.27
N LYS G 376 47.29 57.54 77.72
CA LYS G 376 46.81 58.78 77.10
C LYS G 376 46.11 58.53 75.75
N SER G 377 46.11 57.28 75.29
CA SER G 377 45.45 57.00 74.02
C SER G 377 43.96 56.77 74.21
N ILE G 378 43.53 56.57 75.47
CA ILE G 378 42.10 56.52 75.77
C ILE G 378 41.59 57.96 75.83
N GLY G 379 40.81 58.33 74.83
CA GLY G 379 40.42 59.72 74.65
C GLY G 379 39.30 60.04 75.61
N ASN G 380 38.34 59.13 75.69
CA ASN G 380 37.19 59.26 76.55
C ASN G 380 36.54 57.89 76.63
N PHE G 381 35.83 57.61 77.73
CA PHE G 381 34.99 56.43 77.79
C PHE G 381 33.68 56.70 78.52
N ASP G 382 32.76 55.74 78.45
CA ASP G 382 31.43 55.88 79.05
C ASP G 382 30.66 54.64 78.69
N GLY G 383 29.62 54.38 79.49
CA GLY G 383 28.73 53.25 79.28
C GLY G 383 27.90 52.97 80.51
N TYR G 384 27.37 51.74 80.60
CA TYR G 384 26.59 51.26 81.77
C TYR G 384 26.46 49.76 81.64
N GLY G 385 26.25 49.08 82.76
CA GLY G 385 26.16 47.62 82.81
C GLY G 385 27.28 46.92 82.05
N LEU G 386 26.92 46.14 81.03
CA LEU G 386 27.91 45.46 80.18
C LEU G 386 28.05 45.98 78.76
N LEU G 387 27.90 47.29 78.61
CA LEU G 387 28.10 48.02 77.33
C LEU G 387 28.99 49.24 77.54
N TRP G 388 30.20 49.21 76.98
CA TRP G 388 31.15 50.29 77.15
C TRP G 388 31.80 50.71 75.83
N ILE G 389 31.68 52.01 75.52
CA ILE G 389 32.35 52.64 74.38
C ILE G 389 33.60 53.36 74.88
N VAL G 390 34.76 52.99 74.34
CA VAL G 390 36.05 53.63 74.67
C VAL G 390 36.59 54.32 73.41
N ASP G 391 36.76 55.64 73.49
CA ASP G 391 37.29 56.43 72.38
C ASP G 391 38.80 56.43 72.39
N ILE G 392 39.38 56.20 71.21
CA ILE G 392 40.80 56.01 71.09
C ILE G 392 41.34 57.14 70.29
N VAL G 393 42.47 57.70 70.72
CA VAL G 393 43.06 58.86 70.09
C VAL G 393 44.56 58.64 69.97
N ASN G 394 45.17 59.39 69.06
CA ASN G 394 46.61 59.51 68.97
C ASN G 394 47.09 60.21 70.24
N ALA G 395 47.89 59.51 71.05
CA ALA G 395 48.34 60.02 72.35
C ALA G 395 49.02 61.38 72.27
N LYS G 396 49.60 61.70 71.11
CA LYS G 396 50.32 62.96 71.01
C LYS G 396 49.47 64.09 70.42
N THR G 397 48.73 63.82 69.34
CA THR G 397 47.90 64.87 68.73
C THR G 397 46.56 65.06 69.44
N LYS G 398 46.17 64.04 70.20
CA LYS G 398 44.90 63.99 70.94
C LYS G 398 43.67 63.94 70.04
N THR G 399 43.87 63.65 68.75
CA THR G 399 42.75 63.46 67.84
C THR G 399 42.72 62.01 67.34
N PRO G 400 41.59 61.57 66.76
CA PRO G 400 41.53 60.18 66.25
C PRO G 400 42.55 59.91 65.14
N TYR G 401 43.04 58.67 65.13
CA TYR G 401 43.91 58.16 64.08
C TYR G 401 43.26 58.14 62.70
N VAL G 402 42.03 57.66 62.62
CA VAL G 402 41.34 57.54 61.30
C VAL G 402 40.35 58.69 61.07
N LYS G 403 40.75 59.61 60.18
CA LYS G 403 40.02 60.89 59.97
C LYS G 403 38.52 60.76 59.69
N LEU G 404 38.12 59.84 58.82
CA LEU G 404 36.69 59.71 58.52
C LEU G 404 35.86 59.14 59.67
N ASP G 405 36.50 58.70 60.75
CA ASP G 405 35.80 58.19 61.93
C ASP G 405 34.67 57.20 61.58
N ARG G 406 33.43 57.50 61.99
CA ARG G 406 32.27 56.60 61.82
C ARG G 406 31.68 56.62 60.39
N ASN G 407 32.30 57.43 59.56
CA ASN G 407 31.91 57.53 58.18
C ASN G 407 32.91 56.77 57.31
N PHE G 408 33.68 55.87 57.91
CA PHE G 408 34.70 55.13 57.15
C PHE G 408 34.00 54.05 56.36
N ARG G 409 34.77 53.33 55.54
CA ARG G 409 34.35 52.03 55.02
C ARG G 409 35.52 51.06 55.19
N HIS G 410 35.24 49.77 55.04
CA HIS G 410 36.22 48.68 55.31
C HIS G 410 37.29 48.43 54.25
N GLY G 411 37.42 49.38 53.32
CA GLY G 411 38.41 49.36 52.26
C GLY G 411 39.82 49.58 52.78
N MET G 412 39.96 50.20 53.94
CA MET G 412 41.28 50.51 54.44
C MET G 412 41.97 49.32 55.09
N ASN G 413 43.29 49.38 55.10
CA ASN G 413 44.12 48.33 55.67
C ASN G 413 43.97 48.25 57.21
N PRO G 414 43.61 47.06 57.72
CA PRO G 414 43.40 46.90 59.15
C PRO G 414 44.60 47.23 60.02
N ASN G 415 45.81 47.13 59.49
CA ASN G 415 46.97 47.59 60.23
C ASN G 415 47.02 49.13 60.42
N GLN G 416 46.00 49.83 59.95
CA GLN G 416 45.91 51.28 60.21
C GLN G 416 44.70 51.62 61.08
N ILE G 417 44.00 50.61 61.56
CA ILE G 417 42.77 50.81 62.32
C ILE G 417 43.08 50.48 63.79
N PRO G 418 43.13 51.52 64.65
CA PRO G 418 43.52 51.31 66.06
C PRO G 418 42.79 50.14 66.71
N THR G 419 41.48 50.06 66.50
CA THR G 419 40.67 49.03 67.13
C THR G 419 41.00 47.64 66.64
N GLN G 420 41.61 47.55 65.44
CA GLN G 420 42.07 46.27 64.90
C GLN G 420 43.41 45.86 65.52
N ILE G 421 44.29 46.85 65.69
CA ILE G 421 45.59 46.69 66.33
C ILE G 421 45.38 46.24 67.77
N ILE G 422 44.43 46.88 68.46
CA ILE G 422 44.11 46.51 69.82
C ILE G 422 43.62 45.05 69.88
N MET G 423 42.76 44.64 68.96
CA MET G 423 42.27 43.27 69.00
C MET G 423 43.38 42.24 68.83
N GLU G 424 44.28 42.49 67.87
CA GLU G 424 45.34 41.55 67.53
C GLU G 424 46.24 41.31 68.70
N LYS G 425 46.60 42.40 69.35
CA LYS G 425 47.46 42.38 70.51
C LYS G 425 46.75 41.75 71.67
N ALA G 426 45.50 42.14 71.88
CA ALA G 426 44.71 41.57 72.97
C ALA G 426 44.64 40.04 72.86
N LEU G 427 44.59 39.57 71.61
CA LEU G 427 44.47 38.14 71.33
C LEU G 427 45.69 37.38 71.78
N GLU G 428 46.84 38.04 71.87
CA GLU G 428 48.06 37.38 72.37
C GLU G 428 47.88 37.03 73.84
N LYS G 429 46.85 37.59 74.47
CA LYS G 429 46.56 37.32 75.88
C LYS G 429 45.34 36.40 75.97
N GLY G 430 44.95 35.86 74.81
CA GLY G 430 43.77 35.04 74.70
C GLY G 430 42.48 35.79 74.95
N VAL G 431 42.45 37.11 74.72
CA VAL G 431 41.22 37.86 74.96
C VAL G 431 40.73 38.49 73.66
N LEU G 432 39.42 38.46 73.46
CA LEU G 432 38.79 39.07 72.29
C LEU G 432 38.11 40.34 72.76
N ILE G 433 38.63 41.47 72.31
CA ILE G 433 38.16 42.79 72.70
C ILE G 433 38.49 43.75 71.53
N GLY G 434 37.65 44.75 71.29
CA GLY G 434 37.86 45.64 70.14
C GLY G 434 36.65 46.49 69.80
N GLY G 435 36.30 46.55 68.53
CA GLY G 435 35.10 47.28 68.11
C GLY G 435 34.91 47.27 66.62
N ALA G 436 33.70 47.60 66.19
CA ALA G 436 33.35 47.78 64.75
C ALA G 436 34.00 49.04 64.16
N MET G 437 33.96 50.11 64.94
CA MET G 437 34.40 51.40 64.49
C MET G 437 35.91 51.52 64.63
N PRO G 438 36.53 52.35 63.81
CA PRO G 438 37.98 52.31 63.80
C PRO G 438 38.68 53.03 64.99
N ASN G 439 38.07 54.04 65.59
CA ASN G 439 38.69 54.74 66.72
C ASN G 439 37.96 54.51 68.06
N THR G 440 37.03 53.57 68.10
CA THR G 440 36.11 53.44 69.20
C THR G 440 35.89 51.99 69.50
N MET G 441 36.04 51.65 70.77
CA MET G 441 35.83 50.30 71.24
C MET G 441 34.36 50.12 71.58
N ARG G 442 33.87 48.90 71.40
CA ARG G 442 32.61 48.47 71.97
C ARG G 442 32.91 47.25 72.81
N ILE G 443 32.87 47.40 74.11
CA ILE G 443 33.23 46.29 75.00
C ILE G 443 31.94 45.73 75.55
N GLY G 444 31.76 44.41 75.41
CA GLY G 444 30.69 43.72 76.14
C GLY G 444 30.98 42.30 76.63
N ALA G 445 30.33 41.89 77.71
CA ALA G 445 30.35 40.49 78.15
C ALA G 445 28.98 40.09 78.70
N SER G 446 28.91 38.89 79.28
CA SER G 446 27.62 38.35 79.70
C SER G 446 27.22 39.10 80.94
N LEU G 447 25.93 39.13 81.22
CA LEU G 447 25.42 39.84 82.40
C LEU G 447 26.07 39.28 83.66
N ASN G 448 26.47 38.02 83.59
CA ASN G 448 27.03 37.32 84.76
C ASN G 448 28.52 37.10 84.63
N VAL G 449 29.20 37.87 83.77
CA VAL G 449 30.66 37.79 83.69
C VAL G 449 31.19 37.98 85.11
N SER G 450 32.19 37.19 85.50
CA SER G 450 32.72 37.26 86.82
C SER G 450 33.80 38.35 86.94
N ARG G 451 34.11 38.75 88.17
CA ARG G 451 35.15 39.75 88.42
C ARG G 451 36.50 39.33 87.85
N GLY G 452 36.84 38.04 87.98
CA GLY G 452 38.05 37.48 87.38
C GLY G 452 38.23 37.69 85.87
N ASP G 453 37.15 37.53 85.10
CA ASP G 453 37.21 37.68 83.65
C ASP G 453 37.34 39.14 83.24
N ILE G 454 36.56 40.01 83.89
CA ILE G 454 36.71 41.47 83.76
C ILE G 454 38.16 41.89 83.99
N ASP G 455 38.73 41.44 85.08
CA ASP G 455 40.15 41.63 85.36
C ASP G 455 41.05 41.17 84.21
N LYS G 456 40.79 39.98 83.67
CA LYS G 456 41.58 39.40 82.60
C LYS G 456 41.47 40.25 81.32
N ALA G 457 40.25 40.69 80.99
CA ALA G 457 40.05 41.50 79.80
C ALA G 457 40.67 42.88 79.92
N MET G 458 40.56 43.51 81.09
CA MET G 458 41.10 44.86 81.27
C MET G 458 42.62 44.81 81.26
N ASP G 459 43.21 43.77 81.86
CA ASP G 459 44.65 43.55 81.78
C ASP G 459 45.17 43.42 80.34
N ALA G 460 44.46 42.63 79.53
CA ALA G 460 44.78 42.44 78.14
C ALA G 460 44.63 43.75 77.39
N LEU G 461 43.63 44.56 77.77
CA LEU G 461 43.44 45.90 77.21
C LEU G 461 44.64 46.79 77.53
N ASP G 462 45.18 46.64 78.74
CA ASP G 462 46.35 47.40 79.18
C ASP G 462 47.51 47.14 78.21
N TYR G 463 47.76 45.87 77.98
CA TYR G 463 48.86 45.37 77.19
C TYR G 463 48.74 45.80 75.72
N ALA G 464 47.53 45.72 75.19
CA ALA G 464 47.21 46.22 73.87
C ALA G 464 47.43 47.73 73.70
N LEU G 465 46.99 48.53 74.66
CA LEU G 465 47.23 49.96 74.59
C LEU G 465 48.68 50.30 74.80
N ASP G 466 49.38 49.49 75.58
CA ASP G 466 50.85 49.57 75.65
C ASP G 466 51.44 49.51 74.22
N TYR G 467 50.97 48.58 73.41
CA TYR G 467 51.51 48.44 72.07
C TYR G 467 51.08 49.59 71.17
N LEU G 468 49.82 50.02 71.29
CA LEU G 468 49.32 51.16 70.53
C LEU G 468 50.17 52.42 70.72
N GLU G 469 50.45 52.74 71.99
CA GLU G 469 51.09 54.00 72.31
C GLU G 469 52.55 54.04 71.93
N SER G 470 53.14 52.87 71.70
CA SER G 470 54.53 52.85 71.25
C SER G 470 54.65 53.19 69.76
N GLY G 471 53.56 53.10 69.02
CA GLY G 471 53.58 53.43 67.58
C GLY G 471 54.35 52.49 66.68
N GLU G 472 54.76 51.35 67.23
CA GLU G 472 55.52 50.32 66.52
C GLU G 472 54.73 49.70 65.39
N TRP G 473 53.43 49.92 65.39
CA TRP G 473 52.60 49.31 64.36
C TRP G 473 52.59 50.12 63.07
N GLN G 474 53.50 51.10 62.98
CA GLN G 474 53.56 52.02 61.83
C GLN G 474 54.68 51.67 60.85
N LYS H 7 2.22 20.48 84.74
CA LYS H 7 0.82 20.81 84.40
C LYS H 7 0.82 22.10 83.62
N ILE H 8 0.08 22.12 82.52
CA ILE H 8 -0.06 23.34 81.73
C ILE H 8 -1.51 23.80 81.85
N ASN H 9 -1.67 25.07 82.19
CA ASN H 9 -2.99 25.62 82.33
C ASN H 9 -3.36 26.27 81.02
N TRP H 10 -4.21 25.59 80.25
CA TRP H 10 -4.48 25.97 78.86
C TRP H 10 -5.47 27.11 78.71
N GLU H 11 -6.36 27.26 79.67
CA GLU H 11 -7.27 28.40 79.69
C GLU H 11 -6.46 29.67 79.82
N GLN H 12 -5.40 29.58 80.61
CA GLN H 12 -4.59 30.73 80.89
C GLN H 12 -3.72 31.04 79.68
N VAL H 13 -3.26 30.00 79.00
CA VAL H 13 -2.47 30.20 77.80
C VAL H 13 -3.30 30.98 76.75
N LYS H 14 -4.56 30.59 76.59
CA LYS H 14 -5.47 31.30 75.69
C LYS H 14 -5.71 32.75 76.11
N GLU H 15 -5.83 33.01 77.41
CA GLU H 15 -6.12 34.36 77.88
C GLU H 15 -4.97 35.30 77.55
N TRP H 16 -3.76 34.82 77.82
CA TRP H 16 -2.51 35.52 77.55
C TRP H 16 -2.34 35.75 76.05
N ASP H 17 -2.65 34.71 75.28
CA ASP H 17 -2.58 34.74 73.82
C ASP H 17 -3.54 35.80 73.25
N ARG H 18 -4.77 35.84 73.75
CA ARG H 18 -5.72 36.92 73.39
C ARG H 18 -5.14 38.27 73.78
N LYS H 19 -4.63 38.34 74.99
CA LYS H 19 -4.41 39.61 75.65
C LYS H 19 -3.10 40.28 75.26
N TYR H 20 -2.07 39.49 74.95
CA TYR H 20 -0.70 40.02 74.83
C TYR H 20 -0.01 39.82 73.48
N LEU H 21 -0.59 39.02 72.59
CA LEU H 21 -0.07 38.87 71.21
C LEU H 21 -0.81 39.72 70.17
N MET H 22 -0.06 40.38 69.30
CA MET H 22 -0.68 41.10 68.18
C MET H 22 -1.28 40.08 67.25
N ARG H 23 -2.52 40.36 66.86
CA ARG H 23 -3.29 39.57 65.91
C ARG H 23 -2.76 39.72 64.52
N THR H 24 -2.73 38.61 63.77
CA THR H 24 -2.63 38.66 62.32
C THR H 24 -3.81 37.98 61.62
N PHE H 25 -4.34 38.67 60.59
CA PHE H 25 -5.50 38.17 59.81
C PHE H 25 -6.88 38.19 60.47
N SER H 26 -6.95 38.24 61.78
CA SER H 26 -8.24 38.39 62.44
C SER H 26 -8.15 39.61 63.30
N THR H 27 -9.26 40.32 63.48
CA THR H 27 -9.32 41.32 64.52
C THR H 27 -9.35 40.60 65.88
N GLN H 28 -9.04 41.33 66.95
CA GLN H 28 -9.16 40.84 68.34
C GLN H 28 -10.55 40.33 68.63
N ASN H 29 -11.53 41.13 68.25
CA ASN H 29 -12.94 40.83 68.41
C ASN H 29 -13.43 39.48 67.85
N GLU H 30 -12.91 39.06 66.68
CA GLU H 30 -13.38 37.82 66.01
C GLU H 30 -12.54 36.64 66.35
N TYR H 31 -11.32 36.89 66.81
CA TYR H 31 -10.31 35.87 67.12
C TYR H 31 -10.69 34.85 68.20
N GLN H 32 -10.48 33.57 67.90
CA GLN H 32 -10.61 32.46 68.84
C GLN H 32 -9.28 31.71 68.83
N PRO H 33 -8.53 31.75 69.93
CA PRO H 33 -7.25 31.02 69.96
C PRO H 33 -7.44 29.52 69.68
N VAL H 34 -6.59 28.96 68.80
CA VAL H 34 -6.58 27.53 68.52
C VAL H 34 -5.26 26.96 69.06
N PRO H 35 -5.25 26.52 70.33
CA PRO H 35 -3.99 26.02 70.89
C PRO H 35 -3.59 24.63 70.38
N ILE H 36 -2.28 24.44 70.14
CA ILE H 36 -1.71 23.15 69.77
C ILE H 36 -0.69 22.77 70.85
N GLU H 37 -0.91 21.65 71.52
CA GLU H 37 -0.03 21.21 72.58
C GLU H 37 1.21 20.49 72.06
N SER H 38 1.04 19.70 70.99
CA SER H 38 2.17 18.97 70.38
C SER H 38 1.91 18.63 68.92
N THR H 39 2.91 18.08 68.25
CA THR H 39 2.79 17.64 66.85
C THR H 39 3.66 16.42 66.68
N GLU H 40 3.38 15.68 65.60
CA GLU H 40 4.26 14.62 65.06
C GLU H 40 3.70 14.01 63.77
N GLY H 41 4.59 13.77 62.81
CA GLY H 41 4.20 13.31 61.50
C GLY H 41 3.43 14.42 60.79
N ASP H 42 2.19 14.11 60.43
CA ASP H 42 1.36 15.01 59.67
C ASP H 42 0.23 15.48 60.54
N TYR H 43 0.35 15.24 61.84
CA TYR H 43 -0.72 15.53 62.79
C TYR H 43 -0.38 16.61 63.84
N LEU H 44 -1.39 17.42 64.15
CA LEU H 44 -1.30 18.39 65.22
C LEU H 44 -2.17 17.84 66.38
N ILE H 45 -1.72 17.99 67.62
CA ILE H 45 -2.51 17.52 68.77
C ILE H 45 -3.00 18.71 69.62
N THR H 46 -4.31 18.82 69.81
CA THR H 46 -4.86 19.93 70.60
C THR H 46 -4.65 19.60 72.09
N PRO H 47 -4.83 20.59 73.02
CA PRO H 47 -4.70 20.32 74.46
C PRO H 47 -5.63 19.21 74.91
N GLY H 48 -6.84 19.15 74.35
CA GLY H 48 -7.81 18.11 74.64
C GLY H 48 -7.43 16.71 74.20
N GLY H 49 -6.39 16.57 73.39
CA GLY H 49 -6.02 15.29 72.79
C GLY H 49 -6.55 14.99 71.40
N THR H 50 -7.33 15.90 70.81
CA THR H 50 -7.83 15.69 69.45
C THR H 50 -6.69 15.75 68.41
N ARG H 51 -6.62 14.77 67.50
CA ARG H 51 -5.58 14.74 66.45
C ARG H 51 -6.12 15.30 65.13
N LEU H 52 -5.39 16.27 64.58
CA LEU H 52 -5.83 16.97 63.39
C LEU H 52 -4.84 16.66 62.27
N LEU H 53 -5.32 16.12 61.16
CA LEU H 53 -4.42 15.82 60.03
C LEU H 53 -4.09 17.12 59.27
N ASP H 54 -2.82 17.50 59.23
CA ASP H 54 -2.43 18.80 58.69
C ASP H 54 -2.01 18.80 57.20
N PHE H 55 -3.00 19.04 56.32
CA PHE H 55 -2.74 19.08 54.88
C PHE H 55 -2.57 20.48 54.33
N PHE H 56 -2.21 21.43 55.21
CA PHE H 56 -1.55 22.64 54.77
C PHE H 56 -0.05 22.40 54.99
N ASN H 57 0.27 21.43 55.85
CA ASN H 57 1.64 21.20 56.30
C ASN H 57 2.19 22.51 56.88
N GLN H 58 1.38 23.08 57.77
CA GLN H 58 1.60 24.43 58.29
C GLN H 58 1.57 25.47 57.15
N LEU H 59 2.73 25.75 56.57
CA LEU H 59 2.79 26.59 55.38
C LEU H 59 3.67 25.91 54.33
N CYS H 60 3.39 24.64 54.07
CA CYS H 60 4.22 23.80 53.21
C CYS H 60 5.68 23.83 53.58
N CYS H 61 5.97 23.79 54.86
CA CYS H 61 7.33 23.99 55.32
C CYS H 61 7.87 22.90 56.27
N VAL H 62 7.11 21.82 56.44
CA VAL H 62 7.50 20.78 57.36
C VAL H 62 7.73 19.49 56.55
N ASN H 63 8.54 19.62 55.52
CA ASN H 63 8.78 18.58 54.51
C ASN H 63 9.05 17.19 55.08
N LEU H 64 9.92 17.12 56.07
CA LEU H 64 10.37 15.86 56.67
C LEU H 64 9.35 15.23 57.63
N GLY H 65 8.38 16.01 58.09
CA GLY H 65 7.40 15.53 59.07
C GLY H 65 7.66 16.32 60.32
N GLN H 66 6.60 16.59 61.08
CA GLN H 66 6.69 17.23 62.41
C GLN H 66 7.49 16.36 63.39
N LYS H 67 8.37 17.00 64.17
CA LYS H 67 9.09 16.35 65.27
C LYS H 67 9.78 15.08 64.78
N ASN H 68 10.64 15.23 63.78
CA ASN H 68 11.47 14.11 63.37
C ASN H 68 12.46 13.68 64.47
N GLN H 69 12.48 12.40 64.77
CA GLN H 69 13.32 11.86 65.83
C GLN H 69 14.82 12.04 65.59
N LYS H 70 15.30 11.83 64.36
CA LYS H 70 16.73 12.03 64.08
C LYS H 70 17.11 13.51 64.18
N VAL H 71 16.22 14.39 63.75
CA VAL H 71 16.51 15.81 63.69
C VAL H 71 16.63 16.37 65.11
N ASN H 72 15.62 16.06 65.92
CA ASN H 72 15.61 16.48 67.31
C ASN H 72 16.78 16.01 68.10
N ALA H 73 17.22 14.79 67.82
CA ALA H 73 18.38 14.19 68.51
C ALA H 73 19.63 14.96 68.11
N ALA H 74 19.70 15.34 66.83
CA ALA H 74 20.85 16.05 66.32
C ALA H 74 20.89 17.46 66.93
N ILE H 75 19.73 18.04 67.19
CA ILE H 75 19.66 19.35 67.85
C ILE H 75 20.17 19.20 69.30
N LYS H 76 19.69 18.15 69.98
CA LYS H 76 20.10 17.89 71.35
C LYS H 76 21.62 17.62 71.46
N GLU H 77 22.18 16.85 70.55
CA GLU H 77 23.64 16.71 70.50
C GLU H 77 24.32 18.08 70.28
N ALA H 78 23.73 18.93 69.43
CA ALA H 78 24.36 20.21 69.11
C ALA H 78 24.37 21.12 70.30
N LEU H 79 23.33 21.02 71.12
CA LEU H 79 23.24 21.78 72.37
C LEU H 79 24.26 21.39 73.42
N ASP H 80 24.97 20.27 73.25
CA ASP H 80 26.10 19.92 74.14
C ASP H 80 27.33 20.81 73.87
N ARG H 81 27.40 21.40 72.69
CA ARG H 81 28.56 22.20 72.34
C ARG H 81 28.27 23.69 72.29
N TYR H 82 27.09 24.03 71.82
CA TYR H 82 26.70 25.41 71.60
C TYR H 82 25.43 25.72 72.39
N GLY H 83 25.23 26.97 72.79
CA GLY H 83 26.17 28.02 72.41
C GLY H 83 25.67 28.83 71.27
N PHE H 84 26.45 29.84 70.91
CA PHE H 84 26.22 30.69 69.74
C PHE H 84 27.50 31.42 69.33
N VAL H 85 27.84 31.38 68.03
CA VAL H 85 28.90 32.23 67.47
C VAL H 85 28.35 32.85 66.20
N TRP H 86 28.75 34.06 65.84
CA TRP H 86 28.27 34.61 64.56
C TRP H 86 29.13 34.18 63.37
N ASP H 87 28.60 34.48 62.19
CA ASP H 87 29.18 34.17 60.91
C ASP H 87 30.70 34.35 60.75
N THR H 88 31.31 35.23 61.55
CA THR H 88 32.76 35.44 61.47
C THR H 88 33.55 34.20 61.93
N TYR H 89 32.91 33.35 62.77
CA TYR H 89 33.50 32.11 63.22
C TYR H 89 32.99 30.85 62.41
N ALA H 90 33.88 29.88 62.28
CA ALA H 90 33.57 28.64 61.56
C ALA H 90 33.11 27.53 62.52
N THR H 91 32.12 26.75 62.12
CA THR H 91 31.66 25.60 62.91
C THR H 91 31.51 24.41 61.98
N ASP H 92 31.58 23.18 62.52
CA ASP H 92 31.38 22.00 61.66
C ASP H 92 30.03 22.03 61.00
N TYR H 93 29.01 22.46 61.74
CA TYR H 93 27.64 22.42 61.25
C TYR H 93 27.38 23.37 60.08
N LYS H 94 27.89 24.60 60.14
CA LYS H 94 27.74 25.58 59.05
C LYS H 94 28.50 25.10 57.81
N ALA H 95 29.74 24.64 57.98
CA ALA H 95 30.52 24.20 56.84
C ALA H 95 29.96 22.90 56.23
N LYS H 96 29.52 21.96 57.07
CA LYS H 96 28.89 20.74 56.57
C LYS H 96 27.59 21.04 55.80
N ALA H 97 26.78 21.99 56.27
CA ALA H 97 25.51 22.27 55.62
C ALA H 97 25.67 22.81 54.19
N ALA H 98 26.57 23.80 54.02
CA ALA H 98 27.03 24.31 52.74
C ALA H 98 27.50 23.20 51.76
N LYS H 99 28.38 22.34 52.24
CA LYS H 99 28.92 21.20 51.46
C LYS H 99 27.82 20.24 51.06
N ILE H 100 26.91 19.96 51.98
CA ILE H 100 25.79 19.06 51.71
C ILE H 100 24.95 19.59 50.55
N ILE H 101 24.70 20.90 50.59
CA ILE H 101 23.92 21.53 49.54
C ILE H 101 24.68 21.49 48.20
N ILE H 102 25.93 21.94 48.18
CA ILE H 102 26.68 22.02 46.95
C ILE H 102 27.11 20.67 46.43
N GLU H 103 27.64 19.81 47.29
CA GLU H 103 28.28 18.61 46.83
C GLU H 103 27.34 17.44 46.82
N ASP H 104 26.42 17.36 47.76
CA ASP H 104 25.58 16.20 47.83
C ASP H 104 24.25 16.41 47.12
N ILE H 105 23.50 17.44 47.49
CA ILE H 105 22.20 17.65 46.91
C ILE H 105 22.30 18.14 45.46
N LEU H 106 23.09 19.18 45.21
CA LEU H 106 23.23 19.75 43.87
C LEU H 106 24.55 19.35 43.20
N GLY H 107 25.08 18.22 43.66
CA GLY H 107 26.34 17.76 43.15
C GLY H 107 26.39 17.41 41.67
N ASP H 108 25.24 17.21 41.02
CA ASP H 108 25.20 16.74 39.62
C ASP H 108 25.06 17.95 38.69
N GLU H 109 24.93 19.11 39.31
CA GLU H 109 24.87 20.33 38.54
C GLU H 109 26.14 21.08 38.81
N ASP H 110 26.65 21.80 37.83
CA ASP H 110 27.98 22.39 37.99
C ASP H 110 27.98 23.92 38.10
N TRP H 111 26.80 24.53 38.02
CA TRP H 111 26.64 25.96 38.27
C TRP H 111 26.82 26.45 39.74
N PRO H 112 26.51 25.62 40.78
CA PRO H 112 26.58 26.20 42.14
C PRO H 112 27.98 26.50 42.57
N GLY H 113 28.14 27.66 43.22
CA GLY H 113 29.39 28.05 43.77
C GLY H 113 29.33 28.07 45.28
N LYS H 114 28.52 28.93 45.86
CA LYS H 114 28.61 29.19 47.31
C LYS H 114 27.25 29.44 47.93
N VAL H 115 27.20 29.18 49.24
CA VAL H 115 26.04 29.41 50.09
C VAL H 115 26.31 30.52 51.14
N ARG H 116 25.29 31.38 51.33
CA ARG H 116 25.16 32.18 52.54
C ARG H 116 23.92 31.76 53.36
N PHE H 117 24.09 31.50 54.66
CA PHE H 117 22.97 31.10 55.49
C PHE H 117 22.44 32.27 56.31
N VAL H 118 21.11 32.30 56.45
CA VAL H 118 20.39 33.36 57.18
C VAL H 118 19.30 32.63 57.95
N SER H 119 18.29 33.35 58.40
CA SER H 119 17.38 32.77 59.37
C SER H 119 15.97 32.49 58.85
N THR H 120 15.60 33.11 57.74
CA THR H 120 14.23 33.10 57.22
C THR H 120 14.27 33.18 55.70
N GLY H 121 13.16 32.84 55.03
CA GLY H 121 13.07 32.89 53.57
C GLY H 121 13.11 34.33 53.09
N SER H 122 12.44 35.23 53.82
CA SER H 122 12.51 36.67 53.55
C SER H 122 13.94 37.23 53.54
N GLU H 123 14.69 36.89 54.57
CA GLU H 123 16.07 37.30 54.68
C GLU H 123 16.90 36.72 53.53
N ALA H 124 16.51 35.52 53.11
CA ALA H 124 17.06 34.86 51.91
C ALA H 124 16.79 35.69 50.63
N VAL H 125 15.55 36.11 50.44
CA VAL H 125 15.23 36.86 49.24
C VAL H 125 15.93 38.23 49.34
N GLU H 126 16.04 38.80 50.55
CA GLU H 126 16.77 40.07 50.71
C GLU H 126 18.22 39.87 50.31
N THR H 127 18.86 38.82 50.76
CA THR H 127 20.25 38.57 50.33
C THR H 127 20.43 38.43 48.81
N ALA H 128 19.50 37.75 48.15
CA ALA H 128 19.67 37.47 46.76
C ALA H 128 19.39 38.73 45.93
N LEU H 129 18.38 39.54 46.27
CA LEU H 129 18.19 40.81 45.56
C LEU H 129 19.43 41.69 45.72
N ASN H 130 20.03 41.69 46.92
CA ASN H 130 21.25 42.45 47.18
C ASN H 130 22.40 41.95 46.31
N ILE H 131 22.66 40.63 46.28
CA ILE H 131 23.75 40.09 45.46
C ILE H 131 23.50 40.33 43.98
N ALA H 132 22.25 40.20 43.54
CA ALA H 132 21.98 40.35 42.13
C ALA H 132 22.26 41.78 41.68
N ARG H 133 21.94 42.76 42.53
CA ARG H 133 22.11 44.15 42.12
C ARG H 133 23.59 44.52 42.14
N LEU H 134 24.31 43.98 43.14
CA LEU H 134 25.77 44.14 43.22
C LEU H 134 26.54 43.44 42.07
N TYR H 135 26.19 42.21 41.74
CA TYR H 135 26.83 41.53 40.61
C TYR H 135 26.64 42.26 39.27
N THR H 136 25.44 42.74 38.99
CA THR H 136 25.19 43.36 37.69
C THR H 136 25.42 44.86 37.71
N ASN H 137 25.46 45.42 38.90
CA ASN H 137 25.54 46.87 39.10
C ASN H 137 24.30 47.54 38.51
N ARG H 138 23.14 46.93 38.68
CA ARG H 138 21.92 47.42 38.09
C ARG H 138 20.86 47.48 39.11
N PRO H 139 19.92 48.43 38.94
CA PRO H 139 19.03 48.66 40.07
C PRO H 139 17.75 47.82 40.02
N LEU H 140 17.25 47.53 38.81
CA LEU H 140 15.90 46.99 38.63
C LEU H 140 15.85 45.51 38.74
N VAL H 141 14.77 45.01 39.35
CA VAL H 141 14.48 43.61 39.46
C VAL H 141 13.06 43.38 38.96
N VAL H 142 12.90 42.39 38.12
CA VAL H 142 11.58 42.04 37.58
C VAL H 142 10.93 40.92 38.43
N THR H 143 9.65 41.09 38.72
CA THR H 143 8.91 40.06 39.43
C THR H 143 7.65 39.77 38.64
N ARG H 144 6.72 38.97 39.16
CA ARG H 144 5.52 38.76 38.33
C ARG H 144 4.30 38.99 39.15
N GLU H 145 3.21 39.30 38.46
CA GLU H 145 1.94 39.50 39.14
C GLU H 145 1.62 38.25 39.98
N HIS H 146 1.23 38.44 41.23
CA HIS H 146 0.77 37.35 42.12
C HIS H 146 1.89 36.60 42.84
N ASP H 147 3.13 36.97 42.57
CA ASP H 147 4.27 36.36 43.21
C ASP H 147 4.27 36.72 44.70
N TYR H 148 4.80 35.80 45.51
CA TYR H 148 5.08 36.08 46.89
C TYR H 148 6.51 35.72 47.16
N HIS H 149 7.32 36.70 47.51
CA HIS H 149 8.70 36.43 47.87
C HIS H 149 9.08 36.84 49.31
N GLY H 150 8.11 37.16 50.16
CA GLY H 150 8.42 37.60 51.53
C GLY H 150 7.71 38.86 51.96
N TRP H 151 8.04 39.30 53.18
CA TRP H 151 7.28 40.35 53.85
C TRP H 151 8.12 41.54 54.25
N THR H 152 9.42 41.32 54.43
CA THR H 152 10.39 42.35 54.75
C THR H 152 10.60 43.29 53.58
N GLY H 153 10.98 44.54 53.86
CA GLY H 153 11.06 45.61 52.89
C GLY H 153 11.38 45.21 51.47
N GLY H 154 12.57 44.66 51.22
CA GLY H 154 13.02 44.32 49.88
C GLY H 154 12.28 43.15 49.26
N ALA H 155 12.06 42.12 50.08
CA ALA H 155 11.33 40.96 49.63
C ALA H 155 9.90 41.37 49.37
N ALA H 156 9.38 42.34 50.12
CA ALA H 156 8.01 42.79 49.90
C ALA H 156 7.84 43.52 48.59
N THR H 157 8.87 44.27 48.16
CA THR H 157 8.75 45.03 46.90
C THR H 157 8.54 44.11 45.68
N VAL H 158 8.99 42.85 45.78
CA VAL H 158 8.82 41.91 44.66
C VAL H 158 7.60 41.02 44.88
N THR H 159 6.86 41.28 45.97
CA THR H 159 5.62 40.57 46.28
C THR H 159 4.47 41.35 45.68
N ARG H 160 3.71 40.67 44.81
CA ARG H 160 2.62 41.30 44.12
C ARG H 160 1.29 40.65 44.42
N LEU H 161 1.03 40.38 45.70
CA LEU H 161 -0.31 40.10 46.19
C LEU H 161 -0.73 41.16 47.16
N ARG H 162 -1.83 41.82 46.88
CA ARG H 162 -2.22 42.97 47.67
C ARG H 162 -2.82 42.55 49.03
N SER H 163 -3.08 41.25 49.15
CA SER H 163 -3.61 40.65 50.36
C SER H 163 -2.54 40.14 51.29
N PHE H 164 -1.27 40.32 50.92
CA PHE H 164 -0.15 39.80 51.74
C PHE H 164 1.05 40.73 51.88
N ARG H 165 0.77 42.02 51.93
CA ARG H 165 1.81 43.03 51.89
C ARG H 165 1.88 43.75 53.22
N SER H 166 1.36 43.09 54.28
CA SER H 166 1.39 43.60 55.65
C SER H 166 0.56 44.85 55.84
N GLY H 167 -0.41 45.04 54.98
CA GLY H 167 -1.36 46.14 55.12
C GLY H 167 -2.51 45.74 56.04
N LEU H 168 -3.53 46.59 56.09
CA LEU H 168 -4.65 46.41 57.01
C LEU H 168 -5.94 46.44 56.24
N VAL H 169 -6.84 45.57 56.63
CA VAL H 169 -8.22 45.59 56.11
C VAL H 169 -9.19 45.62 57.30
N GLY H 170 -10.46 45.86 57.03
CA GLY H 170 -11.47 45.92 58.07
C GLY H 170 -12.05 44.53 58.20
N GLU H 171 -12.92 44.37 59.18
CA GLU H 171 -13.60 43.13 59.47
C GLU H 171 -14.92 43.13 58.69
N ASN H 172 -15.03 42.28 57.66
CA ASN H 172 -16.22 42.22 56.75
C ASN H 172 -16.64 43.61 56.27
N SER H 173 -15.68 44.29 55.66
CA SER H 173 -15.86 45.66 55.23
C SER H 173 -14.79 46.02 54.24
N GLU H 174 -15.14 46.94 53.35
CA GLU H 174 -14.22 47.60 52.42
C GLU H 174 -13.62 48.86 53.02
N SER H 175 -14.14 49.30 54.17
CA SER H 175 -13.84 50.62 54.75
C SER H 175 -12.44 50.85 55.31
N PHE H 176 -11.82 49.84 55.91
CA PHE H 176 -10.78 50.20 56.89
C PHE H 176 -9.41 49.75 56.46
N SER H 177 -9.12 50.02 55.20
CA SER H 177 -7.96 49.42 54.61
C SER H 177 -6.94 50.44 54.24
N ALA H 178 -5.70 50.01 54.31
CA ALA H 178 -4.61 50.82 53.91
C ALA H 178 -3.53 49.88 53.55
N GLN H 179 -2.61 50.33 52.75
CA GLN H 179 -1.43 49.60 52.55
C GLN H 179 -0.42 50.46 53.27
N ILE H 180 0.74 49.91 53.62
CA ILE H 180 1.75 50.63 54.36
C ILE H 180 2.21 51.86 53.58
N PRO H 181 1.95 53.08 54.12
CA PRO H 181 2.34 54.37 53.50
C PRO H 181 3.77 54.43 52.96
N GLY H 182 3.90 54.91 51.72
CA GLY H 182 5.20 55.02 51.06
C GLY H 182 5.75 53.76 50.42
N SER H 183 4.92 52.75 50.22
CA SER H 183 5.51 51.49 49.70
C SER H 183 5.15 51.29 48.25
N SER H 187 10.09 52.02 42.89
CA SER H 187 10.66 51.16 43.92
C SER H 187 11.89 50.35 43.43
N ALA H 188 12.28 50.56 42.18
CA ALA H 188 13.32 49.73 41.53
C ALA H 188 12.80 48.35 41.14
N VAL H 189 11.49 48.17 41.05
CA VAL H 189 10.84 46.90 40.73
C VAL H 189 9.86 46.99 39.54
N LEU H 190 9.90 46.00 38.65
CA LEU H 190 9.02 45.88 37.50
C LEU H 190 8.17 44.62 37.65
N MET H 191 6.85 44.79 37.59
CA MET H 191 5.87 43.70 37.47
C MET H 191 5.58 43.24 36.01
N ALA H 192 6.05 42.03 35.72
CA ALA H 192 5.77 41.31 34.49
C ALA H 192 4.53 40.46 34.65
N PRO H 193 3.97 39.99 33.53
CA PRO H 193 2.78 39.16 33.57
C PRO H 193 3.07 37.88 34.29
N SER H 194 2.08 37.35 35.02
CA SER H 194 2.15 36.02 35.64
C SER H 194 2.21 34.99 34.51
N SER H 195 2.76 33.80 34.81
CA SER H 195 2.81 32.72 33.84
C SER H 195 1.40 32.35 33.40
N ASN H 196 0.44 32.51 34.31
CA ASN H 196 -0.96 32.21 34.00
C ASN H 196 -1.79 33.35 33.29
N THR H 197 -1.13 34.42 32.89
CA THR H 197 -1.86 35.45 32.18
C THR H 197 -1.83 35.15 30.72
N PHE H 198 -2.91 35.52 30.06
CA PHE H 198 -3.10 35.36 28.62
C PHE H 198 -3.37 33.89 28.25
N GLN H 199 -4.65 33.50 28.33
CA GLN H 199 -5.11 32.14 27.97
C GLN H 199 -6.61 32.13 27.59
N ASP H 200 -6.99 31.34 26.58
CA ASP H 200 -8.37 31.28 26.07
C ASP H 200 -8.82 29.87 25.67
N ASN H 204 -5.83 27.00 27.60
CA ASN H 204 -4.78 27.03 26.57
C ASN H 204 -4.05 28.37 26.45
N TYR H 205 -2.78 28.39 26.87
CA TYR H 205 -1.94 29.61 26.93
C TYR H 205 -1.51 30.21 25.59
N LEU H 206 -1.68 31.52 25.43
CA LEU H 206 -1.40 32.16 24.15
C LEU H 206 0.10 32.24 23.85
N LYS H 207 0.50 31.94 22.60
CA LYS H 207 1.90 32.07 22.14
C LYS H 207 2.01 32.95 20.86
N ASP H 208 3.24 33.30 20.47
CA ASP H 208 3.51 34.27 19.38
C ASP H 208 3.92 33.70 18.04
N GLU H 209 3.72 32.42 17.82
CA GLU H 209 4.03 31.80 16.49
C GLU H 209 5.50 31.46 16.21
N ASN H 210 6.39 32.02 17.01
CA ASN H 210 7.71 31.41 17.29
C ASN H 210 7.62 30.38 18.44
N GLY H 211 6.49 30.38 19.14
CA GLY H 211 6.24 29.42 20.18
C GLY H 211 6.44 30.04 21.56
N GLU H 212 6.86 31.30 21.60
CA GLU H 212 7.08 31.93 22.89
C GLU H 212 5.75 32.35 23.53
N LEU H 213 5.53 31.95 24.77
CA LEU H 213 4.34 32.35 25.57
C LEU H 213 4.19 33.86 25.63
N LEU H 214 2.98 34.38 25.44
CA LEU H 214 2.79 35.82 25.48
C LEU H 214 3.18 36.45 26.86
N SER H 215 3.06 35.71 27.96
CA SER H 215 3.60 36.18 29.23
C SER H 215 5.12 36.42 29.18
N VAL H 216 5.85 35.49 28.58
CA VAL H 216 7.31 35.64 28.38
C VAL H 216 7.68 36.74 27.34
N LYS H 217 6.96 36.81 26.23
CA LYS H 217 7.28 37.80 25.16
C LYS H 217 7.16 39.25 25.70
N TYR H 218 6.09 39.50 26.43
CA TYR H 218 5.90 40.85 26.95
C TYR H 218 6.80 41.06 28.17
N THR H 219 7.22 39.99 28.85
CA THR H 219 8.27 40.16 29.84
C THR H 219 9.53 40.64 29.12
N ARG H 220 9.86 40.06 27.99
CA ARG H 220 11.03 40.50 27.26
C ARG H 220 10.87 41.97 26.78
N ARG H 221 9.70 42.36 26.26
CA ARG H 221 9.48 43.77 25.77
C ARG H 221 9.60 44.80 26.88
N MET H 222 9.12 44.43 28.08
CA MET H 222 9.32 45.21 29.30
C MET H 222 10.78 45.44 29.60
N ILE H 223 11.56 44.37 29.57
CA ILE H 223 12.96 44.48 29.90
C ILE H 223 13.69 45.32 28.86
N GLU H 224 13.27 45.16 27.61
CA GLU H 224 13.81 45.96 26.51
C GLU H 224 13.35 47.42 26.53
N ASN H 225 12.15 47.69 27.04
CA ASN H 225 11.66 49.05 27.12
C ASN H 225 12.42 49.84 28.16
N TYR H 226 12.70 49.21 29.31
CA TYR H 226 13.56 49.79 30.32
C TYR H 226 15.02 49.84 29.92
N GLY H 227 15.48 48.83 29.19
CA GLY H 227 16.89 48.68 28.79
C GLY H 227 17.44 47.54 29.62
N PRO H 228 17.92 46.44 28.99
CA PRO H 228 18.56 45.34 29.69
C PRO H 228 19.71 45.81 30.60
N GLU H 229 20.40 46.90 30.22
CA GLU H 229 21.45 47.47 31.08
C GLU H 229 20.97 48.06 32.43
N GLN H 230 19.66 48.24 32.58
CA GLN H 230 19.05 48.70 33.82
C GLN H 230 18.53 47.56 34.71
N VAL H 231 18.48 46.33 34.19
CA VAL H 231 17.77 45.26 34.88
C VAL H 231 18.74 44.15 35.36
N ALA H 232 18.82 43.99 36.68
CA ALA H 232 19.69 43.00 37.33
C ALA H 232 19.17 41.60 37.15
N ALA H 233 17.89 41.39 37.46
CA ALA H 233 17.41 40.03 37.63
C ALA H 233 15.94 39.88 37.39
N VAL H 234 15.52 38.66 37.02
CA VAL H 234 14.12 38.29 37.05
C VAL H 234 14.00 37.31 38.22
N ILE H 235 13.07 37.57 39.13
CA ILE H 235 12.85 36.65 40.27
C ILE H 235 11.53 35.92 40.08
N THR H 236 11.58 34.61 40.09
CA THR H 236 10.37 33.83 39.87
C THR H 236 10.09 32.85 41.02
N GLU H 237 8.84 32.41 41.12
CA GLU H 237 8.51 31.13 41.77
C GLU H 237 8.16 30.24 40.63
N VAL H 238 8.80 29.07 40.54
CA VAL H 238 8.50 28.10 39.48
C VAL H 238 7.03 27.73 39.51
N SER H 239 6.55 27.49 40.71
CA SER H 239 5.13 27.39 40.91
C SER H 239 4.79 28.37 42.04
N GLN H 240 3.81 29.26 41.85
CA GLN H 240 3.53 30.26 42.92
C GLN H 240 2.93 29.56 44.14
N GLY H 241 3.57 29.75 45.31
CA GLY H 241 3.11 29.13 46.58
C GLY H 241 1.88 29.84 47.11
N VAL H 242 2.05 31.00 47.70
CA VAL H 242 0.88 31.74 48.20
C VAL H 242 -0.12 32.10 47.05
N GLY H 243 0.39 32.65 45.96
CA GLY H 243 -0.46 32.91 44.77
C GLY H 243 -1.14 31.71 44.10
N SER H 244 -0.59 30.51 44.31
CA SER H 244 -1.25 29.23 44.03
C SER H 244 -1.48 29.01 42.54
N THR H 245 -0.41 28.98 41.78
CA THR H 245 -0.52 28.60 40.40
C THR H 245 0.48 27.56 40.03
N MET H 246 0.18 26.84 38.96
CA MET H 246 1.14 26.02 38.26
C MET H 246 1.32 26.66 36.87
N PRO H 247 2.57 26.79 36.39
CA PRO H 247 2.88 27.38 35.06
C PRO H 247 2.64 26.41 33.90
N PRO H 248 2.52 26.94 32.66
CA PRO H 248 2.59 26.09 31.47
C PRO H 248 3.99 25.52 31.42
N TYR H 249 4.18 24.34 30.81
CA TYR H 249 5.46 23.64 30.90
C TYR H 249 6.56 24.47 30.30
N GLU H 250 6.26 25.18 29.22
CA GLU H 250 7.29 25.93 28.50
C GLU H 250 7.74 27.20 29.22
N TYR H 251 6.97 27.63 30.24
CA TYR H 251 7.24 28.92 30.89
C TYR H 251 8.62 29.00 31.50
N VAL H 252 9.00 27.99 32.30
CA VAL H 252 10.30 28.07 32.97
C VAL H 252 11.46 28.04 31.96
N PRO H 253 11.49 27.05 31.05
CA PRO H 253 12.52 27.10 30.00
C PRO H 253 12.61 28.43 29.26
N GLN H 254 11.48 29.06 29.01
CA GLN H 254 11.47 30.31 28.25
C GLN H 254 11.98 31.50 29.07
N ILE H 255 11.78 31.50 30.38
CA ILE H 255 12.28 32.63 31.17
C ILE H 255 13.80 32.51 31.26
N ARG H 256 14.29 31.26 31.36
CA ARG H 256 15.74 31.03 31.36
C ARG H 256 16.41 31.47 30.06
N LYS H 257 15.90 31.03 28.91
CA LYS H 257 16.49 31.41 27.62
C LYS H 257 16.41 32.95 27.39
N MET H 258 15.26 33.55 27.67
CA MET H 258 15.10 35.02 27.66
C MET H 258 16.13 35.81 28.48
N THR H 259 16.27 35.44 29.75
CA THR H 259 17.16 36.16 30.63
C THR H 259 18.59 36.07 30.12
N LYS H 260 19.00 34.88 29.66
CA LYS H 260 20.33 34.66 29.09
C LYS H 260 20.58 35.52 27.87
N GLU H 261 19.58 35.57 27.00
CA GLU H 261 19.71 36.35 25.78
C GLU H 261 19.84 37.83 26.09
N LEU H 262 19.31 38.26 27.24
CA LEU H 262 19.25 39.69 27.65
C LEU H 262 20.37 40.12 28.59
N GLY H 263 21.20 39.15 28.95
CA GLY H 263 22.27 39.31 29.92
C GLY H 263 21.75 39.68 31.27
N VAL H 264 20.58 39.13 31.63
CA VAL H 264 19.95 39.34 32.96
C VAL H 264 19.96 38.05 33.81
N LEU H 265 20.06 38.17 35.13
CA LEU H 265 20.17 37.00 36.04
C LEU H 265 18.81 36.38 36.27
N TRP H 266 18.78 35.09 36.57
CA TRP H 266 17.53 34.47 36.99
C TRP H 266 17.68 33.90 38.41
N ILE H 267 16.80 34.38 39.27
CA ILE H 267 16.70 33.92 40.66
C ILE H 267 15.46 33.06 40.73
N SER H 268 15.62 31.80 41.05
CA SER H 268 14.48 30.96 41.31
C SER H 268 14.21 31.04 42.78
N ASP H 269 13.05 31.53 43.18
CA ASP H 269 12.75 31.57 44.60
C ASP H 269 12.23 30.20 45.05
N GLU H 270 13.13 29.39 45.60
CA GLU H 270 12.78 28.01 45.96
C GLU H 270 12.37 27.86 47.42
N VAL H 271 12.02 28.94 48.10
CA VAL H 271 11.70 28.86 49.53
C VAL H 271 10.62 27.80 49.80
N LEU H 272 9.60 27.77 48.97
CA LEU H 272 8.51 26.85 49.16
C LEU H 272 8.78 25.61 48.34
N THR H 273 9.21 25.76 47.11
CA THR H 273 9.30 24.60 46.21
C THR H 273 10.57 23.77 46.43
N GLY H 274 11.41 24.17 47.37
CA GLY H 274 12.69 23.51 47.61
C GLY H 274 12.62 22.23 48.43
N PHE H 275 13.69 21.45 48.44
CA PHE H 275 13.83 20.23 49.25
C PHE H 275 12.69 19.22 49.19
N GLY H 276 12.49 18.66 47.99
CA GLY H 276 11.55 17.56 47.77
C GLY H 276 10.08 17.92 47.60
N ARG H 277 9.68 19.16 47.95
CA ARG H 277 8.27 19.56 47.83
C ARG H 277 7.57 19.13 46.49
N THR H 278 8.29 19.12 45.36
CA THR H 278 7.65 18.84 44.04
C THR H 278 8.05 17.50 43.39
N GLY H 279 8.57 16.58 44.20
CA GLY H 279 9.00 15.29 43.71
C GLY H 279 10.37 15.32 43.05
N LYS H 280 11.05 16.43 43.20
CA LYS H 280 12.46 16.62 42.87
C LYS H 280 13.04 17.52 43.99
N TRP H 281 14.37 17.56 44.11
CA TRP H 281 15.05 18.42 45.04
C TRP H 281 14.55 19.88 44.91
N PHE H 282 14.53 20.44 43.71
CA PHE H 282 14.06 21.78 43.55
C PHE H 282 13.07 21.89 42.44
N GLY H 283 12.23 22.91 42.53
CA GLY H 283 11.19 23.16 41.57
C GLY H 283 11.73 23.25 40.15
N TYR H 284 12.84 24.00 39.97
CA TYR H 284 13.43 24.23 38.63
C TYR H 284 13.86 22.94 37.91
N GLN H 285 14.21 21.89 38.64
CA GLN H 285 14.85 20.74 37.99
C GLN H 285 13.87 19.92 37.15
N HIS H 286 12.60 20.32 37.19
CA HIS H 286 11.55 19.70 36.37
C HIS H 286 11.71 20.08 34.91
N TYR H 287 12.45 21.16 34.62
CA TYR H 287 12.40 21.81 33.31
C TYR H 287 13.71 21.90 32.56
N GLY H 288 14.77 21.27 33.03
CA GLY H 288 16.02 21.21 32.27
C GLY H 288 16.80 22.51 32.21
N VAL H 289 16.56 23.40 33.16
CA VAL H 289 17.28 24.67 33.16
C VAL H 289 17.94 24.82 34.51
N GLN H 290 19.06 25.53 34.58
CA GLN H 290 19.70 25.88 35.86
C GLN H 290 19.71 27.40 36.09
N PRO H 291 19.37 27.86 37.31
CA PRO H 291 19.30 29.31 37.65
C PRO H 291 20.65 29.99 37.95
N ASP H 292 20.65 31.26 38.31
CA ASP H 292 21.90 31.91 38.68
C ASP H 292 21.99 31.97 40.22
N ILE H 293 20.85 32.24 40.83
CA ILE H 293 20.72 32.30 42.26
C ILE H 293 19.50 31.49 42.69
N ILE H 294 19.60 30.79 43.80
CA ILE H 294 18.46 30.16 44.42
C ILE H 294 18.25 30.74 45.82
N THR H 295 17.02 31.08 46.20
CA THR H 295 16.66 31.34 47.59
C THR H 295 15.97 30.14 48.28
N MET H 296 16.23 29.97 49.58
CA MET H 296 15.76 28.80 50.37
C MET H 296 15.28 29.17 51.80
N GLY H 297 14.34 28.38 52.31
CA GLY H 297 13.80 28.50 53.65
C GLY H 297 12.97 27.25 53.82
N LYS H 298 11.92 27.29 54.64
CA LYS H 298 11.00 26.17 54.80
C LYS H 298 11.63 24.76 54.85
N GLY H 299 11.67 24.07 53.73
CA GLY H 299 12.15 22.72 53.70
C GLY H 299 13.62 22.56 54.01
N LEU H 300 14.35 23.70 54.00
CA LEU H 300 15.78 23.73 54.32
C LEU H 300 15.99 23.06 55.66
N SER H 301 15.10 23.32 56.59
CA SER H 301 15.25 22.75 57.90
C SER H 301 14.00 21.96 58.30
N SER H 302 13.05 21.86 57.37
CA SER H 302 11.69 21.42 57.63
C SER H 302 11.08 22.14 58.85
N SER H 303 11.38 23.43 59.00
CA SER H 303 10.93 24.27 60.12
C SER H 303 11.31 23.76 61.55
N SER H 304 12.22 22.78 61.64
CA SER H 304 12.68 22.34 62.96
C SER H 304 13.28 23.52 63.75
N LEU H 305 14.00 24.38 63.03
CA LEU H 305 14.51 25.63 63.59
C LEU H 305 14.59 26.63 62.44
N PRO H 306 14.48 27.93 62.73
CA PRO H 306 14.55 28.96 61.68
C PRO H 306 15.87 28.93 60.92
N ALA H 307 15.77 28.75 59.59
CA ALA H 307 16.93 28.85 58.69
C ALA H 307 16.49 29.28 57.30
N GLY H 308 17.35 30.01 56.60
CA GLY H 308 17.15 30.46 55.23
C GLY H 308 18.50 30.36 54.55
N ALA H 309 18.51 30.34 53.21
CA ALA H 309 19.77 30.30 52.49
C ALA H 309 19.64 30.92 51.09
N VAL H 310 20.77 31.36 50.55
CA VAL H 310 20.88 31.62 49.14
C VAL H 310 22.07 30.86 48.60
N VAL H 311 21.88 30.24 47.42
CA VAL H 311 23.02 29.65 46.74
C VAL H 311 23.27 30.54 45.54
N VAL H 312 24.54 30.91 45.30
CA VAL H 312 24.90 31.63 44.05
C VAL H 312 25.74 30.76 43.12
N SER H 313 25.80 31.16 41.86
CA SER H 313 26.55 30.44 40.85
C SER H 313 28.04 30.62 41.08
N LYS H 314 28.88 29.77 40.49
CA LYS H 314 30.33 30.02 40.49
C LYS H 314 30.76 31.44 40.13
N GLU H 315 30.17 32.03 39.10
CA GLU H 315 30.62 33.32 38.56
C GLU H 315 30.32 34.40 39.56
N ILE H 316 29.12 34.37 40.11
CA ILE H 316 28.71 35.32 41.12
C ILE H 316 29.57 35.17 42.39
N ALA H 317 29.84 33.91 42.76
CA ALA H 317 30.69 33.60 43.91
C ALA H 317 32.07 34.17 43.72
N ALA H 318 32.65 33.92 42.55
CA ALA H 318 33.95 34.47 42.19
C ALA H 318 34.00 36.01 42.29
N PHE H 319 33.02 36.72 41.69
CA PHE H 319 32.88 38.18 41.86
C PHE H 319 32.77 38.61 43.34
N MET H 320 31.85 38.04 44.11
CA MET H 320 31.73 38.39 45.54
C MET H 320 33.01 38.14 46.35
N ASP H 321 33.66 37.00 46.11
CA ASP H 321 34.98 36.64 46.66
C ASP H 321 36.09 37.69 46.49
N LYS H 322 36.03 38.47 45.40
CA LYS H 322 37.02 39.51 45.12
C LYS H 322 36.96 40.78 46.00
N HIS H 323 35.91 40.92 46.83
CA HIS H 323 35.67 42.13 47.68
C HIS H 323 35.33 41.79 49.14
N ARG H 324 35.31 42.82 49.99
CA ARG H 324 34.88 42.72 51.39
C ARG H 324 33.44 43.19 51.42
N TRP H 325 32.54 42.32 51.82
CA TRP H 325 31.11 42.59 51.80
C TRP H 325 30.64 43.07 53.14
N GLU H 326 30.15 44.30 53.21
CA GLU H 326 29.94 44.97 54.48
C GLU H 326 28.54 44.71 55.00
N SER H 327 28.23 43.44 55.19
CA SER H 327 26.90 42.98 55.54
C SER H 327 26.99 42.02 56.74
N VAL H 328 26.18 42.29 57.78
CA VAL H 328 26.07 41.43 59.00
C VAL H 328 24.61 41.20 59.36
N SER H 329 24.27 39.92 59.57
CA SER H 329 23.06 39.46 60.27
C SER H 329 23.51 38.74 61.62
N THR H 330 23.05 39.23 62.76
CA THR H 330 23.46 38.61 64.06
C THR H 330 23.38 37.05 64.06
N TYR H 331 22.26 36.47 63.61
CA TYR H 331 21.99 35.05 63.77
C TYR H 331 22.28 34.18 62.53
N ALA H 332 22.85 34.79 61.50
CA ALA H 332 23.07 34.13 60.24
C ALA H 332 24.08 33.01 60.51
N GLY H 333 23.69 31.79 60.23
CA GLY H 333 24.60 30.68 60.39
C GLY H 333 24.64 30.13 61.77
N HIS H 334 23.73 30.62 62.62
CA HIS H 334 23.59 30.11 64.02
C HIS H 334 23.82 28.62 64.03
N PRO H 335 24.85 28.15 64.75
CA PRO H 335 25.28 26.74 64.75
C PRO H 335 24.22 25.71 65.08
N VAL H 336 23.29 26.03 65.98
CA VAL H 336 22.25 25.04 66.28
C VAL H 336 21.20 24.90 65.17
N ALA H 337 20.90 26.03 64.52
CA ALA H 337 20.09 26.04 63.30
C ALA H 337 20.79 25.21 62.21
N MET H 338 22.10 25.36 62.06
CA MET H 338 22.88 24.63 61.08
C MET H 338 22.95 23.11 61.30
N ALA H 339 23.10 22.69 62.55
CA ALA H 339 23.03 21.26 62.87
C ALA H 339 21.69 20.73 62.46
N ALA H 340 20.65 21.54 62.62
CA ALA H 340 19.30 21.14 62.25
C ALA H 340 19.18 20.95 60.74
N VAL H 341 19.74 21.87 59.96
CA VAL H 341 19.77 21.73 58.51
C VAL H 341 20.54 20.46 58.10
N CYS H 342 21.70 20.22 58.69
CA CYS H 342 22.45 19.01 58.44
C CYS H 342 21.63 17.72 58.64
N ALA H 343 20.98 17.58 59.78
CA ALA H 343 20.20 16.37 60.08
C ALA H 343 19.02 16.20 59.13
N ASN H 344 18.21 17.24 59.01
CA ASN H 344 17.11 17.32 58.04
C ASN H 344 17.53 16.82 56.64
N LEU H 345 18.62 17.38 56.12
CA LEU H 345 19.07 17.09 54.77
C LEU H 345 19.62 15.66 54.70
N GLU H 346 20.31 15.24 55.75
CA GLU H 346 20.80 13.87 55.82
C GLU H 346 19.69 12.84 55.84
N VAL H 347 18.57 13.15 56.50
CA VAL H 347 17.46 12.20 56.58
C VAL H 347 16.78 12.11 55.21
N MET H 348 16.60 13.27 54.57
CA MET H 348 16.05 13.39 53.23
C MET H 348 16.79 12.54 52.20
N MET H 349 18.13 12.61 52.20
CA MET H 349 18.92 11.82 51.26
C MET H 349 18.86 10.31 51.54
N GLU H 350 19.05 9.90 52.79
CA GLU H 350 19.13 8.49 53.13
C GLU H 350 17.79 7.76 53.09
N GLU H 351 16.70 8.50 53.29
CA GLU H 351 15.36 7.93 53.33
C GLU H 351 14.65 8.10 51.99
N ASN H 352 15.35 8.70 51.02
CA ASN H 352 14.85 8.92 49.64
C ASN H 352 13.52 9.62 49.63
N LEU H 353 13.40 10.67 50.42
CA LEU H 353 12.13 11.37 50.51
C LEU H 353 11.78 12.13 49.22
N VAL H 354 12.75 12.41 48.36
CA VAL H 354 12.40 13.08 47.10
C VAL H 354 11.57 12.12 46.20
N GLU H 355 11.96 10.84 46.18
CA GLU H 355 11.28 9.83 45.36
C GLU H 355 9.94 9.55 45.97
N GLN H 356 9.92 9.48 47.29
CA GLN H 356 8.72 9.17 48.07
C GLN H 356 7.68 10.24 47.80
N ALA H 357 8.16 11.46 47.65
CA ALA H 357 7.28 12.61 47.44
C ALA H 357 6.75 12.49 46.03
N LYS H 358 7.64 12.11 45.11
CA LYS H 358 7.28 11.94 43.71
C LYS H 358 6.19 10.90 43.55
N ASN H 359 6.33 9.76 44.23
CA ASN H 359 5.35 8.68 44.08
C ASN H 359 4.03 9.05 44.71
N SER H 360 4.12 9.71 45.84
CA SER H 360 2.91 10.17 46.51
C SER H 360 2.15 11.23 45.70
N GLY H 361 2.86 12.06 44.94
CA GLY H 361 2.21 13.01 44.03
C GLY H 361 1.37 12.28 42.99
N GLU H 362 1.90 11.16 42.51
CA GLU H 362 1.22 10.42 41.49
C GLU H 362 -0.02 9.74 42.04
N TYR H 363 0.01 9.37 43.30
CA TYR H 363 -1.18 8.83 43.95
C TYR H 363 -2.21 9.94 44.12
N ILE H 364 -1.76 11.12 44.50
CA ILE H 364 -2.61 12.30 44.67
C ILE H 364 -3.28 12.70 43.34
N ARG H 365 -2.50 12.75 42.27
CA ARG H 365 -3.08 13.03 40.95
C ARG H 365 -4.34 12.19 40.71
N SER H 366 -4.24 10.89 40.99
CA SER H 366 -5.34 9.99 40.66
C SER H 366 -6.53 10.09 41.61
N LYS H 367 -6.30 10.46 42.86
CA LYS H 367 -7.41 10.86 43.74
C LYS H 367 -8.07 12.15 43.24
N LEU H 368 -7.23 13.08 42.81
CA LEU H 368 -7.73 14.34 42.27
C LEU H 368 -8.53 14.14 40.98
N GLU H 369 -8.19 13.09 40.20
CA GLU H 369 -8.98 12.77 39.00
C GLU H 369 -10.38 12.33 39.41
N LEU H 370 -10.44 11.37 40.34
CA LEU H 370 -11.69 10.83 40.89
C LEU H 370 -12.58 11.91 41.50
N LEU H 371 -11.98 12.83 42.26
CA LEU H 371 -12.72 13.95 42.81
C LEU H 371 -13.22 14.88 41.71
N GLN H 372 -12.39 15.19 40.71
CA GLN H 372 -12.87 16.05 39.63
C GLN H 372 -14.10 15.45 38.89
N GLU H 373 -14.09 14.14 38.67
CA GLU H 373 -15.18 13.53 37.92
C GLU H 373 -16.44 13.53 38.78
N LYS H 374 -16.27 13.50 40.09
CA LYS H 374 -17.40 13.52 41.03
C LYS H 374 -17.91 14.95 41.36
N HIS H 375 -17.00 15.91 41.32
CA HIS H 375 -17.31 17.27 41.80
C HIS H 375 -17.10 18.36 40.73
N LYS H 376 -18.19 18.92 40.24
CA LYS H 376 -18.13 19.90 39.16
C LYS H 376 -17.60 21.25 39.64
N SER H 377 -17.51 21.42 40.95
CA SER H 377 -16.92 22.58 41.56
C SER H 377 -15.40 22.57 41.41
N ILE H 378 -14.82 21.43 41.06
CA ILE H 378 -13.39 21.45 40.77
C ILE H 378 -13.19 21.87 39.31
N GLY H 379 -12.79 23.13 39.12
CA GLY H 379 -12.64 23.68 37.77
C GLY H 379 -11.44 23.07 37.07
N ASN H 380 -10.36 22.88 37.82
CA ASN H 380 -9.11 22.33 37.29
C ASN H 380 -8.17 21.99 38.47
N PHE H 381 -7.16 21.17 38.26
CA PHE H 381 -6.09 21.00 39.25
C PHE H 381 -4.76 20.66 38.61
N ASP H 382 -3.67 21.03 39.28
CA ASP H 382 -2.34 20.58 38.86
C ASP H 382 -1.40 20.60 40.03
N GLY H 383 -0.22 20.06 39.86
CA GLY H 383 0.76 20.10 40.94
C GLY H 383 1.71 18.99 40.68
N TYR H 384 2.50 18.61 41.68
CA TYR H 384 3.41 17.45 41.66
C TYR H 384 3.97 17.27 43.08
N GLY H 385 4.57 16.10 43.32
CA GLY H 385 5.09 15.76 44.63
C GLY H 385 4.02 16.01 45.69
N LEU H 386 4.35 16.84 46.68
CA LEU H 386 3.35 17.24 47.66
C LEU H 386 2.97 18.71 47.55
N LEU H 387 2.82 19.20 46.33
CA LEU H 387 2.31 20.56 46.11
C LEU H 387 1.18 20.52 45.10
N TRP H 388 -0.06 20.72 45.54
CA TRP H 388 -1.19 20.64 44.63
C TRP H 388 -2.06 21.87 44.71
N ILE H 389 -2.35 22.45 43.55
CA ILE H 389 -3.26 23.57 43.49
C ILE H 389 -4.58 23.07 42.93
N VAL H 390 -5.69 23.37 43.58
CA VAL H 390 -7.00 22.93 43.09
C VAL H 390 -7.86 24.16 42.84
N ASP H 391 -8.33 24.33 41.63
CA ASP H 391 -9.08 25.56 41.32
C ASP H 391 -10.55 25.28 41.56
N ILE H 392 -11.20 26.13 42.36
CA ILE H 392 -12.61 25.93 42.68
C ILE H 392 -13.44 26.87 41.86
N VAL H 393 -14.59 26.37 41.40
CA VAL H 393 -15.61 27.15 40.72
C VAL H 393 -17.02 26.84 41.22
N ASN H 394 -17.92 27.78 40.95
CA ASN H 394 -19.36 27.58 40.96
C ASN H 394 -19.72 26.49 39.93
N ALA H 395 -20.35 25.42 40.43
CA ALA H 395 -20.59 24.22 39.65
C ALA H 395 -21.56 24.45 38.48
N LYS H 396 -22.53 25.34 38.68
CA LYS H 396 -23.52 25.67 37.65
C LYS H 396 -22.97 26.58 36.57
N THR H 397 -22.11 27.52 36.95
CA THR H 397 -21.63 28.55 36.04
C THR H 397 -20.23 28.26 35.48
N LYS H 398 -19.51 27.34 36.13
CA LYS H 398 -18.09 27.02 35.80
C LYS H 398 -17.12 28.19 36.02
N THR H 399 -17.55 29.23 36.73
CA THR H 399 -16.67 30.37 37.00
C THR H 399 -16.46 30.62 38.49
N PRO H 400 -15.33 31.24 38.85
CA PRO H 400 -15.00 31.55 40.25
C PRO H 400 -16.10 32.27 41.02
N TYR H 401 -16.40 31.79 42.22
CA TYR H 401 -17.30 32.48 43.14
C TYR H 401 -16.85 33.88 43.47
N VAL H 402 -15.55 34.05 43.66
CA VAL H 402 -15.01 35.34 44.09
C VAL H 402 -14.28 35.99 42.94
N LYS H 403 -14.97 36.95 42.34
CA LYS H 403 -14.49 37.65 41.16
C LYS H 403 -13.06 38.20 41.20
N LEU H 404 -12.67 38.90 42.27
CA LEU H 404 -11.31 39.50 42.36
C LEU H 404 -10.16 38.48 42.42
N ASP H 405 -10.50 37.25 42.79
CA ASP H 405 -9.61 36.10 42.77
C ASP H 405 -8.32 36.42 43.51
N ARG H 406 -7.19 36.16 42.88
CA ARG H 406 -5.87 36.51 43.43
C ARG H 406 -5.58 38.02 43.74
N ASN H 407 -6.49 38.91 43.34
CA ASN H 407 -6.40 40.36 43.66
C ASN H 407 -7.36 40.78 44.79
N PHE H 408 -7.93 39.81 45.51
CA PHE H 408 -8.81 40.12 46.65
C PHE H 408 -8.01 40.65 47.83
N ARG H 409 -8.71 41.10 48.88
CA ARG H 409 -8.04 41.34 50.15
C ARG H 409 -8.89 40.76 51.26
N HIS H 410 -8.41 40.81 52.51
CA HIS H 410 -9.02 39.98 53.54
C HIS H 410 -10.19 40.63 54.19
N GLY H 411 -10.67 41.69 53.56
CA GLY H 411 -11.71 42.54 54.14
C GLY H 411 -13.03 41.83 53.99
N MET H 412 -13.09 40.81 53.13
CA MET H 412 -14.36 40.14 52.88
C MET H 412 -14.76 39.08 53.91
N ASN H 413 -16.05 38.79 53.91
CA ASN H 413 -16.65 37.84 54.81
C ASN H 413 -16.14 36.40 54.55
N PRO H 414 -15.43 35.76 55.51
CA PRO H 414 -14.93 34.39 55.33
C PRO H 414 -15.95 33.33 54.90
N ASN H 415 -17.21 33.45 55.29
CA ASN H 415 -18.23 32.52 54.75
C ASN H 415 -18.82 32.86 53.38
N GLN H 416 -18.11 33.67 52.60
CA GLN H 416 -18.34 33.76 51.17
C GLN H 416 -17.12 33.24 50.43
N ILE H 417 -16.05 32.90 51.16
CA ILE H 417 -14.82 32.51 50.51
C ILE H 417 -14.81 30.99 50.37
N PRO H 418 -14.84 30.47 49.12
CA PRO H 418 -14.97 29.01 48.97
C PRO H 418 -13.89 28.19 49.68
N THR H 419 -12.63 28.63 49.67
CA THR H 419 -11.58 27.88 50.33
C THR H 419 -11.70 27.94 51.87
N GLN H 420 -12.47 28.90 52.35
CA GLN H 420 -12.80 29.02 53.76
C GLN H 420 -13.94 28.09 54.18
N ILE H 421 -14.98 27.99 53.35
CA ILE H 421 -16.13 27.11 53.60
C ILE H 421 -15.61 25.68 53.61
N ILE H 422 -14.72 25.37 52.66
CA ILE H 422 -14.16 24.04 52.56
C ILE H 422 -13.36 23.66 53.82
N MET H 423 -12.51 24.59 54.25
CA MET H 423 -11.67 24.39 55.41
C MET H 423 -12.55 24.14 56.63
N GLU H 424 -13.60 24.94 56.80
CA GLU H 424 -14.48 24.79 57.95
C GLU H 424 -15.12 23.41 57.95
N LYS H 425 -15.52 22.97 56.76
CA LYS H 425 -16.20 21.70 56.59
C LYS H 425 -15.26 20.53 56.75
N ALA H 426 -14.11 20.59 56.09
CA ALA H 426 -13.12 19.52 56.28
C ALA H 426 -12.82 19.26 57.77
N LEU H 427 -12.85 20.32 58.57
CA LEU H 427 -12.52 20.25 59.99
C LEU H 427 -13.42 19.31 60.81
N GLU H 428 -14.66 19.14 60.36
CA GLU H 428 -15.61 18.23 60.98
C GLU H 428 -15.08 16.82 60.91
N LYS H 429 -14.02 16.64 60.13
CA LYS H 429 -13.47 15.31 59.87
C LYS H 429 -12.01 15.25 60.26
N GLY H 430 -11.60 16.10 61.20
CA GLY H 430 -10.25 16.07 61.75
C GLY H 430 -9.17 16.38 60.73
N VAL H 431 -9.54 17.07 59.66
CA VAL H 431 -8.60 17.28 58.61
C VAL H 431 -8.49 18.76 58.45
N LEU H 432 -7.26 19.24 58.25
CA LEU H 432 -6.98 20.64 57.87
C LEU H 432 -6.59 20.73 56.41
N ILE H 433 -7.38 21.43 55.62
CA ILE H 433 -7.14 21.54 54.19
C ILE H 433 -7.82 22.84 53.72
N GLY H 434 -7.20 23.57 52.81
CA GLY H 434 -7.82 24.78 52.26
C GLY H 434 -6.86 25.54 51.36
N GLY H 435 -6.84 26.87 51.47
CA GLY H 435 -5.83 27.63 50.79
C GLY H 435 -5.77 29.08 51.21
N ALA H 436 -4.76 29.74 50.64
CA ALA H 436 -4.48 31.12 50.90
C ALA H 436 -5.36 31.99 50.03
N MET H 437 -5.51 31.57 48.76
CA MET H 437 -6.33 32.30 47.83
C MET H 437 -7.77 31.88 47.98
N PRO H 438 -8.69 32.73 47.51
CA PRO H 438 -10.12 32.46 47.72
C PRO H 438 -10.71 31.36 46.85
N ASN H 439 -10.26 31.22 45.61
CA ASN H 439 -10.88 30.27 44.75
C ASN H 439 -9.97 29.08 44.55
N THR H 440 -8.85 29.04 45.29
CA THR H 440 -7.85 28.04 44.99
C THR H 440 -7.30 27.36 46.20
N MET H 441 -7.28 26.02 46.17
CA MET H 441 -6.64 25.18 47.17
C MET H 441 -5.13 25.19 47.02
N ARG H 442 -4.45 25.16 48.15
CA ARG H 442 -3.03 24.93 48.17
C ARG H 442 -2.81 23.81 49.17
N ILE H 443 -2.71 22.60 48.64
CA ILE H 443 -2.65 21.37 49.43
C ILE H 443 -1.20 20.92 49.57
N GLY H 444 -0.73 20.80 50.80
CA GLY H 444 0.57 20.21 51.04
C GLY H 444 0.59 19.29 52.26
N ALA H 445 1.46 18.30 52.22
CA ALA H 445 1.66 17.45 53.38
C ALA H 445 3.14 17.19 53.40
N SER H 446 3.58 16.42 54.38
CA SER H 446 4.98 16.02 54.49
C SER H 446 5.32 15.11 53.33
N LEU H 447 6.60 15.03 52.98
CA LEU H 447 7.04 14.16 51.87
C LEU H 447 6.75 12.72 52.14
N ASN H 448 6.74 12.35 53.41
CA ASN H 448 6.52 10.96 53.83
C ASN H 448 5.12 10.70 54.36
N VAL H 449 4.16 11.53 53.95
CA VAL H 449 2.77 11.36 54.31
C VAL H 449 2.39 9.99 53.85
N SER H 450 1.59 9.31 54.66
CA SER H 450 1.20 7.94 54.39
C SER H 450 -0.02 7.88 53.48
N ARG H 451 -0.30 6.71 52.92
CA ARG H 451 -1.41 6.60 51.98
C ARG H 451 -2.77 6.76 52.66
N GLY H 452 -2.91 6.16 53.84
CA GLY H 452 -4.11 6.31 54.64
C GLY H 452 -4.40 7.76 55.01
N ASP H 453 -3.37 8.59 55.14
CA ASP H 453 -3.58 10.03 55.40
C ASP H 453 -4.06 10.79 54.18
N ILE H 454 -3.44 10.59 53.03
CA ILE H 454 -3.98 11.18 51.80
C ILE H 454 -5.45 10.77 51.62
N ASP H 455 -5.72 9.48 51.87
CA ASP H 455 -7.07 8.91 51.80
C ASP H 455 -8.06 9.63 52.68
N LYS H 456 -7.68 9.86 53.94
CA LYS H 456 -8.50 10.58 54.91
C LYS H 456 -8.74 12.04 54.46
N ALA H 457 -7.68 12.69 53.99
CA ALA H 457 -7.76 14.08 53.58
C ALA H 457 -8.63 14.24 52.31
N MET H 458 -8.50 13.30 51.35
CA MET H 458 -9.25 13.43 50.12
C MET H 458 -10.72 13.18 50.38
N ASP H 459 -11.00 12.28 51.31
CA ASP H 459 -12.36 11.99 51.72
C ASP H 459 -13.00 13.22 52.35
N ALA H 460 -12.24 13.99 53.10
CA ALA H 460 -12.73 15.16 53.79
C ALA H 460 -13.00 16.29 52.81
N LEU H 461 -12.11 16.44 51.84
CA LEU H 461 -12.36 17.28 50.67
C LEU H 461 -13.63 16.87 49.96
N ASP H 462 -13.88 15.57 49.88
CA ASP H 462 -15.08 15.09 49.20
C ASP H 462 -16.34 15.55 49.94
N TYR H 463 -16.36 15.29 51.25
CA TYR H 463 -17.40 15.76 52.14
C TYR H 463 -17.57 17.30 52.09
N ALA H 464 -16.48 18.05 52.00
CA ALA H 464 -16.57 19.53 51.98
C ALA H 464 -17.14 20.02 50.67
N LEU H 465 -16.74 19.37 49.56
CA LEU H 465 -17.16 19.82 48.25
C LEU H 465 -18.62 19.58 48.02
N ASP H 466 -19.14 18.54 48.66
CA ASP H 466 -20.55 18.23 48.68
C ASP H 466 -21.31 19.39 49.27
N TYR H 467 -20.88 19.77 50.46
CA TYR H 467 -21.45 20.88 51.15
C TYR H 467 -21.38 22.18 50.32
N LEU H 468 -20.26 22.38 49.63
CA LEU H 468 -20.05 23.58 48.83
C LEU H 468 -21.05 23.58 47.71
N GLU H 469 -21.14 22.46 46.99
CA GLU H 469 -21.99 22.35 45.82
C GLU H 469 -23.48 22.36 46.18
N SER H 470 -23.80 22.08 47.46
CA SER H 470 -25.18 22.01 47.95
C SER H 470 -25.85 23.37 48.11
N GLY H 471 -25.04 24.37 48.43
CA GLY H 471 -25.49 25.77 48.55
C GLY H 471 -26.07 26.18 49.89
N GLU H 472 -26.10 25.24 50.84
CA GLU H 472 -26.72 25.49 52.15
C GLU H 472 -26.05 26.62 52.93
N TRP H 473 -24.99 27.19 52.37
CA TRP H 473 -24.10 28.12 53.06
C TRP H 473 -24.25 29.58 52.63
N GLN H 474 -25.28 29.85 51.83
CA GLN H 474 -25.40 31.13 51.11
C GLN H 474 -26.36 32.09 51.80
N LYS I 7 37.52 -76.23 10.62
CA LYS I 7 38.85 -75.72 10.17
C LYS I 7 38.78 -75.55 8.67
N ILE I 8 38.73 -74.31 8.22
CA ILE I 8 38.47 -74.01 6.82
C ILE I 8 39.75 -73.60 6.04
N ASN I 9 40.00 -74.30 4.94
CA ASN I 9 41.13 -74.05 4.04
C ASN I 9 40.67 -73.14 2.88
N TRP I 10 40.78 -71.83 3.11
CA TRP I 10 40.24 -70.83 2.20
C TRP I 10 41.00 -70.72 0.92
N GLU I 11 42.22 -71.23 0.89
CA GLU I 11 42.98 -71.26 -0.36
C GLU I 11 42.40 -72.27 -1.33
N GLN I 12 42.09 -73.46 -0.82
CA GLN I 12 41.47 -74.48 -1.65
C GLN I 12 40.04 -74.10 -1.99
N VAL I 13 39.38 -73.37 -1.09
CA VAL I 13 38.05 -72.81 -1.35
C VAL I 13 38.07 -71.93 -2.61
N LYS I 14 39.02 -71.01 -2.68
CA LYS I 14 39.10 -70.15 -3.87
C LYS I 14 39.54 -70.98 -5.09
N GLU I 15 40.38 -71.99 -4.86
CA GLU I 15 40.84 -72.89 -5.92
C GLU I 15 39.62 -73.61 -6.56
N TRP I 16 38.72 -74.10 -5.70
CA TRP I 16 37.48 -74.77 -6.12
C TRP I 16 36.49 -73.82 -6.81
N ASP I 17 36.34 -72.63 -6.24
CA ASP I 17 35.45 -71.60 -6.78
C ASP I 17 35.85 -71.19 -8.21
N ARG I 18 37.15 -71.06 -8.45
CA ARG I 18 37.76 -70.91 -9.78
C ARG I 18 37.40 -72.02 -10.78
N LYS I 19 37.80 -73.24 -10.45
CA LYS I 19 37.76 -74.40 -11.35
C LYS I 19 36.35 -74.98 -11.60
N TYR I 20 35.51 -74.96 -10.57
CA TYR I 20 34.25 -75.71 -10.55
C TYR I 20 32.95 -74.92 -10.70
N LEU I 21 33.01 -73.60 -10.52
CA LEU I 21 31.80 -72.79 -10.63
C LEU I 21 31.73 -71.98 -11.94
N MET I 22 30.55 -71.97 -12.56
CA MET I 22 30.34 -71.20 -13.78
C MET I 22 30.33 -69.71 -13.44
N ARG I 23 30.98 -68.93 -14.28
CA ARG I 23 31.09 -67.49 -14.02
C ARG I 23 29.85 -66.74 -14.45
N THR I 24 29.64 -65.61 -13.79
CA THR I 24 28.62 -64.66 -14.16
C THR I 24 29.22 -63.24 -14.09
N PHE I 25 28.85 -62.38 -15.03
CA PHE I 25 29.39 -61.02 -15.17
C PHE I 25 30.90 -60.93 -15.32
N SER I 26 31.65 -61.94 -14.89
CA SER I 26 33.07 -61.95 -15.15
C SER I 26 33.49 -63.09 -16.02
N THR I 27 34.50 -62.86 -16.86
CA THR I 27 35.13 -63.97 -17.57
C THR I 27 35.98 -64.74 -16.55
N GLN I 28 36.32 -65.99 -16.82
CA GLN I 28 37.22 -66.76 -15.96
C GLN I 28 38.52 -66.04 -15.85
N ASN I 29 38.94 -65.53 -17.01
CA ASN I 29 40.22 -64.84 -17.14
C ASN I 29 40.43 -63.61 -16.27
N GLU I 30 39.38 -62.79 -16.07
CA GLU I 30 39.48 -61.57 -15.22
C GLU I 30 39.08 -61.81 -13.74
N TYR I 31 38.44 -62.96 -13.49
CA TYR I 31 37.83 -63.29 -12.21
C TYR I 31 38.79 -63.45 -11.05
N GLN I 32 38.41 -62.87 -9.92
CA GLN I 32 39.03 -63.20 -8.67
C GLN I 32 37.92 -63.40 -7.66
N PRO I 33 38.01 -64.52 -6.92
CA PRO I 33 37.01 -64.84 -5.92
C PRO I 33 37.00 -63.78 -4.81
N VAL I 34 35.82 -63.48 -4.28
CA VAL I 34 35.72 -62.62 -3.11
C VAL I 34 35.04 -63.43 -2.00
N PRO I 35 35.85 -64.11 -1.16
CA PRO I 35 35.26 -64.98 -0.13
C PRO I 35 34.63 -64.22 1.01
N ILE I 36 33.45 -64.66 1.42
CA ILE I 36 32.80 -64.09 2.58
C ILE I 36 32.65 -65.22 3.60
N GLU I 37 33.23 -65.03 4.78
CA GLU I 37 33.21 -66.08 5.82
C GLU I 37 31.92 -66.09 6.64
N SER I 38 31.41 -64.91 6.97
CA SER I 38 30.20 -64.78 7.79
C SER I 38 29.58 -63.41 7.60
N THR I 39 28.34 -63.25 8.05
CA THR I 39 27.69 -61.96 8.00
C THR I 39 27.05 -61.61 9.35
N GLU I 40 26.85 -60.31 9.57
CA GLU I 40 26.20 -59.78 10.80
C GLU I 40 25.74 -58.33 10.62
N GLY I 41 24.44 -58.11 10.74
CA GLY I 41 23.85 -56.79 10.57
C GLY I 41 24.02 -56.23 9.16
N ASP I 42 24.74 -55.13 9.04
CA ASP I 42 24.94 -54.51 7.74
C ASP I 42 26.35 -54.78 7.21
N TYR I 43 26.99 -55.80 7.80
CA TYR I 43 28.37 -56.19 7.49
C TYR I 43 28.55 -57.61 6.94
N LEU I 44 29.48 -57.73 6.00
CA LEU I 44 30.01 -59.03 5.64
C LEU I 44 31.45 -59.16 6.17
N ILE I 45 31.83 -60.39 6.57
CA ILE I 45 33.15 -60.61 7.19
C ILE I 45 33.99 -61.53 6.31
N THR I 46 35.15 -61.06 5.88
CA THR I 46 36.07 -61.86 5.07
C THR I 46 36.74 -62.87 6.00
N PRO I 47 37.32 -63.96 5.44
CA PRO I 47 38.11 -64.95 6.16
C PRO I 47 39.19 -64.37 7.07
N GLY I 48 39.96 -63.43 6.52
CA GLY I 48 41.03 -62.72 7.20
C GLY I 48 40.56 -61.83 8.34
N GLY I 49 39.26 -61.58 8.40
CA GLY I 49 38.67 -60.85 9.53
C GLY I 49 38.07 -59.50 9.23
N THR I 50 38.40 -58.97 8.05
CA THR I 50 37.90 -57.70 7.56
C THR I 50 36.37 -57.58 7.49
N ARG I 51 35.88 -56.50 8.05
CA ARG I 51 34.45 -56.21 8.12
C ARG I 51 34.10 -55.21 7.03
N LEU I 52 33.13 -55.55 6.19
CA LEU I 52 32.77 -54.73 5.03
C LEU I 52 31.33 -54.25 5.14
N LEU I 53 31.14 -52.92 5.20
CA LEU I 53 29.79 -52.35 5.28
C LEU I 53 29.08 -52.44 3.94
N ASP I 54 27.95 -53.14 3.97
CA ASP I 54 27.23 -53.48 2.79
C ASP I 54 26.05 -52.56 2.49
N PHE I 55 26.30 -51.50 1.73
CA PHE I 55 25.22 -50.65 1.24
C PHE I 55 24.70 -51.06 -0.15
N PHE I 56 24.90 -52.32 -0.50
CA PHE I 56 24.12 -52.96 -1.56
C PHE I 56 22.97 -53.69 -0.88
N ASN I 57 23.18 -53.98 0.41
CA ASN I 57 22.27 -54.87 1.15
C ASN I 57 22.05 -56.16 0.30
N GLN I 58 23.17 -56.67 -0.22
CA GLN I 58 23.26 -57.79 -1.15
C GLN I 58 22.65 -57.47 -2.52
N LEU I 59 21.39 -57.86 -2.73
CA LEU I 59 20.63 -57.38 -3.89
C LEU I 59 19.33 -56.68 -3.41
N CYS I 60 19.52 -55.73 -2.47
CA CYS I 60 18.45 -55.00 -1.78
C CYS I 60 17.44 -55.97 -1.18
N CYS I 61 17.96 -57.05 -0.60
CA CYS I 61 17.14 -58.19 -0.19
C CYS I 61 17.29 -58.71 1.24
N VAL I 62 18.10 -58.03 2.08
CA VAL I 62 18.31 -58.46 3.47
C VAL I 62 17.67 -57.41 4.40
N ASN I 63 16.38 -57.19 4.17
CA ASN I 63 15.65 -56.14 4.85
C ASN I 63 15.82 -56.07 6.39
N LEU I 64 15.79 -57.23 7.05
CA LEU I 64 15.85 -57.34 8.51
C LEU I 64 17.26 -57.11 9.03
N GLY I 65 18.22 -57.30 8.12
CA GLY I 65 19.62 -57.33 8.49
C GLY I 65 20.18 -58.74 8.52
N GLN I 66 21.48 -58.83 8.24
CA GLN I 66 22.19 -60.09 8.20
C GLN I 66 22.14 -60.87 9.51
N LYS I 67 21.64 -62.10 9.42
CA LYS I 67 21.83 -63.07 10.49
C LYS I 67 21.17 -62.54 11.76
N ASN I 68 19.88 -62.23 11.60
CA ASN I 68 19.02 -61.86 12.72
C ASN I 68 18.90 -63.04 13.69
N GLN I 69 19.19 -62.80 14.97
CA GLN I 69 19.27 -63.86 15.96
C GLN I 69 17.92 -64.53 16.19
N LYS I 70 16.84 -63.74 16.25
CA LYS I 70 15.49 -64.28 16.37
C LYS I 70 15.09 -65.17 15.17
N VAL I 71 15.40 -64.72 13.96
CA VAL I 71 15.06 -65.45 12.72
C VAL I 71 15.74 -66.82 12.63
N ASN I 72 17.07 -66.83 12.73
CA ASN I 72 17.86 -68.06 12.77
C ASN I 72 17.40 -69.03 13.86
N ALA I 73 17.10 -68.48 15.03
CA ALA I 73 16.51 -69.25 16.11
C ALA I 73 15.16 -69.80 15.67
N ALA I 74 14.43 -69.05 14.84
CA ALA I 74 13.13 -69.53 14.37
C ALA I 74 13.27 -70.64 13.33
N ILE I 75 14.30 -70.57 12.50
CA ILE I 75 14.61 -71.62 11.53
C ILE I 75 15.08 -72.88 12.24
N LYS I 76 16.06 -72.71 13.12
CA LYS I 76 16.61 -73.77 13.95
C LYS I 76 15.53 -74.57 14.66
N GLU I 77 14.51 -73.88 15.17
CA GLU I 77 13.35 -74.53 15.79
C GLU I 77 12.58 -75.42 14.81
N ALA I 78 12.31 -74.87 13.62
CA ALA I 78 11.59 -75.57 12.56
C ALA I 78 12.27 -76.86 12.15
N LEU I 79 13.60 -76.87 12.16
CA LEU I 79 14.36 -78.05 11.78
C LEU I 79 14.26 -79.17 12.81
N ASP I 80 13.69 -78.86 13.98
CA ASP I 80 13.42 -79.90 14.97
C ASP I 80 12.17 -80.67 14.59
N ARG I 81 11.36 -80.07 13.73
CA ARG I 81 10.12 -80.67 13.27
C ARG I 81 10.16 -81.15 11.80
N TYR I 82 10.85 -80.40 10.94
CA TYR I 82 10.94 -80.72 9.49
C TYR I 82 12.41 -80.79 9.00
N GLY I 83 12.70 -81.49 7.88
CA GLY I 83 11.71 -82.17 7.06
C GLY I 83 11.34 -81.35 5.81
N PHE I 84 10.46 -81.95 5.00
CA PHE I 84 9.88 -81.33 3.82
C PHE I 84 8.52 -81.93 3.54
N VAL I 85 7.57 -81.07 3.23
CA VAL I 85 6.33 -81.48 2.59
C VAL I 85 6.09 -80.55 1.43
N TRP I 86 5.38 -81.03 0.42
CA TRP I 86 5.09 -80.14 -0.69
C TRP I 86 3.72 -79.52 -0.45
N ASP I 87 3.33 -78.65 -1.37
CA ASP I 87 2.17 -77.77 -1.30
C ASP I 87 0.87 -78.44 -0.87
N THR I 88 0.73 -79.72 -1.22
CA THR I 88 -0.50 -80.45 -0.95
C THR I 88 -0.69 -80.65 0.57
N TYR I 89 0.38 -80.45 1.33
CA TYR I 89 0.24 -80.59 2.77
C TYR I 89 0.29 -79.22 3.49
N ALA I 90 -0.58 -79.07 4.48
CA ALA I 90 -0.64 -77.83 5.25
C ALA I 90 0.33 -77.85 6.43
N THR I 91 1.12 -76.79 6.54
CA THR I 91 1.93 -76.62 7.74
C THR I 91 1.50 -75.34 8.48
N ASP I 92 1.71 -75.34 9.81
CA ASP I 92 1.48 -74.12 10.58
C ASP I 92 2.30 -72.92 10.03
N TYR I 93 3.57 -73.16 9.68
CA TYR I 93 4.47 -72.15 9.12
C TYR I 93 3.94 -71.59 7.79
N LYS I 94 3.48 -72.48 6.90
CA LYS I 94 2.88 -72.09 5.63
C LYS I 94 1.61 -71.26 5.84
N ALA I 95 0.72 -71.77 6.69
CA ALA I 95 -0.58 -71.13 6.90
C ALA I 95 -0.42 -69.77 7.58
N LYS I 96 0.50 -69.69 8.53
CA LYS I 96 0.69 -68.49 9.34
C LYS I 96 1.21 -67.32 8.50
N ALA I 97 2.22 -67.58 7.68
CA ALA I 97 2.79 -66.56 6.81
C ALA I 97 1.73 -65.91 5.91
N ALA I 98 0.87 -66.74 5.32
CA ALA I 98 -0.23 -66.27 4.47
C ALA I 98 -1.17 -65.32 5.22
N LYS I 99 -1.48 -65.67 6.48
CA LYS I 99 -2.36 -64.88 7.33
C LYS I 99 -1.67 -63.60 7.73
N ILE I 100 -0.40 -63.71 8.11
CA ILE I 100 0.41 -62.56 8.50
C ILE I 100 0.41 -61.59 7.33
N ILE I 101 0.43 -62.15 6.12
CA ILE I 101 0.35 -61.34 4.92
C ILE I 101 -1.04 -60.68 4.80
N ILE I 102 -2.10 -61.48 4.78
CA ILE I 102 -3.44 -60.94 4.55
C ILE I 102 -4.05 -60.24 5.76
N GLU I 103 -4.01 -60.86 6.95
CA GLU I 103 -4.63 -60.25 8.12
C GLU I 103 -3.80 -59.16 8.82
N ASP I 104 -2.48 -59.28 8.79
CA ASP I 104 -1.67 -58.34 9.57
C ASP I 104 -1.06 -57.25 8.70
N ILE I 105 -0.16 -57.64 7.82
CA ILE I 105 0.50 -56.67 7.00
C ILE I 105 -0.50 -55.97 6.07
N LEU I 106 -1.51 -56.68 5.56
CA LEU I 106 -2.46 -56.05 4.63
C LEU I 106 -3.89 -55.92 5.17
N GLY I 107 -4.06 -55.94 6.49
CA GLY I 107 -5.38 -56.02 7.14
C GLY I 107 -6.24 -54.78 6.98
N ASP I 108 -5.57 -53.63 6.92
CA ASP I 108 -6.24 -52.37 6.56
C ASP I 108 -6.68 -52.28 5.08
N GLU I 109 -6.22 -53.20 4.25
CA GLU I 109 -6.58 -53.17 2.84
C GLU I 109 -7.59 -54.28 2.56
N ASP I 110 -8.69 -53.99 1.89
CA ASP I 110 -9.63 -55.08 1.68
C ASP I 110 -9.75 -55.58 0.22
N TRP I 111 -8.72 -55.33 -0.58
CA TRP I 111 -8.66 -55.93 -1.91
C TRP I 111 -8.01 -57.34 -1.91
N PRO I 112 -7.02 -57.62 -1.02
CA PRO I 112 -6.27 -58.88 -1.10
C PRO I 112 -7.10 -60.09 -0.75
N GLY I 113 -6.94 -61.16 -1.54
CA GLY I 113 -7.67 -62.40 -1.31
C GLY I 113 -6.84 -63.57 -0.78
N LYS I 114 -5.88 -64.04 -1.57
CA LYS I 114 -5.08 -65.23 -1.21
C LYS I 114 -3.59 -65.11 -1.54
N VAL I 115 -2.79 -66.02 -1.01
CA VAL I 115 -1.36 -66.02 -1.27
C VAL I 115 -0.95 -67.33 -1.96
N ARG I 116 0.01 -67.28 -2.88
CA ARG I 116 0.75 -68.50 -3.22
C ARG I 116 2.26 -68.34 -3.00
N PHE I 117 2.83 -69.25 -2.19
CA PHE I 117 4.27 -69.31 -1.98
C PHE I 117 5.00 -70.13 -3.01
N VAL I 118 6.10 -69.56 -3.53
CA VAL I 118 7.07 -70.20 -4.44
C VAL I 118 8.48 -70.04 -3.84
N SER I 119 9.53 -70.39 -4.58
CA SER I 119 10.91 -70.27 -4.06
C SER I 119 11.68 -68.96 -4.39
N THR I 120 11.38 -68.31 -5.52
CA THR I 120 12.14 -67.14 -5.94
C THR I 120 11.19 -66.07 -6.48
N GLY I 121 11.68 -64.83 -6.58
CA GLY I 121 10.97 -63.73 -7.27
C GLY I 121 10.59 -64.00 -8.74
N SER I 122 11.54 -64.55 -9.50
CA SER I 122 11.30 -65.07 -10.88
C SER I 122 10.09 -66.00 -10.97
N GLU I 123 10.03 -67.00 -10.09
CA GLU I 123 8.88 -67.89 -10.02
C GLU I 123 7.61 -67.17 -9.60
N ALA I 124 7.68 -66.20 -8.67
CA ALA I 124 6.53 -65.36 -8.31
C ALA I 124 5.97 -64.56 -9.49
N VAL I 125 6.86 -63.84 -10.18
CA VAL I 125 6.52 -63.25 -11.47
C VAL I 125 5.91 -64.28 -12.45
N GLU I 126 6.51 -65.46 -12.62
CA GLU I 126 5.88 -66.48 -13.54
C GLU I 126 4.44 -66.78 -13.12
N THR I 127 4.24 -66.95 -11.80
CA THR I 127 2.95 -67.31 -11.23
C THR I 127 1.91 -66.21 -11.49
N ALA I 128 2.30 -64.97 -11.23
CA ALA I 128 1.44 -63.81 -11.46
C ALA I 128 1.04 -63.69 -12.95
N LEU I 129 2.02 -63.83 -13.84
CA LEU I 129 1.78 -63.89 -15.28
C LEU I 129 0.74 -64.96 -15.66
N ASN I 130 0.96 -66.20 -15.21
CA ASN I 130 0.00 -67.30 -15.46
C ASN I 130 -1.40 -67.01 -14.98
N ILE I 131 -1.48 -66.48 -13.78
CA ILE I 131 -2.77 -66.15 -13.19
C ILE I 131 -3.48 -65.03 -13.98
N ALA I 132 -2.74 -64.01 -14.39
CA ALA I 132 -3.37 -62.85 -15.02
C ALA I 132 -3.92 -63.29 -16.37
N ARG I 133 -3.17 -64.11 -17.08
CA ARG I 133 -3.63 -64.62 -18.37
C ARG I 133 -4.83 -65.55 -18.24
N LEU I 134 -4.77 -66.48 -17.29
CA LEU I 134 -5.89 -67.40 -17.00
C LEU I 134 -7.16 -66.68 -16.54
N TYR I 135 -7.01 -65.77 -15.59
CA TYR I 135 -8.14 -65.02 -15.08
C TYR I 135 -8.82 -64.18 -16.17
N THR I 136 -8.03 -63.52 -17.03
CA THR I 136 -8.63 -62.68 -18.07
C THR I 136 -8.87 -63.50 -19.36
N ASN I 137 -8.19 -64.64 -19.47
CA ASN I 137 -8.22 -65.46 -20.69
C ASN I 137 -7.70 -64.61 -21.86
N ARG I 138 -6.69 -63.78 -21.59
CA ARG I 138 -6.05 -62.96 -22.63
C ARG I 138 -4.54 -63.26 -22.69
N PRO I 139 -3.93 -63.19 -23.88
CA PRO I 139 -2.50 -63.53 -23.91
C PRO I 139 -1.50 -62.42 -23.57
N LEU I 140 -1.84 -61.17 -23.90
CA LEU I 140 -0.84 -60.09 -23.82
C LEU I 140 -0.61 -59.52 -22.41
N VAL I 141 0.68 -59.33 -22.10
CA VAL I 141 1.09 -58.60 -20.91
C VAL I 141 1.96 -57.40 -21.29
N VAL I 142 1.65 -56.24 -20.72
CA VAL I 142 2.43 -55.01 -20.93
C VAL I 142 3.49 -54.83 -19.83
N THR I 143 4.73 -54.53 -20.21
CA THR I 143 5.81 -54.17 -19.29
C THR I 143 6.31 -52.79 -19.74
N ARG I 144 7.40 -52.27 -19.14
CA ARG I 144 8.01 -51.00 -19.53
C ARG I 144 9.49 -51.15 -19.78
N GLU I 145 10.05 -50.30 -20.64
CA GLU I 145 11.48 -50.30 -20.88
C GLU I 145 12.21 -50.15 -19.55
N HIS I 146 13.31 -50.88 -19.42
CA HIS I 146 14.18 -50.91 -18.23
C HIS I 146 13.66 -51.68 -17.03
N ASP I 147 12.47 -52.27 -17.13
CA ASP I 147 11.94 -53.09 -16.06
C ASP I 147 12.77 -54.35 -15.92
N TYR I 148 12.85 -54.88 -14.72
CA TYR I 148 13.47 -56.18 -14.48
C TYR I 148 12.50 -56.95 -13.60
N HIS I 149 12.01 -58.06 -14.12
CA HIS I 149 11.04 -58.88 -13.42
C HIS I 149 11.50 -60.30 -13.18
N GLY I 150 12.74 -60.60 -13.53
CA GLY I 150 13.27 -61.93 -13.35
C GLY I 150 14.09 -62.43 -14.51
N TRP I 151 14.60 -63.64 -14.37
CA TRP I 151 15.52 -64.14 -15.36
C TRP I 151 15.03 -65.40 -16.08
N THR I 152 14.16 -66.18 -15.44
CA THR I 152 13.56 -67.39 -16.05
C THR I 152 12.61 -67.04 -17.20
N GLY I 153 12.37 -68.02 -18.07
CA GLY I 153 11.68 -67.83 -19.35
C GLY I 153 10.62 -66.76 -19.44
N GLY I 154 9.51 -66.98 -18.73
CA GLY I 154 8.39 -66.04 -18.75
C GLY I 154 8.69 -64.73 -18.06
N ALA I 155 9.40 -64.79 -16.93
CA ALA I 155 9.79 -63.59 -16.25
C ALA I 155 10.75 -62.79 -17.11
N ALA I 156 11.56 -63.48 -17.91
CA ALA I 156 12.54 -62.78 -18.75
C ALA I 156 11.91 -61.99 -19.87
N THR I 157 10.79 -62.51 -20.41
CA THR I 157 10.10 -61.85 -21.54
C THR I 157 9.64 -60.43 -21.15
N VAL I 158 9.38 -60.18 -19.87
CA VAL I 158 8.90 -58.86 -19.47
C VAL I 158 10.01 -58.00 -18.85
N THR I 159 11.23 -58.53 -18.94
CA THR I 159 12.43 -57.84 -18.51
C THR I 159 12.99 -57.15 -19.71
N ARG I 160 13.12 -55.84 -19.59
CA ARG I 160 13.51 -55.05 -20.74
C ARG I 160 14.76 -54.31 -20.41
N LEU I 161 15.80 -55.05 -20.03
CA LEU I 161 17.12 -54.47 -19.88
C LEU I 161 18.05 -55.39 -20.60
N ARG I 162 18.59 -54.94 -21.74
CA ARG I 162 19.42 -55.78 -22.60
C ARG I 162 20.72 -56.28 -21.96
N SER I 163 21.08 -55.65 -20.84
CA SER I 163 22.24 -56.01 -20.05
C SER I 163 21.95 -57.08 -19.00
N PHE I 164 20.70 -57.53 -18.85
CA PHE I 164 20.37 -58.53 -17.82
C PHE I 164 19.44 -59.66 -18.28
N ARG I 165 19.57 -60.04 -19.56
CA ARG I 165 18.72 -61.06 -20.19
C ARG I 165 19.42 -62.41 -20.43
N SER I 166 20.50 -62.65 -19.67
CA SER I 166 21.20 -63.93 -19.68
C SER I 166 21.98 -64.20 -20.97
N GLY I 167 22.24 -63.13 -21.71
CA GLY I 167 23.06 -63.20 -22.92
C GLY I 167 24.51 -63.07 -22.54
N LEU I 168 25.37 -62.92 -23.55
CA LEU I 168 26.83 -62.88 -23.38
C LEU I 168 27.46 -61.62 -24.01
N VAL I 169 28.48 -61.09 -23.35
CA VAL I 169 29.31 -60.05 -23.94
C VAL I 169 30.76 -60.40 -23.71
N GLY I 170 31.64 -59.68 -24.40
CA GLY I 170 33.08 -59.88 -24.33
C GLY I 170 33.75 -59.21 -23.16
N GLU I 171 35.02 -59.50 -22.94
CA GLU I 171 35.73 -58.79 -21.90
C GLU I 171 36.34 -57.50 -22.48
N ASN I 172 35.80 -56.36 -22.05
CA ASN I 172 36.25 -55.04 -22.53
C ASN I 172 36.37 -55.03 -24.04
N SER I 173 35.36 -55.58 -24.68
CA SER I 173 35.32 -55.75 -26.11
C SER I 173 33.87 -55.62 -26.55
N GLU I 174 33.70 -55.05 -27.76
CA GLU I 174 32.37 -54.91 -28.35
C GLU I 174 32.05 -56.09 -29.26
N SER I 175 33.01 -56.99 -29.46
CA SER I 175 32.93 -57.98 -30.54
C SER I 175 32.10 -59.22 -30.23
N PHE I 176 32.09 -59.67 -28.98
CA PHE I 176 31.66 -61.03 -28.70
C PHE I 176 30.26 -61.16 -28.13
N SER I 177 29.34 -60.33 -28.58
CA SER I 177 28.07 -60.30 -27.89
C SER I 177 26.97 -61.03 -28.63
N ALA I 178 25.96 -61.47 -27.87
CA ALA I 178 24.89 -62.37 -28.29
C ALA I 178 23.83 -62.43 -27.19
N GLN I 179 22.56 -62.46 -27.60
CA GLN I 179 21.46 -62.66 -26.70
C GLN I 179 21.06 -64.08 -26.99
N ILE I 180 20.31 -64.72 -26.09
CA ILE I 180 19.86 -66.08 -26.31
C ILE I 180 18.98 -66.19 -27.56
N PRO I 181 19.41 -67.00 -28.58
CA PRO I 181 18.51 -67.38 -29.66
C PRO I 181 17.08 -67.66 -29.15
N GLY I 182 16.11 -66.93 -29.69
CA GLY I 182 14.72 -67.05 -29.24
C GLY I 182 14.15 -65.86 -28.47
N SER I 183 14.99 -65.16 -27.73
CA SER I 183 14.50 -64.13 -26.83
C SER I 183 14.70 -62.73 -27.40
N SER I 187 7.02 -62.41 -28.28
CA SER I 187 6.38 -63.57 -27.67
C SER I 187 5.41 -63.15 -26.55
N ALA I 188 4.25 -62.64 -26.97
CA ALA I 188 3.12 -62.30 -26.08
C ALA I 188 3.32 -61.10 -25.13
N VAL I 189 4.31 -60.25 -25.38
CA VAL I 189 4.58 -59.12 -24.50
C VAL I 189 4.64 -57.78 -25.27
N LEU I 190 4.09 -56.71 -24.69
CA LEU I 190 4.25 -55.34 -25.28
C LEU I 190 5.06 -54.50 -24.36
N MET I 191 6.03 -53.78 -24.92
CA MET I 191 6.83 -52.84 -24.12
C MET I 191 6.25 -51.42 -24.10
N ALA I 192 5.82 -50.97 -22.92
CA ALA I 192 5.34 -49.59 -22.74
C ALA I 192 6.49 -48.65 -22.44
N PRO I 193 6.30 -47.35 -22.68
CA PRO I 193 7.38 -46.50 -22.27
C PRO I 193 7.54 -46.52 -20.76
N SER I 194 8.78 -46.47 -20.33
CA SER I 194 9.13 -46.17 -18.94
C SER I 194 8.44 -44.90 -18.40
N SER I 195 8.10 -44.94 -17.10
CA SER I 195 7.58 -43.78 -16.38
C SER I 195 8.50 -42.58 -16.53
N ASN I 196 9.80 -42.85 -16.66
CA ASN I 196 10.83 -41.82 -16.77
C ASN I 196 11.07 -41.21 -18.17
N THR I 197 10.24 -41.59 -19.13
CA THR I 197 10.38 -41.05 -20.47
C THR I 197 9.58 -39.75 -20.64
N PHE I 198 10.01 -38.96 -21.62
CA PHE I 198 9.30 -37.77 -22.06
C PHE I 198 9.39 -36.61 -21.08
N GLN I 199 10.53 -35.92 -21.09
CA GLN I 199 10.67 -34.66 -20.35
C GLN I 199 11.24 -33.52 -21.20
N ASN I 204 11.83 -32.68 -16.25
CA ASN I 204 10.46 -32.17 -16.18
C ASN I 204 9.47 -32.88 -17.12
N TYR I 205 8.79 -33.88 -16.57
CA TYR I 205 7.92 -34.81 -17.31
C TYR I 205 6.68 -34.23 -18.00
N LEU I 206 6.59 -34.39 -19.31
CA LEU I 206 5.46 -33.85 -20.08
C LEU I 206 4.14 -34.60 -19.82
N LYS I 207 3.03 -33.85 -19.82
CA LYS I 207 1.70 -34.39 -19.52
C LYS I 207 0.72 -34.15 -20.67
N ASP I 208 -0.48 -34.71 -20.53
CA ASP I 208 -1.44 -34.76 -21.62
C ASP I 208 -1.88 -33.41 -22.15
N GLU I 209 -2.26 -32.51 -21.26
CA GLU I 209 -3.09 -31.32 -21.55
C GLU I 209 -4.56 -31.72 -21.36
N ASN I 210 -4.85 -33.01 -21.55
CA ASN I 210 -5.98 -33.66 -20.89
C ASN I 210 -5.62 -33.93 -19.43
N GLY I 211 -4.32 -34.02 -19.14
CA GLY I 211 -3.80 -34.17 -17.77
C GLY I 211 -2.84 -35.35 -17.55
N GLU I 212 -3.07 -36.43 -18.28
CA GLU I 212 -2.40 -37.71 -18.12
C GLU I 212 -0.96 -37.71 -18.65
N LEU I 213 -0.01 -38.19 -17.86
CA LEU I 213 1.39 -38.25 -18.28
C LEU I 213 1.63 -38.97 -19.62
N LEU I 214 2.40 -38.35 -20.51
CA LEU I 214 2.57 -38.83 -21.88
C LEU I 214 3.00 -40.29 -21.93
N SER I 215 3.71 -40.74 -20.88
CA SER I 215 4.10 -42.15 -20.79
C SER I 215 2.88 -43.04 -20.58
N VAL I 216 1.99 -42.66 -19.66
CA VAL I 216 0.72 -43.39 -19.46
C VAL I 216 -0.21 -43.28 -20.66
N LYS I 217 -0.22 -42.13 -21.33
CA LYS I 217 -1.05 -41.91 -22.52
C LYS I 217 -0.68 -42.86 -23.69
N TYR I 218 0.59 -42.89 -24.05
CA TYR I 218 1.08 -43.85 -25.04
C TYR I 218 0.93 -45.31 -24.57
N THR I 219 0.96 -45.56 -23.27
CA THR I 219 0.69 -46.92 -22.78
C THR I 219 -0.77 -47.23 -23.08
N ARG I 220 -1.66 -46.26 -22.82
CA ARG I 220 -3.07 -46.42 -23.15
C ARG I 220 -3.27 -46.65 -24.67
N ARG I 221 -2.62 -45.84 -25.50
CA ARG I 221 -2.76 -45.94 -26.96
C ARG I 221 -2.35 -47.34 -27.51
N MET I 222 -1.34 -47.95 -26.89
CA MET I 222 -0.90 -49.28 -27.24
C MET I 222 -1.95 -50.35 -26.95
N ILE I 223 -2.47 -50.34 -25.73
CA ILE I 223 -3.39 -51.35 -25.29
C ILE I 223 -4.67 -51.27 -26.07
N GLU I 224 -5.06 -50.04 -26.40
CA GLU I 224 -6.20 -49.78 -27.26
C GLU I 224 -5.91 -50.15 -28.70
N ASN I 225 -4.68 -49.97 -29.13
CA ASN I 225 -4.32 -50.34 -30.50
C ASN I 225 -4.31 -51.87 -30.67
N TYR I 226 -3.82 -52.62 -29.66
CA TYR I 226 -3.94 -54.09 -29.70
C TYR I 226 -5.35 -54.52 -29.39
N GLY I 227 -6.02 -53.73 -28.55
CA GLY I 227 -7.36 -54.03 -28.08
C GLY I 227 -7.33 -54.57 -26.65
N PRO I 228 -8.05 -53.88 -25.72
CA PRO I 228 -8.12 -54.28 -24.32
C PRO I 228 -8.44 -55.75 -24.17
N GLU I 229 -9.18 -56.29 -25.15
CA GLU I 229 -9.63 -57.67 -25.05
C GLU I 229 -8.50 -58.65 -25.29
N GLN I 230 -7.35 -58.15 -25.72
CA GLN I 230 -6.16 -59.00 -25.90
C GLN I 230 -5.14 -58.89 -24.76
N VAL I 231 -5.34 -57.94 -23.86
CA VAL I 231 -4.30 -57.61 -22.91
C VAL I 231 -4.69 -58.04 -21.49
N ALA I 232 -3.88 -58.89 -20.89
CA ALA I 232 -4.25 -59.48 -19.59
C ALA I 232 -3.88 -58.53 -18.45
N ALA I 233 -2.65 -58.04 -18.45
CA ALA I 233 -2.15 -57.25 -17.34
C ALA I 233 -1.09 -56.24 -17.78
N VAL I 234 -0.90 -55.22 -16.94
CA VAL I 234 0.31 -54.42 -16.96
C VAL I 234 1.10 -54.68 -15.68
N ILE I 235 2.38 -55.02 -15.85
CA ILE I 235 3.23 -55.31 -14.72
C ILE I 235 4.27 -54.20 -14.61
N THR I 236 4.38 -53.62 -13.43
CA THR I 236 5.29 -52.52 -13.22
C THR I 236 6.22 -52.78 -12.03
N GLU I 237 7.30 -51.99 -12.01
CA GLU I 237 8.03 -51.68 -10.78
C GLU I 237 7.56 -50.28 -10.44
N VAL I 238 6.84 -50.15 -9.31
CA VAL I 238 6.56 -48.86 -8.67
C VAL I 238 7.82 -47.98 -8.68
N SER I 239 8.96 -48.59 -8.38
CA SER I 239 10.30 -47.99 -8.53
C SER I 239 11.25 -49.04 -9.16
N GLN I 240 11.92 -48.69 -10.27
CA GLN I 240 12.68 -49.73 -11.03
C GLN I 240 13.94 -50.09 -10.26
N GLY I 241 14.17 -51.39 -10.04
CA GLY I 241 15.16 -51.82 -9.07
C GLY I 241 16.53 -51.84 -9.69
N VAL I 242 16.79 -52.94 -10.40
CA VAL I 242 17.99 -53.06 -11.19
C VAL I 242 18.09 -51.85 -12.16
N GLY I 243 16.99 -51.52 -12.83
CA GLY I 243 16.95 -50.37 -13.76
C GLY I 243 17.22 -49.00 -13.14
N SER I 244 17.04 -48.93 -11.81
CA SER I 244 17.35 -47.77 -10.95
C SER I 244 16.69 -46.45 -11.36
N THR I 245 15.36 -46.37 -11.18
CA THR I 245 14.64 -45.10 -11.30
C THR I 245 13.59 -44.92 -10.22
N MET I 246 13.12 -43.68 -10.09
CA MET I 246 11.99 -43.35 -9.22
C MET I 246 10.92 -42.76 -10.13
N PRO I 247 9.64 -43.06 -9.88
CA PRO I 247 8.65 -42.55 -10.83
C PRO I 247 8.24 -41.11 -10.52
N PRO I 248 7.73 -40.36 -11.51
CA PRO I 248 6.99 -39.15 -11.18
C PRO I 248 5.81 -39.55 -10.33
N TYR I 249 5.41 -38.68 -9.39
CA TYR I 249 4.41 -39.05 -8.40
C TYR I 249 3.08 -39.43 -9.02
N GLU I 250 2.65 -38.72 -10.06
CA GLU I 250 1.39 -38.98 -10.74
C GLU I 250 1.36 -40.32 -11.54
N TYR I 251 2.52 -40.89 -11.83
CA TYR I 251 2.57 -42.07 -12.71
C TYR I 251 1.81 -43.29 -12.17
N VAL I 252 2.10 -43.72 -10.94
CA VAL I 252 1.50 -44.96 -10.42
C VAL I 252 -0.02 -44.87 -10.37
N PRO I 253 -0.55 -43.80 -9.75
CA PRO I 253 -2.01 -43.70 -9.72
C PRO I 253 -2.62 -43.66 -11.12
N GLN I 254 -1.94 -43.01 -12.08
CA GLN I 254 -2.43 -42.90 -13.48
C GLN I 254 -2.53 -44.26 -14.22
N ILE I 255 -1.54 -45.14 -14.01
CA ILE I 255 -1.62 -46.56 -14.43
C ILE I 255 -2.80 -47.28 -13.77
N ARG I 256 -2.97 -47.17 -12.44
CA ARG I 256 -4.08 -47.89 -11.80
C ARG I 256 -5.42 -47.46 -12.36
N LYS I 257 -5.56 -46.15 -12.60
CA LYS I 257 -6.75 -45.57 -13.21
C LYS I 257 -6.97 -46.12 -14.61
N MET I 258 -5.92 -46.11 -15.42
CA MET I 258 -6.00 -46.55 -16.82
C MET I 258 -6.37 -48.04 -16.95
N THR I 259 -5.64 -48.91 -16.25
CA THR I 259 -5.90 -50.33 -16.28
C THR I 259 -7.36 -50.63 -15.95
N LYS I 260 -7.92 -49.88 -15.00
CA LYS I 260 -9.26 -50.16 -14.52
C LYS I 260 -10.25 -49.74 -15.57
N GLU I 261 -9.97 -48.60 -16.21
CA GLU I 261 -10.80 -48.07 -17.27
C GLU I 261 -10.84 -49.01 -18.48
N LEU I 262 -9.73 -49.70 -18.75
CA LEU I 262 -9.66 -50.63 -19.90
C LEU I 262 -9.94 -52.08 -19.53
N GLY I 263 -10.25 -52.32 -18.25
CA GLY I 263 -10.57 -53.67 -17.77
C GLY I 263 -9.40 -54.63 -17.80
N VAL I 264 -8.22 -54.12 -17.46
CA VAL I 264 -6.96 -54.86 -17.51
C VAL I 264 -6.35 -54.87 -16.10
N LEU I 265 -5.67 -55.96 -15.76
CA LEU I 265 -5.11 -56.14 -14.41
C LEU I 265 -3.84 -55.32 -14.25
N TRP I 266 -3.58 -54.86 -13.00
CA TRP I 266 -2.30 -54.28 -12.61
C TRP I 266 -1.57 -55.20 -11.64
N ILE I 267 -0.37 -55.59 -12.05
CA ILE I 267 0.51 -56.36 -11.20
C ILE I 267 1.62 -55.44 -10.71
N SER I 268 1.65 -55.23 -9.40
CA SER I 268 2.75 -54.52 -8.79
C SER I 268 3.83 -55.52 -8.47
N ASP I 269 4.99 -55.38 -9.11
CA ASP I 269 6.11 -56.22 -8.78
C ASP I 269 6.87 -55.67 -7.55
N GLU I 270 6.67 -56.29 -6.39
CA GLU I 270 7.18 -55.78 -5.10
C GLU I 270 8.28 -56.68 -4.55
N VAL I 271 8.92 -57.43 -5.44
CA VAL I 271 9.99 -58.31 -5.04
C VAL I 271 11.09 -57.47 -4.41
N LEU I 272 11.44 -56.36 -5.03
CA LEU I 272 12.49 -55.50 -4.48
C LEU I 272 11.92 -54.43 -3.54
N THR I 273 10.85 -53.74 -3.94
CA THR I 273 10.33 -52.66 -3.10
C THR I 273 9.48 -53.15 -1.90
N GLY I 274 9.31 -54.46 -1.74
CA GLY I 274 8.47 -55.00 -0.67
C GLY I 274 9.11 -54.96 0.70
N PHE I 275 8.26 -55.03 1.73
CA PHE I 275 8.68 -55.24 3.14
C PHE I 275 9.56 -54.14 3.74
N GLY I 276 8.95 -52.98 3.92
CA GLY I 276 9.60 -51.84 4.56
C GLY I 276 10.59 -51.10 3.68
N ARG I 277 10.95 -51.65 2.49
CA ARG I 277 12.09 -51.10 1.73
C ARG I 277 11.91 -49.62 1.39
N THR I 278 10.68 -49.23 1.07
CA THR I 278 10.43 -47.83 0.74
C THR I 278 9.86 -47.00 1.90
N GLY I 279 9.87 -47.56 3.11
CA GLY I 279 9.33 -46.85 4.29
C GLY I 279 7.85 -47.07 4.51
N LYS I 280 7.27 -47.92 3.69
CA LYS I 280 5.92 -48.45 3.89
C LYS I 280 6.09 -49.94 3.66
N TRP I 281 5.08 -50.75 3.98
CA TRP I 281 5.15 -52.18 3.72
C TRP I 281 5.44 -52.47 2.24
N PHE I 282 4.66 -51.87 1.34
CA PHE I 282 4.90 -52.04 -0.08
C PHE I 282 5.01 -50.74 -0.85
N GLY I 283 5.75 -50.80 -1.95
CA GLY I 283 6.02 -49.66 -2.77
C GLY I 283 4.76 -48.93 -3.15
N TYR I 284 3.70 -49.67 -3.42
CA TYR I 284 2.50 -49.08 -4.00
C TYR I 284 1.76 -48.22 -3.01
N GLN I 285 1.93 -48.52 -1.73
CA GLN I 285 1.22 -47.83 -0.65
C GLN I 285 1.59 -46.36 -0.50
N HIS I 286 2.63 -45.94 -1.21
CA HIS I 286 2.98 -44.54 -1.29
C HIS I 286 2.01 -43.73 -2.13
N TYR I 287 1.18 -44.39 -2.94
CA TYR I 287 0.48 -43.70 -4.03
C TYR I 287 -1.04 -43.71 -3.90
N GLY I 288 -1.51 -44.28 -2.80
CA GLY I 288 -2.93 -44.43 -2.54
C GLY I 288 -3.73 -45.26 -3.51
N VAL I 289 -3.09 -46.23 -4.17
CA VAL I 289 -3.79 -47.19 -5.08
C VAL I 289 -3.70 -48.65 -4.61
N GLN I 290 -4.46 -49.54 -5.24
CA GLN I 290 -4.38 -50.95 -4.86
C GLN I 290 -4.36 -51.83 -6.10
N PRO I 291 -3.35 -52.73 -6.20
CA PRO I 291 -3.21 -53.53 -7.41
C PRO I 291 -4.11 -54.73 -7.38
N ASP I 292 -4.08 -55.49 -8.47
CA ASP I 292 -4.83 -56.72 -8.62
C ASP I 292 -4.06 -57.93 -8.14
N ILE I 293 -2.74 -57.90 -8.32
CA ILE I 293 -1.82 -58.98 -7.92
C ILE I 293 -0.52 -58.35 -7.41
N ILE I 294 0.15 -58.97 -6.42
CA ILE I 294 1.49 -58.58 -5.97
C ILE I 294 2.44 -59.77 -6.09
N THR I 295 3.68 -59.51 -6.50
CA THR I 295 4.75 -60.52 -6.54
C THR I 295 5.80 -60.19 -5.48
N MET I 296 6.33 -61.24 -4.85
CA MET I 296 7.14 -61.13 -3.64
C MET I 296 8.37 -62.04 -3.65
N GLY I 297 9.42 -61.56 -3.01
CA GLY I 297 10.62 -62.34 -2.73
C GLY I 297 11.47 -61.49 -1.82
N LYS I 298 12.77 -61.72 -1.86
CA LYS I 298 13.70 -60.83 -1.17
C LYS I 298 13.31 -60.49 0.29
N GLY I 299 12.74 -59.31 0.53
CA GLY I 299 12.43 -58.86 1.92
C GLY I 299 11.40 -59.74 2.58
N LEU I 300 10.77 -60.59 1.78
CA LEU I 300 9.81 -61.58 2.27
C LEU I 300 10.38 -62.43 3.40
N SER I 301 11.60 -62.91 3.21
CA SER I 301 12.31 -63.68 4.20
C SER I 301 13.63 -62.99 4.58
N SER I 302 13.79 -61.74 4.11
CA SER I 302 15.05 -60.98 4.20
C SER I 302 16.22 -61.83 3.74
N SER I 303 15.97 -62.65 2.71
CA SER I 303 16.91 -63.67 2.17
C SER I 303 17.49 -64.67 3.21
N SER I 304 16.85 -64.79 4.35
CA SER I 304 17.31 -65.76 5.35
C SER I 304 17.26 -67.17 4.77
N LEU I 305 16.21 -67.44 4.00
CA LEU I 305 16.06 -68.64 3.15
C LEU I 305 15.30 -68.34 1.85
N PRO I 306 15.50 -69.16 0.78
CA PRO I 306 14.85 -68.80 -0.49
C PRO I 306 13.32 -68.88 -0.43
N ALA I 307 12.65 -67.75 -0.68
CA ALA I 307 11.18 -67.72 -0.74
C ALA I 307 10.66 -66.60 -1.60
N GLY I 308 9.50 -66.86 -2.20
CA GLY I 308 8.81 -65.90 -3.06
C GLY I 308 7.31 -66.05 -2.84
N ALA I 309 6.54 -65.06 -3.28
CA ALA I 309 5.13 -65.12 -3.01
C ALA I 309 4.40 -64.34 -4.06
N VAL I 310 3.16 -64.72 -4.29
CA VAL I 310 2.23 -63.97 -5.10
C VAL I 310 0.94 -63.73 -4.26
N VAL I 311 0.46 -62.49 -4.22
CA VAL I 311 -0.81 -62.18 -3.54
C VAL I 311 -1.80 -61.79 -4.61
N VAL I 312 -2.98 -62.42 -4.58
CA VAL I 312 -4.01 -62.09 -5.56
C VAL I 312 -5.23 -61.48 -4.87
N SER I 313 -6.00 -60.72 -5.65
CA SER I 313 -7.16 -60.03 -5.12
C SER I 313 -8.24 -61.05 -4.80
N LYS I 314 -9.16 -60.63 -3.94
CA LYS I 314 -10.34 -61.43 -3.57
C LYS I 314 -11.05 -61.94 -4.83
N GLU I 315 -11.23 -61.05 -5.79
CA GLU I 315 -11.84 -61.34 -7.08
C GLU I 315 -11.13 -62.47 -7.86
N ILE I 316 -9.82 -62.33 -8.06
CA ILE I 316 -9.00 -63.35 -8.73
C ILE I 316 -8.96 -64.67 -7.94
N ALA I 317 -8.74 -64.55 -6.63
CA ALA I 317 -8.70 -65.68 -5.73
C ALA I 317 -9.99 -66.47 -5.86
N ALA I 318 -11.10 -65.74 -5.88
CA ALA I 318 -12.41 -66.35 -6.09
C ALA I 318 -12.47 -67.14 -7.41
N PHE I 319 -12.04 -66.53 -8.52
CA PHE I 319 -12.04 -67.23 -9.78
C PHE I 319 -11.14 -68.46 -9.73
N MET I 320 -9.98 -68.31 -9.12
CA MET I 320 -9.01 -69.40 -9.12
C MET I 320 -9.54 -70.58 -8.32
N ASP I 321 -10.28 -70.27 -7.26
CA ASP I 321 -10.91 -71.24 -6.37
C ASP I 321 -11.92 -72.17 -7.05
N LYS I 322 -12.56 -71.73 -8.13
CA LYS I 322 -13.59 -72.56 -8.79
C LYS I 322 -13.05 -73.66 -9.72
N HIS I 323 -11.75 -73.69 -9.92
CA HIS I 323 -11.12 -74.57 -10.89
C HIS I 323 -10.03 -75.37 -10.22
N ARG I 324 -9.72 -76.54 -10.76
CA ARG I 324 -8.56 -77.31 -10.33
C ARG I 324 -7.35 -76.83 -11.13
N TRP I 325 -6.38 -76.24 -10.43
CA TRP I 325 -5.18 -75.68 -11.07
C TRP I 325 -4.04 -76.71 -11.12
N GLU I 326 -3.59 -76.99 -12.34
CA GLU I 326 -2.66 -78.09 -12.64
C GLU I 326 -1.20 -77.69 -12.64
N SER I 327 -0.75 -77.13 -11.55
CA SER I 327 0.59 -76.61 -11.46
C SER I 327 1.25 -77.04 -10.14
N VAL I 328 2.48 -77.48 -10.27
CA VAL I 328 3.25 -77.97 -9.17
C VAL I 328 4.69 -77.51 -9.27
N SER I 329 5.18 -77.03 -8.13
CA SER I 329 6.54 -76.62 -7.98
C SER I 329 7.04 -77.35 -6.77
N THR I 330 7.94 -78.30 -6.97
CA THR I 330 8.39 -79.17 -5.87
C THR I 330 8.53 -78.43 -4.52
N TYR I 331 9.30 -77.33 -4.51
CA TYR I 331 9.61 -76.62 -3.27
C TYR I 331 8.66 -75.46 -2.89
N ALA I 332 7.55 -75.28 -3.61
CA ALA I 332 6.66 -74.19 -3.26
C ALA I 332 6.10 -74.36 -1.85
N GLY I 333 6.39 -73.40 -0.96
CA GLY I 333 5.80 -73.39 0.36
C GLY I 333 6.55 -74.20 1.39
N HIS I 334 7.80 -74.56 1.08
CA HIS I 334 8.71 -75.29 1.98
C HIS I 334 8.53 -74.87 3.44
N PRO I 335 8.19 -75.84 4.31
CA PRO I 335 7.85 -75.57 5.69
C PRO I 335 8.96 -74.87 6.50
N VAL I 336 10.21 -75.18 6.21
CA VAL I 336 11.30 -74.48 6.88
C VAL I 336 11.41 -73.07 6.32
N ALA I 337 11.24 -72.92 4.99
CA ALA I 337 11.29 -71.59 4.40
C ALA I 337 10.20 -70.68 4.97
N MET I 338 9.02 -71.24 5.22
CA MET I 338 7.89 -70.47 5.74
C MET I 338 8.09 -70.05 7.20
N ALA I 339 8.67 -70.96 8.00
CA ALA I 339 9.09 -70.65 9.36
C ALA I 339 9.99 -69.42 9.36
N ALA I 340 10.81 -69.31 8.31
CA ALA I 340 11.74 -68.19 8.10
C ALA I 340 10.98 -66.88 7.87
N VAL I 341 10.07 -66.92 6.90
CA VAL I 341 9.18 -65.83 6.58
C VAL I 341 8.41 -65.34 7.81
N CYS I 342 7.80 -66.30 8.52
CA CYS I 342 7.09 -66.05 9.78
C CYS I 342 7.91 -65.24 10.79
N ALA I 343 9.04 -65.81 11.23
CA ALA I 343 10.01 -65.17 12.11
C ALA I 343 10.38 -63.77 11.59
N ASN I 344 10.67 -63.71 10.30
CA ASN I 344 11.05 -62.51 9.60
C ASN I 344 10.02 -61.40 9.73
N LEU I 345 8.79 -61.69 9.33
CA LEU I 345 7.73 -60.68 9.31
C LEU I 345 7.31 -60.27 10.69
N GLU I 346 7.26 -61.25 11.57
CA GLU I 346 6.98 -60.97 12.97
C GLU I 346 7.99 -60.02 13.61
N VAL I 347 9.26 -60.13 13.21
CA VAL I 347 10.28 -59.21 13.72
C VAL I 347 10.05 -57.80 13.16
N MET I 348 9.76 -57.70 11.85
CA MET I 348 9.49 -56.41 11.17
C MET I 348 8.39 -55.60 11.86
N MET I 349 7.31 -56.29 12.18
CA MET I 349 6.15 -55.70 12.83
C MET I 349 6.49 -55.21 14.24
N GLU I 350 7.11 -56.10 15.01
CA GLU I 350 7.33 -55.88 16.43
C GLU I 350 8.47 -54.91 16.69
N GLU I 351 9.43 -54.85 15.77
CA GLU I 351 10.48 -53.84 15.90
C GLU I 351 10.14 -52.59 15.11
N ASN I 352 8.91 -52.51 14.59
CA ASN I 352 8.46 -51.32 13.82
C ASN I 352 9.43 -50.89 12.74
N LEU I 353 9.97 -51.89 12.03
CA LEU I 353 11.07 -51.72 11.05
C LEU I 353 10.68 -50.82 9.86
N VAL I 354 9.39 -50.77 9.56
CA VAL I 354 8.90 -49.97 8.46
C VAL I 354 9.02 -48.49 8.78
N GLU I 355 8.52 -48.12 9.96
CA GLU I 355 8.64 -46.75 10.44
C GLU I 355 10.12 -46.32 10.60
N GLN I 356 10.99 -47.21 11.11
CA GLN I 356 12.43 -46.94 11.21
C GLN I 356 13.07 -46.64 9.85
N ALA I 357 12.68 -47.45 8.86
CA ALA I 357 13.09 -47.27 7.44
C ALA I 357 12.71 -45.88 6.91
N LYS I 358 11.47 -45.45 7.16
CA LYS I 358 10.99 -44.11 6.84
C LYS I 358 11.92 -42.99 7.33
N ASN I 359 12.24 -43.00 8.63
CA ASN I 359 13.05 -41.97 9.28
C ASN I 359 14.44 -41.93 8.69
N SER I 360 15.01 -43.12 8.48
CA SER I 360 16.35 -43.28 7.93
C SER I 360 16.45 -42.66 6.55
N GLY I 361 15.36 -42.78 5.78
CA GLY I 361 15.26 -42.20 4.44
C GLY I 361 15.31 -40.69 4.50
N GLU I 362 14.50 -40.14 5.40
CA GLU I 362 14.58 -38.72 5.74
C GLU I 362 15.97 -38.31 6.26
N TYR I 363 16.66 -39.20 6.97
CA TYR I 363 18.07 -38.97 7.29
C TYR I 363 18.98 -38.99 6.05
N ILE I 364 18.78 -39.99 5.19
CA ILE I 364 19.60 -40.14 3.99
C ILE I 364 19.36 -38.96 3.02
N ARG I 365 18.11 -38.55 2.85
CA ARG I 365 17.77 -37.38 2.03
C ARG I 365 18.65 -36.15 2.38
N SER I 366 18.75 -35.80 3.66
CA SER I 366 19.56 -34.64 4.04
C SER I 366 21.08 -34.85 3.85
N LYS I 367 21.52 -36.09 3.96
CA LYS I 367 22.91 -36.42 3.71
C LYS I 367 23.21 -36.25 2.21
N LEU I 368 22.29 -36.72 1.39
CA LEU I 368 22.44 -36.63 -0.04
C LEU I 368 22.27 -35.21 -0.51
N GLU I 369 21.33 -34.49 0.12
CA GLU I 369 21.19 -33.03 -0.04
C GLU I 369 22.57 -32.38 0.11
N LEU I 370 23.30 -32.79 1.16
CA LEU I 370 24.65 -32.27 1.40
C LEU I 370 25.62 -32.71 0.29
N LEU I 371 25.52 -33.98 -0.12
CA LEU I 371 26.43 -34.50 -1.14
C LEU I 371 26.21 -33.93 -2.54
N GLN I 372 24.96 -33.83 -3.01
CA GLN I 372 24.67 -33.15 -4.28
C GLN I 372 25.15 -31.69 -4.24
N GLU I 373 24.91 -31.04 -3.12
CA GLU I 373 25.44 -29.69 -2.90
C GLU I 373 26.96 -29.70 -2.96
N LYS I 374 27.55 -30.84 -2.58
CA LYS I 374 29.00 -30.93 -2.45
C LYS I 374 29.69 -31.48 -3.72
N HIS I 375 28.91 -32.13 -4.58
CA HIS I 375 29.46 -32.75 -5.78
C HIS I 375 28.59 -32.51 -7.02
N LYS I 376 29.08 -31.72 -7.98
CA LYS I 376 28.35 -31.40 -9.21
C LYS I 376 28.13 -32.61 -10.13
N SER I 377 28.83 -33.71 -9.87
CA SER I 377 28.54 -34.96 -10.58
C SER I 377 27.27 -35.65 -10.06
N ILE I 378 26.75 -35.23 -8.90
CA ILE I 378 25.42 -35.69 -8.52
C ILE I 378 24.38 -34.90 -9.34
N GLY I 379 23.88 -35.54 -10.37
CA GLY I 379 22.93 -34.86 -11.25
C GLY I 379 21.60 -34.65 -10.55
N ASN I 380 21.28 -35.60 -9.67
CA ASN I 380 19.92 -35.82 -9.20
C ASN I 380 19.85 -37.03 -8.30
N PHE I 381 18.89 -37.02 -7.39
CA PHE I 381 18.62 -38.17 -6.55
C PHE I 381 17.18 -38.18 -6.12
N ASP I 382 16.68 -39.39 -5.88
CA ASP I 382 15.37 -39.60 -5.29
C ASP I 382 15.32 -41.00 -4.67
N GLY I 383 14.21 -41.33 -4.06
CA GLY I 383 14.13 -42.54 -3.27
C GLY I 383 13.31 -42.26 -2.05
N TYR I 384 13.38 -43.17 -1.09
CA TYR I 384 12.58 -43.20 0.15
C TYR I 384 13.00 -44.43 0.93
N GLY I 385 12.77 -44.41 2.23
CA GLY I 385 13.14 -45.53 3.10
C GLY I 385 14.58 -45.94 2.87
N LEU I 386 14.78 -47.18 2.45
CA LEU I 386 16.13 -47.67 2.24
C LEU I 386 16.41 -48.11 0.81
N LEU I 387 15.84 -47.35 -0.11
CA LEU I 387 16.11 -47.49 -1.51
C LEU I 387 16.37 -46.10 -2.08
N TRP I 388 17.63 -45.88 -2.43
CA TRP I 388 18.02 -44.60 -2.99
C TRP I 388 18.63 -44.77 -4.37
N ILE I 389 18.32 -43.82 -5.25
CA ILE I 389 18.97 -43.79 -6.54
C ILE I 389 19.63 -42.42 -6.68
N VAL I 390 20.83 -42.41 -7.26
CA VAL I 390 21.52 -41.16 -7.49
C VAL I 390 21.99 -41.24 -8.92
N ASP I 391 21.50 -40.34 -9.77
CA ASP I 391 22.01 -40.16 -11.13
C ASP I 391 23.31 -39.37 -11.15
N ILE I 392 24.37 -40.03 -11.57
CA ILE I 392 25.72 -39.50 -11.65
C ILE I 392 25.97 -38.99 -13.07
N VAL I 393 26.50 -37.77 -13.18
CA VAL I 393 26.86 -37.14 -14.45
C VAL I 393 28.28 -36.56 -14.39
N ASN I 394 28.79 -36.17 -15.55
CA ASN I 394 30.02 -35.35 -15.60
C ASN I 394 29.85 -33.98 -14.94
N ALA I 395 30.60 -33.74 -13.87
CA ALA I 395 30.62 -32.43 -13.17
C ALA I 395 30.74 -31.23 -14.13
N LYS I 396 31.30 -31.45 -15.31
CA LYS I 396 31.56 -30.43 -16.35
C LYS I 396 30.39 -30.16 -17.31
N THR I 397 29.99 -31.17 -18.07
CA THR I 397 28.98 -31.00 -19.11
C THR I 397 27.58 -31.27 -18.59
N LYS I 398 27.51 -31.94 -17.44
CA LYS I 398 26.25 -32.29 -16.77
C LYS I 398 25.43 -33.34 -17.52
N THR I 399 26.07 -34.03 -18.48
CA THR I 399 25.46 -35.18 -19.14
C THR I 399 26.22 -36.44 -18.73
N PRO I 400 25.58 -37.61 -18.78
CA PRO I 400 26.16 -38.78 -18.12
C PRO I 400 27.37 -39.31 -18.88
N TYR I 401 28.30 -39.94 -18.15
CA TYR I 401 29.55 -40.37 -18.74
C TYR I 401 29.34 -41.43 -19.80
N VAL I 402 28.31 -42.24 -19.58
CA VAL I 402 28.08 -43.43 -20.41
C VAL I 402 26.80 -43.28 -21.21
N LYS I 403 26.95 -43.01 -22.51
CA LYS I 403 25.84 -42.59 -23.38
C LYS I 403 24.66 -43.56 -23.48
N LEU I 404 24.91 -44.85 -23.71
CA LEU I 404 23.80 -45.82 -23.83
C LEU I 404 23.02 -46.01 -22.52
N ASP I 405 23.58 -45.49 -21.43
CA ASP I 405 22.92 -45.44 -20.12
C ASP I 405 22.34 -46.81 -19.72
N ARG I 406 21.06 -46.83 -19.36
CA ARG I 406 20.33 -48.03 -18.99
C ARG I 406 20.14 -49.05 -20.15
N ASN I 407 20.57 -48.66 -21.35
CA ASN I 407 20.54 -49.51 -22.53
C ASN I 407 21.92 -50.06 -22.89
N PHE I 408 22.88 -49.86 -21.99
CA PHE I 408 24.27 -50.37 -22.05
C PHE I 408 24.27 -51.86 -21.92
N ARG I 409 25.43 -52.50 -22.15
CA ARG I 409 25.69 -53.88 -21.70
C ARG I 409 27.08 -53.99 -21.13
N HIS I 410 27.39 -55.16 -20.58
CA HIS I 410 28.60 -55.39 -19.81
C HIS I 410 29.89 -55.64 -20.60
N GLY I 411 29.86 -55.40 -21.90
CA GLY I 411 31.05 -55.54 -22.76
C GLY I 411 32.06 -54.42 -22.50
N MET I 412 31.59 -53.33 -21.91
CA MET I 412 32.45 -52.17 -21.76
C MET I 412 33.34 -52.31 -20.54
N ASN I 413 34.51 -51.70 -20.62
CA ASN I 413 35.46 -51.66 -19.54
C ASN I 413 34.91 -51.01 -18.25
N PRO I 414 34.87 -51.80 -17.15
CA PRO I 414 34.36 -51.27 -15.90
C PRO I 414 35.14 -50.06 -15.42
N ASN I 415 36.38 -49.87 -15.88
CA ASN I 415 37.11 -48.66 -15.48
C ASN I 415 36.63 -47.39 -16.18
N GLN I 416 35.65 -47.49 -17.07
CA GLN I 416 35.06 -46.31 -17.68
C GLN I 416 33.62 -46.11 -17.18
N ILE I 417 33.18 -47.00 -16.29
CA ILE I 417 31.82 -46.91 -15.76
C ILE I 417 31.81 -46.20 -14.41
N PRO I 418 31.10 -45.05 -14.30
CA PRO I 418 31.17 -44.30 -13.02
C PRO I 418 30.76 -45.12 -11.79
N THR I 419 29.71 -45.93 -11.90
CA THR I 419 29.25 -46.72 -10.75
C THR I 419 30.27 -47.78 -10.34
N GLN I 420 31.21 -48.07 -11.22
CA GLN I 420 32.26 -49.05 -10.92
C GLN I 420 33.44 -48.33 -10.27
N ILE I 421 33.79 -47.18 -10.83
CA ILE I 421 34.80 -46.29 -10.26
C ILE I 421 34.44 -45.89 -8.82
N ILE I 422 33.17 -45.53 -8.60
CA ILE I 422 32.67 -45.16 -7.29
C ILE I 422 32.83 -46.32 -6.28
N MET I 423 32.43 -47.51 -6.69
CA MET I 423 32.56 -48.68 -5.82
C MET I 423 34.00 -48.98 -5.45
N GLU I 424 34.90 -48.95 -6.43
CA GLU I 424 36.29 -49.37 -6.20
C GLU I 424 36.95 -48.46 -5.21
N LYS I 425 36.66 -47.15 -5.31
CA LYS I 425 37.10 -46.18 -4.33
C LYS I 425 36.43 -46.41 -3.00
N ALA I 426 35.11 -46.59 -2.99
CA ALA I 426 34.42 -46.64 -1.70
C ALA I 426 34.89 -47.83 -0.89
N LEU I 427 35.33 -48.90 -1.58
CA LEU I 427 35.91 -50.09 -0.94
C LEU I 427 37.18 -49.79 -0.11
N GLU I 428 37.98 -48.84 -0.57
CA GLU I 428 39.16 -48.35 0.18
C GLU I 428 38.86 -47.90 1.63
N LYS I 429 37.57 -47.68 1.91
CA LYS I 429 37.02 -47.33 3.22
C LYS I 429 36.20 -48.48 3.86
N GLY I 430 36.34 -49.71 3.38
CA GLY I 430 35.58 -50.79 3.97
C GLY I 430 34.08 -50.72 3.71
N VAL I 431 33.67 -49.94 2.71
CA VAL I 431 32.24 -49.83 2.37
C VAL I 431 31.92 -50.41 0.98
N LEU I 432 30.77 -51.06 0.86
CA LEU I 432 30.32 -51.68 -0.40
C LEU I 432 29.14 -50.89 -0.92
N ILE I 433 29.34 -50.15 -2.00
CA ILE I 433 28.32 -49.22 -2.44
C ILE I 433 28.50 -48.92 -3.91
N GLY I 434 27.38 -48.85 -4.64
CA GLY I 434 27.42 -48.64 -6.09
C GLY I 434 26.09 -48.86 -6.79
N GLY I 435 26.10 -49.72 -7.81
CA GLY I 435 24.91 -49.90 -8.66
C GLY I 435 25.08 -50.76 -9.91
N ALA I 436 23.94 -51.24 -10.40
CA ALA I 436 23.91 -52.07 -11.60
C ALA I 436 24.03 -51.24 -12.89
N MET I 437 23.39 -50.09 -12.92
CA MET I 437 23.43 -49.19 -14.07
C MET I 437 24.73 -48.42 -14.07
N PRO I 438 25.25 -48.06 -15.25
CA PRO I 438 26.53 -47.34 -15.31
C PRO I 438 26.50 -45.88 -14.79
N ASN I 439 25.39 -45.17 -14.97
CA ASN I 439 25.36 -43.81 -14.51
C ASN I 439 24.44 -43.69 -13.32
N THR I 440 24.03 -44.82 -12.74
CA THR I 440 23.09 -44.72 -11.61
C THR I 440 23.42 -45.58 -10.40
N MET I 441 23.50 -44.91 -9.27
CA MET I 441 23.63 -45.51 -7.94
C MET I 441 22.32 -46.18 -7.51
N ARG I 442 22.44 -47.38 -6.92
CA ARG I 442 21.34 -48.05 -6.23
C ARG I 442 21.80 -48.38 -4.81
N ILE I 443 21.50 -47.49 -3.87
CA ILE I 443 21.94 -47.62 -2.47
C ILE I 443 20.87 -48.30 -1.62
N GLY I 444 21.26 -49.34 -0.89
CA GLY I 444 20.30 -50.04 -0.04
C GLY I 444 21.02 -50.56 1.18
N ALA I 445 20.40 -50.47 2.34
CA ALA I 445 20.94 -51.11 3.56
C ALA I 445 19.78 -51.65 4.39
N SER I 446 20.08 -52.24 5.54
CA SER I 446 19.04 -52.93 6.32
C SER I 446 18.04 -51.93 6.85
N LEU I 447 16.78 -52.33 6.95
CA LEU I 447 15.77 -51.43 7.52
C LEU I 447 16.13 -50.85 8.89
N ASN I 448 17.03 -51.54 9.58
CA ASN I 448 17.46 -51.12 10.92
C ASN I 448 18.89 -50.62 10.94
N VAL I 449 19.41 -50.21 9.78
CA VAL I 449 20.76 -49.65 9.72
C VAL I 449 20.85 -48.46 10.66
N SER I 450 22.02 -48.28 11.28
CA SER I 450 22.23 -47.21 12.25
C SER I 450 22.54 -45.89 11.56
N ARG I 451 22.30 -44.78 12.26
CA ARG I 451 22.64 -43.43 11.82
C ARG I 451 24.13 -43.32 11.49
N GLY I 452 24.96 -43.81 12.43
CA GLY I 452 26.40 -43.97 12.25
C GLY I 452 26.84 -44.70 10.99
N ASP I 453 26.16 -45.80 10.61
CA ASP I 453 26.46 -46.55 9.39
C ASP I 453 26.13 -45.78 8.12
N ILE I 454 24.92 -45.22 8.05
CA ILE I 454 24.55 -44.27 6.97
C ILE I 454 25.64 -43.19 6.81
N ASP I 455 26.01 -42.54 7.94
CA ASP I 455 27.07 -41.54 7.94
C ASP I 455 28.34 -42.09 7.34
N LYS I 456 28.67 -43.33 7.70
CA LYS I 456 29.91 -43.95 7.26
C LYS I 456 29.91 -44.25 5.76
N ALA I 457 28.80 -44.78 5.26
CA ALA I 457 28.67 -45.05 3.83
C ALA I 457 28.71 -43.75 3.01
N MET I 458 28.05 -42.71 3.51
CA MET I 458 28.01 -41.43 2.80
C MET I 458 29.38 -40.75 2.75
N ASP I 459 30.14 -40.80 3.84
CA ASP I 459 31.52 -40.34 3.82
C ASP I 459 32.31 -41.09 2.76
N ALA I 460 31.95 -42.36 2.51
CA ALA I 460 32.63 -43.16 1.50
C ALA I 460 32.19 -42.70 0.14
N LEU I 461 30.90 -42.37 0.03
CA LEU I 461 30.35 -41.78 -1.20
C LEU I 461 30.99 -40.42 -1.50
N ASP I 462 31.22 -39.61 -0.46
CA ASP I 462 31.86 -38.30 -0.57
C ASP I 462 33.26 -38.51 -1.15
N TYR I 463 34.04 -39.38 -0.50
CA TYR I 463 35.40 -39.73 -0.90
C TYR I 463 35.48 -40.27 -2.32
N ALA I 464 34.54 -41.14 -2.68
CA ALA I 464 34.49 -41.73 -4.01
C ALA I 464 34.16 -40.66 -5.06
N LEU I 465 33.22 -39.77 -4.73
CA LEU I 465 32.87 -38.68 -5.64
C LEU I 465 33.99 -37.66 -5.80
N ASP I 466 34.82 -37.48 -4.77
CA ASP I 466 36.04 -36.68 -4.89
C ASP I 466 36.93 -37.24 -6.00
N TYR I 467 37.16 -38.54 -5.95
CA TYR I 467 38.01 -39.20 -6.93
C TYR I 467 37.43 -39.18 -8.32
N LEU I 468 36.13 -39.47 -8.42
CA LEU I 468 35.45 -39.40 -9.71
C LEU I 468 35.57 -37.97 -10.25
N GLU I 469 35.38 -37.00 -9.37
CA GLU I 469 35.48 -35.59 -9.76
C GLU I 469 36.88 -35.10 -10.09
N SER I 470 37.92 -35.79 -9.61
CA SER I 470 39.29 -35.39 -9.93
C SER I 470 39.68 -35.78 -11.35
N GLY I 471 38.95 -36.74 -11.92
CA GLY I 471 39.23 -37.23 -13.26
C GLY I 471 40.43 -38.16 -13.34
N GLU I 472 41.18 -38.24 -12.24
CA GLU I 472 42.41 -39.04 -12.11
C GLU I 472 42.32 -40.48 -12.62
N TRP I 473 41.10 -40.93 -12.92
CA TRP I 473 40.87 -42.27 -13.42
C TRP I 473 41.02 -42.34 -14.94
N GLN I 474 41.96 -41.57 -15.48
CA GLN I 474 42.32 -41.60 -16.91
C GLN I 474 43.81 -41.27 -17.07
N LYS J 7 2.72 -74.38 22.21
CA LYS J 7 1.49 -75.08 21.74
C LYS J 7 1.15 -74.59 20.33
N ILE J 8 0.22 -75.25 19.64
CA ILE J 8 -0.22 -74.82 18.30
C ILE J 8 -1.71 -75.08 18.09
N ASN J 9 -2.44 -74.05 17.67
CA ASN J 9 -3.84 -74.23 17.33
C ASN J 9 -4.00 -74.64 15.87
N TRP J 10 -4.37 -75.92 15.68
CA TRP J 10 -4.35 -76.60 14.39
C TRP J 10 -5.60 -76.35 13.61
N GLU J 11 -6.70 -76.27 14.37
CA GLU J 11 -7.94 -75.77 13.84
C GLU J 11 -7.75 -74.41 13.17
N GLN J 12 -6.91 -73.59 13.79
CA GLN J 12 -6.69 -72.23 13.34
C GLN J 12 -5.83 -72.27 12.11
N VAL J 13 -4.85 -73.18 12.10
CA VAL J 13 -4.01 -73.40 10.92
C VAL J 13 -4.84 -73.75 9.68
N LYS J 14 -5.75 -74.70 9.80
CA LYS J 14 -6.54 -75.16 8.66
C LYS J 14 -7.51 -74.09 8.18
N GLU J 15 -8.08 -73.35 9.12
CA GLU J 15 -8.85 -72.12 8.82
C GLU J 15 -8.11 -71.10 7.94
N TRP J 16 -6.91 -70.71 8.38
CA TRP J 16 -6.06 -69.79 7.63
C TRP J 16 -5.69 -70.44 6.30
N ASP J 17 -5.59 -71.78 6.31
CA ASP J 17 -5.20 -72.54 5.12
C ASP J 17 -6.26 -72.49 4.02
N ARG J 18 -7.52 -72.80 4.35
CA ARG J 18 -8.61 -72.73 3.37
C ARG J 18 -8.82 -71.30 2.89
N LYS J 19 -8.84 -70.34 3.81
CA LYS J 19 -9.13 -68.94 3.52
C LYS J 19 -8.00 -68.17 2.82
N TYR J 20 -6.75 -68.49 3.14
CA TYR J 20 -5.59 -67.67 2.68
C TYR J 20 -4.58 -68.32 1.71
N LEU J 21 -4.70 -69.63 1.46
CA LEU J 21 -3.80 -70.25 0.47
C LEU J 21 -4.47 -70.51 -0.89
N MET J 22 -3.76 -70.21 -1.97
CA MET J 22 -4.25 -70.52 -3.31
C MET J 22 -4.31 -72.04 -3.52
N ARG J 23 -5.40 -72.50 -4.09
CA ARG J 23 -5.61 -73.92 -4.37
C ARG J 23 -4.86 -74.45 -5.60
N THR J 24 -4.53 -75.74 -5.55
CA THR J 24 -3.91 -76.47 -6.65
C THR J 24 -4.46 -77.90 -6.75
N PHE J 25 -4.91 -78.29 -7.94
CA PHE J 25 -5.55 -79.61 -8.17
C PHE J 25 -6.91 -79.83 -7.46
N SER J 26 -7.22 -79.03 -6.44
CA SER J 26 -8.54 -79.07 -5.77
C SER J 26 -9.26 -77.72 -5.85
N THR J 27 -10.58 -77.71 -6.07
CA THR J 27 -11.34 -76.47 -6.06
C THR J 27 -11.56 -76.12 -4.61
N GLN J 28 -11.95 -74.87 -4.33
CA GLN J 28 -12.16 -74.50 -2.94
C GLN J 28 -13.32 -75.28 -2.29
N ASN J 29 -14.38 -75.51 -3.07
CA ASN J 29 -15.53 -76.28 -2.63
C ASN J 29 -15.21 -77.70 -2.07
N GLU J 30 -14.19 -78.35 -2.61
CA GLU J 30 -13.89 -79.76 -2.29
C GLU J 30 -12.63 -79.95 -1.41
N TYR J 31 -11.82 -78.90 -1.30
CA TYR J 31 -10.54 -78.98 -0.57
C TYR J 31 -10.67 -79.25 0.93
N GLN J 32 -9.92 -80.26 1.38
CA GLN J 32 -9.69 -80.51 2.81
C GLN J 32 -8.19 -80.55 3.16
N PRO J 33 -7.74 -79.60 4.02
CA PRO J 33 -6.33 -79.54 4.38
C PRO J 33 -5.94 -80.88 5.00
N VAL J 34 -4.85 -81.49 4.53
CA VAL J 34 -4.30 -82.72 5.12
C VAL J 34 -3.04 -82.34 5.94
N PRO J 35 -3.24 -81.88 7.19
CA PRO J 35 -2.14 -81.28 7.94
C PRO J 35 -1.06 -82.28 8.40
N ILE J 36 0.20 -81.93 8.17
CA ILE J 36 1.36 -82.68 8.72
C ILE J 36 2.17 -81.80 9.71
N GLU J 37 2.20 -82.22 10.97
CA GLU J 37 2.91 -81.49 12.03
C GLU J 37 4.43 -81.66 11.94
N SER J 38 4.88 -82.84 11.50
CA SER J 38 6.29 -83.20 11.50
C SER J 38 6.58 -84.42 10.62
N THR J 39 7.86 -84.63 10.34
CA THR J 39 8.31 -85.71 9.47
C THR J 39 9.54 -86.43 10.08
N GLU J 40 9.66 -87.74 9.84
CA GLU J 40 10.80 -88.54 10.33
C GLU J 40 11.02 -89.79 9.48
N GLY J 41 12.22 -89.95 8.91
CA GLY J 41 12.52 -91.09 8.04
C GLY J 41 11.64 -91.12 6.80
N ASP J 42 10.74 -92.12 6.72
CA ASP J 42 9.72 -92.22 5.65
C ASP J 42 8.28 -91.96 6.15
N TYR J 43 8.20 -91.33 7.32
CA TYR J 43 6.92 -91.06 8.03
C TYR J 43 6.55 -89.57 8.12
N LEU J 44 5.26 -89.30 7.97
CA LEU J 44 4.71 -87.97 8.25
C LEU J 44 3.82 -88.12 9.47
N ILE J 45 3.89 -87.15 10.38
CA ILE J 45 3.10 -87.19 11.62
C ILE J 45 2.05 -86.08 11.61
N THR J 46 0.77 -86.47 11.72
CA THR J 46 -0.34 -85.53 11.75
C THR J 46 -0.36 -84.79 13.09
N PRO J 47 -1.02 -83.61 13.17
CA PRO J 47 -1.30 -82.97 14.47
C PRO J 47 -1.79 -83.94 15.57
N GLY J 48 -2.63 -84.91 15.21
CA GLY J 48 -3.14 -85.92 16.15
C GLY J 48 -2.13 -87.00 16.56
N GLY J 49 -1.11 -87.16 15.71
CA GLY J 49 -0.05 -88.15 15.92
C GLY J 49 -0.23 -89.41 15.08
N THR J 50 -1.20 -89.41 14.18
CA THR J 50 -1.37 -90.51 13.22
C THR J 50 -0.11 -90.62 12.38
N ARG J 51 0.48 -91.82 12.39
CA ARG J 51 1.72 -92.09 11.64
C ARG J 51 1.38 -92.61 10.25
N LEU J 52 1.86 -91.92 9.22
CA LEU J 52 1.60 -92.28 7.83
C LEU J 52 2.90 -92.59 7.11
N LEU J 53 2.95 -93.78 6.50
CA LEU J 53 4.11 -94.22 5.76
C LEU J 53 4.10 -93.58 4.38
N ASP J 54 5.14 -92.83 4.05
CA ASP J 54 5.16 -92.01 2.82
C ASP J 54 5.87 -92.70 1.64
N PHE J 55 5.14 -93.49 0.86
CA PHE J 55 5.73 -94.13 -0.33
C PHE J 55 5.55 -93.36 -1.63
N PHE J 56 5.39 -92.05 -1.50
CA PHE J 56 5.55 -91.08 -2.59
C PHE J 56 6.94 -90.45 -2.49
N ASN J 57 7.50 -90.50 -1.28
CA ASN J 57 8.69 -89.75 -0.91
C ASN J 57 8.41 -88.29 -1.27
N GLN J 58 7.28 -87.74 -0.79
CA GLN J 58 6.69 -86.48 -1.25
C GLN J 58 6.48 -86.51 -2.76
N LEU J 59 7.51 -86.11 -3.49
CA LEU J 59 7.54 -86.17 -4.94
C LEU J 59 8.90 -86.71 -5.40
N CYS J 60 9.27 -87.91 -4.89
CA CYS J 60 10.57 -88.57 -5.15
C CYS J 60 11.75 -87.63 -4.97
N CYS J 61 11.68 -86.84 -3.91
CA CYS J 61 12.60 -85.73 -3.65
C CYS J 61 13.20 -85.69 -2.24
N VAL J 62 12.81 -86.61 -1.36
CA VAL J 62 13.42 -86.68 -0.02
C VAL J 62 14.28 -87.95 0.10
N ASN J 63 15.22 -88.09 -0.82
CA ASN J 63 16.10 -89.24 -0.95
C ASN J 63 16.75 -89.75 0.34
N LEU J 64 17.34 -88.84 1.11
CA LEU J 64 18.07 -89.21 2.32
C LEU J 64 17.16 -89.55 3.48
N GLY J 65 15.87 -89.24 3.36
CA GLY J 65 14.93 -89.42 4.47
C GLY J 65 14.54 -88.12 5.18
N GLN J 66 13.35 -88.13 5.75
CA GLN J 66 12.77 -86.90 6.30
C GLN J 66 13.57 -86.40 7.51
N LYS J 67 14.03 -85.16 7.44
CA LYS J 67 14.61 -84.48 8.62
C LYS J 67 15.82 -85.24 9.18
N ASN J 68 16.82 -85.41 8.33
CA ASN J 68 18.06 -86.11 8.68
C ASN J 68 18.86 -85.29 9.67
N GLN J 69 19.29 -85.94 10.78
CA GLN J 69 19.98 -85.27 11.90
C GLN J 69 21.30 -84.63 11.46
N LYS J 70 22.06 -85.34 10.62
CA LYS J 70 23.38 -84.85 10.20
C LYS J 70 23.30 -83.57 9.36
N VAL J 71 22.25 -83.49 8.55
CA VAL J 71 22.02 -82.39 7.63
C VAL J 71 21.55 -81.17 8.43
N ASN J 72 20.41 -81.30 9.11
CA ASN J 72 19.92 -80.24 9.99
C ASN J 72 21.01 -79.71 10.94
N ALA J 73 21.94 -80.57 11.31
CA ALA J 73 23.08 -80.16 12.10
C ALA J 73 24.02 -79.25 11.31
N ALA J 74 24.23 -79.53 10.04
CA ALA J 74 25.11 -78.70 9.26
C ALA J 74 24.43 -77.35 9.02
N ILE J 75 23.11 -77.39 8.99
CA ILE J 75 22.29 -76.23 8.69
C ILE J 75 22.33 -75.22 9.83
N LYS J 76 22.08 -75.72 11.05
CA LYS J 76 22.19 -74.92 12.27
C LYS J 76 23.59 -74.34 12.36
N GLU J 77 24.57 -75.17 11.97
CA GLU J 77 25.99 -74.79 11.90
C GLU J 77 26.21 -73.60 10.98
N ALA J 78 25.63 -73.70 9.78
CA ALA J 78 25.78 -72.67 8.77
C ALA J 78 25.11 -71.39 9.25
N LEU J 79 24.03 -71.56 10.01
CA LEU J 79 23.28 -70.43 10.52
C LEU J 79 24.02 -69.65 11.60
N ASP J 80 25.10 -70.23 12.14
CA ASP J 80 25.98 -69.48 13.01
C ASP J 80 26.80 -68.49 12.23
N ARG J 81 26.85 -68.66 10.91
CA ARG J 81 27.72 -67.83 10.09
C ARG J 81 26.90 -66.96 9.15
N TYR J 82 25.77 -67.48 8.70
CA TYR J 82 24.92 -66.86 7.67
C TYR J 82 23.46 -66.78 8.12
N GLY J 83 22.70 -65.78 7.68
CA GLY J 83 23.21 -64.69 6.84
C GLY J 83 22.95 -65.01 5.41
N PHE J 84 23.31 -64.07 4.52
CA PHE J 84 23.12 -64.24 3.06
C PHE J 84 24.11 -63.50 2.17
N VAL J 85 24.67 -64.23 1.21
CA VAL J 85 25.47 -63.62 0.14
C VAL J 85 25.02 -64.18 -1.19
N TRP J 86 24.95 -63.31 -2.21
CA TRP J 86 24.59 -63.74 -3.56
C TRP J 86 25.81 -64.27 -4.33
N ASP J 87 25.54 -64.87 -5.50
CA ASP J 87 26.51 -65.67 -6.28
C ASP J 87 27.90 -65.03 -6.50
N THR J 88 28.01 -63.69 -6.43
CA THR J 88 29.29 -63.02 -6.70
C THR J 88 30.30 -63.18 -5.55
N TYR J 89 29.78 -63.41 -4.35
CA TYR J 89 30.66 -63.75 -3.25
C TYR J 89 30.90 -65.27 -3.12
N ALA J 90 32.14 -65.64 -2.83
CA ALA J 90 32.53 -67.02 -2.63
C ALA J 90 32.28 -67.41 -1.18
N THR J 91 31.63 -68.54 -0.99
CA THR J 91 31.62 -69.14 0.34
C THR J 91 32.22 -70.53 0.30
N ASP J 92 32.70 -70.98 1.46
CA ASP J 92 33.27 -72.29 1.60
C ASP J 92 32.27 -73.38 1.17
N TYR J 93 31.01 -73.18 1.53
CA TYR J 93 29.93 -74.14 1.26
C TYR J 93 29.64 -74.36 -0.21
N LYS J 94 29.44 -73.25 -0.94
CA LYS J 94 29.10 -73.29 -2.33
C LYS J 94 30.22 -73.94 -3.16
N ALA J 95 31.47 -73.54 -2.88
CA ALA J 95 32.64 -74.01 -3.62
C ALA J 95 32.84 -75.52 -3.38
N LYS J 96 32.72 -75.92 -2.11
CA LYS J 96 32.77 -77.34 -1.74
C LYS J 96 31.66 -78.18 -2.40
N ALA J 97 30.42 -77.69 -2.41
CA ALA J 97 29.33 -78.46 -3.00
C ALA J 97 29.57 -78.75 -4.52
N ALA J 98 30.09 -77.77 -5.27
CA ALA J 98 30.47 -77.98 -6.67
C ALA J 98 31.59 -79.01 -6.84
N LYS J 99 32.63 -78.92 -5.99
CA LYS J 99 33.75 -79.90 -6.01
C LYS J 99 33.26 -81.29 -5.67
N ILE J 100 32.36 -81.37 -4.70
CA ILE J 100 31.76 -82.66 -4.32
C ILE J 100 31.13 -83.33 -5.57
N ILE J 101 30.49 -82.53 -6.44
CA ILE J 101 29.89 -83.02 -7.69
C ILE J 101 30.94 -83.43 -8.73
N ILE J 102 31.69 -82.46 -9.26
CA ILE J 102 32.73 -82.70 -10.27
C ILE J 102 33.83 -83.68 -9.82
N GLU J 103 34.30 -83.54 -8.60
CA GLU J 103 35.50 -84.26 -8.21
C GLU J 103 35.19 -85.58 -7.48
N ASP J 104 34.12 -85.59 -6.68
CA ASP J 104 33.76 -86.76 -5.86
C ASP J 104 32.71 -87.67 -6.53
N ILE J 105 31.47 -87.22 -6.63
CA ILE J 105 30.37 -87.98 -7.26
C ILE J 105 30.70 -88.39 -8.70
N LEU J 106 31.22 -87.46 -9.48
CA LEU J 106 31.53 -87.69 -10.89
C LEU J 106 33.02 -87.78 -11.18
N GLY J 107 33.83 -88.01 -10.17
CA GLY J 107 35.30 -87.97 -10.33
C GLY J 107 35.87 -89.01 -11.28
N ASP J 108 35.12 -90.10 -11.46
CA ASP J 108 35.46 -91.21 -12.34
C ASP J 108 35.13 -90.91 -13.83
N GLU J 109 34.34 -89.87 -14.06
CA GLU J 109 33.98 -89.44 -15.41
C GLU J 109 34.73 -88.14 -15.74
N ASP J 110 35.11 -87.93 -16.99
CA ASP J 110 35.97 -86.79 -17.25
C ASP J 110 35.37 -85.73 -18.19
N TRP J 111 34.07 -85.87 -18.49
CA TRP J 111 33.33 -84.84 -19.20
C TRP J 111 32.93 -83.59 -18.36
N PRO J 112 32.70 -83.75 -17.03
CA PRO J 112 32.22 -82.62 -16.20
C PRO J 112 33.18 -81.43 -16.10
N GLY J 113 32.62 -80.23 -16.23
CA GLY J 113 33.38 -78.99 -16.23
C GLY J 113 33.04 -78.18 -15.00
N LYS J 114 31.79 -77.73 -14.93
CA LYS J 114 31.39 -76.74 -13.93
C LYS J 114 29.93 -76.90 -13.52
N VAL J 115 29.60 -76.46 -12.31
CA VAL J 115 28.24 -76.50 -11.81
C VAL J 115 27.72 -75.06 -11.78
N ARG J 116 26.42 -74.86 -11.99
CA ARG J 116 25.81 -73.63 -11.49
C ARG J 116 24.64 -73.95 -10.59
N PHE J 117 24.63 -73.36 -9.40
CA PHE J 117 23.56 -73.61 -8.44
C PHE J 117 22.46 -72.58 -8.56
N VAL J 118 21.22 -73.05 -8.58
CA VAL J 118 20.02 -72.20 -8.59
C VAL J 118 19.15 -72.67 -7.41
N SER J 119 17.89 -72.27 -7.36
CA SER J 119 17.07 -72.70 -6.24
C SER J 119 16.13 -73.89 -6.52
N THR J 120 15.77 -74.08 -7.79
CA THR J 120 14.75 -75.08 -8.15
C THR J 120 15.10 -75.85 -9.40
N GLY J 121 14.38 -76.93 -9.61
CA GLY J 121 14.60 -77.84 -10.72
C GLY J 121 14.19 -77.14 -12.01
N SER J 122 13.14 -76.34 -11.92
CA SER J 122 12.71 -75.51 -13.03
C SER J 122 13.79 -74.49 -13.39
N GLU J 123 14.37 -73.84 -12.37
CA GLU J 123 15.43 -72.86 -12.59
C GLU J 123 16.64 -73.55 -13.21
N ALA J 124 16.86 -74.81 -12.83
CA ALA J 124 17.97 -75.58 -13.36
C ALA J 124 17.79 -75.90 -14.87
N VAL J 125 16.61 -76.39 -15.26
CA VAL J 125 16.28 -76.59 -16.66
C VAL J 125 16.38 -75.27 -17.47
N GLU J 126 15.77 -74.19 -16.96
CA GLU J 126 15.87 -72.88 -17.62
C GLU J 126 17.32 -72.54 -17.96
N THR J 127 18.22 -72.82 -17.02
CA THR J 127 19.65 -72.55 -17.20
C THR J 127 20.25 -73.41 -18.32
N ALA J 128 19.93 -74.71 -18.28
CA ALA J 128 20.35 -75.63 -19.36
C ALA J 128 19.88 -75.18 -20.75
N LEU J 129 18.62 -74.79 -20.84
CA LEU J 129 18.08 -74.23 -22.06
C LEU J 129 18.89 -73.03 -22.55
N ASN J 130 19.17 -72.10 -21.64
CA ASN J 130 19.95 -70.92 -21.95
C ASN J 130 21.35 -71.18 -22.48
N ILE J 131 22.12 -71.94 -21.72
CA ILE J 131 23.50 -72.28 -22.04
C ILE J 131 23.61 -73.01 -23.38
N ALA J 132 22.78 -74.02 -23.56
CA ALA J 132 22.73 -74.80 -24.80
C ALA J 132 22.46 -73.92 -26.02
N ARG J 133 21.45 -73.07 -25.94
CA ARG J 133 21.18 -72.13 -27.06
C ARG J 133 22.33 -71.13 -27.33
N LEU J 134 22.93 -70.59 -26.26
CA LEU J 134 24.12 -69.74 -26.38
C LEU J 134 25.36 -70.47 -26.90
N TYR J 135 25.67 -71.64 -26.35
CA TYR J 135 26.83 -72.37 -26.85
C TYR J 135 26.76 -72.70 -28.35
N THR J 136 25.58 -73.10 -28.83
CA THR J 136 25.46 -73.52 -30.24
C THR J 136 25.08 -72.35 -31.12
N ASN J 137 24.60 -71.26 -30.51
CA ASN J 137 23.96 -70.17 -31.24
C ASN J 137 22.77 -70.61 -32.13
N ARG J 138 21.87 -71.41 -31.58
CA ARG J 138 20.76 -71.91 -32.35
C ARG J 138 19.52 -71.89 -31.50
N PRO J 139 18.34 -71.67 -32.10
CA PRO J 139 17.08 -71.56 -31.35
C PRO J 139 16.41 -72.84 -30.85
N LEU J 140 16.38 -73.91 -31.65
CA LEU J 140 15.46 -75.02 -31.39
C LEU J 140 15.95 -76.07 -30.38
N VAL J 141 15.04 -76.52 -29.51
CA VAL J 141 15.29 -77.55 -28.50
C VAL J 141 14.27 -78.67 -28.66
N VAL J 142 14.73 -79.90 -28.57
CA VAL J 142 13.89 -81.07 -28.89
C VAL J 142 13.52 -81.73 -27.58
N THR J 143 12.22 -81.93 -27.36
CA THR J 143 11.72 -82.62 -26.19
C THR J 143 11.00 -83.89 -26.64
N ARG J 144 10.29 -84.53 -25.72
CA ARG J 144 9.51 -85.70 -26.04
C ARG J 144 8.15 -85.70 -25.37
N GLU J 145 7.15 -86.18 -26.10
CA GLU J 145 5.82 -86.43 -25.54
C GLU J 145 5.83 -87.12 -24.14
N HIS J 146 5.00 -86.57 -23.24
CA HIS J 146 4.86 -87.00 -21.84
C HIS J 146 6.00 -86.56 -20.91
N ASP J 147 7.02 -85.90 -21.46
CA ASP J 147 8.14 -85.31 -20.68
C ASP J 147 7.66 -84.26 -19.72
N TYR J 148 8.27 -84.20 -18.54
CA TYR J 148 8.02 -83.13 -17.55
C TYR J 148 9.33 -82.47 -17.12
N HIS J 149 9.43 -81.15 -17.31
CA HIS J 149 10.70 -80.45 -17.14
C HIS J 149 10.59 -79.22 -16.29
N GLY J 150 9.39 -78.95 -15.82
CA GLY J 150 9.17 -77.80 -14.98
C GLY J 150 7.93 -77.02 -15.29
N TRP J 151 7.63 -76.04 -14.44
CA TRP J 151 6.44 -75.24 -14.62
C TRP J 151 6.76 -73.81 -15.09
N THR J 152 7.99 -73.35 -14.87
CA THR J 152 8.37 -71.98 -15.26
C THR J 152 8.51 -71.85 -16.77
N GLY J 153 8.39 -70.62 -17.27
CA GLY J 153 8.42 -70.33 -18.71
C GLY J 153 9.08 -71.28 -19.70
N GLY J 154 10.42 -71.27 -19.74
CA GLY J 154 11.18 -72.08 -20.69
C GLY J 154 11.07 -73.55 -20.34
N ALA J 155 11.05 -73.85 -19.05
CA ALA J 155 10.93 -75.22 -18.59
C ALA J 155 9.58 -75.81 -18.97
N ALA J 156 8.54 -74.98 -18.90
CA ALA J 156 7.23 -75.45 -19.32
C ALA J 156 7.13 -75.72 -20.85
N THR J 157 7.89 -74.98 -21.68
CA THR J 157 7.78 -75.18 -23.16
C THR J 157 8.19 -76.57 -23.60
N VAL J 158 9.01 -77.22 -22.80
CA VAL J 158 9.47 -78.57 -23.10
C VAL J 158 8.75 -79.67 -22.27
N THR J 159 7.83 -79.25 -21.42
CA THR J 159 6.94 -80.16 -20.72
C THR J 159 5.78 -80.48 -21.65
N ARG J 160 5.56 -81.77 -21.88
CA ARG J 160 4.56 -82.24 -22.87
C ARG J 160 3.40 -83.08 -22.27
N LEU J 161 2.87 -82.58 -21.16
CA LEU J 161 1.78 -83.21 -20.45
C LEU J 161 0.71 -82.18 -20.20
N ARG J 162 -0.38 -82.25 -20.97
CA ARG J 162 -1.46 -81.24 -20.89
C ARG J 162 -2.12 -81.13 -19.49
N SER J 163 -1.81 -82.10 -18.64
CA SER J 163 -2.31 -82.12 -17.27
C SER J 163 -1.37 -81.44 -16.26
N PHE J 164 -0.12 -81.17 -16.64
CA PHE J 164 0.80 -80.43 -15.78
C PHE J 164 1.33 -79.08 -16.34
N ARG J 165 0.54 -78.43 -17.21
CA ARG J 165 0.99 -77.19 -17.87
C ARG J 165 0.49 -75.89 -17.22
N SER J 166 -0.07 -76.05 -16.02
CA SER J 166 -0.64 -74.95 -15.22
C SER J 166 -1.90 -74.35 -15.83
N GLY J 167 -2.64 -75.18 -16.56
CA GLY J 167 -3.95 -74.79 -17.04
C GLY J 167 -5.00 -74.94 -15.94
N LEU J 168 -6.25 -74.66 -16.27
CA LEU J 168 -7.36 -74.89 -15.37
C LEU J 168 -8.30 -75.98 -15.88
N VAL J 169 -8.96 -76.69 -14.97
CA VAL J 169 -10.02 -77.66 -15.31
C VAL J 169 -11.12 -77.60 -14.26
N GLY J 170 -12.22 -78.30 -14.50
CA GLY J 170 -13.40 -78.22 -13.63
C GLY J 170 -13.41 -79.28 -12.56
N GLU J 171 -14.45 -79.24 -11.73
CA GLU J 171 -14.60 -80.18 -10.62
C GLU J 171 -15.42 -81.36 -11.11
N ASN J 172 -14.76 -82.42 -11.58
CA ASN J 172 -15.44 -83.63 -12.07
C ASN J 172 -16.36 -83.27 -13.24
N SER J 173 -15.77 -82.58 -14.21
CA SER J 173 -16.50 -82.04 -15.36
C SER J 173 -15.50 -81.84 -16.50
N GLU J 174 -15.97 -82.07 -17.72
CA GLU J 174 -15.12 -81.93 -18.91
C GLU J 174 -15.27 -80.55 -19.57
N SER J 175 -15.95 -79.63 -18.88
CA SER J 175 -16.27 -78.32 -19.44
C SER J 175 -15.30 -77.19 -19.13
N PHE J 176 -14.97 -76.99 -17.85
CA PHE J 176 -14.28 -75.77 -17.43
C PHE J 176 -12.79 -75.72 -17.76
N SER J 177 -12.40 -76.21 -18.94
CA SER J 177 -10.97 -76.30 -19.22
C SER J 177 -10.39 -75.10 -19.98
N ALA J 178 -9.10 -74.85 -19.73
CA ALA J 178 -8.30 -73.86 -20.43
C ALA J 178 -6.81 -74.11 -20.21
N GLN J 179 -6.01 -73.90 -21.23
CA GLN J 179 -4.56 -73.81 -21.05
C GLN J 179 -4.18 -72.33 -21.00
N ILE J 180 -2.96 -72.02 -20.57
CA ILE J 180 -2.56 -70.62 -20.44
C ILE J 180 -2.55 -69.96 -21.83
N PRO J 181 -3.42 -68.94 -22.07
CA PRO J 181 -3.44 -68.21 -23.34
C PRO J 181 -2.04 -67.76 -23.78
N GLY J 182 -1.69 -68.04 -25.03
CA GLY J 182 -0.34 -67.79 -25.54
C GLY J 182 0.67 -68.92 -25.42
N SER J 183 0.35 -69.96 -24.65
CA SER J 183 1.29 -71.07 -24.39
C SER J 183 1.10 -72.27 -25.30
N SER J 187 7.09 -73.43 -30.18
CA SER J 187 7.51 -72.21 -29.47
C SER J 187 9.03 -72.16 -29.24
N ALA J 188 9.78 -72.44 -30.33
CA ALA J 188 11.23 -72.73 -30.37
C ALA J 188 11.53 -74.16 -29.87
N VAL J 189 10.50 -75.00 -29.86
CA VAL J 189 10.57 -76.34 -29.24
C VAL J 189 9.94 -77.38 -30.20
N LEU J 190 10.66 -78.49 -30.44
CA LEU J 190 10.11 -79.64 -31.20
C LEU J 190 9.77 -80.82 -30.29
N MET J 191 8.59 -81.38 -30.50
CA MET J 191 8.15 -82.52 -29.70
C MET J 191 8.37 -83.81 -30.44
N ALA J 192 9.37 -84.56 -29.97
CA ALA J 192 9.72 -85.93 -30.42
C ALA J 192 8.79 -86.97 -29.81
N PRO J 193 8.57 -88.11 -30.53
CA PRO J 193 7.85 -89.25 -29.95
C PRO J 193 8.55 -89.76 -28.69
N SER J 194 7.77 -90.16 -27.69
CA SER J 194 8.34 -90.73 -26.47
C SER J 194 9.04 -92.07 -26.79
N SER J 195 10.01 -92.44 -25.95
CA SER J 195 10.72 -93.72 -26.10
C SER J 195 9.76 -94.91 -26.10
N ASN J 196 8.67 -94.77 -25.35
CA ASN J 196 7.66 -95.78 -25.26
C ASN J 196 6.65 -95.74 -26.41
N THR J 197 6.85 -94.88 -27.40
CA THR J 197 5.91 -94.84 -28.52
C THR J 197 6.33 -95.89 -29.56
N PHE J 198 5.34 -96.49 -30.26
CA PHE J 198 5.62 -97.53 -31.27
C PHE J 198 6.06 -98.86 -30.67
N GLN J 199 5.09 -99.61 -30.17
CA GLN J 199 5.36 -100.91 -29.54
C GLN J 199 5.28 -102.06 -30.54
N ASN J 204 7.56 -105.71 -27.64
CA ASN J 204 8.71 -105.69 -28.56
C ASN J 204 8.75 -104.38 -29.35
N TYR J 205 9.34 -103.35 -28.75
CA TYR J 205 9.48 -102.02 -29.38
C TYR J 205 9.92 -102.11 -30.83
N LEU J 206 9.29 -101.32 -31.69
CA LEU J 206 9.55 -101.41 -33.12
C LEU J 206 10.92 -100.85 -33.47
N LYS J 207 11.62 -101.54 -34.39
CA LYS J 207 12.97 -101.15 -34.76
C LYS J 207 13.21 -100.88 -36.25
N ASP J 208 14.36 -100.27 -36.51
CA ASP J 208 14.87 -100.00 -37.85
C ASP J 208 15.27 -101.29 -38.51
N GLU J 209 15.51 -102.32 -37.69
CA GLU J 209 16.11 -103.61 -38.12
C GLU J 209 17.62 -103.40 -38.34
N ASN J 210 17.99 -102.13 -38.53
CA ASN J 210 19.36 -101.68 -38.43
C ASN J 210 19.64 -101.43 -36.94
N GLY J 211 18.75 -101.94 -36.09
CA GLY J 211 18.86 -101.80 -34.66
C GLY J 211 18.20 -100.54 -34.13
N GLU J 212 18.24 -99.45 -34.90
CA GLU J 212 17.76 -98.13 -34.44
C GLU J 212 16.26 -98.09 -34.18
N LEU J 213 15.89 -97.97 -32.90
CA LEU J 213 14.50 -97.85 -32.45
C LEU J 213 13.74 -96.74 -33.18
N LEU J 214 12.54 -97.07 -33.65
CA LEU J 214 11.72 -96.17 -34.48
C LEU J 214 11.56 -94.78 -33.87
N SER J 215 11.43 -94.74 -32.54
CA SER J 215 11.27 -93.47 -31.83
C SER J 215 12.51 -92.60 -31.99
N VAL J 216 13.70 -93.17 -31.83
CA VAL J 216 14.97 -92.46 -32.09
C VAL J 216 15.10 -92.11 -33.58
N LYS J 217 14.58 -93.00 -34.41
CA LYS J 217 14.56 -92.90 -35.88
C LYS J 217 13.89 -91.61 -36.37
N TYR J 218 12.61 -91.44 -36.02
CA TYR J 218 11.90 -90.29 -36.49
C TYR J 218 12.35 -89.00 -35.77
N THR J 219 12.86 -89.10 -34.54
CA THR J 219 13.46 -87.93 -33.87
C THR J 219 14.60 -87.36 -34.73
N ARG J 220 15.41 -88.25 -35.28
CA ARG J 220 16.47 -87.83 -36.19
C ARG J 220 15.88 -87.17 -37.43
N ARG J 221 14.80 -87.75 -37.96
CA ARG J 221 14.10 -87.21 -39.13
C ARG J 221 13.54 -85.81 -38.89
N MET J 222 12.99 -85.59 -37.70
CA MET J 222 12.54 -84.27 -37.25
C MET J 222 13.68 -83.28 -37.25
N ILE J 223 14.81 -83.65 -36.63
CA ILE J 223 16.03 -82.81 -36.57
C ILE J 223 16.55 -82.45 -37.98
N GLU J 224 16.50 -83.44 -38.87
CA GLU J 224 17.05 -83.30 -40.21
C GLU J 224 16.12 -82.45 -41.06
N ASN J 225 14.85 -82.40 -40.64
CA ASN J 225 13.83 -81.70 -41.42
C ASN J 225 13.92 -80.19 -41.31
N TYR J 226 13.97 -79.67 -40.07
CA TYR J 226 14.24 -78.25 -39.80
C TYR J 226 15.69 -77.99 -40.17
N GLY J 227 16.53 -79.01 -39.93
CA GLY J 227 17.95 -78.91 -40.20
C GLY J 227 18.70 -78.81 -38.90
N PRO J 228 19.75 -79.64 -38.72
CA PRO J 228 20.62 -79.71 -37.57
C PRO J 228 21.14 -78.33 -37.06
N GLU J 229 21.57 -77.50 -38.01
CA GLU J 229 22.17 -76.20 -37.70
C GLU J 229 21.20 -75.23 -37.00
N GLN J 230 19.92 -75.60 -36.84
CA GLN J 230 18.95 -74.78 -36.17
C GLN J 230 18.61 -75.34 -34.77
N VAL J 231 19.16 -76.53 -34.45
CA VAL J 231 18.83 -77.26 -33.22
C VAL J 231 19.95 -77.19 -32.20
N ALA J 232 19.66 -76.53 -31.08
CA ALA J 232 20.54 -76.44 -29.92
C ALA J 232 20.77 -77.79 -29.22
N ALA J 233 19.70 -78.52 -28.94
CA ALA J 233 19.81 -79.65 -28.02
C ALA J 233 18.56 -80.52 -28.02
N VAL J 234 18.75 -81.75 -27.56
CA VAL J 234 17.66 -82.63 -27.20
C VAL J 234 17.65 -82.74 -25.68
N ILE J 235 16.54 -82.37 -25.05
CA ILE J 235 16.40 -82.54 -23.60
C ILE J 235 15.59 -83.81 -23.21
N THR J 236 16.20 -84.71 -22.44
CA THR J 236 15.53 -85.99 -22.08
C THR J 236 15.33 -86.21 -20.56
N GLU J 237 14.25 -86.93 -20.24
CA GLU J 237 14.13 -87.69 -19.00
C GLU J 237 14.59 -89.09 -19.40
N VAL J 238 15.62 -89.61 -18.74
CA VAL J 238 16.05 -91.01 -18.94
C VAL J 238 14.88 -91.95 -18.71
N SER J 239 14.12 -91.68 -17.66
CA SER J 239 12.88 -92.35 -17.34
C SER J 239 11.90 -91.24 -16.97
N GLN J 240 10.71 -91.26 -17.56
CA GLN J 240 9.80 -90.14 -17.30
C GLN J 240 9.26 -90.17 -15.87
N GLY J 241 9.49 -89.05 -15.16
CA GLY J 241 9.20 -88.93 -13.73
C GLY J 241 7.72 -88.75 -13.46
N VAL J 242 7.24 -87.53 -13.62
CA VAL J 242 5.80 -87.27 -13.54
C VAL J 242 5.05 -88.12 -14.55
N GLY J 243 5.53 -88.09 -15.80
CA GLY J 243 5.03 -88.93 -16.89
C GLY J 243 5.02 -90.42 -16.63
N SER J 244 5.90 -90.88 -15.75
CA SER J 244 5.88 -92.27 -15.24
C SER J 244 6.11 -93.37 -16.30
N THR J 245 7.27 -93.38 -16.95
CA THR J 245 7.63 -94.48 -17.85
C THR J 245 9.10 -94.89 -17.75
N MET J 246 9.41 -96.08 -18.26
CA MET J 246 10.77 -96.59 -18.44
C MET J 246 10.98 -96.89 -19.93
N PRO J 247 12.17 -96.56 -20.49
CA PRO J 247 12.45 -96.67 -21.92
C PRO J 247 12.92 -98.06 -22.38
N PRO J 248 12.98 -98.29 -23.71
CA PRO J 248 13.84 -99.38 -24.21
C PRO J 248 15.27 -99.15 -23.74
N TYR J 249 16.04 -100.21 -23.51
CA TYR J 249 17.43 -100.07 -23.08
C TYR J 249 18.23 -99.29 -24.10
N GLU J 250 17.93 -99.49 -25.38
CA GLU J 250 18.72 -98.89 -26.46
C GLU J 250 18.42 -97.40 -26.65
N TYR J 251 17.31 -96.92 -26.08
CA TYR J 251 16.93 -95.55 -26.32
C TYR J 251 17.99 -94.52 -25.87
N VAL J 252 18.47 -94.64 -24.63
CA VAL J 252 19.43 -93.67 -24.16
C VAL J 252 20.75 -93.76 -24.97
N PRO J 253 21.27 -94.99 -25.21
CA PRO J 253 22.44 -95.00 -26.12
C PRO J 253 22.22 -94.41 -27.53
N GLN J 254 21.04 -94.57 -28.09
CA GLN J 254 20.82 -94.13 -29.46
C GLN J 254 20.59 -92.62 -29.55
N ILE J 255 19.92 -92.06 -28.54
CA ILE J 255 19.80 -90.59 -28.46
C ILE J 255 21.17 -89.95 -28.30
N ARG J 256 22.04 -90.58 -27.51
CA ARG J 256 23.43 -90.10 -27.41
C ARG J 256 24.17 -90.09 -28.76
N LYS J 257 24.11 -91.22 -29.44
CA LYS J 257 24.82 -91.44 -30.70
C LYS J 257 24.30 -90.50 -31.76
N MET J 258 22.98 -90.42 -31.84
CA MET J 258 22.28 -89.54 -32.77
C MET J 258 22.69 -88.08 -32.61
N THR J 259 22.62 -87.57 -31.38
CA THR J 259 22.84 -86.15 -31.14
C THR J 259 24.26 -85.80 -31.50
N LYS J 260 25.19 -86.68 -31.11
CA LYS J 260 26.63 -86.50 -31.32
C LYS J 260 26.91 -86.52 -32.82
N GLU J 261 26.30 -87.50 -33.49
CA GLU J 261 26.31 -87.61 -34.96
C GLU J 261 25.77 -86.34 -35.65
N LEU J 262 24.77 -85.67 -35.05
CA LEU J 262 24.13 -84.51 -35.70
C LEU J 262 24.67 -83.16 -35.19
N GLY J 263 25.68 -83.20 -34.34
CA GLY J 263 26.23 -81.98 -33.76
C GLY J 263 25.25 -81.22 -32.88
N VAL J 264 24.41 -81.97 -32.17
CA VAL J 264 23.32 -81.44 -31.35
C VAL J 264 23.68 -81.80 -29.90
N LEU J 265 23.43 -80.90 -28.94
CA LEU J 265 23.74 -81.24 -27.53
C LEU J 265 22.74 -82.25 -26.93
N TRP J 266 23.18 -83.04 -25.96
CA TRP J 266 22.21 -83.79 -25.19
C TRP J 266 22.19 -83.38 -23.72
N ILE J 267 21.02 -82.91 -23.29
CA ILE J 267 20.78 -82.57 -21.90
C ILE J 267 20.02 -83.71 -21.21
N SER J 268 20.62 -84.30 -20.17
CA SER J 268 19.93 -85.24 -19.28
C SER J 268 19.26 -84.52 -18.12
N ASP J 269 17.94 -84.63 -18.02
CA ASP J 269 17.26 -84.00 -16.89
C ASP J 269 17.17 -85.02 -15.75
N GLU J 270 18.07 -84.86 -14.79
CA GLU J 270 18.25 -85.76 -13.67
C GLU J 270 17.67 -85.17 -12.36
N VAL J 271 16.64 -84.33 -12.48
CA VAL J 271 16.07 -83.66 -11.32
C VAL J 271 15.40 -84.67 -10.37
N LEU J 272 14.50 -85.48 -10.92
CA LEU J 272 13.95 -86.64 -10.19
C LEU J 272 14.85 -87.91 -10.12
N THR J 273 15.43 -88.32 -11.25
CA THR J 273 16.23 -89.56 -11.29
C THR J 273 17.63 -89.39 -10.64
N GLY J 274 17.98 -88.15 -10.29
CA GLY J 274 19.33 -87.84 -9.84
C GLY J 274 19.61 -88.25 -8.41
N PHE J 275 20.89 -88.42 -8.10
CA PHE J 275 21.36 -88.65 -6.70
C PHE J 275 20.82 -89.93 -6.02
N GLY J 276 21.23 -91.08 -6.56
CA GLY J 276 20.92 -92.37 -5.97
C GLY J 276 19.57 -92.96 -6.34
N ARG J 277 18.62 -92.10 -6.71
CA ARG J 277 17.22 -92.51 -6.98
C ARG J 277 17.10 -93.84 -7.73
N THR J 278 18.01 -94.10 -8.66
CA THR J 278 17.87 -95.22 -9.61
C THR J 278 18.89 -96.36 -9.48
N GLY J 279 19.77 -96.29 -8.49
CA GLY J 279 20.78 -97.35 -8.26
C GLY J 279 22.19 -96.96 -8.68
N LYS J 280 22.28 -95.95 -9.57
CA LYS J 280 23.54 -95.27 -9.86
C LYS J 280 23.39 -93.85 -9.33
N TRP J 281 24.47 -93.07 -9.35
CA TRP J 281 24.36 -91.66 -8.94
C TRP J 281 23.29 -90.96 -9.77
N PHE J 282 23.29 -91.19 -11.08
CA PHE J 282 22.31 -90.57 -11.98
C PHE J 282 21.70 -91.57 -12.95
N GLY J 283 20.47 -91.31 -13.37
CA GLY J 283 19.76 -92.16 -14.34
C GLY J 283 20.54 -92.59 -15.57
N TYR J 284 21.17 -91.62 -16.22
CA TYR J 284 21.97 -91.82 -17.43
C TYR J 284 23.09 -92.85 -17.24
N GLN J 285 23.55 -93.00 -16.01
CA GLN J 285 24.70 -93.84 -15.72
C GLN J 285 24.44 -95.33 -15.94
N HIS J 286 23.19 -95.69 -16.25
CA HIS J 286 22.82 -97.07 -16.56
C HIS J 286 23.08 -97.50 -18.02
N TYR J 287 23.42 -96.56 -18.90
CA TYR J 287 23.40 -96.82 -20.35
C TYR J 287 24.76 -96.69 -21.05
N GLY J 288 25.75 -96.29 -20.28
CA GLY J 288 27.14 -96.29 -20.72
C GLY J 288 27.43 -95.12 -21.60
N VAL J 289 26.66 -94.03 -21.41
CA VAL J 289 26.89 -92.75 -22.09
C VAL J 289 26.96 -91.59 -21.09
N GLN J 290 27.28 -90.40 -21.60
CA GLN J 290 27.37 -89.22 -20.77
C GLN J 290 26.83 -87.97 -21.55
N PRO J 291 26.17 -87.02 -20.83
CA PRO J 291 25.56 -85.96 -21.62
C PRO J 291 26.49 -84.78 -21.87
N ASP J 292 25.91 -83.69 -22.37
CA ASP J 292 26.66 -82.45 -22.47
C ASP J 292 26.32 -81.61 -21.28
N ILE J 293 25.08 -81.74 -20.83
CA ILE J 293 24.56 -80.97 -19.73
C ILE J 293 23.64 -81.85 -18.87
N ILE J 294 23.56 -81.57 -17.58
CA ILE J 294 22.66 -82.28 -16.70
C ILE J 294 21.96 -81.24 -15.87
N THR J 295 20.69 -81.45 -15.58
CA THR J 295 20.02 -80.61 -14.59
C THR J 295 19.79 -81.40 -13.29
N MET J 296 19.67 -80.71 -12.17
CA MET J 296 19.57 -81.31 -10.85
C MET J 296 18.59 -80.55 -9.95
N GLY J 297 17.96 -81.27 -9.02
CA GLY J 297 17.04 -80.70 -8.04
C GLY J 297 16.81 -81.74 -6.97
N LYS J 298 15.73 -81.61 -6.20
CA LYS J 298 15.20 -82.74 -5.43
C LYS J 298 16.26 -83.45 -4.58
N GLY J 299 16.83 -84.57 -5.05
CA GLY J 299 17.85 -85.30 -4.26
C GLY J 299 19.15 -84.55 -4.03
N LEU J 300 19.39 -83.52 -4.84
CA LEU J 300 20.51 -82.59 -4.66
C LEU J 300 20.61 -82.07 -3.20
N SER J 301 19.49 -81.70 -2.59
CA SER J 301 19.50 -81.47 -1.14
C SER J 301 18.58 -82.39 -0.35
N SER J 302 17.98 -83.36 -1.03
CA SER J 302 16.92 -84.20 -0.47
C SER J 302 15.78 -83.34 0.07
N SER J 303 15.49 -82.26 -0.64
CA SER J 303 14.51 -81.24 -0.26
C SER J 303 14.71 -80.60 1.11
N SER J 304 15.86 -80.85 1.74
CA SER J 304 16.09 -80.27 3.06
C SER J 304 16.05 -78.73 2.96
N LEU J 305 16.52 -78.21 1.83
CA LEU J 305 16.43 -76.80 1.50
C LEU J 305 16.27 -76.63 -0.02
N PRO J 306 15.56 -75.58 -0.49
CA PRO J 306 15.42 -75.39 -1.95
C PRO J 306 16.76 -75.19 -2.65
N ALA J 307 17.08 -76.10 -3.57
CA ALA J 307 18.33 -76.07 -4.32
C ALA J 307 18.18 -76.91 -5.57
N GLY J 308 18.73 -76.38 -6.67
CA GLY J 308 18.72 -76.98 -8.01
C GLY J 308 20.10 -76.71 -8.59
N ALA J 309 20.47 -77.41 -9.66
CA ALA J 309 21.81 -77.23 -10.24
C ALA J 309 21.85 -77.66 -11.70
N VAL J 310 22.72 -77.03 -12.49
CA VAL J 310 23.07 -77.53 -13.83
C VAL J 310 24.58 -77.83 -13.85
N VAL J 311 24.94 -78.97 -14.42
CA VAL J 311 26.36 -79.34 -14.65
C VAL J 311 26.63 -79.39 -16.17
N VAL J 312 27.70 -78.71 -16.58
CA VAL J 312 28.06 -78.60 -17.98
C VAL J 312 29.43 -79.18 -18.22
N SER J 313 29.65 -79.67 -19.44
CA SER J 313 30.92 -80.29 -19.86
C SER J 313 32.10 -79.31 -19.88
N LYS J 314 33.32 -79.86 -19.94
CA LYS J 314 34.52 -79.06 -20.21
C LYS J 314 34.37 -78.09 -21.42
N GLU J 315 33.85 -78.59 -22.53
CA GLU J 315 33.78 -77.78 -23.75
C GLU J 315 32.85 -76.57 -23.62
N ILE J 316 31.68 -76.80 -23.07
CA ILE J 316 30.74 -75.74 -22.80
C ILE J 316 31.26 -74.77 -21.69
N ALA J 317 31.89 -75.31 -20.63
CA ALA J 317 32.48 -74.48 -19.57
C ALA J 317 33.54 -73.53 -20.08
N ALA J 318 34.49 -74.06 -20.85
CA ALA J 318 35.55 -73.25 -21.47
C ALA J 318 34.96 -72.08 -22.26
N PHE J 319 33.94 -72.38 -23.09
CA PHE J 319 33.21 -71.40 -23.88
C PHE J 319 32.58 -70.29 -23.01
N MET J 320 31.79 -70.69 -22.01
CA MET J 320 31.12 -69.74 -21.16
C MET J 320 32.13 -68.91 -20.37
N ASP J 321 33.22 -69.55 -19.93
CA ASP J 321 34.34 -68.90 -19.24
C ASP J 321 34.98 -67.75 -20.02
N LYS J 322 34.85 -67.77 -21.35
CA LYS J 322 35.44 -66.74 -22.18
C LYS J 322 34.51 -65.55 -22.36
N HIS J 323 33.37 -65.54 -21.69
CA HIS J 323 32.42 -64.42 -21.83
C HIS J 323 32.04 -63.87 -20.47
N ARG J 324 31.46 -62.67 -20.46
CA ARG J 324 30.72 -62.22 -19.31
C ARG J 324 29.27 -62.61 -19.51
N TRP J 325 28.73 -63.36 -18.55
CA TRP J 325 27.37 -63.87 -18.66
C TRP J 325 26.38 -63.09 -17.82
N GLU J 326 25.56 -62.32 -18.52
CA GLU J 326 24.70 -61.37 -17.88
C GLU J 326 23.47 -61.98 -17.21
N SER J 327 23.70 -62.90 -16.26
CA SER J 327 22.58 -63.58 -15.59
C SER J 327 22.63 -63.54 -14.09
N VAL J 328 21.52 -63.22 -13.45
CA VAL J 328 21.50 -63.11 -12.01
C VAL J 328 20.22 -63.70 -11.42
N SER J 329 20.37 -64.59 -10.44
CA SER J 329 19.29 -65.10 -9.61
C SER J 329 19.59 -64.76 -8.14
N THR J 330 18.71 -64.00 -7.49
CA THR J 330 18.98 -63.53 -6.13
C THR J 330 19.45 -64.68 -5.24
N TYR J 331 18.74 -65.81 -5.26
CA TYR J 331 18.98 -66.88 -4.31
C TYR J 331 19.97 -67.99 -4.77
N ALA J 332 20.42 -67.90 -6.01
CA ALA J 332 21.33 -68.89 -6.59
C ALA J 332 22.61 -69.03 -5.77
N GLY J 333 22.84 -70.23 -5.23
CA GLY J 333 24.06 -70.53 -4.48
C GLY J 333 23.99 -70.10 -3.03
N HIS J 334 22.77 -69.82 -2.55
CA HIS J 334 22.51 -69.45 -1.17
C HIS J 334 23.39 -70.32 -0.27
N PRO J 335 24.24 -69.69 0.57
CA PRO J 335 25.21 -70.47 1.35
C PRO J 335 24.59 -71.43 2.37
N VAL J 336 23.44 -71.07 2.93
CA VAL J 336 22.77 -71.94 3.92
C VAL J 336 22.15 -73.14 3.19
N ALA J 337 21.53 -72.88 2.03
CA ALA J 337 21.03 -73.94 1.18
C ALA J 337 22.19 -74.81 0.75
N MET J 338 23.33 -74.18 0.46
CA MET J 338 24.53 -74.85 -0.02
C MET J 338 25.15 -75.74 1.06
N ALA J 339 25.14 -75.26 2.30
CA ALA J 339 25.49 -76.07 3.49
C ALA J 339 24.70 -77.37 3.56
N ALA J 340 23.41 -77.30 3.27
CA ALA J 340 22.57 -78.49 3.23
C ALA J 340 22.98 -79.50 2.13
N VAL J 341 23.30 -78.99 0.93
CA VAL J 341 23.76 -79.84 -0.19
C VAL J 341 25.00 -80.62 0.23
N CYS J 342 25.90 -79.92 0.89
CA CYS J 342 27.14 -80.52 1.32
C CYS J 342 26.92 -81.74 2.21
N ALA J 343 26.08 -81.57 3.23
CA ALA J 343 25.84 -82.60 4.23
C ALA J 343 25.05 -83.76 3.60
N ASN J 344 23.95 -83.43 2.93
CA ASN J 344 23.23 -84.39 2.10
C ASN J 344 24.15 -85.26 1.22
N LEU J 345 25.07 -84.62 0.51
CA LEU J 345 25.96 -85.33 -0.40
C LEU J 345 27.06 -86.11 0.32
N GLU J 346 27.72 -85.48 1.28
CA GLU J 346 28.70 -86.20 2.09
C GLU J 346 28.11 -87.40 2.85
N VAL J 347 26.85 -87.31 3.27
CA VAL J 347 26.16 -88.45 3.88
C VAL J 347 25.95 -89.55 2.83
N MET J 348 25.51 -89.13 1.65
CA MET J 348 25.18 -90.08 0.58
C MET J 348 26.37 -90.97 0.22
N MET J 349 27.56 -90.39 0.19
CA MET J 349 28.73 -91.15 -0.15
C MET J 349 29.16 -92.03 1.01
N GLU J 350 29.24 -91.44 2.22
CA GLU J 350 29.77 -92.14 3.40
C GLU J 350 28.88 -93.28 3.91
N GLU J 351 27.58 -93.20 3.65
CA GLU J 351 26.65 -94.24 4.07
C GLU J 351 26.38 -95.25 2.94
N ASN J 352 27.05 -95.04 1.81
CA ASN J 352 26.85 -95.87 0.61
C ASN J 352 25.39 -95.97 0.17
N LEU J 353 24.69 -94.83 0.14
CA LEU J 353 23.26 -94.80 -0.21
C LEU J 353 22.92 -95.29 -1.63
N VAL J 354 23.91 -95.27 -2.53
CA VAL J 354 23.69 -95.68 -3.92
C VAL J 354 23.53 -97.18 -4.06
N GLU J 355 24.51 -97.95 -3.57
CA GLU J 355 24.40 -99.41 -3.52
C GLU J 355 23.18 -99.86 -2.73
N GLN J 356 22.92 -99.16 -1.63
CA GLN J 356 21.74 -99.39 -0.78
C GLN J 356 20.41 -99.20 -1.52
N ALA J 357 20.27 -98.11 -2.30
CA ALA J 357 19.11 -97.90 -3.19
C ALA J 357 18.98 -99.05 -4.19
N LYS J 358 20.09 -99.41 -4.80
CA LYS J 358 20.19 -100.55 -5.71
C LYS J 358 19.71 -101.86 -5.06
N ASN J 359 20.23 -102.21 -3.89
CA ASN J 359 19.80 -103.44 -3.24
C ASN J 359 18.33 -103.45 -2.82
N SER J 360 17.79 -102.31 -2.41
CA SER J 360 16.36 -102.24 -2.09
C SER J 360 15.51 -102.41 -3.34
N GLY J 361 16.00 -101.85 -4.45
CA GLY J 361 15.44 -102.06 -5.80
C GLY J 361 15.29 -103.54 -6.15
N GLU J 362 16.33 -104.33 -5.92
CA GLU J 362 16.26 -105.78 -6.12
C GLU J 362 15.19 -106.44 -5.25
N TYR J 363 15.00 -105.90 -4.04
CA TYR J 363 13.99 -106.41 -3.11
C TYR J 363 12.59 -106.06 -3.60
N ILE J 364 12.40 -104.81 -3.99
CA ILE J 364 11.18 -104.33 -4.62
C ILE J 364 10.75 -105.17 -5.86
N ARG J 365 11.71 -105.51 -6.74
CA ARG J 365 11.38 -106.33 -7.91
C ARG J 365 10.73 -107.67 -7.52
N SER J 366 11.38 -108.42 -6.62
CA SER J 366 10.82 -109.69 -6.11
C SER J 366 9.48 -109.60 -5.37
N LYS J 367 9.21 -108.48 -4.68
CA LYS J 367 7.87 -108.23 -4.11
C LYS J 367 6.88 -107.93 -5.25
N LEU J 368 7.28 -107.02 -6.15
CA LEU J 368 6.47 -106.69 -7.33
C LEU J 368 6.25 -107.85 -8.31
N GLU J 369 7.26 -108.69 -8.53
CA GLU J 369 7.08 -109.90 -9.34
C GLU J 369 5.99 -110.78 -8.69
N LEU J 370 6.09 -110.95 -7.37
CA LEU J 370 5.11 -111.74 -6.58
C LEU J 370 3.69 -111.14 -6.61
N LEU J 371 3.58 -109.81 -6.44
CA LEU J 371 2.28 -109.10 -6.55
C LEU J 371 1.66 -109.26 -7.93
N GLN J 372 2.48 -109.11 -8.97
CA GLN J 372 2.01 -109.33 -10.34
C GLN J 372 1.38 -110.71 -10.53
N GLU J 373 1.94 -111.72 -9.87
CA GLU J 373 1.45 -113.09 -10.00
C GLU J 373 0.05 -113.26 -9.41
N LYS J 374 -0.23 -112.53 -8.32
CA LYS J 374 -1.50 -112.63 -7.60
C LYS J 374 -2.56 -111.64 -8.10
N HIS J 375 -2.11 -110.43 -8.46
CA HIS J 375 -3.01 -109.38 -8.95
C HIS J 375 -2.95 -109.22 -10.49
N LYS J 376 -4.03 -109.59 -11.17
CA LYS J 376 -4.04 -109.50 -12.63
C LYS J 376 -4.23 -108.06 -13.13
N SER J 377 -4.56 -107.16 -12.19
CA SER J 377 -4.64 -105.74 -12.49
C SER J 377 -3.25 -105.11 -12.71
N ILE J 378 -2.19 -105.83 -12.38
CA ILE J 378 -0.84 -105.37 -12.73
C ILE J 378 -0.45 -105.93 -14.10
N GLY J 379 -0.53 -105.08 -15.12
CA GLY J 379 -0.20 -105.46 -16.49
C GLY J 379 1.29 -105.58 -16.70
N ASN J 380 1.99 -104.51 -16.33
CA ASN J 380 3.45 -104.42 -16.42
C ASN J 380 4.02 -103.51 -15.33
N PHE J 381 5.24 -103.80 -14.91
CA PHE J 381 5.99 -102.93 -14.02
C PHE J 381 7.46 -102.94 -14.39
N ASP J 382 8.17 -101.91 -13.92
CA ASP J 382 9.60 -101.76 -14.14
C ASP J 382 10.14 -100.65 -13.23
N GLY J 383 11.45 -100.50 -13.21
CA GLY J 383 12.11 -99.45 -12.45
C GLY J 383 13.49 -99.91 -12.05
N TYR J 384 14.08 -99.17 -11.10
CA TYR J 384 15.33 -99.50 -10.43
C TYR J 384 15.50 -98.61 -9.20
N GLY J 385 16.35 -99.03 -8.27
CA GLY J 385 16.57 -98.27 -7.04
C GLY J 385 15.26 -97.99 -6.33
N LEU J 386 14.95 -96.72 -6.07
CA LEU J 386 13.76 -96.38 -5.32
C LEU J 386 12.70 -95.68 -6.17
N LEU J 387 12.55 -96.13 -7.42
CA LEU J 387 11.61 -95.49 -8.35
C LEU J 387 11.07 -96.59 -9.20
N TRP J 388 9.80 -96.90 -9.01
CA TRP J 388 9.19 -98.01 -9.70
C TRP J 388 7.87 -97.61 -10.28
N ILE J 389 7.66 -97.98 -11.54
CA ILE J 389 6.42 -97.66 -12.22
C ILE J 389 5.63 -98.96 -12.43
N VAL J 390 4.36 -98.93 -12.07
CA VAL J 390 3.48 -100.09 -12.17
C VAL J 390 2.28 -99.70 -12.99
N ASP J 391 2.14 -100.30 -14.17
CA ASP J 391 0.98 -100.05 -15.02
C ASP J 391 -0.23 -100.83 -14.55
N ILE J 392 -1.29 -100.10 -14.20
CA ILE J 392 -2.51 -100.70 -13.72
C ILE J 392 -3.52 -100.74 -14.86
N VAL J 393 -3.86 -101.97 -15.26
CA VAL J 393 -4.81 -102.31 -16.32
C VAL J 393 -6.11 -102.92 -15.75
N ASN J 394 -7.18 -102.94 -16.53
CA ASN J 394 -8.41 -103.60 -16.08
C ASN J 394 -8.20 -105.13 -16.10
N ALA J 395 -8.34 -105.79 -14.95
CA ALA J 395 -7.96 -107.21 -14.81
C ALA J 395 -8.71 -108.17 -15.77
N LYS J 396 -9.93 -107.77 -16.13
CA LYS J 396 -10.78 -108.55 -17.01
C LYS J 396 -10.49 -108.25 -18.48
N THR J 397 -10.30 -106.98 -18.83
CA THR J 397 -10.03 -106.58 -20.22
C THR J 397 -8.52 -106.50 -20.58
N LYS J 398 -7.68 -106.50 -19.55
CA LYS J 398 -6.22 -106.32 -19.68
C LYS J 398 -5.76 -105.04 -20.35
N THR J 399 -6.69 -104.12 -20.61
CA THR J 399 -6.38 -102.79 -21.12
C THR J 399 -6.54 -101.76 -19.98
N PRO J 400 -5.93 -100.56 -20.13
CA PRO J 400 -6.05 -99.58 -19.06
C PRO J 400 -7.49 -99.09 -18.85
N TYR J 401 -7.82 -98.71 -17.61
CA TYR J 401 -9.14 -98.16 -17.25
C TYR J 401 -9.41 -96.78 -17.86
N VAL J 402 -8.47 -95.84 -17.65
CA VAL J 402 -8.61 -94.48 -18.17
C VAL J 402 -8.00 -94.40 -19.57
N LYS J 403 -8.89 -94.29 -20.57
CA LYS J 403 -8.54 -94.37 -21.99
C LYS J 403 -7.49 -93.34 -22.44
N LEU J 404 -7.70 -92.07 -22.10
CA LEU J 404 -6.73 -91.02 -22.47
C LEU J 404 -5.40 -91.16 -21.74
N ASP J 405 -5.38 -92.01 -20.72
CA ASP J 405 -4.17 -92.34 -20.01
C ASP J 405 -3.29 -91.11 -19.77
N ARG J 406 -2.14 -91.02 -20.43
CA ARG J 406 -1.19 -89.95 -20.12
C ARG J 406 -1.51 -88.60 -20.77
N ASN J 407 -2.53 -88.58 -21.62
CA ASN J 407 -2.98 -87.34 -22.24
C ASN J 407 -4.22 -86.73 -21.54
N PHE J 408 -4.55 -87.30 -20.39
CA PHE J 408 -5.70 -86.87 -19.59
C PHE J 408 -5.49 -85.47 -18.97
N ARG J 409 -6.57 -84.93 -18.42
CA ARG J 409 -6.53 -83.76 -17.52
C ARG J 409 -7.26 -84.07 -16.18
N HIS J 410 -6.99 -83.26 -15.16
CA HIS J 410 -7.54 -83.47 -13.81
C HIS J 410 -9.04 -83.09 -13.64
N GLY J 411 -9.75 -82.94 -14.77
CA GLY J 411 -11.17 -82.61 -14.75
C GLY J 411 -12.05 -83.78 -14.39
N MET J 412 -11.53 -85.00 -14.57
CA MET J 412 -12.31 -86.21 -14.30
C MET J 412 -12.35 -86.51 -12.81
N ASN J 413 -13.41 -87.22 -12.43
CA ASN J 413 -13.64 -87.59 -11.05
C ASN J 413 -12.63 -88.61 -10.56
N PRO J 414 -11.93 -88.30 -9.45
CA PRO J 414 -10.94 -89.21 -8.85
C PRO J 414 -11.44 -90.65 -8.67
N ASN J 415 -12.74 -90.85 -8.49
CA ASN J 415 -13.26 -92.18 -8.20
C ASN J 415 -13.49 -93.08 -9.43
N GLN J 416 -12.97 -92.66 -10.59
CA GLN J 416 -13.03 -93.46 -11.81
C GLN J 416 -11.60 -93.83 -12.18
N ILE J 417 -10.66 -93.26 -11.45
CA ILE J 417 -9.23 -93.31 -11.77
C ILE J 417 -8.48 -94.36 -10.92
N PRO J 418 -7.89 -95.40 -11.57
CA PRO J 418 -7.23 -96.47 -10.80
C PRO J 418 -6.23 -95.98 -9.74
N THR J 419 -5.37 -95.04 -10.09
CA THR J 419 -4.35 -94.59 -9.15
C THR J 419 -4.91 -93.83 -7.94
N GLN J 420 -6.14 -93.33 -8.05
CA GLN J 420 -6.72 -92.59 -6.94
C GLN J 420 -7.48 -93.52 -5.98
N ILE J 421 -8.15 -94.52 -6.55
CA ILE J 421 -8.78 -95.64 -5.83
C ILE J 421 -7.73 -96.44 -5.05
N ILE J 422 -6.67 -96.84 -5.75
CA ILE J 422 -5.53 -97.52 -5.16
C ILE J 422 -5.02 -96.76 -3.93
N MET J 423 -4.93 -95.44 -4.06
CA MET J 423 -4.49 -94.57 -2.99
C MET J 423 -5.38 -94.61 -1.74
N GLU J 424 -6.68 -94.36 -1.91
CA GLU J 424 -7.64 -94.25 -0.81
C GLU J 424 -7.65 -95.48 0.09
N LYS J 425 -7.62 -96.67 -0.51
CA LYS J 425 -7.59 -97.91 0.29
C LYS J 425 -6.28 -98.11 1.05
N ALA J 426 -5.15 -97.81 0.40
CA ALA J 426 -3.85 -97.93 1.03
C ALA J 426 -3.74 -97.02 2.27
N LEU J 427 -4.28 -95.79 2.16
CA LEU J 427 -4.37 -94.84 3.28
C LEU J 427 -5.13 -95.38 4.52
N GLU J 428 -6.13 -96.23 4.29
CA GLU J 428 -6.79 -96.96 5.39
C GLU J 428 -5.82 -97.84 6.17
N LYS J 429 -4.63 -98.10 5.62
CA LYS J 429 -3.61 -98.90 6.31
C LYS J 429 -2.41 -98.02 6.73
N GLY J 430 -2.60 -96.70 6.61
CA GLY J 430 -1.58 -95.73 7.03
C GLY J 430 -0.39 -95.66 6.10
N VAL J 431 -0.64 -95.93 4.82
CA VAL J 431 0.38 -95.85 3.77
C VAL J 431 -0.11 -94.89 2.67
N LEU J 432 0.78 -93.99 2.23
CA LEU J 432 0.54 -93.14 1.06
C LEU J 432 1.32 -93.76 -0.08
N ILE J 433 0.58 -94.23 -1.09
CA ILE J 433 1.16 -94.85 -2.29
C ILE J 433 0.14 -94.70 -3.43
N GLY J 434 0.61 -94.44 -4.64
CA GLY J 434 -0.28 -94.15 -5.77
C GLY J 434 0.53 -93.51 -6.88
N GLY J 435 -0.02 -92.52 -7.56
CA GLY J 435 0.78 -91.83 -8.59
C GLY J 435 0.27 -90.52 -9.15
N ALA J 436 0.94 -90.00 -10.17
CA ALA J 436 0.51 -88.80 -10.85
C ALA J 436 -0.48 -89.11 -11.98
N MET J 437 -0.12 -90.06 -12.83
CA MET J 437 -0.94 -90.48 -13.98
C MET J 437 -2.07 -91.44 -13.55
N PRO J 438 -3.15 -91.52 -14.35
CA PRO J 438 -4.33 -92.32 -13.98
C PRO J 438 -4.14 -93.82 -13.97
N ASN J 439 -3.32 -94.34 -14.88
CA ASN J 439 -3.13 -95.78 -15.02
C ASN J 439 -1.75 -96.24 -14.58
N THR J 440 -0.92 -95.32 -14.08
CA THR J 440 0.43 -95.69 -13.67
C THR J 440 0.86 -95.11 -12.36
N MET J 441 1.37 -96.00 -11.52
CA MET J 441 1.95 -95.59 -10.26
C MET J 441 3.41 -95.18 -10.38
N ARG J 442 3.80 -94.29 -9.49
CA ARG J 442 5.18 -93.92 -9.32
C ARG J 442 5.42 -94.13 -7.85
N ILE J 443 6.06 -95.24 -7.49
CA ILE J 443 6.35 -95.52 -6.09
C ILE J 443 7.79 -95.13 -5.80
N GLY J 444 7.97 -94.42 -4.69
CA GLY J 444 9.28 -94.12 -4.14
C GLY J 444 9.28 -93.95 -2.62
N ALA J 445 10.39 -94.32 -2.02
CA ALA J 445 10.65 -94.03 -0.62
C ALA J 445 12.07 -93.50 -0.56
N SER J 446 12.63 -93.43 0.64
CA SER J 446 13.99 -92.94 0.83
C SER J 446 14.97 -94.00 0.36
N LEU J 447 16.20 -93.61 0.07
CA LEU J 447 17.18 -94.59 -0.41
C LEU J 447 17.51 -95.61 0.68
N ASN J 448 17.36 -95.17 1.94
CA ASN J 448 17.55 -96.00 3.12
C ASN J 448 16.25 -96.48 3.76
N VAL J 449 15.18 -96.53 2.98
CA VAL J 449 13.94 -97.16 3.42
C VAL J 449 14.25 -98.57 3.92
N SER J 450 13.60 -98.99 4.99
CA SER J 450 13.85 -100.31 5.57
C SER J 450 13.09 -101.38 4.77
N ARG J 451 13.62 -102.59 4.71
CA ARG J 451 12.89 -103.70 4.09
C ARG J 451 11.50 -103.85 4.73
N GLY J 452 11.44 -103.56 6.03
CA GLY J 452 10.19 -103.55 6.80
C GLY J 452 9.17 -102.52 6.34
N ASP J 453 9.60 -101.29 6.09
CA ASP J 453 8.71 -100.29 5.49
C ASP J 453 8.29 -100.68 4.07
N ILE J 454 9.22 -101.28 3.32
CA ILE J 454 8.90 -101.83 2.00
C ILE J 454 7.79 -102.88 2.12
N ASP J 455 7.94 -103.82 3.06
CA ASP J 455 6.90 -104.84 3.31
C ASP J 455 5.52 -104.26 3.65
N LYS J 456 5.51 -103.27 4.55
CA LYS J 456 4.28 -102.66 5.08
C LYS J 456 3.57 -101.93 3.96
N ALA J 457 4.34 -101.16 3.18
CA ALA J 457 3.81 -100.49 2.01
C ALA J 457 3.26 -101.50 0.99
N MET J 458 3.95 -102.65 0.84
CA MET J 458 3.56 -103.70 -0.14
C MET J 458 2.26 -104.40 0.21
N ASP J 459 2.17 -104.89 1.44
CA ASP J 459 0.90 -105.43 1.95
C ASP J 459 -0.24 -104.39 1.82
N ALA J 460 0.10 -103.11 1.99
CA ALA J 460 -0.88 -102.03 1.74
C ALA J 460 -1.24 -101.93 0.25
N LEU J 461 -0.26 -102.13 -0.63
CA LEU J 461 -0.56 -102.24 -2.06
C LEU J 461 -1.36 -103.49 -2.39
N ASP J 462 -0.98 -104.61 -1.78
CA ASP J 462 -1.71 -105.89 -1.86
C ASP J 462 -3.21 -105.70 -1.55
N TYR J 463 -3.49 -105.14 -0.37
CA TYR J 463 -4.85 -104.85 0.11
C TYR J 463 -5.59 -103.91 -0.85
N ALA J 464 -4.89 -102.90 -1.35
CA ALA J 464 -5.45 -101.89 -2.27
C ALA J 464 -5.93 -102.50 -3.60
N LEU J 465 -5.14 -103.41 -4.17
CA LEU J 465 -5.47 -104.05 -5.45
C LEU J 465 -6.67 -105.00 -5.34
N ASP J 466 -6.78 -105.68 -4.20
CA ASP J 466 -7.93 -106.52 -3.89
C ASP J 466 -9.26 -105.81 -4.11
N TYR J 467 -9.37 -104.60 -3.56
CA TYR J 467 -10.52 -103.69 -3.79
C TYR J 467 -10.72 -103.36 -5.29
N LEU J 468 -9.63 -102.96 -5.94
CA LEU J 468 -9.68 -102.48 -7.32
C LEU J 468 -10.26 -103.53 -8.23
N GLU J 469 -9.82 -104.78 -8.05
CA GLU J 469 -10.24 -105.90 -8.89
C GLU J 469 -11.68 -106.36 -8.65
N SER J 470 -12.18 -106.15 -7.43
CA SER J 470 -13.57 -106.46 -7.08
C SER J 470 -14.58 -105.50 -7.72
N GLY J 471 -14.16 -104.27 -8.02
CA GLY J 471 -14.99 -103.31 -8.77
C GLY J 471 -16.16 -102.68 -8.03
N GLU J 472 -16.16 -102.76 -6.70
CA GLU J 472 -17.25 -102.21 -5.91
C GLU J 472 -17.34 -100.66 -6.04
N TRP J 473 -16.47 -100.06 -6.84
CA TRP J 473 -16.44 -98.61 -7.02
C TRP J 473 -17.22 -98.08 -8.25
N GLN J 474 -18.32 -98.74 -8.61
CA GLN J 474 -19.11 -98.36 -9.80
C GLN J 474 -20.61 -98.54 -9.59
N LYS K 7 -26.34 -59.35 -73.30
CA LYS K 7 -27.11 -59.02 -72.08
C LYS K 7 -26.85 -60.15 -71.10
N ILE K 8 -26.55 -59.75 -69.87
CA ILE K 8 -26.32 -60.69 -68.79
C ILE K 8 -27.46 -60.48 -67.80
N ASN K 9 -27.95 -61.60 -67.26
CA ASN K 9 -29.04 -61.58 -66.31
C ASN K 9 -28.51 -61.19 -64.92
N TRP K 10 -28.54 -59.89 -64.64
CA TRP K 10 -27.89 -59.32 -63.45
C TRP K 10 -28.60 -59.67 -62.15
N GLU K 11 -29.85 -60.11 -62.25
CA GLU K 11 -30.58 -60.67 -61.13
C GLU K 11 -29.95 -61.99 -60.71
N GLN K 12 -29.78 -62.85 -61.71
CA GLN K 12 -29.10 -64.13 -61.58
C GLN K 12 -27.69 -63.98 -61.03
N VAL K 13 -26.99 -62.92 -61.43
CA VAL K 13 -25.64 -62.65 -60.92
C VAL K 13 -25.72 -62.41 -59.44
N LYS K 14 -26.70 -61.59 -59.05
CA LYS K 14 -26.81 -61.15 -57.67
C LYS K 14 -27.11 -62.30 -56.71
N GLU K 15 -27.96 -63.22 -57.14
CA GLU K 15 -28.26 -64.45 -56.41
C GLU K 15 -26.99 -65.25 -56.17
N TRP K 16 -26.20 -65.41 -57.25
CA TRP K 16 -24.95 -66.15 -57.23
C TRP K 16 -23.96 -65.51 -56.27
N ASP K 17 -24.02 -64.19 -56.22
CA ASP K 17 -23.15 -63.41 -55.38
C ASP K 17 -23.58 -63.58 -53.93
N ARG K 18 -24.87 -63.42 -53.64
CA ARG K 18 -25.37 -63.61 -52.26
C ARG K 18 -25.06 -65.03 -51.80
N LYS K 19 -25.22 -66.01 -52.70
CA LYS K 19 -25.23 -67.42 -52.28
C LYS K 19 -23.85 -68.08 -52.20
N TYR K 20 -22.97 -67.73 -53.13
CA TYR K 20 -21.70 -68.43 -53.28
C TYR K 20 -20.46 -67.71 -52.79
N LEU K 21 -20.47 -66.38 -52.76
CA LEU K 21 -19.29 -65.64 -52.31
C LEU K 21 -19.23 -65.38 -50.79
N MET K 22 -18.03 -65.47 -50.19
CA MET K 22 -17.87 -65.13 -48.77
C MET K 22 -17.92 -63.64 -48.55
N ARG K 23 -18.46 -63.23 -47.43
CA ARG K 23 -18.64 -61.81 -47.21
C ARG K 23 -17.39 -61.24 -46.57
N THR K 24 -17.04 -60.01 -46.92
CA THR K 24 -16.09 -59.25 -46.12
C THR K 24 -16.79 -57.99 -45.69
N PHE K 25 -16.51 -57.57 -44.44
CA PHE K 25 -17.07 -56.36 -43.86
C PHE K 25 -18.58 -56.34 -43.65
N SER K 26 -19.32 -57.26 -44.27
CA SER K 26 -20.78 -57.35 -44.09
C SER K 26 -21.22 -58.73 -43.61
N THR K 27 -22.29 -58.83 -42.82
CA THR K 27 -22.84 -60.15 -42.55
C THR K 27 -23.64 -60.52 -43.79
N GLN K 28 -23.94 -61.81 -43.97
CA GLN K 28 -24.83 -62.28 -45.03
C GLN K 28 -26.18 -61.60 -44.89
N ASN K 29 -26.63 -61.47 -43.65
CA ASN K 29 -27.96 -60.98 -43.33
C ASN K 29 -28.18 -59.51 -43.74
N GLU K 30 -27.12 -58.69 -43.66
CA GLU K 30 -27.24 -57.23 -43.94
C GLU K 30 -26.95 -56.84 -45.38
N TYR K 31 -26.12 -57.65 -46.03
CA TYR K 31 -25.51 -57.35 -47.32
C TYR K 31 -26.48 -57.31 -48.47
N GLN K 32 -26.32 -56.28 -49.29
CA GLN K 32 -27.00 -56.16 -50.57
C GLN K 32 -25.92 -56.07 -51.64
N PRO K 33 -26.04 -56.90 -52.69
CA PRO K 33 -25.03 -56.92 -53.74
C PRO K 33 -24.97 -55.57 -54.44
N VAL K 34 -23.77 -55.08 -54.75
CA VAL K 34 -23.59 -53.81 -55.48
C VAL K 34 -22.90 -53.98 -56.85
N PRO K 35 -23.70 -54.14 -57.93
CA PRO K 35 -23.12 -54.57 -59.19
C PRO K 35 -22.45 -53.45 -59.97
N ILE K 36 -21.33 -53.75 -60.60
CA ILE K 36 -20.70 -52.84 -61.53
C ILE K 36 -20.46 -53.58 -62.84
N GLU K 37 -21.13 -53.08 -63.88
CA GLU K 37 -21.17 -53.72 -65.17
C GLU K 37 -19.92 -53.35 -65.96
N SER K 38 -19.50 -52.11 -65.81
CA SER K 38 -18.30 -51.62 -66.51
C SER K 38 -17.75 -50.34 -65.90
N THR K 39 -16.53 -50.00 -66.33
CA THR K 39 -15.80 -48.82 -65.86
C THR K 39 -15.23 -48.04 -67.07
N GLU K 40 -15.11 -46.73 -66.90
CA GLU K 40 -14.43 -45.85 -67.85
C GLU K 40 -13.97 -44.60 -67.09
N GLY K 41 -12.69 -44.26 -67.22
CA GLY K 41 -12.13 -43.06 -66.58
C GLY K 41 -12.20 -43.03 -65.05
N ASP K 42 -13.01 -42.11 -64.51
CA ASP K 42 -13.17 -41.98 -63.06
C ASP K 42 -14.59 -42.40 -62.63
N TYR K 43 -15.25 -43.13 -63.53
CA TYR K 43 -16.64 -43.58 -63.32
C TYR K 43 -16.82 -45.10 -63.24
N LEU K 44 -17.87 -45.51 -62.53
CA LEU K 44 -18.34 -46.88 -62.58
C LEU K 44 -19.75 -46.84 -63.15
N ILE K 45 -20.17 -47.92 -63.79
CA ILE K 45 -21.45 -47.95 -64.48
C ILE K 45 -22.21 -49.15 -63.95
N THR K 46 -23.37 -48.89 -63.37
CA THR K 46 -24.24 -49.97 -62.90
C THR K 46 -24.85 -50.67 -64.13
N PRO K 47 -25.34 -51.91 -63.95
CA PRO K 47 -25.94 -52.64 -65.06
C PRO K 47 -27.06 -51.88 -65.74
N GLY K 48 -27.81 -51.09 -64.98
CA GLY K 48 -28.92 -50.30 -65.50
C GLY K 48 -28.45 -49.04 -66.19
N GLY K 49 -27.23 -48.62 -65.87
CA GLY K 49 -26.63 -47.47 -66.53
C GLY K 49 -26.32 -46.29 -65.65
N THR K 50 -26.58 -46.41 -64.33
CA THR K 50 -26.26 -45.30 -63.41
C THR K 50 -24.76 -45.10 -63.33
N ARG K 51 -24.32 -43.86 -63.53
CA ARG K 51 -22.91 -43.51 -63.42
C ARG K 51 -22.61 -43.08 -62.00
N LEU K 52 -21.45 -43.49 -61.50
CA LEU K 52 -20.94 -43.06 -60.21
C LEU K 52 -19.54 -42.52 -60.41
N LEU K 53 -19.32 -41.29 -59.96
CA LEU K 53 -17.99 -40.71 -59.94
C LEU K 53 -17.23 -41.36 -58.80
N ASP K 54 -16.16 -42.09 -59.10
CA ASP K 54 -15.44 -42.79 -58.02
C ASP K 54 -14.24 -42.05 -57.47
N PHE K 55 -14.49 -41.24 -56.47
CA PHE K 55 -13.43 -40.62 -55.69
C PHE K 55 -12.89 -41.48 -54.53
N PHE K 56 -13.07 -42.80 -54.58
CA PHE K 56 -12.22 -43.72 -53.81
C PHE K 56 -11.03 -44.14 -54.65
N ASN K 57 -11.16 -43.92 -55.97
CA ASN K 57 -10.33 -44.56 -56.98
C ASN K 57 -10.23 -46.05 -56.66
N GLN K 58 -11.40 -46.68 -56.51
CA GLN K 58 -11.53 -48.00 -55.89
C GLN K 58 -10.88 -48.07 -54.49
N LEU K 59 -9.56 -48.27 -54.44
CA LEU K 59 -8.78 -48.23 -53.18
C LEU K 59 -7.44 -47.52 -53.40
N CYS K 60 -7.49 -46.35 -54.03
CA CYS K 60 -6.31 -45.57 -54.42
C CYS K 60 -5.33 -46.37 -55.28
N CYS K 61 -5.89 -47.14 -56.20
CA CYS K 61 -5.09 -48.07 -56.97
C CYS K 61 -5.35 -48.04 -58.47
N VAL K 62 -6.21 -47.15 -58.94
CA VAL K 62 -6.43 -47.06 -60.39
C VAL K 62 -5.87 -45.75 -60.94
N ASN K 63 -4.61 -45.49 -60.59
CA ASN K 63 -3.91 -44.24 -60.87
C ASN K 63 -4.08 -43.72 -62.32
N LEU K 64 -3.91 -44.63 -63.28
CA LEU K 64 -3.94 -44.27 -64.69
C LEU K 64 -5.34 -43.98 -65.22
N GLY K 65 -6.38 -44.30 -64.45
CA GLY K 65 -7.75 -44.15 -64.93
C GLY K 65 -8.37 -45.51 -65.14
N GLN K 66 -9.70 -45.58 -65.07
CA GLN K 66 -10.37 -46.84 -65.30
C GLN K 66 -10.29 -47.17 -66.78
N LYS K 67 -9.97 -48.44 -67.08
CA LYS K 67 -9.98 -48.99 -68.43
C LYS K 67 -9.24 -48.14 -69.47
N ASN K 68 -7.93 -48.03 -69.31
CA ASN K 68 -7.10 -47.28 -70.24
C ASN K 68 -6.93 -48.01 -71.59
N GLN K 69 -7.05 -47.26 -72.69
CA GLN K 69 -7.05 -47.80 -74.05
C GLN K 69 -5.72 -48.41 -74.49
N LYS K 70 -4.65 -47.66 -74.31
CA LYS K 70 -3.29 -48.15 -74.55
C LYS K 70 -2.94 -49.37 -73.70
N VAL K 71 -3.30 -49.33 -72.42
CA VAL K 71 -3.03 -50.43 -71.49
C VAL K 71 -3.65 -51.74 -71.97
N ASN K 72 -4.93 -51.70 -72.35
CA ASN K 72 -5.65 -52.90 -72.77
C ASN K 72 -5.15 -53.48 -74.09
N ALA K 73 -4.94 -52.62 -75.08
CA ALA K 73 -4.38 -53.07 -76.37
C ALA K 73 -2.99 -53.67 -76.18
N ALA K 74 -2.24 -53.19 -75.19
CA ALA K 74 -0.93 -53.75 -74.84
C ALA K 74 -1.10 -55.13 -74.24
N ILE K 75 -2.15 -55.31 -73.44
CA ILE K 75 -2.44 -56.60 -72.85
C ILE K 75 -2.84 -57.54 -73.97
N LYS K 76 -3.59 -57.02 -74.93
CA LYS K 76 -3.96 -57.80 -76.12
C LYS K 76 -2.75 -58.32 -76.91
N GLU K 77 -1.73 -57.49 -77.09
CA GLU K 77 -0.51 -57.91 -77.80
C GLU K 77 0.14 -59.11 -77.11
N ALA K 78 0.10 -59.12 -75.79
CA ALA K 78 0.71 -60.20 -75.00
C ALA K 78 0.05 -61.56 -75.21
N LEU K 79 -1.28 -61.58 -75.31
CA LEU K 79 -2.03 -62.84 -75.37
C LEU K 79 -1.85 -63.65 -76.69
N ASP K 80 -1.26 -63.03 -77.70
CA ASP K 80 -0.82 -63.74 -78.92
C ASP K 80 0.43 -64.57 -78.63
N ARG K 81 1.17 -64.20 -77.58
CA ARG K 81 2.40 -64.89 -77.17
C ARG K 81 2.26 -65.71 -75.89
N TYR K 82 1.33 -65.30 -75.03
CA TYR K 82 1.16 -65.90 -73.72
C TYR K 82 -0.32 -66.10 -73.32
N GLY K 83 -0.65 -67.16 -72.59
CA GLY K 83 0.31 -68.19 -72.17
C GLY K 83 0.90 -67.84 -70.83
N PHE K 84 1.86 -68.65 -70.38
CA PHE K 84 2.51 -68.46 -69.09
C PHE K 84 3.88 -69.11 -68.97
N VAL K 85 4.85 -68.33 -68.50
CA VAL K 85 6.14 -68.85 -68.07
C VAL K 85 6.46 -68.27 -66.71
N TRP K 86 7.08 -69.06 -65.84
CA TRP K 86 7.39 -68.51 -64.51
C TRP K 86 8.77 -67.87 -64.50
N ASP K 87 9.08 -67.28 -63.36
CA ASP K 87 10.30 -66.54 -63.05
C ASP K 87 11.62 -67.08 -63.57
N THR K 88 11.78 -68.39 -63.62
CA THR K 88 12.97 -69.04 -64.24
C THR K 88 13.19 -68.62 -65.72
N TYR K 89 12.16 -68.12 -66.36
CA TYR K 89 12.31 -67.74 -67.76
C TYR K 89 12.26 -66.22 -67.95
N ALA K 90 13.08 -65.72 -68.87
CA ALA K 90 13.17 -64.28 -69.09
C ALA K 90 12.25 -63.89 -70.23
N THR K 91 11.52 -62.80 -70.06
CA THR K 91 10.72 -62.26 -71.17
C THR K 91 11.11 -60.82 -71.47
N ASP K 92 10.77 -60.35 -72.66
CA ASP K 92 10.93 -58.93 -73.00
C ASP K 92 10.17 -58.08 -71.98
N TYR K 93 8.97 -58.53 -71.64
CA TYR K 93 8.05 -57.73 -70.86
C TYR K 93 8.50 -57.58 -69.41
N LYS K 94 8.95 -58.69 -68.80
CA LYS K 94 9.46 -58.70 -67.43
C LYS K 94 10.75 -57.91 -67.32
N ALA K 95 11.71 -58.20 -68.18
CA ALA K 95 12.95 -57.46 -68.11
C ALA K 95 12.81 -55.97 -68.46
N LYS K 96 11.87 -55.62 -69.35
CA LYS K 96 11.56 -54.21 -69.63
C LYS K 96 10.95 -53.50 -68.43
N ALA K 97 9.99 -54.17 -67.78
CA ALA K 97 9.33 -53.65 -66.56
C ALA K 97 10.35 -53.28 -65.49
N ALA K 98 11.31 -54.16 -65.23
CA ALA K 98 12.37 -53.85 -64.29
C ALA K 98 13.18 -52.62 -64.70
N LYS K 99 13.39 -52.44 -66.00
CA LYS K 99 14.24 -51.37 -66.54
C LYS K 99 13.57 -49.99 -66.40
N ILE K 100 12.30 -49.90 -66.81
CA ILE K 100 11.53 -48.67 -66.65
C ILE K 100 11.56 -48.20 -65.19
N ILE K 101 11.52 -49.15 -64.25
CA ILE K 101 11.53 -48.82 -62.81
C ILE K 101 12.92 -48.30 -62.36
N ILE K 102 13.95 -49.13 -62.50
CA ILE K 102 15.31 -48.81 -62.04
C ILE K 102 16.04 -47.71 -62.84
N GLU K 103 16.13 -47.88 -64.17
CA GLU K 103 16.89 -46.94 -65.01
C GLU K 103 16.04 -45.75 -65.44
N ASP K 104 14.75 -45.96 -65.66
CA ASP K 104 13.95 -44.89 -66.23
C ASP K 104 13.26 -44.03 -65.17
N ILE K 105 12.62 -44.67 -64.20
CA ILE K 105 11.93 -43.89 -63.18
C ILE K 105 12.89 -43.39 -62.09
N LEU K 106 13.55 -44.31 -61.39
CA LEU K 106 14.55 -43.96 -60.38
C LEU K 106 15.91 -43.64 -61.00
N GLY K 107 15.89 -43.28 -62.28
CA GLY K 107 17.09 -43.05 -63.06
C GLY K 107 17.98 -41.92 -62.58
N ASP K 108 17.40 -40.97 -61.85
CA ASP K 108 18.14 -39.83 -61.34
C ASP K 108 18.81 -40.09 -59.98
N GLU K 109 18.26 -41.05 -59.23
CA GLU K 109 18.86 -41.49 -57.95
C GLU K 109 19.83 -42.64 -58.21
N ASP K 110 20.80 -42.82 -57.31
CA ASP K 110 21.83 -43.83 -57.55
C ASP K 110 21.90 -44.94 -56.52
N TRP K 111 20.84 -45.06 -55.72
CA TRP K 111 20.73 -46.13 -54.71
C TRP K 111 20.20 -47.48 -55.25
N PRO K 112 19.22 -47.45 -56.17
CA PRO K 112 18.46 -48.67 -56.47
C PRO K 112 19.22 -49.68 -57.33
N GLY K 113 18.97 -50.96 -57.08
CA GLY K 113 19.69 -52.03 -57.78
C GLY K 113 18.80 -52.93 -58.59
N LYS K 114 18.10 -53.84 -57.91
CA LYS K 114 17.26 -54.82 -58.58
C LYS K 114 15.79 -54.76 -58.14
N VAL K 115 14.93 -55.31 -58.97
CA VAL K 115 13.51 -55.37 -58.72
C VAL K 115 13.09 -56.84 -58.68
N ARG K 116 12.17 -57.17 -57.76
CA ARG K 116 11.48 -58.45 -57.79
C ARG K 116 9.99 -58.19 -57.97
N PHE K 117 9.39 -58.91 -58.91
CA PHE K 117 7.96 -58.83 -59.20
C PHE K 117 7.15 -59.96 -58.57
N VAL K 118 6.05 -59.59 -57.93
CA VAL K 118 5.12 -60.53 -57.31
C VAL K 118 3.72 -60.11 -57.72
N SER K 119 2.69 -60.64 -57.10
CA SER K 119 1.35 -60.35 -57.62
C SER K 119 0.56 -59.28 -56.87
N THR K 120 0.92 -58.99 -55.63
CA THR K 120 0.15 -58.06 -54.82
C THR K 120 1.04 -57.25 -53.90
N GLY K 121 0.49 -56.14 -53.42
CA GLY K 121 1.16 -55.29 -52.42
C GLY K 121 1.55 -56.02 -51.17
N SER K 122 0.73 -57.00 -50.78
CA SER K 122 1.03 -57.84 -49.63
C SER K 122 2.26 -58.67 -49.91
N GLU K 123 2.31 -59.31 -51.07
CA GLU K 123 3.41 -60.21 -51.44
C GLU K 123 4.72 -59.43 -51.50
N ALA K 124 4.63 -58.20 -51.99
CA ALA K 124 5.76 -57.28 -52.02
C ALA K 124 6.31 -56.97 -50.62
N VAL K 125 5.40 -56.66 -49.68
CA VAL K 125 5.79 -56.40 -48.29
C VAL K 125 6.43 -57.66 -47.68
N GLU K 126 5.75 -58.81 -47.78
CA GLU K 126 6.34 -60.12 -47.48
C GLU K 126 7.75 -60.28 -48.05
N THR K 127 7.92 -60.11 -49.37
CA THR K 127 9.24 -60.16 -50.00
C THR K 127 10.22 -59.15 -49.33
N ALA K 128 9.78 -57.92 -49.05
CA ALA K 128 10.67 -56.93 -48.41
C ALA K 128 11.08 -57.34 -47.00
N LEU K 129 10.10 -57.81 -46.22
CA LEU K 129 10.39 -58.32 -44.87
C LEU K 129 11.45 -59.41 -44.92
N ASN K 130 11.31 -60.32 -45.87
CA ASN K 130 12.23 -61.43 -46.05
C ASN K 130 13.65 -60.96 -46.32
N ILE K 131 13.78 -60.01 -47.23
CA ILE K 131 15.09 -59.55 -47.69
C ILE K 131 15.82 -58.75 -46.59
N ALA K 132 15.11 -57.80 -45.99
CA ALA K 132 15.63 -56.95 -44.91
C ALA K 132 16.23 -57.81 -43.78
N ARG K 133 15.49 -58.87 -43.41
CA ARG K 133 15.95 -59.79 -42.36
C ARG K 133 17.20 -60.59 -42.81
N LEU K 134 17.17 -61.09 -44.05
CA LEU K 134 18.31 -61.87 -44.56
C LEU K 134 19.55 -61.02 -44.75
N TYR K 135 19.38 -59.81 -45.29
CA TYR K 135 20.49 -58.89 -45.48
C TYR K 135 21.20 -58.48 -44.18
N THR K 136 20.45 -58.04 -43.17
CA THR K 136 21.03 -57.63 -41.86
C THR K 136 21.30 -58.83 -40.95
N ASN K 137 20.65 -59.95 -41.27
CA ASN K 137 20.68 -61.14 -40.43
C ASN K 137 20.12 -60.81 -39.05
N ARG K 138 19.02 -60.06 -39.02
CA ARG K 138 18.40 -59.77 -37.76
C ARG K 138 16.92 -60.09 -37.81
N PRO K 139 16.35 -60.53 -36.67
CA PRO K 139 14.94 -60.87 -36.56
C PRO K 139 13.94 -59.71 -36.57
N LEU K 140 14.25 -58.56 -35.95
CA LEU K 140 13.16 -57.64 -35.54
C LEU K 140 12.91 -56.57 -36.59
N VAL K 141 11.63 -56.22 -36.75
CA VAL K 141 11.21 -55.14 -37.63
C VAL K 141 10.33 -54.20 -36.80
N VAL K 142 10.63 -52.90 -36.88
CA VAL K 142 9.79 -51.86 -36.28
C VAL K 142 8.71 -51.36 -37.24
N THR K 143 7.46 -51.37 -36.77
CA THR K 143 6.33 -50.79 -37.52
C THR K 143 5.79 -49.62 -36.70
N ARG K 144 4.71 -49.01 -37.19
CA ARG K 144 4.02 -47.95 -36.43
C ARG K 144 2.57 -48.26 -36.12
N GLU K 145 2.14 -47.82 -34.95
CA GLU K 145 0.74 -47.55 -34.66
C GLU K 145 -0.05 -47.11 -35.92
N HIS K 146 -1.14 -47.82 -36.20
CA HIS K 146 -2.03 -47.58 -37.37
C HIS K 146 -1.47 -47.83 -38.77
N ASP K 147 -0.25 -48.36 -38.86
CA ASP K 147 0.25 -48.77 -40.17
C ASP K 147 -0.61 -49.89 -40.73
N TYR K 148 -0.83 -49.88 -42.04
CA TYR K 148 -1.35 -51.04 -42.76
C TYR K 148 -0.33 -51.42 -43.85
N HIS K 149 0.19 -52.64 -43.78
CA HIS K 149 1.17 -53.08 -44.77
C HIS K 149 0.76 -54.32 -45.50
N GLY K 150 -0.49 -54.71 -45.36
CA GLY K 150 -1.02 -55.88 -46.05
C GLY K 150 -1.75 -56.81 -45.12
N TRP K 151 -2.32 -57.89 -45.68
CA TRP K 151 -3.13 -58.85 -44.92
C TRP K 151 -2.47 -60.24 -44.74
N THR K 152 -1.44 -60.58 -45.51
CA THR K 152 -0.86 -61.91 -45.42
C THR K 152 -0.03 -62.03 -44.16
N GLY K 153 0.06 -63.25 -43.64
CA GLY K 153 1.07 -63.68 -42.70
C GLY K 153 2.03 -62.67 -42.11
N GLY K 154 3.14 -62.41 -42.80
CA GLY K 154 4.16 -61.51 -42.28
C GLY K 154 3.78 -60.04 -42.38
N ALA K 155 3.25 -59.64 -43.56
CA ALA K 155 2.74 -58.28 -43.75
C ALA K 155 1.71 -57.88 -42.69
N ALA K 156 0.89 -58.84 -42.26
CA ALA K 156 -0.09 -58.57 -41.25
C ALA K 156 0.57 -58.30 -39.89
N THR K 157 1.72 -58.94 -39.63
CA THR K 157 2.40 -58.74 -38.35
C THR K 157 2.92 -57.29 -38.24
N VAL K 158 3.12 -56.61 -39.37
CA VAL K 158 3.45 -55.18 -39.29
C VAL K 158 2.25 -54.24 -39.51
N THR K 159 1.04 -54.80 -39.56
CA THR K 159 -0.19 -54.01 -39.57
C THR K 159 -0.74 -53.85 -38.16
N ARG K 160 -0.97 -52.60 -37.76
CA ARG K 160 -1.40 -52.25 -36.40
C ARG K 160 -2.70 -51.46 -36.44
N LEU K 161 -3.65 -51.97 -37.21
CA LEU K 161 -5.02 -51.53 -37.16
C LEU K 161 -5.87 -52.77 -36.85
N ARG K 162 -6.42 -52.80 -35.65
CA ARG K 162 -7.22 -53.93 -35.20
C ARG K 162 -8.53 -54.06 -36.00
N SER K 163 -8.81 -53.12 -36.90
CA SER K 163 -10.05 -53.18 -37.66
C SER K 163 -9.85 -53.82 -39.05
N PHE K 164 -8.62 -54.19 -39.36
CA PHE K 164 -8.25 -54.66 -40.67
C PHE K 164 -7.19 -55.74 -40.52
N ARG K 165 -7.35 -56.58 -39.50
CA ARG K 165 -6.42 -57.68 -39.28
C ARG K 165 -7.06 -59.04 -39.60
N SER K 166 -8.08 -59.02 -40.46
CA SER K 166 -8.79 -60.23 -40.89
C SER K 166 -9.58 -60.97 -39.77
N GLY K 167 -9.88 -60.28 -38.66
CA GLY K 167 -10.63 -60.90 -37.55
C GLY K 167 -12.13 -60.75 -37.76
N LEU K 168 -12.93 -61.09 -36.76
CA LEU K 168 -14.40 -61.00 -36.88
C LEU K 168 -15.10 -60.09 -35.86
N VAL K 169 -16.08 -59.29 -36.33
CA VAL K 169 -16.96 -58.51 -35.44
C VAL K 169 -18.43 -58.85 -35.65
N GLY K 170 -19.29 -58.36 -34.78
CA GLY K 170 -20.72 -58.61 -34.83
C GLY K 170 -21.46 -57.56 -35.65
N GLU K 171 -22.77 -57.75 -35.78
CA GLU K 171 -23.64 -56.86 -36.54
C GLU K 171 -24.31 -55.86 -35.60
N ASN K 172 -23.73 -54.66 -35.54
CA ASN K 172 -24.24 -53.56 -34.70
C ASN K 172 -24.31 -53.98 -33.24
N SER K 173 -23.18 -54.50 -32.78
CA SER K 173 -23.09 -55.14 -31.47
C SER K 173 -21.61 -55.35 -31.15
N GLU K 174 -21.34 -55.46 -29.86
CA GLU K 174 -19.98 -55.55 -29.35
C GLU K 174 -19.66 -56.94 -28.78
N SER K 175 -20.58 -57.89 -28.97
CA SER K 175 -20.52 -59.23 -28.37
C SER K 175 -19.62 -60.26 -29.07
N PHE K 176 -19.71 -60.35 -30.40
CA PHE K 176 -19.20 -61.55 -31.10
C PHE K 176 -17.90 -61.30 -31.86
N SER K 177 -16.97 -60.64 -31.15
CA SER K 177 -15.71 -60.29 -31.76
C SER K 177 -14.62 -61.30 -31.43
N ALA K 178 -13.65 -61.43 -32.33
CA ALA K 178 -12.51 -62.35 -32.18
C ALA K 178 -11.43 -61.90 -33.16
N GLN K 179 -10.16 -62.06 -32.79
CA GLN K 179 -9.06 -61.82 -33.72
C GLN K 179 -8.57 -63.22 -34.09
N ILE K 180 -7.77 -63.37 -35.13
CA ILE K 180 -7.29 -64.72 -35.49
C ILE K 180 -6.43 -65.35 -34.34
N PRO K 181 -6.87 -66.49 -33.77
CA PRO K 181 -6.06 -67.14 -32.74
C PRO K 181 -4.60 -67.31 -33.14
N GLY K 182 -3.71 -66.82 -32.27
CA GLY K 182 -2.25 -67.03 -32.35
C GLY K 182 -1.39 -65.92 -32.91
N SER K 183 -2.00 -64.86 -33.43
CA SER K 183 -1.31 -63.84 -34.22
C SER K 183 -1.02 -62.58 -33.44
N SER K 187 6.27 -61.24 -31.13
CA SER K 187 6.39 -62.16 -32.26
C SER K 187 7.20 -61.57 -33.45
N ALA K 188 8.29 -60.86 -33.11
CA ALA K 188 9.32 -60.42 -34.09
C ALA K 188 9.08 -59.04 -34.69
N VAL K 189 8.01 -58.39 -34.25
CA VAL K 189 7.68 -57.02 -34.64
C VAL K 189 7.52 -56.14 -33.38
N LEU K 190 8.10 -54.94 -33.43
CA LEU K 190 7.89 -53.89 -32.42
C LEU K 190 7.08 -52.75 -33.02
N MET K 191 6.02 -52.32 -32.35
CA MET K 191 5.29 -51.14 -32.82
C MET K 191 5.82 -49.83 -32.22
N ALA K 192 6.30 -48.92 -33.07
CA ALA K 192 6.70 -47.57 -32.58
C ALA K 192 5.54 -46.56 -32.61
N PRO K 193 5.72 -45.42 -31.92
CA PRO K 193 4.63 -44.45 -31.97
C PRO K 193 4.41 -43.91 -33.38
N SER K 194 3.15 -43.66 -33.73
CA SER K 194 2.81 -43.04 -35.01
C SER K 194 3.43 -41.66 -35.12
N SER K 195 3.81 -41.27 -36.34
CA SER K 195 4.27 -39.91 -36.63
C SER K 195 3.33 -38.86 -36.02
N ASN K 196 2.06 -39.23 -35.95
CA ASN K 196 1.01 -38.39 -35.43
C ASN K 196 0.76 -38.54 -33.93
N THR K 197 1.72 -39.12 -33.22
CA THR K 197 1.59 -39.17 -31.77
C THR K 197 2.30 -37.95 -31.13
N PHE K 198 2.01 -37.67 -29.86
CA PHE K 198 2.67 -36.60 -29.07
C PHE K 198 2.46 -35.18 -29.61
N GLN K 199 1.23 -34.69 -29.43
CA GLN K 199 0.89 -33.28 -29.61
C GLN K 199 0.40 -32.69 -28.29
N ASN K 204 0.00 -29.35 -33.04
CA ASN K 204 1.19 -29.02 -32.27
C ASN K 204 2.03 -30.23 -31.87
N TYR K 205 2.98 -30.62 -32.73
CA TYR K 205 3.82 -31.82 -32.53
C TYR K 205 5.07 -31.55 -31.71
N LEU K 206 5.23 -32.34 -30.65
CA LEU K 206 6.34 -32.21 -29.72
C LEU K 206 7.70 -32.55 -30.32
N LYS K 207 8.71 -31.79 -29.93
CA LYS K 207 10.07 -31.97 -30.41
C LYS K 207 11.07 -32.11 -29.27
N ASP K 208 12.28 -32.53 -29.62
CA ASP K 208 13.41 -32.62 -28.72
C ASP K 208 14.06 -31.24 -28.52
N GLU K 209 13.39 -30.20 -29.01
CA GLU K 209 13.96 -28.85 -29.14
C GLU K 209 15.39 -28.86 -29.68
N ASN K 210 15.78 -30.04 -30.16
CA ASN K 210 17.03 -30.31 -30.82
C ASN K 210 16.64 -30.71 -32.24
N GLY K 211 15.49 -30.21 -32.68
CA GLY K 211 14.88 -30.64 -33.91
C GLY K 211 14.00 -31.87 -33.76
N GLU K 212 14.50 -32.90 -33.06
CA GLU K 212 13.93 -34.27 -33.09
C GLU K 212 12.57 -34.47 -32.41
N LEU K 213 11.61 -34.95 -33.20
CA LEU K 213 10.24 -35.20 -32.74
C LEU K 213 10.19 -36.34 -31.74
N LEU K 214 9.21 -36.29 -30.85
CA LEU K 214 9.19 -37.24 -29.76
C LEU K 214 8.86 -38.65 -30.27
N SER K 215 8.00 -38.74 -31.29
CA SER K 215 7.71 -40.02 -31.92
C SER K 215 8.99 -40.69 -32.44
N VAL K 216 9.90 -39.89 -33.01
CA VAL K 216 11.15 -40.38 -33.59
C VAL K 216 12.16 -40.77 -32.51
N LYS K 217 12.32 -39.87 -31.56
CA LYS K 217 13.26 -40.04 -30.48
C LYS K 217 12.89 -41.29 -29.69
N TYR K 218 11.60 -41.51 -29.45
CA TYR K 218 11.16 -42.69 -28.73
C TYR K 218 11.30 -43.95 -29.57
N THR K 219 11.08 -43.84 -30.88
CA THR K 219 11.36 -44.93 -31.77
C THR K 219 12.82 -45.34 -31.61
N ARG K 220 13.70 -44.35 -31.43
CA ARG K 220 15.14 -44.60 -31.23
C ARG K 220 15.36 -45.37 -29.93
N ARG K 221 14.75 -44.88 -28.86
CA ARG K 221 14.81 -45.54 -27.57
C ARG K 221 14.33 -46.99 -27.60
N MET K 222 13.36 -47.30 -28.45
CA MET K 222 12.86 -48.67 -28.56
C MET K 222 13.91 -49.59 -29.16
N ILE K 223 14.49 -49.14 -30.25
CA ILE K 223 15.49 -49.90 -30.97
C ILE K 223 16.74 -50.11 -30.12
N GLU K 224 17.17 -49.08 -29.41
CA GLU K 224 18.32 -49.16 -28.52
C GLU K 224 18.06 -50.04 -27.28
N ASN K 225 16.79 -50.11 -26.86
CA ASN K 225 16.43 -50.92 -25.70
C ASN K 225 16.53 -52.38 -26.07
N TYR K 226 16.10 -52.72 -27.28
CA TYR K 226 16.30 -54.09 -27.78
C TYR K 226 17.76 -54.34 -28.17
N GLY K 227 18.42 -53.30 -28.68
CA GLY K 227 19.77 -53.39 -29.18
C GLY K 227 19.66 -53.31 -30.70
N PRO K 228 20.31 -52.31 -31.31
CA PRO K 228 20.34 -52.20 -32.78
C PRO K 228 20.70 -53.51 -33.49
N GLU K 229 21.50 -54.35 -32.83
CA GLU K 229 21.95 -55.61 -33.47
C GLU K 229 20.83 -56.64 -33.61
N GLN K 230 19.74 -56.38 -32.91
CA GLN K 230 18.53 -57.15 -33.08
C GLN K 230 17.55 -56.64 -34.16
N VAL K 231 17.77 -55.41 -34.67
CA VAL K 231 16.75 -54.72 -35.48
C VAL K 231 17.13 -54.61 -36.95
N ALA K 232 16.34 -55.27 -37.79
CA ALA K 232 16.65 -55.31 -39.22
C ALA K 232 16.23 -54.04 -39.92
N ALA K 233 15.01 -53.56 -39.64
CA ALA K 233 14.47 -52.43 -40.41
C ALA K 233 13.27 -51.79 -39.72
N VAL K 234 13.03 -50.53 -40.11
CA VAL K 234 11.78 -49.81 -39.87
C VAL K 234 11.00 -49.75 -41.19
N ILE K 235 9.72 -50.12 -41.15
CA ILE K 235 8.87 -50.02 -42.33
C ILE K 235 7.83 -48.95 -42.05
N THR K 236 7.61 -48.08 -43.00
CA THR K 236 6.64 -47.01 -42.85
C THR K 236 5.76 -46.86 -44.10
N GLU K 237 4.59 -46.27 -43.90
CA GLU K 237 3.91 -45.58 -44.98
C GLU K 237 4.30 -44.12 -44.79
N VAL K 238 4.87 -43.50 -45.83
CA VAL K 238 5.20 -42.07 -45.79
C VAL K 238 3.98 -41.25 -45.38
N SER K 239 2.84 -41.65 -45.91
CA SER K 239 1.53 -41.15 -45.49
C SER K 239 0.64 -42.40 -45.26
N GLN K 240 0.03 -42.50 -44.08
CA GLN K 240 -0.75 -43.69 -43.75
C GLN K 240 -1.98 -43.76 -44.64
N GLY K 241 -2.06 -44.84 -45.41
CA GLY K 241 -3.13 -45.05 -46.38
C GLY K 241 -4.46 -45.37 -45.74
N VAL K 242 -4.59 -46.63 -45.29
CA VAL K 242 -5.81 -47.09 -44.61
C VAL K 242 -6.07 -46.28 -43.34
N GLY K 243 -5.06 -46.21 -42.48
CA GLY K 243 -5.11 -45.40 -41.22
C GLY K 243 -5.41 -43.91 -41.48
N SER K 244 -5.17 -43.46 -42.72
CA SER K 244 -5.49 -42.10 -43.18
C SER K 244 -4.80 -40.96 -42.39
N THR K 245 -3.47 -40.88 -42.44
CA THR K 245 -2.76 -39.70 -41.88
C THR K 245 -1.79 -39.02 -42.84
N MET K 246 -1.49 -37.75 -42.56
CA MET K 246 -0.33 -37.11 -43.13
C MET K 246 0.65 -36.90 -41.98
N PRO K 247 1.96 -37.10 -42.24
CA PRO K 247 2.98 -36.95 -41.20
C PRO K 247 3.35 -35.49 -41.00
N PRO K 248 3.99 -35.16 -39.87
CA PRO K 248 4.65 -33.86 -39.88
C PRO K 248 5.85 -33.96 -40.84
N TYR K 249 6.34 -32.81 -41.30
CA TYR K 249 7.34 -32.80 -42.36
C TYR K 249 8.70 -33.40 -41.95
N GLU K 250 9.20 -33.01 -40.78
CA GLU K 250 10.56 -33.40 -40.38
C GLU K 250 10.66 -34.88 -39.96
N TYR K 251 9.51 -35.54 -39.80
CA TYR K 251 9.49 -36.92 -39.34
C TYR K 251 10.25 -37.86 -40.26
N VAL K 252 9.91 -37.84 -41.55
CA VAL K 252 10.52 -38.77 -42.52
C VAL K 252 12.05 -38.67 -42.58
N PRO K 253 12.60 -37.45 -42.80
CA PRO K 253 14.05 -37.34 -42.88
C PRO K 253 14.72 -37.77 -41.59
N GLN K 254 14.11 -37.45 -40.45
CA GLN K 254 14.64 -37.84 -39.14
C GLN K 254 14.64 -39.34 -38.95
N ILE K 255 13.64 -40.00 -39.53
CA ILE K 255 13.58 -41.45 -39.56
C ILE K 255 14.71 -41.99 -40.45
N ARG K 256 14.92 -41.42 -41.64
CA ARG K 256 16.10 -41.79 -42.46
C ARG K 256 17.41 -41.66 -41.66
N LYS K 257 17.55 -40.56 -40.92
CA LYS K 257 18.78 -40.28 -40.20
C LYS K 257 19.00 -41.25 -39.02
N MET K 258 17.97 -41.47 -38.22
CA MET K 258 18.05 -42.39 -37.08
C MET K 258 18.46 -43.79 -37.52
N THR K 259 17.77 -44.29 -38.54
CA THR K 259 18.05 -45.60 -39.03
C THR K 259 19.50 -45.72 -39.55
N LYS K 260 19.98 -44.66 -40.20
CA LYS K 260 21.36 -44.61 -40.73
C LYS K 260 22.39 -44.68 -39.61
N GLU K 261 22.16 -43.86 -38.59
CA GLU K 261 22.99 -43.82 -37.40
C GLU K 261 22.98 -45.16 -36.66
N LEU K 262 21.84 -45.82 -36.61
CA LEU K 262 21.73 -47.08 -35.89
C LEU K 262 21.96 -48.33 -36.72
N GLY K 263 22.26 -48.17 -38.02
CA GLY K 263 22.54 -49.32 -38.92
C GLY K 263 21.38 -50.28 -39.14
N VAL K 264 20.19 -49.69 -39.28
CA VAL K 264 18.94 -50.40 -39.45
C VAL K 264 18.43 -49.90 -40.82
N LEU K 265 17.90 -50.80 -41.68
CA LEU K 265 17.34 -50.39 -42.96
C LEU K 265 15.98 -49.70 -42.80
N TRP K 266 15.62 -48.89 -43.79
CA TRP K 266 14.32 -48.21 -43.85
C TRP K 266 13.56 -48.63 -45.11
N ILE K 267 12.39 -49.21 -44.88
CA ILE K 267 11.60 -49.66 -45.97
C ILE K 267 10.49 -48.64 -46.10
N SER K 268 10.44 -47.98 -47.26
CA SER K 268 9.31 -47.15 -47.63
C SER K 268 8.24 -47.96 -48.36
N ASP K 269 7.10 -48.14 -47.68
CA ASP K 269 5.94 -48.82 -48.24
C ASP K 269 5.13 -47.89 -49.17
N GLU K 270 5.53 -47.90 -50.43
CA GLU K 270 4.93 -47.06 -51.46
C GLU K 270 3.84 -47.80 -52.24
N VAL K 271 3.30 -48.86 -51.66
CA VAL K 271 2.15 -49.55 -52.25
C VAL K 271 1.03 -48.54 -52.53
N LEU K 272 0.72 -47.67 -51.57
CA LEU K 272 -0.32 -46.68 -51.80
C LEU K 272 0.19 -45.35 -52.34
N THR K 273 1.20 -44.78 -51.72
CA THR K 273 1.70 -43.47 -52.18
C THR K 273 2.53 -43.52 -53.47
N GLY K 274 2.69 -44.70 -54.03
CA GLY K 274 3.57 -44.91 -55.16
C GLY K 274 2.98 -44.46 -56.48
N PHE K 275 3.88 -44.20 -57.44
CA PHE K 275 3.56 -43.92 -58.84
C PHE K 275 2.64 -42.72 -59.04
N GLY K 276 3.15 -41.55 -58.69
CA GLY K 276 2.48 -40.28 -58.96
C GLY K 276 1.35 -39.88 -58.03
N ARG K 277 0.98 -40.78 -57.12
CA ARG K 277 -0.15 -40.59 -56.20
C ARG K 277 -0.06 -39.26 -55.45
N THR K 278 1.14 -38.86 -55.08
CA THR K 278 1.36 -37.77 -54.15
C THR K 278 1.90 -36.50 -54.81
N GLY K 279 2.01 -36.51 -56.14
CA GLY K 279 2.55 -35.37 -56.88
C GLY K 279 4.01 -35.52 -57.25
N LYS K 280 4.67 -36.50 -56.65
CA LYS K 280 6.00 -36.94 -57.06
C LYS K 280 5.82 -38.38 -57.56
N TRP K 281 6.87 -38.99 -58.10
CA TRP K 281 6.81 -40.43 -58.39
C TRP K 281 6.45 -41.22 -57.12
N PHE K 282 7.16 -40.96 -56.02
CA PHE K 282 6.90 -41.60 -54.74
C PHE K 282 6.82 -40.61 -53.61
N GLY K 283 5.99 -40.96 -52.61
CA GLY K 283 5.75 -40.15 -51.42
C GLY K 283 7.02 -39.66 -50.74
N TYR K 284 7.99 -40.55 -50.54
CA TYR K 284 9.23 -40.22 -49.82
C TYR K 284 10.03 -39.08 -50.46
N GLN K 285 9.85 -38.91 -51.77
CA GLN K 285 10.61 -37.93 -52.52
C GLN K 285 10.28 -36.49 -52.17
N HIS K 286 9.24 -36.28 -51.36
CA HIS K 286 8.91 -34.95 -50.84
C HIS K 286 9.81 -34.49 -49.66
N TYR K 287 10.88 -35.23 -49.36
CA TYR K 287 11.71 -35.00 -48.14
C TYR K 287 13.24 -35.06 -48.30
N GLY K 288 13.69 -35.35 -49.52
CA GLY K 288 15.12 -35.33 -49.84
C GLY K 288 15.88 -36.54 -49.31
N VAL K 289 15.22 -37.69 -49.25
CA VAL K 289 15.83 -38.89 -48.69
C VAL K 289 15.64 -40.13 -49.58
N GLN K 290 16.49 -41.13 -49.39
CA GLN K 290 16.44 -42.39 -50.15
C GLN K 290 16.29 -43.60 -49.22
N PRO K 291 15.40 -44.54 -49.56
CA PRO K 291 15.16 -45.72 -48.74
C PRO K 291 16.19 -46.79 -49.03
N ASP K 292 16.03 -47.93 -48.39
CA ASP K 292 16.93 -49.04 -48.67
C ASP K 292 16.16 -50.02 -49.54
N ILE K 293 14.86 -50.12 -49.29
CA ILE K 293 13.93 -50.97 -50.03
C ILE K 293 12.60 -50.21 -50.22
N ILE K 294 11.97 -50.43 -51.38
CA ILE K 294 10.65 -49.89 -51.66
C ILE K 294 9.71 -51.06 -51.94
N THR K 295 8.51 -51.04 -51.36
CA THR K 295 7.44 -51.96 -51.73
C THR K 295 6.43 -51.28 -52.65
N MET K 296 5.94 -52.04 -53.63
CA MET K 296 5.11 -51.48 -54.69
C MET K 296 3.89 -52.32 -54.97
N GLY K 297 2.90 -51.66 -55.57
CA GLY K 297 1.66 -52.31 -55.95
C GLY K 297 0.66 -51.28 -56.46
N LYS K 298 -0.61 -51.67 -56.45
CA LYS K 298 -1.71 -50.75 -56.71
C LYS K 298 -1.40 -49.97 -57.97
N GLY K 299 -0.83 -48.78 -57.79
CA GLY K 299 -0.44 -47.92 -58.91
C GLY K 299 0.56 -48.51 -59.88
N LEU K 300 1.25 -49.56 -59.43
CA LEU K 300 2.27 -50.24 -60.24
C LEU K 300 1.70 -50.65 -61.60
N SER K 301 0.45 -51.11 -61.61
CA SER K 301 -0.22 -51.47 -62.86
C SER K 301 -1.57 -50.76 -63.00
N SER K 302 -1.82 -49.77 -62.13
CA SER K 302 -3.12 -49.10 -62.05
C SER K 302 -4.27 -50.09 -61.99
N SER K 303 -3.99 -51.24 -61.38
CA SER K 303 -4.97 -52.31 -61.15
C SER K 303 -5.47 -53.01 -62.43
N SER K 304 -4.75 -52.81 -63.53
CA SER K 304 -5.12 -53.43 -64.79
C SER K 304 -4.97 -54.95 -64.67
N LEU K 305 -3.85 -55.41 -64.11
CA LEU K 305 -3.72 -56.80 -63.74
C LEU K 305 -3.00 -56.83 -62.39
N PRO K 306 -3.22 -57.90 -61.59
CA PRO K 306 -2.58 -57.96 -60.30
C PRO K 306 -1.07 -58.08 -60.44
N ALA K 307 -0.38 -57.17 -59.76
CA ALA K 307 1.08 -57.12 -59.81
C ALA K 307 1.58 -56.26 -58.68
N GLY K 308 2.70 -56.68 -58.10
CA GLY K 308 3.38 -55.94 -57.04
C GLY K 308 4.88 -55.97 -57.32
N ALA K 309 5.64 -55.16 -56.59
CA ALA K 309 7.08 -55.16 -56.77
C ALA K 309 7.82 -54.72 -55.52
N VAL K 310 9.08 -55.13 -55.44
CA VAL K 310 10.00 -54.62 -54.45
C VAL K 310 11.23 -54.08 -55.16
N VAL K 311 11.72 -52.92 -54.72
CA VAL K 311 12.97 -52.40 -55.25
C VAL K 311 13.97 -52.37 -54.11
N VAL K 312 15.12 -53.02 -54.32
CA VAL K 312 16.18 -53.08 -53.32
C VAL K 312 17.41 -52.29 -53.76
N SER K 313 18.18 -51.82 -52.79
CA SER K 313 19.36 -51.01 -53.06
C SER K 313 20.46 -51.84 -53.68
N LYS K 314 21.47 -51.15 -54.23
CA LYS K 314 22.56 -51.81 -54.92
C LYS K 314 23.31 -52.73 -53.96
N GLU K 315 23.56 -52.27 -52.74
CA GLU K 315 24.30 -53.10 -51.79
C GLU K 315 23.51 -54.35 -51.41
N ILE K 316 22.22 -54.13 -51.12
CA ILE K 316 21.31 -55.23 -50.83
C ILE K 316 21.24 -56.22 -51.98
N ALA K 317 21.27 -55.70 -53.23
CA ALA K 317 21.32 -56.56 -54.40
C ALA K 317 22.66 -57.28 -54.48
N ALA K 318 23.75 -56.52 -54.44
CA ALA K 318 25.09 -57.11 -54.41
C ALA K 318 25.18 -58.23 -53.36
N PHE K 319 24.50 -58.06 -52.23
CA PHE K 319 24.46 -59.11 -51.22
C PHE K 319 23.63 -60.31 -51.66
N MET K 320 22.37 -60.08 -52.02
CA MET K 320 21.51 -61.16 -52.52
C MET K 320 22.11 -61.87 -53.76
N ASP K 321 22.75 -61.12 -54.66
CA ASP K 321 23.35 -61.67 -55.87
C ASP K 321 24.44 -62.72 -55.62
N LYS K 322 25.03 -62.73 -54.42
CA LYS K 322 26.06 -63.72 -54.08
C LYS K 322 25.50 -65.01 -53.49
N HIS K 323 24.17 -65.12 -53.39
CA HIS K 323 23.55 -66.32 -52.83
C HIS K 323 22.52 -66.93 -53.77
N ARG K 324 22.24 -68.22 -53.55
CA ARG K 324 21.10 -68.89 -54.16
C ARG K 324 19.88 -68.77 -53.24
N TRP K 325 18.84 -68.05 -53.72
CA TRP K 325 17.65 -67.71 -52.91
C TRP K 325 16.47 -68.64 -53.23
N GLU K 326 16.05 -69.40 -52.22
CA GLU K 326 15.05 -70.47 -52.36
C GLU K 326 13.61 -70.00 -52.16
N SER K 327 13.29 -68.86 -52.78
CA SER K 327 11.92 -68.35 -52.84
C SER K 327 11.34 -68.42 -54.24
N VAL K 328 10.09 -68.86 -54.28
CA VAL K 328 9.35 -69.03 -55.52
C VAL K 328 7.84 -68.89 -55.31
N SER K 329 7.27 -67.96 -56.07
CA SER K 329 5.85 -67.75 -56.18
C SER K 329 5.56 -68.08 -57.64
N THR K 330 4.54 -68.90 -57.90
CA THR K 330 4.19 -69.35 -59.25
C THR K 330 4.01 -68.18 -60.22
N TYR K 331 3.00 -67.36 -59.98
CA TYR K 331 2.68 -66.18 -60.80
C TYR K 331 3.65 -64.97 -60.62
N ALA K 332 4.64 -65.10 -59.74
CA ALA K 332 5.67 -64.07 -59.64
C ALA K 332 6.21 -63.76 -61.05
N GLY K 333 5.76 -62.64 -61.63
CA GLY K 333 6.35 -62.12 -62.85
C GLY K 333 5.65 -62.59 -64.10
N HIS K 334 4.36 -62.91 -63.97
CA HIS K 334 3.49 -63.28 -65.09
C HIS K 334 3.79 -62.32 -66.25
N PRO K 335 4.14 -62.84 -67.45
CA PRO K 335 4.55 -61.96 -68.56
C PRO K 335 3.42 -61.05 -69.01
N VAL K 336 2.19 -61.55 -68.93
CA VAL K 336 1.01 -60.79 -69.29
C VAL K 336 0.80 -59.65 -68.29
N ALA K 337 1.04 -59.95 -67.00
CA ALA K 337 1.00 -58.94 -65.95
C ALA K 337 2.07 -57.88 -66.16
N MET K 338 3.30 -58.32 -66.39
CA MET K 338 4.41 -57.41 -66.72
C MET K 338 4.10 -56.53 -67.94
N ALA K 339 3.30 -57.04 -68.88
CA ALA K 339 2.93 -56.26 -70.08
C ALA K 339 2.03 -55.11 -69.67
N ALA K 340 1.09 -55.38 -68.77
CA ALA K 340 0.19 -54.34 -68.35
C ALA K 340 0.99 -53.32 -67.56
N VAL K 341 2.07 -53.78 -66.92
CA VAL K 341 2.95 -52.92 -66.13
C VAL K 341 3.68 -51.93 -67.02
N CYS K 342 4.32 -52.44 -68.08
CA CYS K 342 5.08 -51.59 -69.02
C CYS K 342 4.21 -50.49 -69.61
N ALA K 343 3.08 -50.87 -70.20
CA ALA K 343 2.16 -49.88 -70.77
C ALA K 343 1.70 -48.88 -69.71
N ASN K 344 1.44 -49.37 -68.49
CA ASN K 344 1.01 -48.50 -67.41
C ASN K 344 2.08 -47.46 -67.08
N LEU K 345 3.32 -47.92 -66.89
CA LEU K 345 4.46 -47.03 -66.67
C LEU K 345 4.76 -46.10 -67.86
N GLU K 346 4.69 -46.65 -69.07
CA GLU K 346 5.06 -45.90 -70.27
C GLU K 346 4.20 -44.66 -70.48
N VAL K 347 2.94 -44.72 -70.06
CA VAL K 347 2.05 -43.55 -70.08
C VAL K 347 2.46 -42.48 -69.06
N MET K 348 2.60 -42.88 -67.79
CA MET K 348 2.86 -41.94 -66.69
C MET K 348 3.95 -40.91 -66.96
N MET K 349 5.05 -41.36 -67.57
CA MET K 349 6.18 -40.48 -67.86
C MET K 349 5.85 -39.54 -69.02
N GLU K 350 5.41 -40.10 -70.13
CA GLU K 350 5.29 -39.29 -71.33
C GLU K 350 3.96 -38.54 -71.48
N GLU K 351 2.87 -39.10 -70.99
CA GLU K 351 1.61 -38.36 -70.82
C GLU K 351 1.77 -37.34 -69.68
N ASN K 352 2.87 -37.49 -68.92
CA ASN K 352 3.27 -36.57 -67.86
C ASN K 352 2.26 -36.58 -66.72
N LEU K 353 1.96 -37.79 -66.24
CA LEU K 353 0.90 -37.96 -65.24
C LEU K 353 1.25 -37.50 -63.81
N VAL K 354 2.53 -37.52 -63.45
CA VAL K 354 3.00 -37.12 -62.11
C VAL K 354 2.82 -35.62 -61.87
N GLU K 355 3.41 -34.83 -62.77
CA GLU K 355 3.29 -33.38 -62.76
C GLU K 355 1.83 -32.94 -62.76
N GLN K 356 1.02 -33.63 -63.56
CA GLN K 356 -0.41 -33.39 -63.65
C GLN K 356 -1.08 -33.60 -62.29
N ALA K 357 -0.66 -34.65 -61.59
CA ALA K 357 -1.18 -34.97 -60.26
C ALA K 357 -0.85 -33.89 -59.23
N LYS K 358 0.42 -33.47 -59.22
CA LYS K 358 0.88 -32.33 -58.44
C LYS K 358 0.00 -31.10 -58.73
N ASN K 359 -0.22 -30.83 -60.02
CA ASN K 359 -1.14 -29.81 -60.52
C ASN K 359 -2.58 -29.95 -60.03
N SER K 360 -3.15 -31.13 -60.22
CA SER K 360 -4.50 -31.43 -59.73
C SER K 360 -4.64 -31.26 -58.22
N GLY K 361 -3.56 -31.59 -57.47
CA GLY K 361 -3.54 -31.50 -56.01
C GLY K 361 -3.76 -30.10 -55.46
N GLU K 362 -2.98 -29.15 -55.98
CA GLU K 362 -3.11 -27.74 -55.61
C GLU K 362 -4.51 -27.18 -55.84
N TYR K 363 -5.18 -27.62 -56.91
CA TYR K 363 -6.55 -27.19 -57.20
C TYR K 363 -7.53 -27.78 -56.18
N ILE K 364 -7.34 -29.07 -55.87
CA ILE K 364 -8.12 -29.77 -54.83
C ILE K 364 -7.94 -29.08 -53.49
N ARG K 365 -6.70 -28.72 -53.18
CA ARG K 365 -6.35 -27.99 -51.96
C ARG K 365 -7.23 -26.76 -51.75
N SER K 366 -7.24 -25.85 -52.75
CA SER K 366 -8.00 -24.59 -52.65
C SER K 366 -9.51 -24.80 -52.52
N LYS K 367 -10.00 -25.91 -53.06
CA LYS K 367 -11.38 -26.32 -52.88
C LYS K 367 -11.64 -26.74 -51.43
N LEU K 368 -10.74 -27.54 -50.87
CA LEU K 368 -10.84 -27.94 -49.46
C LEU K 368 -10.80 -26.73 -48.54
N GLU K 369 -10.13 -25.68 -48.99
CA GLU K 369 -10.14 -24.41 -48.29
C GLU K 369 -11.55 -23.84 -48.36
N LEU K 370 -12.10 -23.75 -49.56
CA LEU K 370 -13.48 -23.27 -49.72
C LEU K 370 -14.47 -24.11 -48.91
N LEU K 371 -14.16 -25.40 -48.74
CA LEU K 371 -15.03 -26.27 -47.95
C LEU K 371 -14.88 -26.05 -46.44
N GLN K 372 -13.64 -26.17 -45.91
CA GLN K 372 -13.39 -25.98 -44.48
C GLN K 372 -13.90 -24.63 -43.98
N GLU K 373 -13.73 -23.62 -44.82
CA GLU K 373 -14.20 -22.29 -44.50
C GLU K 373 -15.73 -22.27 -44.41
N LYS K 374 -16.40 -23.18 -45.15
CA LYS K 374 -17.86 -23.32 -45.11
C LYS K 374 -18.37 -24.29 -44.03
N HIS K 375 -17.64 -25.37 -43.81
CA HIS K 375 -18.06 -26.41 -42.87
C HIS K 375 -17.02 -26.64 -41.79
N LYS K 376 -17.35 -26.27 -40.56
CA LYS K 376 -16.43 -26.40 -39.41
C LYS K 376 -16.34 -27.84 -38.86
N SER K 377 -17.06 -28.76 -39.52
CA SER K 377 -16.96 -30.17 -39.21
C SER K 377 -15.78 -30.78 -39.96
N ILE K 378 -15.12 -29.95 -40.77
CA ILE K 378 -13.79 -30.24 -41.28
C ILE K 378 -12.81 -29.63 -40.28
N GLY K 379 -12.36 -30.44 -39.33
CA GLY K 379 -11.36 -30.00 -38.35
C GLY K 379 -10.03 -29.77 -39.04
N ASN K 380 -9.67 -30.69 -39.92
CA ASN K 380 -8.44 -30.55 -40.68
C ASN K 380 -8.46 -31.24 -42.05
N PHE K 381 -7.52 -30.83 -42.91
CA PHE K 381 -7.33 -31.45 -44.21
C PHE K 381 -5.86 -31.36 -44.55
N ASP K 382 -5.37 -32.33 -45.33
CA ASP K 382 -4.00 -32.30 -45.79
C ASP K 382 -3.76 -33.35 -46.86
N GLY K 383 -2.69 -33.16 -47.63
CA GLY K 383 -2.33 -34.12 -48.66
C GLY K 383 -1.41 -33.56 -49.74
N TYR K 384 -1.56 -34.14 -50.93
CA TYR K 384 -0.78 -33.83 -52.14
C TYR K 384 -1.26 -34.72 -53.29
N GLY K 385 -1.08 -34.27 -54.53
CA GLY K 385 -1.47 -35.08 -55.70
C GLY K 385 -2.92 -35.50 -55.66
N LEU K 386 -3.16 -36.81 -55.79
CA LEU K 386 -4.52 -37.39 -55.71
C LEU K 386 -4.70 -38.24 -54.45
N LEU K 387 -4.22 -37.71 -53.33
CA LEU K 387 -4.39 -38.35 -52.05
C LEU K 387 -4.65 -37.30 -51.00
N TRP K 388 -5.89 -37.21 -50.58
CA TRP K 388 -6.28 -36.19 -49.63
C TRP K 388 -6.95 -36.76 -48.39
N ILE K 389 -6.45 -36.38 -47.22
CA ILE K 389 -7.11 -36.77 -45.98
C ILE K 389 -7.80 -35.58 -45.32
N VAL K 390 -8.99 -35.82 -44.77
CA VAL K 390 -9.82 -34.76 -44.17
C VAL K 390 -10.35 -35.22 -42.82
N ASP K 391 -9.90 -34.56 -41.76
CA ASP K 391 -10.26 -34.92 -40.39
C ASP K 391 -11.64 -34.38 -40.04
N ILE K 392 -12.53 -35.28 -39.69
CA ILE K 392 -13.92 -34.93 -39.47
C ILE K 392 -14.29 -35.01 -37.99
N VAL K 393 -14.97 -33.97 -37.54
CA VAL K 393 -15.36 -33.78 -36.16
C VAL K 393 -16.80 -33.31 -36.11
N ASN K 394 -17.42 -33.44 -34.94
CA ASN K 394 -18.68 -32.79 -34.64
C ASN K 394 -18.40 -31.29 -34.61
N ALA K 395 -19.06 -30.56 -35.51
CA ALA K 395 -18.85 -29.11 -35.69
C ALA K 395 -18.97 -28.25 -34.41
N LYS K 396 -19.87 -28.64 -33.50
CA LYS K 396 -20.12 -27.89 -32.25
C LYS K 396 -19.14 -28.22 -31.12
N THR K 397 -18.92 -29.52 -30.88
CA THR K 397 -18.09 -30.01 -29.77
C THR K 397 -16.59 -29.95 -30.08
N LYS K 398 -16.26 -30.01 -31.37
CA LYS K 398 -14.88 -29.96 -31.86
C LYS K 398 -14.05 -31.20 -31.51
N THR K 399 -14.72 -32.26 -31.07
CA THR K 399 -14.10 -33.60 -30.99
C THR K 399 -14.63 -34.52 -32.10
N PRO K 400 -13.81 -35.51 -32.49
CA PRO K 400 -14.29 -36.57 -33.37
C PRO K 400 -15.55 -37.29 -32.85
N TYR K 401 -16.46 -37.69 -33.74
CA TYR K 401 -17.68 -38.38 -33.34
C TYR K 401 -17.46 -39.75 -32.71
N VAL K 402 -16.52 -40.52 -33.28
CA VAL K 402 -16.27 -41.87 -32.84
C VAL K 402 -15.05 -41.85 -31.94
N LYS K 403 -15.30 -42.12 -30.66
CA LYS K 403 -14.29 -42.16 -29.59
C LYS K 403 -13.03 -42.99 -29.89
N LEU K 404 -13.23 -44.24 -30.27
CA LEU K 404 -12.09 -45.12 -30.55
C LEU K 404 -11.28 -44.74 -31.79
N ASP K 405 -11.82 -43.81 -32.59
CA ASP K 405 -11.12 -43.29 -33.76
C ASP K 405 -10.45 -44.41 -34.56
N ARG K 406 -9.13 -44.35 -34.69
CA ARG K 406 -8.40 -45.33 -35.54
C ARG K 406 -8.21 -46.71 -34.87
N ASN K 407 -8.58 -46.84 -33.59
CA ASN K 407 -8.51 -48.10 -32.87
C ASN K 407 -9.85 -48.81 -32.74
N PHE K 408 -10.87 -48.29 -33.42
CA PHE K 408 -12.18 -48.95 -33.57
C PHE K 408 -12.11 -50.27 -34.36
N ARG K 409 -13.27 -50.95 -34.44
CA ARG K 409 -13.50 -52.12 -35.29
C ARG K 409 -14.90 -51.99 -35.83
N HIS K 410 -15.29 -52.90 -36.72
CA HIS K 410 -16.49 -52.71 -37.55
C HIS K 410 -17.78 -53.25 -36.93
N GLY K 411 -17.74 -53.55 -35.63
CA GLY K 411 -18.93 -53.97 -34.87
C GLY K 411 -19.99 -52.89 -34.73
N MET K 412 -19.59 -51.62 -34.88
CA MET K 412 -20.53 -50.53 -34.60
C MET K 412 -21.42 -50.22 -35.81
N ASN K 413 -22.54 -49.55 -35.52
CA ASN K 413 -23.57 -49.31 -36.53
C ASN K 413 -23.12 -48.25 -37.53
N PRO K 414 -23.10 -48.57 -38.83
CA PRO K 414 -22.63 -47.56 -39.81
C PRO K 414 -23.41 -46.25 -39.76
N ASN K 415 -24.66 -46.29 -39.28
CA ASN K 415 -25.46 -45.07 -39.19
C ASN K 415 -25.02 -44.07 -38.12
N GLN K 416 -23.98 -44.43 -37.35
CA GLN K 416 -23.41 -43.54 -36.33
C GLN K 416 -21.91 -43.32 -36.57
N ILE K 417 -21.45 -43.63 -37.79
CA ILE K 417 -20.06 -43.37 -38.18
C ILE K 417 -20.01 -42.30 -39.26
N PRO K 418 -19.46 -41.11 -38.92
CA PRO K 418 -19.43 -39.96 -39.80
C PRO K 418 -19.10 -40.29 -41.26
N THR K 419 -18.06 -41.08 -41.50
CA THR K 419 -17.64 -41.35 -42.88
C THR K 419 -18.62 -42.24 -43.66
N GLN K 420 -19.47 -42.98 -42.95
CA GLN K 420 -20.53 -43.75 -43.62
C GLN K 420 -21.75 -42.92 -44.03
N ILE K 421 -22.14 -41.99 -43.17
CA ILE K 421 -23.27 -41.10 -43.44
C ILE K 421 -22.98 -40.24 -44.66
N ILE K 422 -21.73 -39.78 -44.75
CA ILE K 422 -21.28 -38.94 -45.83
C ILE K 422 -21.35 -39.67 -47.20
N MET K 423 -20.77 -40.87 -47.26
CA MET K 423 -20.84 -41.70 -48.47
C MET K 423 -22.28 -41.96 -48.88
N GLU K 424 -23.12 -42.32 -47.91
CA GLU K 424 -24.57 -42.49 -48.13
C GLU K 424 -25.19 -41.28 -48.80
N LYS K 425 -24.85 -40.09 -48.31
CA LYS K 425 -25.41 -38.88 -48.89
C LYS K 425 -24.78 -38.57 -50.25
N ALA K 426 -23.45 -38.71 -50.34
CA ALA K 426 -22.73 -38.35 -51.58
C ALA K 426 -23.24 -39.10 -52.80
N LEU K 427 -23.55 -40.38 -52.59
CA LEU K 427 -24.07 -41.30 -53.60
C LEU K 427 -25.37 -40.81 -54.23
N GLU K 428 -26.21 -40.19 -53.42
CA GLU K 428 -27.43 -39.52 -53.92
C GLU K 428 -27.11 -38.47 -54.98
N LYS K 429 -25.85 -38.11 -55.09
CA LYS K 429 -25.41 -37.18 -56.12
C LYS K 429 -24.42 -37.87 -57.06
N GLY K 430 -24.49 -39.20 -57.11
CA GLY K 430 -23.69 -40.01 -58.05
C GLY K 430 -22.19 -39.89 -57.85
N VAL K 431 -21.79 -39.54 -56.64
CA VAL K 431 -20.37 -39.42 -56.30
C VAL K 431 -20.02 -40.40 -55.17
N LEU K 432 -18.98 -41.20 -55.39
CA LEU K 432 -18.47 -42.09 -54.37
C LEU K 432 -17.33 -41.41 -53.65
N ILE K 433 -17.57 -41.04 -52.40
CA ILE K 433 -16.50 -40.45 -51.60
C ILE K 433 -16.61 -40.83 -50.10
N GLY K 434 -15.48 -40.79 -49.38
CA GLY K 434 -15.47 -41.09 -47.94
C GLY K 434 -14.14 -41.50 -47.35
N GLY K 435 -14.11 -42.62 -46.64
CA GLY K 435 -12.86 -43.16 -46.11
C GLY K 435 -13.05 -44.46 -45.33
N ALA K 436 -11.95 -45.10 -44.96
CA ALA K 436 -12.06 -46.39 -44.28
C ALA K 436 -12.20 -46.17 -42.79
N MET K 437 -11.51 -45.16 -42.28
CA MET K 437 -11.61 -44.78 -40.87
C MET K 437 -12.92 -44.01 -40.61
N PRO K 438 -13.45 -44.09 -39.38
CA PRO K 438 -14.75 -43.50 -39.02
C PRO K 438 -14.75 -41.99 -39.00
N ASN K 439 -13.63 -41.38 -38.63
CA ASN K 439 -13.59 -39.91 -38.56
C ASN K 439 -12.72 -39.30 -39.64
N THR K 440 -12.19 -40.12 -40.55
CA THR K 440 -11.26 -39.62 -41.55
C THR K 440 -11.56 -40.06 -42.98
N MET K 441 -11.68 -39.05 -43.83
CA MET K 441 -11.84 -39.22 -45.26
C MET K 441 -10.52 -39.56 -45.93
N ARG K 442 -10.56 -40.53 -46.85
CA ARG K 442 -9.44 -40.82 -47.74
C ARG K 442 -9.88 -40.55 -49.19
N ILE K 443 -9.45 -39.43 -49.76
CA ILE K 443 -9.96 -39.00 -51.06
C ILE K 443 -8.94 -39.24 -52.15
N GLY K 444 -9.37 -39.84 -53.24
CA GLY K 444 -8.49 -40.14 -54.37
C GLY K 444 -9.22 -40.41 -55.66
N ALA K 445 -8.64 -39.91 -56.75
CA ALA K 445 -9.09 -40.27 -58.09
C ALA K 445 -7.89 -40.67 -58.94
N SER K 446 -8.11 -40.80 -60.25
CA SER K 446 -7.03 -41.09 -61.17
C SER K 446 -6.10 -39.89 -61.27
N LEU K 447 -4.84 -40.15 -61.59
CA LEU K 447 -3.84 -39.09 -61.68
C LEU K 447 -4.31 -38.00 -62.63
N ASN K 448 -5.21 -38.39 -63.53
CA ASN K 448 -5.78 -37.51 -64.54
C ASN K 448 -7.27 -37.34 -64.32
N VAL K 449 -7.64 -36.76 -63.19
CA VAL K 449 -9.05 -36.47 -62.92
C VAL K 449 -9.36 -35.14 -63.58
N SER K 450 -10.47 -35.09 -64.31
CA SER K 450 -10.85 -33.86 -65.01
C SER K 450 -11.40 -32.83 -64.02
N ARG K 451 -11.08 -31.57 -64.26
CA ARG K 451 -11.45 -30.49 -63.33
C ARG K 451 -12.95 -30.43 -63.05
N GLY K 452 -13.76 -30.68 -64.08
CA GLY K 452 -15.21 -30.78 -63.93
C GLY K 452 -15.61 -31.85 -62.92
N ASP K 453 -14.82 -32.92 -62.84
CA ASP K 453 -15.11 -34.03 -61.93
C ASP K 453 -14.84 -33.71 -60.45
N ILE K 454 -13.67 -33.13 -60.15
CA ILE K 454 -13.34 -32.73 -58.78
C ILE K 454 -14.43 -31.81 -58.26
N ASP K 455 -14.82 -30.85 -59.10
CA ASP K 455 -15.90 -29.91 -58.83
C ASP K 455 -17.18 -30.62 -58.40
N LYS K 456 -17.58 -31.62 -59.19
CA LYS K 456 -18.79 -32.40 -58.94
C LYS K 456 -18.68 -33.17 -57.60
N ALA K 457 -17.53 -33.80 -57.38
CA ALA K 457 -17.26 -34.55 -56.16
C ALA K 457 -17.29 -33.64 -54.94
N MET K 458 -16.71 -32.44 -55.09
CA MET K 458 -16.62 -31.47 -54.00
C MET K 458 -17.97 -30.91 -53.55
N ASP K 459 -18.84 -30.52 -54.50
CA ASP K 459 -20.16 -29.99 -54.13
C ASP K 459 -21.01 -31.11 -53.53
N ALA K 460 -20.88 -32.32 -54.11
CA ALA K 460 -21.45 -33.54 -53.54
C ALA K 460 -20.99 -33.74 -52.11
N LEU K 461 -19.75 -33.35 -51.84
CA LEU K 461 -19.22 -33.41 -50.49
C LEU K 461 -19.82 -32.29 -49.65
N ASP K 462 -19.86 -31.08 -50.21
CA ASP K 462 -20.52 -29.94 -49.56
C ASP K 462 -21.93 -30.34 -49.14
N TYR K 463 -22.66 -30.94 -50.09
CA TYR K 463 -24.02 -31.45 -49.88
C TYR K 463 -24.11 -32.47 -48.74
N ALA K 464 -23.18 -33.43 -48.71
CA ALA K 464 -23.19 -34.50 -47.68
C ALA K 464 -22.92 -33.96 -46.29
N LEU K 465 -21.96 -33.03 -46.19
CA LEU K 465 -21.67 -32.33 -44.95
C LEU K 465 -22.84 -31.47 -44.50
N ASP K 466 -23.60 -30.91 -45.45
CA ASP K 466 -24.86 -30.20 -45.13
C ASP K 466 -25.77 -31.13 -44.32
N TYR K 467 -25.94 -32.37 -44.79
CA TYR K 467 -26.75 -33.35 -44.06
C TYR K 467 -26.13 -33.76 -42.73
N LEU K 468 -24.83 -34.03 -42.71
CA LEU K 468 -24.14 -34.43 -41.47
C LEU K 468 -24.29 -33.38 -40.35
N GLU K 469 -24.02 -32.13 -40.69
CA GLU K 469 -24.08 -31.05 -39.71
C GLU K 469 -25.51 -30.71 -39.26
N SER K 470 -26.51 -31.12 -40.04
CA SER K 470 -27.92 -30.92 -39.64
C SER K 470 -28.33 -31.88 -38.53
N GLY K 471 -27.57 -32.98 -38.43
CA GLY K 471 -27.74 -33.96 -37.37
C GLY K 471 -29.05 -34.73 -37.47
N GLU K 472 -29.81 -34.50 -38.53
CA GLU K 472 -31.09 -35.19 -38.73
C GLU K 472 -30.94 -36.66 -39.12
N TRP K 473 -29.91 -37.30 -38.57
CA TRP K 473 -29.58 -38.71 -38.83
C TRP K 473 -29.42 -39.49 -37.51
N GLN K 474 -30.18 -39.10 -36.50
CA GLN K 474 -30.12 -39.69 -35.15
C GLN K 474 -31.50 -40.12 -34.68
N ILE L 8 11.51 -57.74 -81.72
CA ILE L 8 12.11 -57.25 -80.43
C ILE L 8 13.63 -57.05 -80.56
N ASN L 9 14.30 -57.15 -79.41
CA ASN L 9 15.75 -57.08 -79.25
C ASN L 9 16.12 -57.93 -78.01
N TRP L 10 16.26 -59.25 -78.23
CA TRP L 10 16.47 -60.24 -77.17
C TRP L 10 17.81 -60.09 -76.45
N GLU L 11 18.80 -59.49 -77.09
CA GLU L 11 20.09 -59.29 -76.43
C GLU L 11 19.96 -58.21 -75.36
N GLN L 12 19.28 -57.11 -75.70
CA GLN L 12 19.06 -56.05 -74.73
C GLN L 12 18.14 -56.52 -73.61
N VAL L 13 17.23 -57.43 -73.95
CA VAL L 13 16.37 -58.15 -72.99
C VAL L 13 17.21 -58.94 -71.97
N LYS L 14 18.03 -59.89 -72.44
CA LYS L 14 18.86 -60.74 -71.55
C LYS L 14 19.79 -59.91 -70.64
N GLU L 15 20.29 -58.81 -71.21
CA GLU L 15 21.15 -57.87 -70.51
C GLU L 15 20.49 -57.30 -69.26
N TRP L 16 19.26 -56.80 -69.40
CA TRP L 16 18.50 -56.26 -68.26
C TRP L 16 18.09 -57.36 -67.28
N ASP L 17 17.69 -58.50 -67.82
CA ASP L 17 17.30 -59.64 -67.00
C ASP L 17 18.43 -60.13 -66.10
N ARG L 18 19.66 -60.12 -66.62
CA ARG L 18 20.88 -60.28 -65.82
C ARG L 18 20.90 -59.21 -64.73
N LYS L 19 20.71 -57.96 -65.16
CA LYS L 19 21.07 -56.76 -64.38
C LYS L 19 20.03 -56.33 -63.37
N TYR L 20 18.76 -56.34 -63.78
CA TYR L 20 17.70 -55.66 -63.03
C TYR L 20 16.73 -56.55 -62.25
N LEU L 21 16.79 -57.86 -62.50
CA LEU L 21 15.94 -58.80 -61.78
C LEU L 21 16.73 -59.55 -60.73
N MET L 22 16.15 -59.71 -59.54
CA MET L 22 16.76 -60.51 -58.48
C MET L 22 16.77 -61.98 -58.87
N ARG L 23 17.86 -62.65 -58.56
CA ARG L 23 18.01 -64.05 -58.92
C ARG L 23 17.29 -64.90 -57.88
N THR L 24 16.76 -66.02 -58.33
CA THR L 24 16.26 -67.01 -57.39
C THR L 24 16.80 -68.36 -57.81
N PHE L 25 17.12 -69.20 -56.83
CA PHE L 25 17.76 -70.50 -57.03
C PHE L 25 19.16 -70.44 -57.68
N SER L 26 19.43 -69.41 -58.49
CA SER L 26 20.79 -69.21 -59.01
C SER L 26 21.41 -67.88 -58.59
N THR L 27 22.71 -67.91 -58.26
CA THR L 27 23.53 -66.72 -57.98
C THR L 27 23.80 -65.86 -59.21
N GLN L 28 24.31 -64.64 -59.00
CA GLN L 28 24.64 -63.75 -60.12
C GLN L 28 25.75 -64.32 -61.01
N ASN L 29 26.79 -64.92 -60.40
CA ASN L 29 27.90 -65.53 -61.16
C ASN L 29 27.49 -66.74 -62.05
N GLU L 30 26.57 -67.59 -61.57
CA GLU L 30 26.22 -68.86 -62.25
C GLU L 30 25.00 -68.79 -63.17
N TYR L 31 24.31 -67.66 -63.20
CA TYR L 31 23.05 -67.55 -63.94
C TYR L 31 23.27 -67.41 -65.43
N GLN L 32 22.39 -68.03 -66.20
CA GLN L 32 22.33 -67.89 -67.64
C GLN L 32 20.88 -67.60 -68.01
N PRO L 33 20.57 -66.35 -68.41
CA PRO L 33 19.23 -65.95 -68.91
C PRO L 33 18.68 -66.97 -69.92
N VAL L 34 17.44 -67.42 -69.71
CA VAL L 34 16.79 -68.36 -70.63
C VAL L 34 15.49 -67.76 -71.17
N PRO L 35 15.59 -66.82 -72.12
CA PRO L 35 14.40 -66.10 -72.56
C PRO L 35 13.41 -66.93 -73.37
N ILE L 36 12.13 -66.82 -73.00
CA ILE L 36 11.05 -67.45 -73.72
C ILE L 36 10.31 -66.39 -74.53
N GLU L 37 10.00 -66.72 -75.79
CA GLU L 37 9.31 -65.78 -76.64
C GLU L 37 7.80 -65.94 -76.52
N SER L 38 7.35 -67.18 -76.44
CA SER L 38 5.92 -67.50 -76.41
C SER L 38 5.78 -68.99 -76.05
N THR L 39 4.52 -69.45 -76.02
CA THR L 39 4.19 -70.85 -75.70
C THR L 39 3.00 -71.35 -76.53
N GLU L 40 3.08 -72.60 -77.00
CA GLU L 40 1.99 -73.24 -77.76
C GLU L 40 1.60 -74.59 -77.13
N GLY L 41 0.39 -74.67 -76.58
CA GLY L 41 -0.12 -75.92 -76.00
C GLY L 41 0.80 -76.52 -74.96
N ASP L 42 1.61 -77.49 -75.37
CA ASP L 42 2.60 -78.13 -74.48
C ASP L 42 4.00 -77.58 -74.69
N TYR L 43 4.15 -76.71 -75.69
CA TYR L 43 5.48 -76.27 -76.12
C TYR L 43 5.89 -74.86 -75.67
N LEU L 44 7.18 -74.68 -75.37
CA LEU L 44 7.77 -73.36 -75.14
C LEU L 44 8.78 -73.06 -76.25
N ILE L 45 8.58 -71.93 -76.95
CA ILE L 45 9.38 -71.58 -78.14
C ILE L 45 10.35 -70.45 -77.84
N THR L 46 11.64 -70.77 -77.96
CA THR L 46 12.77 -69.87 -77.73
C THR L 46 12.92 -68.88 -78.89
N PRO L 47 13.80 -67.86 -78.74
CA PRO L 47 14.22 -66.94 -79.81
C PRO L 47 14.64 -67.59 -81.14
N GLY L 48 15.55 -68.57 -81.06
CA GLY L 48 16.06 -69.26 -82.24
C GLY L 48 14.99 -70.09 -82.93
N GLY L 49 13.82 -70.11 -82.30
CA GLY L 49 12.64 -70.81 -82.82
C GLY L 49 12.60 -72.24 -82.34
N THR L 50 13.55 -72.60 -81.48
CA THR L 50 13.61 -73.92 -80.87
C THR L 50 12.34 -74.19 -80.08
N ARG L 51 11.65 -75.27 -80.44
CA ARG L 51 10.46 -75.74 -79.74
C ARG L 51 10.88 -76.63 -78.58
N LEU L 52 10.29 -76.44 -77.41
CA LEU L 52 10.64 -77.23 -76.23
C LEU L 52 9.43 -77.84 -75.56
N LEU L 53 9.41 -79.18 -75.49
CA LEU L 53 8.31 -79.93 -74.86
C LEU L 53 8.36 -79.77 -73.32
N ASP L 54 7.36 -79.09 -72.77
CA ASP L 54 7.37 -78.75 -71.36
C ASP L 54 6.66 -79.80 -70.50
N PHE L 55 7.43 -80.76 -69.99
CA PHE L 55 6.92 -81.80 -69.08
C PHE L 55 7.17 -81.48 -67.61
N PHE L 56 7.39 -80.20 -67.36
CA PHE L 56 7.24 -79.65 -66.02
C PHE L 56 5.91 -78.94 -65.96
N ASN L 57 5.32 -78.66 -67.13
CA ASN L 57 4.17 -77.76 -67.27
C ASN L 57 4.39 -76.49 -66.41
N GLN L 58 5.56 -75.87 -66.61
CA GLN L 58 6.04 -74.75 -65.81
C GLN L 58 6.18 -75.22 -64.37
N LEU L 59 5.05 -75.21 -63.65
CA LEU L 59 4.97 -75.67 -62.27
C LEU L 59 3.71 -76.49 -62.00
N CYS L 60 3.42 -77.40 -62.93
CA CYS L 60 2.22 -78.26 -62.90
C CYS L 60 0.95 -77.40 -62.81
N CYS L 61 0.96 -76.31 -63.58
CA CYS L 61 -0.01 -75.24 -63.40
C CYS L 61 -0.62 -74.66 -64.68
N VAL L 62 -0.22 -75.17 -65.85
CA VAL L 62 -0.79 -74.71 -67.12
C VAL L 62 -1.71 -75.81 -67.65
N ASN L 63 -2.57 -76.30 -66.75
CA ASN L 63 -3.43 -77.48 -66.99
C ASN L 63 -4.05 -77.66 -68.38
N LEU L 64 -4.71 -76.60 -68.85
CA LEU L 64 -5.50 -76.58 -70.07
C LEU L 64 -4.59 -76.60 -71.29
N GLY L 65 -3.31 -76.32 -71.07
CA GLY L 65 -2.36 -76.06 -72.13
C GLY L 65 -2.10 -74.57 -72.26
N GLN L 66 -0.91 -74.25 -72.78
CA GLN L 66 -0.44 -72.88 -72.93
C GLN L 66 -1.22 -72.08 -73.98
N LYS L 67 -1.52 -70.82 -73.66
CA LYS L 67 -2.05 -69.84 -74.63
C LYS L 67 -3.30 -70.33 -75.41
N ASN L 68 -4.40 -70.49 -74.69
CA ASN L 68 -5.66 -70.96 -75.26
C ASN L 68 -6.37 -69.87 -76.08
N GLN L 69 -7.01 -70.25 -77.18
CA GLN L 69 -7.65 -69.24 -78.02
C GLN L 69 -8.95 -68.71 -77.44
N LYS L 70 -9.77 -69.58 -76.86
CA LYS L 70 -11.01 -69.16 -76.20
C LYS L 70 -10.72 -68.37 -74.93
N VAL L 71 -9.79 -68.86 -74.12
CA VAL L 71 -9.37 -68.17 -72.89
C VAL L 71 -8.82 -66.76 -73.20
N ASN L 72 -7.93 -66.67 -74.17
CA ASN L 72 -7.34 -65.37 -74.44
C ASN L 72 -8.33 -64.40 -75.05
N ALA L 73 -9.28 -64.91 -75.84
CA ALA L 73 -10.35 -64.08 -76.38
C ALA L 73 -11.27 -63.56 -75.28
N ALA L 74 -11.51 -64.39 -74.26
CA ALA L 74 -12.40 -64.04 -73.14
C ALA L 74 -11.80 -62.93 -72.26
N ILE L 75 -10.48 -63.02 -72.05
CA ILE L 75 -9.71 -61.96 -71.41
C ILE L 75 -9.81 -60.68 -72.25
N LYS L 76 -9.68 -60.83 -73.56
CA LYS L 76 -9.85 -59.73 -74.51
C LYS L 76 -11.25 -59.12 -74.40
N GLU L 77 -12.25 -59.99 -74.27
CA GLU L 77 -13.65 -59.60 -74.17
C GLU L 77 -13.97 -58.80 -72.89
N ALA L 78 -13.56 -59.34 -71.72
CA ALA L 78 -13.74 -58.63 -70.44
C ALA L 78 -13.00 -57.30 -70.42
N LEU L 79 -11.84 -57.27 -71.07
CA LEU L 79 -11.04 -56.05 -71.21
C LEU L 79 -11.73 -54.97 -72.03
N ASP L 80 -12.84 -55.34 -72.67
CA ASP L 80 -13.72 -54.35 -73.30
C ASP L 80 -14.60 -53.66 -72.26
N ARG L 81 -14.86 -54.33 -71.13
CA ARG L 81 -15.71 -53.78 -70.07
C ARG L 81 -14.94 -53.32 -68.84
N TYR L 82 -13.71 -53.78 -68.68
CA TYR L 82 -12.93 -53.48 -67.46
C TYR L 82 -11.42 -53.34 -67.79
N GLY L 83 -10.63 -52.64 -66.95
CA GLY L 83 -11.10 -51.88 -65.79
C GLY L 83 -10.81 -52.59 -64.49
N PHE L 84 -11.11 -51.94 -63.37
CA PHE L 84 -10.97 -52.60 -62.08
C PHE L 84 -12.01 -52.28 -60.99
N VAL L 85 -12.54 -53.33 -60.37
CA VAL L 85 -13.30 -53.18 -59.13
C VAL L 85 -12.85 -54.20 -58.10
N TRP L 86 -12.75 -53.74 -56.85
CA TRP L 86 -12.36 -54.60 -55.74
C TRP L 86 -13.53 -55.36 -55.14
N ASP L 87 -13.23 -56.23 -54.17
CA ASP L 87 -14.17 -57.28 -53.74
C ASP L 87 -15.55 -56.82 -53.25
N THR L 88 -15.68 -55.56 -52.83
CA THR L 88 -16.99 -55.04 -52.40
C THR L 88 -18.00 -54.90 -53.55
N TYR L 89 -17.50 -54.78 -54.77
CA TYR L 89 -18.39 -54.66 -55.91
C TYR L 89 -18.58 -56.02 -56.60
N ALA L 90 -19.77 -56.21 -57.14
CA ALA L 90 -20.18 -57.45 -57.78
C ALA L 90 -20.07 -57.37 -59.31
N THR L 91 -19.53 -58.43 -59.90
CA THR L 91 -19.39 -58.53 -61.33
C THR L 91 -19.91 -59.88 -61.76
N ASP L 92 -20.39 -59.92 -63.01
CA ASP L 92 -20.89 -61.17 -63.60
C ASP L 92 -19.80 -62.25 -63.56
N TYR L 93 -18.56 -61.84 -63.87
CA TYR L 93 -17.43 -62.77 -63.98
C TYR L 93 -17.10 -63.44 -62.67
N LYS L 94 -17.10 -62.66 -61.60
CA LYS L 94 -16.76 -63.16 -60.28
C LYS L 94 -17.77 -64.17 -59.77
N ALA L 95 -19.06 -63.84 -59.92
CA ALA L 95 -20.15 -64.66 -59.40
C ALA L 95 -20.24 -66.02 -60.09
N LYS L 96 -20.15 -66.00 -61.42
CA LYS L 96 -20.24 -67.20 -62.25
C LYS L 96 -19.13 -68.19 -61.88
N ALA L 97 -17.93 -67.66 -61.66
CA ALA L 97 -16.77 -68.45 -61.29
C ALA L 97 -17.04 -69.22 -60.00
N ALA L 98 -17.60 -68.51 -59.00
CA ALA L 98 -18.02 -69.12 -57.75
C ALA L 98 -19.05 -70.23 -58.00
N LYS L 99 -19.98 -69.95 -58.93
CA LYS L 99 -21.08 -70.85 -59.30
C LYS L 99 -20.59 -72.13 -59.98
N ILE L 100 -19.74 -71.99 -61.00
CA ILE L 100 -19.11 -73.12 -61.67
C ILE L 100 -18.46 -74.03 -60.64
N ILE L 101 -17.82 -73.45 -59.64
CA ILE L 101 -17.21 -74.26 -58.61
C ILE L 101 -18.21 -75.04 -57.74
N ILE L 102 -19.22 -74.38 -57.17
CA ILE L 102 -20.14 -75.05 -56.22
C ILE L 102 -21.14 -75.98 -56.93
N GLU L 103 -21.81 -75.42 -57.95
CA GLU L 103 -22.89 -76.13 -58.65
C GLU L 103 -22.45 -77.08 -59.74
N ASP L 104 -21.38 -76.74 -60.46
CA ASP L 104 -20.91 -77.56 -61.58
C ASP L 104 -19.78 -78.50 -61.18
N ILE L 105 -18.60 -77.96 -60.93
CA ILE L 105 -17.44 -78.78 -60.64
C ILE L 105 -17.66 -79.68 -59.44
N LEU L 106 -18.33 -79.16 -58.41
CA LEU L 106 -18.60 -79.94 -57.19
C LEU L 106 -20.08 -80.27 -56.94
N GLY L 107 -20.90 -80.21 -57.98
CA GLY L 107 -22.34 -80.31 -57.82
C GLY L 107 -22.91 -81.56 -57.17
N ASP L 108 -22.16 -82.65 -57.20
CA ASP L 108 -22.64 -83.90 -56.60
C ASP L 108 -22.26 -83.98 -55.12
N GLU L 109 -21.23 -83.24 -54.73
CA GLU L 109 -20.89 -83.13 -53.30
C GLU L 109 -21.75 -82.06 -52.68
N ASP L 110 -22.23 -82.32 -51.47
CA ASP L 110 -23.06 -81.31 -50.79
C ASP L 110 -22.40 -80.74 -49.53
N TRP L 111 -21.10 -80.96 -49.40
CA TRP L 111 -20.31 -80.34 -48.34
C TRP L 111 -19.93 -78.88 -48.66
N PRO L 112 -19.74 -78.51 -49.96
CA PRO L 112 -19.23 -77.17 -50.21
C PRO L 112 -20.26 -76.09 -49.97
N GLY L 113 -19.80 -74.97 -49.42
CA GLY L 113 -20.68 -73.86 -49.10
C GLY L 113 -20.40 -72.61 -49.91
N LYS L 114 -19.27 -71.94 -49.62
CA LYS L 114 -18.93 -70.67 -50.26
C LYS L 114 -17.49 -70.61 -50.75
N VAL L 115 -17.25 -69.68 -51.70
CA VAL L 115 -15.94 -69.41 -52.31
C VAL L 115 -15.44 -67.98 -51.99
N ARG L 116 -14.11 -67.81 -51.93
CA ARG L 116 -13.43 -66.51 -51.89
C ARG L 116 -12.21 -66.51 -52.79
N PHE L 117 -12.15 -65.50 -53.64
CA PHE L 117 -11.14 -65.40 -54.69
C PHE L 117 -9.98 -64.48 -54.28
N VAL L 118 -8.76 -65.00 -54.39
CA VAL L 118 -7.56 -64.20 -54.16
C VAL L 118 -6.69 -64.17 -55.44
N SER L 119 -5.42 -63.78 -55.31
CA SER L 119 -4.57 -63.68 -56.52
C SER L 119 -3.58 -64.82 -56.71
N THR L 120 -3.06 -65.42 -55.64
CA THR L 120 -2.08 -66.47 -55.79
C THR L 120 -2.46 -67.63 -54.90
N GLY L 121 -1.82 -68.78 -55.09
CA GLY L 121 -2.07 -69.96 -54.25
C GLY L 121 -1.66 -69.78 -52.79
N SER L 122 -0.53 -69.13 -52.58
CA SER L 122 -0.11 -68.76 -51.22
C SER L 122 -1.17 -67.92 -50.51
N GLU L 123 -1.78 -66.97 -51.23
CA GLU L 123 -2.79 -66.08 -50.61
C GLU L 123 -4.02 -66.90 -50.23
N ALA L 124 -4.30 -67.90 -51.07
CA ALA L 124 -5.36 -68.85 -50.80
C ALA L 124 -5.09 -69.64 -49.52
N VAL L 125 -3.85 -70.11 -49.36
CA VAL L 125 -3.46 -70.88 -48.19
C VAL L 125 -3.60 -69.99 -46.95
N GLU L 126 -3.13 -68.74 -47.05
CA GLU L 126 -3.26 -67.78 -45.88
C GLU L 126 -4.74 -67.70 -45.51
N THR L 127 -5.61 -67.65 -46.51
CA THR L 127 -7.04 -67.50 -46.30
C THR L 127 -7.67 -68.68 -45.57
N ALA L 128 -7.34 -69.91 -45.97
CA ALA L 128 -7.86 -71.12 -45.28
C ALA L 128 -7.40 -71.20 -43.82
N LEU L 129 -6.12 -70.92 -43.61
CA LEU L 129 -5.53 -70.93 -42.26
C LEU L 129 -6.29 -70.00 -41.35
N ASN L 130 -6.55 -68.79 -41.87
CA ASN L 130 -7.28 -67.76 -41.11
C ASN L 130 -8.68 -68.26 -40.73
N ILE L 131 -9.34 -68.86 -41.70
CA ILE L 131 -10.71 -69.32 -41.57
C ILE L 131 -10.80 -70.45 -40.53
N ALA L 132 -9.85 -71.40 -40.61
CA ALA L 132 -9.91 -72.62 -39.83
C ALA L 132 -9.78 -72.24 -38.40
N ARG L 133 -8.85 -71.32 -38.17
CA ARG L 133 -8.59 -70.78 -36.88
C ARG L 133 -9.80 -70.04 -36.31
N LEU L 134 -10.46 -69.21 -37.11
CA LEU L 134 -11.57 -68.41 -36.59
C LEU L 134 -12.79 -69.29 -36.31
N TYR L 135 -13.03 -70.23 -37.21
CA TYR L 135 -14.14 -71.15 -37.05
C TYR L 135 -14.09 -72.00 -35.76
N THR L 136 -12.92 -72.55 -35.44
CA THR L 136 -12.80 -73.46 -34.32
C THR L 136 -12.41 -72.64 -33.11
N ASN L 137 -11.95 -71.42 -33.38
CA ASN L 137 -11.41 -70.59 -32.30
C ASN L 137 -10.19 -71.26 -31.65
N ARG L 138 -9.36 -71.94 -32.43
CA ARG L 138 -8.18 -72.62 -31.92
C ARG L 138 -6.92 -72.17 -32.69
N PRO L 139 -5.75 -72.16 -32.03
CA PRO L 139 -4.49 -71.69 -32.63
C PRO L 139 -3.73 -72.61 -33.56
N LEU L 140 -3.60 -73.89 -33.19
CA LEU L 140 -2.64 -74.80 -33.80
C LEU L 140 -3.11 -75.40 -35.09
N VAL L 141 -2.17 -75.48 -36.06
CA VAL L 141 -2.35 -76.11 -37.36
C VAL L 141 -1.27 -77.16 -37.62
N VAL L 142 -1.73 -78.38 -37.94
CA VAL L 142 -0.91 -79.56 -38.17
C VAL L 142 -0.67 -79.72 -39.67
N THR L 143 0.59 -79.61 -40.07
CA THR L 143 1.00 -79.86 -41.46
C THR L 143 1.88 -81.13 -41.44
N ARG L 144 2.35 -81.60 -42.58
CA ARG L 144 3.24 -82.75 -42.52
C ARG L 144 4.66 -82.48 -42.95
N GLU L 145 5.54 -83.31 -42.41
CA GLU L 145 6.91 -83.41 -42.86
C GLU L 145 6.94 -83.37 -44.39
N HIS L 146 7.70 -82.42 -44.93
CA HIS L 146 7.94 -82.26 -46.38
C HIS L 146 6.87 -81.56 -47.21
N ASP L 147 5.81 -81.10 -46.56
CA ASP L 147 4.70 -80.45 -47.27
C ASP L 147 5.16 -79.12 -47.87
N TYR L 148 4.59 -78.73 -49.00
CA TYR L 148 4.77 -77.37 -49.46
C TYR L 148 3.42 -76.67 -49.62
N HIS L 149 3.20 -75.59 -48.90
CA HIS L 149 1.93 -74.87 -49.01
C HIS L 149 2.08 -73.38 -49.38
N GLY L 150 3.30 -72.96 -49.73
CA GLY L 150 3.55 -71.61 -50.19
C GLY L 150 4.74 -70.89 -49.55
N TRP L 151 4.97 -69.65 -49.99
CA TRP L 151 6.13 -68.87 -49.55
C TRP L 151 5.83 -67.75 -48.54
N THR L 152 4.64 -67.17 -48.58
CA THR L 152 4.29 -66.05 -47.68
C THR L 152 4.14 -66.44 -46.20
N GLY L 153 4.26 -65.45 -45.32
CA GLY L 153 4.22 -65.64 -43.88
C GLY L 153 3.51 -66.87 -43.32
N GLY L 154 2.18 -66.92 -43.41
CA GLY L 154 1.41 -68.02 -42.83
C GLY L 154 1.60 -69.30 -43.62
N ALA L 155 1.72 -69.19 -44.94
CA ALA L 155 1.88 -70.34 -45.80
C ALA L 155 3.23 -71.01 -45.55
N ALA L 156 4.26 -70.21 -45.28
CA ALA L 156 5.60 -70.75 -45.09
C ALA L 156 5.67 -71.53 -43.79
N THR L 157 4.89 -71.10 -42.79
CA THR L 157 4.85 -71.74 -41.47
C THR L 157 4.39 -73.21 -41.56
N VAL L 158 3.53 -73.51 -42.52
CA VAL L 158 3.10 -74.91 -42.74
C VAL L 158 3.89 -75.61 -43.84
N THR L 159 4.87 -74.90 -44.42
CA THR L 159 5.84 -75.53 -45.32
C THR L 159 6.98 -76.19 -44.52
N ARG L 160 7.27 -77.45 -44.82
CA ARG L 160 8.29 -78.14 -44.08
C ARG L 160 9.31 -78.77 -45.02
N LEU L 161 9.81 -77.94 -45.94
CA LEU L 161 10.95 -78.34 -46.75
C LEU L 161 12.01 -77.28 -46.56
N ARG L 162 13.17 -77.67 -46.03
CA ARG L 162 14.19 -76.68 -45.67
C ARG L 162 14.84 -76.03 -46.90
N SER L 163 14.46 -76.51 -48.06
CA SER L 163 15.06 -76.08 -49.32
C SER L 163 14.15 -75.12 -50.04
N PHE L 164 12.95 -74.91 -49.50
CA PHE L 164 11.97 -74.01 -50.11
C PHE L 164 11.37 -73.01 -49.12
N ARG L 165 12.21 -72.47 -48.24
CA ARG L 165 11.74 -71.60 -47.19
C ARG L 165 12.21 -70.16 -47.37
N SER L 166 12.39 -69.77 -48.63
CA SER L 166 12.84 -68.41 -48.98
C SER L 166 14.20 -68.03 -48.39
N GLY L 167 14.89 -69.02 -47.81
CA GLY L 167 16.26 -68.84 -47.29
C GLY L 167 17.35 -68.79 -48.36
N LEU L 168 18.59 -68.64 -47.90
CA LEU L 168 19.73 -68.42 -48.77
C LEU L 168 20.71 -69.55 -48.62
N VAL L 169 21.31 -69.95 -49.73
CA VAL L 169 22.48 -70.86 -49.68
C VAL L 169 23.61 -70.38 -50.59
N GLY L 170 24.79 -70.97 -50.43
CA GLY L 170 25.94 -70.63 -51.25
C GLY L 170 25.99 -71.36 -52.58
N GLU L 171 26.95 -70.94 -53.40
CA GLU L 171 27.19 -71.55 -54.69
C GLU L 171 28.15 -72.72 -54.51
N ASN L 172 27.63 -73.94 -54.65
CA ASN L 172 28.42 -75.17 -54.56
C ASN L 172 29.30 -75.23 -53.32
N SER L 173 28.66 -75.03 -52.18
CA SER L 173 29.33 -74.75 -50.92
C SER L 173 28.39 -75.06 -49.76
N GLU L 174 28.96 -75.08 -48.56
CA GLU L 174 28.15 -75.24 -47.38
C GLU L 174 28.34 -74.03 -46.51
N SER L 175 29.10 -73.07 -47.01
CA SER L 175 29.57 -72.00 -46.14
C SER L 175 28.56 -70.93 -45.79
N PHE L 176 27.51 -70.79 -46.58
CA PHE L 176 26.69 -69.57 -46.59
C PHE L 176 25.18 -69.72 -46.41
N SER L 177 24.76 -70.77 -45.72
CA SER L 177 23.33 -71.07 -45.57
C SER L 177 22.71 -70.45 -44.33
N ALA L 178 21.43 -70.13 -44.45
CA ALA L 178 20.73 -69.23 -43.54
C ALA L 178 19.26 -69.28 -43.88
N GLN L 179 18.41 -69.33 -42.87
CA GLN L 179 17.00 -69.14 -43.11
C GLN L 179 16.65 -67.73 -42.60
N ILE L 180 15.42 -67.29 -42.84
CA ILE L 180 14.98 -65.98 -42.44
C ILE L 180 14.97 -65.94 -40.90
N PRO L 181 15.75 -65.02 -40.29
CA PRO L 181 15.65 -64.71 -38.85
C PRO L 181 14.20 -64.68 -38.36
N GLY L 182 13.90 -65.41 -37.28
CA GLY L 182 12.53 -65.67 -36.86
C GLY L 182 12.02 -67.05 -37.29
N SER L 183 12.29 -67.42 -38.53
CA SER L 183 11.62 -68.58 -39.16
C SER L 183 12.30 -69.92 -38.91
N SER L 187 5.07 -70.46 -33.01
CA SER L 187 4.80 -70.41 -34.43
C SER L 187 3.35 -70.82 -34.73
N ALA L 188 2.76 -71.54 -33.76
CA ALA L 188 1.41 -72.13 -33.83
C ALA L 188 1.19 -73.19 -34.93
N VAL L 189 2.30 -73.82 -35.30
CA VAL L 189 2.27 -74.98 -36.20
C VAL L 189 2.86 -76.25 -35.57
N LEU L 190 2.28 -77.41 -35.90
CA LEU L 190 2.74 -78.72 -35.43
C LEU L 190 3.00 -79.63 -36.62
N MET L 191 4.23 -80.08 -36.80
CA MET L 191 4.57 -80.94 -37.90
C MET L 191 4.42 -82.41 -37.48
N ALA L 192 3.46 -83.09 -38.12
CA ALA L 192 3.25 -84.56 -38.01
C ALA L 192 4.12 -85.28 -39.02
N PRO L 193 4.32 -86.60 -38.86
CA PRO L 193 5.14 -87.27 -39.87
C PRO L 193 4.44 -87.33 -41.22
N SER L 194 5.26 -87.40 -42.27
CA SER L 194 4.78 -87.53 -43.66
C SER L 194 4.06 -88.84 -43.83
N SER L 195 3.13 -88.88 -44.78
CA SER L 195 2.42 -90.12 -45.10
C SER L 195 3.40 -91.26 -45.38
N ASN L 196 4.60 -90.88 -45.80
CA ASN L 196 5.60 -91.82 -46.30
C ASN L 196 6.61 -92.33 -45.27
N THR L 197 6.37 -91.99 -44.01
CA THR L 197 7.16 -92.49 -42.89
C THR L 197 6.63 -93.85 -42.40
N PHE L 198 7.50 -94.59 -41.71
CA PHE L 198 7.15 -95.86 -41.04
C PHE L 198 6.75 -97.01 -41.99
N GLN L 199 7.77 -97.61 -42.62
CA GLN L 199 7.62 -98.86 -43.38
C GLN L 199 8.79 -99.83 -43.11
N ASN L 204 5.19 -101.27 -47.87
CA ASN L 204 5.52 -101.97 -46.63
C ASN L 204 5.12 -101.12 -45.39
N TYR L 205 4.12 -100.27 -45.57
CA TYR L 205 3.68 -99.35 -44.53
C TYR L 205 3.04 -100.01 -43.31
N LEU L 206 3.66 -99.82 -42.15
CA LEU L 206 3.24 -100.49 -40.91
C LEU L 206 1.95 -99.92 -40.33
N LYS L 207 1.18 -100.80 -39.69
CA LYS L 207 -0.13 -100.45 -39.12
C LYS L 207 -0.34 -100.84 -37.66
N ASP L 208 -1.29 -100.14 -37.04
CA ASP L 208 -1.78 -100.33 -35.67
C ASP L 208 -2.06 -101.80 -35.31
N GLU L 209 -1.97 -102.67 -36.30
CA GLU L 209 -2.47 -104.05 -36.19
C GLU L 209 -3.99 -103.94 -36.23
N ASN L 210 -4.52 -102.89 -35.62
CA ASN L 210 -5.92 -102.49 -35.72
C ASN L 210 -6.27 -101.89 -37.10
N GLY L 211 -5.26 -101.54 -37.88
CA GLY L 211 -5.46 -101.08 -39.25
C GLY L 211 -4.98 -99.67 -39.50
N GLU L 212 -4.82 -98.90 -38.43
CA GLU L 212 -4.41 -97.52 -38.58
C GLU L 212 -2.92 -97.42 -38.94
N LEU L 213 -2.63 -96.75 -40.06
CA LEU L 213 -1.26 -96.43 -40.48
C LEU L 213 -0.48 -95.75 -39.36
N LEU L 214 0.74 -96.23 -39.12
CA LEU L 214 1.53 -95.68 -38.01
C LEU L 214 1.78 -94.18 -38.16
N SER L 215 1.82 -93.65 -39.38
CA SER L 215 1.95 -92.21 -39.61
C SER L 215 0.77 -91.46 -39.01
N VAL L 216 -0.40 -92.03 -39.26
CA VAL L 216 -1.68 -91.49 -38.82
C VAL L 216 -1.86 -91.62 -37.30
N LYS L 217 -1.53 -92.81 -36.78
CA LYS L 217 -1.59 -93.08 -35.35
C LYS L 217 -0.71 -92.12 -34.56
N TYR L 218 0.54 -91.93 -34.99
CA TYR L 218 1.42 -90.98 -34.33
C TYR L 218 0.95 -89.56 -34.57
N THR L 219 0.28 -89.30 -35.70
CA THR L 219 -0.40 -88.02 -35.87
C THR L 219 -1.53 -87.83 -34.83
N ARG L 220 -2.43 -88.82 -34.72
CA ARG L 220 -3.48 -88.80 -33.68
C ARG L 220 -2.92 -88.48 -32.29
N ARG L 221 -1.76 -89.05 -31.96
CA ARG L 221 -1.15 -88.86 -30.64
C ARG L 221 -0.66 -87.43 -30.41
N MET L 222 -0.10 -86.82 -31.45
CA MET L 222 0.33 -85.44 -31.45
C MET L 222 -0.80 -84.48 -31.07
N ILE L 223 -1.96 -84.68 -31.68
CA ILE L 223 -3.11 -83.83 -31.42
C ILE L 223 -3.63 -83.97 -29.98
N GLU L 224 -3.71 -85.23 -29.52
CA GLU L 224 -4.24 -85.58 -28.21
C GLU L 224 -3.35 -85.08 -27.06
N ASN L 225 -2.05 -85.06 -27.34
CA ASN L 225 -1.04 -84.57 -26.40
C ASN L 225 -1.22 -83.07 -26.11
N TYR L 226 -1.42 -82.31 -27.18
CA TYR L 226 -1.68 -80.90 -27.07
C TYR L 226 -3.08 -80.63 -26.49
N GLY L 227 -3.99 -81.55 -26.78
CA GLY L 227 -5.42 -81.39 -26.54
C GLY L 227 -6.12 -81.00 -27.84
N PRO L 228 -7.10 -81.81 -28.30
CA PRO L 228 -7.91 -81.47 -29.47
C PRO L 228 -8.46 -80.04 -29.44
N GLU L 229 -8.72 -79.52 -28.24
CA GLU L 229 -9.34 -78.22 -28.09
C GLU L 229 -8.37 -77.08 -28.46
N GLN L 230 -7.12 -77.46 -28.73
CA GLN L 230 -6.07 -76.53 -29.16
C GLN L 230 -5.81 -76.56 -30.67
N VAL L 231 -6.19 -77.66 -31.33
CA VAL L 231 -5.92 -77.80 -32.78
C VAL L 231 -7.12 -77.47 -33.68
N ALA L 232 -6.92 -76.47 -34.55
CA ALA L 232 -7.95 -76.06 -35.51
C ALA L 232 -8.05 -77.02 -36.69
N ALA L 233 -6.92 -77.30 -37.34
CA ALA L 233 -6.97 -77.95 -38.63
C ALA L 233 -5.75 -78.82 -38.88
N VAL L 234 -5.94 -79.84 -39.71
CA VAL L 234 -4.82 -80.55 -40.35
C VAL L 234 -4.87 -80.20 -41.82
N ILE L 235 -3.73 -79.69 -42.32
CA ILE L 235 -3.60 -79.29 -43.72
C ILE L 235 -2.70 -80.27 -44.49
N THR L 236 -3.24 -80.79 -45.58
CA THR L 236 -2.58 -81.85 -46.33
C THR L 236 -2.48 -81.52 -47.80
N GLU L 237 -1.53 -82.17 -48.45
CA GLU L 237 -1.46 -82.31 -49.88
C GLU L 237 -1.69 -83.81 -50.06
N VAL L 238 -2.73 -84.18 -50.82
CA VAL L 238 -3.00 -85.60 -51.10
C VAL L 238 -1.78 -86.27 -51.76
N SER L 239 -1.20 -85.54 -52.71
CA SER L 239 0.08 -85.89 -53.27
C SER L 239 0.97 -84.67 -53.04
N GLN L 240 2.05 -84.84 -52.28
CA GLN L 240 3.02 -83.76 -52.07
C GLN L 240 3.65 -83.32 -53.40
N GLY L 241 3.43 -82.07 -53.79
CA GLY L 241 3.86 -81.57 -55.09
C GLY L 241 5.36 -81.32 -55.19
N VAL L 242 5.83 -80.23 -54.58
CA VAL L 242 7.25 -79.91 -54.58
C VAL L 242 7.99 -81.06 -53.92
N GLY L 243 7.41 -81.53 -52.80
CA GLY L 243 7.93 -82.61 -52.00
C GLY L 243 8.01 -83.93 -52.73
N SER L 244 7.19 -84.06 -53.78
CA SER L 244 7.22 -85.18 -54.73
C SER L 244 6.97 -86.56 -54.10
N THR L 245 5.76 -86.78 -53.58
CA THR L 245 5.37 -88.10 -53.09
C THR L 245 3.92 -88.46 -53.43
N MET L 246 3.63 -89.77 -53.42
CA MET L 246 2.27 -90.32 -53.38
C MET L 246 2.01 -91.08 -52.06
N PRO L 247 0.76 -91.03 -51.51
CA PRO L 247 0.52 -91.67 -50.20
C PRO L 247 0.21 -93.17 -50.31
N PRO L 248 0.31 -93.90 -49.18
CA PRO L 248 -0.43 -95.13 -49.03
C PRO L 248 -1.89 -94.85 -49.35
N TYR L 249 -2.59 -95.79 -50.02
CA TYR L 249 -4.01 -95.60 -50.32
C TYR L 249 -4.84 -95.23 -49.08
N GLU L 250 -4.51 -95.86 -47.95
CA GLU L 250 -5.28 -95.68 -46.72
C GLU L 250 -5.10 -94.32 -46.04
N TYR L 251 -4.08 -93.55 -46.45
CA TYR L 251 -3.69 -92.35 -45.73
C TYR L 251 -4.79 -91.29 -45.66
N VAL L 252 -5.25 -90.86 -46.82
CA VAL L 252 -6.28 -89.85 -46.89
C VAL L 252 -7.55 -90.29 -46.12
N PRO L 253 -8.03 -91.52 -46.37
CA PRO L 253 -9.18 -92.08 -45.67
C PRO L 253 -9.12 -91.97 -44.15
N GLN L 254 -7.96 -92.32 -43.55
CA GLN L 254 -7.81 -92.41 -42.08
C GLN L 254 -7.68 -91.04 -41.41
N ILE L 255 -6.78 -90.22 -41.95
CA ILE L 255 -6.59 -88.83 -41.55
C ILE L 255 -7.94 -88.12 -41.47
N ARG L 256 -8.82 -88.43 -42.42
CA ARG L 256 -10.20 -87.97 -42.38
C ARG L 256 -10.98 -88.47 -41.13
N LYS L 257 -11.05 -89.80 -40.92
CA LYS L 257 -11.74 -90.35 -39.73
C LYS L 257 -11.17 -89.83 -38.39
N MET L 258 -9.84 -89.79 -38.29
CA MET L 258 -9.18 -89.26 -37.11
C MET L 258 -9.55 -87.78 -36.82
N THR L 259 -9.46 -86.91 -37.83
CA THR L 259 -9.85 -85.52 -37.63
C THR L 259 -11.32 -85.38 -37.27
N LYS L 260 -12.17 -86.15 -37.95
CA LYS L 260 -13.59 -86.15 -37.62
C LYS L 260 -13.82 -86.72 -36.21
N GLU L 261 -13.02 -87.71 -35.81
CA GLU L 261 -13.16 -88.26 -34.45
C GLU L 261 -12.64 -87.33 -33.35
N LEU L 262 -11.53 -86.65 -33.62
CA LEU L 262 -10.98 -85.66 -32.68
C LEU L 262 -11.60 -84.29 -32.80
N GLY L 263 -12.59 -84.14 -33.66
CA GLY L 263 -13.27 -82.85 -33.82
C GLY L 263 -12.42 -81.71 -34.36
N VAL L 264 -11.52 -82.03 -35.29
CA VAL L 264 -10.58 -81.10 -35.90
C VAL L 264 -10.88 -81.01 -37.40
N LEU L 265 -10.65 -79.85 -38.00
CA LEU L 265 -10.90 -79.64 -39.45
C LEU L 265 -9.81 -80.24 -40.33
N TRP L 266 -10.17 -80.51 -41.59
CA TRP L 266 -9.20 -80.97 -42.58
C TRP L 266 -9.23 -80.08 -43.79
N ILE L 267 -8.11 -79.40 -44.00
CA ILE L 267 -7.93 -78.53 -45.15
C ILE L 267 -7.13 -79.30 -46.18
N SER L 268 -7.76 -79.57 -47.32
CA SER L 268 -7.05 -80.26 -48.39
C SER L 268 -6.44 -79.23 -49.34
N ASP L 269 -5.13 -79.17 -49.42
CA ASP L 269 -4.47 -78.16 -50.27
C ASP L 269 -4.39 -78.61 -51.72
N GLU L 270 -5.33 -78.15 -52.54
CA GLU L 270 -5.44 -78.64 -53.91
C GLU L 270 -4.91 -77.64 -54.93
N VAL L 271 -4.03 -76.75 -54.45
CA VAL L 271 -3.43 -75.76 -55.32
C VAL L 271 -2.76 -76.45 -56.52
N LEU L 272 -2.00 -77.52 -56.23
CA LEU L 272 -1.26 -78.25 -57.24
C LEU L 272 -2.08 -79.38 -57.87
N THR L 273 -2.62 -80.25 -57.01
CA THR L 273 -3.30 -81.44 -57.45
C THR L 273 -4.69 -81.16 -57.99
N GLY L 274 -5.08 -79.88 -57.96
CA GLY L 274 -6.41 -79.46 -58.38
C GLY L 274 -6.71 -79.44 -59.87
N PHE L 275 -8.00 -79.44 -60.18
CA PHE L 275 -8.53 -79.26 -61.53
C PHE L 275 -8.02 -80.23 -62.61
N GLY L 276 -8.37 -81.51 -62.44
CA GLY L 276 -8.03 -82.54 -63.41
C GLY L 276 -6.57 -82.96 -63.48
N ARG L 277 -5.73 -82.42 -62.62
CA ARG L 277 -4.32 -82.77 -62.56
C ARG L 277 -4.16 -84.27 -62.28
N THR L 278 -5.03 -84.81 -61.44
CA THR L 278 -4.92 -86.21 -61.02
C THR L 278 -5.93 -87.21 -61.64
N GLY L 279 -6.56 -86.82 -62.75
CA GLY L 279 -7.59 -87.63 -63.40
C GLY L 279 -8.95 -87.62 -62.71
N LYS L 280 -9.10 -86.72 -61.74
CA LYS L 280 -10.38 -86.36 -61.12
C LYS L 280 -10.35 -84.85 -60.95
N TRP L 281 -11.45 -84.24 -60.53
CA TRP L 281 -11.42 -82.81 -60.34
C TRP L 281 -10.39 -82.53 -59.25
N PHE L 282 -10.42 -83.32 -58.18
CA PHE L 282 -9.52 -83.13 -57.02
C PHE L 282 -8.94 -84.44 -56.50
N GLY L 283 -7.74 -84.35 -55.94
CA GLY L 283 -7.03 -85.53 -55.44
C GLY L 283 -7.79 -86.35 -54.43
N TYR L 284 -8.42 -85.67 -53.47
CA TYR L 284 -9.11 -86.30 -52.34
C TYR L 284 -10.26 -87.22 -52.76
N GLN L 285 -10.86 -86.90 -53.92
CA GLN L 285 -11.95 -87.65 -54.53
C GLN L 285 -11.52 -89.07 -54.87
N HIS L 286 -10.21 -89.28 -54.87
CA HIS L 286 -9.68 -90.61 -55.04
C HIS L 286 -9.94 -91.48 -53.81
N TYR L 287 -10.39 -90.87 -52.71
CA TYR L 287 -10.47 -91.60 -51.43
C TYR L 287 -11.87 -91.67 -50.74
N GLY L 288 -12.86 -90.97 -51.29
CA GLY L 288 -14.22 -91.05 -50.77
C GLY L 288 -14.37 -90.26 -49.49
N VAL L 289 -13.50 -89.27 -49.35
CA VAL L 289 -13.50 -88.39 -48.22
C VAL L 289 -13.87 -87.01 -48.72
N GLN L 290 -14.57 -86.24 -47.90
CA GLN L 290 -14.86 -84.87 -48.24
C GLN L 290 -14.13 -84.00 -47.22
N PRO L 291 -13.36 -82.98 -47.70
CA PRO L 291 -12.65 -82.11 -46.80
C PRO L 291 -13.59 -81.07 -46.21
N ASP L 292 -13.06 -80.24 -45.31
CA ASP L 292 -13.80 -79.12 -44.74
C ASP L 292 -13.50 -77.84 -45.52
N ILE L 293 -12.23 -77.61 -45.84
CA ILE L 293 -11.81 -76.47 -46.68
C ILE L 293 -10.89 -76.97 -47.81
N ILE L 294 -10.93 -76.28 -48.96
CA ILE L 294 -9.99 -76.52 -50.06
C ILE L 294 -9.26 -75.24 -50.46
N THR L 295 -7.96 -75.35 -50.73
CA THR L 295 -7.19 -74.22 -51.27
C THR L 295 -6.86 -74.46 -52.74
N MET L 296 -6.88 -73.38 -53.53
CA MET L 296 -6.79 -73.44 -55.00
C MET L 296 -5.91 -72.35 -55.56
N GLY L 297 -5.32 -72.62 -56.71
CA GLY L 297 -4.45 -71.73 -57.47
C GLY L 297 -4.17 -72.51 -58.74
N LYS L 298 -3.03 -72.26 -59.39
CA LYS L 298 -2.56 -73.04 -60.56
C LYS L 298 -3.67 -73.46 -61.52
N GLY L 299 -4.19 -74.66 -61.29
CA GLY L 299 -5.16 -75.28 -62.19
C GLY L 299 -6.45 -74.51 -62.39
N LEU L 300 -6.69 -73.58 -61.47
CA LEU L 300 -7.91 -72.79 -61.43
C LEU L 300 -8.04 -71.90 -62.65
N SER L 301 -6.99 -71.13 -62.94
CA SER L 301 -6.94 -70.32 -64.17
C SER L 301 -6.04 -70.95 -65.25
N SER L 302 -5.48 -72.12 -64.98
CA SER L 302 -4.41 -72.70 -65.79
C SER L 302 -3.29 -71.68 -66.05
N SER L 303 -3.08 -70.81 -65.05
CA SER L 303 -2.03 -69.79 -65.09
C SER L 303 -2.15 -68.73 -66.19
N SER L 304 -3.28 -68.71 -66.90
CA SER L 304 -3.56 -67.65 -67.87
C SER L 304 -3.49 -66.28 -67.17
N LEU L 305 -4.10 -66.18 -66.00
CA LEU L 305 -3.96 -64.99 -65.13
C LEU L 305 -3.84 -65.34 -63.64
N PRO L 306 -3.17 -64.46 -62.85
CA PRO L 306 -3.00 -64.71 -61.44
C PRO L 306 -4.35 -64.76 -60.77
N ALA L 307 -4.68 -65.95 -60.26
CA ALA L 307 -5.87 -66.16 -59.45
C ALA L 307 -5.71 -67.33 -58.49
N GLY L 308 -6.17 -67.16 -57.26
CA GLY L 308 -6.24 -68.23 -56.28
C GLY L 308 -7.63 -68.24 -55.69
N ALA L 309 -7.98 -69.29 -54.93
CA ALA L 309 -9.30 -69.38 -54.29
C ALA L 309 -9.37 -70.29 -53.07
N VAL L 310 -10.43 -70.09 -52.31
CA VAL L 310 -10.69 -70.93 -51.16
C VAL L 310 -12.18 -71.27 -51.13
N VAL L 311 -12.47 -72.57 -50.98
CA VAL L 311 -13.81 -73.09 -50.87
C VAL L 311 -13.97 -73.64 -49.45
N VAL L 312 -15.09 -73.32 -48.80
CA VAL L 312 -15.35 -73.77 -47.44
C VAL L 312 -16.68 -74.50 -47.33
N SER L 313 -16.78 -75.41 -46.35
CA SER L 313 -17.98 -76.21 -46.13
C SER L 313 -19.17 -75.38 -45.66
N LYS L 314 -20.37 -75.92 -45.83
CA LYS L 314 -21.60 -75.22 -45.45
C LYS L 314 -21.58 -74.71 -43.99
N GLU L 315 -21.04 -75.52 -43.09
CA GLU L 315 -20.92 -75.21 -41.68
C GLU L 315 -20.07 -73.97 -41.46
N ILE L 316 -18.92 -73.94 -42.12
CA ILE L 316 -17.97 -72.82 -42.03
C ILE L 316 -18.52 -71.53 -42.68
N ALA L 317 -18.99 -71.62 -43.93
CA ALA L 317 -19.61 -70.50 -44.61
C ALA L 317 -20.74 -69.83 -43.83
N ALA L 318 -21.68 -70.62 -43.29
CA ALA L 318 -22.78 -70.04 -42.52
C ALA L 318 -22.24 -69.32 -41.28
N PHE L 319 -21.24 -69.93 -40.61
CA PHE L 319 -20.52 -69.30 -39.52
C PHE L 319 -19.90 -67.96 -39.93
N MET L 320 -19.15 -67.95 -41.03
CA MET L 320 -18.51 -66.73 -41.51
C MET L 320 -19.54 -65.64 -41.86
N ASP L 321 -20.63 -66.06 -42.50
CA ASP L 321 -21.75 -65.19 -42.90
C ASP L 321 -22.38 -64.44 -41.77
N LYS L 322 -22.24 -64.97 -40.55
CA LYS L 322 -22.83 -64.37 -39.33
C LYS L 322 -22.05 -63.18 -38.79
N HIS L 323 -20.85 -62.94 -39.31
CA HIS L 323 -19.96 -61.91 -38.80
C HIS L 323 -19.54 -60.96 -39.91
N ARG L 324 -19.01 -59.81 -39.48
CA ARG L 324 -18.35 -58.91 -40.42
C ARG L 324 -16.89 -59.28 -40.37
N TRP L 325 -16.39 -59.80 -41.48
CA TRP L 325 -15.01 -60.22 -41.61
C TRP L 325 -14.11 -59.10 -42.15
N GLU L 326 -13.24 -58.63 -41.25
CA GLU L 326 -12.40 -57.46 -41.49
C GLU L 326 -11.17 -57.71 -42.32
N SER L 327 -11.36 -58.20 -43.54
CA SER L 327 -10.23 -58.53 -44.37
C SER L 327 -10.32 -57.92 -45.78
N VAL L 328 -9.26 -57.29 -46.24
CA VAL L 328 -9.21 -56.74 -47.59
C VAL L 328 -7.95 -57.16 -48.33
N SER L 329 -8.12 -57.40 -49.62
CA SER L 329 -7.03 -57.63 -50.51
C SER L 329 -7.32 -56.87 -51.79
N THR L 330 -6.55 -55.82 -52.07
CA THR L 330 -6.78 -54.98 -53.25
C THR L 330 -7.23 -55.78 -54.48
N TYR L 331 -6.47 -56.80 -54.87
CA TYR L 331 -6.72 -57.46 -56.14
C TYR L 331 -7.63 -58.70 -56.12
N ALA L 332 -8.06 -59.12 -54.94
CA ALA L 332 -8.96 -60.27 -54.76
C ALA L 332 -10.25 -60.15 -55.57
N GLY L 333 -10.55 -61.17 -56.38
CA GLY L 333 -11.72 -61.17 -57.29
C GLY L 333 -11.68 -60.21 -58.48
N HIS L 334 -10.47 -59.72 -58.79
CA HIS L 334 -10.22 -58.89 -59.98
C HIS L 334 -11.09 -59.34 -61.15
N PRO L 335 -11.95 -58.44 -61.69
CA PRO L 335 -12.94 -58.76 -62.74
C PRO L 335 -12.34 -59.41 -63.99
N VAL L 336 -11.15 -58.97 -64.39
CA VAL L 336 -10.50 -59.57 -65.55
C VAL L 336 -10.00 -60.97 -65.21
N ALA L 337 -9.47 -61.15 -64.00
CA ALA L 337 -8.92 -62.44 -63.58
C ALA L 337 -10.01 -63.52 -63.54
N MET L 338 -11.14 -63.14 -62.96
CA MET L 338 -12.33 -63.97 -62.89
C MET L 338 -12.84 -64.38 -64.26
N ALA L 339 -12.71 -63.48 -65.25
CA ALA L 339 -13.10 -63.80 -66.62
C ALA L 339 -12.32 -64.99 -67.16
N ALA L 340 -11.05 -65.07 -66.77
CA ALA L 340 -10.18 -66.15 -67.19
C ALA L 340 -10.58 -67.46 -66.53
N VAL L 341 -10.75 -67.43 -65.21
CA VAL L 341 -11.17 -68.63 -64.47
C VAL L 341 -12.45 -69.18 -65.10
N CYS L 342 -13.29 -68.27 -65.59
CA CYS L 342 -14.56 -68.63 -66.21
C CYS L 342 -14.37 -69.48 -67.46
N ALA L 343 -13.66 -68.91 -68.45
CA ALA L 343 -13.30 -69.57 -69.69
C ALA L 343 -12.58 -70.87 -69.44
N ASN L 344 -11.54 -70.83 -68.61
CA ASN L 344 -10.71 -72.00 -68.35
C ASN L 344 -11.52 -73.22 -67.92
N LEU L 345 -12.44 -73.01 -66.98
CA LEU L 345 -13.27 -74.09 -66.44
C LEU L 345 -14.32 -74.63 -67.41
N GLU L 346 -15.08 -73.74 -68.04
CA GLU L 346 -16.12 -74.13 -69.00
C GLU L 346 -15.51 -75.01 -70.08
N VAL L 347 -14.22 -74.79 -70.31
CA VAL L 347 -13.45 -75.54 -71.29
C VAL L 347 -13.14 -76.94 -70.75
N MET L 348 -12.52 -77.04 -69.58
CA MET L 348 -12.24 -78.33 -68.96
C MET L 348 -13.44 -79.29 -68.96
N MET L 349 -14.64 -78.73 -68.79
CA MET L 349 -15.87 -79.50 -68.66
C MET L 349 -16.34 -80.00 -70.03
N GLU L 350 -16.51 -79.07 -70.98
CA GLU L 350 -16.98 -79.40 -72.35
C GLU L 350 -16.00 -80.24 -73.15
N GLU L 351 -14.71 -80.07 -72.85
CA GLU L 351 -13.64 -80.86 -73.46
C GLU L 351 -13.44 -82.14 -72.69
N ASN L 352 -13.98 -82.21 -71.47
CA ASN L 352 -13.85 -83.37 -70.58
C ASN L 352 -12.40 -83.75 -70.29
N LEU L 353 -11.63 -82.75 -69.87
CA LEU L 353 -10.20 -82.91 -69.65
C LEU L 353 -9.93 -83.79 -68.44
N VAL L 354 -10.93 -83.91 -67.56
CA VAL L 354 -10.84 -84.82 -66.42
C VAL L 354 -10.78 -86.26 -66.93
N GLU L 355 -11.62 -86.57 -67.91
CA GLU L 355 -11.61 -87.88 -68.60
C GLU L 355 -10.29 -88.11 -69.36
N GLN L 356 -9.86 -87.11 -70.13
CA GLN L 356 -8.57 -87.14 -70.81
C GLN L 356 -7.37 -87.42 -69.89
N ALA L 357 -7.37 -86.82 -68.70
CA ALA L 357 -6.26 -87.00 -67.77
C ALA L 357 -6.20 -88.43 -67.23
N LYS L 358 -7.36 -88.92 -66.78
CA LYS L 358 -7.49 -90.27 -66.23
C LYS L 358 -6.95 -91.29 -67.23
N ASN L 359 -7.33 -91.15 -68.50
CA ASN L 359 -6.88 -92.10 -69.51
C ASN L 359 -5.40 -91.95 -69.87
N SER L 360 -4.90 -90.71 -69.98
CA SER L 360 -3.49 -90.47 -70.34
C SER L 360 -2.52 -91.00 -69.30
N GLY L 361 -2.88 -90.86 -68.02
CA GLY L 361 -2.10 -91.41 -66.91
C GLY L 361 -1.89 -92.91 -66.98
N GLU L 362 -2.97 -93.65 -67.23
CA GLU L 362 -2.93 -95.11 -67.43
C GLU L 362 -1.94 -95.48 -68.55
N TYR L 363 -1.89 -94.61 -69.56
CA TYR L 363 -0.94 -94.73 -70.65
C TYR L 363 0.48 -94.48 -70.15
N ILE L 364 0.67 -93.43 -69.34
CA ILE L 364 1.96 -93.12 -68.74
C ILE L 364 2.41 -94.26 -67.80
N ARG L 365 1.47 -94.77 -66.99
CA ARG L 365 1.72 -95.89 -66.09
C ARG L 365 2.44 -97.03 -66.82
N SER L 366 1.91 -97.43 -67.97
CA SER L 366 2.49 -98.54 -68.73
C SER L 366 3.84 -98.18 -69.36
N LYS L 367 4.05 -96.90 -69.68
CA LYS L 367 5.36 -96.39 -70.10
C LYS L 367 6.40 -96.57 -69.00
N LEU L 368 6.02 -96.29 -67.75
CA LEU L 368 6.98 -96.40 -66.64
C LEU L 368 7.23 -97.85 -66.29
N GLU L 369 6.17 -98.66 -66.35
CA GLU L 369 6.19 -100.11 -66.06
C GLU L 369 7.35 -100.76 -66.76
N LEU L 370 7.43 -100.54 -68.07
CA LEU L 370 8.53 -101.09 -68.84
C LEU L 370 9.86 -100.36 -68.62
N LEU L 371 9.89 -99.02 -68.62
CA LEU L 371 11.14 -98.27 -68.33
C LEU L 371 11.82 -98.72 -67.04
N GLN L 372 11.00 -99.01 -66.03
CA GLN L 372 11.50 -99.61 -64.79
C GLN L 372 12.01 -101.02 -65.03
N GLU L 373 11.19 -101.86 -65.66
CA GLU L 373 11.59 -103.22 -66.05
C GLU L 373 12.94 -103.18 -66.77
N LYS L 374 13.26 -101.99 -67.28
CA LYS L 374 14.47 -101.77 -68.07
C LYS L 374 15.59 -101.14 -67.24
N HIS L 375 15.26 -100.06 -66.52
CA HIS L 375 16.23 -99.28 -65.73
C HIS L 375 16.08 -99.55 -64.22
N LYS L 376 17.05 -100.26 -63.65
CA LYS L 376 17.03 -100.57 -62.23
C LYS L 376 17.29 -99.36 -61.34
N SER L 377 17.67 -98.22 -61.94
CA SER L 377 17.85 -96.96 -61.21
C SER L 377 16.52 -96.34 -60.80
N ILE L 378 15.43 -96.78 -61.44
CA ILE L 378 14.07 -96.37 -61.09
C ILE L 378 13.60 -97.22 -59.91
N GLY L 379 13.56 -96.61 -58.74
CA GLY L 379 13.19 -97.31 -57.51
C GLY L 379 11.73 -97.71 -57.44
N ASN L 380 10.86 -96.78 -57.81
CA ASN L 380 9.41 -96.92 -57.63
C ASN L 380 8.73 -95.88 -58.50
N PHE L 381 7.58 -96.24 -59.05
CA PHE L 381 6.77 -95.25 -59.75
C PHE L 381 5.46 -95.16 -59.03
N ASP L 382 4.71 -94.10 -59.30
CA ASP L 382 3.43 -93.89 -58.65
C ASP L 382 2.81 -92.64 -59.21
N GLY L 383 1.48 -92.65 -59.33
CA GLY L 383 0.78 -91.46 -59.78
C GLY L 383 -0.63 -91.62 -60.30
N TYR L 384 -1.08 -90.57 -60.98
CA TYR L 384 -2.44 -90.46 -61.50
C TYR L 384 -2.59 -89.23 -62.38
N GLY L 385 -3.52 -89.32 -63.32
CA GLY L 385 -3.73 -88.28 -64.32
C GLY L 385 -2.39 -87.86 -64.88
N LEU L 386 -2.03 -86.62 -64.60
CA LEU L 386 -0.80 -86.06 -65.09
C LEU L 386 0.11 -85.62 -63.94
N LEU L 387 0.16 -86.43 -62.89
CA LEU L 387 1.13 -86.22 -61.80
C LEU L 387 1.80 -87.54 -61.42
N TRP L 388 3.13 -87.57 -61.49
CA TRP L 388 3.85 -88.84 -61.33
C TRP L 388 5.15 -88.59 -60.65
N ILE L 389 5.33 -89.27 -59.49
CA ILE L 389 6.58 -89.27 -58.73
C ILE L 389 7.32 -90.55 -59.11
N VAL L 390 8.62 -90.42 -59.39
CA VAL L 390 9.47 -91.56 -59.73
C VAL L 390 10.73 -91.45 -58.90
N ASP L 391 10.95 -92.45 -58.04
CA ASP L 391 12.08 -92.40 -57.11
C ASP L 391 13.36 -92.88 -57.80
N ILE L 392 14.40 -92.02 -57.87
CA ILE L 392 15.66 -92.40 -58.54
C ILE L 392 16.73 -92.89 -57.55
N VAL L 393 17.32 -94.04 -57.91
CA VAL L 393 18.34 -94.70 -57.05
C VAL L 393 19.60 -95.16 -57.79
N ASN L 394 20.56 -95.63 -57.00
CA ASN L 394 21.74 -96.30 -57.52
C ASN L 394 21.43 -97.75 -57.82
N ALA L 395 21.38 -98.08 -59.12
CA ALA L 395 21.10 -99.44 -59.57
C ALA L 395 22.11 -100.41 -58.96
N LYS L 396 23.28 -99.88 -58.59
CA LYS L 396 24.36 -100.65 -58.00
C LYS L 396 24.08 -101.00 -56.53
N THR L 397 23.40 -100.09 -55.80
CA THR L 397 23.18 -100.26 -54.35
C THR L 397 21.71 -100.18 -53.87
N LYS L 398 20.76 -100.10 -54.80
CA LYS L 398 19.32 -99.98 -54.46
C LYS L 398 18.99 -98.77 -53.55
N THR L 399 20.01 -98.07 -53.07
CA THR L 399 19.84 -96.87 -52.25
C THR L 399 20.04 -95.61 -53.11
N PRO L 400 19.35 -94.48 -52.78
CA PRO L 400 19.41 -93.25 -53.60
C PRO L 400 20.77 -92.57 -53.61
N TYR L 401 21.04 -91.78 -54.65
CA TYR L 401 22.32 -91.06 -54.82
C TYR L 401 22.58 -89.93 -53.81
N VAL L 402 21.63 -89.01 -53.66
CA VAL L 402 21.81 -87.90 -52.70
C VAL L 402 21.32 -88.32 -51.32
N LYS L 403 22.23 -88.28 -50.34
CA LYS L 403 21.95 -88.90 -49.05
C LYS L 403 20.87 -88.15 -48.25
N LEU L 404 20.95 -86.83 -48.19
CA LEU L 404 19.99 -86.04 -47.41
C LEU L 404 18.56 -86.01 -47.96
N ASP L 405 18.38 -86.44 -49.22
CA ASP L 405 17.08 -86.47 -49.94
C ASP L 405 16.21 -85.22 -49.83
N ARG L 406 14.89 -85.40 -49.65
CA ARG L 406 13.90 -84.29 -49.50
C ARG L 406 14.14 -83.32 -48.33
N ASN L 407 15.22 -83.55 -47.60
CA ASN L 407 15.64 -82.65 -46.54
C ASN L 407 16.92 -81.95 -46.96
N PHE L 408 17.29 -82.03 -48.23
CA PHE L 408 18.47 -81.34 -48.76
C PHE L 408 18.25 -79.83 -48.82
N ARG L 409 19.30 -79.07 -49.10
CA ARG L 409 19.15 -77.67 -49.46
C ARG L 409 19.90 -77.41 -50.76
N HIS L 410 19.64 -76.26 -51.37
CA HIS L 410 20.16 -75.99 -52.72
C HIS L 410 21.63 -75.57 -52.80
N GLY L 411 22.35 -75.71 -51.68
CA GLY L 411 23.80 -75.43 -51.61
C GLY L 411 24.70 -76.42 -52.36
N MET L 412 24.23 -77.66 -52.49
CA MET L 412 25.01 -78.69 -53.15
C MET L 412 24.99 -78.56 -54.68
N ASN L 413 26.06 -79.06 -55.29
CA ASN L 413 26.39 -78.83 -56.68
C ASN L 413 25.44 -79.51 -57.67
N PRO L 414 24.78 -78.74 -58.59
CA PRO L 414 23.84 -79.24 -59.63
C PRO L 414 24.26 -80.53 -60.36
N ASN L 415 25.54 -80.66 -60.68
CA ASN L 415 26.01 -81.80 -61.46
C ASN L 415 26.28 -83.07 -60.63
N GLN L 416 25.70 -83.09 -59.43
CA GLN L 416 25.76 -84.24 -58.54
C GLN L 416 24.37 -84.74 -58.16
N ILE L 417 23.35 -83.98 -58.53
CA ILE L 417 21.94 -84.33 -58.31
C ILE L 417 21.38 -85.00 -59.56
N PRO L 418 20.96 -86.27 -59.44
CA PRO L 418 20.25 -87.03 -60.45
C PRO L 418 19.23 -86.22 -61.23
N THR L 419 18.31 -85.57 -60.52
CA THR L 419 17.21 -84.86 -61.17
C THR L 419 17.67 -83.63 -61.97
N GLN L 420 18.87 -83.13 -61.72
CA GLN L 420 19.40 -82.02 -62.53
C GLN L 420 20.12 -82.61 -63.72
N ILE L 421 20.82 -83.73 -63.49
CA ILE L 421 21.49 -84.53 -64.55
C ILE L 421 20.54 -85.00 -65.66
N ILE L 422 19.45 -85.66 -65.28
CA ILE L 422 18.37 -86.07 -66.20
C ILE L 422 17.86 -84.85 -66.98
N MET L 423 17.57 -83.77 -66.27
CA MET L 423 17.16 -82.52 -66.91
C MET L 423 18.07 -82.07 -68.05
N GLU L 424 19.39 -82.19 -67.87
CA GLU L 424 20.36 -81.73 -68.87
C GLU L 424 20.32 -82.47 -70.19
N LYS L 425 20.46 -83.80 -70.12
CA LYS L 425 20.52 -84.68 -71.29
C LYS L 425 19.26 -84.59 -72.13
N ALA L 426 18.13 -84.59 -71.42
CA ALA L 426 16.81 -84.40 -72.02
C ALA L 426 16.74 -83.12 -72.86
N LEU L 427 17.27 -82.03 -72.31
CA LEU L 427 17.30 -80.70 -72.96
C LEU L 427 17.94 -80.69 -74.36
N GLU L 428 18.92 -81.54 -74.58
CA GLU L 428 19.48 -81.68 -75.92
C GLU L 428 18.54 -82.45 -76.85
N LYS L 429 17.63 -83.24 -76.27
CA LYS L 429 16.70 -84.09 -77.03
C LYS L 429 15.26 -83.53 -77.15
N GLY L 430 15.13 -82.20 -77.09
CA GLY L 430 13.83 -81.51 -77.22
C GLY L 430 13.03 -81.22 -75.93
N VAL L 431 13.16 -82.13 -74.96
CA VAL L 431 12.18 -82.30 -73.89
C VAL L 431 12.63 -81.82 -72.48
N LEU L 432 11.80 -81.02 -71.82
CA LEU L 432 12.02 -80.59 -70.40
C LEU L 432 11.37 -81.55 -69.40
N ILE L 433 12.22 -82.12 -68.53
CA ILE L 433 11.80 -83.11 -67.50
C ILE L 433 12.79 -83.31 -66.34
N GLY L 434 12.27 -83.51 -65.13
CA GLY L 434 13.11 -83.74 -63.94
C GLY L 434 12.36 -83.68 -62.63
N GLY L 435 12.89 -82.94 -61.65
CA GLY L 435 12.22 -82.79 -60.35
C GLY L 435 12.64 -81.64 -59.43
N ALA L 436 11.93 -81.49 -58.33
CA ALA L 436 12.33 -80.52 -57.34
C ALA L 436 13.33 -81.16 -56.38
N MET L 437 13.02 -82.40 -56.00
CA MET L 437 13.82 -83.17 -55.06
C MET L 437 15.00 -83.83 -55.76
N PRO L 438 16.07 -84.19 -55.01
CA PRO L 438 17.28 -84.69 -55.68
C PRO L 438 17.19 -86.11 -56.24
N ASN L 439 16.38 -86.96 -55.60
CA ASN L 439 16.24 -88.37 -55.94
C ASN L 439 14.84 -88.72 -56.46
N THR L 440 14.07 -87.70 -56.84
CA THR L 440 12.68 -87.90 -57.20
C THR L 440 12.31 -87.04 -58.39
N MET L 441 11.72 -87.69 -59.38
CA MET L 441 11.13 -87.02 -60.53
C MET L 441 9.76 -86.51 -60.12
N ARG L 442 9.41 -85.31 -60.60
CA ARG L 442 8.03 -84.84 -60.58
C ARG L 442 7.77 -84.30 -61.96
N ILE L 443 7.23 -85.19 -62.80
CA ILE L 443 6.85 -84.86 -64.16
C ILE L 443 5.25 -84.76 -64.30
N GLY L 444 5.03 -83.55 -65.12
CA GLY L 444 3.62 -83.21 -65.39
C GLY L 444 3.51 -82.33 -66.69
N ALA L 445 2.37 -82.55 -67.36
CA ALA L 445 2.07 -81.87 -68.64
C ALA L 445 0.61 -81.45 -68.68
N SER L 446 0.17 -80.82 -69.76
CA SER L 446 -1.23 -80.40 -69.91
C SER L 446 -2.21 -81.59 -69.91
N LEU L 447 -3.42 -81.38 -69.39
CA LEU L 447 -4.41 -82.45 -69.25
C LEU L 447 -4.77 -83.11 -70.58
N ASN L 448 -4.67 -82.33 -71.66
CA ASN L 448 -4.88 -82.80 -73.03
C ASN L 448 -3.60 -83.12 -73.82
N VAL L 449 -2.51 -83.43 -73.13
CA VAL L 449 -1.24 -83.73 -73.78
C VAL L 449 -1.46 -84.85 -74.80
N SER L 450 -0.90 -84.69 -76.01
CA SER L 450 -1.11 -85.67 -77.11
C SER L 450 -0.30 -86.95 -76.93
N ARG L 451 -0.83 -88.06 -77.43
CA ARG L 451 -0.23 -89.38 -77.25
C ARG L 451 1.22 -89.41 -77.75
N GLY L 452 1.45 -88.77 -78.90
CA GLY L 452 2.79 -88.59 -79.45
C GLY L 452 3.70 -87.79 -78.55
N ASP L 453 3.17 -86.73 -77.94
CA ASP L 453 3.95 -85.88 -76.99
C ASP L 453 4.44 -86.59 -75.73
N ILE L 454 3.58 -87.41 -75.14
CA ILE L 454 4.02 -88.30 -74.06
C ILE L 454 5.16 -89.21 -74.53
N ASP L 455 5.00 -89.88 -75.69
CA ASP L 455 6.02 -90.78 -76.28
C ASP L 455 7.43 -90.15 -76.34
N LYS L 456 7.50 -88.94 -76.88
CA LYS L 456 8.76 -88.20 -77.01
C LYS L 456 9.41 -87.96 -75.63
N ALA L 457 8.59 -87.64 -74.65
CA ALA L 457 9.06 -87.36 -73.29
C ALA L 457 9.70 -88.56 -72.60
N MET L 458 9.04 -89.73 -72.66
CA MET L 458 9.58 -90.95 -72.06
C MET L 458 10.87 -91.37 -72.75
N ASP L 459 10.92 -91.18 -74.07
CA ASP L 459 12.12 -91.46 -74.84
C ASP L 459 13.30 -90.59 -74.41
N ALA L 460 13.04 -89.32 -74.14
CA ALA L 460 14.10 -88.41 -73.70
C ALA L 460 14.52 -88.75 -72.27
N LEU L 461 13.55 -89.16 -71.44
CA LEU L 461 13.82 -89.80 -70.16
C LEU L 461 14.61 -91.10 -70.31
N ASP L 462 14.20 -91.94 -71.27
CA ASP L 462 14.90 -93.18 -71.63
C ASP L 462 16.38 -92.85 -71.91
N TYR L 463 16.61 -91.86 -72.77
CA TYR L 463 17.95 -91.39 -73.11
C TYR L 463 18.77 -90.95 -71.87
N ALA L 464 18.12 -90.23 -70.96
CA ALA L 464 18.79 -89.70 -69.78
C ALA L 464 19.15 -90.80 -68.77
N LEU L 465 18.22 -91.72 -68.52
CA LEU L 465 18.48 -92.80 -67.55
C LEU L 465 19.60 -93.78 -67.97
N ASP L 466 19.82 -93.94 -69.28
CA ASP L 466 21.01 -94.62 -69.80
C ASP L 466 22.24 -93.89 -69.26
N TYR L 467 22.25 -92.57 -69.44
CA TYR L 467 23.36 -91.74 -69.02
C TYR L 467 23.55 -91.74 -67.50
N LEU L 468 22.46 -91.69 -66.74
CA LEU L 468 22.55 -91.70 -65.27
C LEU L 468 23.24 -92.95 -64.75
N GLU L 469 22.81 -94.11 -65.27
CA GLU L 469 23.32 -95.42 -64.85
C GLU L 469 24.78 -95.61 -65.25
N SER L 470 25.23 -94.86 -66.26
CA SER L 470 26.57 -95.01 -66.80
C SER L 470 27.67 -94.34 -65.96
N GLY L 471 27.33 -93.28 -65.22
CA GLY L 471 28.33 -92.59 -64.39
C GLY L 471 29.48 -92.04 -65.22
N GLU L 472 29.14 -91.20 -66.19
CA GLU L 472 30.11 -90.39 -66.92
C GLU L 472 30.19 -88.99 -66.29
N TRP L 473 29.36 -88.75 -65.29
CA TRP L 473 29.28 -87.44 -64.63
C TRP L 473 29.99 -87.45 -63.27
N GLN L 474 31.15 -88.10 -63.23
CA GLN L 474 31.91 -88.29 -61.98
C GLN L 474 33.41 -88.24 -62.20
#